data_6MGJ
#
_entry.id   6MGJ
#
_cell.length_a   239.094
_cell.length_b   226.674
_cell.length_c   187.224
_cell.angle_alpha   90.00
_cell.angle_beta   114.07
_cell.angle_gamma   90.00
#
_symmetry.space_group_name_H-M   'C 1 2 1'
#
loop_
_entity.id
_entity.type
_entity.pdbx_description
1 polymer Xyloglucanase
2 non-polymer 'MAGNESIUM ION'
3 non-polymer 3,6,9,12,15,18,21,24,27,30,33,36,39-TRIDECAOXAHENTETRACONTANE-1,41-DIOL
4 non-polymer GLYCEROL
5 non-polymer 'PHOSPHATE ION'
6 non-polymer 'CHLORIDE ION'
7 water water
#
_entity_poly.entity_id   1
_entity_poly.type   'polypeptide(L)'
_entity_poly.pdbx_seq_one_letter_code
;G(MSE)SEPYTWKSVVTGAGGGFVPGIIFNQTEPNLIYARTDIGGAYRWNQATSSWVSISDSVGWVDWNKNGVDALATDP
IDPNKVY(MSE)ATGTYTNHWDNNGQI(MSE)RSNDRGNTWQTTPLPFKVGGN(MSE)PGRSAGERLVIDPNKNNILYFG
ARSGNGLWKSIDSGVTWSKVTSFPNVGTYIQNPTLDYGNDLVGLSWITFDKSTGTLGNATQTIYVGVADTASSVYRSTDG
GVTWTALAGQPTGFLPHHGELSSTGDLYITYSNGVGPYDGSKGEVWKYNKTSGAWTNISPTTGTDNWYGFGGLALDAQHP
NTL(MSE)VSSLNAWWPDEVIFRSTNGGATWSRIWDWGNYPERTYKFS(MSE)DITAAPWLDHGTTSTSLDPSPKLGW
(MSE)(MSE)GDLEIDPFNSNR(MSE)(MSE)YGTGATIYGSNNLTSWDTGGKVNISV(MSE)AKGVEETAVLGLISPPT
GTSHLITALGDVSGFRHEDLSVAPTKFQTSPSWATT(MSE)SIDYAELSPSY(MSE)VRVGSADKEKTPS(MSE)KSIGI
SNDGGVNWY(MSE)PNSEPSNGTKTTVGHGQVAVSASGNSILWSTSDIGVYYSKTSGNSWTASAGLPAGAKIASDRVNPN
KYYGFYAGTFYVSVDGGATFTATGASGFPTNNVAGLQPNEAQIS(MSE)KAVPGIEGDIWFAGGNTVENKYGLWHSTNSG
ASFTKLTNVEEADLIGYGKAAPGQTY(MSE)SLYTVAKIDGVRGVFRSDDVGATWVRINDDAHQYAKIN(MSE)AITGDP
RIYGRVYLGTNGRGTLYADPV
;
_entity_poly.pdbx_strand_id   A,B,C,D,E,F,G,H
#
loop_
_chem_comp.id
_chem_comp.type
_chem_comp.name
_chem_comp.formula
CL non-polymer 'CHLORIDE ION' 'Cl -1'
GOL non-polymer GLYCEROL 'C3 H8 O3'
MG non-polymer 'MAGNESIUM ION' 'Mg 2'
PE3 non-polymer 3,6,9,12,15,18,21,24,27,30,33,36,39-TRIDECAOXAHENTETRACONTANE-1,41-DIOL 'C28 H58 O15'
PO4 non-polymer 'PHOSPHATE ION' 'O4 P -3'
#
# COMPACT_ATOMS: atom_id res chain seq x y z
N GLY A 1 28.54 -15.10 -10.65
CA GLY A 1 27.51 -14.76 -9.68
C GLY A 1 28.08 -14.22 -8.38
N MSE A 2 29.40 -14.29 -8.27
CA MSE A 2 30.11 -13.78 -7.09
C MSE A 2 30.44 -12.32 -7.24
O MSE A 2 30.99 -11.71 -6.33
CB MSE A 2 31.38 -14.59 -6.85
CG MSE A 2 31.20 -16.04 -7.20
SE MSE A 2 30.36 -16.88 -5.69
CE MSE A 2 31.97 -17.13 -4.60
N SER A 3 30.12 -11.77 -8.41
CA SER A 3 30.46 -10.39 -8.75
C SER A 3 29.25 -9.68 -9.31
N GLU A 4 29.28 -8.35 -9.19
CA GLU A 4 28.24 -7.49 -9.73
C GLU A 4 28.96 -6.40 -10.51
N PRO A 5 28.68 -6.23 -11.80
CA PRO A 5 29.39 -5.22 -12.59
C PRO A 5 29.07 -3.82 -12.10
N TYR A 6 30.13 -3.06 -11.80
CA TYR A 6 30.03 -1.69 -11.33
C TYR A 6 30.77 -0.76 -12.29
N THR A 7 30.39 0.51 -12.25
CA THR A 7 31.10 1.57 -12.97
C THR A 7 31.90 2.37 -11.95
N TRP A 8 33.22 2.32 -12.07
CA TRP A 8 34.12 2.99 -11.13
C TRP A 8 34.58 4.31 -11.72
N LYS A 9 34.38 5.40 -10.98
CA LYS A 9 34.78 6.72 -11.43
C LYS A 9 35.50 7.46 -10.33
N SER A 10 36.38 8.37 -10.72
CA SER A 10 37.08 9.24 -9.77
C SER A 10 36.16 10.34 -9.27
N VAL A 11 36.20 10.61 -7.97
CA VAL A 11 35.73 11.89 -7.45
C VAL A 11 36.73 12.95 -7.88
N VAL A 12 36.27 13.94 -8.65
CA VAL A 12 37.15 14.86 -9.36
C VAL A 12 37.68 15.93 -8.40
N THR A 13 39.01 16.09 -8.35
CA THR A 13 39.61 17.25 -7.68
C THR A 13 40.18 18.26 -8.66
N GLY A 14 40.33 17.91 -9.93
CA GLY A 14 40.84 18.81 -10.96
C GLY A 14 42.34 18.94 -11.02
N ALA A 15 43.00 19.02 -9.87
CA ALA A 15 44.44 19.21 -9.82
C ALA A 15 45.23 17.92 -9.59
N GLY A 16 44.60 16.88 -9.05
CA GLY A 16 45.33 15.68 -8.71
C GLY A 16 45.71 15.64 -7.24
N GLY A 17 46.37 16.70 -6.77
CA GLY A 17 46.65 16.86 -5.35
C GLY A 17 47.91 16.19 -4.84
N GLY A 18 48.72 15.58 -5.71
CA GLY A 18 49.93 14.91 -5.30
C GLY A 18 51.12 15.32 -6.17
N PHE A 19 52.26 14.69 -5.86
CA PHE A 19 53.54 15.00 -6.51
C PHE A 19 53.67 14.22 -7.81
N VAL A 20 53.98 14.92 -8.89
CA VAL A 20 54.27 14.27 -10.16
C VAL A 20 55.76 14.46 -10.46
N PRO A 21 56.62 13.52 -10.05
CA PRO A 21 58.07 13.74 -10.19
C PRO A 21 58.59 13.63 -11.61
N GLY A 22 57.87 12.97 -12.51
CA GLY A 22 58.36 12.82 -13.87
C GLY A 22 57.27 12.90 -14.94
N ILE A 23 57.54 13.68 -15.99
CA ILE A 23 56.75 13.69 -17.20
C ILE A 23 57.68 13.32 -18.35
N ILE A 24 57.25 12.37 -19.18
CA ILE A 24 58.10 11.76 -20.20
C ILE A 24 57.41 11.83 -21.56
N PHE A 25 58.02 12.55 -22.50
CA PHE A 25 57.55 12.62 -23.87
C PHE A 25 58.23 11.57 -24.72
N ASN A 26 57.47 10.88 -25.56
CA ASN A 26 58.05 10.01 -26.56
C ASN A 26 58.82 10.85 -27.57
N GLN A 27 59.99 10.35 -27.99
CA GLN A 27 60.83 11.15 -28.87
C GLN A 27 60.47 11.01 -30.34
N THR A 28 59.54 10.13 -30.67
CA THR A 28 59.21 9.84 -32.06
C THR A 28 57.77 10.13 -32.43
N GLU A 29 56.81 9.83 -31.54
CA GLU A 29 55.41 10.00 -31.87
C GLU A 29 54.88 11.26 -31.20
N PRO A 30 54.42 12.25 -31.98
CA PRO A 30 53.87 13.46 -31.36
C PRO A 30 52.69 13.15 -30.46
N ASN A 31 52.61 13.84 -29.33
CA ASN A 31 51.50 13.82 -28.39
C ASN A 31 51.42 12.55 -27.55
N LEU A 32 52.43 11.69 -27.61
CA LEU A 32 52.52 10.54 -26.72
C LEU A 32 53.30 10.97 -25.49
N ILE A 33 52.60 11.08 -24.35
CA ILE A 33 53.19 11.55 -23.10
C ILE A 33 52.75 10.63 -21.97
N TYR A 34 53.65 10.42 -21.01
CA TYR A 34 53.33 9.70 -19.79
C TYR A 34 53.72 10.55 -18.59
N ALA A 35 53.06 10.26 -17.47
CA ALA A 35 53.40 10.90 -16.20
C ALA A 35 53.50 9.82 -15.12
N ARG A 36 54.52 9.92 -14.27
CA ARG A 36 54.71 8.97 -13.20
C ARG A 36 54.56 9.67 -11.86
N THR A 37 53.97 8.99 -10.89
CA THR A 37 53.77 9.52 -9.54
C THR A 37 54.54 8.67 -8.54
N ASP A 38 54.65 9.17 -7.30
CA ASP A 38 55.44 8.47 -6.30
C ASP A 38 54.65 7.42 -5.52
N ILE A 39 53.33 7.56 -5.41
CA ILE A 39 52.51 6.57 -4.72
C ILE A 39 51.26 6.19 -5.50
N GLY A 40 51.04 6.75 -6.68
CA GLY A 40 49.76 6.55 -7.35
C GLY A 40 49.83 6.05 -8.77
N GLY A 41 50.87 5.29 -9.10
CA GLY A 41 50.98 4.73 -10.43
C GLY A 41 51.35 5.76 -11.48
N ALA A 42 50.98 5.46 -12.73
CA ALA A 42 51.35 6.28 -13.88
C ALA A 42 50.11 6.56 -14.73
N TYR A 43 50.27 7.49 -15.67
CA TYR A 43 49.20 7.93 -16.54
C TYR A 43 49.73 8.06 -17.97
N ARG A 44 48.82 7.95 -18.94
CA ARG A 44 49.10 8.26 -20.32
C ARG A 44 48.19 9.40 -20.77
N TRP A 45 48.75 10.35 -21.52
CA TRP A 45 48.01 11.50 -22.00
C TRP A 45 47.08 11.13 -23.15
N ASN A 46 45.89 11.72 -23.13
CA ASN A 46 44.93 11.59 -24.23
C ASN A 46 44.85 12.95 -24.92
N GLN A 47 45.45 13.05 -26.10
CA GLN A 47 45.54 14.33 -26.80
C GLN A 47 44.16 14.83 -27.22
N ALA A 48 43.23 13.93 -27.52
CA ALA A 48 41.93 14.34 -28.05
C ALA A 48 41.07 15.01 -26.98
N THR A 49 41.32 14.73 -25.71
CA THR A 49 40.54 15.29 -24.61
C THR A 49 41.37 16.11 -23.63
N SER A 50 42.66 16.29 -23.89
CA SER A 50 43.56 17.01 -22.98
C SER A 50 43.40 16.51 -21.54
N SER A 51 43.50 15.20 -21.38
CA SER A 51 43.35 14.59 -20.05
C SER A 51 44.22 13.35 -19.96
N TRP A 52 44.40 12.88 -18.74
CA TRP A 52 45.26 11.73 -18.46
C TRP A 52 44.42 10.51 -18.13
N VAL A 53 44.94 9.35 -18.54
CA VAL A 53 44.31 8.05 -18.29
C VAL A 53 45.26 7.24 -17.43
N SER A 54 44.75 6.71 -16.32
CA SER A 54 45.60 5.86 -15.49
C SER A 54 45.94 4.56 -16.20
N ILE A 55 47.19 4.13 -16.08
CA ILE A 55 47.59 2.84 -16.61
C ILE A 55 48.01 1.93 -15.47
N SER A 56 47.48 2.18 -14.26
CA SER A 56 47.93 1.47 -13.08
C SER A 56 46.81 0.88 -12.22
N ASP A 57 45.56 0.98 -12.63
CA ASP A 57 44.49 0.62 -11.70
C ASP A 57 44.31 -0.88 -11.52
N SER A 58 45.00 -1.70 -12.30
CA SER A 58 44.96 -3.13 -12.03
C SER A 58 45.97 -3.56 -10.97
N VAL A 59 46.85 -2.65 -10.52
CA VAL A 59 47.69 -2.94 -9.37
C VAL A 59 46.80 -3.15 -8.15
N GLY A 60 47.03 -4.25 -7.43
CA GLY A 60 46.15 -4.63 -6.35
C GLY A 60 46.75 -4.71 -4.95
N TRP A 61 46.16 -5.59 -4.12
CA TRP A 61 46.45 -5.59 -2.70
C TRP A 61 47.85 -6.12 -2.40
N VAL A 62 48.21 -7.26 -2.97
CA VAL A 62 49.50 -7.89 -2.68
C VAL A 62 50.63 -7.19 -3.44
N ASP A 63 50.40 -6.79 -4.69
CA ASP A 63 51.42 -6.11 -5.48
C ASP A 63 51.29 -4.60 -5.40
N TRP A 64 50.82 -4.07 -4.26
CA TRP A 64 50.56 -2.65 -4.11
C TRP A 64 51.78 -1.79 -4.40
N ASN A 65 52.99 -2.31 -4.19
CA ASN A 65 54.15 -1.43 -4.29
C ASN A 65 54.46 -1.01 -5.73
N LYS A 66 53.77 -1.60 -6.71
CA LYS A 66 53.92 -1.21 -8.10
C LYS A 66 53.44 0.21 -8.38
N ASN A 67 52.68 0.81 -7.47
CA ASN A 67 52.22 2.18 -7.71
C ASN A 67 53.27 3.21 -7.33
N GLY A 68 54.41 2.79 -6.79
CA GLY A 68 55.55 3.69 -6.69
C GLY A 68 56.35 3.62 -7.97
N VAL A 69 56.24 4.63 -8.84
CA VAL A 69 56.83 4.57 -10.16
C VAL A 69 58.09 5.44 -10.15
N ASP A 70 59.22 4.78 -9.92
CA ASP A 70 60.52 5.43 -9.79
C ASP A 70 61.12 5.84 -11.13
N ALA A 71 60.70 5.19 -12.22
CA ALA A 71 61.22 5.53 -13.55
C ALA A 71 60.26 5.00 -14.60
N LEU A 72 60.31 5.61 -15.78
CA LEU A 72 59.45 5.21 -16.89
C LEU A 72 60.15 5.51 -18.20
N ALA A 73 60.09 4.57 -19.15
CA ALA A 73 60.68 4.75 -20.47
C ALA A 73 59.65 4.40 -21.53
N THR A 74 59.55 5.26 -22.55
CA THR A 74 58.66 5.03 -23.68
C THR A 74 59.49 4.83 -24.95
N ASP A 75 59.17 3.78 -25.69
CA ASP A 75 60.04 3.28 -26.77
C ASP A 75 59.97 4.20 -27.99
N PRO A 76 61.11 4.73 -28.46
CA PRO A 76 61.05 5.60 -29.65
C PRO A 76 61.03 4.84 -30.97
N ILE A 77 61.36 3.55 -30.97
CA ILE A 77 61.28 2.76 -32.20
C ILE A 77 59.91 2.14 -32.38
N ASP A 78 59.33 1.58 -31.31
CA ASP A 78 57.96 1.09 -31.30
C ASP A 78 57.23 1.82 -30.19
N PRO A 79 56.52 2.91 -30.49
CA PRO A 79 55.86 3.69 -29.44
C PRO A 79 54.74 2.96 -28.72
N ASN A 80 54.35 1.75 -29.15
CA ASN A 80 53.42 0.95 -28.39
C ASN A 80 54.02 0.45 -27.08
N LYS A 81 55.34 0.44 -26.95
CA LYS A 81 56.00 -0.18 -25.81
C LYS A 81 56.35 0.86 -24.76
N VAL A 82 56.10 0.51 -23.49
CA VAL A 82 56.43 1.37 -22.37
C VAL A 82 56.86 0.48 -21.20
N TYR A 83 57.75 1.00 -20.36
CA TYR A 83 58.34 0.25 -19.28
C TYR A 83 58.37 1.11 -18.02
N MSE A 84 58.27 0.46 -16.87
CA MSE A 84 58.36 1.16 -15.59
C MSE A 84 59.23 0.40 -14.59
O MSE A 84 59.17 -0.83 -14.53
CB MSE A 84 56.96 1.38 -15.00
CG MSE A 84 55.98 2.06 -15.94
SE MSE A 84 54.30 2.50 -15.07
CE MSE A 84 53.78 0.73 -14.46
N ALA A 85 60.03 1.13 -13.83
CA ALA A 85 60.69 0.59 -12.65
C ALA A 85 59.83 0.96 -11.44
N THR A 86 59.26 -0.05 -10.78
CA THR A 86 58.29 0.21 -9.72
C THR A 86 58.66 -0.51 -8.44
N GLY A 87 58.06 -0.04 -7.35
CA GLY A 87 58.49 -0.35 -6.01
C GLY A 87 58.49 0.96 -5.26
N THR A 88 58.09 0.96 -3.99
CA THR A 88 57.79 2.24 -3.34
C THR A 88 58.85 2.68 -2.33
N TYR A 89 59.35 1.78 -1.49
CA TYR A 89 60.37 2.14 -0.51
C TYR A 89 61.54 1.17 -0.59
N THR A 90 62.72 1.67 -0.21
CA THR A 90 63.93 0.87 -0.16
C THR A 90 64.35 0.54 1.27
N ASN A 91 63.57 0.94 2.26
CA ASN A 91 63.83 0.56 3.65
C ASN A 91 62.93 -0.61 4.02
N HIS A 92 62.68 -0.81 5.31
CA HIS A 92 61.91 -1.95 5.79
C HIS A 92 60.41 -1.78 5.56
N TRP A 93 59.95 -0.67 4.99
CA TRP A 93 58.53 -0.47 4.71
C TRP A 93 58.04 -1.19 3.46
N ASP A 94 58.92 -1.90 2.74
CA ASP A 94 58.55 -2.43 1.43
C ASP A 94 59.42 -3.65 1.12
N ASN A 95 58.99 -4.41 0.13
CA ASN A 95 59.75 -5.54 -0.38
C ASN A 95 60.42 -5.13 -1.70
N ASN A 96 60.99 -6.11 -2.40
CA ASN A 96 61.72 -5.84 -3.62
C ASN A 96 60.79 -5.26 -4.69
N GLY A 97 61.39 -4.52 -5.63
CA GLY A 97 60.66 -3.93 -6.74
C GLY A 97 60.66 -4.82 -7.95
N GLN A 98 60.39 -4.20 -9.10
CA GLN A 98 60.24 -4.96 -10.35
C GLN A 98 60.34 -4.01 -11.52
N ILE A 99 60.61 -4.58 -12.69
CA ILE A 99 60.50 -3.87 -13.96
C ILE A 99 59.23 -4.38 -14.65
N MSE A 100 58.36 -3.45 -15.00
CA MSE A 100 57.13 -3.79 -15.71
C MSE A 100 57.23 -3.38 -17.17
O MSE A 100 57.87 -2.37 -17.50
CB MSE A 100 55.92 -3.11 -15.05
CG MSE A 100 55.67 -3.62 -13.63
SE MSE A 100 54.43 -2.53 -12.63
CE MSE A 100 52.77 -3.00 -13.56
N ARG A 101 56.63 -4.17 -18.05
CA ARG A 101 56.71 -3.94 -19.48
C ARG A 101 55.32 -4.06 -20.10
N SER A 102 55.03 -3.18 -21.05
CA SER A 102 53.75 -3.19 -21.75
C SER A 102 53.98 -3.06 -23.25
N ASN A 103 53.20 -3.82 -24.02
CA ASN A 103 53.19 -3.74 -25.47
C ASN A 103 52.00 -2.96 -26.01
N ASP A 104 51.16 -2.40 -25.13
CA ASP A 104 49.96 -1.69 -25.55
C ASP A 104 49.81 -0.39 -24.78
N ARG A 105 50.92 0.32 -24.58
CA ARG A 105 50.92 1.67 -24.03
C ARG A 105 50.37 1.72 -22.61
N GLY A 106 50.51 0.61 -21.87
CA GLY A 106 50.11 0.57 -20.48
C GLY A 106 48.73 0.01 -20.22
N ASN A 107 48.03 -0.47 -21.24
CA ASN A 107 46.73 -1.10 -21.01
C ASN A 107 46.88 -2.42 -20.26
N THR A 108 47.91 -3.20 -20.60
CA THR A 108 48.21 -4.45 -19.91
C THR A 108 49.71 -4.52 -19.66
N TRP A 109 50.09 -5.27 -18.63
CA TRP A 109 51.46 -5.29 -18.15
C TRP A 109 51.95 -6.70 -17.90
N GLN A 110 53.25 -6.90 -18.09
CA GLN A 110 53.97 -8.05 -17.57
C GLN A 110 55.04 -7.53 -16.63
N THR A 111 55.48 -8.36 -15.69
CA THR A 111 56.37 -7.89 -14.63
C THR A 111 57.52 -8.85 -14.41
N THR A 112 58.71 -8.30 -14.21
CA THR A 112 59.89 -9.08 -13.85
C THR A 112 60.38 -8.61 -12.48
N PRO A 113 60.29 -9.44 -11.45
CA PRO A 113 60.78 -9.03 -10.13
C PRO A 113 62.28 -8.74 -10.16
N LEU A 114 62.69 -7.74 -9.39
CA LEU A 114 64.10 -7.43 -9.20
C LEU A 114 64.58 -8.01 -7.88
N PRO A 115 65.86 -8.33 -7.76
CA PRO A 115 66.35 -8.88 -6.48
C PRO A 115 66.70 -7.78 -5.47
N PHE A 116 66.17 -6.58 -5.67
CA PHE A 116 66.42 -5.49 -4.74
C PHE A 116 65.23 -4.53 -4.78
N LYS A 117 65.29 -3.49 -3.96
CA LYS A 117 64.15 -2.62 -3.76
C LYS A 117 64.22 -1.39 -4.66
N VAL A 118 63.04 -0.93 -5.08
CA VAL A 118 62.89 0.26 -5.91
C VAL A 118 62.22 1.33 -5.06
N GLY A 119 62.56 2.60 -5.32
CA GLY A 119 62.18 3.66 -4.41
C GLY A 119 61.30 4.75 -4.99
N GLY A 120 60.14 4.37 -5.51
CA GLY A 120 59.22 5.37 -6.08
C GLY A 120 58.87 6.50 -5.14
N ASN A 121 58.83 6.24 -3.83
CA ASN A 121 58.54 7.29 -2.84
C ASN A 121 59.74 7.54 -1.93
N MSE A 122 60.94 7.47 -2.51
CA MSE A 122 62.19 7.72 -1.78
C MSE A 122 62.78 9.07 -2.19
O MSE A 122 62.33 9.66 -3.17
CB MSE A 122 63.19 6.58 -2.03
CG MSE A 122 62.77 5.23 -1.48
SE MSE A 122 62.40 5.22 0.43
CE MSE A 122 64.18 5.67 1.09
N PRO A 123 63.77 9.57 -1.44
CA PRO A 123 64.45 10.79 -1.86
C PRO A 123 65.06 10.64 -3.25
N GLY A 124 65.15 11.75 -3.98
CA GLY A 124 65.73 11.74 -5.30
C GLY A 124 64.84 11.23 -6.40
N ARG A 125 63.55 11.03 -6.13
CA ARG A 125 62.65 10.43 -7.10
C ARG A 125 62.37 11.32 -8.31
N SER A 126 62.68 12.62 -8.25
CA SER A 126 62.48 13.46 -9.42
C SER A 126 63.71 13.53 -10.32
N ALA A 127 64.87 13.07 -9.85
CA ALA A 127 66.00 12.90 -10.74
C ALA A 127 65.72 11.78 -11.73
N GLY A 128 66.12 11.96 -12.99
CA GLY A 128 65.92 10.92 -13.96
C GLY A 128 66.08 11.44 -15.38
N GLU A 129 65.62 10.61 -16.33
CA GLU A 129 65.02 9.32 -16.04
C GLU A 129 66.08 8.24 -15.83
N ARG A 130 65.81 7.32 -14.91
CA ARG A 130 66.76 6.27 -14.56
C ARG A 130 66.47 4.94 -15.25
N LEU A 131 65.46 4.91 -16.13
CA LEU A 131 65.17 3.77 -16.98
C LEU A 131 65.08 4.30 -18.41
N VAL A 132 65.87 3.74 -19.32
CA VAL A 132 65.96 4.25 -20.69
C VAL A 132 66.07 3.09 -21.67
N ILE A 133 65.60 3.35 -22.89
CA ILE A 133 65.62 2.39 -23.97
C ILE A 133 66.64 2.86 -25.00
N ASP A 134 67.49 1.95 -25.45
CA ASP A 134 68.44 2.28 -26.52
C ASP A 134 67.67 2.77 -27.74
N PRO A 135 67.90 4.00 -28.19
CA PRO A 135 67.07 4.55 -29.29
C PRO A 135 67.43 3.99 -30.65
N ASN A 136 68.51 3.20 -30.74
CA ASN A 136 68.89 2.53 -31.98
C ASN A 136 68.63 1.03 -31.95
N LYS A 137 68.52 0.42 -30.77
CA LYS A 137 68.29 -1.03 -30.67
C LYS A 137 67.43 -1.24 -29.44
N ASN A 138 66.11 -1.23 -29.64
CA ASN A 138 65.18 -1.03 -28.53
C ASN A 138 64.97 -2.27 -27.68
N ASN A 139 65.65 -3.39 -27.97
CA ASN A 139 65.65 -4.50 -27.02
C ASN A 139 66.61 -4.27 -25.86
N ILE A 140 67.45 -3.23 -25.94
CA ILE A 140 68.42 -2.90 -24.90
C ILE A 140 67.83 -1.84 -23.99
N LEU A 141 67.84 -2.10 -22.68
CA LEU A 141 67.41 -1.14 -21.67
C LEU A 141 68.44 -1.09 -20.54
N TYR A 142 68.61 0.11 -19.98
CA TYR A 142 69.46 0.30 -18.81
C TYR A 142 68.63 0.85 -17.66
N PHE A 143 68.95 0.42 -16.44
CA PHE A 143 68.27 0.89 -15.24
C PHE A 143 69.31 1.29 -14.21
N GLY A 144 69.25 2.55 -13.75
CA GLY A 144 70.11 3.02 -12.68
C GLY A 144 69.45 2.88 -11.33
N ALA A 145 70.03 2.07 -10.45
CA ALA A 145 69.38 1.57 -9.25
C ALA A 145 69.82 2.30 -8.00
N ARG A 146 69.08 2.07 -6.91
CA ARG A 146 69.31 2.68 -5.61
C ARG A 146 70.11 1.77 -4.69
N SER A 147 70.49 2.33 -3.54
CA SER A 147 71.01 1.59 -2.40
C SER A 147 72.32 0.87 -2.70
N GLY A 148 73.07 1.34 -3.69
CA GLY A 148 74.32 0.69 -4.04
C GLY A 148 74.20 -0.47 -5.00
N ASN A 149 73.02 -0.70 -5.58
CA ASN A 149 72.86 -1.78 -6.54
C ASN A 149 73.40 -1.44 -7.92
N GLY A 150 73.69 -0.16 -8.18
CA GLY A 150 74.46 0.20 -9.36
C GLY A 150 73.65 0.24 -10.64
N LEU A 151 74.31 -0.12 -11.75
CA LEU A 151 73.71 -0.07 -13.07
C LEU A 151 73.27 -1.47 -13.48
N TRP A 152 72.04 -1.58 -13.98
CA TRP A 152 71.50 -2.84 -14.43
C TRP A 152 71.08 -2.74 -15.89
N LYS A 153 71.01 -3.88 -16.56
CA LYS A 153 70.85 -3.90 -18.01
C LYS A 153 69.95 -5.04 -18.44
N SER A 154 69.15 -4.80 -19.47
CA SER A 154 68.38 -5.83 -20.15
C SER A 154 68.71 -5.79 -21.64
N ILE A 155 68.83 -6.96 -22.26
CA ILE A 155 68.98 -7.03 -23.72
C ILE A 155 67.84 -7.81 -24.37
N ASP A 156 66.81 -8.17 -23.60
CA ASP A 156 65.68 -8.92 -24.13
C ASP A 156 64.39 -8.17 -23.89
N SER A 157 64.44 -6.86 -24.11
CA SER A 157 63.26 -5.98 -24.02
C SER A 157 62.64 -6.05 -22.64
N GLY A 158 63.48 -6.06 -21.60
CA GLY A 158 63.03 -5.93 -20.24
C GLY A 158 62.62 -7.21 -19.55
N VAL A 159 62.72 -8.35 -20.22
CA VAL A 159 62.25 -9.61 -19.62
C VAL A 159 63.20 -10.05 -18.50
N THR A 160 64.51 -10.03 -18.76
CA THR A 160 65.51 -10.38 -17.77
C THR A 160 66.48 -9.24 -17.57
N TRP A 161 67.03 -9.13 -16.35
CA TRP A 161 67.88 -8.03 -15.96
C TRP A 161 69.16 -8.53 -15.29
N SER A 162 70.29 -7.91 -15.64
CA SER A 162 71.59 -8.27 -15.08
C SER A 162 72.34 -7.02 -14.66
N LYS A 163 73.18 -7.18 -13.64
CA LYS A 163 74.00 -6.08 -13.14
C LYS A 163 75.16 -5.82 -14.10
N VAL A 164 75.41 -4.54 -14.38
CA VAL A 164 76.57 -4.13 -15.17
C VAL A 164 77.72 -4.00 -14.18
N THR A 165 78.50 -5.07 -14.03
CA THR A 165 79.53 -5.11 -12.99
C THR A 165 80.66 -4.14 -13.25
N SER A 166 80.82 -3.67 -14.49
CA SER A 166 81.90 -2.76 -14.83
C SER A 166 81.60 -1.31 -14.49
N PHE A 167 80.38 -0.98 -14.09
CA PHE A 167 80.10 0.41 -13.74
C PHE A 167 80.81 0.77 -12.44
N PRO A 168 81.58 1.86 -12.41
CA PRO A 168 82.55 2.06 -11.32
C PRO A 168 82.04 2.75 -10.07
N ASN A 169 80.81 3.27 -10.04
CA ASN A 169 80.39 4.10 -8.92
C ASN A 169 78.90 3.87 -8.67
N VAL A 170 78.57 3.18 -7.57
CA VAL A 170 77.17 2.93 -7.23
C VAL A 170 76.54 4.07 -6.45
N GLY A 171 77.28 5.14 -6.19
CA GLY A 171 76.81 6.28 -5.44
C GLY A 171 77.42 6.33 -4.04
N THR A 172 77.56 7.56 -3.52
CA THR A 172 78.04 7.77 -2.16
C THR A 172 77.12 8.65 -1.31
N TYR A 173 76.25 9.45 -1.91
CA TYR A 173 75.43 10.38 -1.15
C TYR A 173 74.27 9.65 -0.46
N ILE A 174 74.04 10.01 0.80
CA ILE A 174 72.94 9.49 1.60
C ILE A 174 72.22 10.68 2.21
N GLN A 175 70.90 10.77 1.99
CA GLN A 175 70.18 11.97 2.43
C GLN A 175 70.06 12.02 3.95
N ASN A 176 69.58 10.95 4.57
CA ASN A 176 69.28 10.94 6.01
C ASN A 176 70.00 9.77 6.69
N PRO A 177 71.32 9.87 6.85
CA PRO A 177 72.08 8.73 7.39
C PRO A 177 71.68 8.31 8.80
N THR A 178 71.03 9.19 9.57
CA THR A 178 70.64 8.89 10.94
C THR A 178 69.20 8.45 11.09
N LEU A 179 68.41 8.49 10.02
CA LEU A 179 67.00 8.10 10.09
C LEU A 179 66.82 6.69 9.54
N ASP A 180 65.61 6.16 9.70
CA ASP A 180 65.28 4.87 9.11
C ASP A 180 64.53 5.03 7.78
N TYR A 181 64.48 6.25 7.25
CA TYR A 181 63.95 6.53 5.91
C TYR A 181 64.99 7.37 5.20
N GLY A 182 65.55 6.83 4.13
CA GLY A 182 66.56 7.55 3.38
C GLY A 182 67.97 7.42 3.92
N ASN A 183 68.27 6.37 4.68
CA ASN A 183 69.63 6.13 5.16
C ASN A 183 70.43 5.24 4.22
N ASP A 184 69.84 4.82 3.10
CA ASP A 184 70.56 4.07 2.08
C ASP A 184 71.10 5.03 1.02
N LEU A 185 72.03 4.53 0.22
CA LEU A 185 72.55 5.30 -0.91
C LEU A 185 71.42 5.66 -1.86
N VAL A 186 71.40 6.93 -2.30
CA VAL A 186 70.47 7.33 -3.33
C VAL A 186 70.75 6.57 -4.62
N GLY A 187 72.03 6.41 -4.96
CA GLY A 187 72.43 5.61 -6.10
C GLY A 187 72.63 6.38 -7.38
N LEU A 188 72.19 5.80 -8.50
CA LEU A 188 72.32 6.45 -9.80
C LEU A 188 71.16 7.42 -10.02
N SER A 189 71.39 8.44 -10.86
CA SER A 189 70.49 9.58 -10.96
C SER A 189 69.81 9.73 -12.32
N TRP A 190 70.49 9.40 -13.42
CA TRP A 190 69.89 9.53 -14.74
C TRP A 190 70.80 8.84 -15.75
N ILE A 191 70.23 8.50 -16.91
CA ILE A 191 70.95 7.86 -18.00
C ILE A 191 70.53 8.51 -19.31
N THR A 192 71.50 8.80 -20.18
CA THR A 192 71.23 9.49 -21.44
C THR A 192 72.07 8.90 -22.55
N PHE A 193 71.42 8.38 -23.59
CA PHE A 193 72.11 7.91 -24.77
C PHE A 193 72.49 9.08 -25.66
N ASP A 194 73.52 8.86 -26.49
CA ASP A 194 73.83 9.72 -27.62
C ASP A 194 73.41 8.95 -28.87
N LYS A 195 72.19 9.23 -29.34
CA LYS A 195 71.61 8.47 -30.46
C LYS A 195 72.51 8.50 -31.70
N SER A 196 73.33 9.53 -31.85
CA SER A 196 74.20 9.61 -33.02
C SER A 196 75.31 8.58 -32.99
N THR A 197 75.58 7.95 -31.84
CA THR A 197 76.64 6.96 -31.75
C THR A 197 76.14 5.53 -31.99
N GLY A 198 74.98 5.38 -32.63
CA GLY A 198 74.54 4.11 -33.13
C GLY A 198 73.70 4.31 -34.38
N THR A 199 73.31 3.19 -34.98
CA THR A 199 72.38 3.20 -36.10
C THR A 199 71.31 2.15 -35.84
N LEU A 200 70.19 2.26 -36.57
CA LEU A 200 69.07 1.36 -36.38
C LEU A 200 69.51 -0.10 -36.47
N GLY A 201 69.19 -0.86 -35.43
CA GLY A 201 69.59 -2.25 -35.35
C GLY A 201 70.92 -2.49 -34.68
N ASN A 202 71.65 -1.45 -34.29
CA ASN A 202 72.97 -1.58 -33.69
C ASN A 202 73.01 -0.79 -32.39
N ALA A 203 73.66 -1.36 -31.38
CA ALA A 203 73.66 -0.77 -30.05
C ALA A 203 74.31 0.60 -30.05
N THR A 204 73.68 1.54 -29.36
CA THR A 204 74.24 2.88 -29.21
C THR A 204 75.50 2.80 -28.35
N GLN A 205 76.58 3.40 -28.84
CA GLN A 205 77.89 3.18 -28.24
C GLN A 205 78.21 4.14 -27.10
N THR A 206 77.69 5.36 -27.14
CA THR A 206 77.97 6.34 -26.09
C THR A 206 76.78 6.49 -25.16
N ILE A 207 77.03 6.33 -23.86
CA ILE A 207 76.00 6.41 -22.83
C ILE A 207 76.54 7.27 -21.70
N TYR A 208 75.76 8.28 -21.29
CA TYR A 208 76.09 9.10 -20.13
C TYR A 208 75.25 8.66 -18.93
N VAL A 209 75.87 8.65 -17.75
CA VAL A 209 75.19 8.28 -16.52
C VAL A 209 75.54 9.27 -15.44
N GLY A 210 74.51 9.82 -14.78
CA GLY A 210 74.71 10.61 -13.59
C GLY A 210 74.59 9.76 -12.34
N VAL A 211 75.38 10.11 -11.33
CA VAL A 211 75.50 9.35 -10.09
C VAL A 211 75.42 10.32 -8.92
N ALA A 212 74.64 9.96 -7.90
CA ALA A 212 74.55 10.78 -6.67
C ALA A 212 75.83 10.61 -5.87
N ASP A 213 76.85 11.38 -6.26
CA ASP A 213 78.17 11.37 -5.61
C ASP A 213 78.79 12.75 -5.84
N THR A 214 78.92 13.54 -4.77
CA THR A 214 79.39 14.92 -4.91
C THR A 214 80.84 14.98 -5.40
N ALA A 215 81.61 13.90 -5.25
CA ALA A 215 83.01 13.94 -5.67
C ALA A 215 83.18 13.62 -7.15
N SER A 216 82.32 12.78 -7.73
CA SER A 216 82.41 12.46 -9.15
C SER A 216 81.07 11.86 -9.56
N SER A 217 80.32 12.59 -10.36
CA SER A 217 78.92 12.30 -10.57
C SER A 217 78.51 11.99 -12.01
N VAL A 218 79.36 12.27 -12.99
CA VAL A 218 79.00 12.09 -14.39
C VAL A 218 79.96 11.12 -15.04
N TYR A 219 79.41 10.06 -15.63
CA TYR A 219 80.20 9.00 -16.23
C TYR A 219 79.79 8.80 -17.68
N ARG A 220 80.71 8.24 -18.45
CA ARG A 220 80.45 7.98 -19.86
C ARG A 220 81.08 6.66 -20.27
N SER A 221 80.33 5.88 -21.05
CA SER A 221 80.88 4.77 -21.83
C SER A 221 80.87 5.18 -23.30
N THR A 222 81.90 4.79 -24.04
CA THR A 222 81.91 4.97 -25.49
C THR A 222 82.00 3.64 -26.23
N ASP A 223 81.90 2.52 -25.53
CA ASP A 223 81.95 1.20 -26.15
C ASP A 223 80.69 0.40 -25.85
N GLY A 224 79.54 1.08 -25.82
CA GLY A 224 78.29 0.38 -25.62
C GLY A 224 78.09 -0.18 -24.23
N GLY A 225 78.70 0.42 -23.21
CA GLY A 225 78.48 0.02 -21.83
C GLY A 225 79.48 -0.96 -21.27
N VAL A 226 80.53 -1.31 -22.01
CA VAL A 226 81.49 -2.29 -21.52
C VAL A 226 82.43 -1.66 -20.51
N THR A 227 82.97 -0.48 -20.81
CA THR A 227 83.84 0.23 -19.91
C THR A 227 83.31 1.64 -19.67
N TRP A 228 83.67 2.21 -18.53
CA TRP A 228 83.14 3.49 -18.08
C TRP A 228 84.26 4.35 -17.51
N THR A 229 84.17 5.66 -17.75
CA THR A 229 85.11 6.61 -17.16
C THR A 229 84.36 7.86 -16.75
N ALA A 230 84.80 8.47 -15.65
CA ALA A 230 84.25 9.74 -15.24
C ALA A 230 84.69 10.83 -16.22
N LEU A 231 83.76 11.71 -16.59
CA LEU A 231 84.09 12.78 -17.52
C LEU A 231 85.15 13.69 -16.92
N ALA A 232 86.26 13.85 -17.64
CA ALA A 232 87.34 14.73 -17.18
C ALA A 232 86.87 16.17 -17.08
N GLY A 233 87.31 16.86 -16.04
CA GLY A 233 87.04 18.27 -15.87
C GLY A 233 85.69 18.62 -15.27
N GLN A 234 84.92 17.62 -14.86
CA GLN A 234 83.55 17.88 -14.41
C GLN A 234 83.55 18.59 -13.06
N PRO A 235 82.51 19.37 -12.78
CA PRO A 235 82.45 20.08 -11.50
C PRO A 235 82.15 19.13 -10.36
N THR A 236 82.59 19.52 -9.17
CA THR A 236 82.39 18.71 -7.98
C THR A 236 81.59 19.50 -6.94
N GLY A 237 81.06 18.76 -5.96
CA GLY A 237 80.39 19.34 -4.82
C GLY A 237 78.88 19.26 -4.85
N PHE A 238 78.28 18.91 -5.98
CA PHE A 238 76.84 18.93 -6.15
C PHE A 238 76.38 17.60 -6.73
N LEU A 239 75.06 17.48 -6.89
CA LEU A 239 74.40 16.25 -7.29
C LEU A 239 73.59 16.53 -8.55
N PRO A 240 73.89 15.88 -9.67
CA PRO A 240 73.22 16.21 -10.94
C PRO A 240 71.83 15.59 -11.00
N HIS A 241 70.83 16.43 -11.25
CA HIS A 241 69.44 16.00 -11.27
C HIS A 241 69.01 15.45 -12.62
N HIS A 242 69.48 16.09 -13.70
CA HIS A 242 69.15 15.70 -15.06
C HIS A 242 70.35 15.95 -15.95
N GLY A 243 70.47 15.15 -17.00
CA GLY A 243 71.45 15.37 -18.04
C GLY A 243 70.83 15.17 -19.41
N GLU A 244 70.75 16.25 -20.19
CA GLU A 244 70.05 16.23 -21.47
C GLU A 244 71.01 16.66 -22.57
N LEU A 245 71.08 15.84 -23.63
CA LEU A 245 72.01 16.08 -24.73
C LEU A 245 71.28 16.71 -25.89
N SER A 246 71.69 17.92 -26.26
CA SER A 246 71.09 18.63 -27.39
CA SER A 246 71.09 18.61 -27.39
C SER A 246 71.70 18.15 -28.70
N SER A 247 70.97 18.40 -29.79
CA SER A 247 71.45 18.04 -31.13
C SER A 247 72.66 18.87 -31.55
N THR A 248 73.03 19.91 -30.80
CA THR A 248 74.27 20.64 -31.06
C THR A 248 75.48 19.94 -30.49
N GLY A 249 75.30 18.84 -29.76
CA GLY A 249 76.41 18.16 -29.12
C GLY A 249 76.72 18.64 -27.73
N ASP A 250 75.86 19.45 -27.13
CA ASP A 250 76.09 19.97 -25.79
C ASP A 250 75.22 19.21 -24.79
N LEU A 251 75.87 18.70 -23.74
CA LEU A 251 75.20 18.06 -22.63
C LEU A 251 74.96 19.08 -21.54
N TYR A 252 73.68 19.33 -21.23
CA TYR A 252 73.29 20.24 -20.16
C TYR A 252 72.93 19.44 -18.93
N ILE A 253 73.35 19.94 -17.76
CA ILE A 253 73.20 19.22 -16.51
C ILE A 253 72.82 20.21 -15.41
N THR A 254 71.69 19.95 -14.74
CA THR A 254 71.31 20.71 -13.56
C THR A 254 71.86 20.03 -12.31
N TYR A 255 72.26 20.84 -11.34
CA TYR A 255 72.87 20.33 -10.10
C TYR A 255 72.20 20.97 -8.90
N SER A 256 72.12 20.20 -7.82
CA SER A 256 71.64 20.68 -6.53
C SER A 256 72.54 20.09 -5.45
N ASN A 257 72.59 20.76 -4.29
CA ASN A 257 73.33 20.17 -3.19
C ASN A 257 72.48 19.15 -2.40
N GLY A 258 71.27 18.86 -2.88
CA GLY A 258 70.51 17.73 -2.41
C GLY A 258 69.96 16.95 -3.60
N VAL A 259 69.33 15.82 -3.28
CA VAL A 259 68.63 15.04 -4.31
C VAL A 259 67.15 15.36 -4.36
N GLY A 260 66.64 16.19 -3.46
CA GLY A 260 65.23 16.55 -3.50
C GLY A 260 64.34 15.42 -3.02
N PRO A 261 63.02 15.63 -3.09
CA PRO A 261 62.39 16.80 -3.73
C PRO A 261 62.19 18.02 -2.82
N TYR A 262 62.45 17.90 -1.52
CA TYR A 262 62.12 18.96 -0.59
C TYR A 262 63.27 19.90 -0.27
N ASP A 263 64.52 19.47 -0.45
CA ASP A 263 65.67 20.27 -0.08
C ASP A 263 66.26 20.95 -1.32
N GLY A 264 67.52 21.35 -1.24
CA GLY A 264 68.15 22.11 -2.30
C GLY A 264 68.37 23.55 -1.89
N SER A 265 69.52 23.84 -1.30
CA SER A 265 69.86 25.18 -0.84
C SER A 265 71.05 25.78 -1.60
N LYS A 266 71.55 25.09 -2.62
CA LYS A 266 72.62 25.59 -3.46
C LYS A 266 72.60 24.77 -4.75
N GLY A 267 72.99 25.40 -5.86
CA GLY A 267 72.88 24.72 -7.13
C GLY A 267 73.70 25.36 -8.21
N GLU A 268 73.90 24.59 -9.28
CA GLU A 268 74.63 25.04 -10.45
C GLU A 268 73.99 24.43 -11.69
N VAL A 269 74.31 25.04 -12.84
CA VAL A 269 73.99 24.47 -14.14
C VAL A 269 75.25 24.53 -14.99
N TRP A 270 75.59 23.42 -15.64
CA TRP A 270 76.78 23.33 -16.48
C TRP A 270 76.40 22.79 -17.84
N LYS A 271 77.25 23.08 -18.83
CA LYS A 271 77.14 22.45 -20.13
C LYS A 271 78.49 21.86 -20.51
N TYR A 272 78.45 20.70 -21.16
CA TYR A 272 79.63 19.95 -21.55
C TYR A 272 79.54 19.70 -23.05
N ASN A 273 80.57 20.13 -23.79
CA ASN A 273 80.58 19.90 -25.23
C ASN A 273 81.22 18.55 -25.51
N LYS A 274 80.49 17.67 -26.20
CA LYS A 274 80.95 16.32 -26.41
C LYS A 274 82.15 16.26 -27.36
N THR A 275 82.36 17.28 -28.19
CA THR A 275 83.48 17.25 -29.14
C THR A 275 84.77 17.73 -28.49
N SER A 276 84.73 18.91 -27.86
CA SER A 276 85.91 19.47 -27.24
C SER A 276 86.15 18.96 -25.83
N GLY A 277 85.13 18.46 -25.15
CA GLY A 277 85.24 18.12 -23.76
C GLY A 277 85.23 19.30 -22.82
N ALA A 278 84.92 20.49 -23.31
CA ALA A 278 84.96 21.70 -22.49
C ALA A 278 83.69 21.84 -21.64
N TRP A 279 83.89 22.18 -20.38
CA TRP A 279 82.80 22.46 -19.44
C TRP A 279 82.62 23.97 -19.31
N THR A 280 81.36 24.42 -19.33
CA THR A 280 81.03 25.82 -19.14
C THR A 280 79.99 25.94 -18.03
N ASN A 281 80.26 26.79 -17.05
CA ASN A 281 79.29 27.10 -16.00
C ASN A 281 78.25 28.06 -16.55
N ILE A 282 76.99 27.61 -16.64
CA ILE A 282 75.92 28.46 -17.13
C ILE A 282 74.84 28.64 -16.07
N SER A 283 75.24 28.64 -14.80
CA SER A 283 74.29 28.79 -13.71
C SER A 283 73.57 30.13 -13.83
N PRO A 284 72.23 30.16 -13.79
CA PRO A 284 71.52 31.44 -13.85
C PRO A 284 71.84 32.36 -12.67
N THR A 285 72.06 31.80 -11.47
CA THR A 285 72.47 32.59 -10.32
C THR A 285 73.64 31.89 -9.63
N THR A 286 74.50 32.70 -9.01
CA THR A 286 75.69 32.21 -8.32
C THR A 286 75.86 32.97 -7.01
N GLY A 287 76.73 32.45 -6.16
CA GLY A 287 77.05 33.15 -4.91
C GLY A 287 75.83 33.29 -4.04
N THR A 288 75.76 34.43 -3.34
CA THR A 288 74.60 34.68 -2.47
C THR A 288 73.32 34.93 -3.27
N ASP A 289 73.42 35.17 -4.58
CA ASP A 289 72.22 35.26 -5.42
C ASP A 289 71.54 33.91 -5.58
N ASN A 290 72.19 32.82 -5.18
CA ASN A 290 71.67 31.47 -5.36
C ASN A 290 71.58 30.80 -3.99
N TRP A 291 70.36 30.43 -3.60
CA TRP A 291 70.13 29.73 -2.35
C TRP A 291 69.31 28.47 -2.58
N TYR A 292 69.39 27.90 -3.78
CA TYR A 292 68.53 26.79 -4.15
C TYR A 292 69.24 25.91 -5.17
N GLY A 293 68.86 24.64 -5.20
CA GLY A 293 69.31 23.79 -6.27
C GLY A 293 68.59 24.11 -7.56
N PHE A 294 69.13 23.57 -8.66
CA PHE A 294 68.44 23.55 -9.93
C PHE A 294 67.99 22.13 -10.20
N GLY A 295 66.72 21.98 -10.55
CA GLY A 295 66.14 20.66 -10.72
C GLY A 295 65.71 20.38 -12.14
N GLY A 296 64.50 20.82 -12.48
CA GLY A 296 63.98 20.55 -13.81
C GLY A 296 64.87 21.13 -14.90
N LEU A 297 64.92 20.41 -16.03
CA LEU A 297 65.76 20.78 -17.16
C LEU A 297 65.00 20.39 -18.43
N ALA A 298 64.68 21.39 -19.26
CA ALA A 298 63.93 21.15 -20.48
C ALA A 298 64.69 21.74 -21.66
N LEU A 299 65.05 20.89 -22.62
CA LEU A 299 65.57 21.36 -23.89
C LEU A 299 64.44 21.51 -24.89
N ASP A 300 64.59 22.48 -25.79
CA ASP A 300 63.65 22.69 -26.88
C ASP A 300 64.18 21.94 -28.10
N ALA A 301 63.49 20.87 -28.51
CA ALA A 301 64.00 20.07 -29.61
C ALA A 301 63.95 20.82 -30.94
N GLN A 302 62.92 21.65 -31.14
CA GLN A 302 62.78 22.37 -32.41
C GLN A 302 63.69 23.60 -32.49
N HIS A 303 64.20 24.08 -31.36
CA HIS A 303 65.14 25.21 -31.33
C HIS A 303 66.24 24.84 -30.35
N PRO A 304 67.27 24.14 -30.82
CA PRO A 304 68.14 23.35 -29.92
C PRO A 304 69.03 24.18 -29.01
N ASN A 305 69.12 25.49 -29.18
CA ASN A 305 69.84 26.32 -28.21
C ASN A 305 68.91 26.97 -27.19
N THR A 306 67.63 26.59 -27.19
CA THR A 306 66.69 27.04 -26.18
C THR A 306 66.55 25.98 -25.12
N LEU A 307 66.58 26.40 -23.85
CA LEU A 307 66.43 25.48 -22.74
C LEU A 307 65.91 26.24 -21.54
N MSE A 308 65.37 25.49 -20.58
CA MSE A 308 64.83 26.07 -19.34
C MSE A 308 65.23 25.22 -18.15
O MSE A 308 65.35 24.00 -18.28
CB MSE A 308 63.30 26.20 -19.39
CG MSE A 308 62.78 27.05 -20.54
SE MSE A 308 60.87 27.43 -20.38
CE MSE A 308 60.21 25.61 -20.25
N VAL A 309 65.41 25.86 -16.99
CA VAL A 309 65.66 25.16 -15.74
C VAL A 309 64.77 25.77 -14.67
N SER A 310 64.48 24.99 -13.64
CA SER A 310 63.68 25.46 -12.52
C SER A 310 64.45 25.35 -11.21
N SER A 311 64.14 26.26 -10.30
CA SER A 311 64.71 26.21 -8.96
C SER A 311 64.15 25.01 -8.18
N LEU A 312 64.94 24.52 -7.23
CA LEU A 312 64.53 23.40 -6.40
C LEU A 312 65.42 23.41 -5.15
N ASN A 313 64.96 24.10 -4.09
CA ASN A 313 63.75 24.90 -4.06
C ASN A 313 64.07 26.31 -3.59
N ALA A 314 63.55 27.34 -4.27
CA ALA A 314 63.78 28.70 -3.83
C ALA A 314 62.80 29.14 -2.74
N TRP A 315 61.57 28.61 -2.77
CA TRP A 315 60.53 28.81 -1.76
C TRP A 315 59.95 30.23 -1.76
N TRP A 316 60.77 31.26 -1.58
CA TRP A 316 60.23 32.58 -1.34
C TRP A 316 60.78 33.58 -2.36
N PRO A 317 59.92 34.42 -2.96
CA PRO A 317 58.46 34.43 -2.77
C PRO A 317 57.78 33.32 -3.58
N ASP A 318 58.52 32.75 -4.53
CA ASP A 318 58.03 31.67 -5.36
C ASP A 318 59.23 31.01 -6.00
N GLU A 319 58.99 29.89 -6.68
CA GLU A 319 60.02 29.29 -7.49
C GLU A 319 60.28 30.17 -8.72
N VAL A 320 61.33 29.81 -9.46
CA VAL A 320 61.72 30.54 -10.66
C VAL A 320 61.96 29.53 -11.78
N ILE A 321 61.44 29.83 -12.96
CA ILE A 321 61.87 29.17 -14.20
C ILE A 321 62.75 30.15 -14.95
N PHE A 322 63.94 29.69 -15.35
CA PHE A 322 64.86 30.48 -16.15
C PHE A 322 64.87 29.94 -17.58
N ARG A 323 64.89 30.84 -18.55
CA ARG A 323 64.86 30.46 -19.95
C ARG A 323 66.03 31.10 -20.67
N SER A 324 66.73 30.31 -21.48
CA SER A 324 67.79 30.81 -22.35
C SER A 324 67.49 30.39 -23.77
N THR A 325 67.72 31.30 -24.72
CA THR A 325 67.61 30.97 -26.14
C THR A 325 68.96 30.92 -26.82
N ASN A 326 70.05 31.04 -26.07
CA ASN A 326 71.39 31.06 -26.63
C ASN A 326 72.31 30.07 -25.92
N GLY A 327 71.79 28.88 -25.65
CA GLY A 327 72.63 27.82 -25.09
C GLY A 327 73.11 28.06 -23.69
N GLY A 328 72.38 28.84 -22.89
CA GLY A 328 72.78 29.13 -21.53
C GLY A 328 73.68 30.33 -21.35
N ALA A 329 74.01 31.05 -22.42
CA ALA A 329 74.90 32.20 -22.26
C ALA A 329 74.22 33.32 -21.48
N THR A 330 72.93 33.54 -21.71
CA THR A 330 72.15 34.51 -20.94
C THR A 330 70.79 33.92 -20.62
N TRP A 331 70.25 34.29 -19.46
CA TRP A 331 68.98 33.75 -19.01
C TRP A 331 67.96 34.87 -18.82
N SER A 332 66.71 34.52 -19.06
CA SER A 332 65.55 35.33 -18.70
C SER A 332 64.78 34.63 -17.60
N ARG A 333 64.23 35.39 -16.66
CA ARG A 333 63.44 34.85 -15.55
C ARG A 333 61.96 34.96 -15.87
N ILE A 334 61.17 33.99 -15.39
CA ILE A 334 59.74 34.05 -15.62
C ILE A 334 59.06 35.12 -14.76
N TRP A 335 59.73 35.63 -13.74
CA TRP A 335 59.28 36.81 -13.02
C TRP A 335 60.48 37.59 -12.52
N ASP A 336 60.28 38.89 -12.30
CA ASP A 336 61.34 39.76 -11.81
C ASP A 336 60.78 40.65 -10.72
N TRP A 337 61.70 41.16 -9.89
CA TRP A 337 61.33 42.20 -8.95
C TRP A 337 61.10 43.50 -9.71
N GLY A 338 60.05 44.22 -9.31
CA GLY A 338 59.87 45.57 -9.78
C GLY A 338 60.39 46.52 -8.74
N ASN A 339 59.54 47.45 -8.30
CA ASN A 339 59.85 48.23 -7.10
C ASN A 339 59.41 47.40 -5.91
N TYR A 340 60.39 46.83 -5.21
CA TYR A 340 60.12 45.91 -4.11
C TYR A 340 59.08 46.53 -3.15
N PRO A 341 58.10 45.75 -2.68
CA PRO A 341 57.93 44.31 -2.86
C PRO A 341 57.20 43.90 -4.13
N GLU A 342 56.88 44.84 -5.03
CA GLU A 342 56.15 44.49 -6.24
C GLU A 342 57.01 43.64 -7.18
N ARG A 343 56.35 42.77 -7.94
CA ARG A 343 56.99 41.94 -8.93
C ARG A 343 56.33 42.15 -10.29
N THR A 344 57.05 41.79 -11.34
CA THR A 344 56.50 41.72 -12.68
C THR A 344 56.56 40.27 -13.16
N TYR A 345 55.65 39.89 -14.04
CA TYR A 345 55.47 38.48 -14.39
C TYR A 345 55.44 38.29 -15.90
N LYS A 346 56.09 37.24 -16.37
CA LYS A 346 55.97 36.81 -17.76
C LYS A 346 54.94 35.69 -17.91
N PHE A 347 54.19 35.39 -16.85
CA PHE A 347 53.23 34.30 -16.87
C PHE A 347 51.96 34.74 -16.18
N SER A 348 50.87 34.02 -16.49
CA SER A 348 49.58 34.19 -15.85
C SER A 348 49.10 32.81 -15.43
N MSE A 349 48.65 32.67 -14.17
CA MSE A 349 48.18 31.37 -13.67
C MSE A 349 46.67 31.23 -13.85
O MSE A 349 45.91 32.13 -13.51
CB MSE A 349 48.54 31.17 -12.21
CG MSE A 349 50.01 31.22 -11.89
SE MSE A 349 51.00 29.73 -12.63
CE MSE A 349 50.28 28.32 -11.51
N ASP A 350 46.26 30.07 -14.35
CA ASP A 350 44.85 29.74 -14.56
C ASP A 350 44.58 28.46 -13.79
N ILE A 351 43.83 28.57 -12.69
CA ILE A 351 43.45 27.39 -11.92
C ILE A 351 41.93 27.21 -11.96
N THR A 352 41.30 27.61 -13.06
CA THR A 352 39.86 27.45 -13.16
C THR A 352 39.43 25.98 -13.13
N ALA A 353 40.33 25.05 -13.51
CA ALA A 353 40.03 23.64 -13.44
C ALA A 353 40.16 23.06 -12.03
N ALA A 354 40.73 23.82 -11.10
CA ALA A 354 40.87 23.42 -9.69
C ALA A 354 40.98 24.67 -8.85
N PRO A 355 39.89 25.41 -8.64
CA PRO A 355 39.99 26.73 -8.01
C PRO A 355 40.49 26.68 -6.57
N TRP A 356 40.42 25.53 -5.91
CA TRP A 356 40.91 25.43 -4.54
C TRP A 356 42.42 25.59 -4.45
N LEU A 357 43.14 25.58 -5.57
CA LEU A 357 44.58 25.77 -5.54
C LEU A 357 44.99 27.16 -5.04
N ASP A 358 44.04 28.08 -4.83
CA ASP A 358 44.37 29.32 -4.14
C ASP A 358 44.40 29.15 -2.62
N HIS A 359 44.09 27.96 -2.11
CA HIS A 359 44.08 27.67 -0.68
C HIS A 359 43.21 28.66 0.10
N GLY A 360 42.20 29.23 -0.55
CA GLY A 360 41.32 30.16 0.12
C GLY A 360 41.97 31.46 0.56
N THR A 361 43.13 31.81 0.00
CA THR A 361 43.81 33.05 0.37
C THR A 361 43.94 33.95 -0.85
N THR A 362 43.90 35.26 -0.60
CA THR A 362 44.07 36.21 -1.70
CA THR A 362 44.07 36.23 -1.68
C THR A 362 45.56 36.40 -1.98
N SER A 363 45.89 36.48 -3.27
CA SER A 363 47.28 36.54 -3.69
C SER A 363 47.88 37.91 -3.40
N THR A 364 49.15 37.93 -2.99
CA THR A 364 49.94 39.15 -2.92
C THR A 364 51.29 38.90 -3.60
N SER A 365 52.04 39.97 -3.79
CA SER A 365 53.35 39.86 -4.41
C SER A 365 54.26 38.94 -3.62
N LEU A 366 54.29 39.09 -2.29
CA LEU A 366 55.19 38.30 -1.45
C LEU A 366 54.62 36.94 -1.07
N ASP A 367 53.31 36.76 -1.15
CA ASP A 367 52.66 35.47 -0.89
C ASP A 367 51.71 35.18 -2.03
N PRO A 368 52.24 34.77 -3.19
CA PRO A 368 51.38 34.52 -4.35
C PRO A 368 50.46 33.33 -4.11
N SER A 369 49.28 33.41 -4.72
CA SER A 369 48.28 32.37 -4.59
C SER A 369 47.40 32.34 -5.83
N PRO A 370 47.51 31.32 -6.68
CA PRO A 370 48.39 30.15 -6.52
C PRO A 370 49.84 30.44 -6.87
N LYS A 371 50.76 29.69 -6.27
CA LYS A 371 52.16 29.81 -6.64
C LYS A 371 52.40 29.16 -7.99
N LEU A 372 53.47 29.63 -8.66
CA LEU A 372 53.99 28.94 -9.84
C LEU A 372 54.18 27.46 -9.57
N GLY A 373 54.70 27.13 -8.39
CA GLY A 373 54.82 25.74 -8.01
C GLY A 373 55.83 25.59 -6.89
N TRP A 374 56.19 24.33 -6.66
CA TRP A 374 57.19 23.92 -5.68
C TRP A 374 57.53 22.47 -6.00
N MSE A 375 58.67 22.02 -5.49
CA MSE A 375 59.17 20.67 -5.80
C MSE A 375 59.23 20.45 -7.31
O MSE A 375 58.90 19.38 -7.81
CB MSE A 375 58.29 19.61 -5.13
CG MSE A 375 58.24 19.73 -3.60
SE MSE A 375 56.84 18.66 -2.79
CE MSE A 375 57.38 16.93 -3.46
N MSE A 376 59.67 21.48 -8.03
CA MSE A 376 59.74 21.42 -9.49
C MSE A 376 61.04 20.76 -9.96
O MSE A 376 61.95 21.44 -10.46
CB MSE A 376 59.57 22.82 -10.08
CG MSE A 376 58.19 23.41 -9.78
SE MSE A 376 58.07 25.32 -10.12
CE MSE A 376 58.45 25.28 -12.03
N GLY A 377 61.13 19.45 -9.78
CA GLY A 377 62.31 18.71 -10.18
C GLY A 377 62.31 18.23 -11.61
N ASP A 378 61.21 18.43 -12.35
CA ASP A 378 61.09 17.98 -13.73
C ASP A 378 60.36 19.04 -14.54
N LEU A 379 60.91 19.37 -15.71
CA LEU A 379 60.37 20.40 -16.59
C LEU A 379 60.50 19.89 -18.01
N GLU A 380 59.45 20.07 -18.83
CA GLU A 380 59.44 19.50 -20.16
C GLU A 380 58.96 20.50 -21.18
N ILE A 381 59.62 20.52 -22.34
CA ILE A 381 59.13 21.17 -23.54
C ILE A 381 58.79 20.09 -24.55
N ASP A 382 57.57 20.15 -25.09
CA ASP A 382 57.10 19.20 -26.09
C ASP A 382 58.09 19.15 -27.25
N PRO A 383 58.69 17.99 -27.54
CA PRO A 383 59.70 17.93 -28.61
C PRO A 383 59.12 18.13 -29.99
N PHE A 384 57.79 18.20 -30.14
CA PHE A 384 57.17 18.49 -31.41
C PHE A 384 56.39 19.81 -31.40
N ASN A 385 56.54 20.60 -30.33
CA ASN A 385 55.81 21.87 -30.23
C ASN A 385 56.50 22.72 -29.18
N SER A 386 57.37 23.64 -29.63
CA SER A 386 58.08 24.53 -28.72
C SER A 386 57.13 25.40 -27.89
N ASN A 387 55.86 25.50 -28.26
CA ASN A 387 54.92 26.29 -27.48
C ASN A 387 54.31 25.53 -26.32
N ARG A 388 54.51 24.22 -26.23
CA ARG A 388 53.89 23.44 -25.17
C ARG A 388 54.92 23.06 -24.11
N MSE A 389 54.63 23.41 -22.86
CA MSE A 389 55.44 23.10 -21.70
C MSE A 389 54.59 22.33 -20.69
O MSE A 389 53.38 22.56 -20.60
CB MSE A 389 55.97 24.39 -21.06
CG MSE A 389 56.12 24.33 -19.54
SE MSE A 389 56.76 25.95 -18.71
CE MSE A 389 55.05 26.84 -18.44
N MSE A 390 55.20 21.40 -19.96
CA MSE A 390 54.54 20.78 -18.80
C MSE A 390 55.55 20.64 -17.67
O MSE A 390 56.72 20.41 -17.91
CB MSE A 390 53.97 19.40 -19.15
CG MSE A 390 52.79 19.38 -20.10
SE MSE A 390 52.10 17.56 -20.28
CE MSE A 390 50.53 17.94 -21.36
N TYR A 391 55.07 20.76 -16.43
CA TYR A 391 55.92 20.47 -15.29
C TYR A 391 55.07 19.99 -14.13
N GLY A 392 55.64 19.12 -13.31
CA GLY A 392 54.98 18.65 -12.12
C GLY A 392 55.34 19.52 -10.92
N THR A 393 54.40 19.63 -9.98
CA THR A 393 54.69 20.22 -8.68
C THR A 393 54.29 19.21 -7.61
N GLY A 394 54.44 19.62 -6.35
CA GLY A 394 53.98 18.79 -5.25
C GLY A 394 52.47 18.62 -5.19
N ALA A 395 51.71 19.35 -6.02
CA ALA A 395 50.25 19.27 -5.97
C ALA A 395 49.56 19.00 -7.29
N THR A 396 50.21 19.18 -8.44
CA THR A 396 49.47 19.10 -9.69
C THR A 396 50.45 19.01 -10.86
N ILE A 397 49.90 19.05 -12.08
CA ILE A 397 50.66 19.21 -13.32
C ILE A 397 50.22 20.53 -13.92
N TYR A 398 51.18 21.43 -14.14
CA TYR A 398 50.93 22.69 -14.81
C TYR A 398 51.49 22.62 -16.23
N GLY A 399 50.92 23.43 -17.12
CA GLY A 399 51.45 23.49 -18.46
C GLY A 399 50.99 24.72 -19.19
N SER A 400 51.56 24.91 -20.39
CA SER A 400 51.22 26.03 -21.24
C SER A 400 51.16 25.57 -22.69
N ASN A 401 50.34 26.25 -23.49
CA ASN A 401 50.32 26.03 -24.92
C ASN A 401 50.82 27.24 -25.70
N ASN A 402 51.34 28.27 -25.03
CA ASN A 402 51.87 29.45 -25.72
C ASN A 402 53.20 29.87 -25.11
N LEU A 403 54.09 28.90 -24.91
CA LEU A 403 55.35 29.16 -24.23
C LEU A 403 56.19 30.23 -24.92
N THR A 404 56.21 30.25 -26.26
CA THR A 404 57.11 31.20 -26.92
C THR A 404 56.67 32.64 -26.76
N SER A 405 55.46 32.90 -26.22
CA SER A 405 55.09 34.26 -25.84
C SER A 405 56.11 34.86 -24.89
N TRP A 406 56.81 34.01 -24.14
CA TRP A 406 57.92 34.45 -23.29
C TRP A 406 58.93 35.31 -24.08
N ASP A 407 59.26 34.88 -25.31
CA ASP A 407 60.34 35.49 -26.07
C ASP A 407 59.93 36.77 -26.79
N THR A 408 58.64 37.04 -26.93
CA THR A 408 58.16 38.15 -27.75
C THR A 408 57.43 39.20 -26.92
N GLY A 409 57.77 39.32 -25.64
CA GLY A 409 57.14 40.32 -24.81
C GLY A 409 55.72 40.02 -24.40
N GLY A 410 55.25 38.79 -24.61
CA GLY A 410 53.91 38.40 -24.23
C GLY A 410 53.88 37.72 -22.88
N LYS A 411 52.73 37.11 -22.57
CA LYS A 411 52.55 36.43 -21.29
C LYS A 411 52.24 34.95 -21.53
N VAL A 412 53.04 34.10 -20.91
CA VAL A 412 52.82 32.65 -20.96
C VAL A 412 51.62 32.32 -20.09
N ASN A 413 50.59 31.74 -20.70
CA ASN A 413 49.40 31.31 -19.96
C ASN A 413 49.66 29.91 -19.43
N ILE A 414 49.72 29.77 -18.10
CA ILE A 414 49.97 28.50 -17.44
C ILE A 414 48.66 28.04 -16.80
N SER A 415 48.28 26.79 -17.04
CA SER A 415 47.02 26.28 -16.53
C SER A 415 47.21 24.89 -15.97
N VAL A 416 46.23 24.47 -15.16
CA VAL A 416 46.21 23.11 -14.64
C VAL A 416 46.08 22.13 -15.79
N MSE A 417 47.04 21.22 -15.92
CA MSE A 417 46.96 20.22 -16.97
C MSE A 417 46.96 18.83 -16.39
O MSE A 417 47.66 17.94 -16.89
CB MSE A 417 48.13 20.38 -17.95
CG MSE A 417 48.02 21.61 -18.82
SE MSE A 417 49.13 21.53 -20.44
CE MSE A 417 48.51 23.22 -21.17
N ALA A 418 46.20 18.65 -15.31
CA ALA A 418 46.14 17.38 -14.59
C ALA A 418 44.75 16.76 -14.66
N LYS A 419 43.99 17.04 -15.71
CA LYS A 419 42.66 16.47 -15.81
C LYS A 419 42.75 14.94 -15.86
N GLY A 420 41.93 14.28 -15.04
CA GLY A 420 41.95 12.84 -14.94
C GLY A 420 42.92 12.28 -13.91
N VAL A 421 43.81 13.11 -13.36
CA VAL A 421 44.77 12.67 -12.36
C VAL A 421 44.12 12.78 -10.98
N GLU A 422 44.23 11.72 -10.18
CA GLU A 422 43.83 11.75 -8.78
C GLU A 422 44.91 11.04 -7.98
N GLU A 423 45.57 11.78 -7.09
CA GLU A 423 46.75 11.27 -6.43
C GLU A 423 46.74 11.47 -4.92
N THR A 424 45.60 11.83 -4.33
CA THR A 424 45.62 12.09 -2.90
C THR A 424 45.54 10.78 -2.11
N ALA A 425 45.95 10.87 -0.84
CA ALA A 425 45.81 9.78 0.11
C ALA A 425 44.64 10.12 1.04
N VAL A 426 43.71 9.18 1.18
CA VAL A 426 42.43 9.44 1.82
C VAL A 426 42.51 8.95 3.26
N LEU A 427 42.47 9.88 4.21
CA LEU A 427 42.50 9.52 5.62
C LEU A 427 41.11 9.24 6.19
N GLY A 428 40.06 9.80 5.59
CA GLY A 428 38.71 9.59 6.08
C GLY A 428 37.67 9.99 5.06
N LEU A 429 36.49 9.38 5.14
CA LEU A 429 35.38 9.69 4.25
C LEU A 429 34.09 9.69 5.05
N ILE A 430 33.26 10.71 4.86
CA ILE A 430 31.90 10.68 5.37
C ILE A 430 30.94 11.01 4.24
N SER A 431 29.80 10.34 4.22
CA SER A 431 28.73 10.62 3.28
C SER A 431 27.55 11.18 4.07
N PRO A 432 27.36 12.49 4.11
CA PRO A 432 26.33 13.07 4.99
C PRO A 432 24.95 12.61 4.60
N PRO A 433 24.07 12.37 5.59
CA PRO A 433 22.73 11.84 5.28
C PRO A 433 21.76 12.87 4.70
N THR A 434 22.13 14.16 4.67
CA THR A 434 21.24 15.20 4.18
C THR A 434 22.09 16.34 3.63
N GLY A 435 21.43 17.27 2.93
CA GLY A 435 22.12 18.39 2.30
C GLY A 435 22.65 18.05 0.92
N THR A 436 23.24 19.06 0.28
CA THR A 436 23.66 18.93 -1.11
C THR A 436 24.94 18.13 -1.30
N SER A 437 25.72 17.90 -0.25
CA SER A 437 26.95 17.13 -0.36
C SER A 437 26.69 15.68 0.02
N HIS A 438 27.10 14.77 -0.86
CA HIS A 438 27.07 13.34 -0.57
C HIS A 438 28.43 12.82 -0.11
N LEU A 439 29.45 13.67 -0.02
CA LEU A 439 30.79 13.20 0.30
C LEU A 439 31.65 14.35 0.80
N ILE A 440 32.24 14.17 1.97
CA ILE A 440 33.28 15.06 2.48
C ILE A 440 34.50 14.21 2.76
N THR A 441 35.66 14.65 2.28
CA THR A 441 36.88 13.86 2.41
C THR A 441 37.86 14.49 3.39
N ALA A 442 38.67 13.62 3.99
CA ALA A 442 39.83 14.02 4.79
C ALA A 442 41.07 13.52 4.06
N LEU A 443 41.93 14.43 3.63
CA LEU A 443 43.03 14.10 2.73
C LEU A 443 44.36 14.54 3.31
N GLY A 444 45.43 13.85 2.88
CA GLY A 444 46.76 14.34 3.11
C GLY A 444 47.10 15.50 2.18
N ASP A 445 47.94 16.41 2.69
CA ASP A 445 48.57 17.49 1.92
C ASP A 445 47.62 18.59 1.47
N VAL A 446 46.40 18.26 1.05
CA VAL A 446 45.44 19.25 0.59
C VAL A 446 44.15 19.24 1.43
N SER A 447 44.25 18.70 2.65
CA SER A 447 43.22 18.81 3.70
C SER A 447 41.95 17.99 3.43
N GLY A 448 41.33 18.16 2.25
CA GLY A 448 40.06 17.53 1.98
C GLY A 448 39.02 18.54 1.53
N PHE A 449 37.88 18.01 1.09
CA PHE A 449 36.90 18.84 0.41
C PHE A 449 35.49 18.37 0.71
N ARG A 450 34.56 19.32 0.67
CA ARG A 450 33.14 19.02 0.61
C ARG A 450 32.74 18.97 -0.85
N HIS A 451 32.40 17.79 -1.34
CA HIS A 451 32.03 17.63 -2.74
C HIS A 451 30.53 17.79 -2.93
N GLU A 452 30.14 18.47 -4.00
CA GLU A 452 28.74 18.53 -4.39
C GLU A 452 28.60 17.73 -5.68
N ASP A 453 28.80 18.33 -6.84
CA ASP A 453 28.93 17.54 -8.06
C ASP A 453 30.25 16.78 -8.03
N LEU A 454 30.18 15.45 -8.03
CA LEU A 454 31.38 14.61 -7.95
C LEU A 454 32.22 14.66 -9.21
N SER A 455 31.79 15.38 -10.26
CA SER A 455 32.59 15.55 -11.46
C SER A 455 33.15 16.96 -11.58
N VAL A 456 32.89 17.82 -10.60
CA VAL A 456 33.32 19.21 -10.63
C VAL A 456 34.33 19.42 -9.53
N ALA A 457 35.47 20.01 -9.88
CA ALA A 457 36.51 20.27 -8.89
C ALA A 457 35.96 21.17 -7.79
N PRO A 458 36.29 20.91 -6.53
CA PRO A 458 35.85 21.81 -5.46
C PRO A 458 36.37 23.21 -5.67
N THR A 459 35.56 24.21 -5.28
CA THR A 459 35.95 25.59 -5.41
C THR A 459 36.61 26.13 -4.16
N LYS A 460 36.42 25.47 -3.01
CA LYS A 460 36.75 26.04 -1.71
C LYS A 460 37.74 25.14 -0.99
N PHE A 461 38.95 25.65 -0.76
CA PHE A 461 39.88 25.00 0.14
C PHE A 461 39.41 25.15 1.58
N GLN A 462 39.73 24.15 2.41
CA GLN A 462 39.32 24.16 3.81
C GLN A 462 40.21 25.13 4.59
N THR A 463 39.62 26.21 5.12
CA THR A 463 40.35 27.20 5.87
C THR A 463 39.66 27.45 7.21
N SER A 464 40.32 28.26 8.04
CA SER A 464 39.98 28.59 9.43
C SER A 464 39.34 27.40 10.14
N PRO A 465 40.10 26.32 10.40
CA PRO A 465 41.54 26.22 10.22
C PRO A 465 41.99 25.78 8.82
N SER A 466 43.19 26.19 8.44
CA SER A 466 43.85 25.76 7.21
C SER A 466 45.08 24.97 7.59
N TRP A 467 45.17 23.72 7.13
CA TRP A 467 46.34 22.90 7.39
C TRP A 467 46.59 21.99 6.19
N ALA A 468 47.70 21.26 6.26
CA ALA A 468 48.07 20.36 5.16
C ALA A 468 47.20 19.11 5.15
N THR A 469 47.04 18.45 6.30
CA THR A 469 46.45 17.12 6.34
C THR A 469 45.33 17.05 7.37
N THR A 470 44.15 16.60 6.94
CA THR A 470 43.08 16.23 7.87
C THR A 470 43.20 14.75 8.16
N MSE A 471 43.43 14.41 9.43
CA MSE A 471 43.60 13.01 9.79
C MSE A 471 42.26 12.32 10.04
O MSE A 471 42.13 11.11 9.86
CB MSE A 471 44.49 12.90 11.03
CG MSE A 471 45.05 11.50 11.29
SE MSE A 471 46.33 10.93 9.93
CE MSE A 471 47.76 12.19 10.30
N SER A 472 41.24 13.09 10.43
CA SER A 472 40.00 12.48 10.86
C SER A 472 38.86 13.50 10.78
N ILE A 473 37.68 13.03 10.42
CA ILE A 473 36.48 13.87 10.35
C ILE A 473 35.28 13.03 10.76
N ASP A 474 34.37 13.63 11.53
CA ASP A 474 33.13 12.97 11.93
C ASP A 474 32.02 14.01 11.99
N TYR A 475 30.79 13.53 12.00
CA TYR A 475 29.63 14.40 12.10
C TYR A 475 28.66 13.84 13.12
N ALA A 476 27.78 14.70 13.64
CA ALA A 476 26.75 14.27 14.57
C ALA A 476 25.61 13.63 13.80
N GLU A 477 25.38 12.33 14.02
CA GLU A 477 24.44 11.60 13.18
C GLU A 477 23.04 12.22 13.22
N LEU A 478 22.61 12.68 14.39
CA LEU A 478 21.26 13.22 14.54
C LEU A 478 21.17 14.72 14.25
N SER A 479 22.30 15.42 14.21
CA SER A 479 22.36 16.81 13.77
C SER A 479 23.47 16.92 12.75
N PRO A 480 23.25 16.42 11.52
CA PRO A 480 24.37 16.22 10.59
C PRO A 480 25.03 17.49 10.11
N SER A 481 24.41 18.65 10.31
CA SER A 481 25.08 19.91 9.97
C SER A 481 26.29 20.18 10.86
N TYR A 482 26.37 19.53 12.01
CA TYR A 482 27.49 19.74 12.93
C TYR A 482 28.56 18.69 12.65
N MSE A 483 29.76 19.14 12.33
CA MSE A 483 30.85 18.21 12.10
C MSE A 483 32.21 18.80 12.50
O MSE A 483 32.35 20.02 12.66
CB MSE A 483 30.89 17.76 10.62
CG MSE A 483 30.80 18.86 9.60
SE MSE A 483 30.92 18.15 7.77
CE MSE A 483 29.24 17.20 7.72
N VAL A 484 33.18 17.92 12.68
CA VAL A 484 34.47 18.27 13.28
C VAL A 484 35.57 17.56 12.50
N ARG A 485 36.64 18.28 12.19
CA ARG A 485 37.83 17.69 11.59
C ARG A 485 39.04 18.05 12.43
N VAL A 486 40.01 17.13 12.47
CA VAL A 486 41.26 17.36 13.19
C VAL A 486 42.42 17.11 12.24
N GLY A 487 43.48 17.92 12.42
CA GLY A 487 44.69 17.79 11.61
C GLY A 487 45.86 18.25 12.43
N SER A 488 46.82 18.91 11.79
CA SER A 488 48.00 19.43 12.49
C SER A 488 48.32 20.81 11.94
N ALA A 489 48.02 21.84 12.71
CA ALA A 489 48.29 23.20 12.29
C ALA A 489 49.80 23.49 12.29
N ASP A 490 50.23 24.33 11.35
CA ASP A 490 51.61 24.81 11.31
C ASP A 490 51.66 26.08 12.15
N LYS A 491 52.00 25.92 13.42
CA LYS A 491 52.00 27.04 14.36
C LYS A 491 53.27 27.88 14.29
N GLU A 492 54.27 27.48 13.51
CA GLU A 492 55.37 28.39 13.28
C GLU A 492 55.01 29.44 12.24
N LYS A 493 54.27 29.03 11.20
CA LYS A 493 53.76 29.99 10.23
C LYS A 493 52.62 30.81 10.81
N THR A 494 51.69 30.16 11.51
CA THR A 494 50.53 30.82 12.09
C THR A 494 50.38 30.40 13.54
N PRO A 495 51.02 31.11 14.47
CA PRO A 495 50.99 30.67 15.88
C PRO A 495 49.61 30.56 16.48
N SER A 496 48.60 31.21 15.90
CA SER A 496 47.25 31.15 16.43
C SER A 496 46.39 30.07 15.79
N MSE A 497 46.91 29.35 14.80
CA MSE A 497 46.13 28.30 14.12
C MSE A 497 45.88 27.13 15.07
O MSE A 497 46.73 26.78 15.89
CB MSE A 497 46.85 27.82 12.85
CG MSE A 497 45.96 27.06 11.87
SE MSE A 497 44.82 28.23 10.82
CE MSE A 497 46.15 28.94 9.59
N LYS A 498 44.70 26.52 14.96
CA LYS A 498 44.32 25.36 15.76
C LYS A 498 44.33 24.10 14.89
N SER A 499 44.50 22.96 15.55
CA SER A 499 44.51 21.67 14.87
C SER A 499 43.14 21.00 14.88
N ILE A 500 42.08 21.75 15.13
CA ILE A 500 40.72 21.22 15.09
C ILE A 500 39.83 22.26 14.44
N GLY A 501 38.91 21.81 13.60
CA GLY A 501 37.98 22.70 12.94
C GLY A 501 36.56 22.21 13.10
N ILE A 502 35.64 23.16 13.23
CA ILE A 502 34.24 22.87 13.55
C ILE A 502 33.35 23.58 12.55
N SER A 503 32.31 22.89 12.09
CA SER A 503 31.34 23.45 11.16
C SER A 503 29.94 23.23 11.70
N ASN A 504 29.08 24.22 11.49
CA ASN A 504 27.66 24.10 11.79
C ASN A 504 26.80 24.15 10.53
N ASP A 505 27.41 24.09 9.35
CA ASP A 505 26.64 24.11 8.11
C ASP A 505 27.07 22.98 7.20
N GLY A 506 27.36 21.82 7.77
CA GLY A 506 27.68 20.66 6.97
C GLY A 506 28.97 20.77 6.20
N GLY A 507 29.96 21.49 6.71
CA GLY A 507 31.28 21.52 6.11
C GLY A 507 31.49 22.58 5.04
N VAL A 508 30.55 23.51 4.88
CA VAL A 508 30.78 24.62 3.98
C VAL A 508 31.74 25.63 4.60
N ASN A 509 31.49 26.00 5.86
CA ASN A 509 32.30 26.95 6.59
C ASN A 509 32.78 26.34 7.90
N TRP A 510 34.05 26.59 8.23
CA TRP A 510 34.66 26.10 9.45
C TRP A 510 35.09 27.27 10.33
N TYR A 511 35.15 27.02 11.64
CA TYR A 511 35.79 27.93 12.57
C TYR A 511 36.70 27.12 13.49
N MSE A 512 37.62 27.81 14.14
CA MSE A 512 38.51 27.19 15.10
C MSE A 512 38.05 27.52 16.51
O MSE A 512 37.77 28.69 16.81
CB MSE A 512 39.96 27.66 14.90
CG MSE A 512 40.38 27.79 13.45
SE MSE A 512 42.23 28.35 13.23
CE MSE A 512 42.05 30.25 13.65
N PRO A 513 37.94 26.52 17.37
CA PRO A 513 37.54 26.79 18.76
C PRO A 513 38.67 27.46 19.55
N ASN A 514 38.42 27.79 20.80
CA ASN A 514 39.35 28.63 21.54
C ASN A 514 40.55 27.87 22.10
N SER A 515 40.50 26.54 22.19
CA SER A 515 41.59 25.84 22.86
C SER A 515 41.70 24.41 22.34
N GLU A 516 42.75 23.73 22.78
CA GLU A 516 43.09 22.38 22.35
C GLU A 516 43.52 21.58 23.56
N PRO A 517 43.47 20.25 23.47
CA PRO A 517 43.97 19.41 24.58
C PRO A 517 45.39 19.81 24.99
N SER A 518 45.62 19.81 26.30
CA SER A 518 46.92 20.10 26.88
C SER A 518 47.08 19.31 28.16
N ASN A 519 48.31 18.86 28.44
CA ASN A 519 48.59 18.12 29.67
C ASN A 519 49.38 18.97 30.66
N GLY A 520 49.21 20.28 30.61
CA GLY A 520 49.90 21.17 31.54
C GLY A 520 51.32 21.49 31.12
N THR A 521 51.97 20.56 30.44
CA THR A 521 53.31 20.75 29.91
C THR A 521 53.33 21.03 28.42
N LYS A 522 52.36 20.51 27.68
CA LYS A 522 52.41 20.52 26.23
C LYS A 522 51.00 20.54 25.68
N THR A 523 50.78 21.38 24.66
CA THR A 523 49.54 21.36 23.89
C THR A 523 49.70 20.39 22.72
N THR A 524 48.64 19.63 22.43
CA THR A 524 48.73 18.60 21.41
C THR A 524 49.15 19.19 20.07
N VAL A 525 49.93 18.41 19.31
CA VAL A 525 50.22 18.79 17.93
C VAL A 525 49.10 18.42 16.99
N GLY A 526 48.11 17.67 17.47
CA GLY A 526 46.94 17.37 16.67
C GLY A 526 46.92 15.94 16.15
N HIS A 527 46.32 15.77 14.98
CA HIS A 527 46.18 14.49 14.29
C HIS A 527 45.41 13.52 15.21
N GLY A 528 45.67 12.22 15.08
CA GLY A 528 44.88 11.24 15.80
C GLY A 528 43.52 11.05 15.14
N GLN A 529 42.50 10.82 15.97
CA GLN A 529 41.16 10.53 15.52
C GLN A 529 40.15 11.35 16.32
N VAL A 530 39.05 11.72 15.66
CA VAL A 530 38.00 12.49 16.30
C VAL A 530 36.67 11.76 16.14
N ALA A 531 35.80 11.88 17.15
CA ALA A 531 34.47 11.31 17.11
C ALA A 531 33.48 12.31 17.69
N VAL A 532 32.30 12.41 17.09
CA VAL A 532 31.29 13.39 17.47
C VAL A 532 30.07 12.64 18.01
N SER A 533 29.59 13.07 19.18
CA SER A 533 28.43 12.41 19.78
C SER A 533 27.22 12.53 18.85
N ALA A 534 26.29 11.57 19.02
CA ALA A 534 25.16 11.44 18.11
C ALA A 534 24.39 12.75 17.96
N SER A 535 24.23 13.49 19.07
CA SER A 535 23.52 14.77 19.06
C SER A 535 24.44 15.96 18.89
N GLY A 536 25.75 15.74 18.77
CA GLY A 536 26.69 16.85 18.70
C GLY A 536 26.97 17.52 20.03
N ASN A 537 26.55 16.95 21.15
CA ASN A 537 26.73 17.63 22.43
C ASN A 537 28.09 17.36 23.05
N SER A 538 28.97 16.62 22.38
CA SER A 538 30.35 16.49 22.86
C SER A 538 31.24 16.07 21.71
N ILE A 539 32.55 16.31 21.89
CA ILE A 539 33.59 15.86 20.97
C ILE A 539 34.58 15.01 21.75
N LEU A 540 35.01 13.91 21.15
CA LEU A 540 36.08 13.08 21.69
C LEU A 540 37.25 13.11 20.73
N TRP A 541 38.44 13.43 21.26
CA TRP A 541 39.62 13.60 20.43
C TRP A 541 40.73 12.71 20.97
N SER A 542 41.02 11.63 20.26
CA SER A 542 42.15 10.75 20.59
C SER A 542 43.36 11.34 19.89
N THR A 543 44.10 12.21 20.59
CA THR A 543 45.18 12.93 19.95
C THR A 543 46.33 11.98 19.62
N SER A 544 47.21 12.45 18.74
CA SER A 544 48.35 11.64 18.32
C SER A 544 49.46 11.59 19.35
N ASP A 545 49.49 12.53 20.31
CA ASP A 545 50.65 12.65 21.17
C ASP A 545 50.37 12.63 22.67
N ILE A 546 49.21 13.13 23.12
CA ILE A 546 48.99 13.24 24.56
C ILE A 546 47.71 12.58 25.02
N GLY A 547 47.17 11.65 24.23
CA GLY A 547 46.06 10.82 24.69
C GLY A 547 44.69 11.38 24.37
N VAL A 548 43.70 10.85 25.09
CA VAL A 548 42.29 11.04 24.76
C VAL A 548 41.72 12.19 25.59
N TYR A 549 41.05 13.13 24.92
CA TYR A 549 40.42 14.27 25.57
C TYR A 549 39.00 14.43 25.04
N TYR A 550 38.12 15.02 25.86
CA TYR A 550 36.76 15.30 25.43
C TYR A 550 36.41 16.76 25.73
N SER A 551 35.38 17.25 25.03
CA SER A 551 34.89 18.61 25.21
C SER A 551 33.37 18.60 25.22
N LYS A 552 32.79 19.32 26.17
CA LYS A 552 31.35 19.58 26.22
C LYS A 552 31.01 20.97 25.71
N THR A 553 32.01 21.73 25.22
CA THR A 553 31.82 23.11 24.80
C THR A 553 32.34 23.31 23.38
N SER A 554 32.22 22.28 22.54
CA SER A 554 32.62 22.36 21.13
C SER A 554 34.05 22.89 21.01
N GLY A 555 34.94 22.41 21.88
CA GLY A 555 36.33 22.76 21.79
C GLY A 555 36.76 24.01 22.53
N ASN A 556 35.84 24.74 23.16
CA ASN A 556 36.25 25.90 23.94
C ASN A 556 37.11 25.49 25.13
N SER A 557 36.89 24.30 25.66
CA SER A 557 37.76 23.72 26.69
C SER A 557 37.79 22.21 26.52
N TRP A 558 38.82 21.59 27.09
CA TRP A 558 39.05 20.15 26.95
C TRP A 558 39.43 19.57 28.29
N THR A 559 39.06 18.31 28.50
CA THR A 559 39.38 17.57 29.72
C THR A 559 39.87 16.18 29.33
N ALA A 560 40.92 15.71 30.01
CA ALA A 560 41.46 14.40 29.73
C ALA A 560 40.46 13.31 30.10
N SER A 561 40.24 12.38 29.17
CA SER A 561 39.44 11.20 29.49
C SER A 561 40.23 10.27 30.41
N ALA A 562 39.51 9.39 31.08
CA ALA A 562 40.10 8.39 31.97
C ALA A 562 39.75 6.99 31.48
N GLY A 563 40.69 6.06 31.61
CA GLY A 563 40.45 4.67 31.30
C GLY A 563 40.75 4.24 29.88
N LEU A 564 41.03 5.17 28.97
CA LEU A 564 41.30 4.83 27.58
C LEU A 564 42.75 5.13 27.24
N PRO A 565 43.56 4.13 26.91
CA PRO A 565 44.99 4.38 26.67
C PRO A 565 45.24 5.31 25.49
N ALA A 566 46.33 6.06 25.59
CA ALA A 566 46.72 6.97 24.52
C ALA A 566 46.97 6.22 23.23
N GLY A 567 46.53 6.80 22.12
CA GLY A 567 46.64 6.15 20.83
C GLY A 567 45.43 5.31 20.45
N ALA A 568 44.41 5.24 21.30
CA ALA A 568 43.26 4.40 21.03
C ALA A 568 42.47 4.89 19.83
N LYS A 569 41.92 3.94 19.08
CA LYS A 569 40.89 4.26 18.10
C LYS A 569 39.57 4.51 18.84
N ILE A 570 38.77 5.43 18.29
CA ILE A 570 37.54 5.85 18.95
C ILE A 570 36.42 5.91 17.92
N ALA A 571 35.19 5.78 18.42
CA ALA A 571 34.00 5.88 17.60
C ALA A 571 32.84 6.25 18.51
N SER A 572 31.93 7.07 18.01
CA SER A 572 30.74 7.44 18.76
C SER A 572 29.57 6.55 18.37
N ASP A 573 28.69 6.29 19.34
CA ASP A 573 27.41 5.68 19.02
C ASP A 573 26.58 6.66 18.19
N ARG A 574 25.90 6.14 17.17
CA ARG A 574 25.17 7.02 16.27
C ARG A 574 23.77 7.33 16.75
N VAL A 575 23.36 6.82 17.92
CA VAL A 575 22.06 7.06 18.49
C VAL A 575 22.16 7.66 19.90
N ASN A 576 22.93 7.01 20.78
CA ASN A 576 23.05 7.43 22.17
C ASN A 576 24.16 8.46 22.27
N PRO A 577 23.85 9.74 22.52
CA PRO A 577 24.91 10.76 22.58
C PRO A 577 25.83 10.61 23.78
N ASN A 578 25.51 9.74 24.73
CA ASN A 578 26.36 9.51 25.90
C ASN A 578 27.39 8.41 25.67
N LYS A 579 27.32 7.69 24.55
CA LYS A 579 28.05 6.45 24.35
C LYS A 579 29.18 6.65 23.33
N TYR A 580 30.40 6.35 23.74
CA TYR A 580 31.54 6.27 22.84
C TYR A 580 32.19 4.89 23.00
N TYR A 581 32.93 4.48 21.98
CA TYR A 581 33.67 3.22 21.99
C TYR A 581 35.13 3.49 21.70
N GLY A 582 35.99 2.64 22.26
CA GLY A 582 37.42 2.77 22.05
C GLY A 582 38.06 1.40 21.87
N PHE A 583 39.25 1.42 21.28
CA PHE A 583 39.99 0.18 21.04
C PHE A 583 41.48 0.46 21.05
N TYR A 584 42.23 -0.36 21.78
CA TYR A 584 43.68 -0.22 21.79
C TYR A 584 44.31 -1.57 22.13
N ALA A 585 45.21 -2.04 21.27
CA ALA A 585 46.06 -3.20 21.56
C ALA A 585 45.23 -4.44 21.87
N GLY A 586 44.11 -4.61 21.16
CA GLY A 586 43.30 -5.79 21.32
C GLY A 586 42.18 -5.69 22.34
N THR A 587 42.09 -4.59 23.07
CA THR A 587 41.07 -4.42 24.10
C THR A 587 40.04 -3.40 23.63
N PHE A 588 38.76 -3.76 23.77
CA PHE A 588 37.64 -2.89 23.43
C PHE A 588 37.15 -2.18 24.69
N TYR A 589 36.75 -0.92 24.53
CA TYR A 589 36.33 -0.07 25.63
C TYR A 589 35.00 0.59 25.29
N VAL A 590 34.22 0.91 26.32
CA VAL A 590 32.96 1.63 26.18
C VAL A 590 32.92 2.76 27.21
N SER A 591 32.36 3.89 26.81
CA SER A 591 32.08 5.00 27.70
C SER A 591 30.59 5.29 27.64
N VAL A 592 29.96 5.42 28.80
CA VAL A 592 28.55 5.77 28.87
C VAL A 592 28.31 7.13 29.51
N ASP A 593 29.37 7.94 29.66
CA ASP A 593 29.27 9.26 30.25
C ASP A 593 29.85 10.32 29.32
N GLY A 594 29.61 10.16 28.02
CA GLY A 594 30.03 11.17 27.08
C GLY A 594 31.51 11.27 26.86
N GLY A 595 32.25 10.20 27.13
CA GLY A 595 33.68 10.18 26.87
C GLY A 595 34.56 10.53 28.05
N ALA A 596 33.98 10.77 29.23
CA ALA A 596 34.80 11.13 30.38
C ALA A 596 35.54 9.93 30.94
N THR A 597 34.89 8.76 31.00
CA THR A 597 35.51 7.55 31.53
C THR A 597 35.21 6.37 30.62
N PHE A 598 36.21 5.53 30.40
CA PHE A 598 36.07 4.33 29.59
C PHE A 598 36.33 3.10 30.45
N THR A 599 35.64 2.01 30.11
CA THR A 599 35.79 0.73 30.78
C THR A 599 36.01 -0.34 29.73
N ALA A 600 36.97 -1.22 29.99
CA ALA A 600 37.21 -2.34 29.09
C ALA A 600 36.01 -3.26 29.08
N THR A 601 35.71 -3.84 27.93
CA THR A 601 34.72 -4.90 27.84
C THR A 601 35.42 -6.25 27.72
N GLY A 602 34.65 -7.32 27.90
CA GLY A 602 35.18 -8.66 27.78
C GLY A 602 35.40 -9.17 26.37
N ALA A 603 35.15 -8.33 25.36
CA ALA A 603 35.30 -8.75 23.97
C ALA A 603 36.70 -9.30 23.71
N SER A 604 36.76 -10.55 23.25
CA SER A 604 38.01 -11.27 23.11
C SER A 604 38.26 -11.64 21.65
N GLY A 605 39.51 -11.97 21.35
CA GLY A 605 39.90 -12.38 20.02
C GLY A 605 40.32 -11.28 19.08
N PHE A 606 40.28 -10.02 19.52
CA PHE A 606 40.67 -8.92 18.65
C PHE A 606 42.19 -8.91 18.45
N PRO A 607 42.65 -8.49 17.27
CA PRO A 607 44.10 -8.39 17.05
C PRO A 607 44.71 -7.25 17.85
N THR A 608 45.97 -7.42 18.23
CA THR A 608 46.73 -6.32 18.82
C THR A 608 47.42 -5.45 17.79
N ASN A 609 47.72 -6.02 16.61
CA ASN A 609 48.44 -5.33 15.53
C ASN A 609 49.81 -4.84 15.97
N ASN A 610 50.31 -5.37 17.10
CA ASN A 610 51.63 -5.09 17.64
C ASN A 610 52.72 -5.91 16.95
N VAL A 611 52.36 -6.69 15.93
CA VAL A 611 53.30 -7.64 15.33
C VAL A 611 54.55 -6.93 14.84
N ALA A 612 55.70 -7.45 15.23
CA ALA A 612 56.96 -6.99 14.64
C ALA A 612 57.08 -7.49 13.21
N GLY A 613 57.52 -6.61 12.32
CA GLY A 613 57.66 -6.93 10.92
C GLY A 613 56.54 -6.43 10.03
N LEU A 614 55.43 -5.98 10.62
CA LEU A 614 54.37 -5.39 9.82
C LEU A 614 54.85 -4.09 9.19
N GLN A 615 54.63 -3.94 7.89
CA GLN A 615 54.92 -2.70 7.22
C GLN A 615 53.85 -1.67 7.54
N PRO A 616 54.18 -0.36 7.44
CA PRO A 616 53.24 0.67 7.91
C PRO A 616 51.85 0.60 7.29
N ASN A 617 51.72 0.10 6.07
CA ASN A 617 50.43 0.02 5.40
C ASN A 617 49.87 -1.41 5.36
N GLU A 618 50.39 -2.31 6.22
CA GLU A 618 50.00 -3.72 6.13
C GLU A 618 48.74 -4.05 6.93
N ALA A 619 48.55 -3.43 8.10
CA ALA A 619 47.44 -3.77 8.98
C ALA A 619 46.61 -2.54 9.30
N GLN A 620 45.32 -2.76 9.55
CA GLN A 620 44.38 -1.68 9.75
C GLN A 620 43.42 -2.04 10.87
N ILE A 621 42.76 -1.01 11.42
CA ILE A 621 41.63 -1.18 12.34
C ILE A 621 40.51 -0.24 11.87
N SER A 622 39.32 -0.81 11.67
CA SER A 622 38.17 -0.05 11.18
C SER A 622 36.98 -0.38 12.07
N MSE A 623 36.50 0.61 12.81
CA MSE A 623 35.44 0.38 13.80
C MSE A 623 34.40 1.49 13.78
O MSE A 623 34.73 2.66 13.98
CB MSE A 623 36.05 0.28 15.21
CG MSE A 623 35.06 0.41 16.36
SE MSE A 623 36.04 0.56 18.03
CE MSE A 623 36.75 2.36 17.83
N LYS A 624 33.15 1.13 13.51
CA LYS A 624 32.09 2.11 13.30
C LYS A 624 30.78 1.60 13.90
N ALA A 625 30.08 2.48 14.61
CA ALA A 625 28.72 2.18 15.03
C ALA A 625 27.76 2.44 13.88
N VAL A 626 26.64 1.72 13.89
CA VAL A 626 25.69 1.73 12.78
C VAL A 626 24.68 2.86 12.97
N PRO A 627 24.50 3.72 11.97
CA PRO A 627 23.47 4.76 12.06
C PRO A 627 22.11 4.17 12.36
N GLY A 628 21.43 4.74 13.35
CA GLY A 628 20.06 4.37 13.67
C GLY A 628 19.88 3.18 14.59
N ILE A 629 20.96 2.50 15.00
CA ILE A 629 20.85 1.35 15.89
C ILE A 629 21.85 1.54 17.02
N GLU A 630 21.35 1.83 18.22
CA GLU A 630 22.24 1.98 19.37
C GLU A 630 22.95 0.67 19.67
N GLY A 631 24.26 0.76 19.97
CA GLY A 631 25.01 -0.39 20.40
C GLY A 631 25.35 -1.39 19.32
N ASP A 632 25.18 -1.02 18.05
CA ASP A 632 25.49 -1.89 16.92
C ASP A 632 26.81 -1.41 16.33
N ILE A 633 27.84 -2.24 16.45
CA ILE A 633 29.19 -1.90 16.01
C ILE A 633 29.73 -3.00 15.11
N TRP A 634 30.39 -2.60 14.03
CA TRP A 634 31.18 -3.51 13.21
C TRP A 634 32.65 -3.15 13.33
N PHE A 635 33.50 -4.17 13.24
CA PHE A 635 34.93 -4.05 13.49
C PHE A 635 35.66 -4.89 12.46
N ALA A 636 36.54 -4.26 11.68
CA ALA A 636 37.33 -4.95 10.68
C ALA A 636 38.80 -4.66 10.89
N GLY A 637 39.65 -5.64 10.58
CA GLY A 637 41.08 -5.44 10.66
C GLY A 637 41.79 -6.65 11.20
N GLY A 638 43.08 -6.49 11.45
CA GLY A 638 43.93 -7.56 11.92
C GLY A 638 45.05 -7.93 10.97
N ASN A 639 45.62 -9.11 11.18
CA ASN A 639 46.77 -9.56 10.39
C ASN A 639 46.89 -11.07 10.53
N THR A 640 47.68 -11.67 9.63
CA THR A 640 47.82 -13.12 9.60
C THR A 640 48.83 -13.64 10.62
N VAL A 641 49.73 -12.79 11.13
CA VAL A 641 50.73 -13.28 12.07
C VAL A 641 50.08 -13.65 13.40
N GLU A 642 49.16 -12.80 13.89
CA GLU A 642 48.40 -13.14 15.09
C GLU A 642 47.28 -14.13 14.80
N ASN A 643 46.98 -14.39 13.52
CA ASN A 643 45.83 -15.21 13.13
C ASN A 643 44.53 -14.62 13.69
N LYS A 644 44.47 -13.29 13.72
CA LYS A 644 43.28 -12.56 14.16
C LYS A 644 43.00 -11.51 13.10
N TYR A 645 42.13 -11.85 12.16
CA TYR A 645 41.96 -11.08 10.94
C TYR A 645 40.55 -11.33 10.43
N GLY A 646 39.76 -10.27 10.30
CA GLY A 646 38.45 -10.48 9.70
C GLY A 646 37.49 -9.36 10.05
N LEU A 647 36.23 -9.75 10.22
CA LEU A 647 35.13 -8.82 10.43
C LEU A 647 34.32 -9.28 11.63
N TRP A 648 34.13 -8.40 12.61
CA TRP A 648 33.40 -8.70 13.82
C TRP A 648 32.15 -7.82 13.91
N HIS A 649 31.13 -8.32 14.61
CA HIS A 649 29.87 -7.60 14.75
C HIS A 649 29.38 -7.70 16.19
N SER A 650 29.08 -6.56 16.79
CA SER A 650 28.48 -6.49 18.13
C SER A 650 27.15 -5.78 18.05
N THR A 651 26.18 -6.27 18.81
CA THR A 651 24.89 -5.61 18.97
C THR A 651 24.58 -5.30 20.43
N ASN A 652 25.56 -5.41 21.32
CA ASN A 652 25.37 -5.14 22.73
C ASN A 652 26.38 -4.13 23.24
N SER A 653 26.61 -3.07 22.45
CA SER A 653 27.50 -1.96 22.82
C SER A 653 28.93 -2.44 23.07
N GLY A 654 29.35 -3.48 22.35
CA GLY A 654 30.72 -3.95 22.42
C GLY A 654 31.02 -4.92 23.55
N ALA A 655 30.00 -5.32 24.33
CA ALA A 655 30.25 -6.30 25.40
C ALA A 655 30.77 -7.61 24.83
N SER A 656 30.29 -8.00 23.66
CA SER A 656 30.80 -9.18 22.96
C SER A 656 30.58 -9.00 21.46
N PHE A 657 31.47 -9.60 20.67
CA PHE A 657 31.40 -9.57 19.22
C PHE A 657 31.34 -11.00 18.67
N THR A 658 30.70 -11.15 17.52
CA THR A 658 30.75 -12.39 16.76
C THR A 658 31.66 -12.19 15.55
N LYS A 659 32.64 -13.06 15.40
CA LYS A 659 33.51 -13.02 14.22
C LYS A 659 32.83 -13.77 13.08
N LEU A 660 32.59 -13.07 11.97
CA LEU A 660 31.93 -13.69 10.83
C LEU A 660 32.84 -14.74 10.22
N THR A 661 32.37 -15.99 10.17
CA THR A 661 33.22 -17.08 9.74
C THR A 661 33.44 -17.10 8.23
N ASN A 662 32.61 -16.39 7.47
CA ASN A 662 32.71 -16.42 6.01
C ASN A 662 33.58 -15.29 5.46
N VAL A 663 34.28 -14.56 6.31
CA VAL A 663 35.18 -13.48 5.88
C VAL A 663 36.57 -13.82 6.38
N GLU A 664 37.46 -14.16 5.44
CA GLU A 664 38.79 -14.64 5.81
C GLU A 664 39.67 -13.50 6.33
N GLU A 665 39.71 -12.39 5.60
CA GLU A 665 40.43 -11.19 6.01
C GLU A 665 39.54 -10.00 5.72
N ALA A 666 39.58 -8.99 6.59
CA ALA A 666 38.88 -7.75 6.36
C ALA A 666 39.69 -6.60 6.95
N ASP A 667 39.60 -5.44 6.31
CA ASP A 667 40.41 -4.28 6.68
C ASP A 667 39.63 -2.99 6.82
N LEU A 668 38.45 -2.89 6.21
CA LEU A 668 37.60 -1.72 6.35
C LEU A 668 36.15 -2.17 6.34
N ILE A 669 35.30 -1.40 7.01
CA ILE A 669 33.86 -1.62 6.99
C ILE A 669 33.18 -0.26 6.81
N GLY A 670 32.06 -0.26 6.08
CA GLY A 670 31.28 0.94 5.86
C GLY A 670 29.83 0.57 5.57
N TYR A 671 28.97 1.58 5.64
CA TYR A 671 27.53 1.37 5.56
C TYR A 671 26.90 2.26 4.50
N GLY A 672 25.85 1.74 3.85
CA GLY A 672 25.09 2.50 2.89
C GLY A 672 23.62 2.13 2.97
N LYS A 673 22.82 2.85 2.18
CA LYS A 673 21.37 2.67 2.21
C LYS A 673 21.00 1.21 2.00
N ALA A 674 19.95 0.78 2.72
CA ALA A 674 19.48 -0.59 2.64
C ALA A 674 18.94 -0.92 1.25
N ALA A 675 19.12 -2.18 0.84
CA ALA A 675 18.57 -2.64 -0.42
C ALA A 675 17.05 -2.66 -0.39
N PRO A 676 16.40 -2.57 -1.54
CA PRO A 676 14.93 -2.72 -1.56
C PRO A 676 14.52 -4.07 -1.00
N GLY A 677 13.53 -4.04 -0.11
CA GLY A 677 13.08 -5.24 0.56
C GLY A 677 13.85 -5.58 1.82
N GLN A 678 14.94 -4.89 2.09
CA GLN A 678 15.74 -5.11 3.29
C GLN A 678 15.56 -3.94 4.25
N THR A 679 15.78 -4.20 5.53
CA THR A 679 15.74 -3.14 6.53
C THR A 679 17.11 -2.75 7.03
N TYR A 680 18.07 -3.68 7.04
CA TYR A 680 19.42 -3.37 7.50
C TYR A 680 20.22 -2.71 6.39
N MSE A 681 21.05 -1.75 6.77
CA MSE A 681 21.92 -1.05 5.82
C MSE A 681 22.86 -2.02 5.10
O MSE A 681 23.24 -3.05 5.66
CB MSE A 681 22.73 0.03 6.53
CG MSE A 681 21.89 1.13 7.16
SE MSE A 681 22.98 2.55 7.92
CE MSE A 681 23.54 3.41 6.26
N SER A 682 23.20 -1.69 3.86
CA SER A 682 24.18 -2.49 3.13
C SER A 682 25.56 -2.30 3.73
N LEU A 683 26.33 -3.38 3.79
CA LEU A 683 27.70 -3.35 4.27
C LEU A 683 28.67 -3.30 3.09
N TYR A 684 29.67 -2.45 3.21
CA TYR A 684 30.75 -2.33 2.23
C TYR A 684 32.06 -2.61 2.93
N THR A 685 32.85 -3.52 2.38
CA THR A 685 34.07 -3.95 3.04
C THR A 685 35.20 -4.11 2.03
N VAL A 686 36.41 -3.88 2.51
CA VAL A 686 37.63 -4.27 1.81
C VAL A 686 38.13 -5.53 2.49
N ALA A 687 38.18 -6.63 1.72
CA ALA A 687 38.29 -7.94 2.37
C ALA A 687 38.84 -8.97 1.39
N LYS A 688 39.24 -10.10 1.96
CA LYS A 688 39.51 -11.34 1.22
C LYS A 688 38.41 -12.32 1.57
N ILE A 689 37.52 -12.60 0.62
CA ILE A 689 36.34 -13.42 0.86
C ILE A 689 36.34 -14.56 -0.13
N ASP A 690 36.44 -15.79 0.38
CA ASP A 690 36.53 -17.01 -0.43
C ASP A 690 37.66 -16.93 -1.44
N GLY A 691 38.85 -16.60 -0.94
CA GLY A 691 40.05 -16.53 -1.75
C GLY A 691 40.19 -15.31 -2.63
N VAL A 692 39.19 -14.43 -2.68
CA VAL A 692 39.19 -13.29 -3.60
C VAL A 692 39.42 -12.01 -2.79
N ARG A 693 40.47 -11.28 -3.16
CA ARG A 693 40.70 -9.94 -2.62
C ARG A 693 39.91 -8.92 -3.44
N GLY A 694 39.27 -7.99 -2.75
CA GLY A 694 38.59 -6.92 -3.46
C GLY A 694 37.66 -6.14 -2.55
N VAL A 695 36.65 -5.54 -3.16
CA VAL A 695 35.65 -4.72 -2.49
C VAL A 695 34.32 -5.46 -2.58
N PHE A 696 33.64 -5.63 -1.44
CA PHE A 696 32.45 -6.46 -1.38
C PHE A 696 31.30 -5.69 -0.75
N ARG A 697 30.08 -6.09 -1.12
CA ARG A 697 28.85 -5.54 -0.57
C ARG A 697 27.99 -6.68 -0.06
N SER A 698 27.38 -6.49 1.10
CA SER A 698 26.39 -7.42 1.64
C SER A 698 25.08 -6.70 1.87
N ASP A 699 24.00 -7.27 1.37
CA ASP A 699 22.65 -6.73 1.58
C ASP A 699 21.87 -7.53 2.62
N ASP A 700 22.52 -8.44 3.34
CA ASP A 700 21.85 -9.31 4.29
C ASP A 700 22.67 -9.49 5.56
N VAL A 701 23.19 -8.37 6.09
CA VAL A 701 23.89 -8.32 7.37
C VAL A 701 25.09 -9.28 7.37
N GLY A 702 25.77 -9.38 6.23
CA GLY A 702 27.02 -10.12 6.16
C GLY A 702 26.90 -11.60 5.92
N ALA A 703 25.68 -12.12 5.73
CA ALA A 703 25.54 -13.55 5.44
C ALA A 703 26.12 -13.88 4.07
N THR A 704 25.88 -13.04 3.06
CA THR A 704 26.41 -13.25 1.71
C THR A 704 27.03 -11.96 1.20
N TRP A 705 28.08 -12.12 0.39
CA TRP A 705 28.85 -11.00 -0.14
C TRP A 705 28.94 -11.12 -1.66
N VAL A 706 28.97 -9.97 -2.33
CA VAL A 706 29.19 -9.91 -3.76
C VAL A 706 30.31 -8.92 -4.03
N ARG A 707 31.22 -9.27 -4.94
CA ARG A 707 32.33 -8.40 -5.25
C ARG A 707 31.86 -7.29 -6.19
N ILE A 708 32.16 -6.05 -5.83
CA ILE A 708 31.68 -4.91 -6.61
C ILE A 708 32.81 -4.16 -7.31
N ASN A 709 34.07 -4.54 -7.07
CA ASN A 709 35.13 -4.08 -7.95
C ASN A 709 35.55 -5.25 -8.85
N ASP A 710 36.66 -5.08 -9.56
CA ASP A 710 37.15 -6.12 -10.46
C ASP A 710 38.65 -5.95 -10.60
N ASP A 711 39.28 -6.85 -11.37
CA ASP A 711 40.72 -6.88 -11.46
C ASP A 711 41.30 -5.66 -12.17
N ALA A 712 40.49 -4.91 -12.91
CA ALA A 712 40.96 -3.68 -13.54
C ALA A 712 40.79 -2.46 -12.64
N HIS A 713 40.13 -2.59 -11.49
CA HIS A 713 39.86 -1.46 -10.59
C HIS A 713 40.17 -1.91 -9.17
N GLN A 714 41.46 -1.99 -8.85
CA GLN A 714 41.91 -2.45 -7.54
C GLN A 714 42.54 -1.35 -6.69
N TYR A 715 43.35 -0.49 -7.29
CA TYR A 715 43.87 0.72 -6.63
C TYR A 715 44.83 0.42 -5.48
N ALA A 716 45.63 -0.65 -5.60
CA ALA A 716 46.73 -0.94 -4.68
C ALA A 716 46.23 -1.19 -3.26
N LYS A 717 46.89 -0.60 -2.26
CA LYS A 717 46.62 -0.93 -0.86
C LYS A 717 45.45 -0.09 -0.37
N ILE A 718 44.24 -0.59 -0.58
CA ILE A 718 43.01 0.13 -0.28
C ILE A 718 42.53 -0.15 1.13
N ASN A 719 43.37 0.15 2.12
CA ASN A 719 42.98 0.02 3.52
C ASN A 719 42.81 1.39 4.18
N MSE A 720 42.42 2.39 3.41
CA MSE A 720 42.39 3.77 3.88
C MSE A 720 41.03 4.18 4.42
O MSE A 720 40.94 4.64 5.56
CB MSE A 720 42.83 4.70 2.74
CG MSE A 720 44.23 4.42 2.22
SE MSE A 720 45.58 4.69 3.61
CE MSE A 720 45.74 6.62 3.46
N ALA A 721 39.97 4.01 3.62
CA ALA A 721 38.64 4.44 4.05
C ALA A 721 37.60 3.88 3.09
N ILE A 722 36.40 3.61 3.61
CA ILE A 722 35.29 3.19 2.78
C ILE A 722 33.99 3.61 3.46
N THR A 723 33.01 4.00 2.65
CA THR A 723 31.66 4.22 3.16
C THR A 723 30.67 4.06 2.02
N GLY A 724 29.48 3.59 2.36
CA GLY A 724 28.35 3.69 1.47
C GLY A 724 27.70 5.06 1.58
N ASP A 725 26.54 5.18 0.93
CA ASP A 725 25.80 6.42 0.87
C ASP A 725 24.43 6.18 1.51
N PRO A 726 24.10 6.85 2.62
CA PRO A 726 22.80 6.58 3.27
C PRO A 726 21.60 6.94 2.42
N ARG A 727 21.79 7.64 1.30
CA ARG A 727 20.69 8.04 0.44
C ARG A 727 20.67 7.31 -0.90
N ILE A 728 21.69 6.52 -1.23
CA ILE A 728 21.79 5.87 -2.53
C ILE A 728 22.22 4.42 -2.30
N TYR A 729 21.29 3.48 -2.49
CA TYR A 729 21.64 2.07 -2.39
C TYR A 729 22.59 1.67 -3.51
N GLY A 730 23.61 0.88 -3.16
CA GLY A 730 24.58 0.41 -4.11
C GLY A 730 25.81 1.28 -4.26
N ARG A 731 25.71 2.57 -3.90
CA ARG A 731 26.81 3.49 -4.05
C ARG A 731 27.89 3.23 -3.01
N VAL A 732 29.14 3.19 -3.45
CA VAL A 732 30.27 3.05 -2.54
C VAL A 732 31.26 4.18 -2.82
N TYR A 733 31.86 4.71 -1.76
CA TYR A 733 32.98 5.65 -1.86
C TYR A 733 34.20 4.95 -1.30
N LEU A 734 35.26 4.87 -2.10
CA LEU A 734 36.46 4.12 -1.73
C LEU A 734 37.66 5.06 -1.69
N GLY A 735 38.30 5.16 -0.52
CA GLY A 735 39.55 5.88 -0.42
C GLY A 735 40.74 5.04 -0.88
N THR A 736 41.82 5.72 -1.24
CA THR A 736 43.06 5.06 -1.65
C THR A 736 44.25 5.80 -1.05
N ASN A 737 45.43 5.22 -1.24
CA ASN A 737 46.69 5.85 -0.86
C ASN A 737 47.48 6.15 -2.12
N GLY A 738 47.03 7.17 -2.86
CA GLY A 738 47.71 7.55 -4.09
C GLY A 738 46.83 7.67 -5.31
N ARG A 739 45.57 7.26 -5.22
CA ARG A 739 44.63 7.35 -6.34
C ARG A 739 43.38 8.15 -5.98
N GLY A 740 43.47 9.01 -4.96
CA GLY A 740 42.32 9.83 -4.60
C GLY A 740 41.16 8.98 -4.12
N THR A 741 39.94 9.47 -4.36
CA THR A 741 38.71 8.83 -3.95
C THR A 741 37.95 8.36 -5.19
N LEU A 742 37.45 7.12 -5.14
CA LEU A 742 36.58 6.57 -6.16
C LEU A 742 35.14 6.55 -5.65
N TYR A 743 34.19 6.69 -6.57
CA TYR A 743 32.82 6.30 -6.27
C TYR A 743 32.34 5.37 -7.38
N ALA A 744 31.45 4.45 -7.00
CA ALA A 744 31.03 3.41 -7.92
C ALA A 744 29.58 3.04 -7.65
N ASP A 745 28.88 2.68 -8.73
CA ASP A 745 27.50 2.24 -8.74
C ASP A 745 27.40 1.02 -9.63
N PRO A 746 26.35 0.20 -9.47
CA PRO A 746 26.03 -0.79 -10.50
C PRO A 746 25.97 -0.13 -11.87
N VAL A 747 26.39 -0.88 -12.89
CA VAL A 747 26.54 -0.30 -14.23
C VAL A 747 25.22 0.32 -14.70
N GLY B 1 -1.85 19.46 -4.54
CA GLY B 1 -0.55 19.85 -5.02
C GLY B 1 0.59 19.39 -4.14
N MSE B 2 1.44 18.52 -4.69
CA MSE B 2 2.60 18.01 -3.96
C MSE B 2 3.87 18.12 -4.81
O MSE B 2 3.80 18.03 -6.04
CB MSE B 2 2.38 16.56 -3.52
CG MSE B 2 1.05 16.30 -2.84
SE MSE B 2 0.92 14.44 -2.25
CE MSE B 2 0.67 13.58 -3.97
N SER B 3 5.01 18.30 -4.16
CA SER B 3 6.28 18.39 -4.86
C SER B 3 7.35 17.72 -4.02
N GLU B 4 8.44 17.33 -4.69
CA GLU B 4 9.54 16.59 -4.09
C GLU B 4 10.84 17.18 -4.61
N PRO B 5 11.76 17.56 -3.72
CA PRO B 5 12.98 18.27 -4.16
C PRO B 5 13.90 17.37 -4.98
N TYR B 6 14.35 17.89 -6.12
CA TYR B 6 15.24 17.21 -7.03
C TYR B 6 16.49 18.05 -7.27
N THR B 7 17.55 17.40 -7.75
CA THR B 7 18.76 18.07 -8.20
C THR B 7 18.81 18.00 -9.71
N TRP B 8 18.77 19.15 -10.38
CA TRP B 8 18.69 19.24 -11.84
C TRP B 8 20.06 19.59 -12.41
N LYS B 9 20.52 18.80 -13.38
CA LYS B 9 21.83 18.99 -13.99
C LYS B 9 21.75 18.80 -15.49
N SER B 10 22.63 19.48 -16.21
CA SER B 10 22.72 19.34 -17.65
C SER B 10 23.46 18.06 -18.03
N VAL B 11 22.93 17.35 -19.02
CA VAL B 11 23.75 16.39 -19.75
C VAL B 11 24.74 17.18 -20.59
N VAL B 12 26.03 16.97 -20.35
CA VAL B 12 27.08 17.83 -20.88
C VAL B 12 27.38 17.48 -22.34
N THR B 13 27.36 18.48 -23.21
CA THR B 13 27.85 18.31 -24.58
C THR B 13 29.15 19.06 -24.83
N GLY B 14 29.56 19.92 -23.92
CA GLY B 14 30.82 20.64 -24.05
C GLY B 14 30.78 21.88 -24.93
N ALA B 15 30.09 21.78 -26.07
CA ALA B 15 30.07 22.88 -27.02
C ALA B 15 28.79 23.71 -26.97
N GLY B 16 27.71 23.18 -26.40
CA GLY B 16 26.45 23.89 -26.42
C GLY B 16 25.57 23.42 -27.56
N GLY B 17 26.07 23.49 -28.79
CA GLY B 17 25.39 22.92 -29.94
C GLY B 17 24.44 23.84 -30.67
N GLY B 18 24.32 25.11 -30.28
CA GLY B 18 23.42 26.04 -30.93
C GLY B 18 24.09 27.37 -31.23
N PHE B 19 23.28 28.29 -31.76
CA PHE B 19 23.77 29.59 -32.22
C PHE B 19 23.84 30.57 -31.05
N VAL B 20 24.99 31.22 -30.88
CA VAL B 20 25.13 32.27 -29.88
C VAL B 20 25.27 33.59 -30.63
N PRO B 21 24.17 34.28 -30.93
CA PRO B 21 24.27 35.49 -31.77
C PRO B 21 24.91 36.68 -31.09
N GLY B 22 25.01 36.69 -29.76
CA GLY B 22 25.56 37.83 -29.07
C GLY B 22 26.31 37.53 -27.79
N ILE B 23 27.49 38.13 -27.64
CA ILE B 23 28.27 38.13 -26.42
C ILE B 23 28.49 39.58 -26.02
N ILE B 24 28.26 39.89 -24.74
CA ILE B 24 28.19 41.27 -24.28
C ILE B 24 29.10 41.42 -23.07
N PHE B 25 30.17 42.21 -23.21
CA PHE B 25 31.07 42.52 -22.10
C PHE B 25 30.59 43.79 -21.39
N ASN B 26 30.55 43.74 -20.06
CA ASN B 26 30.33 44.98 -19.32
C ASN B 26 31.52 45.90 -19.49
N GLN B 27 31.26 47.19 -19.68
CA GLN B 27 32.32 48.14 -19.99
C GLN B 27 33.03 48.68 -18.75
N THR B 28 32.56 48.35 -17.55
CA THR B 28 33.12 48.88 -16.32
C THR B 28 33.74 47.82 -15.41
N GLU B 29 33.09 46.67 -15.27
CA GLU B 29 33.58 45.65 -14.34
C GLU B 29 34.29 44.55 -15.10
N PRO B 30 35.58 44.33 -14.86
CA PRO B 30 36.30 43.26 -15.56
C PRO B 30 35.65 41.90 -15.32
N ASN B 31 35.64 41.07 -16.38
CA ASN B 31 35.21 39.68 -16.36
C ASN B 31 33.71 39.51 -16.17
N LEU B 32 32.92 40.57 -16.28
CA LEU B 32 31.46 40.47 -16.32
C LEU B 32 31.04 40.35 -17.78
N ILE B 33 30.57 39.15 -18.17
CA ILE B 33 30.22 38.85 -19.55
C ILE B 33 28.87 38.14 -19.56
N TYR B 34 28.08 38.42 -20.58
CA TYR B 34 26.83 37.70 -20.82
C TYR B 34 26.83 37.16 -22.24
N ALA B 35 26.07 36.08 -22.44
CA ALA B 35 25.82 35.54 -23.78
C ALA B 35 24.33 35.35 -23.95
N ARG B 36 23.82 35.72 -25.13
CA ARG B 36 22.41 35.57 -25.44
C ARG B 36 22.25 34.58 -26.59
N THR B 37 21.22 33.74 -26.52
CA THR B 37 20.94 32.75 -27.54
C THR B 37 19.56 33.04 -28.16
N ASP B 38 19.28 32.36 -29.26
CA ASP B 38 18.06 32.66 -30.00
C ASP B 38 16.86 31.82 -29.54
N ILE B 39 17.07 30.64 -28.96
CA ILE B 39 15.98 29.83 -28.44
C ILE B 39 16.22 29.35 -27.02
N GLY B 40 17.36 29.67 -26.41
CA GLY B 40 17.70 29.03 -25.15
C GLY B 40 18.08 29.97 -24.03
N GLY B 41 17.52 31.17 -24.01
CA GLY B 41 17.78 32.09 -22.93
C GLY B 41 19.17 32.70 -23.01
N ALA B 42 19.66 33.14 -21.84
CA ALA B 42 20.93 33.83 -21.73
C ALA B 42 21.78 33.21 -20.62
N TYR B 43 23.05 33.63 -20.57
CA TYR B 43 24.02 33.10 -19.63
C TYR B 43 24.90 34.22 -19.10
N ARG B 44 25.44 34.01 -17.91
CA ARG B 44 26.45 34.89 -17.34
C ARG B 44 27.74 34.10 -17.09
N TRP B 45 28.87 34.73 -17.41
CA TRP B 45 30.17 34.07 -17.28
C TRP B 45 30.58 34.00 -15.81
N ASN B 46 31.16 32.86 -15.43
CA ASN B 46 31.79 32.70 -14.12
C ASN B 46 33.29 32.65 -14.34
N GLN B 47 33.98 33.75 -14.00
CA GLN B 47 35.41 33.86 -14.27
C GLN B 47 36.24 32.86 -13.46
N ALA B 48 35.76 32.48 -12.27
CA ALA B 48 36.56 31.59 -11.42
C ALA B 48 36.60 30.17 -11.95
N THR B 49 35.61 29.76 -12.74
CA THR B 49 35.55 28.41 -13.27
C THR B 49 35.58 28.36 -14.80
N SER B 50 35.73 29.50 -15.46
CA SER B 50 35.69 29.59 -16.92
C SER B 50 34.49 28.84 -17.47
N SER B 51 33.31 29.15 -16.94
CA SER B 51 32.10 28.48 -17.37
C SER B 51 30.94 29.48 -17.33
N TRP B 52 29.83 29.10 -17.96
CA TRP B 52 28.65 29.93 -18.06
C TRP B 52 27.56 29.37 -17.16
N VAL B 53 26.74 30.27 -16.61
CA VAL B 53 25.61 29.92 -15.77
CA VAL B 53 25.60 29.89 -15.79
C VAL B 53 24.34 30.47 -16.43
N SER B 54 23.31 29.65 -16.55
CA SER B 54 22.08 30.11 -17.16
C SER B 54 21.35 31.08 -16.24
N ILE B 55 20.81 32.15 -16.82
CA ILE B 55 20.01 33.10 -16.05
C ILE B 55 18.57 33.08 -16.57
N SER B 56 18.17 31.95 -17.17
CA SER B 56 16.87 31.86 -17.85
C SER B 56 16.06 30.63 -17.48
N ASP B 57 16.54 29.79 -16.57
CA ASP B 57 15.84 28.53 -16.35
C ASP B 57 14.53 28.69 -15.58
N SER B 58 14.23 29.88 -15.06
CA SER B 58 12.91 30.12 -14.49
C SER B 58 11.85 30.39 -15.54
N VAL B 59 12.24 30.62 -16.79
CA VAL B 59 11.27 30.75 -17.88
C VAL B 59 10.52 29.43 -18.02
N GLY B 60 9.19 29.51 -18.12
CA GLY B 60 8.35 28.33 -18.08
C GLY B 60 7.43 28.10 -19.26
N TRP B 61 6.35 27.36 -19.00
CA TRP B 61 5.48 26.86 -20.07
C TRP B 61 4.75 28.01 -20.78
N VAL B 62 4.07 28.86 -20.03
CA VAL B 62 3.25 29.91 -20.65
C VAL B 62 4.12 31.03 -21.19
N ASP B 63 5.15 31.44 -20.44
CA ASP B 63 6.05 32.51 -20.88
C ASP B 63 7.28 31.99 -21.61
N TRP B 64 7.13 30.88 -22.36
CA TRP B 64 8.26 30.24 -23.04
C TRP B 64 9.00 31.17 -23.98
N ASN B 65 8.33 32.19 -24.54
CA ASN B 65 8.99 32.96 -25.58
C ASN B 65 10.09 33.86 -25.02
N LYS B 66 10.21 33.95 -23.69
CA LYS B 66 11.28 34.73 -23.08
C LYS B 66 12.66 34.14 -23.35
N ASN B 67 12.73 32.88 -23.79
CA ASN B 67 14.04 32.29 -24.07
C ASN B 67 14.57 32.68 -25.44
N GLY B 68 13.83 33.45 -26.21
CA GLY B 68 14.39 34.09 -27.38
C GLY B 68 14.96 35.44 -27.01
N VAL B 69 16.28 35.55 -26.90
CA VAL B 69 16.92 36.75 -26.36
C VAL B 69 17.47 37.56 -27.54
N ASP B 70 16.69 38.54 -27.99
CA ASP B 70 17.01 39.36 -29.15
C ASP B 70 18.04 40.43 -28.86
N ALA B 71 18.15 40.84 -27.59
CA ALA B 71 19.07 41.92 -27.21
C ALA B 71 19.33 41.82 -25.71
N LEU B 72 20.50 42.29 -25.29
CA LEU B 72 20.88 42.27 -23.89
C LEU B 72 21.78 43.47 -23.59
N ALA B 73 21.53 44.13 -22.46
CA ALA B 73 22.31 45.28 -22.02
C ALA B 73 22.75 45.08 -20.58
N THR B 74 24.04 45.31 -20.31
CA THR B 74 24.57 45.24 -18.96
C THR B 74 25.05 46.62 -18.54
N ASP B 75 24.63 47.03 -17.34
CA ASP B 75 24.74 48.42 -16.90
C ASP B 75 26.18 48.78 -16.53
N PRO B 76 26.79 49.80 -17.16
CA PRO B 76 28.15 50.18 -16.79
C PRO B 76 28.26 51.05 -15.55
N ILE B 77 27.16 51.64 -15.10
CA ILE B 77 27.17 52.44 -13.87
C ILE B 77 26.89 51.56 -12.66
N ASP B 78 25.90 50.68 -12.75
CA ASP B 78 25.62 49.68 -11.72
C ASP B 78 25.66 48.31 -12.37
N PRO B 79 26.83 47.65 -12.37
CA PRO B 79 26.94 46.34 -13.06
C PRO B 79 26.08 45.24 -12.50
N ASN B 80 25.38 45.45 -11.38
CA ASN B 80 24.41 44.46 -10.91
C ASN B 80 23.20 44.38 -11.82
N LYS B 81 22.97 45.40 -12.65
CA LYS B 81 21.75 45.49 -13.45
C LYS B 81 22.00 44.95 -14.86
N VAL B 82 21.03 44.19 -15.35
CA VAL B 82 21.08 43.65 -16.69
C VAL B 82 19.65 43.61 -17.22
N TYR B 83 19.52 43.81 -18.53
CA TYR B 83 18.22 43.89 -19.20
C TYR B 83 18.23 43.04 -20.47
N MSE B 84 17.07 42.52 -20.83
CA MSE B 84 16.93 41.74 -22.04
C MSE B 84 15.64 42.08 -22.78
O MSE B 84 14.60 42.30 -22.16
CB MSE B 84 16.94 40.23 -21.72
CG MSE B 84 18.13 39.76 -20.92
SE MSE B 84 18.16 37.81 -20.80
CE MSE B 84 16.45 37.52 -19.95
N ALA B 85 15.72 42.13 -24.11
CA ALA B 85 14.54 42.18 -24.96
C ALA B 85 14.27 40.75 -25.42
N THR B 86 13.13 40.19 -25.02
CA THR B 86 12.87 38.77 -25.28
C THR B 86 11.52 38.59 -25.94
N GLY B 87 11.35 37.40 -26.51
CA GLY B 87 10.30 37.13 -27.47
C GLY B 87 10.97 36.44 -28.64
N THR B 88 10.34 35.40 -29.20
CA THR B 88 11.05 34.52 -30.11
C THR B 88 10.72 34.77 -31.59
N TYR B 89 9.44 34.88 -31.95
CA TYR B 89 9.08 35.10 -33.34
C TYR B 89 8.21 36.35 -33.48
N THR B 90 8.32 37.00 -34.64
CA THR B 90 7.49 38.15 -34.96
C THR B 90 6.36 37.81 -35.92
N ASN B 91 6.25 36.55 -36.35
CA ASN B 91 5.14 36.13 -37.20
C ASN B 91 4.06 35.49 -36.32
N HIS B 92 3.21 34.66 -36.93
CA HIS B 92 2.09 34.07 -36.21
C HIS B 92 2.50 32.91 -35.31
N TRP B 93 3.79 32.59 -35.22
CA TRP B 93 4.26 31.52 -34.34
C TRP B 93 4.40 31.96 -32.89
N ASP B 94 4.15 33.22 -32.57
CA ASP B 94 4.46 33.73 -31.24
C ASP B 94 3.51 34.88 -30.91
N ASN B 95 3.47 35.25 -29.64
CA ASN B 95 2.76 36.39 -29.13
C ASN B 95 3.74 37.54 -28.88
N ASN B 96 3.26 38.63 -28.28
CA ASN B 96 4.10 39.80 -28.04
C ASN B 96 5.26 39.48 -27.12
N GLY B 97 6.31 40.29 -27.22
CA GLY B 97 7.51 40.15 -26.41
C GLY B 97 7.49 41.01 -25.17
N GLN B 98 8.68 41.22 -24.60
CA GLN B 98 8.77 41.96 -23.35
C GLN B 98 10.20 42.45 -23.14
N ILE B 99 10.34 43.45 -22.28
CA ILE B 99 11.63 43.87 -21.77
C ILE B 99 11.74 43.35 -20.34
N MSE B 100 12.80 42.59 -20.07
CA MSE B 100 13.03 42.04 -18.73
C MSE B 100 14.19 42.76 -18.06
O MSE B 100 15.15 43.18 -18.72
CB MSE B 100 13.31 40.54 -18.82
CG MSE B 100 12.16 39.76 -19.47
SE MSE B 100 12.59 37.91 -19.82
CE MSE B 100 12.98 37.32 -18.01
N ARG B 101 14.11 42.91 -16.73
CA ARG B 101 15.10 43.68 -15.97
C ARG B 101 15.49 42.91 -14.72
N SER B 102 16.77 42.97 -14.38
CA SER B 102 17.29 42.31 -13.20
C SER B 102 18.21 43.26 -12.46
N ASN B 103 18.14 43.23 -11.14
CA ASN B 103 19.04 43.98 -10.27
C ASN B 103 20.07 43.10 -9.60
N ASP B 104 20.16 41.83 -10.00
CA ASP B 104 21.08 40.88 -9.39
C ASP B 104 21.72 40.01 -10.46
N ARG B 105 22.07 40.62 -11.59
CA ARG B 105 22.86 39.98 -12.65
C ARG B 105 22.15 38.78 -13.25
N GLY B 106 20.82 38.80 -13.26
CA GLY B 106 20.03 37.76 -13.88
C GLY B 106 19.55 36.67 -12.96
N ASN B 107 19.79 36.77 -11.65
CA ASN B 107 19.29 35.74 -10.74
C ASN B 107 17.78 35.79 -10.63
N THR B 108 17.20 36.99 -10.62
CA THR B 108 15.76 37.19 -10.63
C THR B 108 15.42 38.27 -11.63
N TRP B 109 14.20 38.21 -12.15
CA TRP B 109 13.76 39.10 -13.23
C TRP B 109 12.39 39.70 -12.92
N GLN B 110 12.20 40.93 -13.39
CA GLN B 110 10.89 41.53 -13.55
C GLN B 110 10.67 41.77 -15.04
N THR B 111 9.42 41.79 -15.47
CA THR B 111 9.14 41.85 -16.89
C THR B 111 8.12 42.93 -17.19
N THR B 112 8.32 43.64 -18.29
CA THR B 112 7.35 44.61 -18.79
C THR B 112 6.91 44.18 -20.17
N PRO B 113 5.64 43.79 -20.36
CA PRO B 113 5.18 43.39 -21.69
C PRO B 113 5.29 44.54 -22.68
N LEU B 114 5.66 44.20 -23.91
CA LEU B 114 5.63 45.16 -25.01
C LEU B 114 4.37 44.94 -25.84
N PRO B 115 3.86 46.00 -26.50
CA PRO B 115 2.65 45.82 -27.32
C PRO B 115 2.94 45.29 -28.71
N PHE B 116 4.10 44.66 -28.90
CA PHE B 116 4.48 44.12 -30.20
C PHE B 116 5.43 42.95 -29.97
N LYS B 117 5.80 42.29 -31.06
CA LYS B 117 6.56 41.06 -30.98
C LYS B 117 8.06 41.32 -31.07
N VAL B 118 8.82 40.50 -30.35
CA VAL B 118 10.28 40.52 -30.37
C VAL B 118 10.73 39.25 -31.09
N GLY B 119 11.90 39.31 -31.72
CA GLY B 119 12.29 38.23 -32.62
C GLY B 119 13.64 37.59 -32.33
N GLY B 120 13.77 37.01 -31.13
CA GLY B 120 15.02 36.36 -30.77
C GLY B 120 15.47 35.28 -31.74
N ASN B 121 14.52 34.65 -32.43
CA ASN B 121 14.86 33.64 -33.44
C ASN B 121 14.41 34.05 -34.83
N MSE B 122 14.57 35.35 -35.15
CA MSE B 122 14.23 35.89 -36.46
C MSE B 122 15.50 36.26 -37.23
O MSE B 122 16.58 36.29 -36.65
CB MSE B 122 13.31 37.11 -36.32
CG MSE B 122 11.95 36.81 -35.73
SE MSE B 122 10.87 35.55 -36.73
CE MSE B 122 10.65 36.56 -38.38
N PRO B 123 15.39 36.56 -38.52
CA PRO B 123 16.54 37.06 -39.27
C PRO B 123 17.12 38.32 -38.62
N GLY B 124 18.43 38.49 -38.76
CA GLY B 124 19.08 39.68 -38.24
C GLY B 124 19.36 39.66 -36.76
N ARG B 125 19.19 38.51 -36.09
CA ARG B 125 19.32 38.46 -34.64
C ARG B 125 20.75 38.61 -34.17
N SER B 126 21.76 38.53 -35.04
CA SER B 126 23.14 38.79 -34.63
C SER B 126 23.55 40.25 -34.81
N ALA B 127 22.75 41.05 -35.51
CA ALA B 127 23.01 42.49 -35.51
C ALA B 127 22.66 43.06 -34.14
N GLY B 128 23.44 44.03 -33.67
CA GLY B 128 23.15 44.64 -32.40
C GLY B 128 24.37 45.34 -31.82
N GLU B 129 24.27 45.66 -30.53
CA GLU B 129 23.09 45.36 -29.71
C GLU B 129 21.97 46.37 -29.92
N ARG B 130 20.73 45.90 -29.87
CA ARG B 130 19.57 46.76 -30.10
C ARG B 130 18.90 47.19 -28.79
N LEU B 131 19.48 46.82 -27.65
CA LEU B 131 19.04 47.32 -26.34
C LEU B 131 20.28 47.88 -25.64
N VAL B 132 20.21 49.14 -25.22
CA VAL B 132 21.39 49.82 -24.68
C VAL B 132 20.98 50.74 -23.53
N ILE B 133 21.90 50.91 -22.59
CA ILE B 133 21.74 51.78 -21.43
C ILE B 133 22.62 53.01 -21.64
N ASP B 134 22.07 54.20 -21.36
CA ASP B 134 22.87 55.42 -21.44
C ASP B 134 24.04 55.31 -20.46
N PRO B 135 25.29 55.32 -20.94
CA PRO B 135 26.44 55.10 -20.04
C PRO B 135 26.69 56.24 -19.07
N ASN B 136 26.01 57.37 -19.23
CA ASN B 136 26.09 58.48 -18.30
C ASN B 136 24.83 58.67 -17.47
N LYS B 137 23.76 57.95 -17.79
CA LYS B 137 22.46 58.20 -17.18
C LYS B 137 21.66 56.92 -17.24
N ASN B 138 21.90 56.01 -16.29
CA ASN B 138 21.49 54.63 -16.50
C ASN B 138 20.01 54.39 -16.26
N ASN B 139 19.22 55.42 -15.96
CA ASN B 139 17.77 55.27 -16.03
C ASN B 139 17.23 55.38 -17.45
N ILE B 140 18.07 55.77 -18.40
CA ILE B 140 17.68 55.90 -19.81
C ILE B 140 18.11 54.64 -20.55
N LEU B 141 17.17 54.02 -21.27
CA LEU B 141 17.46 52.90 -22.14
C LEU B 141 16.77 53.11 -23.49
N TYR B 142 17.40 52.61 -24.55
CA TYR B 142 16.82 52.62 -25.88
C TYR B 142 16.71 51.19 -26.39
N PHE B 143 15.68 50.94 -27.20
CA PHE B 143 15.43 49.63 -27.78
C PHE B 143 15.04 49.82 -29.25
N GLY B 144 15.83 49.24 -30.16
CA GLY B 144 15.51 49.28 -31.57
C GLY B 144 14.74 48.04 -31.99
N ALA B 145 13.50 48.23 -32.46
CA ALA B 145 12.54 47.15 -32.59
C ALA B 145 12.39 46.70 -34.04
N ARG B 146 11.67 45.59 -34.20
CA ARG B 146 11.42 44.95 -35.49
C ARG B 146 10.06 45.37 -36.06
N SER B 147 9.83 44.99 -37.31
CA SER B 147 8.51 44.96 -37.94
C SER B 147 7.91 46.34 -38.12
N GLY B 148 8.73 47.39 -38.17
CA GLY B 148 8.22 48.74 -38.32
C GLY B 148 7.84 49.43 -37.02
N ASN B 149 8.13 48.83 -35.87
CA ASN B 149 7.82 49.48 -34.61
C ASN B 149 8.84 50.55 -34.23
N GLY B 150 9.98 50.60 -34.90
CA GLY B 150 10.87 51.74 -34.76
C GLY B 150 11.67 51.75 -33.47
N LEU B 151 11.95 52.97 -32.99
CA LEU B 151 12.79 53.18 -31.82
C LEU B 151 11.93 53.40 -30.59
N TRP B 152 12.26 52.71 -29.51
CA TRP B 152 11.54 52.83 -28.25
C TRP B 152 12.54 53.20 -27.16
N LYS B 153 12.04 53.82 -26.09
CA LYS B 153 12.93 54.26 -25.04
C LYS B 153 12.23 54.19 -23.69
N SER B 154 13.04 53.98 -22.65
CA SER B 154 12.60 54.04 -21.28
C SER B 154 13.41 55.11 -20.57
N ILE B 155 12.76 55.86 -19.69
CA ILE B 155 13.46 56.81 -18.83
C ILE B 155 13.30 56.46 -17.36
N ASP B 156 12.72 55.30 -17.06
CA ASP B 156 12.57 54.86 -15.68
C ASP B 156 13.22 53.50 -15.47
N SER B 157 14.44 53.34 -15.99
CA SER B 157 15.22 52.12 -15.80
C SER B 157 14.47 50.88 -16.29
N GLY B 158 13.83 51.01 -17.45
CA GLY B 158 13.25 49.86 -18.13
C GLY B 158 11.89 49.43 -17.62
N VAL B 159 11.28 50.17 -16.70
CA VAL B 159 9.98 49.78 -16.16
C VAL B 159 8.87 50.05 -17.18
N THR B 160 8.88 51.23 -17.81
CA THR B 160 7.90 51.56 -18.83
C THR B 160 8.62 51.98 -20.11
N TRP B 161 7.96 51.75 -21.24
CA TRP B 161 8.53 51.99 -22.56
C TRP B 161 7.55 52.77 -23.42
N SER B 162 8.08 53.65 -24.27
CA SER B 162 7.24 54.38 -25.21
C SER B 162 8.02 54.63 -26.49
N LYS B 163 7.27 54.79 -27.58
CA LYS B 163 7.89 54.96 -28.89
C LYS B 163 8.52 56.34 -29.01
N VAL B 164 9.70 56.39 -29.62
CA VAL B 164 10.35 57.66 -29.97
C VAL B 164 9.77 58.06 -31.32
N THR B 165 8.73 58.88 -31.30
CA THR B 165 8.03 59.21 -32.53
C THR B 165 8.87 60.07 -33.48
N SER B 166 9.90 60.75 -32.96
CA SER B 166 10.75 61.55 -33.83
C SER B 166 11.78 60.72 -34.62
N PHE B 167 11.87 59.42 -34.39
CA PHE B 167 12.84 58.65 -35.18
C PHE B 167 12.30 58.43 -36.58
N PRO B 168 13.06 58.77 -37.63
CA PRO B 168 12.46 58.93 -38.97
C PRO B 168 12.42 57.69 -39.84
N ASN B 169 13.02 56.57 -39.44
CA ASN B 169 13.16 55.42 -40.33
C ASN B 169 12.99 54.14 -39.51
N VAL B 170 11.88 53.44 -39.71
CA VAL B 170 11.65 52.18 -39.01
C VAL B 170 12.21 50.98 -39.78
N GLY B 171 12.88 51.21 -40.90
CA GLY B 171 13.45 50.14 -41.69
C GLY B 171 12.65 49.91 -42.96
N THR B 172 13.34 49.43 -44.00
CA THR B 172 12.70 49.03 -45.24
C THR B 172 13.01 47.61 -45.68
N TYR B 173 14.10 47.01 -45.21
CA TYR B 173 14.54 45.72 -45.71
C TYR B 173 13.68 44.59 -45.15
N ILE B 174 13.31 43.65 -46.01
CA ILE B 174 12.57 42.45 -45.66
C ILE B 174 13.31 41.26 -46.24
N GLN B 175 13.65 40.28 -45.39
CA GLN B 175 14.49 39.17 -45.87
C GLN B 175 13.70 38.24 -46.78
N ASN B 176 12.49 37.86 -46.38
CA ASN B 176 11.72 36.83 -47.09
C ASN B 176 10.30 37.31 -47.36
N PRO B 177 10.14 38.30 -48.25
CA PRO B 177 8.82 38.91 -48.45
C PRO B 177 7.75 37.94 -48.93
N THR B 178 8.11 36.79 -49.50
CA THR B 178 7.12 35.85 -50.01
C THR B 178 6.81 34.70 -49.04
N LEU B 179 7.55 34.58 -47.95
CA LEU B 179 7.37 33.49 -47.00
C LEU B 179 6.54 33.95 -45.81
N ASP B 180 6.19 32.99 -44.95
CA ASP B 180 5.49 33.30 -43.71
C ASP B 180 6.44 33.45 -42.53
N TYR B 181 7.75 33.38 -42.78
CA TYR B 181 8.78 33.60 -41.78
C TYR B 181 9.75 34.63 -42.33
N GLY B 182 9.82 35.78 -41.68
CA GLY B 182 10.73 36.82 -42.13
C GLY B 182 10.18 37.71 -43.23
N ASN B 183 8.86 37.81 -43.36
CA ASN B 183 8.25 38.73 -44.32
C ASN B 183 7.90 40.08 -43.70
N ASP B 184 8.27 40.31 -42.45
CA ASP B 184 8.15 41.62 -41.83
C ASP B 184 9.47 42.38 -41.93
N LEU B 185 9.40 43.69 -41.73
CA LEU B 185 10.60 44.51 -41.69
C LEU B 185 11.55 43.99 -40.62
N VAL B 186 12.84 43.90 -40.96
CA VAL B 186 13.82 43.55 -39.93
C VAL B 186 13.88 44.63 -38.87
N GLY B 187 13.83 45.90 -39.29
CA GLY B 187 13.73 47.01 -38.36
C GLY B 187 15.05 47.72 -38.07
N LEU B 188 15.27 48.09 -36.82
CA LEU B 188 16.50 48.72 -36.41
C LEU B 188 17.55 47.67 -36.09
N SER B 189 18.82 48.06 -36.14
CA SER B 189 19.92 47.11 -36.15
C SER B 189 20.91 47.25 -35.01
N TRP B 190 21.13 48.45 -34.49
CA TRP B 190 22.05 48.65 -33.37
C TRP B 190 21.92 50.09 -32.90
N ILE B 191 22.30 50.32 -31.64
CA ILE B 191 22.30 51.64 -31.03
C ILE B 191 23.61 51.82 -30.30
N THR B 192 24.26 52.98 -30.50
CA THR B 192 25.58 53.24 -29.95
C THR B 192 25.65 54.67 -29.42
N PHE B 193 25.89 54.82 -28.12
CA PHE B 193 26.11 56.11 -27.51
C PHE B 193 27.54 56.58 -27.73
N ASP B 194 27.72 57.90 -27.80
CA ASP B 194 29.05 58.52 -27.68
C ASP B 194 29.17 59.01 -26.24
N LYS B 195 29.81 58.18 -25.40
CA LYS B 195 29.88 58.47 -23.96
C LYS B 195 30.53 59.81 -23.67
N SER B 196 31.40 60.30 -24.56
CA SER B 196 32.07 61.57 -24.30
C SER B 196 31.14 62.77 -24.44
N THR B 197 29.94 62.60 -24.98
CA THR B 197 28.97 63.69 -25.10
C THR B 197 28.00 63.73 -23.93
N GLY B 198 28.31 63.04 -22.84
CA GLY B 198 27.63 63.23 -21.58
C GLY B 198 28.63 63.15 -20.44
N THR B 199 28.12 63.35 -19.22
CA THR B 199 28.89 63.14 -18.00
C THR B 199 27.99 62.41 -17.02
N LEU B 200 28.61 61.86 -15.98
CA LEU B 200 27.87 61.07 -15.00
C LEU B 200 26.72 61.88 -14.41
N GLY B 201 25.51 61.35 -14.55
CA GLY B 201 24.32 62.05 -14.07
C GLY B 201 23.68 62.96 -15.10
N ASN B 202 24.18 62.98 -16.33
CA ASN B 202 23.67 63.85 -17.38
C ASN B 202 23.54 63.07 -18.67
N ALA B 203 22.35 63.12 -19.27
CA ALA B 203 22.05 62.28 -20.42
C ALA B 203 23.06 62.49 -21.55
N THR B 204 23.45 61.38 -22.18
CA THR B 204 24.37 61.43 -23.31
C THR B 204 23.69 62.07 -24.52
N GLN B 205 24.37 63.02 -25.14
CA GLN B 205 23.74 63.85 -26.15
C GLN B 205 23.84 63.30 -27.56
N THR B 206 24.91 62.59 -27.89
CA THR B 206 25.08 62.03 -29.23
C THR B 206 24.81 60.52 -29.20
N ILE B 207 23.88 60.08 -30.05
CA ILE B 207 23.49 58.69 -30.17
C ILE B 207 23.49 58.32 -31.64
N TYR B 208 24.06 57.17 -31.97
CA TYR B 208 24.01 56.61 -33.32
C TYR B 208 23.09 55.40 -33.35
N VAL B 209 22.30 55.27 -34.42
CA VAL B 209 21.38 54.15 -34.60
C VAL B 209 21.53 53.61 -36.02
N GLY B 210 21.76 52.30 -36.13
CA GLY B 210 21.77 51.64 -37.42
C GLY B 210 20.39 51.10 -37.75
N VAL B 211 20.03 51.16 -39.04
CA VAL B 211 18.71 50.76 -39.51
C VAL B 211 18.87 49.85 -40.71
N ALA B 212 18.07 48.77 -40.75
CA ALA B 212 18.08 47.85 -41.88
C ALA B 212 17.34 48.51 -43.05
N ASP B 213 18.07 49.37 -43.76
CA ASP B 213 17.57 50.07 -44.94
C ASP B 213 18.78 50.36 -45.82
N THR B 214 18.86 49.72 -46.99
CA THR B 214 20.04 49.87 -47.82
C THR B 214 20.24 51.30 -48.32
N ALA B 215 19.14 52.08 -48.43
CA ALA B 215 19.24 53.43 -48.95
C ALA B 215 19.67 54.45 -47.89
N SER B 216 19.43 54.17 -46.61
CA SER B 216 19.68 55.16 -45.57
C SER B 216 19.70 54.42 -44.23
N SER B 217 20.89 54.03 -43.79
CA SER B 217 20.99 53.06 -42.72
C SER B 217 21.61 53.57 -41.43
N VAL B 218 22.20 54.77 -41.40
CA VAL B 218 22.85 55.27 -40.18
C VAL B 218 22.27 56.62 -39.81
N TYR B 219 21.82 56.74 -38.56
CA TYR B 219 21.16 57.93 -38.05
C TYR B 219 21.89 58.43 -36.80
N ARG B 220 21.83 59.74 -36.59
CA ARG B 220 22.50 60.37 -35.45
C ARG B 220 21.58 61.40 -34.82
N SER B 221 21.49 61.37 -33.50
CA SER B 221 20.98 62.49 -32.71
C SER B 221 22.14 63.17 -32.02
N THR B 222 22.12 64.50 -31.98
CA THR B 222 23.09 65.25 -31.20
C THR B 222 22.44 66.02 -30.06
N ASP B 223 21.14 65.81 -29.82
CA ASP B 223 20.41 66.54 -28.79
C ASP B 223 19.75 65.58 -27.80
N GLY B 224 20.39 64.45 -27.53
CA GLY B 224 19.87 63.51 -26.55
C GLY B 224 18.65 62.74 -26.99
N GLY B 225 18.48 62.52 -28.29
CA GLY B 225 17.36 61.75 -28.79
C GLY B 225 16.11 62.54 -29.12
N VAL B 226 16.16 63.86 -29.05
CA VAL B 226 14.98 64.67 -29.39
C VAL B 226 14.76 64.66 -30.90
N THR B 227 15.82 64.87 -31.68
CA THR B 227 15.74 64.86 -33.13
C THR B 227 16.81 63.95 -33.72
N TRP B 228 16.54 63.48 -34.93
CA TRP B 228 17.38 62.49 -35.59
C TRP B 228 17.57 62.87 -37.05
N THR B 229 18.77 62.62 -37.58
CA THR B 229 19.08 62.90 -38.97
C THR B 229 20.01 61.82 -39.51
N ALA B 230 19.78 61.44 -40.78
CA ALA B 230 20.69 60.50 -41.42
C ALA B 230 22.10 61.10 -41.46
N LEU B 231 23.09 60.28 -41.12
CA LEU B 231 24.46 60.78 -40.99
C LEU B 231 25.03 61.09 -42.37
N ALA B 232 25.41 62.35 -42.58
CA ALA B 232 25.83 62.81 -43.90
C ALA B 232 27.07 62.08 -44.39
N GLY B 233 27.08 61.72 -45.67
CA GLY B 233 28.20 61.07 -46.31
C GLY B 233 28.23 59.56 -46.20
N GLN B 234 27.25 58.95 -45.55
CA GLN B 234 27.29 57.52 -45.33
C GLN B 234 27.17 56.74 -46.65
N PRO B 235 27.74 55.54 -46.71
CA PRO B 235 27.57 54.71 -47.90
C PRO B 235 26.18 54.10 -47.95
N THR B 236 25.78 53.73 -49.17
CA THR B 236 24.48 53.11 -49.41
C THR B 236 24.64 51.78 -50.12
N GLY B 237 23.58 50.97 -50.07
CA GLY B 237 23.52 49.70 -50.75
C GLY B 237 23.62 48.50 -49.83
N PHE B 238 24.03 48.66 -48.58
CA PHE B 238 24.29 47.55 -47.68
C PHE B 238 23.57 47.78 -46.36
N LEU B 239 23.68 46.77 -45.48
CA LEU B 239 22.96 46.75 -44.21
C LEU B 239 23.98 46.68 -43.08
N PRO B 240 24.05 47.69 -42.22
CA PRO B 240 25.10 47.72 -41.18
C PRO B 240 24.78 46.75 -40.05
N HIS B 241 25.72 45.84 -39.77
CA HIS B 241 25.51 44.79 -38.77
C HIS B 241 25.85 45.28 -37.36
N HIS B 242 26.92 46.06 -37.24
CA HIS B 242 27.40 46.59 -35.97
C HIS B 242 27.97 47.98 -36.20
N GLY B 243 27.85 48.83 -35.19
CA GLY B 243 28.51 50.13 -35.19
C GLY B 243 29.18 50.39 -33.85
N GLU B 244 30.50 50.47 -33.83
CA GLU B 244 31.26 50.61 -32.60
C GLU B 244 32.14 51.85 -32.64
N LEU B 245 32.13 52.64 -31.57
CA LEU B 245 32.83 53.91 -31.51
C LEU B 245 34.05 53.77 -30.62
N SER B 246 35.22 54.03 -31.19
CA SER B 246 36.46 53.97 -30.41
C SER B 246 36.58 55.17 -29.49
N SER B 247 37.48 55.06 -28.51
CA SER B 247 37.71 56.16 -27.59
C SER B 247 38.31 57.38 -28.28
N THR B 248 38.74 57.25 -29.54
CA THR B 248 39.31 58.36 -30.28
C THR B 248 38.33 58.97 -31.29
N GLY B 249 37.05 58.61 -31.21
CA GLY B 249 36.04 59.21 -32.05
C GLY B 249 35.87 58.60 -33.43
N ASP B 250 36.36 57.38 -33.65
CA ASP B 250 36.16 56.67 -34.91
C ASP B 250 34.99 55.71 -34.76
N LEU B 251 33.96 55.88 -35.58
CA LEU B 251 32.82 54.96 -35.64
C LEU B 251 33.10 53.94 -36.74
N TYR B 252 33.24 52.68 -36.36
CA TYR B 252 33.47 51.59 -37.30
C TYR B 252 32.17 50.84 -37.53
N ILE B 253 31.90 50.50 -38.79
CA ILE B 253 30.63 49.88 -39.17
C ILE B 253 30.91 48.75 -40.14
N THR B 254 30.43 47.54 -39.81
CA THR B 254 30.45 46.41 -40.73
C THR B 254 29.14 46.33 -41.49
N TYR B 255 29.21 45.95 -42.76
CA TYR B 255 28.04 45.90 -43.63
C TYR B 255 27.97 44.56 -44.36
N SER B 256 26.74 44.12 -44.61
CA SER B 256 26.45 42.94 -45.40
C SER B 256 25.28 43.26 -46.32
N ASN B 257 25.15 42.52 -47.42
CA ASN B 257 23.98 42.69 -48.26
C ASN B 257 22.79 41.86 -47.78
N GLY B 258 22.92 41.23 -46.61
CA GLY B 258 21.81 40.62 -45.91
C GLY B 258 21.91 40.96 -44.44
N VAL B 259 20.90 40.54 -43.67
CA VAL B 259 20.92 40.71 -42.23
C VAL B 259 21.39 39.47 -41.49
N GLY B 260 21.62 38.37 -42.21
CA GLY B 260 22.10 37.15 -41.59
C GLY B 260 21.02 36.41 -40.82
N PRO B 261 21.42 35.34 -40.12
CA PRO B 261 22.82 34.92 -39.96
C PRO B 261 23.36 33.99 -41.05
N TYR B 262 22.48 33.53 -41.96
CA TYR B 262 22.84 32.51 -42.93
C TYR B 262 23.31 33.07 -44.27
N ASP B 263 22.95 34.30 -44.61
CA ASP B 263 23.26 34.83 -45.93
C ASP B 263 24.42 35.83 -45.84
N GLY B 264 24.53 36.71 -46.82
CA GLY B 264 25.65 37.63 -46.89
C GLY B 264 26.62 37.22 -47.99
N SER B 265 26.47 37.80 -49.17
CA SER B 265 27.31 37.47 -50.32
C SER B 265 28.10 38.67 -50.83
N LYS B 266 28.02 39.81 -50.15
CA LYS B 266 28.79 41.02 -50.43
C LYS B 266 28.83 41.83 -49.14
N GLY B 267 29.91 42.57 -48.94
CA GLY B 267 30.05 43.31 -47.70
C GLY B 267 31.05 44.44 -47.81
N GLU B 268 30.97 45.35 -46.85
CA GLU B 268 31.89 46.47 -46.75
C GLU B 268 32.15 46.74 -45.27
N VAL B 269 33.27 47.41 -45.00
CA VAL B 269 33.56 47.95 -43.67
C VAL B 269 33.95 49.42 -43.86
N TRP B 270 33.35 50.29 -43.07
CA TRP B 270 33.61 51.72 -43.17
C TRP B 270 33.97 52.27 -41.81
N LYS B 271 34.65 53.41 -41.82
CA LYS B 271 34.88 54.15 -40.59
C LYS B 271 34.49 55.60 -40.82
N TYR B 272 33.90 56.20 -39.79
CA TYR B 272 33.50 57.60 -39.81
C TYR B 272 34.16 58.29 -38.62
N ASN B 273 34.89 59.36 -38.89
CA ASN B 273 35.50 60.13 -37.82
C ASN B 273 34.58 61.26 -37.40
N LYS B 274 34.26 61.32 -36.10
CA LYS B 274 33.26 62.28 -35.64
C LYS B 274 33.78 63.70 -35.66
N THR B 275 35.10 63.90 -35.57
CA THR B 275 35.64 65.26 -35.53
C THR B 275 35.74 65.84 -36.94
N SER B 276 36.30 65.08 -37.88
CA SER B 276 36.42 65.57 -39.25
C SER B 276 35.15 65.36 -40.07
N GLY B 277 34.31 64.40 -39.70
CA GLY B 277 33.19 64.02 -40.54
C GLY B 277 33.54 63.15 -41.73
N ALA B 278 34.80 62.72 -41.84
CA ALA B 278 35.25 61.97 -43.01
C ALA B 278 34.87 60.49 -42.90
N TRP B 279 34.41 59.94 -44.03
CA TRP B 279 34.17 58.52 -44.18
C TRP B 279 35.34 57.89 -44.92
N THR B 280 35.74 56.69 -44.50
CA THR B 280 36.81 55.96 -45.16
C THR B 280 36.38 54.52 -45.35
N ASN B 281 36.49 54.02 -46.58
CA ASN B 281 36.23 52.62 -46.88
C ASN B 281 37.43 51.81 -46.42
N ILE B 282 37.24 50.97 -45.41
CA ILE B 282 38.34 50.15 -44.89
C ILE B 282 38.01 48.68 -45.08
N SER B 283 37.22 48.35 -46.10
CA SER B 283 36.85 46.97 -46.36
C SER B 283 38.09 46.09 -46.55
N PRO B 284 38.26 45.03 -45.77
CA PRO B 284 39.42 44.14 -45.99
C PRO B 284 39.51 43.60 -47.41
N THR B 285 38.37 43.28 -48.04
CA THR B 285 38.35 42.78 -49.40
C THR B 285 37.28 43.53 -50.17
N THR B 286 37.52 43.71 -51.48
CA THR B 286 36.60 44.40 -52.37
C THR B 286 36.51 43.65 -53.70
N GLY B 287 35.55 44.06 -54.52
CA GLY B 287 35.46 43.52 -55.86
C GLY B 287 35.17 42.04 -55.85
N THR B 288 35.76 41.32 -56.80
CA THR B 288 35.61 39.88 -56.85
C THR B 288 36.35 39.17 -55.72
N ASP B 289 37.26 39.85 -55.02
CA ASP B 289 37.88 39.27 -53.84
C ASP B 289 36.93 39.21 -52.64
N ASN B 290 35.75 39.80 -52.75
CA ASN B 290 34.76 39.81 -51.67
C ASN B 290 33.49 39.14 -52.17
N TRP B 291 33.08 38.07 -51.48
CA TRP B 291 31.84 37.36 -51.82
C TRP B 291 31.02 37.10 -50.57
N TYR B 292 31.14 37.97 -49.57
CA TYR B 292 30.55 37.70 -48.27
C TYR B 292 30.31 39.03 -47.57
N GLY B 293 29.33 39.05 -46.68
CA GLY B 293 29.16 40.19 -45.82
C GLY B 293 30.24 40.22 -44.76
N PHE B 294 30.33 41.38 -44.09
CA PHE B 294 31.11 41.49 -42.87
C PHE B 294 30.14 41.59 -41.71
N GLY B 295 30.35 40.74 -40.70
CA GLY B 295 29.42 40.67 -39.58
C GLY B 295 30.03 41.15 -38.29
N GLY B 296 30.71 40.23 -37.58
CA GLY B 296 31.26 40.56 -36.29
C GLY B 296 32.24 41.73 -36.36
N LEU B 297 32.21 42.56 -35.34
CA LEU B 297 33.08 43.75 -35.25
C LEU B 297 33.52 43.89 -33.80
N ALA B 298 34.83 43.84 -33.59
CA ALA B 298 35.40 43.92 -32.24
C ALA B 298 36.45 45.02 -32.21
N LEU B 299 36.22 46.04 -31.39
CA LEU B 299 37.25 47.01 -31.07
C LEU B 299 38.02 46.57 -29.83
N ASP B 300 39.31 46.88 -29.81
CA ASP B 300 40.16 46.71 -28.65
C ASP B 300 40.08 47.98 -27.81
N ALA B 301 39.38 47.91 -26.68
CA ALA B 301 39.17 49.11 -25.86
C ALA B 301 40.49 49.69 -25.36
N GLN B 302 41.49 48.85 -25.10
CA GLN B 302 42.77 49.34 -24.59
C GLN B 302 43.64 49.97 -25.68
N HIS B 303 43.36 49.70 -26.96
CA HIS B 303 44.20 50.18 -28.05
C HIS B 303 43.29 50.61 -29.18
N PRO B 304 42.93 51.90 -29.22
CA PRO B 304 41.78 52.34 -30.05
C PRO B 304 41.98 52.21 -31.56
N ASN B 305 43.18 51.91 -32.05
CA ASN B 305 43.35 51.69 -33.48
C ASN B 305 43.42 50.21 -33.84
N THR B 306 43.17 49.32 -32.88
CA THR B 306 43.12 47.89 -33.13
C THR B 306 41.65 47.44 -33.19
N LEU B 307 41.31 46.69 -34.23
CA LEU B 307 39.97 46.14 -34.37
C LEU B 307 40.02 44.88 -35.21
N MSE B 308 38.96 44.09 -35.10
CA MSE B 308 38.80 42.89 -35.92
C MSE B 308 37.40 42.78 -36.50
O MSE B 308 36.43 43.22 -35.87
CB MSE B 308 39.11 41.62 -35.10
CG MSE B 308 40.50 41.60 -34.52
SE MSE B 308 40.91 39.87 -33.74
CE MSE B 308 39.44 39.76 -32.47
N VAL B 309 37.29 42.18 -37.69
CA VAL B 309 35.99 41.89 -38.30
C VAL B 309 36.02 40.45 -38.80
N SER B 310 34.83 39.86 -38.91
CA SER B 310 34.67 38.50 -39.40
C SER B 310 33.77 38.46 -40.62
N SER B 311 34.03 37.50 -41.50
CA SER B 311 33.19 37.29 -42.67
C SER B 311 31.84 36.68 -42.27
N LEU B 312 30.80 37.02 -43.05
CA LEU B 312 29.45 36.52 -42.81
C LEU B 312 28.71 36.55 -44.16
N ASN B 313 28.75 35.45 -44.90
CA ASN B 313 29.53 34.25 -44.62
C ASN B 313 30.39 33.93 -45.85
N ALA B 314 31.69 33.66 -45.66
CA ALA B 314 32.54 33.27 -46.78
C ALA B 314 32.39 31.79 -47.13
N TRP B 315 32.07 30.95 -46.14
CA TRP B 315 31.78 29.52 -46.31
C TRP B 315 32.98 28.67 -46.71
N TRP B 316 33.70 29.03 -47.77
CA TRP B 316 34.71 28.12 -48.31
C TRP B 316 36.04 28.86 -48.49
N PRO B 317 37.17 28.27 -48.08
CA PRO B 317 37.25 26.98 -47.37
C PRO B 317 36.83 27.11 -45.92
N ASP B 318 36.78 28.35 -45.43
CA ASP B 318 36.43 28.64 -44.05
C ASP B 318 36.11 30.13 -43.96
N GLU B 319 35.57 30.54 -42.81
CA GLU B 319 35.42 31.96 -42.59
C GLU B 319 36.78 32.60 -42.36
N VAL B 320 36.80 33.94 -42.34
CA VAL B 320 38.03 34.70 -42.14
C VAL B 320 37.79 35.70 -41.02
N ILE B 321 38.78 35.86 -40.14
CA ILE B 321 38.86 36.99 -39.23
C ILE B 321 39.98 37.88 -39.72
N PHE B 322 39.69 39.17 -39.86
CA PHE B 322 40.68 40.18 -40.26
C PHE B 322 41.01 41.06 -39.06
N ARG B 323 42.30 41.32 -38.84
CA ARG B 323 42.76 42.12 -37.72
C ARG B 323 43.56 43.31 -38.23
N SER B 324 43.30 44.49 -37.69
CA SER B 324 44.03 45.70 -38.02
C SER B 324 44.50 46.36 -36.75
N THR B 325 45.74 46.88 -36.77
CA THR B 325 46.26 47.64 -35.65
C THR B 325 46.51 49.10 -36.02
N ASN B 326 46.01 49.55 -37.17
CA ASN B 326 46.19 50.93 -37.61
C ASN B 326 44.88 51.52 -38.09
N GLY B 327 43.80 51.23 -37.37
CA GLY B 327 42.50 51.84 -37.67
C GLY B 327 41.88 51.44 -38.99
N GLY B 328 42.21 50.26 -39.50
CA GLY B 328 41.64 49.80 -40.75
C GLY B 328 42.45 50.12 -41.99
N ALA B 329 43.60 50.80 -41.84
CA ALA B 329 44.40 51.12 -43.01
C ALA B 329 44.91 49.87 -43.71
N THR B 330 45.35 48.88 -42.93
CA THR B 330 45.73 47.58 -43.47
C THR B 330 45.21 46.50 -42.54
N TRP B 331 45.05 45.30 -43.10
CA TRP B 331 44.49 44.17 -42.39
C TRP B 331 45.42 42.97 -42.50
N SER B 332 45.43 42.16 -41.46
CA SER B 332 46.07 40.84 -41.46
C SER B 332 44.97 39.79 -41.39
N ARG B 333 45.07 38.76 -42.23
CA ARG B 333 44.11 37.65 -42.22
C ARG B 333 44.54 36.59 -41.21
N ILE B 334 43.56 35.91 -40.61
CA ILE B 334 43.91 34.84 -39.67
C ILE B 334 44.40 33.59 -40.37
N TRP B 335 44.16 33.46 -41.68
CA TRP B 335 44.77 32.41 -42.49
C TRP B 335 44.99 32.95 -43.89
N ASP B 336 45.93 32.33 -44.60
CA ASP B 336 46.28 32.74 -45.95
C ASP B 336 46.46 31.50 -46.82
N TRP B 337 46.31 31.69 -48.13
CA TRP B 337 46.70 30.64 -49.05
C TRP B 337 48.22 30.56 -49.13
N GLY B 338 48.74 29.33 -49.21
CA GLY B 338 50.10 29.13 -49.60
C GLY B 338 50.14 28.80 -51.09
N ASN B 339 50.71 27.66 -51.45
CA ASN B 339 50.57 27.15 -52.81
C ASN B 339 49.26 26.36 -52.86
N TYR B 340 48.29 26.87 -53.59
CA TYR B 340 46.97 26.26 -53.61
C TYR B 340 47.08 24.77 -53.92
N PRO B 341 46.34 23.90 -53.21
CA PRO B 341 45.31 24.24 -52.22
C PRO B 341 45.80 24.36 -50.77
N GLU B 342 47.11 24.44 -50.56
CA GLU B 342 47.65 24.54 -49.21
C GLU B 342 47.41 25.93 -48.62
N ARG B 343 47.27 25.97 -47.29
CA ARG B 343 47.01 27.20 -46.57
C ARG B 343 48.01 27.34 -45.42
N THR B 344 48.22 28.58 -44.98
CA THR B 344 48.93 28.89 -43.76
C THR B 344 47.96 29.47 -42.74
N TYR B 345 48.25 29.29 -41.46
CA TYR B 345 47.31 29.60 -40.40
C TYR B 345 47.98 30.42 -39.31
N LYS B 346 47.29 31.45 -38.82
CA LYS B 346 47.71 32.18 -37.64
C LYS B 346 46.97 31.74 -36.39
N PHE B 347 46.24 30.64 -36.47
CA PHE B 347 45.46 30.13 -35.35
C PHE B 347 45.59 28.61 -35.31
N SER B 348 45.26 28.03 -34.16
CA SER B 348 45.07 26.59 -34.04
C SER B 348 43.81 26.35 -33.23
N MSE B 349 43.05 25.34 -33.63
CA MSE B 349 41.78 25.02 -32.99
C MSE B 349 41.95 23.93 -31.95
O MSE B 349 42.59 22.91 -32.20
CB MSE B 349 40.72 24.59 -34.03
CG MSE B 349 40.47 25.61 -35.12
SE MSE B 349 39.59 27.20 -34.45
CE MSE B 349 37.86 26.40 -34.04
N ASP B 350 41.37 24.16 -30.78
CA ASP B 350 41.36 23.21 -29.68
C ASP B 350 39.90 22.90 -29.35
N ILE B 351 39.48 21.68 -29.66
CA ILE B 351 38.11 21.27 -29.35
C ILE B 351 38.14 20.08 -28.40
N THR B 352 39.17 20.00 -27.56
CA THR B 352 39.24 18.92 -26.58
C THR B 352 38.06 18.96 -25.61
N ALA B 353 37.44 20.13 -25.41
CA ALA B 353 36.28 20.22 -24.53
C ALA B 353 35.00 19.70 -25.18
N ALA B 354 35.03 19.49 -26.50
CA ALA B 354 33.90 18.96 -27.25
C ALA B 354 34.42 18.27 -28.49
N PRO B 355 35.05 17.10 -28.35
CA PRO B 355 35.78 16.50 -29.49
C PRO B 355 34.89 16.17 -30.68
N TRP B 356 33.57 16.04 -30.49
CA TRP B 356 32.68 15.72 -31.58
C TRP B 356 32.55 16.86 -32.59
N LEU B 357 33.08 18.04 -32.29
CA LEU B 357 33.03 19.14 -33.24
C LEU B 357 33.84 18.86 -34.51
N ASP B 358 34.60 17.77 -34.57
CA ASP B 358 35.21 17.41 -35.84
C ASP B 358 34.25 16.66 -36.75
N HIS B 359 33.03 16.39 -36.28
CA HIS B 359 32.00 15.64 -37.00
C HIS B 359 32.50 14.29 -37.48
N GLY B 360 33.52 13.74 -36.81
CA GLY B 360 34.03 12.44 -37.19
C GLY B 360 34.73 12.42 -38.54
N THR B 361 35.19 13.55 -39.04
CA THR B 361 35.86 13.60 -40.33
C THR B 361 37.27 14.15 -40.16
N THR B 362 38.17 13.67 -41.01
CA THR B 362 39.55 14.13 -41.02
C THR B 362 39.62 15.51 -41.68
N SER B 363 40.46 16.37 -41.13
CA SER B 363 40.57 17.75 -41.62
C SER B 363 41.50 17.83 -42.83
N THR B 364 41.09 18.61 -43.83
CA THR B 364 41.94 18.93 -44.96
C THR B 364 41.99 20.45 -45.13
N SER B 365 42.90 20.91 -45.99
CA SER B 365 43.04 22.34 -46.20
CA SER B 365 43.04 22.35 -46.21
C SER B 365 41.75 22.94 -46.78
N LEU B 366 41.13 22.25 -47.73
CA LEU B 366 39.90 22.75 -48.34
C LEU B 366 38.64 22.39 -47.55
N ASP B 367 38.69 21.38 -46.69
CA ASP B 367 37.58 21.01 -45.83
C ASP B 367 38.09 20.92 -44.40
N PRO B 368 38.30 22.06 -43.74
CA PRO B 368 38.84 22.03 -42.37
C PRO B 368 37.84 21.44 -41.39
N SER B 369 38.37 20.70 -40.41
CA SER B 369 37.56 20.08 -39.38
C SER B 369 38.33 20.05 -38.07
N PRO B 370 37.92 20.84 -37.06
CA PRO B 370 36.79 21.77 -37.08
C PRO B 370 37.08 23.06 -37.85
N LYS B 371 36.04 23.66 -38.40
CA LYS B 371 36.16 24.98 -39.01
C LYS B 371 36.41 26.04 -37.93
N LEU B 372 37.05 27.14 -38.35
CA LEU B 372 37.12 28.33 -37.52
C LEU B 372 35.73 28.73 -37.02
N GLY B 373 34.73 28.65 -37.89
CA GLY B 373 33.37 28.88 -37.49
C GLY B 373 32.46 29.09 -38.69
N TRP B 374 31.24 29.51 -38.38
CA TRP B 374 30.25 29.94 -39.35
C TRP B 374 29.20 30.74 -38.60
N MSE B 375 28.42 31.51 -39.34
CA MSE B 375 27.44 32.43 -38.75
C MSE B 375 28.10 33.34 -37.71
O MSE B 375 27.56 33.62 -36.64
CB MSE B 375 26.28 31.65 -38.13
CG MSE B 375 25.43 30.89 -39.17
SE MSE B 375 24.41 29.41 -38.41
CE MSE B 375 23.19 30.40 -37.27
N MSE B 376 29.31 33.81 -38.05
CA MSE B 376 30.05 34.64 -37.12
C MSE B 376 29.62 36.10 -37.21
O MSE B 376 30.36 36.96 -37.72
CB MSE B 376 31.55 34.49 -37.39
CG MSE B 376 32.05 33.09 -37.05
SE MSE B 376 33.82 32.71 -37.78
CE MSE B 376 34.84 33.97 -36.74
N GLY B 377 28.42 36.39 -36.71
CA GLY B 377 27.89 37.73 -36.71
C GLY B 377 28.29 38.63 -35.56
N ASP B 378 29.03 38.09 -34.58
CA ASP B 378 29.43 38.85 -33.40
C ASP B 378 30.84 38.42 -33.00
N LEU B 379 31.71 39.40 -32.77
CA LEU B 379 33.09 39.17 -32.41
C LEU B 379 33.43 40.13 -31.27
N GLU B 380 34.16 39.66 -30.27
CA GLU B 380 34.39 40.50 -29.11
C GLU B 380 35.84 40.39 -28.63
N ILE B 381 36.43 41.54 -28.29
CA ILE B 381 37.68 41.60 -27.56
C ILE B 381 37.36 42.10 -26.15
N ASP B 382 37.83 41.37 -25.14
CA ASP B 382 37.70 41.75 -23.75
C ASP B 382 38.19 43.18 -23.56
N PRO B 383 37.34 44.11 -23.11
CA PRO B 383 37.80 45.50 -22.93
C PRO B 383 38.82 45.67 -21.82
N PHE B 384 39.05 44.64 -21.00
CA PHE B 384 40.07 44.72 -19.95
C PHE B 384 41.22 43.76 -20.17
N ASN B 385 41.26 43.08 -21.33
CA ASN B 385 42.32 42.13 -21.62
C ASN B 385 42.41 41.99 -23.13
N SER B 386 43.37 42.68 -23.74
CA SER B 386 43.54 42.63 -25.19
C SER B 386 43.86 41.24 -25.71
N ASN B 387 44.26 40.31 -24.82
CA ASN B 387 44.58 38.95 -25.22
C ASN B 387 43.37 38.03 -25.28
N ARG B 388 42.20 38.47 -24.83
CA ARG B 388 41.03 37.61 -24.76
C ARG B 388 40.01 37.98 -25.83
N MSE B 389 39.62 37.00 -26.62
CA MSE B 389 38.64 37.15 -27.67
C MSE B 389 37.55 36.11 -27.44
O MSE B 389 37.83 35.04 -26.90
CB MSE B 389 39.30 36.95 -29.04
CG MSE B 389 38.34 36.43 -30.13
SE MSE B 389 39.19 36.06 -31.84
CE MSE B 389 39.73 34.21 -31.48
N MSE B 390 36.31 36.43 -27.81
CA MSE B 390 35.24 35.44 -27.86
C MSE B 390 34.38 35.69 -29.08
O MSE B 390 34.22 36.84 -29.49
CB MSE B 390 34.36 35.51 -26.61
CG MSE B 390 34.99 34.98 -25.34
SE MSE B 390 33.73 35.00 -23.88
CE MSE B 390 34.87 34.29 -22.48
N TYR B 391 33.81 34.63 -29.66
CA TYR B 391 32.84 34.79 -30.72
C TYR B 391 31.91 33.59 -30.75
N GLY B 392 30.65 33.84 -31.11
CA GLY B 392 29.70 32.78 -31.29
C GLY B 392 29.71 32.24 -32.71
N THR B 393 29.42 30.95 -32.84
CA THR B 393 29.13 30.34 -34.13
C THR B 393 27.75 29.72 -34.06
N GLY B 394 27.35 29.07 -35.16
CA GLY B 394 26.11 28.33 -35.15
C GLY B 394 26.10 27.12 -34.25
N ALA B 395 27.24 26.75 -33.66
CA ALA B 395 27.32 25.55 -32.83
C ALA B 395 27.93 25.76 -31.45
N THR B 396 28.66 26.84 -31.19
CA THR B 396 29.36 26.92 -29.91
C THR B 396 29.85 28.36 -29.68
N ILE B 397 30.61 28.54 -28.61
CA ILE B 397 31.36 29.76 -28.34
C ILE B 397 32.83 29.40 -28.41
N TYR B 398 33.59 30.11 -29.24
CA TYR B 398 35.03 29.96 -29.31
C TYR B 398 35.70 31.17 -28.71
N GLY B 399 36.94 31.00 -28.28
CA GLY B 399 37.67 32.14 -27.74
C GLY B 399 39.15 31.86 -27.66
N SER B 400 39.89 32.90 -27.32
CA SER B 400 41.33 32.77 -27.13
C SER B 400 41.75 33.59 -25.91
N ASN B 401 42.83 33.15 -25.28
CA ASN B 401 43.46 33.92 -24.20
C ASN B 401 44.84 34.42 -24.59
N ASN B 402 45.25 34.28 -25.85
CA ASN B 402 46.55 34.79 -26.30
C ASN B 402 46.41 35.49 -27.65
N LEU B 403 45.40 36.36 -27.75
CA LEU B 403 45.08 36.99 -29.03
C LEU B 403 46.25 37.79 -29.60
N THR B 404 47.03 38.47 -28.75
CA THR B 404 48.07 39.34 -29.30
C THR B 404 49.25 38.57 -29.88
N SER B 405 49.31 37.24 -29.71
CA SER B 405 50.28 36.45 -30.45
C SER B 405 50.14 36.69 -31.95
N TRP B 406 48.93 36.99 -32.41
CA TRP B 406 48.70 37.39 -33.79
C TRP B 406 49.67 38.49 -34.22
N ASP B 407 49.84 39.51 -33.37
CA ASP B 407 50.61 40.68 -33.74
C ASP B 407 52.11 40.46 -33.74
N THR B 408 52.61 39.41 -33.08
CA THR B 408 54.04 39.19 -32.93
C THR B 408 54.51 37.96 -33.69
N GLY B 409 53.76 37.53 -34.70
CA GLY B 409 54.16 36.41 -35.52
C GLY B 409 53.86 35.05 -34.93
N GLY B 410 53.14 34.98 -33.81
CA GLY B 410 52.79 33.72 -33.20
C GLY B 410 51.46 33.18 -33.69
N LYS B 411 50.97 32.17 -32.99
CA LYS B 411 49.71 31.52 -33.31
C LYS B 411 48.68 31.77 -32.21
N VAL B 412 47.48 32.19 -32.60
CA VAL B 412 46.37 32.40 -31.68
C VAL B 412 45.75 31.04 -31.37
N ASN B 413 45.77 30.64 -30.09
CA ASN B 413 45.17 29.38 -29.67
C ASN B 413 43.69 29.62 -29.40
N ILE B 414 42.84 29.01 -30.22
CA ILE B 414 41.39 29.15 -30.12
C ILE B 414 40.84 27.86 -29.55
N SER B 415 40.00 27.98 -28.52
CA SER B 415 39.44 26.80 -27.87
C SER B 415 37.96 27.01 -27.62
N VAL B 416 37.26 25.90 -27.35
CA VAL B 416 35.85 25.96 -26.98
C VAL B 416 35.71 26.68 -25.64
N MSE B 417 34.89 27.72 -25.61
CA MSE B 417 34.63 28.46 -24.37
C MSE B 417 33.16 28.50 -24.02
O MSE B 417 32.63 29.54 -23.62
CB MSE B 417 35.17 29.89 -24.47
CG MSE B 417 36.68 29.94 -24.55
SE MSE B 417 37.41 31.67 -24.11
CE MSE B 417 39.28 31.08 -24.05
N ALA B 418 32.49 27.35 -24.17
CA ALA B 418 31.05 27.22 -23.97
C ALA B 418 30.72 26.28 -22.82
N LYS B 419 31.64 26.10 -21.87
CA LYS B 419 31.37 25.25 -20.74
C LYS B 419 30.13 25.74 -20.00
N GLY B 420 29.21 24.82 -19.71
CA GLY B 420 27.96 25.15 -19.06
C GLY B 420 26.84 25.53 -19.99
N VAL B 421 27.12 25.78 -21.27
CA VAL B 421 26.09 26.12 -22.24
C VAL B 421 25.48 24.84 -22.78
N GLU B 422 24.15 24.78 -22.81
CA GLU B 422 23.44 23.70 -23.50
C GLU B 422 22.29 24.34 -24.27
N GLU B 423 22.32 24.20 -25.60
CA GLU B 423 21.38 24.92 -26.45
C GLU B 423 20.75 24.02 -27.51
N THR B 424 20.84 22.70 -27.39
CA THR B 424 20.28 21.87 -28.44
C THR B 424 18.77 21.71 -28.26
N ALA B 425 18.11 21.32 -29.34
CA ALA B 425 16.70 20.97 -29.33
C ALA B 425 16.58 19.46 -29.42
N VAL B 426 15.84 18.87 -28.50
CA VAL B 426 15.82 17.43 -28.30
C VAL B 426 14.62 16.84 -29.02
N LEU B 427 14.87 16.00 -30.03
CA LEU B 427 13.78 15.34 -30.76
C LEU B 427 13.39 14.01 -30.15
N GLY B 428 14.30 13.33 -29.45
CA GLY B 428 14.00 12.05 -28.86
C GLY B 428 15.04 11.69 -27.82
N LEU B 429 14.63 10.85 -26.87
CA LEU B 429 15.49 10.36 -25.79
C LEU B 429 15.16 8.90 -25.54
N ILE B 430 16.19 8.05 -25.46
CA ILE B 430 16.02 6.69 -24.98
C ILE B 430 17.07 6.43 -23.90
N SER B 431 16.68 5.69 -22.88
CA SER B 431 17.57 5.26 -21.81
C SER B 431 17.72 3.74 -21.90
N PRO B 432 18.79 3.23 -22.50
CA PRO B 432 18.90 1.78 -22.74
C PRO B 432 18.94 1.02 -21.43
N PRO B 433 18.34 -0.17 -21.37
CA PRO B 433 18.27 -0.92 -20.10
C PRO B 433 19.55 -1.65 -19.73
N THR B 434 20.52 -1.77 -20.65
CA THR B 434 21.80 -2.43 -20.34
C THR B 434 22.93 -1.64 -20.99
N GLY B 435 24.14 -1.99 -20.61
CA GLY B 435 25.32 -1.33 -21.16
C GLY B 435 25.73 -0.10 -20.36
N THR B 436 26.88 0.45 -20.75
CA THR B 436 27.47 1.56 -20.01
C THR B 436 26.77 2.89 -20.26
N SER B 437 25.97 3.01 -21.32
CA SER B 437 25.24 4.23 -21.60
C SER B 437 23.84 4.16 -21.01
N HIS B 438 23.46 5.20 -20.28
CA HIS B 438 22.09 5.35 -19.78
C HIS B 438 21.26 6.32 -20.60
N LEU B 439 21.80 6.86 -21.70
CA LEU B 439 21.08 7.89 -22.44
C LEU B 439 21.67 8.01 -23.84
N ILE B 440 20.80 7.93 -24.85
CA ILE B 440 21.15 8.28 -26.21
C ILE B 440 20.15 9.33 -26.67
N THR B 441 20.64 10.41 -27.28
CA THR B 441 19.79 11.53 -27.65
C THR B 441 19.65 11.63 -29.16
N ALA B 442 18.50 12.17 -29.57
CA ALA B 442 18.25 12.57 -30.95
C ALA B 442 18.08 14.08 -30.94
N LEU B 443 18.96 14.79 -31.65
CA LEU B 443 19.04 16.24 -31.56
C LEU B 443 18.98 16.88 -32.94
N GLY B 444 18.56 18.13 -32.98
CA GLY B 444 18.67 18.92 -34.19
C GLY B 444 20.08 19.45 -34.37
N ASP B 445 20.49 19.56 -35.64
CA ASP B 445 21.71 20.25 -36.07
C ASP B 445 23.00 19.52 -35.74
N VAL B 446 23.07 18.85 -34.59
CA VAL B 446 24.26 18.09 -34.23
C VAL B 446 23.93 16.61 -34.03
N SER B 447 22.80 16.17 -34.57
CA SER B 447 22.42 14.75 -34.70
C SER B 447 22.04 14.07 -33.38
N GLY B 448 22.91 14.13 -32.38
CA GLY B 448 22.69 13.42 -31.14
C GLY B 448 23.89 12.57 -30.77
N PHE B 449 23.85 12.06 -29.54
CA PHE B 449 25.02 11.38 -28.97
C PHE B 449 24.60 10.21 -28.08
N ARG B 450 25.49 9.21 -28.03
CA ARG B 450 25.44 8.21 -26.98
C ARG B 450 26.28 8.74 -25.82
N HIS B 451 25.64 8.92 -24.67
CA HIS B 451 26.30 9.48 -23.50
C HIS B 451 26.74 8.36 -22.57
N GLU B 452 28.00 8.39 -22.15
CA GLU B 452 28.47 7.49 -21.11
C GLU B 452 28.43 8.19 -19.77
N ASP B 453 29.45 9.00 -19.50
CA ASP B 453 29.45 9.87 -18.34
C ASP B 453 28.68 11.15 -18.69
N LEU B 454 27.57 11.39 -17.99
CA LEU B 454 26.71 12.53 -18.29
C LEU B 454 27.36 13.87 -17.99
N SER B 455 28.57 13.87 -17.43
CA SER B 455 29.31 15.10 -17.19
CA SER B 455 29.32 15.09 -17.18
C SER B 455 30.48 15.26 -18.15
N VAL B 456 30.65 14.34 -19.10
CA VAL B 456 31.77 14.37 -20.03
C VAL B 456 31.23 14.54 -21.44
N ALA B 457 31.80 15.48 -22.19
CA ALA B 457 31.35 15.69 -23.55
C ALA B 457 31.53 14.43 -24.38
N PRO B 458 30.57 14.09 -25.24
CA PRO B 458 30.78 12.96 -26.16
C PRO B 458 32.02 13.17 -27.02
N THR B 459 32.74 12.07 -27.27
CA THR B 459 33.92 12.13 -28.11
C THR B 459 33.60 11.92 -29.58
N LYS B 460 32.45 11.35 -29.88
CA LYS B 460 32.16 10.79 -31.20
C LYS B 460 30.92 11.46 -31.77
N PHE B 461 31.05 12.08 -32.93
CA PHE B 461 29.88 12.50 -33.70
C PHE B 461 29.28 11.28 -34.39
N GLN B 462 27.96 11.31 -34.59
CA GLN B 462 27.26 10.18 -35.22
C GLN B 462 27.51 10.19 -36.72
N THR B 463 28.16 9.14 -37.22
CA THR B 463 28.52 9.03 -38.63
C THR B 463 28.07 7.69 -39.18
N SER B 464 28.19 7.55 -40.51
CA SER B 464 27.74 6.42 -41.32
C SER B 464 26.43 5.84 -40.79
N PRO B 465 25.31 6.56 -40.89
CA PRO B 465 25.16 7.84 -41.59
C PRO B 465 25.49 9.07 -40.76
N SER B 466 25.86 10.14 -41.46
CA SER B 466 26.09 11.44 -40.84
C SER B 466 25.07 12.42 -41.41
N TRP B 467 24.36 13.11 -40.51
CA TRP B 467 23.39 14.11 -40.94
C TRP B 467 23.30 15.19 -39.87
N ALA B 468 22.50 16.22 -40.15
CA ALA B 468 22.35 17.32 -39.21
C ALA B 468 21.42 16.96 -38.07
N THR B 469 20.25 16.38 -38.38
CA THR B 469 19.17 16.25 -37.41
C THR B 469 18.68 14.81 -37.39
N THR B 470 18.72 14.18 -36.21
CA THR B 470 18.03 12.91 -35.99
C THR B 470 16.63 13.21 -35.49
N MSE B 471 15.62 12.82 -36.28
CA MSE B 471 14.24 13.10 -35.91
C MSE B 471 13.70 12.08 -34.91
O MSE B 471 12.83 12.40 -34.11
CB MSE B 471 13.36 13.12 -37.17
CG MSE B 471 11.99 13.78 -36.96
SE MSE B 471 12.13 15.67 -36.50
CE MSE B 471 12.91 16.33 -38.14
N SER B 472 14.22 10.85 -34.94
CA SER B 472 13.62 9.79 -34.15
C SER B 472 14.62 8.66 -33.94
N ILE B 473 14.54 8.03 -32.77
CA ILE B 473 15.40 6.90 -32.44
C ILE B 473 14.64 5.94 -31.54
N ASP B 474 14.81 4.65 -31.78
CA ASP B 474 14.19 3.61 -30.96
C ASP B 474 15.15 2.43 -30.87
N TYR B 475 14.91 1.59 -29.87
CA TYR B 475 15.69 0.37 -29.68
C TYR B 475 14.74 -0.81 -29.50
N ALA B 476 15.27 -2.01 -29.73
CA ALA B 476 14.51 -3.23 -29.52
C ALA B 476 14.53 -3.56 -28.04
N GLU B 477 13.36 -3.49 -27.37
CA GLU B 477 13.35 -3.62 -25.92
C GLU B 477 14.01 -4.91 -25.45
N LEU B 478 13.77 -6.02 -26.16
CA LEU B 478 14.33 -7.32 -25.79
C LEU B 478 15.67 -7.61 -26.43
N SER B 479 16.12 -6.77 -27.37
CA SER B 479 17.47 -6.87 -27.96
C SER B 479 18.07 -5.47 -27.96
N PRO B 480 18.34 -4.92 -26.78
CA PRO B 480 18.52 -3.46 -26.66
C PRO B 480 19.81 -2.93 -27.25
N SER B 481 20.76 -3.79 -27.64
CA SER B 481 21.90 -3.31 -28.42
C SER B 481 21.51 -2.93 -29.83
N TYR B 482 20.39 -3.44 -30.32
CA TYR B 482 19.89 -3.13 -31.66
C TYR B 482 19.06 -1.86 -31.60
N MSE B 483 19.47 -0.84 -32.34
CA MSE B 483 18.72 0.41 -32.37
C MSE B 483 18.81 1.09 -33.73
O MSE B 483 19.74 0.85 -34.50
CB MSE B 483 19.19 1.35 -31.26
CG MSE B 483 20.69 1.57 -31.20
SE MSE B 483 21.13 2.79 -29.74
CE MSE B 483 20.54 1.68 -28.25
N VAL B 484 17.81 1.93 -34.01
CA VAL B 484 17.64 2.54 -35.33
C VAL B 484 17.35 4.03 -35.14
N ARG B 485 18.00 4.86 -35.94
CA ARG B 485 17.74 6.30 -35.95
C ARG B 485 17.44 6.74 -37.37
N VAL B 486 16.55 7.73 -37.51
CA VAL B 486 16.20 8.28 -38.81
C VAL B 486 16.39 9.78 -38.78
N GLY B 487 16.88 10.32 -39.88
CA GLY B 487 17.03 11.75 -40.06
C GLY B 487 16.83 12.09 -41.51
N SER B 488 17.62 13.03 -42.01
CA SER B 488 17.50 13.46 -43.40
C SER B 488 18.92 13.71 -43.93
N ALA B 489 19.39 12.78 -44.76
CA ALA B 489 20.73 12.89 -45.32
C ALA B 489 20.80 14.02 -46.34
N ASP B 490 21.97 14.66 -46.40
CA ASP B 490 22.27 15.65 -47.43
C ASP B 490 22.82 14.88 -48.63
N LYS B 491 21.92 14.48 -49.53
CA LYS B 491 22.33 13.68 -50.68
C LYS B 491 22.90 14.50 -51.81
N GLU B 492 22.82 15.83 -51.73
CA GLU B 492 23.59 16.66 -52.67
C GLU B 492 25.07 16.56 -52.36
N LYS B 493 25.44 16.73 -51.09
CA LYS B 493 26.84 16.59 -50.70
C LYS B 493 27.30 15.15 -50.82
N THR B 494 26.47 14.19 -50.42
CA THR B 494 26.85 12.77 -50.42
C THR B 494 25.70 11.95 -51.01
N PRO B 495 25.70 11.74 -52.32
CA PRO B 495 24.56 11.04 -52.95
C PRO B 495 24.32 9.63 -52.42
N SER B 496 25.32 8.96 -51.86
CA SER B 496 25.15 7.62 -51.32
C SER B 496 24.74 7.61 -49.85
N MSE B 497 24.61 8.76 -49.21
CA MSE B 497 24.21 8.81 -47.80
C MSE B 497 22.74 8.42 -47.63
O MSE B 497 21.90 8.77 -48.46
CB MSE B 497 24.46 10.21 -47.21
CG MSE B 497 24.47 10.27 -45.69
SE MSE B 497 26.09 9.52 -44.91
CE MSE B 497 27.23 11.10 -45.04
N LYS B 498 22.45 7.67 -46.57
CA LYS B 498 21.10 7.23 -46.26
C LYS B 498 20.54 8.03 -45.09
N SER B 499 19.21 8.12 -45.03
CA SER B 499 18.51 8.81 -43.96
C SER B 499 18.11 7.89 -42.81
N ILE B 500 18.68 6.69 -42.75
CA ILE B 500 18.44 5.76 -41.65
C ILE B 500 19.77 5.16 -41.23
N GLY B 501 19.97 5.05 -39.92
CA GLY B 501 21.17 4.41 -39.39
C GLY B 501 20.81 3.32 -38.41
N ILE B 502 21.59 2.24 -38.44
CA ILE B 502 21.34 1.07 -37.61
C ILE B 502 22.61 0.75 -36.81
N SER B 503 22.43 0.32 -35.57
CA SER B 503 23.54 -0.08 -34.72
C SER B 503 23.26 -1.45 -34.12
N ASN B 504 24.32 -2.27 -34.03
CA ASN B 504 24.26 -3.56 -33.35
C ASN B 504 24.94 -3.52 -31.98
N ASP B 505 25.57 -2.41 -31.60
CA ASP B 505 26.35 -2.37 -30.38
C ASP B 505 25.87 -1.26 -29.44
N GLY B 506 24.58 -0.99 -29.45
CA GLY B 506 24.03 0.00 -28.54
C GLY B 506 24.40 1.43 -28.87
N GLY B 507 24.61 1.73 -30.16
CA GLY B 507 24.83 3.10 -30.58
C GLY B 507 26.26 3.58 -30.55
N VAL B 508 27.23 2.69 -30.33
CA VAL B 508 28.62 3.09 -30.43
C VAL B 508 29.00 3.26 -31.90
N ASN B 509 28.64 2.29 -32.73
CA ASN B 509 28.90 2.32 -34.17
C ASN B 509 27.60 2.13 -34.94
N TRP B 510 27.49 2.84 -36.07
CA TRP B 510 26.32 2.78 -36.92
C TRP B 510 26.70 2.31 -38.31
N TYR B 511 25.73 1.79 -39.04
CA TYR B 511 25.90 1.48 -40.45
C TYR B 511 24.63 1.86 -41.20
N MSE B 512 24.75 1.96 -42.51
CA MSE B 512 23.61 2.30 -43.36
C MSE B 512 23.15 1.08 -44.14
O MSE B 512 23.95 0.39 -44.75
CB MSE B 512 23.97 3.43 -44.32
CG MSE B 512 24.59 4.63 -43.63
SE MSE B 512 25.09 6.03 -44.89
CE MSE B 512 26.36 5.03 -45.98
N PRO B 513 21.84 0.83 -44.12
CA PRO B 513 21.31 -0.33 -44.85
C PRO B 513 21.29 -0.08 -46.36
N ASN B 514 20.88 -1.10 -47.11
CA ASN B 514 21.04 -1.09 -48.55
C ASN B 514 20.05 -0.14 -49.23
N SER B 515 18.82 -0.07 -48.72
CA SER B 515 17.79 0.71 -49.40
C SER B 515 16.97 1.47 -48.36
N GLU B 516 16.03 2.27 -48.87
CA GLU B 516 15.17 3.14 -48.10
C GLU B 516 13.77 3.10 -48.70
N PRO B 517 12.75 3.47 -47.94
CA PRO B 517 11.38 3.48 -48.49
C PRO B 517 11.30 4.28 -49.78
N SER B 518 10.54 3.75 -50.74
CA SER B 518 10.35 4.38 -52.03
C SER B 518 8.98 3.99 -52.57
N ASN B 519 8.32 4.93 -53.24
CA ASN B 519 6.99 4.69 -53.80
C ASN B 519 7.02 4.50 -55.31
N GLY B 520 8.16 4.14 -55.87
CA GLY B 520 8.32 3.98 -57.29
C GLY B 520 8.68 5.25 -58.02
N THR B 521 8.27 6.41 -57.51
CA THR B 521 8.60 7.69 -58.09
C THR B 521 9.77 8.38 -57.39
N LYS B 522 9.75 8.41 -56.05
CA LYS B 522 10.83 9.02 -55.30
C LYS B 522 11.16 8.18 -54.09
N THR B 523 12.40 8.32 -53.63
CA THR B 523 12.84 7.76 -52.36
C THR B 523 12.59 8.80 -51.27
N THR B 524 12.23 8.34 -50.08
CA THR B 524 11.93 9.25 -48.99
C THR B 524 13.13 10.17 -48.71
N VAL B 525 12.83 11.42 -48.37
CA VAL B 525 13.88 12.32 -47.88
C VAL B 525 14.20 12.05 -46.42
N GLY B 526 13.38 11.23 -45.75
CA GLY B 526 13.67 10.82 -44.39
C GLY B 526 12.79 11.45 -43.34
N HIS B 527 13.36 11.68 -42.16
CA HIS B 527 12.67 12.25 -41.01
C HIS B 527 11.47 11.36 -40.66
N GLY B 528 10.42 11.94 -40.08
CA GLY B 528 9.32 11.15 -39.58
C GLY B 528 9.66 10.50 -38.24
N GLN B 529 9.13 9.29 -38.03
CA GLN B 529 9.31 8.57 -36.78
C GLN B 529 9.64 7.12 -37.07
N VAL B 530 10.46 6.52 -36.20
CA VAL B 530 10.88 5.13 -36.36
C VAL B 530 10.53 4.36 -35.09
N ALA B 531 10.13 3.10 -35.28
CA ALA B 531 9.85 2.19 -34.17
C ALA B 531 10.49 0.85 -34.49
N VAL B 532 11.04 0.20 -33.46
CA VAL B 532 11.75 -1.06 -33.61
C VAL B 532 10.96 -2.14 -32.86
N SER B 533 10.75 -3.29 -33.50
CA SER B 533 9.99 -4.35 -32.86
C SER B 533 10.68 -4.81 -31.58
N ALA B 534 9.88 -5.42 -30.70
CA ALA B 534 10.38 -5.78 -29.37
C ALA B 534 11.61 -6.67 -29.44
N SER B 535 11.67 -7.58 -30.40
CA SER B 535 12.79 -8.49 -30.54
C SER B 535 13.86 -7.99 -31.49
N GLY B 536 13.61 -6.90 -32.22
CA GLY B 536 14.52 -6.44 -33.24
C GLY B 536 14.35 -7.08 -34.60
N ASN B 537 13.33 -7.91 -34.79
CA ASN B 537 13.16 -8.58 -36.07
C ASN B 537 12.47 -7.72 -37.13
N SER B 538 12.08 -6.48 -36.82
CA SER B 538 11.49 -5.62 -37.84
C SER B 538 11.60 -4.16 -37.43
N ILE B 539 11.48 -3.29 -38.44
CA ILE B 539 11.54 -1.84 -38.29
C ILE B 539 10.31 -1.23 -38.95
N LEU B 540 9.68 -0.28 -38.28
CA LEU B 540 8.58 0.51 -38.86
C LEU B 540 9.04 1.96 -38.97
N TRP B 541 8.88 2.54 -40.16
CA TRP B 541 9.34 3.90 -40.44
C TRP B 541 8.17 4.69 -41.01
N SER B 542 7.62 5.61 -40.21
CA SER B 542 6.59 6.53 -40.67
C SER B 542 7.32 7.73 -41.26
N THR B 543 7.57 7.69 -42.56
CA THR B 543 8.41 8.71 -43.18
C THR B 543 7.70 10.06 -43.20
N SER B 544 8.49 11.12 -43.33
CA SER B 544 7.92 12.46 -43.38
C SER B 544 7.17 12.75 -44.68
N ASP B 545 7.41 11.97 -45.75
CA ASP B 545 6.91 12.41 -47.05
C ASP B 545 6.11 11.36 -47.84
N ILE B 546 6.40 10.07 -47.69
CA ILE B 546 5.72 9.08 -48.52
C ILE B 546 5.02 8.00 -47.69
N GLY B 547 4.71 8.28 -46.42
CA GLY B 547 3.91 7.37 -45.64
C GLY B 547 4.73 6.34 -44.89
N VAL B 548 4.03 5.28 -44.47
CA VAL B 548 4.56 4.33 -43.49
C VAL B 548 5.08 3.09 -44.22
N TYR B 549 6.31 2.71 -43.90
CA TYR B 549 6.97 1.55 -44.49
C TYR B 549 7.53 0.68 -43.39
N TYR B 550 7.65 -0.62 -43.67
CA TYR B 550 8.24 -1.56 -42.73
C TYR B 550 9.31 -2.40 -43.42
N SER B 551 10.23 -2.93 -42.62
CA SER B 551 11.29 -3.79 -43.11
C SER B 551 11.46 -4.98 -42.18
N LYS B 552 11.53 -6.18 -42.75
CA LYS B 552 11.85 -7.38 -42.00
C LYS B 552 13.24 -7.91 -42.36
N THR B 553 14.06 -7.08 -42.99
CA THR B 553 15.40 -7.45 -43.43
C THR B 553 16.42 -6.44 -42.93
N SER B 554 16.15 -5.82 -41.79
CA SER B 554 17.06 -4.86 -41.18
C SER B 554 17.42 -3.74 -42.16
N GLY B 555 16.43 -3.32 -42.95
CA GLY B 555 16.61 -2.21 -43.87
C GLY B 555 17.14 -2.57 -45.23
N ASN B 556 17.39 -3.86 -45.51
CA ASN B 556 17.78 -4.26 -46.85
C ASN B 556 16.66 -4.05 -47.85
N SER B 557 15.41 -3.97 -47.40
CA SER B 557 14.25 -3.83 -48.26
C SER B 557 13.12 -3.23 -47.44
N TRP B 558 12.24 -2.50 -48.11
CA TRP B 558 11.12 -1.84 -47.45
C TRP B 558 9.84 -2.07 -48.23
N THR B 559 8.73 -2.23 -47.51
CA THR B 559 7.41 -2.45 -48.10
C THR B 559 6.43 -1.47 -47.46
N ALA B 560 5.58 -0.86 -48.29
CA ALA B 560 4.59 0.07 -47.78
C ALA B 560 3.60 -0.65 -46.86
N SER B 561 3.33 -0.03 -45.71
CA SER B 561 2.28 -0.55 -44.83
C SER B 561 0.91 -0.19 -45.38
N ALA B 562 -0.09 -0.96 -44.97
CA ALA B 562 -1.46 -0.72 -45.38
C ALA B 562 -2.30 -0.35 -44.16
N GLY B 563 -3.23 0.58 -44.36
CA GLY B 563 -4.21 0.91 -43.34
C GLY B 563 -3.80 2.00 -42.38
N LEU B 564 -2.56 2.48 -42.45
CA LEU B 564 -2.10 3.55 -41.57
C LEU B 564 -1.79 4.79 -42.39
N PRO B 565 -2.52 5.89 -42.20
CA PRO B 565 -2.33 7.05 -43.07
C PRO B 565 -0.94 7.68 -42.90
N ALA B 566 -0.48 8.29 -44.00
CA ALA B 566 0.81 8.95 -44.00
C ALA B 566 0.86 10.05 -42.94
N GLY B 567 2.00 10.14 -42.25
CA GLY B 567 2.18 11.10 -41.18
C GLY B 567 1.80 10.62 -39.80
N ALA B 568 1.44 9.35 -39.66
CA ALA B 568 0.98 8.84 -38.38
C ALA B 568 2.13 8.73 -37.39
N LYS B 569 1.81 8.96 -36.11
CA LYS B 569 2.72 8.57 -35.05
C LYS B 569 2.67 7.05 -34.88
N ILE B 570 3.82 6.46 -34.53
CA ILE B 570 3.94 5.02 -34.44
C ILE B 570 4.67 4.65 -33.16
N ALA B 571 4.44 3.41 -32.71
CA ALA B 571 5.12 2.88 -31.54
C ALA B 571 5.05 1.37 -31.58
N SER B 572 6.11 0.72 -31.12
CA SER B 572 6.15 -0.73 -31.05
C SER B 572 5.72 -1.21 -29.68
N ASP B 573 5.01 -2.33 -29.64
CA ASP B 573 4.84 -3.03 -28.38
C ASP B 573 6.21 -3.47 -27.89
N ARG B 574 6.43 -3.40 -26.58
CA ARG B 574 7.76 -3.69 -26.06
C ARG B 574 7.93 -5.17 -25.68
N VAL B 575 6.89 -5.99 -25.87
CA VAL B 575 6.95 -7.41 -25.58
C VAL B 575 6.65 -8.25 -26.82
N ASN B 576 5.56 -7.92 -27.53
CA ASN B 576 5.11 -8.70 -28.67
C ASN B 576 5.69 -8.11 -29.95
N PRO B 577 6.69 -8.74 -30.58
CA PRO B 577 7.31 -8.14 -31.78
C PRO B 577 6.38 -8.07 -32.98
N ASN B 578 5.24 -8.75 -32.96
CA ASN B 578 4.27 -8.65 -34.04
C ASN B 578 3.41 -7.41 -33.96
N LYS B 579 3.47 -6.67 -32.84
CA LYS B 579 2.51 -5.62 -32.52
C LYS B 579 3.14 -4.25 -32.65
N TYR B 580 2.53 -3.39 -33.46
CA TYR B 580 2.84 -1.97 -33.53
C TYR B 580 1.55 -1.18 -33.32
N TYR B 581 1.71 0.09 -32.93
CA TYR B 581 0.57 0.98 -32.75
C TYR B 581 0.77 2.24 -33.57
N GLY B 582 -0.35 2.79 -34.04
CA GLY B 582 -0.31 4.02 -34.81
C GLY B 582 -1.38 4.97 -34.36
N PHE B 583 -1.19 6.25 -34.68
CA PHE B 583 -2.15 7.28 -34.34
C PHE B 583 -2.12 8.38 -35.39
N TYR B 584 -3.28 8.76 -35.89
CA TYR B 584 -3.36 9.88 -36.82
C TYR B 584 -4.70 10.60 -36.68
N ALA B 585 -4.64 11.91 -36.46
CA ALA B 585 -5.82 12.79 -36.50
C ALA B 585 -6.95 12.27 -35.63
N GLY B 586 -6.60 11.80 -34.43
CA GLY B 586 -7.58 11.35 -33.46
C GLY B 586 -7.93 9.87 -33.52
N THR B 587 -7.42 9.13 -34.50
CA THR B 587 -7.73 7.72 -34.65
C THR B 587 -6.52 6.89 -34.25
N PHE B 588 -6.75 5.89 -33.40
CA PHE B 588 -5.72 4.96 -32.95
C PHE B 588 -5.79 3.69 -33.78
N TYR B 589 -4.61 3.13 -34.09
CA TYR B 589 -4.49 1.97 -34.96
C TYR B 589 -3.61 0.91 -34.31
N VAL B 590 -3.87 -0.36 -34.66
CA VAL B 590 -3.05 -1.47 -34.19
C VAL B 590 -2.68 -2.35 -35.38
N SER B 591 -1.47 -2.89 -35.35
CA SER B 591 -1.02 -3.91 -36.28
C SER B 591 -0.62 -5.15 -35.49
N VAL B 592 -1.01 -6.32 -35.97
CA VAL B 592 -0.61 -7.57 -35.33
C VAL B 592 0.20 -8.45 -36.27
N ASP B 593 0.62 -7.91 -37.41
CA ASP B 593 1.45 -8.65 -38.36
C ASP B 593 2.76 -7.92 -38.63
N GLY B 594 3.37 -7.36 -37.59
CA GLY B 594 4.68 -6.75 -37.72
C GLY B 594 4.72 -5.49 -38.55
N GLY B 595 3.61 -4.76 -38.60
CA GLY B 595 3.57 -3.48 -39.30
C GLY B 595 3.13 -3.56 -40.75
N ALA B 596 2.72 -4.73 -41.23
CA ALA B 596 2.30 -4.84 -42.62
C ALA B 596 0.93 -4.22 -42.84
N THR B 597 -0.02 -4.49 -41.94
CA THR B 597 -1.36 -3.95 -42.04
C THR B 597 -1.80 -3.41 -40.68
N PHE B 598 -2.52 -2.30 -40.70
CA PHE B 598 -3.03 -1.66 -39.50
C PHE B 598 -4.55 -1.57 -39.56
N THR B 599 -5.17 -1.61 -38.38
CA THR B 599 -6.62 -1.51 -38.25
C THR B 599 -6.95 -0.49 -37.19
N ALA B 600 -7.92 0.36 -37.47
CA ALA B 600 -8.36 1.35 -36.49
C ALA B 600 -9.06 0.66 -35.33
N THR B 601 -8.82 1.16 -34.12
CA THR B 601 -9.55 0.70 -32.95
C THR B 601 -10.68 1.68 -32.62
N GLY B 602 -11.52 1.28 -31.67
CA GLY B 602 -12.61 2.13 -31.27
C GLY B 602 -12.26 3.22 -30.28
N ALA B 603 -10.98 3.37 -29.93
CA ALA B 603 -10.57 4.36 -28.95
C ALA B 603 -11.04 5.75 -29.37
N SER B 604 -11.78 6.40 -28.48
CA SER B 604 -12.45 7.65 -28.78
C SER B 604 -11.99 8.75 -27.82
N GLY B 605 -12.33 9.99 -28.17
CA GLY B 605 -11.98 11.13 -27.37
C GLY B 605 -10.57 11.66 -27.57
N PHE B 606 -9.79 11.08 -28.47
CA PHE B 606 -8.44 11.56 -28.69
C PHE B 606 -8.45 12.90 -29.42
N PRO B 607 -7.48 13.77 -29.14
CA PRO B 607 -7.37 15.01 -29.92
C PRO B 607 -6.91 14.72 -31.33
N THR B 608 -7.33 15.59 -32.26
CA THR B 608 -6.78 15.62 -33.60
C THR B 608 -5.62 16.60 -33.73
N ASN B 609 -5.59 17.63 -32.87
CA ASN B 609 -4.65 18.74 -33.00
C ASN B 609 -4.77 19.45 -34.33
N ASN B 610 -5.93 19.37 -34.97
CA ASN B 610 -6.09 20.12 -36.22
C ASN B 610 -6.84 21.43 -36.01
N VAL B 611 -6.31 22.22 -35.09
CA VAL B 611 -6.86 23.52 -34.70
C VAL B 611 -6.11 24.61 -35.46
N ALA B 612 -6.85 25.60 -35.97
CA ALA B 612 -6.23 26.62 -36.81
C ALA B 612 -5.25 27.48 -36.04
N GLY B 613 -5.62 27.90 -34.83
CA GLY B 613 -4.82 28.90 -34.12
C GLY B 613 -3.52 28.39 -33.53
N LEU B 614 -3.36 27.07 -33.42
CA LEU B 614 -2.23 26.50 -32.69
C LEU B 614 -0.89 26.96 -33.28
N GLN B 615 0.01 27.39 -32.41
CA GLN B 615 1.37 27.71 -32.79
C GLN B 615 2.21 26.44 -32.90
N PRO B 616 3.34 26.48 -33.62
CA PRO B 616 4.08 25.23 -33.90
C PRO B 616 4.51 24.45 -32.65
N ASN B 617 4.79 25.11 -31.54
CA ASN B 617 5.24 24.42 -30.34
C ASN B 617 4.15 24.29 -29.29
N GLU B 618 2.88 24.50 -29.68
CA GLU B 618 1.79 24.59 -28.71
C GLU B 618 1.23 23.23 -28.31
N ALA B 619 1.12 22.28 -29.24
CA ALA B 619 0.48 20.99 -28.97
C ALA B 619 1.40 19.85 -29.36
N GLN B 620 1.15 18.68 -28.78
CA GLN B 620 2.04 17.54 -28.90
C GLN B 620 1.24 16.24 -28.85
N ILE B 621 1.86 15.16 -29.30
CA ILE B 621 1.35 13.80 -29.13
C ILE B 621 2.50 12.92 -28.65
N SER B 622 2.29 12.22 -27.54
CA SER B 622 3.31 11.37 -26.93
C SER B 622 2.69 10.01 -26.63
N MSE B 623 3.15 8.96 -27.33
CA MSE B 623 2.56 7.63 -27.20
C MSE B 623 3.63 6.55 -27.14
O MSE B 623 4.48 6.46 -28.04
CB MSE B 623 1.61 7.35 -28.37
CG MSE B 623 1.32 5.85 -28.63
SE MSE B 623 0.24 5.64 -30.23
CE MSE B 623 1.65 5.60 -31.58
N LYS B 624 3.59 5.74 -26.08
CA LYS B 624 4.62 4.72 -25.86
C LYS B 624 4.00 3.50 -25.18
N ALA B 625 4.37 2.33 -25.66
CA ALA B 625 4.04 1.10 -24.94
C ALA B 625 5.02 0.91 -23.78
N VAL B 626 4.56 0.19 -22.76
CA VAL B 626 5.30 0.02 -21.52
C VAL B 626 6.25 -1.18 -21.61
N PRO B 627 7.53 -1.02 -21.29
CA PRO B 627 8.43 -2.17 -21.24
C PRO B 627 7.92 -3.24 -20.28
N GLY B 628 7.91 -4.48 -20.74
CA GLY B 628 7.56 -5.61 -19.91
C GLY B 628 6.09 -5.98 -19.89
N ILE B 629 5.21 -5.18 -20.49
CA ILE B 629 3.76 -5.44 -20.44
C ILE B 629 3.19 -5.31 -21.84
N GLU B 630 2.84 -6.44 -22.46
CA GLU B 630 2.21 -6.40 -23.77
C GLU B 630 0.87 -5.67 -23.69
N GLY B 631 0.59 -4.85 -24.70
CA GLY B 631 -0.70 -4.20 -24.83
C GLY B 631 -0.93 -3.04 -23.88
N ASP B 632 0.08 -2.59 -23.16
CA ASP B 632 -0.02 -1.50 -22.20
C ASP B 632 0.56 -0.24 -22.83
N ILE B 633 -0.28 0.77 -23.05
CA ILE B 633 0.09 1.98 -23.77
C ILE B 633 -0.39 3.19 -22.99
N TRP B 634 0.49 4.20 -22.89
CA TRP B 634 0.09 5.50 -22.38
C TRP B 634 0.15 6.52 -23.52
N PHE B 635 -0.75 7.51 -23.45
CA PHE B 635 -0.92 8.51 -24.49
C PHE B 635 -1.10 9.86 -23.80
N ALA B 636 -0.28 10.84 -24.21
CA ALA B 636 -0.38 12.20 -23.68
C ALA B 636 -0.40 13.19 -24.83
N GLY B 637 -1.12 14.28 -24.64
CA GLY B 637 -1.13 15.37 -25.59
C GLY B 637 -2.51 15.97 -25.72
N GLY B 638 -2.65 16.87 -26.68
CA GLY B 638 -3.91 17.52 -26.98
C GLY B 638 -3.82 19.02 -26.78
N ASN B 639 -4.99 19.65 -26.72
CA ASN B 639 -5.07 21.10 -26.68
C ASN B 639 -6.41 21.50 -26.08
N THR B 640 -6.47 22.75 -25.59
CA THR B 640 -7.68 23.25 -24.95
C THR B 640 -8.77 23.65 -25.93
N VAL B 641 -8.42 23.91 -27.19
CA VAL B 641 -9.43 24.31 -28.17
C VAL B 641 -10.41 23.18 -28.43
N GLU B 642 -9.90 21.95 -28.60
CA GLU B 642 -10.76 20.78 -28.75
C GLU B 642 -11.33 20.29 -27.43
N ASN B 643 -10.85 20.81 -26.30
CA ASN B 643 -11.17 20.28 -24.97
C ASN B 643 -10.84 18.79 -24.90
N LYS B 644 -9.75 18.39 -25.54
CA LYS B 644 -9.23 17.02 -25.49
C LYS B 644 -7.74 17.13 -25.22
N TYR B 645 -7.37 16.96 -23.95
CA TYR B 645 -6.03 17.31 -23.48
C TYR B 645 -5.81 16.54 -22.19
N GLY B 646 -4.75 15.76 -22.13
CA GLY B 646 -4.46 15.07 -20.88
C GLY B 646 -3.66 13.80 -21.12
N LEU B 647 -3.95 12.80 -20.28
CA LEU B 647 -3.18 11.57 -20.24
C LEU B 647 -4.14 10.38 -20.27
N TRP B 648 -3.95 9.48 -21.23
CA TRP B 648 -4.79 8.30 -21.41
C TRP B 648 -3.97 7.03 -21.19
N HIS B 649 -4.66 5.97 -20.75
CA HIS B 649 -4.01 4.70 -20.47
C HIS B 649 -4.85 3.55 -21.04
N SER B 650 -4.21 2.67 -21.80
CA SER B 650 -4.84 1.47 -22.31
C SER B 650 -4.07 0.24 -21.85
N THR B 651 -4.79 -0.84 -21.54
CA THR B 651 -4.16 -2.11 -21.22
C THR B 651 -4.66 -3.23 -22.13
N ASN B 652 -5.37 -2.92 -23.20
CA ASN B 652 -5.90 -3.92 -24.12
C ASN B 652 -5.41 -3.65 -25.54
N SER B 653 -4.15 -3.27 -25.68
CA SER B 653 -3.51 -3.02 -26.97
C SER B 653 -4.23 -1.92 -27.74
N GLY B 654 -4.75 -0.92 -27.03
CA GLY B 654 -5.34 0.24 -27.67
C GLY B 654 -6.79 0.09 -28.08
N ALA B 655 -7.44 -1.03 -27.76
CA ALA B 655 -8.87 -1.15 -28.05
C ALA B 655 -9.67 -0.06 -27.36
N SER B 656 -9.28 0.30 -26.13
CA SER B 656 -9.93 1.39 -25.41
C SER B 656 -8.93 2.00 -24.45
N PHE B 657 -9.12 3.28 -24.15
CA PHE B 657 -8.29 4.01 -23.21
C PHE B 657 -9.15 4.60 -22.10
N THR B 658 -8.55 4.76 -20.92
CA THR B 658 -9.15 5.51 -19.84
C THR B 658 -8.40 6.83 -19.70
N LYS B 659 -9.12 7.94 -19.79
CA LYS B 659 -8.53 9.25 -19.58
C LYS B 659 -8.44 9.51 -18.08
N LEU B 660 -7.24 9.78 -17.59
CA LEU B 660 -7.03 10.03 -16.17
C LEU B 660 -7.71 11.34 -15.79
N THR B 661 -8.60 11.29 -14.81
CA THR B 661 -9.37 12.47 -14.42
C THR B 661 -8.59 13.45 -13.55
N ASN B 662 -7.44 13.05 -13.01
CA ASN B 662 -6.66 13.93 -12.15
C ASN B 662 -5.55 14.65 -12.91
N VAL B 663 -5.53 14.58 -14.24
CA VAL B 663 -4.51 15.24 -15.06
C VAL B 663 -5.24 16.19 -16.01
N GLU B 664 -5.14 17.49 -15.75
CA GLU B 664 -5.88 18.46 -16.54
C GLU B 664 -5.29 18.62 -17.93
N GLU B 665 -3.96 18.76 -18.02
CA GLU B 665 -3.26 18.81 -19.29
C GLU B 665 -2.03 17.93 -19.18
N ALA B 666 -1.64 17.32 -20.30
CA ALA B 666 -0.40 16.55 -20.36
C ALA B 666 0.10 16.57 -21.79
N ASP B 667 1.43 16.54 -21.94
CA ASP B 667 2.06 16.67 -23.24
C ASP B 667 3.12 15.63 -23.53
N LEU B 668 3.68 14.98 -22.51
CA LEU B 668 4.68 13.92 -22.69
C LEU B 668 4.47 12.87 -21.62
N ILE B 669 4.84 11.63 -21.95
CA ILE B 669 4.83 10.53 -20.99
C ILE B 669 6.11 9.73 -21.20
N GLY B 670 6.63 9.17 -20.11
CA GLY B 670 7.83 8.36 -20.13
C GLY B 670 7.88 7.51 -18.87
N TYR B 671 8.76 6.51 -18.89
CA TYR B 671 8.76 5.47 -17.87
C TYR B 671 10.15 5.30 -17.28
N GLY B 672 10.19 5.00 -15.97
CA GLY B 672 11.45 4.70 -15.31
C GLY B 672 11.27 3.56 -14.33
N LYS B 673 12.39 3.14 -13.74
CA LYS B 673 12.40 2.01 -12.82
C LYS B 673 11.37 2.18 -11.71
N ALA B 674 10.72 1.08 -11.35
CA ALA B 674 9.70 1.10 -10.32
C ALA B 674 10.27 1.46 -8.96
N ALA B 675 9.48 2.16 -8.17
CA ALA B 675 9.85 2.49 -6.80
C ALA B 675 10.04 1.22 -5.98
N PRO B 676 10.85 1.26 -4.94
CA PRO B 676 11.08 0.07 -4.11
C PRO B 676 9.77 -0.56 -3.61
N GLY B 677 9.61 -1.85 -3.88
CA GLY B 677 8.42 -2.56 -3.49
C GLY B 677 7.26 -2.47 -4.46
N GLN B 678 7.36 -1.63 -5.49
CA GLN B 678 6.27 -1.46 -6.44
C GLN B 678 6.46 -2.41 -7.63
N THR B 679 5.34 -2.85 -8.19
CA THR B 679 5.36 -3.76 -9.33
C THR B 679 5.16 -3.06 -10.67
N TYR B 680 4.94 -1.75 -10.66
CA TYR B 680 4.70 -1.00 -11.89
C TYR B 680 5.73 0.12 -12.00
N MSE B 681 6.25 0.32 -13.21
CA MSE B 681 7.23 1.35 -13.46
C MSE B 681 6.72 2.74 -13.07
O MSE B 681 5.51 2.99 -13.08
CB MSE B 681 7.65 1.36 -14.95
CG MSE B 681 8.37 0.10 -15.40
SE MSE B 681 8.92 0.22 -17.26
CE MSE B 681 10.44 1.44 -17.07
N SER B 682 7.65 3.62 -12.72
CA SER B 682 7.28 4.99 -12.41
C SER B 682 6.96 5.76 -13.68
N LEU B 683 5.95 6.61 -13.61
CA LEU B 683 5.54 7.43 -14.74
C LEU B 683 6.13 8.83 -14.58
N TYR B 684 6.63 9.37 -15.69
CA TYR B 684 7.17 10.73 -15.75
C TYR B 684 6.41 11.50 -16.82
N THR B 685 5.91 12.69 -16.47
CA THR B 685 5.05 13.42 -17.39
C THR B 685 5.35 14.91 -17.34
N VAL B 686 5.17 15.56 -18.48
CA VAL B 686 5.11 17.01 -18.57
C VAL B 686 3.63 17.37 -18.62
N ALA B 687 3.16 18.15 -17.66
CA ALA B 687 1.72 18.22 -17.45
C ALA B 687 1.36 19.43 -16.61
N LYS B 688 0.06 19.67 -16.52
CA LYS B 688 -0.54 20.61 -15.57
C LYS B 688 -1.42 19.77 -14.65
N ILE B 689 -1.00 19.60 -13.41
CA ILE B 689 -1.68 18.72 -12.46
C ILE B 689 -1.98 19.51 -11.20
N ASP B 690 -3.23 19.46 -10.75
CA ASP B 690 -3.68 20.19 -9.56
C ASP B 690 -3.35 21.67 -9.68
N GLY B 691 -3.52 22.22 -10.89
CA GLY B 691 -3.33 23.62 -11.14
C GLY B 691 -1.90 24.07 -11.34
N VAL B 692 -0.93 23.15 -11.36
CA VAL B 692 0.49 23.51 -11.44
C VAL B 692 1.09 22.91 -12.71
N ARG B 693 1.76 23.75 -13.49
CA ARG B 693 2.52 23.30 -14.64
C ARG B 693 3.90 22.84 -14.21
N GLY B 694 4.35 21.70 -14.73
CA GLY B 694 5.70 21.26 -14.43
C GLY B 694 5.94 19.84 -14.89
N VAL B 695 6.92 19.21 -14.26
CA VAL B 695 7.32 17.83 -14.51
C VAL B 695 6.91 17.00 -13.31
N PHE B 696 6.21 15.89 -13.54
CA PHE B 696 5.59 15.12 -12.47
C PHE B 696 5.97 13.65 -12.55
N ARG B 697 5.96 13.00 -11.39
CA ARG B 697 6.26 11.57 -11.28
C ARG B 697 5.13 10.90 -10.52
N SER B 698 4.75 9.70 -10.98
CA SER B 698 3.77 8.88 -10.27
C SER B 698 4.36 7.51 -10.01
N ASP B 699 4.27 7.05 -8.76
CA ASP B 699 4.72 5.72 -8.39
C ASP B 699 3.56 4.76 -8.15
N ASP B 700 2.33 5.17 -8.45
CA ASP B 700 1.15 4.34 -8.22
C ASP B 700 0.25 4.34 -9.45
N VAL B 701 0.86 4.17 -10.64
CA VAL B 701 0.14 4.02 -11.91
C VAL B 701 -0.77 5.23 -12.14
N GLY B 702 -0.30 6.42 -11.78
CA GLY B 702 -1.04 7.62 -12.08
C GLY B 702 -2.12 8.01 -11.10
N ALA B 703 -2.26 7.28 -9.99
CA ALA B 703 -3.26 7.66 -9.00
C ALA B 703 -2.90 8.97 -8.30
N THR B 704 -1.62 9.16 -7.99
CA THR B 704 -1.15 10.40 -7.40
C THR B 704 0.13 10.85 -8.11
N TRP B 705 0.38 12.15 -8.07
CA TRP B 705 1.49 12.76 -8.79
C TRP B 705 2.24 13.70 -7.86
N VAL B 706 3.56 13.76 -8.04
CA VAL B 706 4.42 14.66 -7.29
C VAL B 706 5.25 15.46 -8.28
N ARG B 707 5.32 16.77 -8.07
CA ARG B 707 6.12 17.62 -8.93
C ARG B 707 7.60 17.45 -8.60
N ILE B 708 8.42 17.18 -9.61
CA ILE B 708 9.83 16.91 -9.41
C ILE B 708 10.74 17.98 -10.00
N ASN B 709 10.19 18.96 -10.71
CA ASN B 709 10.93 20.17 -11.02
C ASN B 709 10.41 21.27 -10.09
N ASP B 710 10.84 22.52 -10.33
CA ASP B 710 10.40 23.65 -9.52
C ASP B 710 10.44 24.90 -10.37
N ASP B 711 10.02 26.03 -9.78
CA ASP B 711 9.89 27.27 -10.53
C ASP B 711 11.24 27.82 -11.00
N ALA B 712 12.35 27.32 -10.45
CA ALA B 712 13.67 27.75 -10.89
C ALA B 712 14.24 26.86 -11.98
N HIS B 713 13.60 25.72 -12.29
CA HIS B 713 14.08 24.78 -13.31
C HIS B 713 12.89 24.38 -14.18
N GLN B 714 12.50 25.26 -15.10
CA GLN B 714 11.32 25.05 -15.95
C GLN B 714 11.66 24.83 -17.41
N TYR B 715 12.63 25.58 -17.96
CA TYR B 715 13.18 25.34 -19.30
C TYR B 715 12.15 25.55 -20.41
N ALA B 716 11.25 26.50 -20.21
CA ALA B 716 10.39 27.06 -21.30
C ALA B 716 9.46 25.94 -21.81
N LYS B 717 9.32 25.77 -23.13
CA LYS B 717 8.29 24.86 -23.67
C LYS B 717 8.84 23.44 -23.74
N ILE B 718 8.66 22.69 -22.65
CA ILE B 718 9.29 21.38 -22.50
C ILE B 718 8.36 20.28 -23.00
N ASN B 719 7.88 20.39 -24.24
CA ASN B 719 7.07 19.35 -24.85
C ASN B 719 7.85 18.54 -25.88
N MSE B 720 9.15 18.38 -25.67
CA MSE B 720 10.02 17.74 -26.65
C MSE B 720 10.21 16.24 -26.42
O MSE B 720 9.95 15.44 -27.31
CB MSE B 720 11.37 18.46 -26.67
CG MSE B 720 11.24 19.94 -27.00
SE MSE B 720 10.58 20.21 -28.82
CE MSE B 720 12.27 19.96 -29.74
N ALA B 721 10.66 15.86 -25.22
CA ALA B 721 10.92 14.44 -24.92
C ALA B 721 11.12 14.26 -23.42
N ILE B 722 10.75 13.07 -22.94
CA ILE B 722 10.97 12.71 -21.54
C ILE B 722 11.08 11.21 -21.43
N THR B 723 11.98 10.74 -20.55
CA THR B 723 12.03 9.32 -20.21
C THR B 723 12.64 9.16 -18.83
N GLY B 724 12.18 8.14 -18.12
CA GLY B 724 12.84 7.69 -16.93
C GLY B 724 14.00 6.78 -17.28
N ASP B 725 14.59 6.19 -16.25
CA ASP B 725 15.73 5.31 -16.40
C ASP B 725 15.32 3.93 -15.91
N PRO B 726 15.33 2.90 -16.76
CA PRO B 726 14.88 1.57 -16.32
C PRO B 726 15.77 0.96 -15.25
N ARG B 727 16.95 1.53 -14.99
CA ARG B 727 17.87 0.99 -13.98
C ARG B 727 18.00 1.86 -12.75
N ILE B 728 17.44 3.08 -12.74
CA ILE B 728 17.63 4.02 -11.64
C ILE B 728 16.27 4.61 -11.28
N TYR B 729 15.72 4.20 -10.14
CA TYR B 729 14.46 4.77 -9.68
C TYR B 729 14.62 6.26 -9.38
N GLY B 730 13.62 7.05 -9.80
CA GLY B 730 13.61 8.47 -9.55
C GLY B 730 14.30 9.31 -10.61
N ARG B 731 15.18 8.72 -11.40
CA ARG B 731 15.92 9.46 -12.42
C ARG B 731 14.99 9.86 -13.57
N VAL B 732 15.07 11.12 -13.99
CA VAL B 732 14.34 11.59 -15.15
C VAL B 732 15.31 12.25 -16.12
N TYR B 733 15.12 12.00 -17.41
CA TYR B 733 15.79 12.72 -18.49
C TYR B 733 14.76 13.57 -19.22
N LEU B 734 15.03 14.87 -19.33
CA LEU B 734 14.07 15.83 -19.86
C LEU B 734 14.66 16.56 -21.06
N GLY B 735 14.00 16.45 -22.22
CA GLY B 735 14.42 17.22 -23.36
C GLY B 735 13.87 18.64 -23.34
N THR B 736 14.51 19.52 -24.10
CA THR B 736 14.07 20.91 -24.19
C THR B 736 14.20 21.36 -25.64
N ASN B 737 13.76 22.60 -25.88
CA ASN B 737 13.90 23.24 -27.18
C ASN B 737 14.77 24.47 -27.00
N GLY B 738 16.07 24.25 -26.80
CA GLY B 738 17.02 25.34 -26.63
C GLY B 738 17.86 25.28 -25.36
N ARG B 739 17.60 24.30 -24.49
CA ARG B 739 18.38 24.12 -23.27
C ARG B 739 18.99 22.73 -23.17
N GLY B 740 19.12 22.03 -24.29
CA GLY B 740 19.70 20.70 -24.31
C GLY B 740 18.88 19.70 -23.51
N THR B 741 19.58 18.76 -22.88
CA THR B 741 18.96 17.70 -22.10
C THR B 741 19.34 17.86 -20.63
N LEU B 742 18.36 17.72 -19.74
CA LEU B 742 18.56 17.70 -18.30
C LEU B 742 18.40 16.28 -17.79
N TYR B 743 19.09 15.98 -16.69
CA TYR B 743 18.76 14.81 -15.90
C TYR B 743 18.65 15.21 -14.44
N ALA B 744 17.81 14.49 -13.69
CA ALA B 744 17.52 14.90 -12.32
C ALA B 744 17.23 13.67 -11.46
N ASP B 745 17.64 13.76 -10.20
CA ASP B 745 17.41 12.75 -9.17
C ASP B 745 16.88 13.45 -7.93
N PRO B 746 16.18 12.72 -7.06
CA PRO B 746 15.88 13.27 -5.72
C PRO B 746 17.16 13.70 -5.02
N VAL B 747 17.06 14.75 -4.21
CA VAL B 747 18.24 15.46 -3.72
C VAL B 747 19.24 14.57 -2.95
N GLY C 1 11.14 -6.63 -10.73
CA GLY C 1 11.89 -6.75 -9.47
C GLY C 1 11.26 -7.73 -8.49
N MSE C 2 9.93 -7.71 -8.41
CA MSE C 2 9.19 -8.56 -7.48
C MSE C 2 8.90 -9.95 -8.05
O MSE C 2 8.42 -10.83 -7.34
CB MSE C 2 7.86 -7.89 -7.11
CG MSE C 2 8.02 -6.42 -6.83
SE MSE C 2 9.19 -6.23 -5.29
CE MSE C 2 7.79 -6.10 -3.94
N SER C 3 9.19 -10.13 -9.33
CA SER C 3 8.95 -11.42 -9.98
C SER C 3 10.22 -11.84 -10.71
N GLU C 4 10.32 -13.14 -10.95
CA GLU C 4 11.45 -13.74 -11.64
C GLU C 4 10.88 -14.52 -12.82
N PRO C 5 11.30 -14.23 -14.06
CA PRO C 5 10.75 -14.97 -15.20
C PRO C 5 11.12 -16.44 -15.14
N TYR C 6 10.11 -17.28 -15.25
CA TYR C 6 10.24 -18.74 -15.25
C TYR C 6 9.68 -19.29 -16.55
N THR C 7 10.10 -20.50 -16.89
CA THR C 7 9.55 -21.24 -18.02
C THR C 7 8.68 -22.36 -17.46
N TRP C 8 7.38 -22.31 -17.77
CA TRP C 8 6.42 -23.26 -17.23
C TRP C 8 6.07 -24.31 -18.27
N LYS C 9 6.19 -25.58 -17.89
CA LYS C 9 5.95 -26.68 -18.81
C LYS C 9 5.13 -27.77 -18.13
N SER C 10 4.36 -28.50 -18.94
CA SER C 10 3.58 -29.62 -18.44
C SER C 10 4.47 -30.84 -18.21
N VAL C 11 4.25 -31.51 -17.08
CA VAL C 11 4.70 -32.89 -16.95
C VAL C 11 3.82 -33.74 -17.85
N VAL C 12 4.43 -34.43 -18.80
CA VAL C 12 3.68 -35.04 -19.91
C VAL C 12 3.10 -36.38 -19.48
N THR C 13 1.78 -36.53 -19.65
CA THR C 13 1.15 -37.83 -19.50
C THR C 13 0.72 -38.45 -20.82
N GLY C 14 0.71 -37.68 -21.91
CA GLY C 14 0.40 -38.22 -23.21
C GLY C 14 -1.09 -38.30 -23.52
N ALA C 15 -1.90 -38.75 -22.56
CA ALA C 15 -3.32 -38.95 -22.75
C ALA C 15 -4.19 -37.84 -22.17
N GLY C 16 -3.68 -37.05 -21.23
CA GLY C 16 -4.49 -36.05 -20.57
C GLY C 16 -5.04 -36.54 -19.25
N GLY C 17 -5.72 -37.69 -19.28
CA GLY C 17 -6.14 -38.35 -18.05
C GLY C 17 -7.47 -37.90 -17.48
N GLY C 18 -8.21 -37.04 -18.18
CA GLY C 18 -9.50 -36.57 -17.70
C GLY C 18 -10.56 -36.62 -18.79
N PHE C 19 -11.74 -36.16 -18.42
CA PHE C 19 -12.93 -36.22 -19.29
C PHE C 19 -12.95 -35.03 -20.24
N VAL C 20 -13.08 -35.30 -21.53
CA VAL C 20 -13.27 -34.27 -22.54
C VAL C 20 -14.70 -34.38 -23.04
N PRO C 21 -15.67 -33.66 -22.43
CA PRO C 21 -17.08 -33.84 -22.84
C PRO C 21 -17.42 -33.23 -24.17
N GLY C 22 -16.61 -32.32 -24.71
CA GLY C 22 -16.96 -31.66 -25.95
C GLY C 22 -15.78 -31.36 -26.85
N ILE C 23 -15.89 -31.75 -28.12
CA ILE C 23 -14.97 -31.37 -29.18
C ILE C 23 -15.78 -30.63 -30.24
N ILE C 24 -15.28 -29.47 -30.67
CA ILE C 24 -16.08 -28.54 -31.48
C ILE C 24 -15.26 -28.12 -32.70
N PHE C 25 -15.70 -28.53 -33.89
CA PHE C 25 -15.09 -28.13 -35.15
C PHE C 25 -15.71 -26.84 -35.67
N ASN C 26 -14.88 -25.92 -36.13
CA ASN C 26 -15.39 -24.77 -36.85
C ASN C 26 -15.93 -25.21 -38.21
N GLN C 27 -17.06 -24.63 -38.61
CA GLN C 27 -17.77 -25.09 -39.80
C GLN C 27 -17.28 -24.40 -41.07
N THR C 28 -16.36 -23.45 -40.96
CA THR C 28 -15.89 -22.67 -42.09
C THR C 28 -14.41 -22.81 -42.35
N GLU C 29 -13.57 -22.80 -41.31
CA GLU C 29 -12.12 -22.84 -41.50
C GLU C 29 -11.61 -24.25 -41.23
N PRO C 30 -11.00 -24.91 -42.21
CA PRO C 30 -10.47 -26.25 -41.98
C PRO C 30 -9.43 -26.26 -40.87
N ASN C 31 -9.45 -27.33 -40.07
CA ASN C 31 -8.48 -27.63 -39.03
C ASN C 31 -8.57 -26.71 -37.81
N LEU C 32 -9.61 -25.89 -37.72
CA LEU C 32 -9.88 -25.11 -36.52
C LEU C 32 -10.78 -25.95 -35.60
N ILE C 33 -10.21 -26.42 -34.49
CA ILE C 33 -10.90 -27.31 -33.56
C ILE C 33 -10.64 -26.84 -32.15
N TYR C 34 -11.66 -26.95 -31.30
CA TYR C 34 -11.54 -26.68 -29.88
C TYR C 34 -11.99 -27.89 -29.07
N ALA C 35 -11.43 -28.04 -27.88
CA ALA C 35 -11.86 -29.06 -26.94
C ALA C 35 -12.13 -28.40 -25.59
N ARG C 36 -13.23 -28.78 -24.96
CA ARG C 36 -13.60 -28.23 -23.65
C ARG C 36 -13.58 -29.34 -22.62
N THR C 37 -13.15 -29.01 -21.40
CA THR C 37 -13.07 -29.97 -20.32
C THR C 37 -13.96 -29.53 -19.16
N ASP C 38 -14.19 -30.45 -18.22
CA ASP C 38 -15.10 -30.15 -17.14
C ASP C 38 -14.44 -29.43 -15.96
N ILE C 39 -13.13 -29.57 -15.76
CA ILE C 39 -12.47 -28.89 -14.66
C ILE C 39 -11.14 -28.25 -15.09
N GLY C 40 -10.79 -28.38 -16.36
CA GLY C 40 -9.46 -27.94 -16.77
C GLY C 40 -9.40 -27.00 -17.96
N GLY C 41 -10.42 -26.17 -18.13
CA GLY C 41 -10.39 -25.17 -19.20
C GLY C 41 -10.63 -25.80 -20.56
N ALA C 42 -10.14 -25.10 -21.58
CA ALA C 42 -10.34 -25.52 -22.96
C ALA C 42 -9.03 -25.44 -23.73
N TYR C 43 -9.05 -26.01 -24.93
CA TYR C 43 -7.86 -26.11 -25.76
C TYR C 43 -8.22 -25.75 -27.20
N ARG C 44 -7.22 -25.31 -27.94
CA ARG C 44 -7.32 -25.13 -29.38
C ARG C 44 -6.30 -26.04 -30.07
N TRP C 45 -6.72 -26.65 -31.17
CA TRP C 45 -5.87 -27.59 -31.89
C TRP C 45 -4.85 -26.85 -32.74
N ASN C 46 -3.63 -27.38 -32.75
CA ASN C 46 -2.58 -26.88 -33.63
C ASN C 46 -2.34 -27.95 -34.70
N GLN C 47 -2.75 -27.66 -35.93
CA GLN C 47 -2.69 -28.65 -37.01
C GLN C 47 -1.25 -28.94 -37.42
N ALA C 48 -0.34 -27.97 -37.28
CA ALA C 48 1.05 -28.17 -37.70
C ALA C 48 1.80 -29.15 -36.82
N THR C 49 1.37 -29.34 -35.57
CA THR C 49 2.04 -30.25 -34.65
C THR C 49 1.15 -31.38 -34.13
N SER C 50 -0.11 -31.46 -34.56
CA SER C 50 -1.05 -32.46 -34.06
C SER C 50 -1.08 -32.48 -32.53
N SER C 51 -1.30 -31.30 -31.95
CA SER C 51 -1.29 -31.16 -30.51
C SER C 51 -2.24 -30.04 -30.12
N TRP C 52 -2.58 -30.01 -28.83
CA TRP C 52 -3.51 -29.04 -28.29
C TRP C 52 -2.78 -27.96 -27.51
N VAL C 53 -3.32 -26.75 -27.58
CA VAL C 53 -2.79 -25.59 -26.85
C VAL C 53 -3.86 -25.12 -25.90
N SER C 54 -3.51 -24.96 -24.63
CA SER C 54 -4.48 -24.45 -23.65
C SER C 54 -4.80 -23.00 -23.94
N ILE C 55 -6.10 -22.65 -23.85
CA ILE C 55 -6.51 -21.27 -23.97
C ILE C 55 -7.11 -20.82 -22.63
N SER C 56 -6.67 -21.45 -21.53
CA SER C 56 -7.27 -21.21 -20.22
C SER C 56 -6.28 -20.95 -19.10
N ASP C 57 -4.97 -20.89 -19.37
CA ASP C 57 -4.02 -20.85 -18.25
C ASP C 57 -3.94 -19.48 -17.57
N SER C 58 -4.58 -18.45 -18.10
CA SER C 58 -4.66 -17.18 -17.39
CA SER C 58 -4.68 -17.17 -17.41
C SER C 58 -5.75 -17.17 -16.32
N VAL C 59 -6.62 -18.19 -16.29
CA VAL C 59 -7.59 -18.31 -15.21
C VAL C 59 -6.86 -18.52 -13.90
N GLY C 60 -7.23 -17.75 -12.88
CA GLY C 60 -6.47 -17.76 -11.63
C GLY C 60 -7.23 -18.14 -10.38
N TRP C 61 -6.78 -17.63 -9.24
CA TRP C 61 -7.24 -18.08 -7.93
C TRP C 61 -8.70 -17.70 -7.69
N VAL C 62 -9.04 -16.43 -7.91
CA VAL C 62 -10.37 -15.94 -7.59
C VAL C 62 -11.39 -16.35 -8.63
N ASP C 63 -11.01 -16.30 -9.91
CA ASP C 63 -11.93 -16.68 -10.98
C ASP C 63 -11.74 -18.13 -11.41
N TRP C 64 -11.41 -19.01 -10.46
CA TRP C 64 -11.09 -20.40 -10.77
C TRP C 64 -12.21 -21.13 -11.49
N ASN C 65 -13.48 -20.75 -11.26
CA ASN C 65 -14.56 -21.58 -11.80
C ASN C 65 -14.66 -21.47 -13.31
N LYS C 66 -13.92 -20.55 -13.93
CA LYS C 66 -13.89 -20.42 -15.39
C LYS C 66 -13.31 -21.66 -16.05
N ASN C 67 -12.59 -22.51 -15.32
CA ASN C 67 -12.03 -23.70 -15.93
C ASN C 67 -13.05 -24.83 -16.07
N GLY C 68 -14.29 -24.63 -15.60
CA GLY C 68 -15.37 -25.53 -15.95
C GLY C 68 -16.06 -25.04 -17.21
N VAL C 69 -15.83 -25.70 -18.34
CA VAL C 69 -16.27 -25.20 -19.64
C VAL C 69 -17.50 -26.01 -20.04
N ASP C 70 -18.66 -25.49 -19.71
CA ASP C 70 -19.94 -26.15 -19.96
C ASP C 70 -20.37 -26.10 -21.42
N ALA C 71 -19.87 -25.12 -22.18
CA ALA C 71 -20.25 -24.96 -23.57
C ALA C 71 -19.23 -24.07 -24.27
N LEU C 72 -19.09 -24.28 -25.59
CA LEU C 72 -18.14 -23.53 -26.38
C LEU C 72 -18.70 -23.38 -27.80
N ALA C 73 -18.52 -22.18 -28.36
CA ALA C 73 -18.98 -21.90 -29.72
C ALA C 73 -17.88 -21.18 -30.49
N THR C 74 -17.64 -21.61 -31.73
CA THR C 74 -16.63 -21.00 -32.59
C THR C 74 -17.33 -20.42 -33.82
N ASP C 75 -17.02 -19.18 -34.13
CA ASP C 75 -17.78 -18.37 -35.09
C ASP C 75 -17.54 -18.82 -36.53
N PRO C 76 -18.59 -19.20 -37.28
CA PRO C 76 -18.38 -19.61 -38.68
C PRO C 76 -18.25 -18.44 -39.64
N ILE C 77 -18.66 -17.25 -39.26
CA ILE C 77 -18.50 -16.07 -40.10
C ILE C 77 -17.13 -15.44 -39.90
N ASP C 78 -16.71 -15.26 -38.65
CA ASP C 78 -15.37 -14.76 -38.31
C ASP C 78 -14.71 -15.80 -37.42
N PRO C 79 -13.93 -16.72 -37.98
CA PRO C 79 -13.35 -17.81 -37.18
C PRO C 79 -12.32 -17.36 -36.15
N ASN C 80 -11.98 -16.07 -36.11
CA ASN C 80 -11.16 -15.57 -35.02
C ASN C 80 -11.92 -15.53 -33.69
N LYS C 81 -13.25 -15.57 -33.73
CA LYS C 81 -14.06 -15.38 -32.53
C LYS C 81 -14.47 -16.73 -31.94
N VAL C 82 -14.38 -16.81 -30.61
CA VAL C 82 -14.78 -18.02 -29.90
C VAL C 82 -15.37 -17.57 -28.56
N TYR C 83 -16.36 -18.33 -28.09
CA TYR C 83 -17.09 -18.02 -26.86
C TYR C 83 -17.19 -19.25 -26.00
N MSE C 84 -17.26 -19.03 -24.68
CA MSE C 84 -17.47 -20.14 -23.75
C MSE C 84 -18.45 -19.78 -22.66
O MSE C 84 -18.51 -18.64 -22.23
CB MSE C 84 -16.14 -20.59 -23.11
CG MSE C 84 -15.02 -20.88 -24.09
SE MSE C 84 -13.44 -21.58 -23.20
CE MSE C 84 -13.01 -20.07 -22.05
N ALA C 85 -19.23 -20.76 -22.22
CA ALA C 85 -20.04 -20.64 -21.02
C ALA C 85 -19.30 -21.40 -19.92
N THR C 86 -18.88 -20.69 -18.89
CA THR C 86 -18.00 -21.29 -17.89
C THR C 86 -18.53 -21.03 -16.48
N GLY C 87 -18.05 -21.83 -15.56
CA GLY C 87 -18.62 -21.97 -14.23
C GLY C 87 -18.64 -23.46 -13.98
N THR C 88 -18.38 -23.90 -12.77
CA THR C 88 -18.10 -25.33 -12.56
C THR C 88 -19.27 -26.07 -11.92
N TYR C 89 -19.86 -25.54 -10.85
CA TYR C 89 -20.96 -26.22 -10.17
C TYR C 89 -22.17 -25.30 -10.08
N THR C 90 -23.35 -25.92 -10.09
CA THR C 90 -24.61 -25.20 -9.89
C THR C 90 -25.19 -25.42 -8.50
N ASN C 91 -24.48 -26.12 -7.62
CA ASN C 91 -24.90 -26.26 -6.23
C ASN C 91 -24.11 -25.27 -5.37
N HIS C 92 -24.02 -25.54 -4.07
CA HIS C 92 -23.37 -24.62 -3.14
C HIS C 92 -21.85 -24.67 -3.22
N TRP C 93 -21.27 -25.46 -4.12
CA TRP C 93 -19.82 -25.55 -4.24
C TRP C 93 -19.22 -24.44 -5.10
N ASP C 94 -20.03 -23.53 -5.61
CA ASP C 94 -19.55 -22.56 -6.60
C ASP C 94 -20.45 -21.34 -6.54
N ASN C 95 -19.98 -20.26 -7.18
CA ASN C 95 -20.77 -19.05 -7.36
C ASN C 95 -21.23 -18.98 -8.82
N ASN C 96 -21.77 -17.82 -9.21
CA ASN C 96 -22.33 -17.66 -10.55
C ASN C 96 -21.27 -17.83 -11.63
N GLY C 97 -21.73 -18.18 -12.82
CA GLY C 97 -20.87 -18.37 -13.98
C GLY C 97 -20.81 -17.13 -14.85
N GLN C 98 -20.35 -17.34 -16.08
CA GLN C 98 -20.12 -16.21 -16.97
C GLN C 98 -20.05 -16.72 -18.41
N ILE C 99 -20.25 -15.79 -19.34
CA ILE C 99 -19.99 -16.03 -20.76
C ILE C 99 -18.70 -15.31 -21.10
N MSE C 100 -17.74 -16.05 -21.66
CA MSE C 100 -16.47 -15.45 -22.04
C MSE C 100 -16.35 -15.36 -23.55
O MSE C 100 -16.84 -16.23 -24.27
CB MSE C 100 -15.31 -16.26 -21.45
CG MSE C 100 -15.28 -16.29 -19.93
SE MSE C 100 -14.06 -17.62 -19.23
CE MSE C 100 -12.38 -16.90 -19.93
N ARG C 101 -15.71 -14.29 -24.03
CA ARG C 101 -15.60 -14.03 -25.45
C ARG C 101 -14.16 -13.69 -25.81
N SER C 102 -13.74 -14.14 -26.98
CA SER C 102 -12.40 -13.89 -27.46
C SER C 102 -12.45 -13.54 -28.93
N ASN C 103 -11.64 -12.56 -29.32
CA ASN C 103 -11.49 -12.19 -30.72
C ASN C 103 -10.20 -12.70 -31.33
N ASP C 104 -9.44 -13.51 -30.59
CA ASP C 104 -8.15 -14.01 -31.07
C ASP C 104 -8.01 -15.49 -30.74
N ARG C 105 -9.09 -16.25 -30.93
CA ARG C 105 -9.07 -17.71 -30.86
C ARG C 105 -8.68 -18.22 -29.48
N GLY C 106 -9.00 -17.46 -28.44
CA GLY C 106 -8.74 -17.88 -27.09
C GLY C 106 -7.43 -17.41 -26.49
N ASN C 107 -6.67 -16.58 -27.20
CA ASN C 107 -5.42 -16.06 -26.63
CA ASN C 107 -5.42 -16.06 -26.63
C ASN C 107 -5.72 -15.08 -25.51
N THR C 108 -6.74 -14.24 -25.67
CA THR C 108 -7.18 -13.31 -24.63
C THR C 108 -8.69 -13.35 -24.54
N TRP C 109 -9.23 -13.06 -23.35
CA TRP C 109 -10.64 -13.21 -23.07
C TRP C 109 -11.21 -11.96 -22.43
N GLN C 110 -12.47 -11.67 -22.76
CA GLN C 110 -13.31 -10.78 -21.96
C GLN C 110 -14.45 -11.59 -21.38
N THR C 111 -14.99 -11.14 -20.25
CA THR C 111 -15.94 -11.93 -19.49
C THR C 111 -17.16 -11.12 -19.12
N THR C 112 -18.33 -11.74 -19.24
CA THR C 112 -19.59 -11.13 -18.82
C THR C 112 -20.21 -12.01 -17.75
N PRO C 113 -20.31 -11.56 -16.51
CA PRO C 113 -20.95 -12.38 -15.47
C PRO C 113 -22.41 -12.65 -15.80
N LEU C 114 -22.83 -13.88 -15.53
CA LEU C 114 -24.21 -14.28 -15.57
C LEU C 114 -24.83 -14.21 -14.18
N PRO C 115 -26.14 -13.94 -14.07
CA PRO C 115 -26.77 -13.88 -12.74
C PRO C 115 -27.20 -15.26 -12.22
N PHE C 116 -26.57 -16.32 -12.72
CA PHE C 116 -26.87 -17.66 -12.26
C PHE C 116 -25.63 -18.52 -12.48
N LYS C 117 -25.69 -19.77 -12.03
CA LYS C 117 -24.52 -20.63 -12.04
C LYS C 117 -24.45 -21.45 -13.31
N VAL C 118 -23.23 -21.76 -13.72
CA VAL C 118 -22.95 -22.60 -14.88
C VAL C 118 -22.33 -23.89 -14.36
N GLY C 119 -22.55 -24.98 -15.09
CA GLY C 119 -22.21 -26.29 -14.55
C GLY C 119 -21.23 -27.11 -15.34
N GLY C 120 -20.01 -26.59 -15.52
CA GLY C 120 -19.01 -27.30 -16.29
C GLY C 120 -18.70 -28.70 -15.78
N ASN C 121 -18.86 -28.94 -14.48
CA ASN C 121 -18.63 -30.26 -13.90
C ASN C 121 -19.90 -30.83 -13.28
N MSE C 122 -21.03 -30.58 -13.92
CA MSE C 122 -22.32 -31.10 -13.47
C MSE C 122 -22.79 -32.23 -14.37
O MSE C 122 -22.23 -32.42 -15.46
CB MSE C 122 -23.36 -29.97 -13.44
CG MSE C 122 -23.08 -28.87 -12.43
SE MSE C 122 -22.94 -29.48 -10.60
CE MSE C 122 -24.77 -30.04 -10.26
N PRO C 123 -23.81 -32.98 -13.95
CA PRO C 123 -24.39 -33.99 -14.84
C PRO C 123 -24.86 -33.37 -16.15
N GLY C 124 -24.83 -34.17 -17.21
CA GLY C 124 -25.29 -33.71 -18.50
C GLY C 124 -24.33 -32.83 -19.27
N ARG C 125 -23.07 -32.72 -18.79
CA ARG C 125 -22.14 -31.79 -19.40
C ARG C 125 -21.66 -32.22 -20.78
N SER C 126 -21.93 -33.46 -21.20
CA SER C 126 -21.56 -33.85 -22.56
C SER C 126 -22.70 -33.65 -23.56
N ALA C 127 -23.91 -33.36 -23.11
CA ALA C 127 -24.94 -32.90 -24.05
C ALA C 127 -24.60 -31.52 -24.55
N GLY C 128 -24.88 -31.25 -25.81
CA GLY C 128 -24.64 -29.92 -26.35
C GLY C 128 -24.62 -29.92 -27.87
N GLU C 129 -24.11 -28.81 -28.41
CA GLU C 129 -23.63 -27.68 -27.62
C GLU C 129 -24.77 -26.78 -27.18
N ARG C 130 -24.64 -26.21 -25.99
CA ARG C 130 -25.67 -25.36 -25.43
C ARG C 130 -25.39 -23.87 -25.59
N LEU C 131 -24.29 -23.52 -26.26
CA LEU C 131 -23.96 -22.15 -26.63
C LEU C 131 -23.69 -22.13 -28.13
N VAL C 132 -24.40 -21.26 -28.87
CA VAL C 132 -24.34 -21.29 -30.33
C VAL C 132 -24.35 -19.86 -30.86
N ILE C 133 -23.73 -19.70 -32.03
CA ILE C 133 -23.68 -18.43 -32.76
C ILE C 133 -24.56 -18.57 -34.00
N ASP C 134 -25.39 -17.55 -34.25
CA ASP C 134 -26.21 -17.53 -35.46
C ASP C 134 -25.28 -17.61 -36.68
N PRO C 135 -25.37 -18.67 -37.49
CA PRO C 135 -24.41 -18.82 -38.60
C PRO C 135 -24.64 -17.85 -39.75
N ASN C 136 -25.72 -17.07 -39.73
CA ASN C 136 -25.96 -16.05 -40.74
C ASN C 136 -25.78 -14.64 -40.23
N LYS C 137 -25.81 -14.43 -38.92
CA LYS C 137 -25.71 -13.09 -38.33
C LYS C 137 -25.03 -13.28 -36.97
N ASN C 138 -23.70 -13.22 -36.96
CA ASN C 138 -22.92 -13.73 -35.85
C ASN C 138 -22.88 -12.80 -34.64
N ASN C 139 -23.60 -11.67 -34.65
CA ASN C 139 -23.76 -10.92 -33.40
C ASN C 139 -24.85 -11.52 -32.52
N ILE C 140 -25.59 -12.51 -33.02
CA ILE C 140 -26.66 -13.16 -32.29
C ILE C 140 -26.14 -14.46 -31.71
N LEU C 141 -26.31 -14.66 -30.41
CA LEU C 141 -25.96 -15.91 -29.74
C LEU C 141 -27.09 -16.36 -28.84
N TYR C 142 -27.17 -17.66 -28.60
CA TYR C 142 -28.13 -18.24 -27.67
C TYR C 142 -27.41 -19.16 -26.69
N PHE C 143 -27.94 -19.26 -25.48
CA PHE C 143 -27.35 -20.08 -24.44
C PHE C 143 -28.46 -20.82 -23.69
N GLY C 144 -28.38 -22.14 -23.64
CA GLY C 144 -29.32 -22.95 -22.91
C GLY C 144 -28.79 -23.31 -21.54
N ALA C 145 -29.45 -22.81 -20.51
CA ALA C 145 -28.93 -22.80 -19.14
C ALA C 145 -29.52 -23.94 -18.29
N ARG C 146 -28.90 -24.13 -17.14
CA ARG C 146 -29.27 -25.17 -16.18
C ARG C 146 -30.23 -24.62 -15.12
N SER C 147 -30.71 -25.54 -14.28
CA SER C 147 -31.38 -25.23 -13.01
C SER C 147 -32.68 -24.48 -13.19
N GLY C 148 -33.30 -24.55 -14.37
CA GLY C 148 -34.52 -23.81 -14.61
C GLY C 148 -34.32 -22.39 -15.10
N ASN C 149 -33.10 -21.99 -15.42
CA ASN C 149 -32.87 -20.65 -15.93
C ASN C 149 -33.23 -20.52 -17.41
N GLY C 150 -33.50 -21.63 -18.10
CA GLY C 150 -34.12 -21.55 -19.41
C GLY C 150 -33.17 -21.12 -20.52
N LEU C 151 -33.72 -20.34 -21.45
CA LEU C 151 -33.00 -19.92 -22.66
C LEU C 151 -32.62 -18.46 -22.53
N TRP C 152 -31.36 -18.15 -22.83
CA TRP C 152 -30.83 -16.80 -22.80
C TRP C 152 -30.23 -16.47 -24.16
N LYS C 153 -30.15 -15.16 -24.46
CA LYS C 153 -29.69 -14.76 -25.78
C LYS C 153 -28.91 -13.45 -25.68
N SER C 154 -28.07 -13.23 -26.69
CA SER C 154 -27.32 -12.00 -26.85
C SER C 154 -27.48 -11.52 -28.28
N ILE C 155 -27.61 -10.21 -28.46
CA ILE C 155 -27.62 -9.60 -29.79
C ILE C 155 -26.46 -8.65 -29.99
N ASP C 156 -25.49 -8.62 -29.07
CA ASP C 156 -24.34 -7.75 -29.20
C ASP C 156 -23.05 -8.55 -29.09
N SER C 157 -23.02 -9.71 -29.75
CA SER C 157 -21.83 -10.56 -29.81
C SER C 157 -21.36 -10.98 -28.43
N GLY C 158 -22.30 -11.34 -27.56
CA GLY C 158 -21.98 -11.93 -26.28
C GLY C 158 -21.61 -10.96 -25.18
N VAL C 159 -21.72 -9.65 -25.42
CA VAL C 159 -21.35 -8.67 -24.39
C VAL C 159 -22.41 -8.61 -23.31
N THR C 160 -23.68 -8.55 -23.69
CA THR C 160 -24.78 -8.56 -22.73
C THR C 160 -25.74 -9.69 -23.06
N TRP C 161 -26.39 -10.21 -22.02
CA TRP C 161 -27.23 -11.39 -22.13
C TRP C 161 -28.57 -11.12 -21.46
N SER C 162 -29.65 -11.62 -22.07
CA SER C 162 -30.98 -11.44 -21.53
C SER C 162 -31.76 -12.74 -21.68
N LYS C 163 -32.73 -12.92 -20.79
CA LYS C 163 -33.54 -14.12 -20.77
C LYS C 163 -34.56 -14.09 -21.90
N VAL C 164 -34.72 -15.21 -22.58
CA VAL C 164 -35.81 -15.38 -23.54
C VAL C 164 -37.03 -15.82 -22.75
N THR C 165 -37.88 -14.86 -22.37
CA THR C 165 -38.98 -15.15 -21.46
C THR C 165 -40.03 -16.04 -22.10
N SER C 166 -40.06 -16.14 -23.43
CA SER C 166 -41.08 -16.92 -24.11
C SER C 166 -40.70 -18.38 -24.30
N PHE C 167 -39.55 -18.82 -23.81
CA PHE C 167 -39.24 -20.23 -23.98
C PHE C 167 -40.07 -21.07 -23.01
N PRO C 168 -40.79 -22.09 -23.48
CA PRO C 168 -41.88 -22.66 -22.68
C PRO C 168 -41.48 -23.74 -21.69
N ASN C 169 -40.28 -24.31 -21.81
CA ASN C 169 -39.92 -25.48 -21.01
C ASN C 169 -38.48 -25.35 -20.53
N VAL C 170 -38.29 -25.02 -19.24
CA VAL C 170 -36.94 -24.89 -18.70
C VAL C 170 -36.36 -26.21 -18.27
N GLY C 171 -37.09 -27.30 -18.39
CA GLY C 171 -36.62 -28.63 -18.04
C GLY C 171 -37.39 -29.20 -16.86
N THR C 172 -37.47 -30.53 -16.81
CA THR C 172 -38.06 -31.24 -15.68
C THR C 172 -37.15 -32.29 -15.08
N TYR C 173 -36.19 -32.83 -15.82
CA TYR C 173 -35.38 -33.94 -15.31
C TYR C 173 -34.38 -33.45 -14.27
N ILE C 174 -34.29 -34.21 -13.17
CA ILE C 174 -33.30 -34.00 -12.12
C ILE C 174 -32.59 -35.33 -11.89
N GLN C 175 -31.26 -35.33 -11.98
CA GLN C 175 -30.54 -36.61 -11.90
C GLN C 175 -30.53 -37.17 -10.49
N ASN C 176 -30.20 -36.36 -9.48
CA ASN C 176 -30.03 -36.83 -8.11
C ASN C 176 -30.88 -36.00 -7.15
N PRO C 177 -32.19 -36.20 -7.16
CA PRO C 177 -33.07 -35.35 -6.32
C PRO C 177 -32.82 -35.50 -4.82
N THR C 178 -32.19 -36.58 -4.37
CA THR C 178 -31.98 -36.76 -2.93
C THR C 178 -30.59 -36.32 -2.47
N LEU C 179 -29.69 -35.96 -3.37
CA LEU C 179 -28.34 -35.56 -3.00
C LEU C 179 -28.21 -34.04 -3.03
N ASP C 180 -27.06 -33.56 -2.58
CA ASP C 180 -26.70 -32.15 -2.63
CA ASP C 180 -26.76 -32.13 -2.67
C ASP C 180 -25.86 -31.81 -3.87
N TYR C 181 -25.69 -32.77 -4.77
CA TYR C 181 -25.00 -32.57 -6.04
C TYR C 181 -25.91 -33.10 -7.13
N GLY C 182 -26.37 -32.20 -8.01
CA GLY C 182 -27.25 -32.62 -9.07
C GLY C 182 -28.70 -32.78 -8.70
N ASN C 183 -29.15 -32.12 -7.62
CA ASN C 183 -30.57 -32.07 -7.29
C ASN C 183 -31.28 -30.90 -7.96
N ASP C 184 -30.60 -30.14 -8.83
CA ASP C 184 -31.24 -29.09 -9.60
C ASP C 184 -31.61 -29.61 -10.98
N LEU C 185 -32.46 -28.85 -11.68
CA LEU C 185 -32.82 -29.21 -13.04
C LEU C 185 -31.59 -29.23 -13.93
N VAL C 186 -31.50 -30.25 -14.78
CA VAL C 186 -30.42 -30.25 -15.76
C VAL C 186 -30.60 -29.10 -16.74
N GLY C 187 -31.83 -28.86 -17.18
CA GLY C 187 -32.14 -27.69 -17.98
C GLY C 187 -32.19 -27.97 -19.47
N LEU C 188 -31.69 -27.03 -20.26
CA LEU C 188 -31.66 -27.19 -21.71
C LEU C 188 -30.46 -28.03 -22.12
N SER C 189 -30.56 -28.69 -23.27
CA SER C 189 -29.61 -29.73 -23.64
C SER C 189 -28.78 -29.43 -24.88
N TRP C 190 -29.32 -28.72 -25.86
CA TRP C 190 -28.58 -28.34 -27.06
C TRP C 190 -29.42 -27.36 -27.86
N ILE C 191 -28.73 -26.60 -28.71
CA ILE C 191 -29.36 -25.63 -29.60
C ILE C 191 -28.77 -25.81 -30.99
N THR C 192 -29.63 -25.84 -32.01
CA THR C 192 -29.21 -26.15 -33.37
C THR C 192 -29.97 -25.25 -34.34
N PHE C 193 -29.26 -24.35 -35.01
CA PHE C 193 -29.85 -23.53 -36.06
C PHE C 193 -30.08 -24.36 -37.33
N ASP C 194 -31.08 -23.94 -38.11
CA ASP C 194 -31.25 -24.39 -39.49
C ASP C 194 -30.70 -23.27 -40.37
N LYS C 195 -29.44 -23.41 -40.78
CA LYS C 195 -28.74 -22.34 -41.50
C LYS C 195 -29.47 -21.93 -42.78
N SER C 196 -30.24 -22.84 -43.37
CA SER C 196 -30.93 -22.50 -44.62
C SER C 196 -32.08 -21.52 -44.43
N THR C 197 -32.48 -21.23 -43.18
CA THR C 197 -33.56 -20.28 -42.93
C THR C 197 -33.05 -18.89 -42.60
N GLY C 198 -31.81 -18.58 -43.00
CA GLY C 198 -31.33 -17.21 -43.00
C GLY C 198 -30.36 -17.03 -44.15
N THR C 199 -29.89 -15.80 -44.32
CA THR C 199 -28.85 -15.47 -45.28
C THR C 199 -27.88 -14.51 -44.60
N LEU C 200 -26.69 -14.38 -45.19
CA LEU C 200 -25.64 -13.55 -44.58
C LEU C 200 -26.15 -12.17 -44.24
N GLY C 201 -26.06 -11.80 -42.96
CA GLY C 201 -26.54 -10.52 -42.50
C GLY C 201 -27.99 -10.50 -42.07
N ASN C 202 -28.67 -11.63 -42.08
CA ASN C 202 -30.08 -11.72 -41.71
C ASN C 202 -30.28 -12.86 -40.74
N ALA C 203 -30.96 -12.59 -39.63
CA ALA C 203 -31.08 -13.54 -38.54
C ALA C 203 -31.69 -14.86 -39.02
N THR C 204 -31.13 -15.97 -38.52
CA THR C 204 -31.66 -17.27 -38.85
C THR C 204 -33.01 -17.49 -38.16
N GLN C 205 -34.01 -17.90 -38.94
CA GLN C 205 -35.38 -17.87 -38.46
C GLN C 205 -35.80 -19.15 -37.75
N THR C 206 -35.22 -20.30 -38.12
CA THR C 206 -35.59 -21.58 -37.53
C THR C 206 -34.50 -22.06 -36.58
N ILE C 207 -34.87 -22.35 -35.34
CA ILE C 207 -33.97 -22.83 -34.31
C ILE C 207 -34.60 -24.03 -33.63
N TYR C 208 -33.82 -25.08 -33.43
CA TYR C 208 -34.22 -26.25 -32.65
C TYR C 208 -33.51 -26.23 -31.30
N VAL C 209 -34.22 -26.62 -30.25
CA VAL C 209 -33.68 -26.67 -28.89
C VAL C 209 -34.07 -27.98 -28.24
N GLY C 210 -33.09 -28.69 -27.69
CA GLY C 210 -33.35 -29.88 -26.89
C GLY C 210 -33.41 -29.52 -25.42
N VAL C 211 -34.32 -30.18 -24.70
CA VAL C 211 -34.62 -29.90 -23.30
C VAL C 211 -34.63 -31.21 -22.54
N ALA C 212 -34.01 -31.23 -21.35
CA ALA C 212 -33.99 -32.41 -20.49
C ALA C 212 -35.35 -32.54 -19.82
N ASP C 213 -36.28 -33.17 -20.55
CA ASP C 213 -37.65 -33.42 -20.08
C ASP C 213 -38.15 -34.62 -20.86
N THR C 214 -38.37 -35.75 -20.18
CA THR C 214 -38.74 -36.97 -20.89
C THR C 214 -40.09 -36.88 -21.57
N ALA C 215 -40.98 -35.99 -21.11
CA ALA C 215 -42.31 -35.90 -21.69
C ALA C 215 -42.38 -35.00 -22.92
N SER C 216 -41.42 -34.09 -23.08
CA SER C 216 -41.48 -33.08 -24.13
C SER C 216 -40.11 -32.42 -24.24
N SER C 217 -39.29 -32.88 -25.18
CA SER C 217 -37.88 -32.56 -25.15
C SER C 217 -37.35 -31.79 -26.35
N VAL C 218 -38.08 -31.71 -27.46
CA VAL C 218 -37.57 -31.07 -28.67
C VAL C 218 -38.51 -29.95 -29.07
N TYR C 219 -37.99 -28.73 -29.16
CA TYR C 219 -38.76 -27.53 -29.45
C TYR C 219 -38.21 -26.84 -30.69
N ARG C 220 -39.07 -26.10 -31.37
CA ARG C 220 -38.65 -25.39 -32.57
C ARG C 220 -39.28 -24.00 -32.59
N SER C 221 -38.46 -23.01 -32.91
CA SER C 221 -38.94 -21.69 -33.28
C SER C 221 -38.77 -21.51 -34.78
N THR C 222 -39.77 -20.92 -35.43
CA THR C 222 -39.64 -20.55 -36.83
C THR C 222 -39.74 -19.05 -37.05
N ASP C 223 -39.73 -18.24 -35.99
CA ASP C 223 -39.76 -16.79 -36.12
C ASP C 223 -38.54 -16.13 -35.48
N GLY C 224 -37.39 -16.81 -35.54
CA GLY C 224 -36.17 -16.23 -35.03
C GLY C 224 -36.01 -16.29 -33.53
N GLY C 225 -36.66 -17.25 -32.87
CA GLY C 225 -36.48 -17.46 -31.44
C GLY C 225 -37.50 -16.80 -30.54
N VAL C 226 -38.59 -16.27 -31.07
CA VAL C 226 -39.58 -15.58 -30.25
C VAL C 226 -40.62 -16.56 -29.72
N THR C 227 -41.32 -17.27 -30.61
CA THR C 227 -42.30 -18.26 -30.19
C THR C 227 -41.75 -19.65 -30.43
N TRP C 228 -42.18 -20.59 -29.59
CA TRP C 228 -41.63 -21.93 -29.57
C TRP C 228 -42.74 -22.96 -29.51
N THR C 229 -42.53 -24.09 -30.19
CA THR C 229 -43.51 -25.16 -30.26
C THR C 229 -42.79 -26.49 -30.11
N ALA C 230 -43.33 -27.37 -29.27
CA ALA C 230 -42.83 -28.73 -29.22
C ALA C 230 -43.06 -29.41 -30.57
N LEU C 231 -42.02 -30.03 -31.10
CA LEU C 231 -42.12 -30.69 -32.40
C LEU C 231 -43.17 -31.79 -32.35
N ALA C 232 -44.19 -31.68 -33.21
CA ALA C 232 -45.28 -32.64 -33.20
C ALA C 232 -44.78 -34.03 -33.55
N GLY C 233 -45.31 -35.04 -32.85
CA GLY C 233 -44.99 -36.42 -33.11
C GLY C 233 -43.66 -36.91 -32.58
N GLN C 234 -42.97 -36.12 -31.76
CA GLN C 234 -41.67 -36.54 -31.25
C GLN C 234 -41.82 -37.71 -30.28
N PRO C 235 -40.77 -38.51 -30.11
CA PRO C 235 -40.82 -39.60 -29.12
C PRO C 235 -40.73 -39.05 -27.70
N THR C 236 -41.23 -39.84 -26.76
CA THR C 236 -41.21 -39.49 -25.35
C THR C 236 -40.54 -40.59 -24.54
N GLY C 237 -40.12 -40.24 -23.32
CA GLY C 237 -39.54 -41.18 -22.39
C GLY C 237 -38.04 -41.08 -22.22
N PHE C 238 -37.35 -40.34 -23.07
CA PHE C 238 -35.89 -40.28 -23.06
C PHE C 238 -35.44 -38.82 -23.11
N LEU C 239 -34.13 -38.64 -23.01
CA LEU C 239 -33.50 -37.32 -22.95
C LEU C 239 -32.57 -37.14 -24.13
N PRO C 240 -32.79 -36.16 -24.99
CA PRO C 240 -31.96 -36.00 -26.21
C PRO C 240 -30.60 -35.39 -25.86
N HIS C 241 -29.53 -36.10 -26.22
CA HIS C 241 -28.17 -35.69 -25.92
C HIS C 241 -27.60 -34.71 -26.95
N HIS C 242 -27.91 -34.94 -28.22
CA HIS C 242 -27.46 -34.09 -29.31
C HIS C 242 -28.54 -34.06 -30.37
N GLY C 243 -28.60 -32.94 -31.09
CA GLY C 243 -29.48 -32.83 -32.25
C GLY C 243 -28.72 -32.15 -33.37
N GLU C 244 -28.52 -32.85 -34.49
CA GLU C 244 -27.73 -32.33 -35.59
C GLU C 244 -28.54 -32.39 -36.88
N LEU C 245 -28.53 -31.28 -37.61
CA LEU C 245 -29.32 -31.15 -38.83
C LEU C 245 -28.42 -31.32 -40.05
N SER C 246 -28.72 -32.32 -40.88
CA SER C 246 -27.98 -32.51 -42.10
C SER C 246 -28.36 -31.45 -43.14
N SER C 247 -27.50 -31.30 -44.14
CA SER C 247 -27.76 -30.34 -45.22
C SER C 247 -28.97 -30.72 -46.06
N THR C 248 -29.52 -31.91 -45.88
CA THR C 248 -30.68 -32.36 -46.64
C THR C 248 -31.98 -32.26 -45.84
N GLY C 249 -31.93 -31.71 -44.63
CA GLY C 249 -33.12 -31.44 -43.85
C GLY C 249 -33.52 -32.50 -42.86
N ASP C 250 -32.64 -33.44 -42.54
CA ASP C 250 -32.92 -34.47 -41.55
C ASP C 250 -32.30 -34.06 -40.22
N LEU C 251 -33.12 -33.97 -39.18
CA LEU C 251 -32.65 -33.71 -37.83
C LEU C 251 -32.42 -35.06 -37.14
N TYR C 252 -31.16 -35.37 -36.83
CA TYR C 252 -30.80 -36.59 -36.13
C TYR C 252 -30.63 -36.30 -34.64
N ILE C 253 -31.14 -37.19 -33.79
CA ILE C 253 -31.19 -36.95 -32.35
C ILE C 253 -30.86 -38.25 -31.62
N THR C 254 -29.85 -38.22 -30.74
CA THR C 254 -29.54 -39.34 -29.87
C THR C 254 -30.22 -39.15 -28.53
N TYR C 255 -30.70 -40.25 -27.95
CA TYR C 255 -31.45 -40.20 -26.70
C TYR C 255 -30.88 -41.20 -25.71
N SER C 256 -30.92 -40.82 -24.43
CA SER C 256 -30.57 -41.72 -23.34
C SER C 256 -31.62 -41.55 -22.25
N ASN C 257 -31.78 -42.59 -21.42
CA ASN C 257 -32.66 -42.44 -20.27
C ASN C 257 -31.97 -41.73 -19.10
N GLY C 258 -30.71 -41.29 -19.29
CA GLY C 258 -30.07 -40.37 -18.38
C GLY C 258 -29.42 -39.25 -19.17
N VAL C 259 -28.88 -38.27 -18.42
CA VAL C 259 -28.14 -37.18 -19.04
C VAL C 259 -26.64 -37.41 -19.03
N GLY C 260 -26.16 -38.47 -18.36
CA GLY C 260 -24.76 -38.80 -18.38
C GLY C 260 -23.95 -37.92 -17.45
N PRO C 261 -22.61 -38.08 -17.47
CA PRO C 261 -21.90 -38.95 -18.42
C PRO C 261 -21.75 -40.40 -17.97
N TYR C 262 -22.16 -40.71 -16.74
CA TYR C 262 -21.89 -42.02 -16.17
C TYR C 262 -23.02 -43.02 -16.34
N ASP C 263 -24.25 -42.58 -16.59
CA ASP C 263 -25.37 -43.51 -16.63
C ASP C 263 -25.81 -43.74 -18.08
N GLY C 264 -27.06 -44.16 -18.26
CA GLY C 264 -27.54 -44.49 -19.57
C GLY C 264 -27.73 -45.98 -19.72
N SER C 265 -28.94 -46.47 -19.41
CA SER C 265 -29.26 -47.89 -19.47
C SER C 265 -30.32 -48.23 -20.50
N LYS C 266 -30.78 -47.25 -21.27
CA LYS C 266 -31.71 -47.43 -22.38
C LYS C 266 -31.55 -46.21 -23.28
N GLY C 267 -31.74 -46.41 -24.57
CA GLY C 267 -31.50 -45.33 -25.50
C GLY C 267 -32.22 -45.54 -26.81
N GLU C 268 -32.35 -44.44 -27.56
CA GLU C 268 -32.94 -44.47 -28.90
C GLU C 268 -32.18 -43.48 -29.77
N VAL C 269 -32.35 -43.65 -31.08
CA VAL C 269 -31.89 -42.68 -32.08
C VAL C 269 -33.05 -42.45 -33.03
N TRP C 270 -33.38 -41.19 -33.26
CA TRP C 270 -34.49 -40.82 -34.14
C TRP C 270 -33.99 -39.83 -35.18
N LYS C 271 -34.72 -39.77 -36.30
CA LYS C 271 -34.51 -38.73 -37.28
C LYS C 271 -35.85 -38.05 -37.57
N TYR C 272 -35.79 -36.73 -37.75
CA TYR C 272 -36.95 -35.92 -38.07
C TYR C 272 -36.66 -35.19 -39.38
N ASN C 273 -37.55 -35.34 -40.36
CA ASN C 273 -37.38 -34.64 -41.63
C ASN C 273 -38.16 -33.33 -41.59
N LYS C 274 -37.45 -32.21 -41.80
CA LYS C 274 -38.07 -30.91 -41.64
C LYS C 274 -39.12 -30.64 -42.71
N THR C 275 -39.02 -31.29 -43.87
CA THR C 275 -39.95 -31.02 -44.95
C THR C 275 -41.25 -31.81 -44.79
N SER C 276 -41.13 -33.12 -44.56
CA SER C 276 -42.30 -33.96 -44.40
C SER C 276 -42.85 -33.95 -42.98
N GLY C 277 -42.04 -33.59 -41.99
CA GLY C 277 -42.44 -33.72 -40.61
C GLY C 277 -42.44 -35.13 -40.07
N ALA C 278 -41.95 -36.09 -40.85
CA ALA C 278 -41.99 -37.49 -40.44
C ALA C 278 -40.86 -37.82 -39.47
N TRP C 279 -41.21 -38.56 -38.42
CA TRP C 279 -40.25 -39.10 -37.47
C TRP C 279 -39.97 -40.56 -37.81
N THR C 280 -38.69 -40.92 -37.79
CA THR C 280 -38.29 -42.31 -38.04
C THR C 280 -37.39 -42.78 -36.90
N ASN C 281 -37.72 -43.92 -36.32
CA ASN C 281 -36.87 -44.55 -35.32
C ASN C 281 -35.73 -45.26 -36.05
N ILE C 282 -34.49 -44.81 -35.82
CA ILE C 282 -33.34 -45.40 -36.48
C ILE C 282 -32.38 -45.94 -35.43
N SER C 283 -32.91 -46.36 -34.28
CA SER C 283 -32.08 -46.86 -33.21
C SER C 283 -31.27 -48.06 -33.68
N PRO C 284 -29.95 -48.05 -33.54
CA PRO C 284 -29.16 -49.25 -33.91
C PRO C 284 -29.59 -50.51 -33.20
N THR C 285 -29.99 -50.42 -31.93
CA THR C 285 -30.44 -51.56 -31.15
C THR C 285 -31.71 -51.19 -30.40
N THR C 286 -32.57 -52.19 -30.19
CA THR C 286 -33.86 -52.00 -29.55
C THR C 286 -34.13 -53.17 -28.62
N GLY C 287 -35.12 -53.00 -27.75
CA GLY C 287 -35.53 -54.07 -26.87
C GLY C 287 -34.40 -54.53 -25.97
N THR C 288 -34.33 -55.85 -25.75
CA THR C 288 -33.29 -56.42 -24.90
C THR C 288 -31.90 -56.36 -25.54
N ASP C 289 -31.83 -56.08 -26.86
CA ASP C 289 -30.55 -55.82 -27.50
C ASP C 289 -29.98 -54.45 -27.11
N ASN C 290 -30.73 -53.61 -26.42
CA ASN C 290 -30.29 -52.27 -26.03
C ASN C 290 -30.36 -52.15 -24.53
N TRP C 291 -29.22 -51.84 -23.89
CA TRP C 291 -29.15 -51.63 -22.45
C TRP C 291 -28.33 -50.39 -22.14
N TYR C 292 -28.34 -49.41 -23.04
CA TYR C 292 -27.47 -48.25 -22.93
C TYR C 292 -28.12 -47.07 -23.64
N GLY C 293 -27.82 -45.87 -23.16
CA GLY C 293 -28.19 -44.69 -23.90
C GLY C 293 -27.33 -44.52 -25.14
N PHE C 294 -27.79 -43.65 -26.03
CA PHE C 294 -26.99 -43.21 -27.16
C PHE C 294 -26.54 -41.78 -26.88
N GLY C 295 -25.24 -41.52 -27.06
CA GLY C 295 -24.67 -40.26 -26.67
C GLY C 295 -24.12 -39.49 -27.85
N GLY C 296 -22.84 -39.69 -28.14
CA GLY C 296 -22.17 -39.03 -29.24
C GLY C 296 -22.93 -39.14 -30.56
N LEU C 297 -22.93 -38.06 -31.33
CA LEU C 297 -23.62 -38.03 -32.62
C LEU C 297 -22.77 -37.22 -33.57
N ALA C 298 -22.30 -37.85 -34.64
CA ALA C 298 -21.43 -37.22 -35.62
C ALA C 298 -22.05 -37.36 -37.00
N LEU C 299 -22.42 -36.25 -37.61
CA LEU C 299 -22.75 -36.23 -39.02
C LEU C 299 -21.49 -36.00 -39.84
N ASP C 300 -21.46 -36.59 -41.04
CA ASP C 300 -20.42 -36.32 -42.02
C ASP C 300 -20.90 -35.15 -42.88
N ALA C 301 -20.30 -33.96 -42.68
CA ALA C 301 -20.78 -32.76 -43.35
C ALA C 301 -20.69 -32.87 -44.86
N GLN C 302 -19.74 -33.65 -45.38
CA GLN C 302 -19.61 -33.77 -46.81
CA GLN C 302 -19.57 -33.81 -46.81
C GLN C 302 -20.49 -34.86 -47.41
N HIS C 303 -21.12 -35.69 -46.58
CA HIS C 303 -21.97 -36.78 -47.05
C HIS C 303 -23.19 -36.84 -46.16
N PRO C 304 -24.27 -36.15 -46.54
CA PRO C 304 -25.36 -35.90 -45.58
C PRO C 304 -26.12 -37.13 -45.12
N ASN C 305 -25.93 -38.30 -45.75
CA ASN C 305 -26.58 -39.52 -45.28
C ASN C 305 -25.64 -40.40 -44.46
N THR C 306 -24.44 -39.92 -44.15
CA THR C 306 -23.49 -40.66 -43.32
C THR C 306 -23.46 -40.06 -41.92
N LEU C 307 -23.55 -40.92 -40.92
CA LEU C 307 -23.52 -40.46 -39.53
C LEU C 307 -23.03 -41.59 -38.66
N MSE C 308 -22.57 -41.24 -37.46
CA MSE C 308 -22.20 -42.22 -36.45
C MSE C 308 -22.78 -41.85 -35.08
O MSE C 308 -22.97 -40.68 -34.79
CB MSE C 308 -20.68 -42.35 -36.33
CG MSE C 308 -19.99 -42.65 -37.64
SE MSE C 308 -18.14 -43.13 -37.38
CE MSE C 308 -17.51 -41.49 -36.55
N VAL C 309 -23.05 -42.86 -34.26
CA VAL C 309 -23.47 -42.66 -32.87
C VAL C 309 -22.67 -43.60 -32.00
N SER C 310 -22.53 -43.23 -30.72
CA SER C 310 -21.82 -44.04 -29.76
C SER C 310 -22.71 -44.37 -28.58
N SER C 311 -22.45 -45.52 -27.95
CA SER C 311 -23.19 -45.94 -26.78
C SER C 311 -22.75 -45.14 -25.56
N LEU C 312 -23.69 -44.95 -24.63
CA LEU C 312 -23.43 -44.19 -23.41
C LEU C 312 -24.43 -44.67 -22.36
N ASN C 313 -24.06 -45.70 -21.58
CA ASN C 313 -22.82 -46.46 -21.68
C ASN C 313 -23.15 -47.96 -21.73
N ALA C 314 -22.54 -48.69 -22.67
CA ALA C 314 -22.76 -50.12 -22.76
C ALA C 314 -21.87 -50.90 -21.78
N TRP C 315 -20.69 -50.37 -21.48
CA TRP C 315 -19.76 -50.88 -20.48
C TRP C 315 -19.10 -52.21 -20.85
N TRP C 316 -19.88 -53.23 -21.21
CA TRP C 316 -19.32 -54.58 -21.35
C TRP C 316 -19.70 -55.19 -22.70
N PRO C 317 -18.74 -55.78 -23.43
CA PRO C 317 -17.32 -55.83 -23.06
C PRO C 317 -16.61 -54.53 -23.35
N ASP C 318 -17.30 -53.65 -24.09
CA ASP C 318 -16.75 -52.36 -24.49
C ASP C 318 -17.91 -51.53 -25.03
N GLU C 319 -17.64 -50.25 -25.26
CA GLU C 319 -18.61 -49.40 -25.95
C GLU C 319 -18.66 -49.77 -27.42
N VAL C 320 -19.63 -49.19 -28.12
CA VAL C 320 -19.85 -49.44 -29.54
C VAL C 320 -20.02 -48.10 -30.25
N ILE C 321 -19.34 -47.94 -31.39
CA ILE C 321 -19.66 -46.90 -32.35
C ILE C 321 -20.40 -47.57 -33.49
N PHE C 322 -21.51 -46.97 -33.92
CA PHE C 322 -22.29 -47.46 -35.04
C PHE C 322 -22.18 -46.46 -36.18
N ARG C 323 -22.02 -46.96 -37.40
CA ARG C 323 -21.88 -46.09 -38.58
C ARG C 323 -22.95 -46.45 -39.59
N SER C 324 -23.61 -45.42 -40.13
CA SER C 324 -24.59 -45.59 -41.19
C SER C 324 -24.20 -44.68 -42.36
N THR C 325 -24.33 -45.22 -43.57
CA THR C 325 -24.14 -44.42 -44.78
C THR C 325 -25.43 -44.23 -45.56
N ASN C 326 -26.57 -44.58 -44.98
CA ASN C 326 -27.85 -44.42 -45.64
C ASN C 326 -28.86 -43.76 -44.72
N GLY C 327 -28.42 -42.75 -43.97
CA GLY C 327 -29.34 -41.97 -43.16
C GLY C 327 -29.97 -42.74 -42.00
N GLY C 328 -29.30 -43.76 -41.49
CA GLY C 328 -29.81 -44.53 -40.38
C GLY C 328 -30.68 -45.71 -40.74
N ALA C 329 -30.85 -46.03 -42.03
CA ALA C 329 -31.67 -47.18 -42.39
C ALA C 329 -31.02 -48.48 -41.92
N THR C 330 -29.70 -48.60 -42.08
CA THR C 330 -28.94 -49.73 -41.55
C THR C 330 -27.67 -49.20 -40.91
N TRP C 331 -27.12 -49.97 -39.96
CA TRP C 331 -25.92 -49.61 -39.23
C TRP C 331 -24.90 -50.72 -39.30
N SER C 332 -23.62 -50.32 -39.30
CA SER C 332 -22.50 -51.23 -39.14
C SER C 332 -21.85 -50.95 -37.78
N ARG C 333 -21.53 -52.01 -37.03
CA ARG C 333 -20.89 -51.89 -35.74
C ARG C 333 -19.38 -51.85 -35.89
N ILE C 334 -18.71 -51.11 -35.01
CA ILE C 334 -17.25 -51.09 -35.07
C ILE C 334 -16.62 -52.37 -34.56
N TRP C 335 -17.40 -53.23 -33.88
CA TRP C 335 -16.97 -54.58 -33.56
C TRP C 335 -18.20 -55.47 -33.46
N ASP C 336 -17.99 -56.77 -33.62
CA ASP C 336 -19.06 -57.75 -33.61
C ASP C 336 -18.61 -58.98 -32.83
N TRP C 337 -19.57 -59.78 -32.40
CA TRP C 337 -19.25 -61.07 -31.81
C TRP C 337 -18.93 -62.08 -32.91
N GLY C 338 -17.95 -62.93 -32.64
CA GLY C 338 -17.71 -64.09 -33.47
C GLY C 338 -18.37 -65.28 -32.83
N ASN C 339 -17.60 -66.34 -32.56
CA ASN C 339 -18.06 -67.40 -31.68
C ASN C 339 -17.76 -66.98 -30.26
N TYR C 340 -18.81 -66.65 -29.49
CA TYR C 340 -18.63 -66.16 -28.13
C TYR C 340 -17.67 -67.07 -27.37
N PRO C 341 -16.72 -66.51 -26.60
CA PRO C 341 -16.52 -65.08 -26.31
C PRO C 341 -15.67 -64.31 -27.32
N GLU C 342 -15.36 -64.89 -28.48
CA GLU C 342 -14.51 -64.21 -29.43
C GLU C 342 -15.26 -63.06 -30.12
N ARG C 343 -14.51 -62.02 -30.49
CA ARG C 343 -15.05 -60.87 -31.19
C ARG C 343 -14.24 -60.61 -32.45
N THR C 344 -14.84 -59.87 -33.38
CA THR C 344 -14.16 -59.35 -34.54
C THR C 344 -14.19 -57.82 -34.46
N TYR C 345 -13.18 -57.18 -35.06
CA TYR C 345 -12.97 -55.76 -34.86
C TYR C 345 -12.78 -55.04 -36.18
N LYS C 346 -13.42 -53.88 -36.31
CA LYS C 346 -13.20 -52.96 -37.41
C LYS C 346 -12.29 -51.80 -37.03
N PHE C 347 -11.62 -51.89 -35.88
CA PHE C 347 -10.73 -50.84 -35.43
C PHE C 347 -9.50 -51.48 -34.78
N SER C 348 -8.44 -50.69 -34.69
CA SER C 348 -7.23 -51.05 -33.98
C SER C 348 -6.85 -49.88 -33.07
N MSE C 349 -6.50 -50.18 -31.82
CA MSE C 349 -6.15 -49.13 -30.86
C MSE C 349 -4.65 -48.92 -30.79
O MSE C 349 -3.88 -49.87 -30.71
CB MSE C 349 -6.69 -49.47 -29.45
CG MSE C 349 -8.21 -49.64 -29.37
SE MSE C 349 -9.19 -48.01 -29.67
CE MSE C 349 -8.49 -46.98 -28.17
N ASP C 350 -4.24 -47.66 -30.79
CA ASP C 350 -2.82 -47.27 -30.72
C ASP C 350 -2.67 -46.34 -29.54
N ILE C 351 -2.03 -46.81 -28.48
CA ILE C 351 -1.80 -45.95 -27.31
C ILE C 351 -0.30 -45.77 -27.10
N THR C 352 0.47 -45.82 -28.19
CA THR C 352 1.90 -45.60 -28.05
C THR C 352 2.23 -44.23 -27.50
N ALA C 353 1.34 -43.25 -27.68
CA ALA C 353 1.56 -41.93 -27.11
C ALA C 353 1.27 -41.88 -25.61
N ALA C 354 0.63 -42.92 -25.06
CA ALA C 354 0.36 -42.98 -23.62
C ALA C 354 0.21 -44.45 -23.23
N PRO C 355 1.32 -45.20 -23.18
CA PRO C 355 1.23 -46.66 -23.04
C PRO C 355 0.61 -47.13 -21.73
N TRP C 356 0.53 -46.26 -20.71
CA TRP C 356 -0.11 -46.65 -19.47
C TRP C 356 -1.62 -46.82 -19.59
N LEU C 357 -2.22 -46.45 -20.73
CA LEU C 357 -3.65 -46.63 -20.91
C LEU C 357 -4.07 -48.09 -20.96
N ASP C 358 -3.12 -49.03 -20.94
CA ASP C 358 -3.49 -50.43 -20.78
C ASP C 358 -3.65 -50.84 -19.31
N HIS C 359 -3.40 -49.91 -18.39
CA HIS C 359 -3.55 -50.13 -16.95
C HIS C 359 -2.75 -51.34 -16.47
N GLY C 360 -1.68 -51.67 -17.20
CA GLY C 360 -0.83 -52.77 -16.81
C GLY C 360 -1.47 -54.14 -16.93
N THR C 361 -2.56 -54.27 -17.68
CA THR C 361 -3.26 -55.54 -17.80
C THR C 361 -3.28 -56.01 -19.25
N THR C 362 -3.17 -57.32 -19.43
CA THR C 362 -3.24 -57.91 -20.77
C THR C 362 -4.66 -57.86 -21.30
N SER C 363 -4.79 -57.59 -22.59
CA SER C 363 -6.11 -57.47 -23.20
C SER C 363 -6.71 -58.84 -23.49
N THR C 364 -8.00 -58.97 -23.26
CA THR C 364 -8.77 -60.15 -23.65
C THR C 364 -10.03 -59.69 -24.37
N SER C 365 -10.70 -60.66 -25.00
CA SER C 365 -11.92 -60.34 -25.72
C SER C 365 -12.96 -59.71 -24.81
N LEU C 366 -13.16 -60.26 -23.61
CA LEU C 366 -14.17 -59.77 -22.70
C LEU C 366 -13.71 -58.61 -21.84
N ASP C 367 -12.40 -58.46 -21.66
CA ASP C 367 -11.82 -57.34 -20.89
C ASP C 367 -10.76 -56.69 -21.76
N PRO C 368 -11.18 -55.91 -22.77
CA PRO C 368 -10.19 -55.28 -23.65
C PRO C 368 -9.34 -54.27 -22.90
N SER C 369 -8.10 -54.16 -23.32
CA SER C 369 -7.17 -53.21 -22.72
C SER C 369 -6.17 -52.76 -23.78
N PRO C 370 -6.25 -51.50 -24.25
CA PRO C 370 -7.21 -50.46 -23.82
C PRO C 370 -8.59 -50.66 -24.41
N LYS C 371 -9.62 -50.18 -23.69
CA LYS C 371 -10.96 -50.13 -24.24
C LYS C 371 -11.05 -49.09 -25.34
N LEU C 372 -12.03 -49.30 -26.24
CA LEU C 372 -12.42 -48.26 -27.18
C LEU C 372 -12.69 -46.94 -26.46
N GLY C 373 -13.37 -47.01 -25.33
CA GLY C 373 -13.59 -45.84 -24.51
C GLY C 373 -14.69 -46.08 -23.49
N TRP C 374 -15.16 -44.98 -22.91
CA TRP C 374 -16.27 -44.94 -21.98
C TRP C 374 -16.63 -43.47 -21.83
N MSE C 375 -17.83 -43.21 -21.34
CA MSE C 375 -18.36 -41.84 -21.25
C MSE C 375 -18.24 -41.12 -22.60
O MSE C 375 -17.90 -39.94 -22.67
CB MSE C 375 -17.61 -41.06 -20.15
CG MSE C 375 -17.81 -41.65 -18.76
SE MSE C 375 -16.47 -41.06 -17.46
CE MSE C 375 -16.86 -39.15 -17.51
N MSE C 376 -18.55 -41.84 -23.67
CA MSE C 376 -18.47 -41.28 -25.01
C MSE C 376 -19.73 -40.49 -25.36
O MSE C 376 -20.56 -40.93 -26.17
CB MSE C 376 -18.20 -42.38 -26.03
CG MSE C 376 -16.84 -43.04 -25.80
SE MSE C 376 -16.62 -44.74 -26.73
CE MSE C 376 -16.66 -44.07 -28.56
N GLY C 377 -19.87 -39.33 -24.73
CA GLY C 377 -21.01 -38.46 -24.96
C GLY C 377 -20.92 -37.57 -26.18
N ASP C 378 -19.75 -37.52 -26.82
CA ASP C 378 -19.51 -36.62 -27.95
C ASP C 378 -18.64 -37.33 -28.97
N LEU C 379 -19.05 -37.25 -30.24
CA LEU C 379 -18.38 -37.90 -31.35
C LEU C 379 -18.36 -36.94 -32.52
N GLU C 380 -17.23 -36.83 -33.21
CA GLU C 380 -17.09 -35.83 -34.25
C GLU C 380 -16.43 -36.41 -35.50
N ILE C 381 -16.96 -36.04 -36.67
CA ILE C 381 -16.29 -36.21 -37.95
C ILE C 381 -15.90 -34.83 -38.45
N ASP C 382 -14.62 -34.65 -38.78
CA ASP C 382 -14.11 -33.42 -39.35
C ASP C 382 -14.97 -33.00 -40.53
N PRO C 383 -15.58 -31.80 -40.50
CA PRO C 383 -16.44 -31.39 -41.61
C PRO C 383 -15.69 -31.12 -42.90
N PHE C 384 -14.36 -31.15 -42.89
CA PHE C 384 -13.56 -30.97 -44.09
C PHE C 384 -12.73 -32.21 -44.43
N ASN C 385 -12.92 -33.31 -43.70
CA ASN C 385 -12.14 -34.52 -43.95
C ASN C 385 -12.93 -35.70 -43.39
N SER C 386 -13.66 -36.39 -44.27
CA SER C 386 -14.45 -37.55 -43.86
C SER C 386 -13.60 -38.66 -43.24
N ASN C 387 -12.28 -38.61 -43.40
CA ASN C 387 -11.40 -39.63 -42.84
C ASN C 387 -10.98 -39.33 -41.41
N ARG C 388 -11.25 -38.13 -40.89
CA ARG C 388 -10.80 -37.76 -39.55
C ARG C 388 -11.98 -37.80 -38.58
N MSE C 389 -11.83 -38.58 -37.51
CA MSE C 389 -12.78 -38.65 -36.42
C MSE C 389 -12.08 -38.30 -35.11
O MSE C 389 -10.88 -38.56 -34.96
CB MSE C 389 -13.40 -40.06 -36.34
CG MSE C 389 -13.88 -40.48 -34.94
SE MSE C 389 -14.41 -42.36 -34.78
CE MSE C 389 -12.63 -43.08 -34.44
N MSE C 390 -12.80 -37.68 -34.17
CA MSE C 390 -12.30 -37.50 -32.81
C MSE C 390 -13.44 -37.74 -31.81
O MSE C 390 -14.60 -37.47 -32.13
CB MSE C 390 -11.76 -36.09 -32.59
CG MSE C 390 -10.44 -35.78 -33.29
SE MSE C 390 -9.91 -33.95 -32.83
CE MSE C 390 -8.29 -33.82 -33.91
N TYR C 391 -13.12 -38.26 -30.63
CA TYR C 391 -14.11 -38.35 -29.57
C TYR C 391 -13.41 -38.31 -28.22
N GLY C 392 -14.12 -37.79 -27.22
CA GLY C 392 -13.59 -37.79 -25.87
C GLY C 392 -14.04 -39.02 -25.11
N THR C 393 -13.18 -39.47 -24.21
CA THR C 393 -13.57 -40.44 -23.20
C THR C 393 -13.36 -39.84 -21.82
N GLY C 394 -13.63 -40.62 -20.78
CA GLY C 394 -13.32 -40.16 -19.45
C GLY C 394 -11.84 -40.04 -19.13
N ALA C 395 -10.97 -40.44 -20.06
CA ALA C 395 -9.53 -40.40 -19.81
C ALA C 395 -8.71 -39.69 -20.89
N THR C 396 -9.22 -39.51 -22.11
CA THR C 396 -8.35 -38.98 -23.17
C THR C 396 -9.20 -38.50 -24.35
N ILE C 397 -8.52 -38.12 -25.43
CA ILE C 397 -9.14 -37.86 -26.73
C ILE C 397 -8.59 -38.89 -27.70
N TYR C 398 -9.48 -39.70 -28.29
CA TYR C 398 -9.09 -40.63 -29.32
C TYR C 398 -9.52 -40.09 -30.68
N GLY C 399 -8.84 -40.56 -31.73
CA GLY C 399 -9.22 -40.16 -33.07
C GLY C 399 -8.64 -41.07 -34.12
N SER C 400 -9.04 -40.82 -35.36
CA SER C 400 -8.52 -41.58 -36.49
C SER C 400 -8.32 -40.63 -37.66
N ASN C 401 -7.39 -41.01 -38.55
CA ASN C 401 -7.20 -40.31 -39.81
C ASN C 401 -7.53 -41.17 -41.02
N ASN C 402 -8.08 -42.37 -40.82
CA ASN C 402 -8.49 -43.24 -41.94
C ASN C 402 -9.88 -43.81 -41.67
N LEU C 403 -10.82 -42.93 -41.29
CA LEU C 403 -12.14 -43.40 -40.89
C LEU C 403 -12.85 -44.14 -42.02
N THR C 404 -12.68 -43.71 -43.27
CA THR C 404 -13.47 -44.35 -44.32
C THR C 404 -12.99 -45.76 -44.63
N SER C 405 -11.86 -46.20 -44.07
CA SER C 405 -11.52 -47.61 -44.14
C SER C 405 -12.65 -48.49 -43.64
N TRP C 406 -13.45 -47.97 -42.70
CA TRP C 406 -14.64 -48.67 -42.22
C TRP C 406 -15.53 -49.09 -43.38
N ASP C 407 -15.75 -48.19 -44.34
CA ASP C 407 -16.72 -48.45 -45.42
C ASP C 407 -16.21 -49.42 -46.47
N THR C 408 -14.89 -49.60 -46.59
CA THR C 408 -14.31 -50.43 -47.64
C THR C 408 -13.76 -51.76 -47.12
N GLY C 409 -14.21 -52.18 -45.94
CA GLY C 409 -13.78 -53.45 -45.39
C GLY C 409 -12.44 -53.44 -44.66
N GLY C 410 -11.86 -52.27 -44.42
CA GLY C 410 -10.60 -52.16 -43.74
C GLY C 410 -10.76 -51.93 -42.25
N LYS C 411 -9.66 -51.53 -41.62
CA LYS C 411 -9.61 -51.27 -40.19
C LYS C 411 -9.35 -49.80 -39.94
N VAL C 412 -10.19 -49.20 -39.08
CA VAL C 412 -9.99 -47.84 -38.59
C VAL C 412 -8.87 -47.87 -37.55
N ASN C 413 -7.79 -47.13 -37.82
CA ASN C 413 -6.71 -47.00 -36.84
C ASN C 413 -7.07 -45.86 -35.89
N ILE C 414 -7.30 -46.20 -34.63
CA ILE C 414 -7.64 -45.22 -33.60
C ILE C 414 -6.41 -45.01 -32.71
N SER C 415 -6.04 -43.75 -32.49
CA SER C 415 -4.85 -43.43 -31.71
C SER C 415 -5.15 -42.31 -30.73
N VAL C 416 -4.28 -42.18 -29.73
CA VAL C 416 -4.38 -41.08 -28.77
C VAL C 416 -4.15 -39.77 -29.51
N MSE C 417 -5.10 -38.84 -29.40
CA MSE C 417 -4.94 -37.54 -30.03
C MSE C 417 -5.08 -36.42 -29.02
O MSE C 417 -5.77 -35.42 -29.27
CB MSE C 417 -5.97 -37.36 -31.16
CG MSE C 417 -5.57 -38.07 -32.43
SE MSE C 417 -6.71 -37.61 -33.93
CE MSE C 417 -6.01 -38.92 -35.17
N ALA C 418 -4.43 -36.59 -27.87
CA ALA C 418 -4.54 -35.66 -26.76
C ALA C 418 -3.18 -35.05 -26.41
N LYS C 419 -2.29 -34.95 -27.40
CA LYS C 419 -0.99 -34.35 -27.15
C LYS C 419 -1.16 -32.91 -26.69
N GLY C 420 -0.46 -32.55 -25.62
CA GLY C 420 -0.58 -31.23 -25.03
C GLY C 420 -1.69 -31.09 -24.00
N VAL C 421 -2.61 -32.05 -23.92
CA VAL C 421 -3.68 -32.01 -22.93
C VAL C 421 -3.17 -32.54 -21.61
N GLU C 422 -3.40 -31.80 -20.53
CA GLU C 422 -3.17 -32.32 -19.19
C GLU C 422 -4.36 -31.92 -18.33
N GLU C 423 -5.05 -32.91 -17.79
CA GLU C 423 -6.33 -32.66 -17.15
C GLU C 423 -6.46 -33.35 -15.79
N THR C 424 -5.37 -33.87 -15.23
CA THR C 424 -5.51 -34.62 -13.99
C THR C 424 -5.60 -33.68 -12.78
N ALA C 425 -6.16 -34.21 -11.69
CA ALA C 425 -6.18 -33.55 -10.41
C ALA C 425 -5.08 -34.16 -9.54
N VAL C 426 -4.21 -33.31 -9.00
CA VAL C 426 -3.00 -33.75 -8.31
C VAL C 426 -3.28 -33.79 -6.81
N LEU C 427 -3.25 -35.00 -6.22
CA LEU C 427 -3.44 -35.16 -4.79
C LEU C 427 -2.15 -35.05 -4.00
N GLY C 428 -1.01 -35.33 -4.62
CA GLY C 428 0.26 -35.25 -3.92
C GLY C 428 1.41 -35.35 -4.88
N LEU C 429 2.55 -34.80 -4.45
CA LEU C 429 3.78 -34.78 -5.24
C LEU C 429 4.97 -35.03 -4.31
N ILE C 430 5.90 -35.86 -4.76
CA ILE C 430 7.18 -36.01 -4.08
C ILE C 430 8.29 -35.96 -5.13
N SER C 431 9.37 -35.27 -4.80
CA SER C 431 10.56 -35.22 -5.64
C SER C 431 11.64 -36.03 -4.96
N PRO C 432 11.88 -37.27 -5.36
CA PRO C 432 12.84 -38.13 -4.64
C PRO C 432 14.24 -37.54 -4.71
N PRO C 433 15.00 -37.63 -3.62
CA PRO C 433 16.34 -37.04 -3.61
C PRO C 433 17.40 -37.86 -4.31
N THR C 434 17.12 -39.12 -4.65
CA THR C 434 18.08 -39.96 -5.37
C THR C 434 17.34 -40.73 -6.45
N GLY C 435 18.11 -41.35 -7.34
CA GLY C 435 17.55 -42.14 -8.42
C GLY C 435 17.18 -41.30 -9.63
N THR C 436 16.80 -42.00 -10.69
CA THR C 436 16.57 -41.36 -11.97
C THR C 436 15.23 -40.62 -12.07
N SER C 437 14.33 -40.79 -11.10
CA SER C 437 13.07 -40.07 -11.11
C SER C 437 13.17 -38.85 -10.22
N HIS C 438 12.78 -37.70 -10.76
CA HIS C 438 12.69 -36.47 -10.00
C HIS C 438 11.28 -36.14 -9.55
N LEU C 439 10.31 -36.99 -9.89
CA LEU C 439 8.91 -36.66 -9.58
C LEU C 439 8.06 -37.91 -9.61
N ILE C 440 7.35 -38.14 -8.51
CA ILE C 440 6.30 -39.15 -8.45
C ILE C 440 5.01 -38.45 -8.07
N THR C 441 3.95 -38.70 -8.83
CA THR C 441 2.68 -38.02 -8.62
C THR C 441 1.64 -38.97 -8.04
N ALA C 442 0.74 -38.39 -7.25
CA ALA C 442 -0.48 -39.04 -6.80
C ALA C 442 -1.64 -38.30 -7.45
N LEU C 443 -2.43 -39.02 -8.25
CA LEU C 443 -3.45 -38.40 -9.09
C LEU C 443 -4.80 -39.07 -8.87
N GLY C 444 -5.86 -38.31 -9.17
CA GLY C 444 -7.18 -38.90 -9.24
C GLY C 444 -7.38 -39.64 -10.55
N ASP C 445 -8.23 -40.68 -10.50
CA ASP C 445 -8.71 -41.42 -11.67
C ASP C 445 -7.65 -42.29 -12.33
N VAL C 446 -6.42 -41.81 -12.46
CA VAL C 446 -5.37 -42.57 -13.14
C VAL C 446 -4.19 -42.86 -12.21
N SER C 447 -4.42 -42.77 -10.89
CA SER C 447 -3.53 -43.23 -9.84
C SER C 447 -2.28 -42.35 -9.67
N GLY C 448 -1.53 -42.13 -10.74
CA GLY C 448 -0.27 -41.42 -10.65
C GLY C 448 0.86 -42.22 -11.26
N PHE C 449 2.02 -41.57 -11.36
CA PHE C 449 3.13 -42.15 -12.10
C PHE C 449 4.45 -41.76 -11.48
N ARG C 450 5.42 -42.64 -11.64
CA ARG C 450 6.83 -42.32 -11.46
C ARG C 450 7.36 -41.78 -12.78
N HIS C 451 7.71 -40.49 -12.81
CA HIS C 451 8.19 -39.88 -14.04
C HIS C 451 9.71 -39.97 -14.12
N GLU C 452 10.20 -40.30 -15.31
CA GLU C 452 11.63 -40.25 -15.55
C GLU C 452 11.95 -39.02 -16.39
N ASP C 453 11.69 -39.10 -17.68
CA ASP C 453 11.75 -37.95 -18.56
C ASP C 453 10.42 -37.21 -18.45
N LEU C 454 10.46 -35.96 -17.96
CA LEU C 454 9.23 -35.21 -17.76
C LEU C 454 8.55 -34.82 -19.07
N SER C 455 9.16 -35.12 -20.21
CA SER C 455 8.56 -34.88 -21.51
C SER C 455 8.10 -36.16 -22.19
N VAL C 456 8.21 -37.31 -21.53
CA VAL C 456 7.87 -38.59 -22.10
C VAL C 456 6.74 -39.19 -21.29
N ALA C 457 5.70 -39.67 -21.97
CA ALA C 457 4.56 -40.24 -21.26
C ALA C 457 5.01 -41.48 -20.50
N PRO C 458 4.55 -41.67 -19.27
CA PRO C 458 4.91 -42.89 -18.53
C PRO C 458 4.47 -44.13 -19.29
N THR C 459 5.28 -45.18 -19.20
CA THR C 459 4.98 -46.44 -19.85
C THR C 459 4.22 -47.39 -18.94
N LYS C 460 4.21 -47.15 -17.64
CA LYS C 460 3.78 -48.12 -16.65
C LYS C 460 2.66 -47.55 -15.80
N PHE C 461 1.51 -48.21 -15.80
CA PHE C 461 0.45 -47.88 -14.85
C PHE C 461 0.79 -48.48 -13.49
N GLN C 462 0.37 -47.79 -12.43
CA GLN C 462 0.68 -48.26 -11.08
C GLN C 462 -0.21 -49.46 -10.75
N THR C 463 0.41 -50.62 -10.53
CA THR C 463 -0.31 -51.86 -10.27
C THR C 463 0.24 -52.52 -9.01
N SER C 464 -0.49 -53.54 -8.54
CA SER C 464 -0.22 -54.28 -7.30
C SER C 464 0.24 -53.36 -6.18
N PRO C 465 -0.61 -52.46 -5.70
CA PRO C 465 -2.05 -52.35 -6.01
C PRO C 465 -2.37 -51.49 -7.21
N SER C 466 -3.50 -51.77 -7.85
CA SER C 466 -4.05 -50.97 -8.92
C SER C 466 -5.36 -50.37 -8.43
N TRP C 467 -5.48 -49.04 -8.51
CA TRP C 467 -6.72 -48.39 -8.14
C TRP C 467 -6.91 -47.13 -8.97
N ALA C 468 -8.07 -46.49 -8.80
CA ALA C 468 -8.35 -45.29 -9.57
C ALA C 468 -7.57 -44.09 -9.05
N THR C 469 -7.57 -43.88 -7.74
CA THR C 469 -7.08 -42.63 -7.17
C THR C 469 -6.10 -42.88 -6.04
N THR C 470 -4.90 -42.30 -6.15
CA THR C 470 -3.95 -42.27 -5.05
C THR C 470 -4.16 -40.97 -4.27
N MSE C 471 -4.60 -41.08 -3.03
CA MSE C 471 -4.91 -39.91 -2.22
C MSE C 471 -3.65 -39.30 -1.60
O MSE C 471 -3.62 -38.11 -1.31
CB MSE C 471 -5.93 -40.27 -1.13
CG MSE C 471 -6.65 -39.07 -0.53
SE MSE C 471 -7.75 -38.09 -1.81
CE MSE C 471 -9.21 -39.34 -2.05
N SER C 472 -2.62 -40.12 -1.37
CA SER C 472 -1.48 -39.65 -0.59
C SER C 472 -0.29 -40.56 -0.83
N ILE C 473 0.90 -39.97 -0.84
CA ILE C 473 2.14 -40.71 -1.02
C ILE C 473 3.23 -40.06 -0.17
N ASP C 474 4.12 -40.88 0.40
CA ASP C 474 5.25 -40.38 1.16
C ASP C 474 6.41 -41.37 1.01
N TYR C 475 7.59 -40.93 1.41
CA TYR C 475 8.79 -41.74 1.35
C TYR C 475 9.60 -41.55 2.62
N ALA C 476 10.47 -42.51 2.90
CA ALA C 476 11.35 -42.43 4.07
C ALA C 476 12.53 -41.54 3.70
N GLU C 477 12.65 -40.38 4.36
CA GLU C 477 13.66 -39.42 3.95
C GLU C 477 15.06 -40.01 4.04
N LEU C 478 15.31 -40.81 5.08
CA LEU C 478 16.63 -41.42 5.26
C LEU C 478 16.82 -42.69 4.45
N SER C 479 15.76 -43.22 3.85
CA SER C 479 15.82 -44.41 3.01
C SER C 479 14.94 -44.18 1.79
N PRO C 480 15.34 -43.27 0.89
CA PRO C 480 14.39 -42.69 -0.06
C PRO C 480 13.86 -43.67 -1.11
N SER C 481 14.46 -44.84 -1.28
CA SER C 481 13.92 -45.84 -2.17
C SER C 481 12.64 -46.46 -1.62
N TYR C 482 12.38 -46.29 -0.33
CA TYR C 482 11.21 -46.87 0.33
C TYR C 482 10.10 -45.82 0.36
N MSE C 483 8.96 -46.16 -0.24
CA MSE C 483 7.83 -45.23 -0.26
C MSE C 483 6.50 -45.95 -0.18
O MSE C 483 6.41 -47.16 -0.44
CB MSE C 483 7.87 -44.36 -1.52
CG MSE C 483 7.99 -45.13 -2.81
SE MSE C 483 8.18 -43.92 -4.34
CE MSE C 483 9.83 -43.05 -3.79
N VAL C 484 5.46 -45.23 0.21
CA VAL C 484 4.13 -45.79 0.47
C VAL C 484 3.08 -44.87 -0.14
N ARG C 485 2.07 -45.48 -0.78
CA ARG C 485 0.93 -44.75 -1.33
C ARG C 485 -0.34 -45.39 -0.82
N VAL C 486 -1.38 -44.56 -0.63
CA VAL C 486 -2.69 -45.03 -0.21
C VAL C 486 -3.74 -44.51 -1.17
N GLY C 487 -4.76 -45.32 -1.39
CA GLY C 487 -5.88 -44.98 -2.26
C GLY C 487 -7.09 -45.75 -1.80
N SER C 488 -7.93 -46.14 -2.75
CA SER C 488 -9.14 -46.89 -2.43
C SER C 488 -9.32 -48.00 -3.45
N ALA C 489 -9.05 -49.23 -3.03
CA ALA C 489 -9.17 -50.38 -3.91
C ALA C 489 -10.65 -50.71 -4.17
N ASP C 490 -10.91 -51.18 -5.39
CA ASP C 490 -12.24 -51.68 -5.77
C ASP C 490 -12.29 -53.16 -5.40
N LYS C 491 -12.79 -53.45 -4.21
CA LYS C 491 -12.83 -54.84 -3.76
C LYS C 491 -14.03 -55.60 -4.29
N GLU C 492 -15.00 -54.93 -4.92
CA GLU C 492 -16.01 -55.66 -5.68
C GLU C 492 -15.39 -56.36 -6.87
N LYS C 493 -14.52 -55.66 -7.59
CA LYS C 493 -13.85 -56.25 -8.74
C LYS C 493 -12.75 -57.22 -8.30
N THR C 494 -11.90 -56.79 -7.37
CA THR C 494 -10.78 -57.59 -6.88
C THR C 494 -10.84 -57.64 -5.36
N PRO C 495 -11.51 -58.63 -4.78
CA PRO C 495 -11.62 -58.69 -3.32
C PRO C 495 -10.28 -58.76 -2.58
N SER C 496 -9.22 -59.27 -3.21
CA SER C 496 -7.94 -59.35 -2.55
C SER C 496 -7.12 -58.06 -2.63
N MSE C 497 -7.56 -57.09 -3.41
CA MSE C 497 -6.82 -55.83 -3.56
C MSE C 497 -6.80 -55.04 -2.25
O MSE C 497 -7.79 -55.00 -1.52
CB MSE C 497 -7.44 -54.98 -4.68
CG MSE C 497 -6.52 -53.91 -5.22
SE MSE C 497 -5.18 -54.62 -6.45
CE MSE C 497 -6.29 -54.73 -8.05
N LYS C 498 -5.66 -54.41 -1.96
CA LYS C 498 -5.50 -53.57 -0.79
C LYS C 498 -5.48 -52.10 -1.20
N SER C 499 -5.81 -51.22 -0.24
CA SER C 499 -5.81 -49.79 -0.48
C SER C 499 -4.49 -49.12 -0.11
N ILE C 500 -3.43 -49.90 0.13
CA ILE C 500 -2.10 -49.36 0.40
C ILE C 500 -1.08 -50.10 -0.46
N GLY C 501 -0.16 -49.35 -1.04
CA GLY C 501 0.92 -49.92 -1.83
C GLY C 501 2.27 -49.47 -1.28
N ILE C 502 3.25 -50.36 -1.37
CA ILE C 502 4.58 -50.11 -0.82
C ILE C 502 5.61 -50.42 -1.90
N SER C 503 6.65 -49.60 -1.98
CA SER C 503 7.73 -49.85 -2.93
C SER C 503 9.06 -49.82 -2.20
N ASN C 504 9.94 -50.72 -2.63
CA ASN C 504 11.29 -50.83 -2.11
C ASN C 504 12.33 -50.30 -3.07
N ASP C 505 11.93 -49.89 -4.28
CA ASP C 505 12.86 -49.50 -5.33
C ASP C 505 12.47 -48.17 -5.97
N GLY C 506 12.03 -47.21 -5.15
CA GLY C 506 11.77 -45.89 -5.66
C GLY C 506 10.52 -45.74 -6.50
N GLY C 507 9.56 -46.64 -6.35
CA GLY C 507 8.31 -46.54 -7.07
C GLY C 507 8.29 -47.19 -8.43
N VAL C 508 9.32 -47.97 -8.78
CA VAL C 508 9.28 -48.72 -10.04
C VAL C 508 8.33 -49.90 -9.90
N ASN C 509 8.45 -50.66 -8.82
CA ASN C 509 7.58 -51.80 -8.54
C ASN C 509 6.93 -51.63 -7.18
N TRP C 510 5.64 -51.98 -7.12
CA TRP C 510 4.87 -51.89 -5.89
C TRP C 510 4.43 -53.28 -5.45
N TYR C 511 4.11 -53.41 -4.17
CA TYR C 511 3.49 -54.61 -3.64
C TYR C 511 2.50 -54.21 -2.55
N MSE C 512 1.63 -55.15 -2.20
CA MSE C 512 0.63 -54.91 -1.18
C MSE C 512 0.93 -55.71 0.08
O MSE C 512 1.26 -56.89 0.01
CB MSE C 512 -0.77 -55.28 -1.71
CG MSE C 512 -1.12 -54.61 -3.02
SE MSE C 512 -2.76 -55.30 -3.81
CE MSE C 512 -2.27 -57.18 -3.93
N PRO C 513 0.81 -55.07 1.25
CA PRO C 513 0.97 -55.81 2.50
C PRO C 513 -0.21 -56.74 2.74
N ASN C 514 -0.20 -57.48 3.85
CA ASN C 514 -1.19 -58.51 4.07
C ASN C 514 -2.45 -58.02 4.79
N SER C 515 -2.46 -56.82 5.35
CA SER C 515 -3.65 -56.37 6.06
C SER C 515 -3.76 -54.85 5.99
N GLU C 516 -4.86 -54.35 6.52
CA GLU C 516 -5.21 -52.93 6.50
C GLU C 516 -5.85 -52.57 7.82
N PRO C 517 -5.88 -51.27 8.17
CA PRO C 517 -6.55 -50.85 9.40
C PRO C 517 -7.98 -51.38 9.48
N SER C 518 -8.35 -51.85 10.67
CA SER C 518 -9.68 -52.37 10.93
C SER C 518 -10.05 -52.03 12.36
N ASN C 519 -11.31 -51.63 12.57
CA ASN C 519 -11.81 -51.35 13.91
C ASN C 519 -12.61 -52.51 14.48
N GLY C 520 -12.42 -53.72 13.96
CA GLY C 520 -13.13 -54.88 14.43
C GLY C 520 -14.50 -55.07 13.85
N THR C 521 -15.12 -54.02 13.33
CA THR C 521 -16.39 -54.08 12.62
C THR C 521 -16.23 -53.92 11.10
N LYS C 522 -15.34 -53.03 10.67
CA LYS C 522 -15.13 -52.78 9.26
C LYS C 522 -13.64 -52.58 9.00
N THR C 523 -13.21 -52.99 7.82
CA THR C 523 -11.88 -52.66 7.33
C THR C 523 -11.97 -51.35 6.55
N THR C 524 -10.93 -50.51 6.68
CA THR C 524 -10.96 -49.21 6.04
C THR C 524 -11.18 -49.33 4.53
N VAL C 525 -11.93 -48.38 3.96
CA VAL C 525 -12.02 -48.27 2.51
C VAL C 525 -10.79 -47.58 1.93
N GLY C 526 -9.93 -47.01 2.79
CA GLY C 526 -8.70 -46.42 2.34
C GLY C 526 -8.69 -44.92 2.32
N HIS C 527 -8.01 -44.35 1.33
CA HIS C 527 -7.84 -42.91 1.14
C HIS C 527 -7.25 -42.31 2.41
N GLY C 528 -7.53 -41.03 2.67
CA GLY C 528 -6.91 -40.34 3.77
C GLY C 528 -5.49 -39.90 3.45
N GLN C 529 -4.61 -39.96 4.44
CA GLN C 529 -3.24 -39.49 4.28
C GLN C 529 -2.29 -40.52 4.89
N VAL C 530 -1.10 -40.64 4.30
CA VAL C 530 -0.07 -41.55 4.79
C VAL C 530 1.21 -40.77 5.05
N ALA C 531 1.93 -41.18 6.09
CA ALA C 531 3.25 -40.64 6.40
C ALA C 531 4.19 -41.80 6.71
N VAL C 532 5.44 -41.68 6.27
CA VAL C 532 6.44 -42.72 6.45
C VAL C 532 7.53 -42.17 7.37
N SER C 533 7.91 -42.96 8.37
CA SER C 533 8.94 -42.53 9.31
C SER C 533 10.25 -42.26 8.58
N ALA C 534 11.08 -41.42 9.19
CA ALA C 534 12.33 -40.98 8.56
C ALA C 534 13.17 -42.16 8.07
N SER C 535 13.20 -43.24 8.85
CA SER C 535 13.97 -44.43 8.49
C SER C 535 13.15 -45.48 7.74
N GLY C 536 11.84 -45.28 7.64
CA GLY C 536 10.98 -46.30 7.06
C GLY C 536 10.61 -47.44 8.00
N ASN C 537 10.97 -47.34 9.28
CA ASN C 537 10.66 -48.43 10.21
C ASN C 537 9.21 -48.43 10.67
N SER C 538 8.39 -47.48 10.23
CA SER C 538 6.98 -47.47 10.57
C SER C 538 6.21 -46.67 9.53
N ILE C 539 4.90 -46.95 9.47
CA ILE C 539 3.98 -46.25 8.58
C ILE C 539 2.81 -45.74 9.42
N LEU C 540 2.42 -44.49 9.19
CA LEU C 540 1.24 -43.91 9.81
C LEU C 540 0.18 -43.66 8.75
N TRP C 541 -1.03 -44.18 8.97
CA TRP C 541 -2.11 -44.07 7.99
C TRP C 541 -3.31 -43.41 8.65
N SER C 542 -3.58 -42.16 8.27
CA SER C 542 -4.77 -41.44 8.72
C SER C 542 -5.87 -41.76 7.72
N THR C 543 -6.64 -42.81 7.99
CA THR C 543 -7.63 -43.30 7.04
C THR C 543 -8.77 -42.29 6.89
N SER C 544 -9.49 -42.40 5.78
CA SER C 544 -10.61 -41.51 5.53
C SER C 544 -11.82 -41.83 6.37
N ASP C 545 -11.90 -43.04 6.96
CA ASP C 545 -13.17 -43.47 7.53
C ASP C 545 -13.08 -43.93 8.98
N ILE C 546 -11.96 -44.52 9.42
CA ILE C 546 -11.92 -45.12 10.75
C ILE C 546 -10.75 -44.62 11.59
N GLY C 547 -10.20 -43.45 11.24
CA GLY C 547 -9.19 -42.83 12.08
C GLY C 547 -7.77 -43.27 11.75
N VAL C 548 -6.89 -43.03 12.72
CA VAL C 548 -5.44 -43.09 12.52
C VAL C 548 -4.90 -44.43 13.02
N TYR C 549 -4.12 -45.10 12.18
CA TYR C 549 -3.49 -46.37 12.49
C TYR C 549 -2.01 -46.32 12.13
N TYR C 550 -1.20 -47.08 12.87
CA TYR C 550 0.22 -47.19 12.58
C TYR C 550 0.61 -48.64 12.43
N SER C 551 1.68 -48.87 11.67
CA SER C 551 2.19 -50.22 11.46
C SER C 551 3.71 -50.22 11.67
N LYS C 552 4.19 -51.19 12.42
CA LYS C 552 5.62 -51.46 12.54
C LYS C 552 6.01 -52.76 11.84
N THR C 553 5.12 -53.31 11.00
CA THR C 553 5.36 -54.57 10.31
C THR C 553 5.19 -54.40 8.81
N SER C 554 5.47 -53.21 8.29
CA SER C 554 5.32 -52.91 6.86
C SER C 554 3.89 -53.20 6.40
N GLY C 555 2.91 -52.89 7.25
CA GLY C 555 1.52 -53.01 6.87
C GLY C 555 0.92 -54.39 7.03
N ASN C 556 1.67 -55.35 7.58
CA ASN C 556 1.19 -56.70 7.85
CA ASN C 556 1.07 -56.66 7.77
C ASN C 556 0.33 -56.76 9.11
N SER C 557 0.33 -55.70 9.90
CA SER C 557 -0.52 -55.53 11.07
C SER C 557 -0.69 -54.04 11.28
N TRP C 558 -1.84 -53.64 11.83
CA TRP C 558 -2.13 -52.24 12.07
C TRP C 558 -2.76 -52.07 13.44
N THR C 559 -2.38 -51.00 14.14
CA THR C 559 -2.87 -50.71 15.48
C THR C 559 -3.35 -49.27 15.52
N ALA C 560 -4.50 -49.05 16.17
CA ALA C 560 -5.07 -47.71 16.24
C ALA C 560 -4.19 -46.79 17.06
N SER C 561 -3.89 -45.62 16.53
CA SER C 561 -3.18 -44.61 17.30
C SER C 561 -4.11 -44.05 18.39
N ALA C 562 -3.50 -43.53 19.45
CA ALA C 562 -4.23 -42.91 20.54
C ALA C 562 -3.96 -41.42 20.56
N GLY C 563 -5.00 -40.64 20.90
CA GLY C 563 -4.86 -39.22 21.11
C GLY C 563 -4.97 -38.34 19.88
N LEU C 564 -5.06 -38.93 18.68
CA LEU C 564 -5.16 -38.16 17.45
C LEU C 564 -6.53 -38.39 16.82
N PRO C 565 -7.36 -37.35 16.68
CA PRO C 565 -8.73 -37.56 16.19
C PRO C 565 -8.76 -38.03 14.74
N ALA C 566 -9.81 -38.80 14.44
CA ALA C 566 -10.03 -39.30 13.09
C ALA C 566 -10.15 -38.14 12.10
N GLY C 567 -9.50 -38.28 10.95
CA GLY C 567 -9.49 -37.23 9.96
C GLY C 567 -8.33 -36.26 10.05
N ALA C 568 -7.44 -36.43 11.03
CA ALA C 568 -6.32 -35.52 11.19
C ALA C 568 -5.38 -35.58 9.99
N LYS C 569 -4.77 -34.44 9.67
CA LYS C 569 -3.62 -34.43 8.78
C LYS C 569 -2.39 -34.88 9.55
N ILE C 570 -1.50 -35.59 8.86
CA ILE C 570 -0.34 -36.18 9.51
C ILE C 570 0.92 -35.87 8.70
N ALA C 571 2.05 -35.89 9.39
CA ALA C 571 3.35 -35.68 8.76
C ALA C 571 4.42 -36.32 9.62
N SER C 572 5.42 -36.92 8.98
CA SER C 572 6.53 -37.51 9.70
C SER C 572 7.68 -36.53 9.80
N ASP C 573 8.40 -36.59 10.92
CA ASP C 573 9.67 -35.90 11.00
C ASP C 573 10.65 -36.57 10.04
N ARG C 574 11.47 -35.75 9.38
CA ARG C 574 12.34 -36.28 8.34
C ARG C 574 13.71 -36.72 8.88
N VAL C 575 13.95 -36.58 10.18
CA VAL C 575 15.18 -37.03 10.81
C VAL C 575 14.91 -38.05 11.90
N ASN C 576 14.02 -37.73 12.84
CA ASN C 576 13.74 -38.59 13.98
C ASN C 576 12.64 -39.58 13.61
N PRO C 577 12.94 -40.87 13.47
CA PRO C 577 11.89 -41.82 13.05
C PRO C 577 10.84 -42.11 14.11
N ASN C 578 11.04 -41.67 15.35
CA ASN C 578 10.03 -41.83 16.38
C ASN C 578 8.98 -40.73 16.38
N LYS C 579 9.15 -39.71 15.55
CA LYS C 579 8.43 -38.46 15.65
C LYS C 579 7.48 -38.27 14.48
N TYR C 580 6.18 -38.18 14.77
CA TYR C 580 5.16 -37.81 13.81
C TYR C 580 4.44 -36.56 14.31
N TYR C 581 3.77 -35.86 13.39
CA TYR C 581 3.00 -34.66 13.70
C TYR C 581 1.59 -34.82 13.17
N GLY C 582 0.64 -34.22 13.88
CA GLY C 582 -0.75 -34.29 13.49
C GLY C 582 -1.44 -32.95 13.68
N PHE C 583 -2.54 -32.78 12.95
CA PHE C 583 -3.32 -31.55 13.04
C PHE C 583 -4.78 -31.85 12.78
N TYR C 584 -5.66 -31.33 13.61
CA TYR C 584 -7.10 -31.48 13.39
C TYR C 584 -7.84 -30.31 14.03
N ALA C 585 -8.60 -29.58 13.21
CA ALA C 585 -9.54 -28.57 13.68
C ALA C 585 -8.85 -27.53 14.57
N GLY C 586 -7.68 -27.07 14.16
CA GLY C 586 -6.99 -26.02 14.87
C GLY C 586 -6.01 -26.47 15.94
N THR C 587 -5.98 -27.77 16.28
CA THR C 587 -5.06 -28.28 17.28
C THR C 587 -3.94 -29.05 16.59
N PHE C 588 -2.70 -28.76 17.00
CA PHE C 588 -1.50 -29.44 16.54
C PHE C 588 -1.13 -30.51 17.56
N TYR C 589 -0.63 -31.65 17.06
CA TYR C 589 -0.30 -32.79 17.90
C TYR C 589 1.09 -33.28 17.57
N VAL C 590 1.68 -34.01 18.52
CA VAL C 590 3.00 -34.60 18.32
C VAL C 590 2.99 -36.01 18.91
N SER C 591 3.69 -36.92 18.23
CA SER C 591 3.96 -38.26 18.73
C SER C 591 5.47 -38.46 18.79
N VAL C 592 5.97 -39.02 19.88
CA VAL C 592 7.38 -39.33 20.01
C VAL C 592 7.62 -40.83 20.20
N ASP C 593 6.59 -41.65 19.97
CA ASP C 593 6.70 -43.10 20.06
C ASP C 593 6.27 -43.76 18.75
N GLY C 594 6.66 -43.17 17.62
CA GLY C 594 6.41 -43.78 16.34
C GLY C 594 4.95 -43.85 15.92
N GLY C 595 4.14 -42.91 16.38
CA GLY C 595 2.74 -42.86 15.99
C GLY C 595 1.78 -43.59 16.89
N ALA C 596 2.27 -44.22 17.97
CA ALA C 596 1.38 -44.95 18.86
C ALA C 596 0.47 -44.02 19.64
N THR C 597 1.02 -42.93 20.19
CA THR C 597 0.26 -41.99 21.00
C THR C 597 0.62 -40.57 20.59
N PHE C 598 -0.39 -39.70 20.55
CA PHE C 598 -0.21 -38.29 20.21
C PHE C 598 -0.64 -37.42 21.39
N THR C 599 0.02 -36.28 21.53
CA THR C 599 -0.31 -35.31 22.56
C THR C 599 -0.44 -33.94 21.93
N ALA C 600 -1.44 -33.18 22.36
CA ALA C 600 -1.64 -31.84 21.83
C ALA C 600 -0.52 -30.93 22.28
N THR C 601 -0.09 -30.03 21.40
CA THR C 601 0.86 -28.99 21.74
C THR C 601 0.12 -27.67 21.96
N GLY C 602 0.84 -26.69 22.50
CA GLY C 602 0.30 -25.39 22.79
C GLY C 602 0.22 -24.44 21.62
N ALA C 603 0.51 -24.90 20.40
CA ALA C 603 0.43 -24.04 19.22
C ALA C 603 -0.97 -23.47 19.08
N SER C 604 -1.07 -22.14 18.97
CA SER C 604 -2.35 -21.45 18.95
C SER C 604 -2.46 -20.59 17.70
N GLY C 605 -3.69 -20.16 17.42
CA GLY C 605 -3.96 -19.33 16.26
C GLY C 605 -4.09 -20.07 14.95
N PHE C 606 -3.98 -21.40 14.95
CA PHE C 606 -4.18 -22.15 13.72
C PHE C 606 -5.64 -22.11 13.30
N PRO C 607 -5.93 -22.15 12.01
CA PRO C 607 -7.31 -22.20 11.56
C PRO C 607 -7.94 -23.56 11.88
N THR C 608 -9.24 -23.55 12.11
CA THR C 608 -9.99 -24.80 12.18
C THR C 608 -10.48 -25.25 10.81
N ASN C 609 -10.67 -24.31 9.88
CA ASN C 609 -11.30 -24.56 8.58
C ASN C 609 -12.68 -25.19 8.73
N ASN C 610 -13.27 -25.06 9.91
CA ASN C 610 -14.60 -25.61 10.20
C ASN C 610 -15.61 -24.48 10.24
N VAL C 611 -15.80 -23.79 9.11
CA VAL C 611 -16.74 -22.67 9.05
C VAL C 611 -17.72 -22.93 7.91
N ALA C 612 -18.89 -22.28 8.01
CA ALA C 612 -20.07 -22.74 7.30
C ALA C 612 -19.96 -22.53 5.79
N GLY C 613 -19.56 -21.34 5.36
CA GLY C 613 -19.70 -20.98 3.96
C GLY C 613 -18.69 -21.61 3.02
N LEU C 614 -17.64 -22.24 3.55
CA LEU C 614 -16.51 -22.65 2.72
C LEU C 614 -16.92 -23.63 1.63
N GLN C 615 -16.47 -23.37 0.41
CA GLN C 615 -16.60 -24.30 -0.69
C GLN C 615 -15.50 -25.36 -0.61
N PRO C 616 -15.73 -26.54 -1.19
CA PRO C 616 -14.79 -27.65 -0.97
C PRO C 616 -13.36 -27.38 -1.41
N ASN C 617 -13.14 -26.50 -2.40
CA ASN C 617 -11.79 -26.18 -2.86
C ASN C 617 -11.30 -24.85 -2.31
N GLU C 618 -11.95 -24.31 -1.28
CA GLU C 618 -11.66 -22.96 -0.83
C GLU C 618 -10.51 -22.88 0.17
N ALA C 619 -10.40 -23.85 1.08
CA ALA C 619 -9.42 -23.80 2.15
C ALA C 619 -8.60 -25.08 2.18
N GLN C 620 -7.35 -24.96 2.65
CA GLN C 620 -6.40 -26.05 2.61
C GLN C 620 -5.61 -26.07 3.91
N ILE C 621 -4.94 -27.21 4.16
CA ILE C 621 -3.94 -27.35 5.22
C ILE C 621 -2.72 -28.04 4.63
N SER C 622 -1.56 -27.40 4.72
CA SER C 622 -0.32 -27.93 4.16
C SER C 622 0.72 -27.93 5.26
N MSE C 623 1.15 -29.13 5.68
CA MSE C 623 2.07 -29.27 6.82
C MSE C 623 3.16 -30.29 6.51
O MSE C 623 2.86 -31.45 6.22
CB MSE C 623 1.29 -29.67 8.07
CG MSE C 623 2.14 -30.14 9.27
SE MSE C 623 0.96 -30.91 10.63
CE MSE C 623 0.37 -32.51 9.68
N LYS C 624 4.42 -29.86 6.56
CA LYS C 624 5.56 -30.68 6.17
C LYS C 624 6.76 -30.38 7.07
N ALA C 625 7.40 -31.43 7.58
CA ALA C 625 8.68 -31.25 8.24
C ALA C 625 9.79 -31.15 7.21
N VAL C 626 10.88 -30.47 7.59
CA VAL C 626 11.95 -30.11 6.66
C VAL C 626 12.98 -31.23 6.60
N PRO C 627 13.35 -31.69 5.41
CA PRO C 627 14.42 -32.69 5.29
C PRO C 627 15.70 -32.23 5.97
N GLY C 628 16.25 -33.09 6.81
CA GLY C 628 17.54 -32.83 7.42
C GLY C 628 17.53 -32.03 8.71
N ILE C 629 16.37 -31.55 9.16
CA ILE C 629 16.28 -30.76 10.39
C ILE C 629 15.13 -31.30 11.23
N GLU C 630 15.47 -31.97 12.32
CA GLU C 630 14.44 -32.50 13.21
C GLU C 630 13.67 -31.37 13.88
N GLY C 631 12.35 -31.52 13.93
CA GLY C 631 11.50 -30.56 14.61
C GLY C 631 11.24 -29.28 13.86
N ASP C 632 11.65 -29.19 12.60
CA ASP C 632 11.45 -28.00 11.78
C ASP C 632 10.23 -28.25 10.89
N ILE C 633 9.13 -27.54 11.17
CA ILE C 633 7.87 -27.72 10.46
C ILE C 633 7.39 -26.40 9.91
N TRP C 634 6.94 -26.41 8.66
CA TRP C 634 6.20 -25.31 8.06
C TRP C 634 4.74 -25.71 7.87
N PHE C 635 3.86 -24.72 8.00
CA PHE C 635 2.42 -24.95 8.03
C PHE C 635 1.77 -23.82 7.24
N ALA C 636 0.96 -24.18 6.25
CA ALA C 636 0.24 -23.20 5.45
C ALA C 636 -1.21 -23.58 5.34
N GLY C 637 -2.08 -22.56 5.27
CA GLY C 637 -3.50 -22.78 5.07
C GLY C 637 -4.32 -21.80 5.88
N GLY C 638 -5.64 -22.02 5.87
CA GLY C 638 -6.57 -21.20 6.60
C GLY C 638 -7.58 -20.53 5.68
N ASN C 639 -8.22 -19.49 6.22
CA ASN C 639 -9.31 -18.81 5.52
C ASN C 639 -9.53 -17.45 6.15
N THR C 640 -10.22 -16.58 5.41
CA THR C 640 -10.43 -15.21 5.85
C THR C 640 -11.60 -15.07 6.82
N VAL C 641 -12.52 -16.04 6.84
CA VAL C 641 -13.65 -15.97 7.76
C VAL C 641 -13.18 -16.07 9.21
N GLU C 642 -12.24 -16.98 9.48
CA GLU C 642 -11.64 -17.06 10.81
C GLU C 642 -10.55 -16.01 11.04
N ASN C 643 -10.13 -15.31 9.99
CA ASN C 643 -8.95 -14.45 10.03
C ASN C 643 -7.76 -15.21 10.60
N LYS C 644 -7.57 -16.44 10.12
CA LYS C 644 -6.42 -17.28 10.45
C LYS C 644 -5.98 -17.91 9.14
N TYR C 645 -5.03 -17.25 8.48
CA TYR C 645 -4.69 -17.57 7.11
C TYR C 645 -3.25 -17.13 6.88
N GLY C 646 -2.40 -18.04 6.46
CA GLY C 646 -1.03 -17.61 6.20
C GLY C 646 -0.05 -18.78 6.30
N LEU C 647 1.17 -18.45 6.72
CA LEU C 647 2.28 -19.39 6.76
C LEU C 647 2.94 -19.32 8.12
N TRP C 648 3.04 -20.47 8.79
CA TRP C 648 3.63 -20.58 10.12
C TRP C 648 4.90 -21.42 10.05
N HIS C 649 5.80 -21.18 11.00
CA HIS C 649 7.06 -21.90 11.08
C HIS C 649 7.34 -22.31 12.51
N SER C 650 7.69 -23.58 12.72
CA SER C 650 8.11 -24.07 14.02
C SER C 650 9.47 -24.73 13.90
N THR C 651 10.32 -24.53 14.91
CA THR C 651 11.61 -25.20 15.01
C THR C 651 11.75 -26.00 16.29
N ASN C 652 10.67 -26.20 17.04
CA ASN C 652 10.70 -26.98 18.28
C ASN C 652 9.64 -28.07 18.24
N SER C 653 9.59 -28.79 17.12
CA SER C 653 8.71 -29.96 16.98
C SER C 653 7.24 -29.60 17.19
N GLY C 654 6.84 -28.39 16.80
CA GLY C 654 5.45 -27.99 16.88
C GLY C 654 5.00 -27.49 18.24
N ALA C 655 5.90 -27.36 19.22
CA ALA C 655 5.52 -26.79 20.50
C ALA C 655 4.99 -25.37 20.34
N SER C 656 5.54 -24.61 19.39
CA SER C 656 5.05 -23.28 19.10
C SER C 656 5.45 -22.92 17.68
N PHE C 657 4.64 -22.08 17.04
CA PHE C 657 4.88 -21.61 15.69
C PHE C 657 4.95 -20.09 15.67
N THR C 658 5.72 -19.56 14.72
CA THR C 658 5.71 -18.14 14.42
C THR C 658 4.99 -17.93 13.09
N LYS C 659 3.99 -17.07 13.08
CA LYS C 659 3.26 -16.74 11.86
C LYS C 659 4.02 -15.64 11.12
N LEU C 660 4.40 -15.91 9.87
CA LEU C 660 5.16 -14.94 9.11
C LEU C 660 4.28 -13.74 8.78
N THR C 661 4.69 -12.56 9.25
CA THR C 661 3.87 -11.37 9.10
C THR C 661 3.81 -10.83 7.68
N ASN C 662 4.67 -11.32 6.78
CA ASN C 662 4.72 -10.79 5.42
C ASN C 662 3.99 -11.69 4.42
N VAL C 663 3.26 -12.69 4.89
CA VAL C 663 2.47 -13.56 4.03
C VAL C 663 1.02 -13.41 4.46
N GLU C 664 0.23 -12.72 3.64
CA GLU C 664 -1.16 -12.40 4.00
C GLU C 664 -2.02 -13.65 3.97
N GLU C 665 -1.89 -14.45 2.90
CA GLU C 665 -2.59 -15.72 2.77
C GLU C 665 -1.60 -16.73 2.21
N ALA C 666 -1.76 -17.99 2.61
CA ALA C 666 -0.93 -19.05 2.07
C ALA C 666 -1.70 -20.36 2.16
N ASP C 667 -1.51 -21.22 1.17
CA ASP C 667 -2.29 -22.44 1.04
C ASP C 667 -1.46 -23.69 0.85
N LEU C 668 -0.20 -23.58 0.42
CA LEU C 668 0.69 -24.71 0.25
C LEU C 668 2.11 -24.29 0.59
N ILE C 669 2.92 -25.25 1.00
CA ILE C 669 4.34 -25.04 1.27
C ILE C 669 5.11 -26.26 0.75
N GLY C 670 6.30 -26.02 0.22
CA GLY C 670 7.17 -27.09 -0.24
C GLY C 670 8.61 -26.61 -0.24
N TYR C 671 9.52 -27.56 -0.41
CA TYR C 671 10.94 -27.30 -0.23
C TYR C 671 11.74 -27.75 -1.45
N GLY C 672 12.79 -26.99 -1.76
CA GLY C 672 13.70 -27.33 -2.84
C GLY C 672 15.13 -27.03 -2.44
N LYS C 673 16.05 -27.40 -3.34
CA LYS C 673 17.48 -27.25 -3.07
C LYS C 673 17.82 -25.81 -2.72
N ALA C 674 18.74 -25.64 -1.78
CA ALA C 674 19.15 -24.31 -1.35
C ALA C 674 19.80 -23.54 -2.49
N ALA C 675 19.57 -22.22 -2.50
CA ALA C 675 20.23 -21.36 -3.46
C ALA C 675 21.74 -21.34 -3.22
N PRO C 676 22.53 -21.04 -4.24
CA PRO C 676 23.98 -20.88 -4.02
C PRO C 676 24.27 -19.84 -2.94
N GLY C 677 25.20 -20.18 -2.05
CA GLY C 677 25.54 -19.33 -0.93
C GLY C 677 24.60 -19.43 0.25
N GLN C 678 23.45 -20.10 0.11
CA GLN C 678 22.51 -20.30 1.20
C GLN C 678 22.65 -21.72 1.76
N THR C 679 22.30 -21.87 3.02
CA THR C 679 22.30 -23.19 3.65
C THR C 679 20.90 -23.77 3.82
N TYR C 680 19.89 -22.93 4.08
CA TYR C 680 18.53 -23.40 4.25
C TYR C 680 17.89 -23.65 2.89
N MSE C 681 17.07 -24.70 2.80
CA MSE C 681 16.37 -25.05 1.56
C MSE C 681 15.49 -23.89 1.08
O MSE C 681 15.01 -23.09 1.88
CB MSE C 681 15.52 -26.30 1.75
CG MSE C 681 16.32 -27.59 1.95
SE MSE C 681 15.18 -29.16 2.15
CE MSE C 681 14.92 -29.61 0.26
N SER C 682 15.29 -23.80 -0.23
CA SER C 682 14.38 -22.81 -0.79
C SER C 682 12.94 -23.20 -0.48
N LEU C 683 12.11 -22.18 -0.23
CA LEU C 683 10.70 -22.38 0.08
C LEU C 683 9.86 -22.03 -1.13
N TYR C 684 8.88 -22.88 -1.43
CA TYR C 684 7.93 -22.67 -2.51
C TYR C 684 6.52 -22.66 -1.92
N THR C 685 5.75 -21.63 -2.25
CA THR C 685 4.44 -21.48 -1.63
C THR C 685 3.42 -20.99 -2.66
N VAL C 686 2.16 -21.37 -2.43
CA VAL C 686 1.01 -20.80 -3.12
C VAL C 686 0.36 -19.85 -2.12
N ALA C 687 0.30 -18.57 -2.47
CA ALA C 687 0.05 -17.58 -1.45
C ALA C 687 -0.43 -16.28 -2.08
N LYS C 688 -0.87 -15.37 -1.20
CA LYS C 688 -1.11 -13.98 -1.54
C LYS C 688 -0.09 -13.15 -0.76
N ILE C 689 0.87 -12.57 -1.46
CA ILE C 689 1.98 -11.86 -0.82
C ILE C 689 2.00 -10.43 -1.35
N ASP C 690 1.87 -9.47 -0.43
CA ASP C 690 1.77 -8.04 -0.75
C ASP C 690 0.71 -7.77 -1.82
N GLY C 691 -0.46 -8.38 -1.62
CA GLY C 691 -1.59 -8.17 -2.49
C GLY C 691 -1.56 -8.92 -3.81
N VAL C 692 -0.59 -9.79 -4.03
CA VAL C 692 -0.42 -10.50 -5.29
C VAL C 692 -0.66 -11.99 -5.04
N ARG C 693 -1.65 -12.56 -5.73
CA ARG C 693 -1.85 -13.99 -5.73
C ARG C 693 -0.92 -14.65 -6.74
N GLY C 694 -0.28 -15.75 -6.35
CA GLY C 694 0.59 -16.45 -7.28
C GLY C 694 1.38 -17.54 -6.60
N VAL C 695 2.50 -17.90 -7.24
CA VAL C 695 3.45 -18.89 -6.74
C VAL C 695 4.76 -18.16 -6.44
N PHE C 696 5.31 -18.38 -5.25
CA PHE C 696 6.44 -17.60 -4.77
C PHE C 696 7.57 -18.52 -4.29
N ARG C 697 8.80 -18.02 -4.42
CA ARG C 697 9.99 -18.69 -3.92
C ARG C 697 10.69 -17.78 -2.93
N SER C 698 11.20 -18.36 -1.84
CA SER C 698 12.05 -17.64 -0.90
C SER C 698 13.36 -18.40 -0.71
N ASP C 699 14.47 -17.68 -0.84
CA ASP C 699 15.80 -18.25 -0.62
C ASP C 699 16.40 -17.83 0.72
N ASP C 700 15.62 -17.20 1.59
CA ASP C 700 16.13 -16.68 2.85
C ASP C 700 15.15 -16.96 3.99
N VAL C 701 14.67 -18.20 4.06
CA VAL C 701 13.81 -18.70 5.15
C VAL C 701 12.57 -17.83 5.27
N GLY C 702 12.05 -17.36 4.14
CA GLY C 702 10.79 -16.65 4.13
C GLY C 702 10.85 -15.18 4.49
N ALA C 703 12.05 -14.59 4.56
CA ALA C 703 12.14 -13.16 4.83
C ALA C 703 11.74 -12.34 3.62
N THR C 704 12.06 -12.81 2.42
CA THR C 704 11.67 -12.15 1.18
C THR C 704 11.16 -13.20 0.20
N TRP C 705 10.25 -12.78 -0.68
CA TRP C 705 9.62 -13.67 -1.64
C TRP C 705 9.68 -13.08 -3.03
N VAL C 706 9.81 -13.94 -4.02
CA VAL C 706 9.78 -13.53 -5.42
C VAL C 706 8.72 -14.37 -6.13
N ARG C 707 7.88 -13.72 -6.93
CA ARG C 707 6.84 -14.44 -7.68
C ARG C 707 7.48 -15.14 -8.86
N ILE C 708 7.23 -16.44 -8.98
CA ILE C 708 7.84 -17.24 -10.05
C ILE C 708 6.84 -17.71 -11.09
N ASN C 709 5.54 -17.51 -10.88
CA ASN C 709 4.58 -17.65 -11.96
C ASN C 709 4.21 -16.26 -12.48
N ASP C 710 3.22 -16.17 -13.36
CA ASP C 710 2.80 -14.89 -13.91
C ASP C 710 1.33 -14.99 -14.28
N ASP C 711 0.76 -13.87 -14.74
CA ASP C 711 -0.67 -13.80 -14.99
C ASP C 711 -1.11 -14.73 -16.11
N ALA C 712 -0.19 -15.18 -16.97
CA ALA C 712 -0.52 -16.11 -18.03
C ALA C 712 -0.36 -17.56 -17.63
N HIS C 713 0.17 -17.83 -16.43
CA HIS C 713 0.40 -19.21 -15.97
C HIS C 713 -0.09 -19.31 -14.52
N GLN C 714 -1.42 -19.37 -14.36
CA GLN C 714 -2.03 -19.38 -13.04
C GLN C 714 -2.72 -20.69 -12.69
N TYR C 715 -3.46 -21.30 -13.62
CA TYR C 715 -3.99 -22.68 -13.48
C TYR C 715 -5.08 -22.79 -12.41
N ALA C 716 -5.87 -21.73 -12.24
CA ALA C 716 -7.13 -21.78 -11.46
C ALA C 716 -6.81 -22.04 -9.99
N LYS C 717 -7.49 -22.97 -9.32
CA LYS C 717 -7.36 -23.11 -7.87
C LYS C 717 -6.21 -24.05 -7.53
N ILE C 718 -5.01 -23.49 -7.42
CA ILE C 718 -3.78 -24.29 -7.26
C ILE C 718 -3.46 -24.53 -5.79
N ASN C 719 -4.41 -25.13 -5.06
CA ASN C 719 -4.20 -25.46 -3.65
C ASN C 719 -4.06 -26.96 -3.45
N MSE C 720 -3.49 -27.66 -4.45
CA MSE C 720 -3.45 -29.11 -4.46
C MSE C 720 -2.14 -29.70 -3.93
O MSE C 720 -2.15 -30.51 -3.03
CB MSE C 720 -3.72 -29.62 -5.88
CG MSE C 720 -5.08 -29.15 -6.42
SE MSE C 720 -6.58 -29.94 -5.45
CE MSE C 720 -6.55 -31.70 -6.29
N ALA C 721 -1.02 -29.29 -4.52
CA ALA C 721 0.29 -29.79 -4.11
C ALA C 721 1.37 -28.90 -4.67
N ILE C 722 2.49 -28.80 -3.93
CA ILE C 722 3.66 -28.09 -4.43
C ILE C 722 4.89 -28.71 -3.77
N THR C 723 5.97 -28.80 -4.54
CA THR C 723 7.25 -29.17 -3.96
C THR C 723 8.36 -28.67 -4.86
N GLY C 724 9.48 -28.32 -4.25
CA GLY C 724 10.71 -28.10 -4.98
C GLY C 724 11.40 -29.43 -5.26
N ASP C 725 12.63 -29.31 -5.75
CA ASP C 725 13.46 -30.44 -6.11
C ASP C 725 14.72 -30.39 -5.26
N PRO C 726 14.99 -31.39 -4.43
CA PRO C 726 16.18 -31.33 -3.55
C PRO C 726 17.49 -31.37 -4.29
N ARG C 727 17.48 -31.67 -5.59
CA ARG C 727 18.68 -31.75 -6.38
C ARG C 727 18.84 -30.59 -7.37
N ILE C 728 17.79 -29.79 -7.59
CA ILE C 728 17.82 -28.73 -8.60
C ILE C 728 17.31 -27.44 -7.97
N TYR C 729 18.20 -26.48 -7.72
CA TYR C 729 17.78 -25.19 -7.21
C TYR C 729 16.91 -24.47 -8.23
N GLY C 730 15.83 -23.86 -7.74
CA GLY C 730 14.92 -23.10 -8.57
C GLY C 730 13.80 -23.89 -9.18
N ARG C 731 13.92 -25.22 -9.24
CA ARG C 731 12.89 -26.05 -9.84
C ARG C 731 11.68 -26.16 -8.92
N VAL C 732 10.49 -26.01 -9.50
CA VAL C 732 9.25 -26.18 -8.76
C VAL C 732 8.35 -27.16 -9.51
N TYR C 733 7.64 -27.99 -8.77
CA TYR C 733 6.59 -28.86 -9.31
C TYR C 733 5.27 -28.41 -8.71
N LEU C 734 4.31 -28.06 -9.56
CA LEU C 734 3.04 -27.49 -9.12
C LEU C 734 1.90 -28.41 -9.54
N GLY C 735 1.14 -28.90 -8.55
CA GLY C 735 -0.08 -29.61 -8.86
C GLY C 735 -1.23 -28.65 -9.14
N THR C 736 -2.24 -29.16 -9.83
CA THR C 736 -3.46 -28.41 -10.14
C THR C 736 -4.66 -29.33 -9.98
N ASN C 737 -5.84 -28.75 -10.14
CA ASN C 737 -7.09 -29.50 -10.13
C ASN C 737 -7.74 -29.38 -11.51
N GLY C 738 -7.17 -30.09 -12.50
CA GLY C 738 -7.71 -30.06 -13.84
C GLY C 738 -6.71 -29.71 -14.93
N ARG C 739 -5.49 -29.33 -14.54
CA ARG C 739 -4.44 -29.01 -15.50
C ARG C 739 -3.20 -29.86 -15.28
N GLY C 740 -3.32 -31.00 -14.61
CA GLY C 740 -2.18 -31.88 -14.43
C GLY C 740 -1.10 -31.26 -13.55
N THR C 741 0.14 -31.68 -13.81
CA THR C 741 1.29 -31.20 -13.05
C THR C 741 2.18 -30.33 -13.94
N LEU C 742 2.61 -29.20 -13.40
CA LEU C 742 3.56 -28.31 -14.06
C LEU C 742 4.92 -28.43 -13.40
N TYR C 743 5.97 -28.25 -14.19
CA TYR C 743 7.29 -27.99 -13.64
C TYR C 743 7.85 -26.72 -14.27
N ALA C 744 8.64 -25.99 -13.50
CA ALA C 744 9.12 -24.70 -13.96
C ALA C 744 10.51 -24.44 -13.40
N ASP C 745 11.32 -23.74 -14.20
CA ASP C 745 12.66 -23.29 -13.88
C ASP C 745 12.81 -21.83 -14.29
N PRO C 746 13.77 -21.12 -13.72
CA PRO C 746 14.18 -19.84 -14.31
C PRO C 746 14.48 -20.01 -15.80
N VAL C 747 14.18 -18.97 -16.57
CA VAL C 747 14.19 -19.10 -18.04
C VAL C 747 15.58 -19.47 -18.56
N GLY D 1 13.49 -8.36 20.35
CA GLY D 1 13.80 -7.66 21.58
C GLY D 1 13.92 -6.15 21.40
N MSE D 2 12.86 -5.42 21.72
CA MSE D 2 12.83 -3.98 21.55
C MSE D 2 12.64 -3.25 22.87
O MSE D 2 11.98 -3.75 23.78
CB MSE D 2 11.72 -3.58 20.56
CG MSE D 2 11.47 -4.64 19.50
SE MSE D 2 10.66 -3.98 17.85
CE MSE D 2 9.09 -3.07 18.54
N SER D 3 13.23 -2.05 22.97
CA SER D 3 13.11 -1.23 24.17
C SER D 3 12.86 0.21 23.75
N GLU D 4 12.24 0.96 24.67
CA GLU D 4 11.85 2.34 24.41
C GLU D 4 12.25 3.17 25.63
N PRO D 5 13.05 4.22 25.46
CA PRO D 5 13.60 4.93 26.63
C PRO D 5 12.51 5.65 27.41
N TYR D 6 12.52 5.44 28.72
CA TYR D 6 11.57 6.04 29.64
C TYR D 6 12.31 6.83 30.72
N THR D 7 11.58 7.78 31.32
CA THR D 7 12.06 8.52 32.48
C THR D 7 11.36 7.98 33.71
N TRP D 8 12.12 7.41 34.64
CA TRP D 8 11.57 6.77 35.84
C TRP D 8 11.75 7.70 37.04
N LYS D 9 10.67 7.91 37.78
CA LYS D 9 10.69 8.80 38.94
C LYS D 9 9.90 8.18 40.09
N SER D 10 10.31 8.52 41.31
CA SER D 10 9.59 8.07 42.49
C SER D 10 8.34 8.90 42.72
N VAL D 11 7.24 8.22 43.05
CA VAL D 11 6.12 8.89 43.70
C VAL D 11 6.57 9.24 45.12
N VAL D 12 6.53 10.53 45.46
CA VAL D 12 7.18 11.03 46.67
C VAL D 12 6.26 10.84 47.87
N THR D 13 6.79 10.22 48.93
CA THR D 13 6.11 10.19 50.22
C THR D 13 6.79 11.04 51.29
N GLY D 14 8.00 11.53 51.02
CA GLY D 14 8.70 12.43 51.93
C GLY D 14 9.44 11.75 53.06
N ALA D 15 8.84 10.72 53.65
CA ALA D 15 9.42 10.04 54.81
C ALA D 15 10.10 8.72 54.48
N GLY D 16 9.76 8.11 53.35
CA GLY D 16 10.30 6.79 53.04
C GLY D 16 9.32 5.69 53.39
N GLY D 17 8.85 5.68 54.63
CA GLY D 17 7.80 4.78 55.06
C GLY D 17 8.24 3.41 55.51
N GLY D 18 9.55 3.14 55.55
CA GLY D 18 10.05 1.84 55.96
C GLY D 18 11.19 1.98 56.96
N PHE D 19 11.71 0.82 57.37
CA PHE D 19 12.72 0.72 58.41
C PHE D 19 14.11 0.96 57.84
N VAL D 20 14.87 1.86 58.45
CA VAL D 20 16.27 2.09 58.09
C VAL D 20 17.14 1.61 59.25
N PRO D 21 17.58 0.35 59.24
CA PRO D 21 18.30 -0.18 60.41
C PRO D 21 19.72 0.34 60.55
N GLY D 22 20.31 0.88 59.48
CA GLY D 22 21.68 1.34 59.58
C GLY D 22 22.00 2.61 58.80
N ILE D 23 22.69 3.54 59.45
CA ILE D 23 23.26 4.72 58.80
C ILE D 23 24.76 4.70 59.10
N ILE D 24 25.57 4.90 58.06
CA ILE D 24 27.01 4.67 58.15
C ILE D 24 27.74 5.89 57.64
N PHE D 25 28.49 6.55 58.52
CA PHE D 25 29.31 7.69 58.14
C PHE D 25 30.71 7.22 57.77
N ASN D 26 31.24 7.72 56.66
CA ASN D 26 32.65 7.50 56.37
C ASN D 26 33.48 8.24 57.42
N GLN D 27 34.57 7.60 57.85
CA GLN D 27 35.38 8.17 58.93
C GLN D 27 36.42 9.17 58.44
N THR D 28 36.57 9.34 57.13
CA THR D 28 37.62 10.17 56.57
C THR D 28 37.09 11.34 55.73
N GLU D 29 36.06 11.11 54.91
CA GLU D 29 35.58 12.17 54.04
C GLU D 29 34.33 12.79 54.63
N PRO D 30 34.36 14.08 54.97
CA PRO D 30 33.15 14.72 55.52
C PRO D 30 32.00 14.64 54.53
N ASN D 31 30.81 14.41 55.07
CA ASN D 31 29.52 14.43 54.36
C ASN D 31 29.31 13.20 53.47
N LEU D 32 30.14 12.17 53.61
CA LEU D 32 29.92 10.90 52.92
C LEU D 32 29.15 9.98 53.87
N ILE D 33 27.89 9.72 53.55
CA ILE D 33 26.97 8.97 54.40
C ILE D 33 26.23 7.97 53.54
N TYR D 34 25.98 6.78 54.10
CA TYR D 34 25.16 5.77 53.45
C TYR D 34 24.04 5.35 54.39
N ALA D 35 22.92 4.90 53.80
CA ALA D 35 21.81 4.32 54.55
C ALA D 35 21.48 2.97 53.96
N ARG D 36 21.30 1.96 54.82
CA ARG D 36 20.92 0.63 54.37
C ARG D 36 19.54 0.29 54.90
N THR D 37 18.75 -0.40 54.07
CA THR D 37 17.38 -0.79 54.43
C THR D 37 17.28 -2.30 54.45
N ASP D 38 16.15 -2.80 54.99
CA ASP D 38 16.00 -4.24 55.11
C ASP D 38 15.39 -4.90 53.89
N ILE D 39 14.60 -4.19 53.08
CA ILE D 39 14.02 -4.76 51.86
C ILE D 39 14.17 -3.86 50.65
N GLY D 40 14.79 -2.68 50.77
CA GLY D 40 14.80 -1.74 49.67
C GLY D 40 16.15 -1.19 49.29
N GLY D 41 17.21 -1.99 49.45
CA GLY D 41 18.52 -1.58 49.02
C GLY D 41 19.16 -0.55 49.93
N ALA D 42 20.05 0.24 49.34
CA ALA D 42 20.83 1.23 50.08
C ALA D 42 20.82 2.57 49.35
N TYR D 43 21.28 3.59 50.07
CA TYR D 43 21.29 4.96 49.57
C TYR D 43 22.61 5.62 49.91
N ARG D 44 22.99 6.61 49.09
CA ARG D 44 24.09 7.51 49.40
C ARG D 44 23.56 8.93 49.53
N TRP D 45 24.09 9.67 50.50
CA TRP D 45 23.62 11.01 50.79
C TRP D 45 24.22 12.00 49.79
N ASN D 46 23.42 12.98 49.40
CA ASN D 46 23.89 14.08 48.55
C ASN D 46 23.88 15.35 49.41
N GLN D 47 25.07 15.80 49.81
CA GLN D 47 25.19 16.92 50.72
C GLN D 47 24.69 18.23 50.10
N ALA D 48 24.82 18.37 48.78
CA ALA D 48 24.45 19.63 48.13
C ALA D 48 22.94 19.84 48.11
N THR D 49 22.17 18.76 48.16
CA THR D 49 20.71 18.84 48.10
C THR D 49 20.01 18.29 49.34
N SER D 50 20.77 17.83 50.34
CA SER D 50 20.21 17.23 51.56
C SER D 50 19.19 16.14 51.22
N SER D 51 19.58 15.24 50.32
CA SER D 51 18.69 14.16 49.90
C SER D 51 19.51 12.91 49.65
N TRP D 52 18.81 11.79 49.55
CA TRP D 52 19.42 10.48 49.37
C TRP D 52 19.25 10.03 47.92
N VAL D 53 20.26 9.31 47.44
CA VAL D 53 20.27 8.75 46.10
C VAL D 53 20.39 7.23 46.22
N SER D 54 19.49 6.51 45.56
CA SER D 54 19.53 5.06 45.63
C SER D 54 20.75 4.51 44.89
N ILE D 55 21.40 3.52 45.49
CA ILE D 55 22.52 2.86 44.82
C ILE D 55 22.16 1.40 44.56
N SER D 56 20.87 1.11 44.41
CA SER D 56 20.40 -0.27 44.33
C SER D 56 19.39 -0.55 43.23
N ASP D 57 19.05 0.41 42.38
CA ASP D 57 17.94 0.20 41.45
C ASP D 57 18.31 -0.71 40.28
N SER D 58 19.58 -1.06 40.12
CA SER D 58 19.94 -2.07 39.14
C SER D 58 19.69 -3.50 39.63
N VAL D 59 19.40 -3.67 40.92
CA VAL D 59 19.00 -4.99 41.42
C VAL D 59 17.71 -5.39 40.74
N GLY D 60 17.67 -6.60 40.19
CA GLY D 60 16.55 -7.01 39.37
C GLY D 60 15.80 -8.24 39.83
N TRP D 61 15.20 -8.95 38.86
CA TRP D 61 14.23 -10.00 39.15
C TRP D 61 14.90 -11.23 39.77
N VAL D 62 15.96 -11.73 39.16
CA VAL D 62 16.60 -12.95 39.63
C VAL D 62 17.42 -12.69 40.88
N ASP D 63 18.15 -11.57 40.91
CA ASP D 63 18.98 -11.22 42.06
C ASP D 63 18.27 -10.31 43.04
N TRP D 64 16.96 -10.50 43.20
CA TRP D 64 16.13 -9.60 44.01
C TRP D 64 16.61 -9.53 45.45
N ASN D 65 17.25 -10.60 45.96
CA ASN D 65 17.53 -10.61 47.39
C ASN D 65 18.66 -9.66 47.77
N LYS D 66 19.32 -9.05 46.78
CA LYS D 66 20.36 -8.06 47.06
C LYS D 66 19.80 -6.80 47.72
N ASN D 67 18.48 -6.59 47.67
CA ASN D 67 17.92 -5.39 48.29
C ASN D 67 17.70 -5.55 49.79
N GLY D 68 18.02 -6.71 50.36
CA GLY D 68 18.12 -6.81 51.79
C GLY D 68 19.56 -6.51 52.19
N VAL D 69 19.81 -5.33 52.75
CA VAL D 69 21.17 -4.89 53.03
C VAL D 69 21.41 -5.08 54.53
N ASP D 70 22.04 -6.21 54.87
CA ASP D 70 22.32 -6.60 56.25
C ASP D 70 23.52 -5.87 56.85
N ALA D 71 24.42 -5.35 56.03
CA ALA D 71 25.61 -4.67 56.50
C ALA D 71 26.20 -3.85 55.36
N LEU D 72 26.88 -2.76 55.71
CA LEU D 72 27.51 -1.87 54.74
C LEU D 72 28.77 -1.27 55.36
N ALA D 73 29.83 -1.21 54.55
CA ALA D 73 31.11 -0.65 54.98
C ALA D 73 31.60 0.34 53.94
N THR D 74 32.06 1.51 54.38
CA THR D 74 32.60 2.54 53.50
C THR D 74 34.07 2.78 53.84
N ASP D 75 34.91 2.75 52.82
CA ASP D 75 36.35 2.65 52.98
C ASP D 75 36.95 3.96 53.49
N PRO D 76 37.64 3.97 54.63
CA PRO D 76 38.25 5.22 55.12
C PRO D 76 39.55 5.59 54.43
N ILE D 77 40.22 4.65 53.76
CA ILE D 77 41.43 4.98 53.04
C ILE D 77 41.12 5.44 51.63
N ASP D 78 40.19 4.78 50.95
CA ASP D 78 39.72 5.18 49.62
C ASP D 78 38.20 5.31 49.71
N PRO D 79 37.69 6.51 49.99
CA PRO D 79 36.24 6.68 50.15
C PRO D 79 35.43 6.44 48.88
N ASN D 80 36.06 6.23 47.73
CA ASN D 80 35.32 5.80 46.55
C ASN D 80 34.76 4.38 46.71
N LYS D 81 35.31 3.59 47.63
CA LYS D 81 34.97 2.18 47.75
C LYS D 81 33.91 1.97 48.82
N VAL D 82 32.91 1.13 48.50
CA VAL D 82 31.85 0.78 49.43
C VAL D 82 31.47 -0.68 49.21
N TYR D 83 31.09 -1.36 50.29
CA TYR D 83 30.79 -2.79 50.26
C TYR D 83 29.49 -3.06 50.99
N MSE D 84 28.76 -4.06 50.53
CA MSE D 84 27.52 -4.48 51.18
C MSE D 84 27.41 -5.99 51.32
O MSE D 84 27.81 -6.73 50.40
CB MSE D 84 26.30 -3.94 50.42
CG MSE D 84 26.30 -2.43 50.20
SE MSE D 84 24.63 -1.79 49.42
CE MSE D 84 24.58 -2.89 47.84
N ALA D 85 26.90 -6.46 52.45
CA ALA D 85 26.50 -7.85 52.61
C ALA D 85 24.99 -7.92 52.41
N THR D 86 24.54 -8.59 51.35
CA THR D 86 23.14 -8.56 50.98
C THR D 86 22.59 -9.97 50.84
N GLY D 87 21.26 -10.04 50.85
CA GLY D 87 20.53 -11.27 51.03
C GLY D 87 19.44 -10.95 52.04
N THR D 88 18.24 -11.48 51.84
CA THR D 88 17.10 -10.99 52.61
C THR D 88 16.69 -11.92 53.74
N TYR D 89 16.56 -13.23 53.48
CA TYR D 89 16.14 -14.17 54.52
C TYR D 89 17.15 -15.29 54.68
N THR D 90 17.25 -15.82 55.90
CA THR D 90 18.09 -16.96 56.19
C THR D 90 17.28 -18.23 56.39
N ASN D 91 15.97 -18.18 56.18
CA ASN D 91 15.14 -19.38 56.22
C ASN D 91 14.86 -19.85 54.79
N HIS D 92 13.80 -20.65 54.62
CA HIS D 92 13.48 -21.21 53.31
C HIS D 92 12.89 -20.20 52.34
N TRP D 93 12.72 -18.93 52.75
CA TRP D 93 12.16 -17.91 51.88
C TRP D 93 13.17 -17.31 50.91
N ASP D 94 14.43 -17.71 50.97
CA ASP D 94 15.48 -17.05 50.22
C ASP D 94 16.60 -18.04 49.92
N ASN D 95 17.47 -17.65 48.99
CA ASN D 95 18.68 -18.39 48.66
C ASN D 95 19.89 -17.69 49.27
N ASN D 96 21.09 -18.17 48.94
CA ASN D 96 22.31 -17.64 49.53
C ASN D 96 22.49 -16.16 49.24
N GLY D 97 23.24 -15.49 50.11
CA GLY D 97 23.55 -14.08 49.97
C GLY D 97 24.84 -13.86 49.22
N GLN D 98 25.37 -12.65 49.36
CA GLN D 98 26.57 -12.26 48.62
C GLN D 98 27.21 -11.05 49.27
N ILE D 99 28.48 -10.83 48.95
CA ILE D 99 29.18 -9.60 49.27
C ILE D 99 29.30 -8.80 47.98
N MSE D 100 28.82 -7.56 48.01
CA MSE D 100 28.90 -6.69 46.84
C MSE D 100 29.95 -5.59 47.07
O MSE D 100 30.09 -5.11 48.20
CB MSE D 100 27.52 -6.07 46.54
CG MSE D 100 26.46 -7.11 46.22
SE MSE D 100 24.67 -6.37 46.12
CE MSE D 100 24.94 -5.13 44.63
N ARG D 101 30.66 -5.22 46.03
CA ARG D 101 31.75 -4.25 46.11
C ARG D 101 31.59 -3.22 45.01
N SER D 102 31.88 -1.96 45.35
CA SER D 102 31.83 -0.87 44.40
C SER D 102 33.07 -0.01 44.53
N ASN D 103 33.61 0.43 43.40
CA ASN D 103 34.72 1.37 43.36
C ASN D 103 34.28 2.79 43.04
N ASP D 104 32.97 3.05 42.94
CA ASP D 104 32.48 4.37 42.57
C ASP D 104 31.30 4.76 43.44
N ARG D 105 31.39 4.48 44.75
CA ARG D 105 30.42 4.93 45.74
C ARG D 105 29.02 4.39 45.45
N GLY D 106 28.94 3.21 44.85
CA GLY D 106 27.67 2.54 44.64
C GLY D 106 27.04 2.75 43.27
N ASN D 107 27.68 3.48 42.37
CA ASN D 107 27.12 3.65 41.03
CA ASN D 107 27.13 3.66 41.04
C ASN D 107 27.10 2.35 40.26
N THR D 108 28.13 1.52 40.44
CA THR D 108 28.21 0.20 39.81
C THR D 108 28.72 -0.81 40.82
N TRP D 109 28.32 -2.07 40.66
CA TRP D 109 28.63 -3.10 41.63
C TRP D 109 29.22 -4.34 40.95
N GLN D 110 30.10 -5.02 41.68
CA GLN D 110 30.46 -6.40 41.41
C GLN D 110 30.04 -7.24 42.61
N THR D 111 29.84 -8.54 42.37
CA THR D 111 29.23 -9.41 43.37
C THR D 111 30.02 -10.70 43.52
N THR D 112 30.19 -11.13 44.78
CA THR D 112 30.77 -12.44 45.09
C THR D 112 29.75 -13.25 45.88
N PRO D 113 29.24 -14.36 45.35
CA PRO D 113 28.28 -15.16 46.12
C PRO D 113 28.92 -15.75 47.37
N LEU D 114 28.12 -15.81 48.45
CA LEU D 114 28.53 -16.48 49.66
C LEU D 114 27.90 -17.86 49.75
N PRO D 115 28.56 -18.83 50.40
CA PRO D 115 27.97 -20.18 50.48
C PRO D 115 26.95 -20.32 51.60
N PHE D 116 26.31 -19.23 51.99
CA PHE D 116 25.28 -19.28 53.03
C PHE D 116 24.37 -18.06 52.85
N LYS D 117 23.34 -17.99 53.67
CA LYS D 117 22.33 -16.95 53.50
C LYS D 117 22.65 -15.72 54.35
N VAL D 118 22.22 -14.56 53.86
CA VAL D 118 22.35 -13.28 54.54
C VAL D 118 20.95 -12.81 54.88
N GLY D 119 20.82 -12.06 55.98
CA GLY D 119 19.52 -11.79 56.53
C GLY D 119 19.16 -10.33 56.66
N GLY D 120 19.11 -9.63 55.52
CA GLY D 120 18.78 -8.21 55.53
C GLY D 120 17.44 -7.90 56.17
N ASN D 121 16.49 -8.84 56.12
CA ASN D 121 15.19 -8.66 56.75
C ASN D 121 14.94 -9.72 57.81
N MSE D 122 15.97 -10.05 58.58
CA MSE D 122 15.88 -10.99 59.68
C MSE D 122 15.98 -10.26 61.03
O MSE D 122 16.38 -9.09 61.07
CB MSE D 122 16.97 -12.06 59.57
CG MSE D 122 16.86 -12.96 58.34
SE MSE D 122 15.21 -13.98 58.26
CE MSE D 122 15.45 -15.09 59.83
N PRO D 123 15.63 -10.94 62.13
CA PRO D 123 15.86 -10.34 63.46
C PRO D 123 17.31 -9.94 63.67
N GLY D 124 17.51 -8.89 64.46
CA GLY D 124 18.85 -8.40 64.74
C GLY D 124 19.50 -7.60 63.64
N ARG D 125 18.74 -7.18 62.63
CA ARG D 125 19.36 -6.49 61.51
C ARG D 125 19.81 -5.07 61.84
N SER D 126 19.40 -4.50 62.98
CA SER D 126 19.93 -3.19 63.34
C SER D 126 21.21 -3.26 64.18
N ALA D 127 21.58 -4.44 64.68
CA ALA D 127 22.91 -4.60 65.27
C ALA D 127 23.96 -4.51 64.19
N GLY D 128 25.09 -3.88 64.50
CA GLY D 128 26.16 -3.79 63.52
C GLY D 128 27.15 -2.69 63.89
N GLU D 129 27.99 -2.36 62.91
CA GLU D 129 27.98 -3.01 61.60
C GLU D 129 28.72 -4.34 61.63
N ARG D 130 28.22 -5.32 60.87
CA ARG D 130 28.84 -6.64 60.80
C ARG D 130 29.74 -6.81 59.59
N LEU D 131 29.93 -5.76 58.79
CA LEU D 131 30.89 -5.76 57.68
C LEU D 131 31.79 -4.55 57.85
N VAL D 132 33.11 -4.76 57.91
CA VAL D 132 34.04 -3.69 58.23
C VAL D 132 35.31 -3.81 57.39
N ILE D 133 35.94 -2.67 57.16
CA ILE D 133 37.18 -2.56 56.40
C ILE D 133 38.31 -2.17 57.36
N ASP D 134 39.42 -2.89 57.28
CA ASP D 134 40.58 -2.55 58.10
C ASP D 134 41.00 -1.11 57.83
N PRO D 135 40.92 -0.20 58.81
CA PRO D 135 41.21 1.22 58.53
C PRO D 135 42.68 1.51 58.28
N ASN D 136 43.57 0.53 58.46
CA ASN D 136 44.98 0.72 58.13
C ASN D 136 45.41 -0.04 56.89
N LYS D 137 44.65 -1.05 56.47
CA LYS D 137 45.02 -1.90 55.33
C LYS D 137 43.71 -2.32 54.67
N ASN D 138 43.23 -1.50 53.74
CA ASN D 138 41.85 -1.59 53.28
C ASN D 138 41.60 -2.72 52.28
N ASN D 139 42.59 -3.58 52.01
CA ASN D 139 42.31 -4.82 51.31
C ASN D 139 41.77 -5.90 52.24
N ILE D 140 41.73 -5.65 53.55
CA ILE D 140 41.27 -6.61 54.54
C ILE D 140 39.86 -6.22 54.97
N LEU D 141 38.93 -7.18 54.88
CA LEU D 141 37.57 -6.99 55.38
C LEU D 141 37.16 -8.18 56.23
N TYR D 142 36.32 -7.92 57.22
CA TYR D 142 35.73 -8.97 58.04
C TYR D 142 34.21 -8.89 57.96
N PHE D 143 33.57 -10.06 58.04
CA PHE D 143 32.12 -10.15 57.99
C PHE D 143 31.64 -11.14 59.04
N GLY D 144 30.75 -10.67 59.94
CA GLY D 144 30.15 -11.53 60.93
C GLY D 144 28.80 -12.02 60.46
N ALA D 145 28.66 -13.34 60.36
CA ALA D 145 27.54 -13.96 59.65
C ALA D 145 26.49 -14.52 60.61
N ARG D 146 25.37 -14.97 60.02
CA ARG D 146 24.25 -15.53 60.74
C ARG D 146 24.29 -17.05 60.74
N SER D 147 23.34 -17.65 61.47
CA SER D 147 22.99 -19.06 61.38
C SER D 147 24.14 -19.98 61.75
N GLY D 148 25.09 -19.51 62.53
CA GLY D 148 26.22 -20.33 62.92
C GLY D 148 27.37 -20.34 61.95
N ASN D 149 27.33 -19.52 60.89
CA ASN D 149 28.41 -19.49 59.94
C ASN D 149 29.62 -18.69 60.42
N GLY D 150 29.48 -17.95 61.53
CA GLY D 150 30.63 -17.38 62.21
C GLY D 150 31.27 -16.17 61.57
N LEU D 151 32.59 -16.10 61.63
CA LEU D 151 33.34 -14.95 61.16
C LEU D 151 34.02 -15.29 59.84
N TRP D 152 33.94 -14.35 58.89
CA TRP D 152 34.53 -14.53 57.57
C TRP D 152 35.42 -13.33 57.27
N LYS D 153 36.41 -13.53 56.41
CA LYS D 153 37.34 -12.45 56.11
C LYS D 153 37.75 -12.51 54.64
N SER D 154 38.11 -11.34 54.11
CA SER D 154 38.68 -11.20 52.79
C SER D 154 40.00 -10.47 52.91
N ILE D 155 40.98 -10.88 52.10
CA ILE D 155 42.25 -10.17 52.03
C ILE D 155 42.51 -9.61 50.64
N ASP D 156 41.52 -9.67 49.75
CA ASP D 156 41.67 -9.17 48.39
C ASP D 156 40.56 -8.17 48.07
N SER D 157 40.27 -7.28 49.01
CA SER D 157 39.29 -6.21 48.84
C SER D 157 37.91 -6.76 48.47
N GLY D 158 37.48 -7.80 49.18
CA GLY D 158 36.14 -8.32 49.06
C GLY D 158 35.89 -9.25 47.89
N VAL D 159 36.92 -9.58 47.09
CA VAL D 159 36.70 -10.42 45.92
C VAL D 159 36.47 -11.87 46.33
N THR D 160 37.26 -12.38 47.28
CA THR D 160 37.09 -13.74 47.76
C THR D 160 37.02 -13.73 49.28
N TRP D 161 36.28 -14.70 49.83
CA TRP D 161 35.98 -14.76 51.25
C TRP D 161 36.26 -16.17 51.77
N SER D 162 36.74 -16.24 53.01
CA SER D 162 36.98 -17.54 53.62
C SER D 162 36.67 -17.47 55.11
N LYS D 163 36.29 -18.61 55.67
CA LYS D 163 35.90 -18.68 57.07
C LYS D 163 37.11 -18.51 57.98
N VAL D 164 36.94 -17.72 59.04
CA VAL D 164 37.93 -17.63 60.11
C VAL D 164 37.57 -18.75 61.09
N THR D 165 38.17 -19.93 60.87
CA THR D 165 37.80 -21.11 61.64
C THR D 165 38.26 -21.03 63.09
N SER D 166 39.13 -20.07 63.43
CA SER D 166 39.58 -19.92 64.79
C SER D 166 38.64 -19.09 65.65
N PHE D 167 37.59 -18.50 65.08
CA PHE D 167 36.67 -17.73 65.91
C PHE D 167 35.85 -18.69 66.77
N PRO D 168 35.81 -18.50 68.09
CA PRO D 168 35.32 -19.56 68.99
C PRO D 168 33.83 -19.59 69.26
N ASN D 169 33.04 -18.61 68.85
CA ASN D 169 31.64 -18.56 69.25
C ASN D 169 30.81 -18.04 68.08
N VAL D 170 30.05 -18.93 67.43
CA VAL D 170 29.21 -18.52 66.30
C VAL D 170 27.86 -17.99 66.76
N GLY D 171 27.61 -17.95 68.05
CA GLY D 171 26.34 -17.48 68.59
C GLY D 171 25.51 -18.62 69.15
N THR D 172 24.70 -18.29 70.16
CA THR D 172 23.74 -19.24 70.73
C THR D 172 22.31 -18.73 70.75
N TYR D 173 22.08 -17.43 70.72
CA TYR D 173 20.74 -16.89 70.83
C TYR D 173 19.92 -17.16 69.56
N ILE D 174 18.68 -17.58 69.77
CA ILE D 174 17.71 -17.79 68.70
C ILE D 174 16.43 -17.07 69.09
N GLN D 175 15.98 -16.12 68.24
CA GLN D 175 14.85 -15.30 68.65
C GLN D 175 13.55 -16.09 68.71
N ASN D 176 13.26 -16.88 67.68
CA ASN D 176 11.98 -17.60 67.57
C ASN D 176 12.21 -19.08 67.31
N PRO D 177 12.73 -19.81 68.30
CA PRO D 177 13.08 -21.22 68.06
C PRO D 177 11.89 -22.09 67.67
N THR D 178 10.67 -21.63 67.88
CA THR D 178 9.48 -22.42 67.59
C THR D 178 8.83 -22.09 66.25
N LEU D 179 9.26 -21.03 65.58
CA LEU D 179 8.66 -20.57 64.33
C LEU D 179 9.53 -20.97 63.14
N ASP D 180 9.01 -20.72 61.94
CA ASP D 180 9.78 -20.96 60.72
C ASP D 180 10.47 -19.70 60.22
N TYR D 181 10.35 -18.59 60.94
CA TYR D 181 11.08 -17.36 60.66
C TYR D 181 11.82 -16.98 61.93
N GLY D 182 13.14 -16.94 61.86
CA GLY D 182 13.96 -16.59 63.01
C GLY D 182 14.28 -17.74 63.94
N ASN D 183 14.24 -18.98 63.46
CA ASN D 183 14.61 -20.13 64.28
C ASN D 183 16.06 -20.55 64.08
N ASP D 184 16.82 -19.81 63.29
CA ASP D 184 18.26 -20.01 63.17
C ASP D 184 18.99 -19.07 64.14
N LEU D 185 20.27 -19.36 64.35
CA LEU D 185 21.09 -18.49 65.19
C LEU D 185 21.18 -17.10 64.58
N VAL D 186 21.05 -16.08 65.43
CA VAL D 186 21.28 -14.71 64.97
C VAL D 186 22.73 -14.54 64.55
N GLY D 187 23.66 -15.12 65.29
CA GLY D 187 25.05 -15.13 64.91
C GLY D 187 25.87 -14.01 65.50
N LEU D 188 26.77 -13.43 64.71
CA LEU D 188 27.63 -12.34 65.17
C LEU D 188 26.90 -11.02 65.03
N SER D 189 27.27 -10.05 65.86
CA SER D 189 26.48 -8.84 66.04
C SER D 189 27.15 -7.57 65.56
N TRP D 190 28.47 -7.44 65.70
CA TRP D 190 29.20 -6.26 65.25
C TRP D 190 30.70 -6.55 65.30
N ILE D 191 31.46 -5.76 64.56
CA ILE D 191 32.92 -5.88 64.49
C ILE D 191 33.50 -4.48 64.56
N THR D 192 34.54 -4.30 65.38
CA THR D 192 35.10 -2.97 65.63
C THR D 192 36.61 -3.06 65.72
N PHE D 193 37.30 -2.39 64.79
CA PHE D 193 38.76 -2.30 64.83
C PHE D 193 39.19 -1.26 65.85
N ASP D 194 40.39 -1.44 66.40
CA ASP D 194 41.09 -0.38 67.11
C ASP D 194 42.18 0.12 66.16
N LYS D 195 41.86 1.20 65.43
CA LYS D 195 42.77 1.70 64.41
C LYS D 195 44.12 2.13 64.97
N SER D 196 44.21 2.39 66.27
CA SER D 196 45.49 2.75 66.86
C SER D 196 46.45 1.57 66.96
N THR D 197 45.99 0.35 66.68
CA THR D 197 46.84 -0.83 66.73
C THR D 197 47.29 -1.28 65.34
N GLY D 198 47.27 -0.39 64.36
CA GLY D 198 47.88 -0.62 63.07
C GLY D 198 48.42 0.68 62.52
N THR D 199 49.13 0.58 61.39
CA THR D 199 49.59 1.75 60.65
C THR D 199 49.29 1.55 59.18
N LEU D 200 49.36 2.63 58.42
CA LEU D 200 49.01 2.59 57.00
C LEU D 200 49.84 1.55 56.28
N GLY D 201 49.16 0.59 55.65
CA GLY D 201 49.81 -0.51 54.98
C GLY D 201 50.05 -1.72 55.84
N ASN D 202 49.68 -1.68 57.12
CA ASN D 202 49.94 -2.76 58.06
C ASN D 202 48.66 -3.11 58.80
N ALA D 203 48.31 -4.40 58.80
CA ALA D 203 47.04 -4.85 59.33
C ALA D 203 46.82 -4.38 60.76
N THR D 204 45.59 -3.96 61.05
CA THR D 204 45.21 -3.59 62.41
C THR D 204 45.18 -4.83 63.29
N GLN D 205 45.85 -4.74 64.45
CA GLN D 205 46.11 -5.93 65.25
C GLN D 205 44.99 -6.24 66.26
N THR D 206 44.31 -5.24 66.79
CA THR D 206 43.26 -5.49 67.76
C THR D 206 41.89 -5.31 67.12
N ILE D 207 41.04 -6.34 67.27
CA ILE D 207 39.68 -6.38 66.71
C ILE D 207 38.73 -6.83 67.80
N TYR D 208 37.60 -6.13 67.94
CA TYR D 208 36.55 -6.52 68.87
C TYR D 208 35.35 -7.05 68.08
N VAL D 209 34.74 -8.12 68.58
CA VAL D 209 33.59 -8.73 67.93
C VAL D 209 32.51 -8.99 68.98
N GLY D 210 31.28 -8.59 68.67
CA GLY D 210 30.13 -8.88 69.50
C GLY D 210 29.38 -10.07 68.92
N VAL D 211 28.84 -10.90 69.81
CA VAL D 211 28.20 -12.16 69.43
C VAL D 211 26.87 -12.26 70.17
N ALA D 212 25.81 -12.65 69.45
CA ALA D 212 24.51 -12.87 70.08
C ALA D 212 24.58 -14.15 70.91
N ASP D 213 25.05 -14.00 72.14
CA ASP D 213 25.18 -15.09 73.11
C ASP D 213 25.15 -14.45 74.49
N THR D 214 24.10 -14.72 75.26
CA THR D 214 23.94 -14.04 76.55
C THR D 214 24.97 -14.46 77.58
N ALA D 215 25.59 -15.63 77.41
CA ALA D 215 26.58 -16.11 78.36
C ALA D 215 27.98 -15.59 78.07
N SER D 216 28.27 -15.20 76.83
CA SER D 216 29.61 -14.79 76.44
C SER D 216 29.55 -14.07 75.11
N SER D 217 29.52 -12.74 75.12
CA SER D 217 29.12 -11.99 73.93
C SER D 217 30.19 -11.09 73.32
N VAL D 218 31.28 -10.78 74.03
CA VAL D 218 32.26 -9.83 73.51
C VAL D 218 33.62 -10.51 73.45
N TYR D 219 34.25 -10.43 72.28
CA TYR D 219 35.49 -11.14 71.99
C TYR D 219 36.53 -10.17 71.45
N ARG D 220 37.80 -10.51 71.66
CA ARG D 220 38.89 -9.67 71.20
C ARG D 220 40.01 -10.51 70.63
N SER D 221 40.55 -10.06 69.50
CA SER D 221 41.84 -10.53 69.00
C SER D 221 42.84 -9.40 69.14
N THR D 222 44.07 -9.75 69.54
CA THR D 222 45.17 -8.79 69.56
C THR D 222 46.27 -9.14 68.56
N ASP D 223 46.06 -10.17 67.73
CA ASP D 223 47.05 -10.56 66.73
C ASP D 223 46.45 -10.53 65.33
N GLY D 224 45.60 -9.55 65.06
CA GLY D 224 45.06 -9.36 63.72
C GLY D 224 44.02 -10.37 63.31
N GLY D 225 43.27 -10.92 64.26
CA GLY D 225 42.19 -11.83 63.94
C GLY D 225 42.55 -13.29 63.88
N VAL D 226 43.76 -13.68 64.30
CA VAL D 226 44.15 -15.07 64.23
C VAL D 226 43.66 -15.85 65.44
N THR D 227 43.87 -15.29 66.64
CA THR D 227 43.43 -15.91 67.88
C THR D 227 42.47 -14.98 68.61
N TRP D 228 41.50 -15.57 69.30
CA TRP D 228 40.40 -14.83 69.89
C TRP D 228 40.20 -15.25 71.34
N THR D 229 39.85 -14.29 72.19
CA THR D 229 39.52 -14.57 73.59
C THR D 229 38.31 -13.75 73.99
N ALA D 230 37.45 -14.33 74.82
CA ALA D 230 36.37 -13.57 75.42
C ALA D 230 36.94 -12.56 76.41
N LEU D 231 36.41 -11.34 76.39
CA LEU D 231 36.89 -10.31 77.29
C LEU D 231 36.60 -10.69 78.74
N ALA D 232 37.64 -10.70 79.57
CA ALA D 232 37.49 -11.08 80.96
C ALA D 232 36.61 -10.09 81.70
N GLY D 233 35.78 -10.62 82.61
CA GLY D 233 34.94 -9.79 83.46
C GLY D 233 33.75 -9.16 82.78
N GLN D 234 33.45 -9.54 81.54
CA GLN D 234 32.35 -8.91 80.82
C GLN D 234 31.00 -9.27 81.45
N PRO D 235 30.00 -8.39 81.31
CA PRO D 235 28.67 -8.71 81.85
C PRO D 235 28.00 -9.78 81.02
N THR D 236 27.08 -10.50 81.67
CA THR D 236 26.34 -11.58 81.04
C THR D 236 24.84 -11.34 81.17
N GLY D 237 24.06 -12.03 80.34
CA GLY D 237 22.62 -12.00 80.41
C GLY D 237 21.95 -11.21 79.30
N PHE D 238 22.68 -10.43 78.52
CA PHE D 238 22.10 -9.58 77.50
C PHE D 238 22.84 -9.78 76.18
N LEU D 239 22.42 -9.03 75.16
CA LEU D 239 22.95 -9.16 73.81
C LEU D 239 23.45 -7.81 73.34
N PRO D 240 24.76 -7.67 73.05
CA PRO D 240 25.33 -6.35 72.71
C PRO D 240 24.94 -5.94 71.30
N HIS D 241 24.30 -4.78 71.19
CA HIS D 241 23.77 -4.30 69.91
C HIS D 241 24.84 -3.56 69.11
N HIS D 242 25.66 -2.78 69.80
CA HIS D 242 26.73 -2.02 69.17
C HIS D 242 27.92 -1.97 70.11
N GLY D 243 29.11 -1.87 69.52
CA GLY D 243 30.31 -1.62 70.29
C GLY D 243 31.15 -0.58 69.61
N GLU D 244 31.30 0.59 70.24
CA GLU D 244 32.01 1.71 69.64
C GLU D 244 33.18 2.09 70.52
N LEU D 245 34.35 2.22 69.90
CA LEU D 245 35.58 2.51 70.62
C LEU D 245 35.94 3.98 70.47
N SER D 246 35.98 4.69 71.58
CA SER D 246 36.37 6.09 71.58
C SER D 246 37.89 6.22 71.57
N SER D 247 38.36 7.37 71.09
CA SER D 247 39.80 7.64 71.08
C SER D 247 40.38 7.75 72.49
N THR D 248 39.55 7.84 73.53
CA THR D 248 40.06 7.77 74.89
C THR D 248 40.45 6.36 75.30
N GLY D 249 40.22 5.37 74.45
CA GLY D 249 40.48 3.99 74.79
C GLY D 249 39.35 3.26 75.44
N ASP D 250 38.16 3.86 75.51
CA ASP D 250 37.00 3.24 76.16
C ASP D 250 36.07 2.66 75.10
N LEU D 251 35.71 1.40 75.28
CA LEU D 251 34.78 0.70 74.39
C LEU D 251 33.40 0.75 75.01
N TYR D 252 32.47 1.41 74.33
CA TYR D 252 31.09 1.55 74.79
C TYR D 252 30.22 0.51 74.10
N ILE D 253 29.33 -0.13 74.87
CA ILE D 253 28.54 -1.24 74.35
C ILE D 253 27.10 -1.12 74.86
N THR D 254 26.14 -1.07 73.96
CA THR D 254 24.73 -1.14 74.33
C THR D 254 24.25 -2.59 74.34
N TYR D 255 23.35 -2.90 75.25
CA TYR D 255 22.83 -4.25 75.38
C TYR D 255 21.31 -4.23 75.47
N SER D 256 20.71 -5.28 74.93
CA SER D 256 19.27 -5.51 75.06
C SER D 256 19.07 -6.99 75.39
N ASN D 257 17.92 -7.30 75.99
CA ASN D 257 17.60 -8.71 76.19
C ASN D 257 16.98 -9.36 74.96
N GLY D 258 16.88 -8.62 73.85
CA GLY D 258 16.61 -9.21 72.55
C GLY D 258 17.58 -8.66 71.51
N VAL D 259 17.46 -9.17 70.29
CA VAL D 259 18.24 -8.64 69.19
C VAL D 259 17.48 -7.61 68.36
N GLY D 260 16.19 -7.40 68.65
CA GLY D 260 15.42 -6.39 67.96
C GLY D 260 15.00 -6.83 66.57
N PRO D 261 14.36 -5.94 65.81
CA PRO D 261 14.12 -4.53 66.16
C PRO D 261 12.84 -4.27 66.99
N TYR D 262 12.00 -5.29 67.14
CA TYR D 262 10.68 -5.09 67.74
C TYR D 262 10.65 -5.31 69.25
N ASP D 263 11.59 -6.06 69.81
CA ASP D 263 11.51 -6.43 71.22
C ASP D 263 12.51 -5.61 72.03
N GLY D 264 12.87 -6.11 73.20
CA GLY D 264 13.74 -5.37 74.10
C GLY D 264 12.96 -4.86 75.30
N SER D 265 12.94 -5.65 76.37
CA SER D 265 12.22 -5.30 77.58
C SER D 265 13.16 -5.11 78.77
N LYS D 266 14.47 -5.14 78.54
CA LYS D 266 15.47 -4.92 79.57
C LYS D 266 16.79 -4.63 78.87
N GLY D 267 17.61 -3.78 79.49
CA GLY D 267 18.84 -3.37 78.82
C GLY D 267 19.88 -2.84 79.77
N GLU D 268 21.11 -2.79 79.26
CA GLU D 268 22.25 -2.23 79.97
C GLU D 268 23.13 -1.50 78.99
N VAL D 269 23.97 -0.60 79.52
CA VAL D 269 25.06 0.01 78.77
C VAL D 269 26.32 -0.09 79.62
N TRP D 270 27.40 -0.61 79.02
CA TRP D 270 28.66 -0.77 79.71
C TRP D 270 29.77 -0.05 78.95
N LYS D 271 30.85 0.25 79.66
CA LYS D 271 32.07 0.72 79.02
C LYS D 271 33.24 -0.12 79.52
N TYR D 272 34.14 -0.44 78.59
CA TYR D 272 35.28 -1.29 78.86
C TYR D 272 36.55 -0.49 78.52
N ASN D 273 37.46 -0.36 79.47
CA ASN D 273 38.69 0.36 79.21
C ASN D 273 39.70 -0.60 78.61
N LYS D 274 40.20 -0.26 77.41
CA LYS D 274 41.06 -1.20 76.69
C LYS D 274 42.41 -1.41 77.36
N THR D 275 42.86 -0.47 78.21
CA THR D 275 44.16 -0.58 78.84
C THR D 275 44.09 -1.37 80.15
N SER D 276 43.23 -0.93 81.07
CA SER D 276 43.12 -1.58 82.36
C SER D 276 42.28 -2.86 82.31
N GLY D 277 41.40 -2.99 81.33
CA GLY D 277 40.47 -4.10 81.30
C GLY D 277 39.27 -3.93 82.21
N ALA D 278 39.06 -2.74 82.77
CA ALA D 278 38.00 -2.53 83.74
C ALA D 278 36.65 -2.31 83.06
N TRP D 279 35.61 -2.89 83.64
CA TRP D 279 34.24 -2.72 83.18
C TRP D 279 33.50 -1.76 84.11
N THR D 280 32.69 -0.87 83.52
CA THR D 280 31.89 0.07 84.29
C THR D 280 30.46 0.04 83.76
N ASN D 281 29.50 -0.21 84.64
CA ASN D 281 28.09 -0.17 84.27
C ASN D 281 27.65 1.29 84.20
N ILE D 282 27.28 1.76 83.01
CA ILE D 282 26.89 3.15 82.81
C ILE D 282 25.46 3.21 82.29
N SER D 283 24.66 2.19 82.62
CA SER D 283 23.27 2.15 82.16
C SER D 283 22.50 3.38 82.62
N PRO D 284 21.88 4.13 81.70
CA PRO D 284 21.11 5.31 82.13
C PRO D 284 20.00 5.00 83.12
N THR D 285 19.36 3.85 83.00
CA THR D 285 18.33 3.41 83.93
C THR D 285 18.58 1.96 84.31
N THR D 286 18.24 1.61 85.54
CA THR D 286 18.45 0.26 86.06
C THR D 286 17.21 -0.18 86.82
N GLY D 287 17.15 -1.49 87.09
CA GLY D 287 16.07 -2.02 87.92
C GLY D 287 14.71 -1.78 87.29
N THR D 288 13.73 -1.43 88.13
CA THR D 288 12.40 -1.16 87.62
C THR D 288 12.32 0.15 86.84
N ASP D 289 13.33 1.01 86.92
CA ASP D 289 13.36 2.20 86.06
C ASP D 289 13.64 1.85 84.60
N ASN D 290 14.02 0.61 84.31
CA ASN D 290 14.39 0.18 82.97
C ASN D 290 13.51 -0.99 82.57
N TRP D 291 12.79 -0.81 81.46
CA TRP D 291 11.91 -1.85 80.91
C TRP D 291 12.13 -2.02 79.42
N TYR D 292 13.34 -1.71 78.94
CA TYR D 292 13.62 -1.67 77.52
C TYR D 292 15.10 -1.99 77.31
N GLY D 293 15.42 -2.49 76.13
CA GLY D 293 16.81 -2.62 75.76
C GLY D 293 17.41 -1.28 75.40
N PHE D 294 18.73 -1.26 75.27
CA PHE D 294 19.43 -0.11 74.69
C PHE D 294 19.94 -0.52 73.32
N GLY D 295 19.62 0.29 72.32
CA GLY D 295 19.95 -0.06 70.95
C GLY D 295 20.99 0.84 70.35
N GLY D 296 20.55 1.94 69.75
CA GLY D 296 21.44 2.88 69.10
C GLY D 296 22.56 3.36 69.99
N LEU D 297 23.74 3.57 69.41
CA LEU D 297 24.91 4.04 70.15
C LEU D 297 25.69 4.96 69.24
N ALA D 298 25.85 6.21 69.65
CA ALA D 298 26.54 7.22 68.86
C ALA D 298 27.64 7.85 69.70
N LEU D 299 28.88 7.75 69.24
CA LEU D 299 29.97 8.52 69.83
C LEU D 299 30.15 9.82 69.05
N ASP D 300 30.58 10.86 69.76
CA ASP D 300 30.91 12.16 69.17
C ASP D 300 32.41 12.17 68.92
N ALA D 301 32.81 12.06 67.64
CA ALA D 301 34.24 11.98 67.33
C ALA D 301 34.98 13.26 67.71
N GLN D 302 34.33 14.42 67.55
CA GLN D 302 35.00 15.68 67.88
C GLN D 302 35.05 15.95 69.38
N HIS D 303 34.27 15.23 70.18
CA HIS D 303 34.24 15.41 71.64
C HIS D 303 34.15 14.04 72.27
N PRO D 304 35.29 13.37 72.45
CA PRO D 304 35.29 11.92 72.62
C PRO D 304 34.73 11.42 73.95
N ASN D 305 34.34 12.28 74.88
CA ASN D 305 33.63 11.83 76.07
C ASN D 305 32.13 12.06 75.98
N THR D 306 31.64 12.45 74.81
CA THR D 306 30.21 12.63 74.58
C THR D 306 29.69 11.44 73.79
N LEU D 307 28.54 10.90 74.22
CA LEU D 307 27.93 9.79 73.52
C LEU D 307 26.43 9.83 73.78
N MSE D 308 25.69 9.11 72.94
CA MSE D 308 24.25 9.00 73.11
C MSE D 308 23.80 7.57 72.88
O MSE D 308 24.43 6.81 72.13
CB MSE D 308 23.51 9.93 72.14
CG MSE D 308 23.84 11.40 72.32
SE MSE D 308 22.63 12.56 71.33
CE MSE D 308 22.91 11.74 69.57
N VAL D 309 22.71 7.17 73.55
CA VAL D 309 22.11 5.87 73.36
C VAL D 309 20.60 6.07 73.26
N SER D 310 19.94 5.14 72.57
CA SER D 310 18.49 5.20 72.43
C SER D 310 17.86 3.93 73.01
N SER D 311 16.63 4.08 73.51
CA SER D 311 15.89 2.94 74.01
C SER D 311 15.40 2.07 72.86
N LEU D 312 15.26 0.77 73.14
CA LEU D 312 14.84 -0.21 72.13
C LEU D 312 14.26 -1.41 72.87
N ASN D 313 12.95 -1.39 73.15
CA ASN D 313 12.04 -0.27 72.89
C ASN D 313 11.29 0.10 74.17
N ALA D 314 11.19 1.39 74.48
CA ALA D 314 10.46 1.84 75.65
C ALA D 314 8.96 2.01 75.40
N TRP D 315 8.58 2.34 74.16
CA TRP D 315 7.19 2.39 73.70
C TRP D 315 6.37 3.54 74.30
N TRP D 316 6.26 3.61 75.62
CA TRP D 316 5.32 4.55 76.22
C TRP D 316 6.03 5.48 77.21
N PRO D 317 5.76 6.80 77.15
CA PRO D 317 4.92 7.43 76.13
C PRO D 317 5.65 7.62 74.81
N ASP D 318 6.98 7.50 74.86
CA ASP D 318 7.82 7.64 73.68
C ASP D 318 9.15 6.98 73.98
N GLU D 319 9.97 6.80 72.95
CA GLU D 319 11.34 6.37 73.17
C GLU D 319 12.12 7.50 73.83
N VAL D 320 13.33 7.16 74.29
CA VAL D 320 14.21 8.10 74.97
C VAL D 320 15.59 8.04 74.33
N ILE D 321 16.17 9.21 74.06
CA ILE D 321 17.59 9.31 73.73
C ILE D 321 18.28 9.89 74.96
N PHE D 322 19.32 9.20 75.43
CA PHE D 322 20.12 9.67 76.55
C PHE D 322 21.44 10.19 76.03
N ARG D 323 21.91 11.29 76.61
CA ARG D 323 23.14 11.94 76.17
C ARG D 323 24.05 12.17 77.37
N SER D 324 25.30 11.76 77.25
CA SER D 324 26.31 12.01 78.28
C SER D 324 27.46 12.79 77.66
N THR D 325 27.99 13.75 78.40
CA THR D 325 29.18 14.46 77.99
C THR D 325 30.37 14.16 78.88
N ASN D 326 30.25 13.20 79.79
CA ASN D 326 31.33 12.85 80.71
C ASN D 326 31.61 11.34 80.67
N GLY D 327 31.58 10.75 79.49
CA GLY D 327 31.91 9.35 79.35
C GLY D 327 30.94 8.39 80.00
N GLY D 328 29.67 8.76 80.08
CA GLY D 328 28.65 7.90 80.66
C GLY D 328 28.48 8.03 82.16
N ALA D 329 29.23 8.90 82.82
CA ALA D 329 29.10 9.03 84.27
C ALA D 329 27.71 9.54 84.65
N THR D 330 27.20 10.53 83.92
CA THR D 330 25.83 11.00 84.12
C THR D 330 25.18 11.20 82.76
N TRP D 331 23.86 11.06 82.72
CA TRP D 331 23.10 11.17 81.48
C TRP D 331 22.06 12.28 81.59
N SER D 332 21.76 12.89 80.45
CA SER D 332 20.65 13.80 80.27
C SER D 332 19.66 13.17 79.30
N ARG D 333 18.36 13.23 79.62
CA ARG D 333 17.33 12.68 78.77
C ARG D 333 16.84 13.74 77.78
N ILE D 334 16.39 13.28 76.60
CA ILE D 334 15.86 14.22 75.61
C ILE D 334 14.48 14.73 75.99
N TRP D 335 13.79 14.06 76.92
CA TRP D 335 12.57 14.58 77.51
C TRP D 335 12.48 14.09 78.94
N ASP D 336 11.74 14.83 79.75
CA ASP D 336 11.57 14.49 81.16
C ASP D 336 10.11 14.66 81.55
N TRP D 337 9.73 14.01 82.64
CA TRP D 337 8.43 14.27 83.24
C TRP D 337 8.46 15.62 83.94
N GLY D 338 7.40 16.40 83.75
CA GLY D 338 7.21 17.61 84.53
C GLY D 338 6.30 17.31 85.71
N ASN D 339 5.24 18.08 85.84
CA ASN D 339 4.16 17.72 86.76
C ASN D 339 3.28 16.73 86.01
N TYR D 340 3.40 15.44 86.36
CA TYR D 340 2.72 14.39 85.62
C TYR D 340 1.24 14.74 85.45
N PRO D 341 0.63 14.49 84.28
CA PRO D 341 1.23 13.82 83.11
C PRO D 341 1.98 14.72 82.13
N GLU D 342 2.24 15.98 82.48
CA GLU D 342 2.96 16.89 81.59
CA GLU D 342 2.93 16.81 81.51
C GLU D 342 4.41 16.46 81.46
N ARG D 343 5.01 16.77 80.31
CA ARG D 343 6.40 16.48 80.04
C ARG D 343 7.12 17.75 79.60
N THR D 344 8.44 17.75 79.75
CA THR D 344 9.29 18.78 79.21
C THR D 344 10.21 18.15 78.16
N TYR D 345 10.54 18.93 77.13
CA TYR D 345 11.20 18.41 75.95
C TYR D 345 12.45 19.23 75.65
N LYS D 346 13.55 18.54 75.36
CA LYS D 346 14.74 19.19 74.82
C LYS D 346 14.76 19.13 73.29
N PHE D 347 13.67 18.70 72.67
CA PHE D 347 13.61 18.57 71.23
C PHE D 347 12.27 19.08 70.72
N SER D 348 12.26 19.39 69.42
CA SER D 348 11.06 19.78 68.70
C SER D 348 11.01 18.94 67.43
N MSE D 349 9.85 18.36 67.13
CA MSE D 349 9.71 17.54 65.93
C MSE D 349 9.16 18.35 64.77
O MSE D 349 8.20 19.09 64.92
CB MSE D 349 8.77 16.35 66.18
CG MSE D 349 9.25 15.39 67.26
SE MSE D 349 10.86 14.44 66.77
CE MSE D 349 10.10 13.30 65.39
N ASP D 350 9.77 18.16 63.60
CA ASP D 350 9.37 18.84 62.37
C ASP D 350 9.12 17.76 61.32
N ILE D 351 7.86 17.59 60.91
CA ILE D 351 7.52 16.62 59.87
C ILE D 351 6.86 17.34 58.70
N THR D 352 7.24 18.61 58.48
CA THR D 352 6.69 19.33 57.34
C THR D 352 7.07 18.67 56.01
N ALA D 353 8.15 17.90 55.96
CA ALA D 353 8.51 17.20 54.74
C ALA D 353 7.67 15.95 54.50
N ALA D 354 6.93 15.49 55.50
CA ALA D 354 6.02 14.35 55.35
C ALA D 354 4.92 14.51 56.40
N PRO D 355 3.98 15.43 56.18
CA PRO D 355 3.03 15.77 57.24
C PRO D 355 2.13 14.62 57.66
N TRP D 356 2.03 13.56 56.85
CA TRP D 356 1.19 12.43 57.22
C TRP D 356 1.75 11.62 58.37
N LEU D 357 2.98 11.90 58.82
CA LEU D 357 3.57 11.17 59.93
C LEU D 357 2.88 11.46 61.26
N ASP D 358 1.91 12.37 61.30
CA ASP D 358 1.09 12.49 62.50
C ASP D 358 -0.07 11.49 62.52
N HIS D 359 -0.21 10.69 61.46
CA HIS D 359 -1.27 9.68 61.34
C HIS D 359 -2.66 10.28 61.53
N GLY D 360 -2.80 11.58 61.27
CA GLY D 360 -4.09 12.23 61.40
C GLY D 360 -4.59 12.39 62.81
N THR D 361 -3.73 12.24 63.81
CA THR D 361 -4.14 12.36 65.21
C THR D 361 -3.41 13.53 65.87
N THR D 362 -4.14 14.22 66.76
CA THR D 362 -3.56 15.33 67.50
C THR D 362 -2.67 14.81 68.62
N SER D 363 -1.59 15.54 68.89
CA SER D 363 -0.59 15.10 69.83
C SER D 363 -0.99 15.44 71.27
N THR D 364 -0.64 14.54 72.20
CA THR D 364 -0.78 14.81 73.62
C THR D 364 0.52 14.41 74.31
N SER D 365 0.60 14.74 75.60
CA SER D 365 1.77 14.39 76.39
C SER D 365 1.98 12.88 76.43
N LEU D 366 0.91 12.12 76.70
CA LEU D 366 1.01 10.68 76.84
C LEU D 366 0.92 9.94 75.51
N ASP D 367 0.44 10.59 74.46
CA ASP D 367 0.36 10.00 73.13
C ASP D 367 0.91 10.99 72.12
N PRO D 368 2.23 11.15 72.06
CA PRO D 368 2.80 12.13 71.13
C PRO D 368 2.55 11.73 69.68
N SER D 369 2.37 12.74 68.85
CA SER D 369 2.15 12.55 67.41
C SER D 369 2.73 13.75 66.67
N PRO D 370 3.84 13.59 65.95
CA PRO D 370 4.58 12.32 65.78
C PRO D 370 5.45 11.97 66.98
N LYS D 371 5.68 10.66 67.18
CA LYS D 371 6.61 10.23 68.20
C LYS D 371 8.05 10.54 67.77
N LEU D 372 8.92 10.65 68.78
CA LEU D 372 10.35 10.73 68.53
C LEU D 372 10.82 9.59 67.65
N GLY D 373 10.25 8.40 67.84
CA GLY D 373 10.54 7.28 66.97
C GLY D 373 10.18 5.97 67.63
N TRP D 374 10.60 4.90 66.95
CA TRP D 374 10.50 3.55 67.45
C TRP D 374 11.45 2.70 66.62
N MSE D 375 11.76 1.52 67.12
CA MSE D 375 12.76 0.65 66.49
C MSE D 375 14.08 1.40 66.26
O MSE D 375 14.73 1.25 65.23
CB MSE D 375 12.23 0.09 65.16
CG MSE D 375 11.06 -0.88 65.35
SE MSE D 375 9.98 -1.08 63.76
CE MSE D 375 11.26 -1.98 62.61
N MSE D 376 14.47 2.20 67.25
CA MSE D 376 15.68 2.99 67.14
C MSE D 376 16.92 2.18 67.53
O MSE D 376 17.49 2.35 68.61
CB MSE D 376 15.56 4.26 67.98
CG MSE D 376 14.44 5.17 67.47
SE MSE D 376 13.91 6.56 68.73
CE MSE D 376 15.55 7.57 68.75
N GLY D 377 17.33 1.29 66.63
CA GLY D 377 18.49 0.46 66.86
C GLY D 377 19.81 1.05 66.41
N ASP D 378 19.80 2.21 65.75
CA ASP D 378 21.02 2.84 65.24
C ASP D 378 20.91 4.34 65.39
N LEU D 379 21.96 4.95 65.94
CA LEU D 379 22.00 6.37 66.24
C LEU D 379 23.38 6.86 65.85
N GLU D 380 23.45 8.02 65.17
CA GLU D 380 24.70 8.49 64.63
C GLU D 380 24.92 9.97 64.93
N ILE D 381 26.16 10.32 65.28
CA ILE D 381 26.62 11.70 65.31
C ILE D 381 27.66 11.85 64.20
N ASP D 382 27.46 12.84 63.33
CA ASP D 382 28.40 13.12 62.25
C ASP D 382 29.81 13.26 62.81
N PRO D 383 30.77 12.43 62.38
CA PRO D 383 32.13 12.51 62.95
C PRO D 383 32.84 13.80 62.61
N PHE D 384 32.30 14.61 61.69
CA PHE D 384 32.90 15.89 61.34
C PHE D 384 32.01 17.07 61.72
N ASN D 385 30.92 16.83 62.46
CA ASN D 385 30.02 17.91 62.87
C ASN D 385 29.22 17.42 64.07
N SER D 386 29.66 17.80 65.28
CA SER D 386 28.97 17.37 66.50
C SER D 386 27.53 17.84 66.54
N ASN D 387 27.16 18.82 65.70
CA ASN D 387 25.79 19.33 65.67
C ASN D 387 24.85 18.50 64.80
N ARG D 388 25.34 17.53 64.04
CA ARG D 388 24.49 16.76 63.14
C ARG D 388 24.27 15.35 63.67
N MSE D 389 23.01 14.98 63.81
CA MSE D 389 22.60 13.65 64.26
C MSE D 389 21.70 13.05 63.21
O MSE D 389 20.98 13.78 62.54
CB MSE D 389 21.87 13.73 65.62
CG MSE D 389 20.74 12.72 65.78
SE MSE D 389 19.90 12.76 67.52
CE MSE D 389 18.44 13.97 67.09
N MSE D 390 21.74 11.72 63.07
CA MSE D 390 20.73 11.00 62.29
C MSE D 390 20.38 9.70 62.98
O MSE D 390 21.24 9.08 63.60
CB MSE D 390 21.23 10.70 60.87
CG MSE D 390 21.47 11.90 59.98
SE MSE D 390 21.98 11.31 58.20
CE MSE D 390 22.22 13.06 57.38
N TYR D 391 19.13 9.28 62.86
CA TYR D 391 18.77 7.93 63.29
C TYR D 391 17.63 7.41 62.44
N GLY D 392 17.60 6.09 62.27
CA GLY D 392 16.50 5.44 61.58
C GLY D 392 15.40 5.05 62.56
N THR D 393 14.17 5.06 62.07
CA THR D 393 13.03 4.49 62.78
C THR D 393 12.36 3.47 61.87
N GLY D 394 11.28 2.86 62.37
CA GLY D 394 10.51 1.95 61.54
C GLY D 394 9.78 2.61 60.40
N ALA D 395 9.81 3.94 60.31
CA ALA D 395 9.09 4.67 59.27
C ALA D 395 9.93 5.66 58.49
N THR D 396 11.05 6.15 59.01
CA THR D 396 11.73 7.24 58.31
C THR D 396 13.16 7.37 58.82
N ILE D 397 13.84 8.43 58.39
CA ILE D 397 15.11 8.87 58.94
C ILE D 397 14.87 10.25 59.54
N TYR D 398 15.17 10.39 60.82
CA TYR D 398 15.13 11.69 61.47
C TYR D 398 16.56 12.18 61.71
N GLY D 399 16.70 13.49 61.79
CA GLY D 399 18.02 14.04 62.11
C GLY D 399 17.92 15.45 62.62
N SER D 400 19.08 15.98 62.99
CA SER D 400 19.16 17.36 63.48
C SER D 400 20.45 18.00 63.01
N ASN D 401 20.42 19.32 62.86
CA ASN D 401 21.61 20.10 62.54
C ASN D 401 22.04 21.02 63.68
N ASN D 402 21.40 20.93 64.85
CA ASN D 402 21.77 21.77 65.99
C ASN D 402 21.79 20.93 67.27
N LEU D 403 22.40 19.75 67.20
CA LEU D 403 22.35 18.81 68.32
C LEU D 403 22.93 19.40 69.61
N THR D 404 23.99 20.21 69.51
CA THR D 404 24.62 20.68 70.75
C THR D 404 23.78 21.70 71.49
N SER D 405 22.68 22.19 70.90
CA SER D 405 21.72 22.99 71.65
C SER D 405 21.24 22.24 72.89
N TRP D 406 21.27 20.90 72.84
CA TRP D 406 21.00 20.07 74.01
C TRP D 406 21.84 20.51 75.21
N ASP D 407 23.11 20.82 74.98
CA ASP D 407 24.05 21.07 76.09
C ASP D 407 23.97 22.48 76.65
N THR D 408 23.35 23.42 75.95
CA THR D 408 23.40 24.81 76.35
C THR D 408 22.01 25.36 76.71
N GLY D 409 21.12 24.49 77.20
CA GLY D 409 19.80 24.91 77.56
C GLY D 409 18.88 25.21 76.39
N GLY D 410 19.27 24.84 75.18
CA GLY D 410 18.48 25.10 74.00
C GLY D 410 17.60 23.92 73.64
N LYS D 411 17.10 23.94 72.39
CA LYS D 411 16.17 22.94 71.91
C LYS D 411 16.70 22.32 70.62
N VAL D 412 16.80 21.01 70.60
CA VAL D 412 17.24 20.27 69.41
C VAL D 412 16.09 20.18 68.43
N ASN D 413 16.26 20.72 67.23
CA ASN D 413 15.23 20.65 66.20
C ASN D 413 15.45 19.37 65.40
N ILE D 414 14.51 18.44 65.49
CA ILE D 414 14.57 17.18 64.77
C ILE D 414 13.61 17.25 63.59
N SER D 415 14.08 16.84 62.41
CA SER D 415 13.27 16.91 61.21
C SER D 415 13.46 15.65 60.38
N VAL D 416 12.53 15.44 59.44
CA VAL D 416 12.62 14.33 58.51
C VAL D 416 13.81 14.55 57.59
N MSE D 417 14.73 13.59 57.55
CA MSE D 417 15.89 13.68 56.68
C MSE D 417 15.94 12.50 55.74
O MSE D 417 17.01 11.91 55.52
CB MSE D 417 17.19 13.75 57.52
CG MSE D 417 17.30 15.00 58.36
SE MSE D 417 19.13 15.37 58.93
CE MSE D 417 18.80 17.19 59.55
N ALA D 418 14.78 12.16 55.18
CA ALA D 418 14.64 11.00 54.32
C ALA D 418 14.25 11.40 52.90
N LYS D 419 14.63 12.60 52.48
CA LYS D 419 14.31 13.06 51.13
C LYS D 419 14.96 12.16 50.08
N GLY D 420 14.15 11.68 49.14
CA GLY D 420 14.62 10.75 48.13
C GLY D 420 14.49 9.29 48.51
N VAL D 421 14.20 8.97 49.77
CA VAL D 421 14.03 7.59 50.19
C VAL D 421 12.59 7.16 49.94
N GLU D 422 12.42 6.01 49.27
CA GLU D 422 11.12 5.37 49.12
C GLU D 422 11.29 3.90 49.44
N GLU D 423 10.60 3.43 50.48
CA GLU D 423 10.83 2.09 51.00
C GLU D 423 9.54 1.31 51.24
N THR D 424 8.39 1.79 50.77
CA THR D 424 7.15 1.09 51.07
C THR D 424 6.99 -0.14 50.17
N ALA D 425 6.15 -1.06 50.64
CA ALA D 425 5.75 -2.23 49.86
C ALA D 425 4.34 -1.98 49.34
N VAL D 426 4.18 -2.06 48.02
CA VAL D 426 2.95 -1.66 47.35
C VAL D 426 2.05 -2.88 47.20
N LEU D 427 0.89 -2.85 47.82
CA LEU D 427 -0.05 -3.95 47.73
C LEU D 427 -1.12 -3.74 46.67
N GLY D 428 -1.31 -2.50 46.20
CA GLY D 428 -2.30 -2.21 45.18
C GLY D 428 -2.14 -0.80 44.63
N LEU D 429 -2.56 -0.60 43.38
CA LEU D 429 -2.50 0.70 42.73
C LEU D 429 -3.75 0.87 41.88
N ILE D 430 -4.34 2.06 41.91
CA ILE D 430 -5.40 2.42 40.98
C ILE D 430 -5.13 3.82 40.48
N SER D 431 -5.32 4.02 39.17
CA SER D 431 -5.25 5.33 38.55
C SER D 431 -6.68 5.78 38.22
N PRO D 432 -7.28 6.62 39.05
CA PRO D 432 -8.68 7.02 38.82
C PRO D 432 -8.84 7.69 37.47
N PRO D 433 -9.93 7.42 36.77
CA PRO D 433 -10.12 8.01 35.44
C PRO D 433 -10.55 9.48 35.45
N THR D 434 -11.03 10.00 36.58
CA THR D 434 -11.43 11.40 36.68
C THR D 434 -10.88 11.97 37.99
N GLY D 435 -11.01 13.29 38.13
CA GLY D 435 -10.59 13.97 39.34
C GLY D 435 -9.11 14.37 39.30
N THR D 436 -8.72 15.10 40.34
CA THR D 436 -7.36 15.66 40.39
C THR D 436 -6.30 14.64 40.76
N SER D 437 -6.67 13.44 41.17
CA SER D 437 -5.69 12.42 41.55
C SER D 437 -5.54 11.40 40.44
N HIS D 438 -4.29 11.17 40.03
CA HIS D 438 -3.98 10.15 39.03
C HIS D 438 -3.49 8.85 39.64
N LEU D 439 -3.40 8.77 40.97
CA LEU D 439 -2.84 7.58 41.60
C LEU D 439 -3.26 7.52 43.06
N ILE D 440 -3.82 6.38 43.46
CA ILE D 440 -4.08 6.06 44.86
C ILE D 440 -3.42 4.72 45.16
N THR D 441 -2.66 4.66 46.25
CA THR D 441 -1.86 3.50 46.59
C THR D 441 -2.43 2.78 47.80
N ALA D 442 -2.21 1.46 47.82
CA ALA D 442 -2.45 0.60 48.98
C ALA D 442 -1.10 0.06 49.44
N LEU D 443 -0.69 0.42 50.65
CA LEU D 443 0.67 0.20 51.10
C LEU D 443 0.70 -0.55 52.42
N GLY D 444 1.78 -1.30 52.65
CA GLY D 444 2.03 -1.85 53.95
C GLY D 444 2.51 -0.80 54.93
N ASP D 445 2.15 -0.99 56.21
CA ASP D 445 2.67 -0.22 57.34
C ASP D 445 2.18 1.22 57.41
N VAL D 446 2.04 1.90 56.26
CA VAL D 446 1.60 3.29 56.26
C VAL D 446 0.32 3.47 55.46
N SER D 447 -0.42 2.38 55.24
CA SER D 447 -1.78 2.37 54.70
C SER D 447 -1.86 2.71 53.21
N GLY D 448 -1.29 3.85 52.81
CA GLY D 448 -1.42 4.34 51.45
C GLY D 448 -1.93 5.76 51.42
N PHE D 449 -1.93 6.32 50.21
CA PHE D 449 -2.26 7.73 50.04
C PHE D 449 -2.97 7.98 48.71
N ARG D 450 -3.81 9.01 48.71
CA ARG D 450 -4.30 9.62 47.48
C ARG D 450 -3.30 10.70 47.08
N HIS D 451 -2.61 10.49 45.96
CA HIS D 451 -1.60 11.43 45.49
C HIS D 451 -2.20 12.43 44.53
N GLU D 452 -1.77 13.69 44.66
CA GLU D 452 -2.14 14.70 43.68
C GLU D 452 -0.91 15.09 42.88
N ASP D 453 -0.05 15.94 43.45
CA ASP D 453 1.25 16.20 42.86
C ASP D 453 2.16 15.04 43.25
N LEU D 454 2.61 14.27 42.24
CA LEU D 454 3.41 13.08 42.52
C LEU D 454 4.80 13.41 43.04
N SER D 455 5.17 14.67 43.10
CA SER D 455 6.44 15.08 43.68
C SER D 455 6.28 15.75 45.04
N VAL D 456 5.07 15.77 45.58
CA VAL D 456 4.77 16.41 46.86
C VAL D 456 4.30 15.35 47.84
N ALA D 457 4.91 15.32 49.02
CA ALA D 457 4.50 14.36 50.03
C ALA D 457 3.05 14.57 50.41
N PRO D 458 2.27 13.49 50.57
CA PRO D 458 0.88 13.65 51.02
C PRO D 458 0.82 14.34 52.38
N THR D 459 -0.24 15.13 52.57
CA THR D 459 -0.45 15.78 53.85
C THR D 459 -1.34 14.99 54.80
N LYS D 460 -2.13 14.05 54.29
CA LYS D 460 -3.14 13.36 55.08
C LYS D 460 -2.83 11.87 55.15
N PHE D 461 -2.82 11.33 56.38
CA PHE D 461 -2.85 9.89 56.56
C PHE D 461 -4.28 9.38 56.37
N GLN D 462 -4.40 8.12 55.94
CA GLN D 462 -5.71 7.54 55.70
C GLN D 462 -6.37 7.18 57.03
N THR D 463 -7.49 7.81 57.34
CA THR D 463 -8.17 7.60 58.61
C THR D 463 -9.64 7.30 58.37
N SER D 464 -10.34 6.97 59.47
CA SER D 464 -11.73 6.54 59.52
C SER D 464 -12.11 5.68 58.31
N PRO D 465 -11.55 4.47 58.18
CA PRO D 465 -10.69 3.77 59.15
C PRO D 465 -9.20 4.12 59.05
N SER D 466 -8.51 3.96 60.17
CA SER D 466 -7.06 4.12 60.23
C SER D 466 -6.46 2.77 60.61
N TRP D 467 -5.58 2.24 59.75
CA TRP D 467 -4.89 0.99 60.03
C TRP D 467 -3.47 1.07 59.47
N ALA D 468 -2.71 0.01 59.70
CA ALA D 468 -1.32 -0.01 59.26
C ALA D 468 -1.20 -0.35 57.78
N THR D 469 -1.91 -1.37 57.32
CA THR D 469 -1.69 -1.94 56.00
C THR D 469 -3.01 -2.05 55.25
N THR D 470 -3.09 -1.42 54.07
CA THR D 470 -4.20 -1.63 53.15
C THR D 470 -3.81 -2.76 52.20
N MSE D 471 -4.53 -3.87 52.28
CA MSE D 471 -4.19 -5.04 51.47
C MSE D 471 -4.73 -4.94 50.04
O MSE D 471 -4.17 -5.52 49.12
CB MSE D 471 -4.71 -6.31 52.15
CG MSE D 471 -4.10 -7.60 51.62
SE MSE D 471 -2.19 -7.74 51.94
CE MSE D 471 -2.19 -7.85 53.87
N SER D 472 -5.82 -4.18 49.86
CA SER D 472 -6.50 -4.17 48.57
C SER D 472 -7.39 -2.94 48.48
N ILE D 473 -7.48 -2.37 47.27
CA ILE D 473 -8.35 -1.23 47.00
C ILE D 473 -8.93 -1.39 45.60
N ASP D 474 -10.20 -1.02 45.44
CA ASP D 474 -10.85 -1.03 44.13
C ASP D 474 -11.83 0.13 44.07
N TYR D 475 -12.30 0.42 42.86
CA TYR D 475 -13.28 1.47 42.65
C TYR D 475 -14.32 1.00 41.63
N ALA D 476 -15.48 1.65 41.66
CA ALA D 476 -16.55 1.37 40.71
C ALA D 476 -16.26 2.05 39.38
N GLU D 477 -16.04 1.25 38.33
CA GLU D 477 -15.58 1.82 37.07
C GLU D 477 -16.57 2.83 36.50
N LEU D 478 -17.88 2.55 36.65
CA LEU D 478 -18.88 3.46 36.10
C LEU D 478 -19.19 4.64 37.02
N SER D 479 -18.78 4.56 38.28
CA SER D 479 -18.96 5.65 39.24
C SER D 479 -17.66 5.80 40.03
N PRO D 480 -16.61 6.34 39.39
CA PRO D 480 -15.25 6.18 39.91
C PRO D 480 -14.97 6.96 41.19
N SER D 481 -15.87 7.84 41.63
CA SER D 481 -15.69 8.49 42.92
C SER D 481 -15.91 7.52 44.08
N TYR D 482 -16.56 6.39 43.82
CA TYR D 482 -16.86 5.39 44.83
C TYR D 482 -15.74 4.35 44.87
N MSE D 483 -15.05 4.25 45.98
CA MSE D 483 -14.02 3.23 46.12
C MSE D 483 -14.04 2.60 47.49
O MSE D 483 -14.66 3.12 48.44
CB MSE D 483 -12.63 3.83 45.82
CG MSE D 483 -12.37 5.20 46.35
SE MSE D 483 -10.67 5.88 45.67
CE MSE D 483 -11.18 6.28 43.85
N VAL D 484 -13.38 1.45 47.61
CA VAL D 484 -13.38 0.64 48.82
C VAL D 484 -11.97 0.10 49.05
N ARG D 485 -11.48 0.22 50.27
CA ARG D 485 -10.21 -0.38 50.66
C ARG D 485 -10.42 -1.30 51.85
N VAL D 486 -9.60 -2.35 51.93
CA VAL D 486 -9.65 -3.30 53.04
C VAL D 486 -8.26 -3.46 53.62
N GLY D 487 -8.21 -3.58 54.93
CA GLY D 487 -6.96 -3.80 55.65
C GLY D 487 -7.24 -4.63 56.86
N SER D 488 -6.55 -4.36 57.96
CA SER D 488 -6.79 -5.08 59.20
C SER D 488 -6.71 -4.09 60.36
N ALA D 489 -7.86 -3.80 60.97
CA ALA D 489 -7.91 -2.84 62.06
C ALA D 489 -7.33 -3.42 63.34
N ASP D 490 -6.72 -2.54 64.14
CA ASP D 490 -6.25 -2.87 65.48
C ASP D 490 -7.41 -2.66 66.43
N LYS D 491 -8.15 -3.74 66.70
CA LYS D 491 -9.35 -3.66 67.52
C LYS D 491 -9.06 -3.73 69.01
N GLU D 492 -7.81 -4.03 69.41
CA GLU D 492 -7.43 -3.86 70.80
C GLU D 492 -7.24 -2.39 71.14
N LYS D 493 -6.64 -1.63 70.22
CA LYS D 493 -6.47 -0.20 70.45
C LYS D 493 -7.78 0.55 70.23
N THR D 494 -8.55 0.17 69.22
CA THR D 494 -9.82 0.82 68.88
C THR D 494 -10.85 -0.24 68.55
N PRO D 495 -11.58 -0.74 69.55
CA PRO D 495 -12.52 -1.85 69.29
C PRO D 495 -13.60 -1.52 68.28
N SER D 496 -13.92 -0.24 68.07
CA SER D 496 -14.92 0.14 67.09
C SER D 496 -14.37 0.28 65.67
N MSE D 497 -13.05 0.16 65.48
CA MSE D 497 -12.45 0.32 64.16
C MSE D 497 -12.84 -0.85 63.26
O MSE D 497 -12.91 -1.98 63.72
CB MSE D 497 -10.92 0.42 64.28
CG MSE D 497 -10.25 1.02 63.05
SE MSE D 497 -10.48 2.95 62.90
CE MSE D 497 -8.95 3.52 63.97
N LYS D 498 -13.10 -0.56 62.00
CA LYS D 498 -13.45 -1.57 61.01
C LYS D 498 -12.28 -1.80 60.07
N SER D 499 -12.23 -2.99 59.47
CA SER D 499 -11.19 -3.35 58.53
C SER D 499 -11.58 -3.07 57.08
N ILE D 500 -12.62 -2.27 56.86
CA ILE D 500 -13.03 -1.86 55.53
C ILE D 500 -13.32 -0.37 55.55
N GLY D 501 -12.89 0.33 54.51
CA GLY D 501 -13.17 1.74 54.37
C GLY D 501 -13.77 2.03 53.01
N ILE D 502 -14.66 3.02 52.99
CA ILE D 502 -15.40 3.39 51.80
C ILE D 502 -15.27 4.90 51.58
N SER D 503 -15.16 5.31 50.32
CA SER D 503 -15.07 6.72 49.96
C SER D 503 -16.11 7.05 48.90
N ASN D 504 -16.77 8.20 49.06
CA ASN D 504 -17.69 8.72 48.07
C ASN D 504 -17.09 9.89 47.29
N ASP D 505 -15.87 10.31 47.61
CA ASP D 505 -15.28 11.48 46.96
C ASP D 505 -13.91 11.15 46.36
N GLY D 506 -13.77 9.94 45.82
CA GLY D 506 -12.55 9.59 45.13
C GLY D 506 -11.34 9.44 46.02
N GLY D 507 -11.53 9.06 47.28
CA GLY D 507 -10.42 8.79 48.15
C GLY D 507 -9.94 9.96 48.98
N VAL D 508 -10.64 11.10 48.94
CA VAL D 508 -10.25 12.22 49.79
C VAL D 508 -10.66 11.95 51.23
N ASN D 509 -11.88 11.50 51.46
CA ASN D 509 -12.38 11.17 52.78
C ASN D 509 -12.92 9.75 52.78
N TRP D 510 -12.74 9.05 53.90
CA TRP D 510 -13.22 7.68 54.08
C TRP D 510 -14.17 7.60 55.26
N TYR D 511 -15.05 6.59 55.22
CA TYR D 511 -15.91 6.27 56.35
C TYR D 511 -15.98 4.76 56.48
N MSE D 512 -16.44 4.30 57.63
CA MSE D 512 -16.57 2.87 57.90
C MSE D 512 -18.03 2.46 57.92
O MSE D 512 -18.86 3.15 58.52
CB MSE D 512 -15.90 2.50 59.23
CG MSE D 512 -14.44 2.90 59.31
SE MSE D 512 -13.69 2.78 61.11
CE MSE D 512 -14.80 4.12 61.99
N PRO D 513 -18.36 1.35 57.25
CA PRO D 513 -19.74 0.85 57.31
C PRO D 513 -20.03 0.24 58.66
N ASN D 514 -21.28 -0.19 58.87
CA ASN D 514 -21.72 -0.62 60.19
C ASN D 514 -21.36 -2.07 60.51
N SER D 515 -20.96 -2.88 59.53
CA SER D 515 -20.74 -4.29 59.77
C SER D 515 -19.61 -4.81 58.89
N GLU D 516 -19.14 -6.00 59.23
CA GLU D 516 -18.08 -6.72 58.53
C GLU D 516 -18.47 -8.17 58.41
N PRO D 517 -17.89 -8.90 57.47
CA PRO D 517 -18.19 -10.34 57.35
C PRO D 517 -17.98 -11.08 58.66
N SER D 518 -18.87 -12.05 58.91
CA SER D 518 -18.84 -12.85 60.13
C SER D 518 -19.44 -14.21 59.81
N ASN D 519 -18.84 -15.27 60.37
CA ASN D 519 -19.32 -16.62 60.16
C ASN D 519 -20.11 -17.16 61.35
N GLY D 520 -20.62 -16.28 62.19
CA GLY D 520 -21.35 -16.66 63.38
C GLY D 520 -20.50 -16.89 64.61
N THR D 521 -19.24 -17.27 64.42
CA THR D 521 -18.32 -17.51 65.53
C THR D 521 -17.30 -16.40 65.69
N LYS D 522 -16.89 -15.74 64.60
CA LYS D 522 -15.93 -14.66 64.70
C LYS D 522 -16.13 -13.70 63.55
N THR D 523 -15.74 -12.45 63.77
CA THR D 523 -15.69 -11.45 62.72
C THR D 523 -14.34 -11.51 62.04
N THR D 524 -14.33 -11.28 60.73
CA THR D 524 -13.07 -11.32 59.99
C THR D 524 -12.07 -10.32 60.57
N VAL D 525 -10.78 -10.70 60.56
CA VAL D 525 -9.72 -9.76 60.89
C VAL D 525 -9.35 -8.89 59.71
N GLY D 526 -9.90 -9.18 58.53
CA GLY D 526 -9.72 -8.32 57.39
C GLY D 526 -8.74 -8.83 56.35
N HIS D 527 -8.05 -7.90 55.70
CA HIS D 527 -7.07 -8.17 54.64
C HIS D 527 -7.77 -8.97 53.53
N GLY D 528 -7.01 -9.76 52.76
CA GLY D 528 -7.57 -10.41 51.60
C GLY D 528 -7.66 -9.47 50.42
N GLN D 529 -8.74 -9.58 49.64
CA GLN D 529 -8.91 -8.78 48.43
C GLN D 529 -10.34 -8.25 48.39
N VAL D 530 -10.50 -7.06 47.82
CA VAL D 530 -11.82 -6.46 47.64
C VAL D 530 -12.02 -6.16 46.17
N ALA D 531 -13.27 -6.28 45.72
CA ALA D 531 -13.67 -5.93 44.37
C ALA D 531 -14.98 -5.18 44.43
N VAL D 532 -15.08 -4.09 43.68
CA VAL D 532 -16.27 -3.24 43.65
C VAL D 532 -16.97 -3.43 42.31
N SER D 533 -18.27 -3.67 42.36
CA SER D 533 -19.04 -3.85 41.12
C SER D 533 -18.95 -2.60 40.25
N ALA D 534 -19.19 -2.78 38.95
CA ALA D 534 -18.99 -1.71 37.98
C ALA D 534 -19.77 -0.45 38.35
N SER D 535 -20.95 -0.61 38.93
CA SER D 535 -21.78 0.53 39.30
C SER D 535 -21.64 0.95 40.75
N GLY D 536 -20.90 0.17 41.56
CA GLY D 536 -20.80 0.45 42.97
C GLY D 536 -21.97 -0.04 43.79
N ASN D 537 -22.91 -0.75 43.19
CA ASN D 537 -24.09 -1.26 43.89
C ASN D 537 -23.82 -2.51 44.70
N SER D 538 -22.57 -2.97 44.74
CA SER D 538 -22.24 -4.23 45.39
C SER D 538 -20.74 -4.28 45.62
N ILE D 539 -20.34 -4.97 46.70
CA ILE D 539 -18.94 -5.12 47.07
C ILE D 539 -18.68 -6.60 47.36
N LEU D 540 -17.56 -7.11 46.84
CA LEU D 540 -17.12 -8.47 47.08
C LEU D 540 -15.82 -8.43 47.87
N TRP D 541 -15.76 -9.20 48.96
CA TRP D 541 -14.62 -9.19 49.87
C TRP D 541 -14.17 -10.63 50.11
N SER D 542 -13.07 -11.03 49.47
CA SER D 542 -12.44 -12.31 49.76
C SER D 542 -11.54 -12.11 50.97
N THR D 543 -12.07 -12.38 52.16
CA THR D 543 -11.34 -12.10 53.38
C THR D 543 -10.15 -13.03 53.52
N SER D 544 -9.22 -12.64 54.41
CA SER D 544 -8.03 -13.45 54.63
C SER D 544 -8.30 -14.70 55.46
N ASP D 545 -9.41 -14.75 56.19
CA ASP D 545 -9.56 -15.79 57.20
C ASP D 545 -10.86 -16.59 57.12
N ILE D 546 -11.95 -16.01 56.62
CA ILE D 546 -13.23 -16.71 56.69
C ILE D 546 -13.93 -16.79 55.34
N GLY D 547 -13.18 -16.64 54.25
CA GLY D 547 -13.73 -16.85 52.93
C GLY D 547 -14.31 -15.59 52.30
N VAL D 548 -15.14 -15.83 51.28
CA VAL D 548 -15.63 -14.78 50.39
C VAL D 548 -17.01 -14.33 50.85
N TYR D 549 -17.17 -13.02 51.05
CA TYR D 549 -18.45 -12.43 51.42
C TYR D 549 -18.78 -11.30 50.45
N TYR D 550 -20.08 -11.03 50.31
CA TYR D 550 -20.55 -9.95 49.47
C TYR D 550 -21.54 -9.08 50.24
N SER D 551 -21.69 -7.84 49.79
CA SER D 551 -22.66 -6.91 50.38
C SER D 551 -23.38 -6.19 49.25
N LYS D 552 -24.71 -6.26 49.27
CA LYS D 552 -25.55 -5.45 48.39
C LYS D 552 -26.11 -4.24 49.10
N THR D 553 -25.67 -3.98 50.34
CA THR D 553 -26.19 -2.90 51.16
C THR D 553 -25.08 -1.94 51.58
N SER D 554 -24.06 -1.80 50.73
CA SER D 554 -22.98 -0.83 50.95
C SER D 554 -22.28 -1.06 52.28
N GLY D 555 -22.09 -2.33 52.65
CA GLY D 555 -21.44 -2.67 53.88
C GLY D 555 -22.32 -2.67 55.11
N ASN D 556 -23.62 -2.43 54.97
CA ASN D 556 -24.50 -2.50 56.13
C ASN D 556 -24.75 -3.94 56.56
N SER D 557 -24.58 -4.90 55.67
CA SER D 557 -24.68 -6.31 56.00
C SER D 557 -23.80 -7.10 55.03
N TRP D 558 -23.41 -8.30 55.46
CA TRP D 558 -22.54 -9.15 54.66
C TRP D 558 -23.07 -10.57 54.66
N THR D 559 -22.99 -11.22 53.51
CA THR D 559 -23.47 -12.59 53.34
C THR D 559 -22.38 -13.41 52.68
N ALA D 560 -22.19 -14.63 53.18
CA ALA D 560 -21.18 -15.52 52.61
C ALA D 560 -21.55 -15.87 51.17
N SER D 561 -20.58 -15.72 50.28
CA SER D 561 -20.76 -16.20 48.92
C SER D 561 -20.76 -17.73 48.92
N ALA D 562 -21.34 -18.30 47.87
CA ALA D 562 -21.35 -19.74 47.68
C ALA D 562 -20.63 -20.10 46.40
N GLY D 563 -19.89 -21.22 46.43
CA GLY D 563 -19.23 -21.74 45.26
C GLY D 563 -17.80 -21.26 45.05
N LEU D 564 -17.34 -20.24 45.77
CA LEU D 564 -15.98 -19.75 45.61
C LEU D 564 -15.17 -20.08 46.86
N PRO D 565 -14.11 -20.88 46.74
CA PRO D 565 -13.38 -21.30 47.94
C PRO D 565 -12.67 -20.14 48.63
N ALA D 566 -12.49 -20.31 49.95
CA ALA D 566 -11.82 -19.29 50.74
C ALA D 566 -10.40 -19.06 50.23
N GLY D 567 -9.99 -17.80 50.22
CA GLY D 567 -8.67 -17.43 49.74
C GLY D 567 -8.59 -17.12 48.26
N ALA D 568 -9.71 -17.15 47.55
CA ALA D 568 -9.68 -16.93 46.11
C ALA D 568 -9.31 -15.48 45.77
N LYS D 569 -8.62 -15.33 44.65
CA LYS D 569 -8.51 -14.03 44.01
C LYS D 569 -9.84 -13.67 43.36
N ILE D 570 -10.16 -12.37 43.36
CA ILE D 570 -11.43 -11.89 42.82
C ILE D 570 -11.19 -10.65 41.97
N ALA D 571 -12.14 -10.39 41.08
CA ALA D 571 -12.12 -9.22 40.21
C ALA D 571 -13.53 -8.97 39.71
N SER D 572 -13.91 -7.69 39.64
CA SER D 572 -15.23 -7.33 39.15
C SER D 572 -15.17 -7.01 37.66
N ASP D 573 -16.23 -7.34 36.95
CA ASP D 573 -16.37 -6.86 35.58
C ASP D 573 -16.52 -5.35 35.60
N ARG D 574 -15.89 -4.69 34.64
CA ARG D 574 -15.89 -3.22 34.64
C ARG D 574 -17.09 -2.62 33.93
N VAL D 575 -17.95 -3.45 33.33
CA VAL D 575 -19.15 -2.96 32.64
C VAL D 575 -20.39 -3.52 33.31
N ASN D 576 -20.48 -4.86 33.41
CA ASN D 576 -21.66 -5.54 33.92
C ASN D 576 -21.59 -5.60 35.44
N PRO D 577 -22.42 -4.86 36.17
CA PRO D 577 -22.33 -4.87 37.64
C PRO D 577 -22.74 -6.20 38.28
N ASN D 578 -23.42 -7.08 37.56
CA ASN D 578 -23.78 -8.37 38.11
C ASN D 578 -22.65 -9.39 38.04
N LYS D 579 -21.52 -9.04 37.42
CA LYS D 579 -20.50 -10.00 37.03
C LYS D 579 -19.25 -9.81 37.87
N TYR D 580 -18.82 -10.87 38.56
CA TYR D 580 -17.55 -10.95 39.25
C TYR D 580 -16.80 -12.19 38.74
N TYR D 581 -15.48 -12.16 38.91
CA TYR D 581 -14.63 -13.28 38.52
C TYR D 581 -13.80 -13.73 39.72
N GLY D 582 -13.52 -15.03 39.78
CA GLY D 582 -12.73 -15.58 40.85
C GLY D 582 -11.71 -16.57 40.33
N PHE D 583 -10.67 -16.79 41.14
CA PHE D 583 -9.65 -17.76 40.79
C PHE D 583 -9.11 -18.40 42.05
N TYR D 584 -9.03 -19.73 42.06
CA TYR D 584 -8.39 -20.43 43.17
C TYR D 584 -7.76 -21.73 42.68
N ALA D 585 -6.46 -21.86 42.90
CA ALA D 585 -5.75 -23.13 42.74
C ALA D 585 -5.97 -23.73 41.35
N GLY D 586 -5.89 -22.90 40.32
CA GLY D 586 -5.97 -23.35 38.96
C GLY D 586 -7.34 -23.32 38.33
N THR D 587 -8.39 -23.05 39.10
CA THR D 587 -9.76 -23.05 38.60
C THR D 587 -10.28 -21.61 38.54
N PHE D 588 -10.89 -21.26 37.42
CA PHE D 588 -11.45 -19.93 37.20
C PHE D 588 -12.96 -19.98 37.40
N TYR D 589 -13.51 -18.93 38.01
CA TYR D 589 -14.93 -18.89 38.38
C TYR D 589 -15.58 -17.62 37.83
N VAL D 590 -16.90 -17.67 37.69
CA VAL D 590 -17.69 -16.51 37.29
C VAL D 590 -18.96 -16.46 38.15
N SER D 591 -19.34 -15.24 38.52
CA SER D 591 -20.61 -14.97 39.20
C SER D 591 -21.41 -14.01 38.34
N VAL D 592 -22.70 -14.31 38.16
CA VAL D 592 -23.59 -13.44 37.41
C VAL D 592 -24.75 -12.94 38.25
N ASP D 593 -24.66 -13.09 39.58
CA ASP D 593 -25.68 -12.57 40.49
C ASP D 593 -25.04 -11.66 41.53
N GLY D 594 -24.04 -10.88 41.13
CA GLY D 594 -23.46 -9.88 41.99
C GLY D 594 -22.64 -10.42 43.14
N GLY D 595 -22.02 -11.60 42.97
CA GLY D 595 -21.14 -12.17 43.97
C GLY D 595 -21.78 -13.16 44.90
N ALA D 596 -23.07 -13.48 44.73
CA ALA D 596 -23.75 -14.38 45.65
C ALA D 596 -23.39 -15.84 45.39
N THR D 597 -23.32 -16.24 44.11
CA THR D 597 -22.98 -17.60 43.74
C THR D 597 -21.94 -17.57 42.62
N PHE D 598 -20.97 -18.48 42.70
CA PHE D 598 -19.92 -18.61 41.69
C PHE D 598 -19.97 -20.00 41.09
N THR D 599 -19.64 -20.08 39.80
CA THR D 599 -19.55 -21.35 39.08
C THR D 599 -18.20 -21.44 38.41
N ALA D 600 -17.58 -22.61 38.49
CA ALA D 600 -16.32 -22.82 37.80
C ALA D 600 -16.53 -22.83 36.29
N THR D 601 -15.59 -22.24 35.57
CA THR D 601 -15.62 -22.27 34.11
C THR D 601 -14.67 -23.35 33.60
N GLY D 602 -14.73 -23.60 32.30
CA GLY D 602 -13.88 -24.58 31.69
C GLY D 602 -12.47 -24.14 31.39
N ALA D 603 -12.06 -22.96 31.87
CA ALA D 603 -10.72 -22.45 31.60
C ALA D 603 -9.68 -23.42 32.13
N SER D 604 -8.81 -23.90 31.23
CA SER D 604 -7.80 -24.88 31.58
C SER D 604 -6.40 -24.31 31.36
N GLY D 605 -5.42 -24.95 31.99
CA GLY D 605 -4.03 -24.57 31.83
C GLY D 605 -3.51 -23.58 32.84
N PHE D 606 -4.36 -23.04 33.70
CA PHE D 606 -3.92 -22.05 34.67
C PHE D 606 -3.04 -22.72 35.74
N PRO D 607 -2.08 -22.00 36.28
CA PRO D 607 -1.26 -22.55 37.37
C PRO D 607 -2.06 -22.64 38.65
N THR D 608 -1.72 -23.63 39.46
CA THR D 608 -2.26 -23.70 40.82
C THR D 608 -1.41 -22.92 41.81
N ASN D 609 -0.12 -22.74 41.52
CA ASN D 609 0.84 -22.11 42.41
C ASN D 609 0.95 -22.82 43.76
N ASN D 610 0.45 -24.06 43.83
CA ASN D 610 0.65 -24.89 45.01
C ASN D 610 1.79 -25.87 44.72
N VAL D 611 2.97 -25.31 44.59
CA VAL D 611 4.19 -26.06 44.33
C VAL D 611 5.05 -26.03 45.58
N ALA D 612 5.50 -27.21 46.02
CA ALA D 612 6.43 -27.29 47.13
C ALA D 612 7.72 -26.57 46.77
N GLY D 613 8.18 -25.70 47.67
CA GLY D 613 9.45 -25.03 47.50
C GLY D 613 9.37 -23.61 46.97
N LEU D 614 8.22 -23.18 46.45
CA LEU D 614 8.08 -21.80 46.02
C LEU D 614 8.31 -20.86 47.19
N GLN D 615 9.12 -19.84 46.97
CA GLN D 615 9.33 -18.84 48.00
C GLN D 615 8.16 -17.86 48.03
N PRO D 616 7.94 -17.19 49.17
CA PRO D 616 6.72 -16.36 49.31
C PRO D 616 6.56 -15.30 48.24
N ASN D 617 7.65 -14.76 47.70
CA ASN D 617 7.57 -13.73 46.69
C ASN D 617 7.85 -14.26 45.28
N GLU D 618 7.78 -15.58 45.09
CA GLU D 618 8.24 -16.17 43.84
C GLU D 618 7.18 -16.18 42.74
N ALA D 619 5.92 -16.49 43.10
CA ALA D 619 4.85 -16.63 42.13
C ALA D 619 3.70 -15.69 42.47
N GLN D 620 2.93 -15.32 41.45
CA GLN D 620 1.90 -14.30 41.57
C GLN D 620 0.70 -14.68 40.72
N ILE D 621 -0.45 -14.09 41.03
CA ILE D 621 -1.63 -14.15 40.18
C ILE D 621 -2.16 -12.73 40.03
N SER D 622 -2.33 -12.30 38.79
CA SER D 622 -2.80 -10.95 38.49
C SER D 622 -3.94 -11.07 37.49
N MSE D 623 -5.14 -10.66 37.91
CA MSE D 623 -6.35 -10.83 37.10
C MSE D 623 -7.23 -9.58 37.16
O MSE D 623 -7.63 -9.15 38.25
CB MSE D 623 -7.13 -12.07 37.56
CG MSE D 623 -8.59 -12.14 37.12
SE MSE D 623 -9.52 -13.65 37.93
CE MSE D 623 -9.18 -13.26 39.81
N LYS D 624 -7.51 -8.98 36.00
CA LYS D 624 -8.24 -7.73 35.91
C LYS D 624 -9.13 -7.73 34.68
N ALA D 625 -10.37 -7.28 34.86
CA ALA D 625 -11.26 -7.04 33.73
C ALA D 625 -10.96 -5.68 33.11
N VAL D 626 -11.26 -5.55 31.83
CA VAL D 626 -10.85 -4.38 31.06
C VAL D 626 -11.91 -3.28 31.17
N PRO D 627 -11.52 -2.04 31.47
CA PRO D 627 -12.48 -0.93 31.45
C PRO D 627 -13.16 -0.82 30.09
N GLY D 628 -14.49 -0.74 30.10
CA GLY D 628 -15.26 -0.48 28.92
C GLY D 628 -15.65 -1.69 28.09
N ILE D 629 -15.16 -2.88 28.41
CA ILE D 629 -15.44 -4.09 27.64
C ILE D 629 -15.88 -5.19 28.59
N GLU D 630 -17.16 -5.55 28.53
CA GLU D 630 -17.67 -6.63 29.36
C GLU D 630 -17.04 -7.97 28.98
N GLY D 631 -16.72 -8.77 30.00
CA GLY D 631 -16.18 -10.10 29.76
C GLY D 631 -14.79 -10.15 29.20
N ASP D 632 -14.06 -9.04 29.21
CA ASP D 632 -12.70 -8.97 28.71
C ASP D 632 -11.75 -9.01 29.91
N ILE D 633 -11.03 -10.12 30.07
CA ILE D 633 -10.17 -10.35 31.21
C ILE D 633 -8.76 -10.72 30.73
N TRP D 634 -7.75 -10.11 31.34
CA TRP D 634 -6.37 -10.52 31.18
C TRP D 634 -5.88 -11.14 32.48
N PHE D 635 -4.99 -12.12 32.36
CA PHE D 635 -4.58 -12.98 33.48
C PHE D 635 -3.09 -13.24 33.36
N ALA D 636 -2.33 -12.89 34.38
CA ALA D 636 -0.89 -13.12 34.39
C ALA D 636 -0.48 -13.85 35.65
N GLY D 637 0.55 -14.69 35.53
CA GLY D 637 1.10 -15.36 36.68
C GLY D 637 1.56 -16.79 36.40
N GLY D 638 1.99 -17.48 37.43
CA GLY D 638 2.39 -18.87 37.32
C GLY D 638 3.81 -19.09 37.78
N ASN D 639 4.32 -20.28 37.48
CA ASN D 639 5.66 -20.67 37.89
C ASN D 639 6.19 -21.72 36.91
N THR D 640 7.51 -21.84 36.85
CA THR D 640 8.13 -22.74 35.90
C THR D 640 8.07 -24.21 36.32
N VAL D 641 7.86 -24.49 37.62
CA VAL D 641 7.78 -25.88 38.06
C VAL D 641 6.57 -26.56 37.45
N GLU D 642 5.42 -25.88 37.46
CA GLU D 642 4.21 -26.38 36.82
C GLU D 642 4.27 -26.26 35.30
N ASN D 643 5.23 -25.51 34.77
CA ASN D 643 5.27 -25.16 33.35
C ASN D 643 3.97 -24.51 32.92
N LYS D 644 3.42 -23.67 33.79
CA LYS D 644 2.20 -22.89 33.53
C LYS D 644 2.51 -21.46 33.98
N TYR D 645 2.98 -20.63 33.05
CA TYR D 645 3.55 -19.33 33.38
C TYR D 645 3.37 -18.42 32.17
N GLY D 646 2.75 -17.27 32.35
CA GLY D 646 2.64 -16.35 31.24
C GLY D 646 1.44 -15.43 31.38
N LEU D 647 0.88 -15.05 30.23
CA LEU D 647 -0.20 -14.08 30.14
C LEU D 647 -1.33 -14.66 29.31
N TRP D 648 -2.54 -14.65 29.86
CA TRP D 648 -3.73 -15.18 29.22
C TRP D 648 -4.72 -14.07 28.92
N HIS D 649 -5.57 -14.29 27.92
CA HIS D 649 -6.59 -13.31 27.57
C HIS D 649 -7.91 -14.00 27.27
N SER D 650 -8.98 -13.53 27.90
CA SER D 650 -10.33 -14.02 27.65
C SER D 650 -11.22 -12.87 27.20
N THR D 651 -12.09 -13.14 26.23
CA THR D 651 -13.09 -12.18 25.81
C THR D 651 -14.50 -12.71 25.95
N ASN D 652 -14.69 -13.83 26.65
CA ASN D 652 -16.00 -14.45 26.84
C ASN D 652 -16.30 -14.68 28.32
N SER D 653 -15.95 -13.71 29.15
CA SER D 653 -16.24 -13.74 30.59
C SER D 653 -15.56 -14.91 31.30
N GLY D 654 -14.39 -15.31 30.82
CA GLY D 654 -13.63 -16.36 31.46
C GLY D 654 -14.01 -17.77 31.08
N ALA D 655 -14.93 -17.96 30.13
CA ALA D 655 -15.26 -19.30 29.67
C ALA D 655 -14.02 -19.99 29.11
N SER D 656 -13.15 -19.25 28.45
CA SER D 656 -11.91 -19.79 27.91
C SER D 656 -10.92 -18.64 27.76
N PHE D 657 -9.63 -18.99 27.87
CA PHE D 657 -8.55 -18.04 27.71
C PHE D 657 -7.62 -18.50 26.60
N THR D 658 -6.99 -17.54 25.93
CA THR D 658 -5.89 -17.81 25.01
C THR D 658 -4.59 -17.43 25.70
N LYS D 659 -3.64 -18.36 25.74
CA LYS D 659 -2.32 -18.07 26.29
C LYS D 659 -1.46 -17.43 25.20
N LEU D 660 -0.97 -16.23 25.46
CA LEU D 660 -0.12 -15.55 24.50
C LEU D 660 1.22 -16.27 24.38
N THR D 661 1.52 -16.79 23.20
CA THR D 661 2.72 -17.58 23.01
C THR D 661 3.99 -16.76 22.90
N ASN D 662 3.88 -15.43 22.82
CA ASN D 662 5.06 -14.58 22.73
C ASN D 662 5.49 -14.03 24.09
N VAL D 663 4.88 -14.49 25.18
CA VAL D 663 5.22 -14.08 26.53
C VAL D 663 5.66 -15.33 27.31
N GLU D 664 6.97 -15.43 27.56
CA GLU D 664 7.50 -16.64 28.21
C GLU D 664 7.08 -16.72 29.67
N GLU D 665 7.20 -15.61 30.39
CA GLU D 665 6.76 -15.52 31.78
C GLU D 665 6.08 -14.17 31.96
N ALA D 666 5.11 -14.12 32.86
CA ALA D 666 4.43 -12.86 33.17
C ALA D 666 3.83 -12.97 34.56
N ASP D 667 3.86 -11.85 35.29
CA ASP D 667 3.48 -11.83 36.70
C ASP D 667 2.47 -10.76 37.07
N LEU D 668 2.32 -9.72 36.26
CA LEU D 668 1.35 -8.65 36.50
C LEU D 668 0.83 -8.17 35.16
N ILE D 669 -0.40 -7.66 35.18
CA ILE D 669 -1.01 -7.04 34.01
C ILE D 669 -1.70 -5.77 34.47
N GLY D 670 -1.70 -4.78 33.58
CA GLY D 670 -2.36 -3.51 33.86
C GLY D 670 -2.65 -2.81 32.56
N TYR D 671 -3.53 -1.80 32.62
CA TYR D 671 -4.04 -1.12 31.45
C TYR D 671 -3.83 0.38 31.55
N GLY D 672 -3.64 1.00 30.39
CA GLY D 672 -3.51 2.45 30.30
C GLY D 672 -4.14 2.96 29.02
N LYS D 673 -4.17 4.28 28.89
CA LYS D 673 -4.80 4.93 27.76
C LYS D 673 -4.22 4.40 26.43
N ALA D 674 -5.07 4.35 25.42
CA ALA D 674 -4.70 3.78 24.13
C ALA D 674 -3.71 4.67 23.41
N ALA D 675 -2.82 4.02 22.65
CA ALA D 675 -1.86 4.72 21.81
C ALA D 675 -2.60 5.55 20.75
N PRO D 676 -1.95 6.58 20.22
CA PRO D 676 -2.56 7.33 19.10
C PRO D 676 -2.88 6.41 17.92
N GLY D 677 -4.10 6.53 17.41
CA GLY D 677 -4.56 5.70 16.33
C GLY D 677 -5.19 4.39 16.75
N GLN D 678 -4.91 3.91 17.95
CA GLN D 678 -5.45 2.66 18.44
C GLN D 678 -6.72 2.89 19.24
N THR D 679 -7.56 1.86 19.29
CA THR D 679 -8.78 1.89 20.11
C THR D 679 -8.67 1.05 21.37
N TYR D 680 -7.91 -0.03 21.35
CA TYR D 680 -7.73 -0.86 22.53
C TYR D 680 -6.69 -0.25 23.46
N MSE D 681 -6.96 -0.33 24.76
CA MSE D 681 -6.05 0.20 25.77
C MSE D 681 -4.65 -0.43 25.68
O MSE D 681 -4.49 -1.55 25.20
CB MSE D 681 -6.62 -0.03 27.17
CG MSE D 681 -7.94 0.70 27.43
SE MSE D 681 -8.56 0.54 29.27
CE MSE D 681 -7.21 1.64 30.15
N SER D 682 -3.65 0.33 26.11
CA SER D 682 -2.28 -0.20 26.19
C SER D 682 -2.16 -1.19 27.34
N LEU D 683 -1.41 -2.25 27.11
CA LEU D 683 -1.14 -3.26 28.14
C LEU D 683 0.23 -2.99 28.77
N TYR D 684 0.27 -3.08 30.10
CA TYR D 684 1.51 -2.96 30.85
C TYR D 684 1.70 -4.23 31.68
N THR D 685 2.85 -4.88 31.52
CA THR D 685 3.08 -6.18 32.15
C THR D 685 4.46 -6.24 32.77
N VAL D 686 4.59 -7.06 33.80
CA VAL D 686 5.87 -7.47 34.37
C VAL D 686 6.11 -8.89 33.89
N ALA D 687 7.18 -9.11 33.12
CA ALA D 687 7.23 -10.32 32.32
C ALA D 687 8.67 -10.59 31.89
N LYS D 688 8.87 -11.79 31.34
CA LYS D 688 10.07 -12.14 30.60
C LYS D 688 9.65 -12.35 29.15
N ILE D 689 10.05 -11.44 28.28
CA ILE D 689 9.62 -11.45 26.89
C ILE D 689 10.84 -11.36 25.99
N ASP D 690 10.93 -12.28 25.02
CA ASP D 690 12.09 -12.35 24.11
C ASP D 690 13.38 -12.47 24.90
N GLY D 691 13.35 -13.25 25.97
CA GLY D 691 14.52 -13.52 26.78
C GLY D 691 14.95 -12.41 27.70
N VAL D 692 14.14 -11.37 27.88
CA VAL D 692 14.51 -10.21 28.70
C VAL D 692 13.48 -10.04 29.81
N ARG D 693 13.96 -9.94 31.05
CA ARG D 693 13.11 -9.63 32.19
C ARG D 693 12.98 -8.12 32.33
N GLY D 694 11.76 -7.65 32.56
CA GLY D 694 11.56 -6.23 32.78
C GLY D 694 10.09 -5.85 32.79
N VAL D 695 9.84 -4.58 32.48
CA VAL D 695 8.50 -4.01 32.36
C VAL D 695 8.24 -3.72 30.89
N PHE D 696 7.08 -4.14 30.39
CA PHE D 696 6.81 -4.08 28.96
C PHE D 696 5.47 -3.44 28.70
N ARG D 697 5.37 -2.80 27.54
CA ARG D 697 4.14 -2.18 27.07
C ARG D 697 3.79 -2.77 25.70
N SER D 698 2.49 -2.99 25.48
CA SER D 698 1.98 -3.40 24.18
C SER D 698 0.87 -2.46 23.74
N ASP D 699 0.99 -1.93 22.52
CA ASP D 699 -0.02 -1.04 21.96
C ASP D 699 -0.84 -1.71 20.87
N ASP D 700 -0.80 -3.04 20.79
CA ASP D 700 -1.52 -3.79 19.76
C ASP D 700 -2.10 -5.07 20.34
N VAL D 701 -2.70 -4.99 21.52
CA VAL D 701 -3.40 -6.10 22.17
C VAL D 701 -2.47 -7.29 22.36
N GLY D 702 -1.19 -7.05 22.61
CA GLY D 702 -0.26 -8.11 22.93
C GLY D 702 0.49 -8.71 21.76
N ALA D 703 0.26 -8.23 20.54
CA ALA D 703 0.99 -8.78 19.40
C ALA D 703 2.48 -8.49 19.49
N THR D 704 2.85 -7.27 19.87
CA THR D 704 4.25 -6.88 20.04
C THR D 704 4.42 -6.17 21.37
N TRP D 705 5.60 -6.32 21.95
CA TRP D 705 5.91 -5.76 23.25
C TRP D 705 7.20 -4.96 23.18
N VAL D 706 7.25 -3.88 23.95
CA VAL D 706 8.46 -3.06 24.04
C VAL D 706 8.80 -2.89 25.52
N ARG D 707 10.08 -3.04 25.85
CA ARG D 707 10.53 -2.87 27.21
C ARG D 707 10.62 -1.38 27.54
N ILE D 708 9.94 -0.97 28.61
CA ILE D 708 9.89 0.43 28.98
C ILE D 708 10.70 0.74 30.23
N ASN D 709 11.28 -0.26 30.89
CA ASN D 709 12.30 -0.01 31.90
C ASN D 709 13.66 -0.39 31.30
N ASP D 710 14.70 -0.32 32.12
CA ASP D 710 16.04 -0.65 31.67
C ASP D 710 16.81 -1.27 32.83
N ASP D 711 18.06 -1.67 32.55
CA ASP D 711 18.85 -2.39 33.53
C ASP D 711 19.23 -1.55 34.74
N ALA D 712 19.11 -0.23 34.65
CA ALA D 712 19.39 0.65 35.78
C ALA D 712 18.15 0.96 36.61
N HIS D 713 16.96 0.50 36.17
CA HIS D 713 15.70 0.79 36.88
C HIS D 713 14.88 -0.50 36.93
N GLN D 714 15.30 -1.42 37.79
CA GLN D 714 14.66 -2.73 37.87
C GLN D 714 13.87 -2.95 39.15
N TYR D 715 14.38 -2.50 40.30
CA TYR D 715 13.63 -2.47 41.57
C TYR D 715 13.30 -3.86 42.11
N ALA D 716 14.19 -4.84 41.89
CA ALA D 716 14.09 -6.16 42.51
C ALA D 716 12.84 -6.94 42.09
N LYS D 717 12.12 -7.51 43.05
CA LYS D 717 11.02 -8.43 42.72
C LYS D 717 9.74 -7.62 42.53
N ILE D 718 9.56 -7.10 41.32
CA ILE D 718 8.46 -6.19 41.00
C ILE D 718 7.21 -6.96 40.60
N ASN D 719 6.73 -7.86 41.45
CA ASN D 719 5.48 -8.56 41.21
C ASN D 719 4.37 -8.10 42.13
N MSE D 720 4.38 -6.82 42.50
CA MSE D 720 3.47 -6.29 43.51
C MSE D 720 2.22 -5.66 42.90
O MSE D 720 1.11 -6.03 43.28
CB MSE D 720 4.20 -5.27 44.38
CG MSE D 720 5.37 -5.86 45.17
SE MSE D 720 4.81 -7.25 46.42
CE MSE D 720 4.28 -6.12 47.92
N ALA D 721 2.40 -4.71 41.98
CA ALA D 721 1.26 -4.03 41.37
C ALA D 721 1.74 -3.26 40.14
N ILE D 722 0.86 -3.14 39.15
CA ILE D 722 1.13 -2.32 37.98
C ILE D 722 -0.19 -1.80 37.44
N THR D 723 -0.16 -0.56 36.93
CA THR D 723 -1.29 -0.03 36.18
C THR D 723 -0.82 1.11 35.30
N GLY D 724 -1.49 1.27 34.17
CA GLY D 724 -1.34 2.44 33.33
C GLY D 724 -2.23 3.56 33.81
N ASP D 725 -2.32 4.59 32.99
CA ASP D 725 -3.10 5.78 33.31
C ASP D 725 -4.17 5.94 32.24
N PRO D 726 -5.47 5.86 32.58
CA PRO D 726 -6.50 5.97 31.53
C PRO D 726 -6.54 7.34 30.86
N ARG D 727 -5.85 8.34 31.42
CA ARG D 727 -5.86 9.67 30.86
C ARG D 727 -4.55 10.07 30.19
N ILE D 728 -3.49 9.28 30.33
CA ILE D 728 -2.17 9.65 29.83
C ILE D 728 -1.56 8.43 29.15
N TYR D 729 -1.51 8.45 27.81
CA TYR D 729 -0.88 7.36 27.09
C TYR D 729 0.60 7.27 27.42
N GLY D 730 1.08 6.05 27.63
CA GLY D 730 2.48 5.81 27.91
C GLY D 730 2.83 5.78 29.39
N ARG D 731 2.04 6.43 30.24
CA ARG D 731 2.35 6.52 31.65
C ARG D 731 2.12 5.17 32.33
N VAL D 732 3.09 4.75 33.15
CA VAL D 732 2.96 3.52 33.93
C VAL D 732 3.21 3.85 35.39
N TYR D 733 2.47 3.17 36.27
CA TYR D 733 2.72 3.19 37.70
C TYR D 733 3.13 1.80 38.13
N LEU D 734 4.29 1.70 38.78
CA LEU D 734 4.90 0.41 39.11
C LEU D 734 5.08 0.29 40.62
N GLY D 735 4.42 -0.70 41.22
CA GLY D 735 4.68 -1.00 42.61
C GLY D 735 5.96 -1.81 42.79
N THR D 736 6.48 -1.77 44.02
CA THR D 736 7.67 -2.53 44.40
C THR D 736 7.46 -3.08 45.81
N ASN D 737 8.43 -3.89 46.24
CA ASN D 737 8.46 -4.43 47.59
C ASN D 737 9.71 -3.89 48.28
N GLY D 738 9.71 -2.60 48.60
CA GLY D 738 10.83 -2.01 49.30
C GLY D 738 11.36 -0.74 48.66
N ARG D 739 10.80 -0.37 47.50
CA ARG D 739 11.23 0.85 46.80
C ARG D 739 10.06 1.78 46.50
N GLY D 740 8.95 1.62 47.22
CA GLY D 740 7.82 2.50 47.01
C GLY D 740 7.19 2.32 45.64
N THR D 741 6.57 3.39 45.14
CA THR D 741 5.91 3.39 43.85
C THR D 741 6.67 4.27 42.87
N LEU D 742 6.84 3.78 41.64
CA LEU D 742 7.44 4.53 40.55
C LEU D 742 6.36 4.95 39.56
N TYR D 743 6.61 6.06 38.86
CA TYR D 743 5.87 6.38 37.65
C TYR D 743 6.85 6.74 36.55
N ALA D 744 6.50 6.38 35.32
CA ALA D 744 7.41 6.58 34.19
C ALA D 744 6.64 6.95 32.94
N ASP D 745 7.27 7.79 32.13
CA ASP D 745 6.77 8.23 30.83
C ASP D 745 7.87 8.06 29.79
N PRO D 746 7.51 7.95 28.51
CA PRO D 746 8.54 7.96 27.47
C PRO D 746 9.37 9.24 27.55
N VAL D 747 10.62 9.15 27.08
CA VAL D 747 11.46 10.34 27.04
C VAL D 747 10.99 11.26 25.91
N GLY E 1 -39.13 11.86 3.62
CA GLY E 1 -40.06 12.31 2.61
C GLY E 1 -41.51 12.29 3.07
N MSE E 2 -42.18 13.43 2.96
CA MSE E 2 -43.59 13.54 3.34
C MSE E 2 -44.42 14.12 2.20
O MSE E 2 -43.90 14.85 1.37
CB MSE E 2 -43.77 14.40 4.60
CG MSE E 2 -42.54 14.53 5.48
SE MSE E 2 -42.83 15.79 6.94
CE MSE E 2 -42.13 17.41 6.11
N SER E 3 -45.71 13.78 2.18
CA SER E 3 -46.61 14.28 1.16
C SER E 3 -47.97 14.56 1.80
N GLU E 4 -48.72 15.46 1.16
CA GLU E 4 -50.08 15.76 1.52
C GLU E 4 -50.95 15.58 0.30
N PRO E 5 -52.07 14.87 0.39
CA PRO E 5 -52.92 14.65 -0.79
C PRO E 5 -53.57 15.95 -1.24
N TYR E 6 -53.43 16.23 -2.54
CA TYR E 6 -54.00 17.40 -3.19
C TYR E 6 -54.96 16.96 -4.29
N THR E 7 -55.84 17.87 -4.69
CA THR E 7 -56.71 17.69 -5.84
C THR E 7 -56.21 18.59 -6.96
N TRP E 8 -55.78 17.97 -8.06
CA TRP E 8 -55.17 18.68 -9.19
C TRP E 8 -56.18 18.84 -10.30
N LYS E 9 -56.39 20.08 -10.75
CA LYS E 9 -57.33 20.37 -11.82
C LYS E 9 -56.69 21.31 -12.83
N SER E 10 -57.14 21.21 -14.08
CA SER E 10 -56.72 22.13 -15.13
C SER E 10 -57.42 23.47 -14.98
N VAL E 11 -56.66 24.55 -15.17
CA VAL E 11 -57.27 25.84 -15.49
C VAL E 11 -57.81 25.75 -16.91
N VAL E 12 -59.10 26.02 -17.07
CA VAL E 12 -59.81 25.69 -18.31
C VAL E 12 -59.60 26.78 -19.34
N THR E 13 -59.14 26.40 -20.53
CA THR E 13 -59.12 27.30 -21.68
C THR E 13 -60.16 26.95 -22.74
N GLY E 14 -60.77 25.76 -22.65
CA GLY E 14 -61.82 25.34 -23.55
C GLY E 14 -61.37 24.79 -24.89
N ALA E 15 -60.35 25.41 -25.49
CA ALA E 15 -59.88 24.99 -26.81
C ALA E 15 -58.62 24.14 -26.77
N GLY E 16 -57.86 24.15 -25.67
CA GLY E 16 -56.61 23.41 -25.64
C GLY E 16 -55.44 24.33 -25.92
N GLY E 17 -55.48 25.06 -27.04
CA GLY E 17 -54.50 26.06 -27.35
C GLY E 17 -53.24 25.59 -28.04
N GLY E 18 -53.15 24.30 -28.37
CA GLY E 18 -51.96 23.76 -29.02
C GLY E 18 -52.32 22.91 -30.23
N PHE E 19 -51.27 22.32 -30.82
CA PHE E 19 -51.38 21.57 -32.07
C PHE E 19 -51.74 20.12 -31.77
N VAL E 20 -52.79 19.63 -32.42
CA VAL E 20 -53.16 18.21 -32.33
C VAL E 20 -52.87 17.55 -33.68
N PRO E 21 -51.67 17.01 -33.88
CA PRO E 21 -51.32 16.48 -35.21
C PRO E 21 -52.03 15.18 -35.57
N GLY E 22 -52.59 14.47 -34.61
CA GLY E 22 -53.21 13.20 -34.93
C GLY E 22 -54.40 12.84 -34.06
N ILE E 23 -55.48 12.40 -34.70
CA ILE E 23 -56.64 11.83 -34.04
C ILE E 23 -56.83 10.43 -34.62
N ILE E 24 -57.04 9.44 -33.75
CA ILE E 24 -56.97 8.03 -34.12
C ILE E 24 -58.21 7.33 -33.59
N PHE E 25 -59.07 6.86 -34.49
CA PHE E 25 -60.24 6.07 -34.12
C PHE E 25 -59.90 4.58 -34.12
N ASN E 26 -60.37 3.87 -33.10
CA ASN E 26 -60.31 2.42 -33.12
C ASN E 26 -61.23 1.89 -34.22
N GLN E 27 -60.78 0.88 -34.94
CA GLN E 27 -61.53 0.38 -36.08
C GLN E 27 -62.57 -0.67 -35.70
N THR E 28 -62.64 -1.04 -34.42
CA THR E 28 -63.53 -2.12 -34.00
C THR E 28 -64.54 -1.68 -32.95
N GLU E 29 -64.14 -0.87 -31.97
CA GLU E 29 -65.02 -0.48 -30.89
C GLU E 29 -65.54 0.91 -31.13
N PRO E 30 -66.85 1.10 -31.28
CA PRO E 30 -67.38 2.46 -31.47
C PRO E 30 -67.02 3.38 -30.32
N ASN E 31 -66.73 4.63 -30.66
CA ASN E 31 -66.48 5.74 -29.74
C ASN E 31 -65.16 5.62 -28.98
N LEU E 32 -64.28 4.71 -29.38
CA LEU E 32 -62.94 4.64 -28.83
C LEU E 32 -62.03 5.50 -29.70
N ILE E 33 -61.61 6.65 -29.17
CA ILE E 33 -60.83 7.63 -29.91
C ILE E 33 -59.66 8.10 -29.06
N TYR E 34 -58.52 8.31 -29.70
CA TYR E 34 -57.36 8.91 -29.05
C TYR E 34 -56.92 10.14 -29.81
N ALA E 35 -56.23 11.04 -29.11
CA ALA E 35 -55.60 12.20 -29.72
C ALA E 35 -54.17 12.32 -29.21
N ARG E 36 -53.24 12.59 -30.13
CA ARG E 36 -51.84 12.77 -29.78
C ARG E 36 -51.40 14.20 -30.04
N THR E 37 -50.52 14.71 -29.19
CA THR E 37 -50.01 16.08 -29.29
C THR E 37 -48.49 16.04 -29.42
N ASP E 38 -47.93 17.18 -29.78
CA ASP E 38 -46.49 17.22 -30.05
C ASP E 38 -45.65 17.48 -28.81
N ILE E 39 -46.20 18.12 -27.77
CA ILE E 39 -45.43 18.39 -26.56
C ILE E 39 -46.23 18.11 -25.30
N GLY E 40 -47.49 17.67 -25.45
CA GLY E 40 -48.35 17.51 -24.28
C GLY E 40 -49.01 16.16 -24.10
N GLY E 41 -48.32 15.09 -24.47
CA GLY E 41 -48.87 13.75 -24.26
C GLY E 41 -50.03 13.44 -25.18
N ALA E 42 -50.89 12.52 -24.73
CA ALA E 42 -52.02 12.04 -25.51
C ALA E 42 -53.26 12.00 -24.63
N TYR E 43 -54.42 11.82 -25.29
CA TYR E 43 -55.71 11.80 -24.63
C TYR E 43 -56.56 10.65 -25.15
N ARG E 44 -57.50 10.20 -24.32
CA ARG E 44 -58.55 9.29 -24.72
C ARG E 44 -59.89 9.98 -24.58
N TRP E 45 -60.76 9.79 -25.57
CA TRP E 45 -62.08 10.40 -25.58
C TRP E 45 -63.01 9.70 -24.59
N ASN E 46 -63.84 10.48 -23.92
CA ASN E 46 -64.87 9.95 -23.03
C ASN E 46 -66.22 10.28 -23.68
N GLN E 47 -66.88 9.25 -24.23
CA GLN E 47 -68.09 9.46 -25.01
C GLN E 47 -69.25 9.95 -24.13
N ALA E 48 -69.26 9.57 -22.86
CA ALA E 48 -70.38 9.95 -21.99
C ALA E 48 -70.39 11.43 -21.64
N THR E 49 -69.23 12.09 -21.71
CA THR E 49 -69.12 13.50 -21.38
C THR E 49 -68.63 14.36 -22.53
N SER E 50 -68.35 13.77 -23.69
CA SER E 50 -67.85 14.50 -24.85
C SER E 50 -66.60 15.31 -24.48
N SER E 51 -65.66 14.62 -23.85
CA SER E 51 -64.47 15.30 -23.35
C SER E 51 -63.30 14.33 -23.43
N TRP E 52 -62.10 14.90 -23.32
CA TRP E 52 -60.86 14.14 -23.43
C TRP E 52 -60.25 13.94 -22.04
N VAL E 53 -59.62 12.77 -21.87
CA VAL E 53 -58.95 12.41 -20.62
C VAL E 53 -57.48 12.19 -20.93
N SER E 54 -56.60 12.88 -20.20
CA SER E 54 -55.17 12.71 -20.43
C SER E 54 -54.72 11.31 -20.03
N ILE E 55 -53.87 10.71 -20.86
CA ILE E 55 -53.29 9.42 -20.50
C ILE E 55 -51.78 9.57 -20.36
N SER E 56 -51.34 10.78 -19.99
CA SER E 56 -49.92 11.08 -19.98
C SER E 56 -49.43 11.82 -18.73
N ASP E 57 -50.28 12.05 -17.73
CA ASP E 57 -49.87 12.92 -16.62
C ASP E 57 -48.90 12.22 -15.66
N SER E 58 -48.71 10.91 -15.79
CA SER E 58 -47.68 10.24 -15.02
C SER E 58 -46.28 10.48 -15.57
N VAL E 59 -46.16 10.97 -16.81
CA VAL E 59 -44.84 11.36 -17.33
C VAL E 59 -44.26 12.44 -16.44
N GLY E 60 -43.00 12.25 -16.04
CA GLY E 60 -42.38 13.15 -15.10
C GLY E 60 -41.12 13.86 -15.56
N TRP E 61 -40.27 14.18 -14.60
CA TRP E 61 -39.15 15.10 -14.82
C TRP E 61 -38.06 14.46 -15.67
N VAL E 62 -37.68 13.23 -15.36
CA VAL E 62 -36.57 12.60 -16.07
C VAL E 62 -37.04 12.08 -17.43
N ASP E 63 -38.22 11.46 -17.49
CA ASP E 63 -38.74 10.91 -18.73
C ASP E 63 -39.65 11.90 -19.47
N TRP E 64 -39.36 13.20 -19.35
CA TRP E 64 -40.23 14.23 -19.90
C TRP E 64 -40.46 14.07 -21.40
N ASN E 65 -39.52 13.44 -22.12
CA ASN E 65 -39.69 13.45 -23.57
C ASN E 65 -40.79 12.51 -24.04
N LYS E 66 -41.38 11.73 -23.13
CA LYS E 66 -42.52 10.89 -23.46
C LYS E 66 -43.75 11.70 -23.86
N ASN E 67 -43.79 13.00 -23.58
CA ASN E 67 -44.97 13.78 -23.94
C ASN E 67 -44.92 14.29 -25.38
N GLY E 68 -43.84 14.01 -26.10
CA GLY E 68 -43.88 14.14 -27.55
C GLY E 68 -44.39 12.86 -28.17
N VAL E 69 -45.62 12.86 -28.66
CA VAL E 69 -46.27 11.64 -29.13
C VAL E 69 -46.28 11.69 -30.66
N ASP E 70 -45.26 11.08 -31.27
CA ASP E 70 -45.06 11.06 -32.70
C ASP E 70 -46.01 10.10 -33.42
N ALA E 71 -46.53 9.10 -32.71
CA ALA E 71 -47.40 8.11 -33.34
C ALA E 71 -48.16 7.35 -32.26
N LEU E 72 -49.33 6.84 -32.63
CA LEU E 72 -50.19 6.13 -31.69
C LEU E 72 -50.98 5.08 -32.46
N ALA E 73 -51.08 3.88 -31.90
CA ALA E 73 -51.87 2.81 -32.48
C ALA E 73 -52.82 2.23 -31.44
N THR E 74 -54.07 2.01 -31.83
CA THR E 74 -55.06 1.40 -30.96
C THR E 74 -55.48 0.06 -31.56
N ASP E 75 -55.49 -0.97 -30.72
CA ASP E 75 -55.57 -2.36 -31.17
C ASP E 75 -56.98 -2.70 -31.63
N PRO E 76 -57.18 -3.14 -32.88
CA PRO E 76 -58.54 -3.52 -33.33
C PRO E 76 -58.98 -4.89 -32.86
N ILE E 77 -58.05 -5.76 -32.46
CA ILE E 77 -58.43 -7.08 -31.97
C ILE E 77 -58.72 -7.05 -30.48
N ASP E 78 -57.88 -6.37 -29.69
CA ASP E 78 -58.11 -6.17 -28.26
C ASP E 78 -58.09 -4.67 -28.01
N PRO E 79 -59.25 -4.00 -28.05
CA PRO E 79 -59.27 -2.53 -27.93
C PRO E 79 -58.79 -2.01 -26.59
N ASN E 80 -58.51 -2.88 -25.62
CA ASN E 80 -57.89 -2.42 -24.38
C ASN E 80 -56.45 -1.98 -24.59
N LYS E 81 -55.83 -2.38 -25.69
CA LYS E 81 -54.40 -2.16 -25.89
C LYS E 81 -54.18 -0.92 -26.76
N VAL E 82 -53.17 -0.14 -26.39
CA VAL E 82 -52.81 1.06 -27.14
C VAL E 82 -51.30 1.25 -27.01
N TYR E 83 -50.69 1.78 -28.05
CA TYR E 83 -49.25 1.95 -28.13
C TYR E 83 -48.91 3.35 -28.64
N MSE E 84 -47.78 3.86 -28.20
CA MSE E 84 -47.30 5.17 -28.64
C MSE E 84 -45.80 5.14 -28.93
O MSE E 84 -45.03 4.48 -28.23
CB MSE E 84 -47.60 6.24 -27.57
CG MSE E 84 -49.06 6.38 -27.19
SE MSE E 84 -49.37 7.85 -25.95
CE MSE E 84 -48.02 7.43 -24.64
N ALA E 85 -45.37 5.85 -29.97
CA ALA E 85 -43.96 6.12 -30.20
C ALA E 85 -43.70 7.53 -29.69
N THR E 86 -42.85 7.65 -28.67
CA THR E 86 -42.70 8.94 -28.01
C THR E 86 -41.23 9.31 -27.89
N GLY E 87 -41.00 10.59 -27.65
CA GLY E 87 -39.72 11.23 -27.82
C GLY E 87 -39.99 12.52 -28.56
N THR E 88 -39.31 13.59 -28.18
CA THR E 88 -39.76 14.91 -28.62
C THR E 88 -38.91 15.51 -29.73
N TYR E 89 -37.58 15.42 -29.65
CA TYR E 89 -36.72 15.97 -30.70
C TYR E 89 -35.72 14.91 -31.15
N THR E 90 -35.30 15.04 -32.40
CA THR E 90 -34.28 14.17 -32.97
C THR E 90 -32.94 14.86 -33.15
N ASN E 91 -32.82 16.13 -32.73
CA ASN E 91 -31.54 16.80 -32.72
C ASN E 91 -30.94 16.72 -31.31
N HIS E 92 -30.02 17.64 -31.00
CA HIS E 92 -29.30 17.60 -29.73
C HIS E 92 -30.14 18.07 -28.53
N TRP E 93 -31.38 18.49 -28.76
CA TRP E 93 -32.26 18.94 -27.69
C TRP E 93 -32.90 17.80 -26.91
N ASP E 94 -32.65 16.55 -27.28
CA ASP E 94 -33.38 15.42 -26.70
C ASP E 94 -32.48 14.19 -26.71
N ASN E 95 -32.89 13.18 -25.93
CA ASN E 95 -32.25 11.88 -25.94
C ASN E 95 -33.14 10.89 -26.72
N ASN E 96 -32.78 9.62 -26.68
CA ASN E 96 -33.51 8.61 -27.43
C ASN E 96 -34.96 8.51 -26.98
N GLY E 97 -35.83 8.08 -27.89
CA GLY E 97 -37.24 7.89 -27.61
C GLY E 97 -37.55 6.48 -27.15
N GLN E 98 -38.82 6.11 -27.25
CA GLN E 98 -39.25 4.82 -26.76
C GLN E 98 -40.58 4.44 -27.38
N ILE E 99 -40.90 3.15 -27.32
CA ILE E 99 -42.23 2.65 -27.62
C ILE E 99 -42.90 2.32 -26.30
N MSE E 100 -44.07 2.92 -26.07
CA MSE E 100 -44.82 2.65 -24.85
C MSE E 100 -46.04 1.80 -25.15
O MSE E 100 -46.65 1.93 -26.22
CB MSE E 100 -45.23 3.97 -24.19
CG MSE E 100 -44.03 4.86 -23.88
SE MSE E 100 -44.54 6.63 -23.37
CE MSE E 100 -45.46 6.20 -21.70
N ARG E 101 -46.39 0.92 -24.22
CA ARG E 101 -47.48 -0.02 -24.41
C ARG E 101 -48.39 -0.01 -23.20
N SER E 102 -49.68 -0.10 -23.44
CA SER E 102 -50.67 -0.12 -22.37
C SER E 102 -51.70 -1.21 -22.65
N ASN E 103 -52.11 -1.91 -21.60
CA ASN E 103 -53.15 -2.91 -21.64
CA ASN E 103 -53.18 -2.89 -21.69
C ASN E 103 -54.47 -2.40 -21.06
N ASP E 104 -54.55 -1.13 -20.70
CA ASP E 104 -55.75 -0.57 -20.07
C ASP E 104 -56.07 0.80 -20.64
N ARG E 105 -55.94 0.95 -21.96
CA ARG E 105 -56.39 2.13 -22.69
C ARG E 105 -55.66 3.39 -22.25
N GLY E 106 -54.43 3.24 -21.77
CA GLY E 106 -53.60 4.38 -21.41
C GLY E 106 -53.58 4.74 -19.94
N ASN E 107 -54.27 4.00 -19.08
CA ASN E 107 -54.24 4.31 -17.65
CA ASN E 107 -54.24 4.29 -17.65
C ASN E 107 -52.86 4.03 -17.06
N THR E 108 -52.20 2.96 -17.50
CA THR E 108 -50.85 2.65 -17.07
C THR E 108 -50.02 2.22 -18.28
N TRP E 109 -48.71 2.40 -18.19
CA TRP E 109 -47.82 2.18 -19.32
C TRP E 109 -46.60 1.36 -18.90
N GLN E 110 -46.08 0.61 -19.86
CA GLN E 110 -44.71 0.10 -19.82
C GLN E 110 -43.98 0.64 -21.04
N THR E 111 -42.66 0.71 -20.94
CA THR E 111 -41.88 1.36 -21.98
CA THR E 111 -41.81 1.42 -21.90
C THR E 111 -40.69 0.50 -22.39
N THR E 112 -40.41 0.55 -23.68
CA THR E 112 -39.22 -0.09 -24.25
C THR E 112 -38.37 0.98 -24.91
N PRO E 113 -37.19 1.28 -24.39
CA PRO E 113 -36.36 2.32 -25.04
C PRO E 113 -35.96 1.90 -26.44
N LEU E 114 -35.91 2.86 -27.32
CA LEU E 114 -35.41 2.69 -28.67
C LEU E 114 -33.97 3.17 -28.75
N PRO E 115 -33.15 2.60 -29.64
CA PRO E 115 -31.74 3.04 -29.73
C PRO E 115 -31.56 4.29 -30.59
N PHE E 116 -32.65 5.04 -30.79
CA PHE E 116 -32.59 6.26 -31.59
C PHE E 116 -33.68 7.20 -31.13
N LYS E 117 -33.67 8.41 -31.68
CA LYS E 117 -34.54 9.48 -31.22
C LYS E 117 -35.87 9.48 -31.98
N VAL E 118 -36.92 9.87 -31.26
CA VAL E 118 -38.26 10.02 -31.82
C VAL E 118 -38.59 11.51 -31.83
N GLY E 119 -39.41 11.93 -32.79
CA GLY E 119 -39.59 13.34 -33.03
C GLY E 119 -41.00 13.87 -32.92
N GLY E 120 -41.60 13.73 -31.73
CA GLY E 120 -42.97 14.18 -31.55
C GLY E 120 -43.18 15.66 -31.82
N ASN E 121 -42.13 16.47 -31.66
CA ASN E 121 -42.21 17.90 -31.97
C ASN E 121 -41.26 18.28 -33.11
N MSE E 122 -41.14 17.39 -34.10
CA MSE E 122 -40.30 17.60 -35.28
C MSE E 122 -41.17 17.84 -36.52
O MSE E 122 -42.37 17.61 -36.49
CB MSE E 122 -39.38 16.39 -35.50
CG MSE E 122 -38.37 16.16 -34.39
SE MSE E 122 -37.15 17.64 -34.12
CE MSE E 122 -36.28 17.63 -35.86
N PRO E 123 -40.56 18.34 -37.60
CA PRO E 123 -41.30 18.47 -38.87
C PRO E 123 -41.93 17.15 -39.28
N GLY E 124 -43.06 17.25 -39.99
CA GLY E 124 -43.74 16.08 -40.49
C GLY E 124 -44.51 15.30 -39.45
N ARG E 125 -44.74 15.86 -38.27
CA ARG E 125 -45.39 15.11 -37.19
C ARG E 125 -46.87 14.84 -37.43
N SER E 126 -47.50 15.51 -38.39
CA SER E 126 -48.90 15.21 -38.68
C SER E 126 -49.06 14.14 -39.76
N ALA E 127 -47.99 13.77 -40.45
CA ALA E 127 -48.08 12.61 -41.34
C ALA E 127 -48.17 11.35 -40.49
N GLY E 128 -48.95 10.38 -40.96
CA GLY E 128 -49.03 9.12 -40.24
C GLY E 128 -50.27 8.33 -40.63
N GLU E 129 -50.60 7.34 -39.80
CA GLU E 129 -49.82 7.03 -38.59
C GLU E 129 -48.62 6.16 -38.92
N ARG E 130 -47.54 6.37 -38.15
CA ARG E 130 -46.28 5.67 -38.38
C ARG E 130 -46.05 4.52 -37.40
N LEU E 131 -47.01 4.27 -36.50
CA LEU E 131 -47.03 3.09 -35.64
C LEU E 131 -48.36 2.39 -35.88
N VAL E 132 -48.31 1.10 -36.24
CA VAL E 132 -49.50 0.36 -36.62
C VAL E 132 -49.45 -1.07 -36.08
N ILE E 133 -50.63 -1.61 -35.81
CA ILE E 133 -50.81 -2.98 -35.33
C ILE E 133 -51.41 -3.81 -36.44
N ASP E 134 -50.87 -5.01 -36.64
CA ASP E 134 -51.43 -5.92 -37.65
C ASP E 134 -52.89 -6.23 -37.29
N PRO E 135 -53.85 -5.86 -38.15
CA PRO E 135 -55.26 -6.03 -37.76
C PRO E 135 -55.72 -7.48 -37.70
N ASN E 136 -54.89 -8.44 -38.14
CA ASN E 136 -55.23 -9.85 -38.08
C ASN E 136 -54.39 -10.62 -37.08
N LYS E 137 -53.22 -10.11 -36.70
CA LYS E 137 -52.34 -10.78 -35.74
C LYS E 137 -51.68 -9.68 -34.93
N ASN E 138 -52.34 -9.31 -33.83
CA ASN E 138 -52.03 -8.06 -33.14
C ASN E 138 -50.79 -8.14 -32.26
N ASN E 139 -50.04 -9.24 -32.28
CA ASN E 139 -48.71 -9.23 -31.68
C ASN E 139 -47.67 -8.59 -32.60
N ILE E 140 -48.04 -8.29 -33.85
CA ILE E 140 -47.14 -7.73 -34.84
C ILE E 140 -47.38 -6.23 -34.93
N LEU E 141 -46.31 -5.44 -34.78
CA LEU E 141 -46.38 -4.00 -34.95
C LEU E 141 -45.24 -3.53 -35.84
N TYR E 142 -45.49 -2.46 -36.59
CA TYR E 142 -44.46 -1.81 -37.39
C TYR E 142 -44.34 -0.35 -36.97
N PHE E 143 -43.12 0.18 -37.06
CA PHE E 143 -42.86 1.57 -36.71
C PHE E 143 -41.95 2.18 -37.77
N GLY E 144 -42.43 3.24 -38.43
CA GLY E 144 -41.62 3.97 -39.39
C GLY E 144 -40.93 5.15 -38.76
N ALA E 145 -39.59 5.13 -38.73
CA ALA E 145 -38.79 6.01 -37.90
C ALA E 145 -38.18 7.17 -38.70
N ARG E 146 -37.54 8.07 -37.97
CA ARG E 146 -36.94 9.28 -38.52
C ARG E 146 -35.43 9.13 -38.69
N SER E 147 -34.84 10.15 -39.33
CA SER E 147 -33.40 10.38 -39.35
C SER E 147 -32.62 9.27 -40.07
N GLY E 148 -33.28 8.49 -40.92
CA GLY E 148 -32.61 7.41 -41.60
C GLY E 148 -32.64 6.08 -40.88
N ASN E 149 -33.38 5.98 -39.78
CA ASN E 149 -33.46 4.70 -39.08
C ASN E 149 -34.39 3.71 -39.76
N GLY E 150 -35.23 4.16 -40.69
CA GLY E 150 -35.94 3.23 -41.55
C GLY E 150 -37.14 2.59 -40.88
N LEU E 151 -37.40 1.33 -41.22
CA LEU E 151 -38.56 0.60 -40.76
C LEU E 151 -38.17 -0.36 -39.65
N TRP E 152 -38.93 -0.33 -38.55
CA TRP E 152 -38.71 -1.21 -37.41
C TRP E 152 -39.99 -2.01 -37.15
N LYS E 153 -39.84 -3.13 -36.47
CA LYS E 153 -40.98 -4.01 -36.23
C LYS E 153 -40.82 -4.73 -34.91
N SER E 154 -41.96 -5.20 -34.40
CA SER E 154 -42.04 -6.02 -33.20
C SER E 154 -43.00 -7.16 -33.47
N ILE E 155 -42.65 -8.37 -33.02
CA ILE E 155 -43.58 -9.49 -33.10
C ILE E 155 -43.91 -10.05 -31.73
N ASP E 156 -43.58 -9.33 -30.66
CA ASP E 156 -43.97 -9.72 -29.31
C ASP E 156 -44.76 -8.60 -28.63
N SER E 157 -45.70 -8.02 -29.39
CA SER E 157 -46.64 -7.02 -28.88
C SER E 157 -45.92 -5.78 -28.34
N GLY E 158 -44.88 -5.35 -29.05
CA GLY E 158 -44.22 -4.09 -28.75
C GLY E 158 -43.17 -4.15 -27.67
N VAL E 159 -42.87 -5.33 -27.13
CA VAL E 159 -41.86 -5.44 -26.08
C VAL E 159 -40.46 -5.28 -26.64
N THR E 160 -40.18 -5.96 -27.76
CA THR E 160 -38.86 -5.96 -28.38
C THR E 160 -38.97 -5.43 -29.81
N TRP E 161 -38.02 -4.59 -30.21
CA TRP E 161 -38.05 -3.96 -31.53
C TRP E 161 -36.75 -4.23 -32.27
N SER E 162 -36.84 -4.43 -33.57
CA SER E 162 -35.68 -4.67 -34.40
C SER E 162 -35.90 -4.05 -35.77
N LYS E 163 -34.81 -3.78 -36.48
CA LYS E 163 -34.86 -3.09 -37.76
C LYS E 163 -35.26 -4.06 -38.87
N VAL E 164 -36.19 -3.63 -39.72
CA VAL E 164 -36.50 -4.38 -40.94
C VAL E 164 -35.49 -3.96 -42.00
N THR E 165 -34.35 -4.67 -42.05
CA THR E 165 -33.26 -4.26 -42.92
C THR E 165 -33.57 -4.48 -44.40
N SER E 166 -34.63 -5.22 -44.73
CA SER E 166 -35.02 -5.38 -46.12
C SER E 166 -35.81 -4.20 -46.67
N PHE E 167 -36.15 -3.21 -45.84
CA PHE E 167 -36.87 -2.05 -46.36
C PHE E 167 -35.89 -1.16 -47.14
N PRO E 168 -36.20 -0.80 -48.38
CA PRO E 168 -35.19 -0.23 -49.28
C PRO E 168 -35.01 1.29 -49.25
N ASN E 169 -35.85 2.05 -48.56
CA ASN E 169 -35.78 3.51 -48.62
C ASN E 169 -36.02 4.09 -47.24
N VAL E 170 -34.96 4.59 -46.59
CA VAL E 170 -35.12 5.22 -45.28
C VAL E 170 -35.53 6.69 -45.38
N GLY E 171 -35.64 7.22 -46.59
CA GLY E 171 -36.04 8.60 -46.80
C GLY E 171 -34.89 9.43 -47.36
N THR E 172 -35.25 10.49 -48.08
CA THR E 172 -34.27 11.43 -48.61
C THR E 172 -34.58 12.89 -48.27
N TYR E 173 -35.84 13.24 -48.00
CA TYR E 173 -36.21 14.63 -47.81
C TYR E 173 -35.74 15.14 -46.46
N ILE E 174 -35.17 16.34 -46.46
CA ILE E 174 -34.72 17.05 -45.26
C ILE E 174 -35.34 18.44 -45.31
N GLN E 175 -36.07 18.83 -44.27
CA GLN E 175 -36.80 20.10 -44.33
C GLN E 175 -35.85 21.29 -44.23
N ASN E 176 -34.93 21.28 -43.26
CA ASN E 176 -34.06 22.42 -42.97
C ASN E 176 -32.61 21.99 -42.91
N PRO E 177 -31.99 21.71 -44.07
CA PRO E 177 -30.63 21.17 -44.06
C PRO E 177 -29.57 22.12 -43.51
N THR E 178 -29.84 23.43 -43.45
CA THR E 178 -28.85 24.39 -42.98
C THR E 178 -29.04 24.78 -41.52
N LEU E 179 -30.11 24.32 -40.87
CA LEU E 179 -30.39 24.67 -39.49
C LEU E 179 -30.04 23.50 -38.56
N ASP E 180 -30.08 23.77 -37.27
CA ASP E 180 -29.85 22.72 -36.28
C ASP E 180 -31.15 22.10 -35.79
N TYR E 181 -32.28 22.49 -36.36
CA TYR E 181 -33.58 21.87 -36.11
C TYR E 181 -34.15 21.43 -37.44
N GLY E 182 -34.32 20.13 -37.61
CA GLY E 182 -34.87 19.59 -38.84
C GLY E 182 -33.88 19.39 -39.96
N ASN E 183 -32.59 19.22 -39.64
CA ASN E 183 -31.59 18.92 -40.65
C ASN E 183 -31.37 17.43 -40.83
N ASP E 184 -32.11 16.60 -40.11
CA ASP E 184 -32.08 15.17 -40.32
C ASP E 184 -33.18 14.75 -41.31
N LEU E 185 -33.03 13.53 -41.84
CA LEU E 185 -34.08 12.98 -42.70
C LEU E 185 -35.39 12.90 -41.92
N VAL E 186 -36.49 13.31 -42.58
CA VAL E 186 -37.80 13.12 -41.99
C VAL E 186 -38.10 11.63 -41.82
N GLY E 187 -37.70 10.82 -42.81
CA GLY E 187 -37.83 9.38 -42.70
C GLY E 187 -39.12 8.83 -43.28
N LEU E 188 -39.68 7.81 -42.64
CA LEU E 188 -40.91 7.19 -43.11
C LEU E 188 -42.11 8.03 -42.71
N SER E 189 -43.20 7.88 -43.44
CA SER E 189 -44.33 8.81 -43.35
C SER E 189 -45.63 8.19 -42.85
N TRP E 190 -45.93 6.95 -43.22
CA TRP E 190 -47.13 6.26 -42.75
C TRP E 190 -47.04 4.79 -43.15
N ILE E 191 -47.82 3.97 -42.45
CA ILE E 191 -47.89 2.53 -42.73
C ILE E 191 -49.36 2.13 -42.73
N THR E 192 -49.76 1.33 -43.73
CA THR E 192 -51.16 0.94 -43.87
C THR E 192 -51.24 -0.52 -44.26
N PHE E 193 -51.90 -1.33 -43.43
CA PHE E 193 -52.17 -2.72 -43.76
C PHE E 193 -53.36 -2.82 -44.70
N ASP E 194 -53.39 -3.88 -45.50
CA ASP E 194 -54.59 -4.30 -46.21
C ASP E 194 -55.16 -5.48 -45.43
N LYS E 195 -56.16 -5.21 -44.59
CA LYS E 195 -56.71 -6.23 -43.72
C LYS E 195 -57.25 -7.43 -44.49
N SER E 196 -57.66 -7.25 -45.74
CA SER E 196 -58.20 -8.36 -46.51
C SER E 196 -57.14 -9.39 -46.90
N THR E 197 -55.84 -9.08 -46.76
CA THR E 197 -54.79 -10.03 -47.11
C THR E 197 -54.30 -10.82 -45.90
N GLY E 198 -55.12 -10.95 -44.87
CA GLY E 198 -54.87 -11.85 -43.77
C GLY E 198 -56.19 -12.30 -43.17
N THR E 199 -56.09 -13.23 -42.23
CA THR E 199 -57.24 -13.69 -41.45
C THR E 199 -56.82 -13.72 -39.98
N LEU E 200 -57.82 -13.75 -39.10
CA LEU E 200 -57.55 -13.70 -37.66
C LEU E 200 -56.56 -14.79 -37.27
N GLY E 201 -55.48 -14.38 -36.61
CA GLY E 201 -54.42 -15.29 -36.23
C GLY E 201 -53.34 -15.50 -37.26
N ASN E 202 -53.43 -14.86 -38.42
CA ASN E 202 -52.46 -15.04 -39.49
C ASN E 202 -52.00 -13.67 -39.98
N ALA E 203 -50.68 -13.51 -40.09
CA ALA E 203 -50.11 -12.21 -40.40
C ALA E 203 -50.65 -11.65 -41.70
N THR E 204 -50.97 -10.36 -41.69
CA THR E 204 -51.44 -9.68 -42.89
C THR E 204 -50.31 -9.59 -43.91
N GLN E 205 -50.58 -10.00 -45.15
CA GLN E 205 -49.52 -10.17 -46.14
C GLN E 205 -49.17 -8.88 -46.89
N THR E 206 -50.13 -7.99 -47.11
CA THR E 206 -49.89 -6.78 -47.89
C THR E 206 -49.78 -5.58 -46.96
N ILE E 207 -48.67 -4.85 -47.05
CA ILE E 207 -48.39 -3.68 -46.24
C ILE E 207 -47.90 -2.57 -47.14
N TYR E 208 -48.50 -1.38 -47.01
CA TYR E 208 -48.08 -0.19 -47.74
C TYR E 208 -47.35 0.75 -46.80
N VAL E 209 -46.29 1.38 -47.30
CA VAL E 209 -45.48 2.30 -46.51
C VAL E 209 -45.19 3.54 -47.34
N GLY E 210 -45.52 4.71 -46.79
CA GLY E 210 -45.12 5.97 -47.39
C GLY E 210 -43.78 6.43 -46.81
N VAL E 211 -42.96 7.03 -47.66
CA VAL E 211 -41.62 7.47 -47.31
C VAL E 211 -41.43 8.90 -47.79
N ALA E 212 -40.79 9.74 -46.96
CA ALA E 212 -40.53 11.13 -47.33
C ALA E 212 -39.37 11.16 -48.32
N ASP E 213 -39.71 10.92 -49.58
CA ASP E 213 -38.74 10.92 -50.68
C ASP E 213 -39.50 11.30 -51.94
N THR E 214 -39.19 12.48 -52.50
CA THR E 214 -39.97 12.97 -53.64
C THR E 214 -39.79 12.10 -54.88
N ALA E 215 -38.68 11.35 -54.98
CA ALA E 215 -38.44 10.53 -56.17
C ALA E 215 -39.15 9.18 -56.09
N SER E 216 -39.40 8.68 -54.89
CA SER E 216 -39.92 7.32 -54.73
C SER E 216 -40.47 7.21 -53.30
N SER E 217 -41.79 7.32 -53.16
CA SER E 217 -42.38 7.55 -51.85
C SER E 217 -43.37 6.49 -51.37
N VAL E 218 -43.80 5.56 -52.22
CA VAL E 218 -44.80 4.58 -51.82
C VAL E 218 -44.27 3.18 -52.10
N TYR E 219 -44.27 2.34 -51.06
CA TYR E 219 -43.73 1.00 -51.11
C TYR E 219 -44.79 -0.01 -50.69
N ARG E 220 -44.63 -1.25 -51.13
CA ARG E 220 -45.58 -2.31 -50.84
C ARG E 220 -44.83 -3.60 -50.60
N SER E 221 -45.19 -4.31 -49.53
CA SER E 221 -44.87 -5.71 -49.38
C SER E 221 -46.13 -6.53 -49.60
N THR E 222 -46.01 -7.64 -50.30
CA THR E 222 -47.13 -8.57 -50.44
C THR E 222 -46.85 -9.93 -49.81
N ASP E 223 -45.71 -10.08 -49.13
CA ASP E 223 -45.34 -11.33 -48.47
C ASP E 223 -45.13 -11.12 -46.97
N GLY E 224 -45.95 -10.26 -46.37
CA GLY E 224 -45.90 -10.04 -44.94
C GLY E 224 -44.67 -9.31 -44.43
N GLY E 225 -44.07 -8.45 -45.26
CA GLY E 225 -42.95 -7.63 -44.82
C GLY E 225 -41.58 -8.20 -45.07
N VAL E 226 -41.48 -9.35 -45.75
CA VAL E 226 -40.17 -9.93 -46.01
C VAL E 226 -39.47 -9.17 -47.14
N THR E 227 -40.19 -8.88 -48.22
CA THR E 227 -39.63 -8.14 -49.34
C THR E 227 -40.49 -6.91 -49.63
N TRP E 228 -39.87 -5.89 -50.21
CA TRP E 228 -40.51 -4.61 -50.44
C TRP E 228 -40.14 -4.08 -51.83
N THR E 229 -41.12 -3.53 -52.53
CA THR E 229 -40.87 -2.89 -53.81
C THR E 229 -41.66 -1.61 -53.91
N ALA E 230 -41.11 -0.63 -54.62
CA ALA E 230 -41.83 0.60 -54.90
C ALA E 230 -43.06 0.30 -55.74
N LEU E 231 -44.17 0.95 -55.43
CA LEU E 231 -45.41 0.78 -56.18
C LEU E 231 -45.23 1.32 -57.59
N ALA E 232 -45.33 0.43 -58.59
CA ALA E 232 -45.13 0.82 -59.97
C ALA E 232 -46.19 1.83 -60.40
N GLY E 233 -45.76 2.84 -61.16
CA GLY E 233 -46.64 3.86 -61.70
C GLY E 233 -46.97 5.00 -60.76
N GLN E 234 -46.39 5.03 -59.57
CA GLN E 234 -46.72 6.07 -58.61
C GLN E 234 -46.26 7.44 -59.12
N PRO E 235 -46.89 8.51 -58.65
CA PRO E 235 -46.43 9.85 -59.03
C PRO E 235 -45.18 10.23 -58.25
N THR E 236 -44.44 11.19 -58.82
CA THR E 236 -43.20 11.68 -58.21
C THR E 236 -43.26 13.18 -58.03
N GLY E 237 -42.41 13.69 -57.16
CA GLY E 237 -42.24 15.11 -56.94
C GLY E 237 -42.82 15.64 -55.65
N PHE E 238 -43.64 14.85 -54.96
CA PHE E 238 -44.33 15.33 -53.76
C PHE E 238 -44.09 14.33 -52.62
N LEU E 239 -44.62 14.68 -51.44
CA LEU E 239 -44.42 13.90 -50.23
C LEU E 239 -45.77 13.42 -49.71
N PRO E 240 -46.01 12.11 -49.62
CA PRO E 240 -47.34 11.61 -49.24
C PRO E 240 -47.56 11.75 -47.74
N HIS E 241 -48.63 12.47 -47.37
CA HIS E 241 -48.91 12.76 -45.96
C HIS E 241 -49.67 11.63 -45.29
N HIS E 242 -50.66 11.06 -45.99
CA HIS E 242 -51.43 9.94 -45.49
C HIS E 242 -51.71 8.98 -46.63
N GLY E 243 -51.86 7.70 -46.29
CA GLY E 243 -52.29 6.71 -47.24
C GLY E 243 -53.36 5.84 -46.62
N GLU E 244 -54.59 5.92 -47.13
CA GLU E 244 -55.71 5.21 -46.54
C GLU E 244 -56.33 4.29 -47.57
N LEU E 245 -56.59 3.05 -47.17
CA LEU E 245 -57.14 2.03 -48.05
C LEU E 245 -58.63 1.87 -47.75
N SER E 246 -59.47 2.08 -48.75
CA SER E 246 -60.90 1.89 -48.57
C SER E 246 -61.24 0.40 -48.54
N SER E 247 -62.43 0.08 -48.03
CA SER E 247 -62.88 -1.31 -48.00
C SER E 247 -63.07 -1.90 -49.39
N THR E 248 -63.06 -1.06 -50.44
CA THR E 248 -63.23 -1.53 -51.80
C THR E 248 -61.92 -1.64 -52.56
N GLY E 249 -60.79 -1.48 -51.89
CA GLY E 249 -59.50 -1.71 -52.52
C GLY E 249 -58.84 -0.51 -53.15
N ASP E 250 -59.35 0.69 -52.90
CA ASP E 250 -58.73 1.91 -53.42
C ASP E 250 -57.84 2.51 -52.33
N LEU E 251 -56.58 2.78 -52.69
CA LEU E 251 -55.63 3.42 -51.80
C LEU E 251 -55.60 4.91 -52.16
N TYR E 252 -56.04 5.76 -51.23
CA TYR E 252 -56.05 7.20 -51.43
C TYR E 252 -54.84 7.81 -50.72
N ILE E 253 -54.19 8.79 -51.36
CA ILE E 253 -52.94 9.34 -50.86
C ILE E 253 -52.95 10.85 -51.06
N THR E 254 -52.80 11.61 -49.98
CA THR E 254 -52.61 13.05 -50.07
C THR E 254 -51.12 13.36 -50.16
N TYR E 255 -50.78 14.39 -50.93
CA TYR E 255 -49.39 14.78 -51.16
C TYR E 255 -49.21 16.27 -50.95
N SER E 256 -48.07 16.65 -50.38
CA SER E 256 -47.65 18.04 -50.28
C SER E 256 -46.21 18.15 -50.75
N ASN E 257 -45.81 19.36 -51.18
CA ASN E 257 -44.41 19.57 -51.51
C ASN E 257 -43.56 19.86 -50.27
N GLY E 258 -44.15 19.77 -49.07
CA GLY E 258 -43.42 19.73 -47.83
C GLY E 258 -44.02 18.69 -46.91
N VAL E 259 -43.38 18.48 -45.75
CA VAL E 259 -43.91 17.54 -44.77
C VAL E 259 -44.72 18.23 -43.69
N GLY E 260 -44.78 19.56 -43.70
CA GLY E 260 -45.59 20.29 -42.75
C GLY E 260 -44.98 20.33 -41.36
N PRO E 261 -45.72 20.85 -40.38
CA PRO E 261 -47.11 21.31 -40.51
C PRO E 261 -47.29 22.75 -40.99
N TYR E 262 -46.20 23.51 -41.12
CA TYR E 262 -46.31 24.93 -41.40
C TYR E 262 -46.22 25.28 -42.88
N ASP E 263 -45.65 24.40 -43.71
CA ASP E 263 -45.45 24.73 -45.11
C ASP E 263 -46.48 23.99 -45.98
N GLY E 264 -46.15 23.79 -47.25
CA GLY E 264 -47.09 23.22 -48.19
C GLY E 264 -47.59 24.28 -49.16
N SER E 265 -46.91 24.41 -50.30
CA SER E 265 -47.25 25.39 -51.31
C SER E 265 -47.66 24.74 -52.62
N LYS E 266 -47.77 23.42 -52.66
CA LYS E 266 -48.16 22.66 -53.83
C LYS E 266 -48.56 21.27 -53.35
N GLY E 267 -49.56 20.67 -54.00
CA GLY E 267 -50.04 19.39 -53.54
C GLY E 267 -50.82 18.66 -54.60
N GLU E 268 -50.97 17.36 -54.36
CA GLU E 268 -51.78 16.48 -55.22
C GLU E 268 -52.52 15.49 -54.34
N VAL E 269 -53.54 14.87 -54.91
CA VAL E 269 -54.22 13.72 -54.32
C VAL E 269 -54.36 12.67 -55.40
N TRP E 270 -53.97 11.44 -55.08
CA TRP E 270 -54.03 10.33 -56.03
C TRP E 270 -54.78 9.17 -55.41
N LYS E 271 -55.32 8.31 -56.26
CA LYS E 271 -55.88 7.04 -55.82
C LYS E 271 -55.25 5.92 -56.62
N TYR E 272 -55.00 4.80 -55.95
CA TYR E 272 -54.41 3.62 -56.55
C TYR E 272 -55.34 2.45 -56.31
N ASN E 273 -55.70 1.74 -57.37
CA ASN E 273 -56.59 0.60 -57.26
C ASN E 273 -55.75 -0.68 -57.19
N LYS E 274 -55.91 -1.43 -56.10
CA LYS E 274 -55.05 -2.58 -55.86
C LYS E 274 -55.30 -3.70 -56.85
N THR E 275 -56.51 -3.79 -57.40
CA THR E 275 -56.83 -4.89 -58.31
C THR E 275 -56.31 -4.61 -59.72
N SER E 276 -56.51 -3.39 -60.22
CA SER E 276 -56.05 -3.03 -61.55
C SER E 276 -54.63 -2.47 -61.57
N GLY E 277 -54.14 -1.97 -60.43
CA GLY E 277 -52.86 -1.27 -60.42
C GLY E 277 -52.90 0.11 -61.03
N ALA E 278 -54.10 0.62 -61.37
CA ALA E 278 -54.23 1.90 -62.04
C ALA E 278 -54.13 3.06 -61.06
N TRP E 279 -53.42 4.11 -61.47
CA TRP E 279 -53.33 5.36 -60.72
C TRP E 279 -54.24 6.40 -61.34
N THR E 280 -54.91 7.17 -60.49
CA THR E 280 -55.78 8.25 -60.95
C THR E 280 -55.50 9.50 -60.13
N ASN E 281 -55.20 10.60 -60.83
CA ASN E 281 -55.04 11.92 -60.20
C ASN E 281 -56.43 12.46 -59.87
N ILE E 282 -56.72 12.59 -58.58
CA ILE E 282 -58.02 13.10 -58.14
C ILE E 282 -57.83 14.39 -57.36
N SER E 283 -56.79 15.15 -57.71
CA SER E 283 -56.49 16.38 -56.98
C SER E 283 -57.66 17.35 -57.09
N PRO E 284 -58.19 17.85 -55.98
CA PRO E 284 -59.30 18.83 -56.08
C PRO E 284 -58.93 20.07 -56.86
N THR E 285 -57.68 20.53 -56.79
CA THR E 285 -57.22 21.68 -57.54
C THR E 285 -55.86 21.36 -58.15
N THR E 286 -55.61 21.93 -59.33
CA THR E 286 -54.36 21.73 -60.05
C THR E 286 -53.88 23.06 -60.62
N GLY E 287 -52.62 23.09 -61.05
CA GLY E 287 -52.10 24.28 -61.70
C GLY E 287 -52.08 25.48 -60.78
N THR E 288 -52.38 26.65 -61.34
CA THR E 288 -52.39 27.89 -60.55
C THR E 288 -53.57 27.95 -59.57
N ASP E 289 -54.57 27.08 -59.73
CA ASP E 289 -55.63 26.97 -58.74
C ASP E 289 -55.18 26.25 -57.47
N ASN E 290 -53.96 25.70 -57.46
CA ASN E 290 -53.43 25.00 -56.31
C ASN E 290 -52.13 25.67 -55.88
N TRP E 291 -52.11 26.16 -54.63
CA TRP E 291 -50.92 26.80 -54.06
C TRP E 291 -50.65 26.24 -52.66
N TYR E 292 -51.03 24.98 -52.43
CA TYR E 292 -50.97 24.41 -51.10
C TYR E 292 -50.85 22.90 -51.23
N GLY E 293 -50.24 22.28 -50.22
CA GLY E 293 -50.26 20.85 -50.13
C GLY E 293 -51.63 20.36 -49.69
N PHE E 294 -51.84 19.05 -49.83
CA PHE E 294 -52.98 18.36 -49.25
C PHE E 294 -52.50 17.54 -48.07
N GLY E 295 -53.16 17.71 -46.92
CA GLY E 295 -52.73 17.07 -45.71
C GLY E 295 -53.69 16.01 -45.21
N GLY E 296 -54.65 16.43 -44.39
CA GLY E 296 -55.65 15.53 -43.83
C GLY E 296 -56.36 14.70 -44.87
N LEU E 297 -56.60 13.43 -44.56
CA LEU E 297 -57.28 12.50 -45.45
C LEU E 297 -58.21 11.64 -44.62
N ALA E 298 -59.50 11.71 -44.91
CA ALA E 298 -60.51 10.99 -44.13
C ALA E 298 -61.37 10.18 -45.07
N LEU E 299 -61.35 8.85 -44.91
CA LEU E 299 -62.28 7.98 -45.60
C LEU E 299 -63.51 7.77 -44.73
N ASP E 300 -64.67 7.67 -45.37
CA ASP E 300 -65.91 7.30 -44.69
C ASP E 300 -66.02 5.78 -44.73
N ALA E 301 -65.80 5.15 -43.58
CA ALA E 301 -65.82 3.69 -43.53
C ALA E 301 -67.20 3.13 -43.89
N GLN E 302 -68.27 3.81 -43.47
CA GLN E 302 -69.61 3.33 -43.77
C GLN E 302 -69.96 3.45 -45.25
N HIS E 303 -69.27 4.32 -45.99
CA HIS E 303 -69.61 4.61 -47.39
C HIS E 303 -68.32 4.75 -48.17
N PRO E 304 -67.82 3.63 -48.73
CA PRO E 304 -66.42 3.59 -49.18
C PRO E 304 -66.06 4.53 -50.32
N ASN E 305 -67.01 5.13 -51.03
CA ASN E 305 -66.66 6.08 -52.07
C ASN E 305 -66.71 7.53 -51.60
N THR E 306 -66.88 7.75 -50.29
CA THR E 306 -66.91 9.08 -49.71
C THR E 306 -65.59 9.32 -48.97
N LEU E 307 -64.98 10.47 -49.23
CA LEU E 307 -63.74 10.84 -48.55
C LEU E 307 -63.64 12.35 -48.52
N MSE E 308 -62.72 12.84 -47.69
CA MSE E 308 -62.44 14.26 -47.57
C MSE E 308 -60.95 14.50 -47.44
O MSE E 308 -60.22 13.68 -46.88
CB MSE E 308 -63.18 14.86 -46.36
CG MSE E 308 -64.69 14.80 -46.43
SE MSE E 308 -65.55 15.81 -45.00
CE MSE E 308 -64.54 15.10 -43.50
N VAL E 309 -60.49 15.65 -47.97
CA VAL E 309 -59.11 16.08 -47.80
C VAL E 309 -59.13 17.55 -47.41
N SER E 310 -58.05 17.98 -46.75
CA SER E 310 -57.91 19.36 -46.31
C SER E 310 -56.62 19.95 -46.87
N SER E 311 -56.66 21.26 -47.12
CA SER E 311 -55.48 21.99 -47.56
C SER E 311 -54.46 22.09 -46.45
N LEU E 312 -53.18 22.20 -46.84
CA LEU E 312 -52.08 22.31 -45.88
C LEU E 312 -50.90 22.94 -46.61
N ASN E 313 -50.82 24.27 -46.61
CA ASN E 313 -51.81 25.19 -46.08
C ASN E 313 -52.16 26.22 -47.15
N ALA E 314 -53.45 26.53 -47.30
CA ALA E 314 -53.86 27.54 -48.27
C ALA E 314 -53.78 28.94 -47.69
N TRP E 315 -53.91 29.07 -46.37
CA TRP E 315 -53.75 30.31 -45.61
C TRP E 315 -54.86 31.32 -45.85
N TRP E 316 -55.09 31.71 -47.10
CA TRP E 316 -55.95 32.86 -47.39
C TRP E 316 -57.04 32.50 -48.38
N PRO E 317 -58.30 32.89 -48.11
CA PRO E 317 -58.73 33.58 -46.89
C PRO E 317 -58.90 32.62 -45.72
N ASP E 318 -58.86 31.33 -46.01
CA ASP E 318 -59.01 30.28 -45.01
C ASP E 318 -58.57 28.98 -45.66
N GLU E 319 -58.44 27.94 -44.85
CA GLU E 319 -58.22 26.61 -45.39
C GLU E 319 -59.50 26.12 -46.07
N VAL E 320 -59.38 24.98 -46.76
CA VAL E 320 -60.48 24.37 -47.49
C VAL E 320 -60.53 22.89 -47.13
N ILE E 321 -61.73 22.39 -46.85
CA ILE E 321 -62.00 20.96 -46.83
C ILE E 321 -62.77 20.64 -48.11
N PHE E 322 -62.32 19.60 -48.81
CA PHE E 322 -62.98 19.10 -50.02
C PHE E 322 -63.62 17.76 -49.70
N ARG E 323 -64.84 17.56 -50.18
CA ARG E 323 -65.58 16.32 -49.95
C ARG E 323 -65.98 15.72 -51.29
N SER E 324 -65.76 14.42 -51.44
CA SER E 324 -66.18 13.68 -52.62
C SER E 324 -67.01 12.49 -52.19
N THR E 325 -68.11 12.22 -52.91
CA THR E 325 -68.92 11.04 -52.67
C THR E 325 -68.85 10.04 -53.82
N ASN E 326 -67.95 10.24 -54.77
CA ASN E 326 -67.79 9.35 -55.92
C ASN E 326 -66.32 8.97 -56.11
N GLY E 327 -65.64 8.65 -55.01
CA GLY E 327 -64.27 8.16 -55.11
C GLY E 327 -63.28 9.16 -55.65
N GLY E 328 -63.55 10.45 -55.49
CA GLY E 328 -62.64 11.48 -55.97
C GLY E 328 -62.86 11.95 -57.39
N ALA E 329 -63.92 11.48 -58.06
CA ALA E 329 -64.17 11.95 -59.42
C ALA E 329 -64.50 13.43 -59.45
N THR E 330 -65.35 13.88 -58.53
CA THR E 330 -65.66 15.30 -58.35
C THR E 330 -65.64 15.63 -56.87
N TRP E 331 -65.41 16.91 -56.58
CA TRP E 331 -65.29 17.39 -55.21
C TRP E 331 -66.20 18.58 -54.98
N SER E 332 -66.68 18.69 -53.74
CA SER E 332 -67.42 19.85 -53.26
C SER E 332 -66.59 20.56 -52.20
N ARG E 333 -66.49 21.88 -52.31
CA ARG E 333 -65.74 22.67 -51.33
C ARG E 333 -66.64 23.02 -50.15
N ILE E 334 -66.02 23.14 -48.96
CA ILE E 334 -66.80 23.55 -47.79
C ILE E 334 -67.13 25.04 -47.82
N TRP E 335 -66.48 25.81 -48.69
CA TRP E 335 -66.88 27.20 -48.94
C TRP E 335 -66.50 27.57 -50.35
N ASP E 336 -67.20 28.56 -50.90
CA ASP E 336 -66.98 29.02 -52.26
C ASP E 336 -66.98 30.55 -52.28
N TRP E 337 -66.42 31.11 -53.35
CA TRP E 337 -66.57 32.54 -53.61
C TRP E 337 -67.96 32.81 -54.19
N GLY E 338 -68.53 33.94 -53.79
CA GLY E 338 -69.67 34.47 -54.50
C GLY E 338 -69.18 35.56 -55.43
N ASN E 339 -69.78 36.75 -55.34
CA ASN E 339 -69.20 37.93 -55.96
C ASN E 339 -68.08 38.43 -55.06
N TYR E 340 -66.83 38.26 -55.51
CA TYR E 340 -65.68 38.62 -54.70
C TYR E 340 -65.84 40.06 -54.18
N PRO E 341 -65.52 40.33 -52.91
CA PRO E 341 -64.87 39.46 -51.93
C PRO E 341 -65.81 38.59 -51.09
N GLU E 342 -67.09 38.53 -51.43
CA GLU E 342 -68.01 37.78 -50.60
CA GLU E 342 -68.06 37.78 -50.64
C GLU E 342 -67.89 36.28 -50.88
N ARG E 343 -68.24 35.49 -49.87
CA ARG E 343 -68.12 34.04 -49.93
C ARG E 343 -69.44 33.41 -49.50
N THR E 344 -69.61 32.14 -49.85
CA THR E 344 -70.70 31.31 -49.34
C THR E 344 -70.09 30.14 -48.58
N TYR E 345 -70.85 29.61 -47.62
CA TYR E 345 -70.32 28.65 -46.67
C TYR E 345 -71.25 27.45 -46.54
N LYS E 346 -70.66 26.26 -46.49
CA LYS E 346 -71.37 25.05 -46.15
C LYS E 346 -71.16 24.66 -44.69
N PHE E 347 -70.60 25.55 -43.89
CA PHE E 347 -70.32 25.26 -42.49
C PHE E 347 -70.63 26.49 -41.65
N SER E 348 -70.85 26.24 -40.37
CA SER E 348 -71.02 27.28 -39.36
C SER E 348 -70.08 26.96 -38.21
N MSE E 349 -69.34 27.96 -37.73
CA MSE E 349 -68.38 27.78 -36.64
C MSE E 349 -69.01 28.13 -35.29
O MSE E 349 -69.62 29.20 -35.14
CB MSE E 349 -67.13 28.64 -36.85
CG MSE E 349 -66.34 28.31 -38.11
SE MSE E 349 -65.61 26.51 -38.07
CE MSE E 349 -64.19 26.80 -36.79
N ASP E 350 -68.84 27.24 -34.31
CA ASP E 350 -69.34 27.43 -32.95
C ASP E 350 -68.15 27.37 -32.02
N ILE E 351 -67.78 28.50 -31.43
CA ILE E 351 -66.68 28.55 -30.47
C ILE E 351 -67.21 29.04 -29.12
N THR E 352 -68.47 28.73 -28.82
CA THR E 352 -69.01 29.10 -27.50
C THR E 352 -68.24 28.44 -26.37
N ALA E 353 -67.59 27.31 -26.61
CA ALA E 353 -66.80 26.64 -25.58
C ALA E 353 -65.43 27.26 -25.40
N ALA E 354 -65.03 28.18 -26.27
CA ALA E 354 -63.75 28.89 -26.14
C ALA E 354 -63.86 30.20 -26.90
N PRO E 355 -64.63 31.16 -26.38
CA PRO E 355 -64.95 32.34 -27.20
C PRO E 355 -63.74 33.18 -27.57
N TRP E 356 -62.60 32.99 -26.89
CA TRP E 356 -61.41 33.75 -27.23
C TRP E 356 -60.82 33.34 -28.58
N LEU E 357 -61.34 32.29 -29.21
CA LEU E 357 -60.83 31.89 -30.52
C LEU E 357 -61.17 32.89 -31.62
N ASP E 358 -61.95 33.93 -31.32
CA ASP E 358 -62.10 35.01 -32.30
C ASP E 358 -60.94 36.00 -32.24
N HIS E 359 -60.00 35.81 -31.32
CA HIS E 359 -58.83 36.67 -31.16
C HIS E 359 -59.21 38.13 -30.99
N GLY E 360 -60.41 38.39 -30.45
CA GLY E 360 -60.86 39.75 -30.22
C GLY E 360 -61.10 40.58 -31.47
N THR E 361 -61.21 39.95 -32.64
CA THR E 361 -61.43 40.68 -33.88
C THR E 361 -62.76 40.28 -34.51
N THR E 362 -63.37 41.24 -35.20
CA THR E 362 -64.62 40.97 -35.89
CA THR E 362 -64.62 40.99 -35.90
C THR E 362 -64.36 40.21 -37.19
N SER E 363 -65.26 39.30 -37.53
CA SER E 363 -65.07 38.46 -38.69
C SER E 363 -65.46 39.18 -39.97
N THR E 364 -64.66 39.01 -41.02
CA THR E 364 -65.01 39.47 -42.36
C THR E 364 -64.79 38.32 -43.34
N SER E 365 -65.24 38.55 -44.58
CA SER E 365 -65.12 37.53 -45.62
C SER E 365 -63.65 37.19 -45.89
N LEU E 366 -62.80 38.19 -46.04
CA LEU E 366 -61.40 37.95 -46.34
C LEU E 366 -60.56 37.64 -45.10
N ASP E 367 -61.06 37.96 -43.91
CA ASP E 367 -60.36 37.67 -42.67
C ASP E 367 -61.36 37.03 -41.72
N PRO E 368 -61.69 35.75 -41.92
CA PRO E 368 -62.65 35.09 -41.04
C PRO E 368 -62.10 34.94 -39.63
N SER E 369 -63.02 35.05 -38.66
CA SER E 369 -62.67 34.94 -37.25
C SER E 369 -63.86 34.35 -36.50
N PRO E 370 -63.79 33.09 -36.06
CA PRO E 370 -62.62 32.21 -36.17
C PRO E 370 -62.47 31.58 -37.56
N LYS E 371 -61.24 31.28 -37.95
CA LYS E 371 -61.01 30.54 -39.17
C LYS E 371 -61.50 29.10 -39.01
N LEU E 372 -61.78 28.47 -40.16
CA LEU E 372 -62.00 27.03 -40.19
C LEU E 372 -60.84 26.29 -39.52
N GLY E 373 -59.62 26.74 -39.76
CA GLY E 373 -58.47 26.17 -39.10
C GLY E 373 -57.19 26.55 -39.81
N TRP E 374 -56.12 25.88 -39.40
CA TRP E 374 -54.79 25.95 -40.01
C TRP E 374 -54.01 24.74 -39.52
N MSE E 375 -52.93 24.42 -40.22
CA MSE E 375 -52.13 23.23 -39.91
C MSE E 375 -52.99 21.97 -39.86
O MSE E 375 -52.82 21.10 -39.01
CB MSE E 375 -51.37 23.42 -38.59
CG MSE E 375 -50.33 24.55 -38.62
SE MSE E 375 -49.80 25.19 -36.87
CE MSE E 375 -48.98 23.55 -36.20
N MSE E 376 -53.95 21.88 -40.78
CA MSE E 376 -54.88 20.75 -40.77
C MSE E 376 -54.28 19.54 -41.48
O MSE E 376 -54.67 19.19 -42.60
CB MSE E 376 -56.21 21.18 -41.42
CG MSE E 376 -56.90 22.30 -40.65
SE MSE E 376 -58.39 23.15 -41.60
CE MSE E 376 -59.55 21.60 -41.73
N GLY E 377 -53.31 18.91 -40.83
CA GLY E 377 -52.66 17.73 -41.36
C GLY E 377 -53.39 16.42 -41.17
N ASP E 378 -54.43 16.41 -40.33
CA ASP E 378 -55.17 15.19 -40.02
C ASP E 378 -56.65 15.49 -40.01
N LEU E 379 -57.43 14.65 -40.68
CA LEU E 379 -58.88 14.81 -40.80
C LEU E 379 -59.50 13.43 -40.63
N GLU E 380 -60.57 13.33 -39.83
CA GLU E 380 -61.13 12.04 -39.50
C GLU E 380 -62.64 12.03 -39.65
N ILE E 381 -63.17 10.94 -40.21
CA ILE E 381 -64.59 10.62 -40.14
C ILE E 381 -64.75 9.41 -39.25
N ASP E 382 -65.64 9.50 -38.26
CA ASP E 382 -65.94 8.40 -37.37
C ASP E 382 -66.28 7.15 -38.17
N PRO E 383 -65.53 6.04 -38.01
CA PRO E 383 -65.81 4.84 -38.80
C PRO E 383 -67.15 4.21 -38.48
N PHE E 384 -67.82 4.62 -37.40
CA PHE E 384 -69.12 4.07 -37.04
C PHE E 384 -70.23 5.11 -37.13
N ASN E 385 -69.91 6.33 -37.57
CA ASN E 385 -70.93 7.38 -37.67
C ASN E 385 -70.46 8.37 -38.73
N SER E 386 -71.03 8.26 -39.93
CA SER E 386 -70.68 9.13 -41.04
C SER E 386 -70.97 10.60 -40.75
N ASN E 387 -71.77 10.90 -39.73
CA ASN E 387 -72.10 12.28 -39.39
C ASN E 387 -71.08 12.93 -38.48
N ARG E 388 -70.11 12.19 -37.95
CA ARG E 388 -69.14 12.74 -37.00
C ARG E 388 -67.79 12.90 -37.67
N MSE E 389 -67.26 14.12 -37.63
CA MSE E 389 -65.95 14.44 -38.13
C MSE E 389 -65.15 15.07 -36.99
O MSE E 389 -65.73 15.69 -36.11
CB MSE E 389 -66.06 15.42 -39.32
CG MSE E 389 -64.96 16.46 -39.39
SE MSE E 389 -65.13 17.73 -40.85
CE MSE E 389 -66.15 19.10 -39.91
N MSE E 390 -63.83 14.87 -37.00
CA MSE E 390 -62.93 15.61 -36.11
C MSE E 390 -61.67 15.99 -36.88
O MSE E 390 -61.27 15.27 -37.79
CB MSE E 390 -62.54 14.77 -34.89
CG MSE E 390 -63.66 14.52 -33.91
SE MSE E 390 -62.96 13.56 -32.37
CE MSE E 390 -64.62 13.40 -31.37
N TYR E 391 -61.06 17.11 -36.50
CA TYR E 391 -59.76 17.44 -37.06
C TYR E 391 -59.03 18.35 -36.09
N GLY E 392 -57.70 18.22 -36.08
CA GLY E 392 -56.88 19.10 -35.28
C GLY E 392 -56.41 20.30 -36.08
N THR E 393 -56.26 21.42 -35.38
CA THR E 393 -55.58 22.58 -35.92
C THR E 393 -54.40 22.92 -35.02
N GLY E 394 -53.69 24.00 -35.37
CA GLY E 394 -52.63 24.47 -34.51
C GLY E 394 -53.09 24.97 -33.15
N ALA E 395 -54.41 25.11 -32.94
CA ALA E 395 -54.92 25.65 -31.69
C ALA E 395 -55.94 24.78 -30.97
N THR E 396 -56.61 23.85 -31.64
CA THR E 396 -57.70 23.14 -30.97
C THR E 396 -58.07 21.88 -31.74
N ILE E 397 -59.13 21.22 -31.29
CA ILE E 397 -59.79 20.14 -32.02
C ILE E 397 -61.17 20.64 -32.40
N TYR E 398 -61.47 20.64 -33.70
CA TYR E 398 -62.81 20.94 -34.17
C TYR E 398 -63.51 19.67 -34.59
N GLY E 399 -64.84 19.70 -34.58
CA GLY E 399 -65.59 18.56 -35.06
C GLY E 399 -67.02 18.91 -35.37
N SER E 400 -67.74 17.91 -35.88
CA SER E 400 -69.16 18.07 -36.18
C SER E 400 -69.88 16.77 -35.90
N ASN E 401 -71.18 16.87 -35.65
CA ASN E 401 -72.05 15.72 -35.49
C ASN E 401 -73.13 15.66 -36.56
N ASN E 402 -73.10 16.55 -37.55
CA ASN E 402 -74.07 16.52 -38.65
C ASN E 402 -73.35 16.65 -39.99
N LEU E 403 -72.27 15.88 -40.16
CA LEU E 403 -71.44 16.02 -41.36
C LEU E 403 -72.24 15.81 -42.64
N THR E 404 -73.18 14.86 -42.65
CA THR E 404 -73.83 14.57 -43.93
C THR E 404 -74.79 15.66 -44.38
N SER E 405 -75.05 16.68 -43.54
CA SER E 405 -75.78 17.85 -44.03
C SER E 405 -75.09 18.46 -45.24
N TRP E 406 -73.77 18.29 -45.34
CA TRP E 406 -73.04 18.72 -46.52
C TRP E 406 -73.65 18.16 -47.80
N ASP E 407 -74.02 16.88 -47.78
CA ASP E 407 -74.48 16.19 -48.98
C ASP E 407 -75.92 16.55 -49.38
N THR E 408 -76.71 17.10 -48.46
CA THR E 408 -78.11 17.40 -48.75
C THR E 408 -78.40 18.89 -48.83
N GLY E 409 -77.39 19.71 -49.11
CA GLY E 409 -77.57 21.14 -49.22
C GLY E 409 -77.69 21.90 -47.92
N GLY E 410 -77.36 21.26 -46.79
CA GLY E 410 -77.40 21.93 -45.51
C GLY E 410 -76.05 22.48 -45.11
N LYS E 411 -75.97 22.93 -43.87
CA LYS E 411 -74.74 23.49 -43.31
C LYS E 411 -74.20 22.56 -42.23
N VAL E 412 -72.92 22.27 -42.31
CA VAL E 412 -72.23 21.48 -41.30
C VAL E 412 -71.94 22.38 -40.10
N ASN E 413 -72.43 22.00 -38.93
CA ASN E 413 -72.17 22.75 -37.71
C ASN E 413 -70.86 22.25 -37.11
N ILE E 414 -69.85 23.10 -37.10
CA ILE E 414 -68.54 22.75 -36.55
C ILE E 414 -68.39 23.45 -35.22
N SER E 415 -67.89 22.72 -34.22
CA SER E 415 -67.77 23.25 -32.88
C SER E 415 -66.47 22.79 -32.26
N VAL E 416 -66.06 23.48 -31.19
CA VAL E 416 -64.88 23.08 -30.44
C VAL E 416 -65.15 21.74 -29.78
N MSE E 417 -64.29 20.76 -30.05
CA MSE E 417 -64.42 19.45 -29.43
C MSE E 417 -63.15 19.07 -28.70
O MSE E 417 -62.67 17.94 -28.80
CB MSE E 417 -64.73 18.38 -30.50
CG MSE E 417 -66.14 18.46 -31.02
SE MSE E 417 -66.71 16.85 -31.94
CE MSE E 417 -68.46 17.53 -32.45
N ALA E 418 -62.63 20.03 -27.93
CA ALA E 418 -61.38 19.88 -27.21
C ALA E 418 -61.58 19.97 -25.70
N LYS E 419 -62.78 19.65 -25.23
CA LYS E 419 -63.05 19.72 -23.80
C LYS E 419 -62.13 18.76 -23.04
N GLY E 420 -61.48 19.28 -22.01
CA GLY E 420 -60.51 18.51 -21.25
C GLY E 420 -59.08 18.63 -21.74
N VAL E 421 -58.87 19.13 -22.96
CA VAL E 421 -57.52 19.28 -23.50
C VAL E 421 -56.92 20.58 -22.98
N GLU E 422 -55.69 20.51 -22.49
CA GLU E 422 -54.90 21.70 -22.17
C GLU E 422 -53.49 21.45 -22.66
N GLU E 423 -53.04 22.26 -23.61
CA GLU E 423 -51.79 21.98 -24.31
C GLU E 423 -50.88 23.20 -24.40
N THR E 424 -51.14 24.26 -23.66
CA THR E 424 -50.31 25.44 -23.83
C THR E 424 -49.00 25.31 -23.06
N ALA E 425 -48.03 26.13 -23.46
CA ALA E 425 -46.76 26.26 -22.78
C ALA E 425 -46.80 27.56 -21.96
N VAL E 426 -46.52 27.44 -20.67
CA VAL E 426 -46.74 28.51 -19.70
C VAL E 426 -45.43 29.24 -19.47
N LEU E 427 -45.35 30.49 -19.90
CA LEU E 427 -44.14 31.28 -19.74
C LEU E 427 -44.15 32.16 -18.49
N GLY E 428 -45.32 32.42 -17.91
CA GLY E 428 -45.40 33.20 -16.69
C GLY E 428 -46.75 33.04 -16.05
N LEU E 429 -46.78 33.22 -14.73
CA LEU E 429 -48.02 33.16 -13.96
C LEU E 429 -47.98 34.22 -12.87
N ILE E 430 -49.09 34.93 -12.69
CA ILE E 430 -49.26 35.82 -11.55
C ILE E 430 -50.64 35.59 -10.94
N SER E 431 -50.69 35.54 -9.62
CA SER E 431 -51.95 35.47 -8.89
C SER E 431 -52.18 36.82 -8.25
N PRO E 432 -53.00 37.68 -8.84
CA PRO E 432 -53.14 39.07 -8.35
C PRO E 432 -53.62 39.10 -6.92
N PRO E 433 -53.13 40.05 -6.12
CA PRO E 433 -53.53 40.12 -4.71
C PRO E 433 -54.90 40.73 -4.47
N THR E 434 -55.50 41.39 -5.46
CA THR E 434 -56.83 41.96 -5.33
C THR E 434 -57.58 41.77 -6.64
N GLY E 435 -58.90 41.98 -6.59
CA GLY E 435 -59.74 41.86 -7.75
C GLY E 435 -60.31 40.45 -7.92
N THR E 436 -61.18 40.31 -8.92
CA THR E 436 -61.90 39.06 -9.12
C THR E 436 -61.04 37.97 -9.76
N SER E 437 -59.91 38.31 -10.37
CA SER E 437 -59.04 37.32 -10.99
C SER E 437 -57.99 36.84 -10.00
N HIS E 438 -57.90 35.53 -9.82
CA HIS E 438 -56.85 34.91 -9.03
C HIS E 438 -55.69 34.40 -9.87
N LEU E 439 -55.72 34.63 -11.19
CA LEU E 439 -54.69 34.05 -12.06
C LEU E 439 -54.70 34.73 -13.41
N ILE E 440 -53.55 35.26 -13.80
CA ILE E 440 -53.31 35.75 -15.15
C ILE E 440 -52.10 35.01 -15.69
N THR E 441 -52.19 34.52 -16.92
CA THR E 441 -51.17 33.68 -17.50
C THR E 441 -50.48 34.36 -18.67
N ALA E 442 -49.23 33.97 -18.89
CA ALA E 442 -48.47 34.34 -20.08
C ALA E 442 -48.15 33.06 -20.84
N LEU E 443 -48.68 32.93 -22.04
CA LEU E 443 -48.63 31.67 -22.79
C LEU E 443 -48.01 31.87 -24.15
N GLY E 444 -47.44 30.79 -24.69
CA GLY E 444 -47.05 30.79 -26.08
C GLY E 444 -48.25 30.59 -27.00
N ASP E 445 -48.14 31.13 -28.21
CA ASP E 445 -49.09 30.92 -29.31
C ASP E 445 -50.44 31.60 -29.12
N VAL E 446 -50.98 31.58 -27.90
CA VAL E 446 -52.28 32.18 -27.65
C VAL E 446 -52.21 33.27 -26.58
N SER E 447 -51.00 33.78 -26.31
CA SER E 447 -50.74 34.99 -25.53
C SER E 447 -50.97 34.83 -24.03
N GLY E 448 -52.13 34.32 -23.63
CA GLY E 448 -52.48 34.22 -22.22
C GLY E 448 -53.80 34.90 -21.92
N PHE E 449 -54.26 34.70 -20.69
CA PHE E 449 -55.60 35.14 -20.33
C PHE E 449 -55.66 35.60 -18.88
N ARG E 450 -56.58 36.52 -18.61
CA ARG E 450 -57.00 36.82 -17.26
C ARG E 450 -58.16 35.89 -16.92
N HIS E 451 -57.93 34.97 -16.00
CA HIS E 451 -58.97 34.00 -15.64
C HIS E 451 -59.82 34.55 -14.50
N GLU E 452 -61.11 34.18 -14.52
CA GLU E 452 -62.02 34.51 -13.45
C GLU E 452 -62.43 33.19 -12.82
N ASP E 453 -63.52 32.58 -13.27
CA ASP E 453 -63.83 31.21 -12.89
C ASP E 453 -62.86 30.27 -13.59
N LEU E 454 -62.05 29.55 -12.81
CA LEU E 454 -61.02 28.69 -13.37
C LEU E 454 -61.58 27.48 -14.11
N SER E 455 -62.90 27.28 -14.11
CA SER E 455 -63.54 26.22 -14.87
CA SER E 455 -63.55 26.23 -14.87
C SER E 455 -64.26 26.73 -16.11
N VAL E 456 -64.20 28.03 -16.38
CA VAL E 456 -64.90 28.65 -17.51
C VAL E 456 -63.86 29.19 -18.47
N ALA E 457 -63.99 28.83 -19.74
CA ALA E 457 -63.05 29.30 -20.74
C ALA E 457 -63.06 30.83 -20.78
N PRO E 458 -61.90 31.46 -20.96
CA PRO E 458 -61.87 32.92 -21.11
C PRO E 458 -62.67 33.38 -22.32
N THR E 459 -63.29 34.55 -22.20
CA THR E 459 -64.02 35.13 -23.32
C THR E 459 -63.19 36.14 -24.10
N LYS E 460 -62.12 36.65 -23.52
CA LYS E 460 -61.39 37.79 -24.10
C LYS E 460 -59.98 37.35 -24.46
N PHE E 461 -59.65 37.41 -25.74
CA PHE E 461 -58.27 37.31 -26.17
C PHE E 461 -57.54 38.62 -25.86
N GLN E 462 -56.24 38.51 -25.59
CA GLN E 462 -55.44 39.69 -25.24
C GLN E 462 -55.12 40.49 -26.50
N THR E 463 -55.62 41.72 -26.56
CA THR E 463 -55.45 42.57 -27.73
C THR E 463 -54.93 43.95 -27.30
N SER E 464 -54.52 44.74 -28.30
CA SER E 464 -53.92 46.06 -28.16
C SER E 464 -52.96 46.13 -26.98
N PRO E 465 -51.84 45.40 -27.01
CA PRO E 465 -51.32 44.64 -28.16
C PRO E 465 -51.86 43.24 -28.30
N SER E 466 -51.90 42.76 -29.54
CA SER E 466 -52.27 41.39 -29.87
C SER E 466 -51.06 40.71 -30.49
N TRP E 467 -50.62 39.61 -29.89
CA TRP E 467 -49.47 38.87 -30.43
C TRP E 467 -49.67 37.39 -30.13
N ALA E 468 -48.74 36.58 -30.63
CA ALA E 468 -48.83 35.14 -30.43
C ALA E 468 -48.42 34.75 -29.01
N THR E 469 -47.30 35.27 -28.52
CA THR E 469 -46.66 34.74 -27.33
C THR E 469 -46.31 35.85 -26.36
N THR E 470 -46.84 35.76 -25.13
CA THR E 470 -46.39 36.61 -24.03
C THR E 470 -45.24 35.91 -23.33
N MSE E 471 -44.06 36.54 -23.34
CA MSE E 471 -42.88 35.91 -22.75
C MSE E 471 -42.79 36.19 -21.26
O MSE E 471 -42.23 35.39 -20.51
CB MSE E 471 -41.62 36.38 -23.47
CG MSE E 471 -40.38 35.53 -23.22
SE MSE E 471 -40.52 33.71 -23.92
CE MSE E 471 -40.25 34.04 -25.81
N SER E 472 -43.36 37.31 -20.82
CA SER E 472 -43.17 37.74 -19.44
C SER E 472 -44.25 38.74 -19.07
N ILE E 473 -44.67 38.68 -17.81
CA ILE E 473 -45.67 39.60 -17.27
C ILE E 473 -45.34 39.88 -15.82
N ASP E 474 -45.50 41.14 -15.40
CA ASP E 474 -45.29 41.53 -14.01
C ASP E 474 -46.31 42.61 -13.64
N TYR E 475 -46.43 42.85 -12.34
CA TYR E 475 -47.34 43.88 -11.84
C TYR E 475 -46.66 44.64 -10.71
N ALA E 476 -47.15 45.85 -10.47
CA ALA E 476 -46.64 46.68 -9.38
C ALA E 476 -47.26 46.20 -8.07
N GLU E 477 -46.45 45.65 -7.18
CA GLU E 477 -46.97 45.05 -5.96
C GLU E 477 -47.77 46.04 -5.13
N LEU E 478 -47.32 47.29 -5.07
CA LEU E 478 -48.02 48.30 -4.30
C LEU E 478 -49.22 48.89 -5.02
N SER E 479 -49.33 48.66 -6.34
CA SER E 479 -50.43 49.19 -7.14
C SER E 479 -50.85 48.09 -8.12
N PRO E 480 -51.48 47.02 -7.62
CA PRO E 480 -51.57 45.78 -8.41
C PRO E 480 -52.45 45.88 -9.65
N SER E 481 -53.23 46.95 -9.82
CA SER E 481 -53.95 47.10 -11.07
CA SER E 481 -53.95 47.14 -11.07
C SER E 481 -53.03 47.47 -12.23
N TYR E 482 -51.79 47.86 -11.95
CA TYR E 482 -50.83 48.23 -12.98
C TYR E 482 -50.02 47.01 -13.37
N MSE E 483 -50.17 46.57 -14.61
CA MSE E 483 -49.44 45.41 -15.12
C MSE E 483 -48.76 45.71 -16.45
O MSE E 483 -49.21 46.59 -17.19
CB MSE E 483 -50.37 44.22 -15.34
CG MSE E 483 -51.28 43.91 -14.21
SE MSE E 483 -52.30 42.32 -14.63
CE MSE E 483 -52.71 41.93 -12.76
N VAL E 484 -47.71 44.95 -16.75
CA VAL E 484 -46.99 45.08 -18.00
C VAL E 484 -46.68 43.66 -18.50
N ARG E 485 -46.92 43.43 -19.79
CA ARG E 485 -46.55 42.19 -20.44
C ARG E 485 -45.73 42.50 -21.67
N VAL E 486 -44.78 41.63 -22.00
CA VAL E 486 -43.95 41.78 -23.18
C VAL E 486 -44.02 40.52 -24.01
N GLY E 487 -44.05 40.70 -25.32
CA GLY E 487 -44.02 39.58 -26.26
C GLY E 487 -43.27 40.00 -27.50
N SER E 488 -43.72 39.52 -28.66
CA SER E 488 -43.11 39.87 -29.93
C SER E 488 -44.20 40.20 -30.92
N ALA E 489 -44.36 41.48 -31.23
CA ALA E 489 -45.38 41.91 -32.18
C ALA E 489 -45.01 41.51 -33.60
N ASP E 490 -46.02 41.14 -34.38
CA ASP E 490 -45.84 40.90 -35.82
C ASP E 490 -46.00 42.25 -36.52
N LYS E 491 -44.87 42.92 -36.73
CA LYS E 491 -44.90 44.23 -37.38
C LYS E 491 -45.00 44.14 -38.89
N GLU E 492 -44.92 42.93 -39.45
CA GLU E 492 -45.20 42.77 -40.88
C GLU E 492 -46.70 42.79 -41.16
N LYS E 493 -47.50 42.22 -40.26
CA LYS E 493 -48.94 42.31 -40.38
C LYS E 493 -49.45 43.66 -39.89
N THR E 494 -48.90 44.14 -38.78
CA THR E 494 -49.32 45.41 -38.16
C THR E 494 -48.08 46.21 -37.80
N PRO E 495 -47.61 47.07 -38.70
CA PRO E 495 -46.39 47.86 -38.40
C PRO E 495 -46.54 48.75 -37.18
N SER E 496 -47.75 49.13 -36.80
CA SER E 496 -47.96 49.95 -35.61
C SER E 496 -48.00 49.15 -34.32
N MSE E 497 -48.06 47.82 -34.39
CA MSE E 497 -48.15 46.99 -33.18
C MSE E 497 -46.86 47.04 -32.37
O MSE E 497 -45.76 47.10 -32.91
CB MSE E 497 -48.48 45.54 -33.56
CG MSE E 497 -49.00 44.70 -32.40
SE MSE E 497 -50.88 45.06 -32.02
CE MSE E 497 -51.65 43.98 -33.45
N LYS E 498 -47.00 47.05 -31.04
CA LYS E 498 -45.87 47.11 -30.12
C LYS E 498 -45.69 45.76 -29.43
N SER E 499 -44.47 45.50 -28.99
CA SER E 499 -44.16 44.26 -28.29
C SER E 499 -44.27 44.39 -26.78
N ILE E 500 -44.87 45.47 -26.27
CA ILE E 500 -45.12 45.64 -24.86
C ILE E 500 -46.55 46.12 -24.66
N GLY E 501 -47.22 45.58 -23.65
CA GLY E 501 -48.57 45.99 -23.31
C GLY E 501 -48.67 46.39 -21.86
N ILE E 502 -49.49 47.40 -21.60
CA ILE E 502 -49.67 47.94 -20.27
C ILE E 502 -51.16 47.89 -19.92
N SER E 503 -51.47 47.60 -18.67
CA SER E 503 -52.83 47.60 -18.19
C SER E 503 -52.93 48.45 -16.93
N ASN E 504 -53.98 49.28 -16.86
CA ASN E 504 -54.27 50.08 -15.68
C ASN E 504 -55.43 49.51 -14.86
N ASP E 505 -55.96 48.34 -15.24
CA ASP E 505 -57.13 47.80 -14.55
C ASP E 505 -56.97 46.30 -14.30
N GLY E 506 -55.77 45.89 -13.89
CA GLY E 506 -55.57 44.50 -13.49
C GLY E 506 -55.66 43.50 -14.61
N GLY E 507 -55.37 43.88 -15.85
CA GLY E 507 -55.32 42.94 -16.94
C GLY E 507 -56.62 42.73 -17.69
N VAL E 508 -57.65 43.55 -17.44
CA VAL E 508 -58.88 43.43 -18.22
C VAL E 508 -58.72 44.06 -19.59
N ASN E 509 -58.14 45.26 -19.62
CA ASN E 509 -57.86 45.98 -20.86
C ASN E 509 -56.40 46.35 -20.92
N TRP E 510 -55.83 46.31 -22.12
CA TRP E 510 -54.43 46.64 -22.34
C TRP E 510 -54.32 47.80 -23.33
N TYR E 511 -53.20 48.51 -23.25
CA TYR E 511 -52.86 49.52 -24.24
C TYR E 511 -51.37 49.46 -24.52
N MSE E 512 -50.97 50.02 -25.66
CA MSE E 512 -49.57 50.03 -26.07
C MSE E 512 -48.94 51.41 -25.90
O MSE E 512 -49.52 52.40 -26.33
CB MSE E 512 -49.45 49.58 -27.53
CG MSE E 512 -50.18 48.28 -27.83
SE MSE E 512 -50.21 47.84 -29.73
CE MSE E 512 -50.87 49.54 -30.40
N PRO E 513 -47.78 51.47 -25.26
CA PRO E 513 -47.09 52.76 -25.13
C PRO E 513 -46.53 53.24 -26.46
N ASN E 514 -45.92 54.42 -26.48
CA ASN E 514 -45.58 55.04 -27.75
C ASN E 514 -44.25 54.55 -28.32
N SER E 515 -43.36 54.00 -27.50
CA SER E 515 -42.04 53.64 -27.99
C SER E 515 -41.57 52.34 -27.34
N GLU E 516 -40.48 51.81 -27.87
CA GLU E 516 -39.88 50.56 -27.43
C GLU E 516 -38.38 50.76 -27.35
N PRO E 517 -37.68 49.87 -26.63
CA PRO E 517 -36.20 49.94 -26.63
C PRO E 517 -35.63 49.90 -28.04
N SER E 518 -34.61 50.72 -28.26
CA SER E 518 -33.92 50.81 -29.53
C SER E 518 -32.49 51.24 -29.28
N ASN E 519 -31.55 50.65 -30.02
CA ASN E 519 -30.13 50.98 -29.88
C ASN E 519 -29.64 51.91 -30.98
N GLY E 520 -30.55 52.57 -31.71
CA GLY E 520 -30.16 53.49 -32.74
C GLY E 520 -30.26 52.91 -34.13
N THR E 521 -29.79 51.67 -34.30
CA THR E 521 -29.84 51.01 -35.59
C THR E 521 -31.01 50.04 -35.75
N LYS E 522 -31.65 49.66 -34.65
CA LYS E 522 -32.76 48.71 -34.75
C LYS E 522 -33.56 48.73 -33.45
N THR E 523 -34.87 48.60 -33.58
CA THR E 523 -35.78 48.47 -32.45
C THR E 523 -35.91 47.00 -32.06
N THR E 524 -36.05 46.75 -30.76
CA THR E 524 -36.15 45.39 -30.25
C THR E 524 -37.30 44.64 -30.90
N VAL E 525 -37.10 43.34 -31.11
CA VAL E 525 -38.21 42.48 -31.53
C VAL E 525 -39.05 42.03 -30.35
N GLY E 526 -38.58 42.29 -29.13
CA GLY E 526 -39.37 42.01 -27.94
C GLY E 526 -38.89 40.81 -27.15
N HIS E 527 -39.84 40.10 -26.56
CA HIS E 527 -39.58 38.92 -25.74
C HIS E 527 -38.63 39.30 -24.61
N GLY E 528 -37.86 38.34 -24.10
CA GLY E 528 -37.07 38.59 -22.92
C GLY E 528 -37.94 38.57 -21.67
N GLN E 529 -37.60 39.44 -20.72
CA GLN E 529 -38.27 39.47 -19.43
C GLN E 529 -38.57 40.92 -19.04
N VAL E 530 -39.68 41.11 -18.33
CA VAL E 530 -40.09 42.42 -17.87
C VAL E 530 -40.25 42.39 -16.37
N ALA E 531 -39.89 43.50 -15.72
CA ALA E 531 -40.10 43.67 -14.29
C ALA E 531 -40.67 45.06 -14.05
N VAL E 532 -41.63 45.15 -13.12
CA VAL E 532 -42.32 46.40 -12.82
C VAL E 532 -41.97 46.80 -11.39
N SER E 533 -41.55 48.05 -11.21
CA SER E 533 -41.19 48.53 -9.88
C SER E 533 -42.37 48.41 -8.92
N ALA E 534 -42.05 48.37 -7.63
CA ALA E 534 -43.06 48.17 -6.60
C ALA E 534 -44.23 49.13 -6.77
N SER E 535 -43.94 50.39 -7.09
CA SER E 535 -44.97 51.41 -7.22
C SER E 535 -45.52 51.54 -8.64
N GLY E 536 -44.89 50.88 -9.61
CA GLY E 536 -45.24 51.08 -11.01
C GLY E 536 -44.65 52.32 -11.65
N ASN E 537 -43.82 53.08 -10.93
CA ASN E 537 -43.20 54.28 -11.47
C ASN E 537 -42.06 54.00 -12.43
N SER E 538 -41.77 52.73 -12.69
CA SER E 538 -40.63 52.38 -13.54
C SER E 538 -40.85 50.97 -14.09
N ILE E 539 -40.34 50.74 -15.30
CA ILE E 539 -40.39 49.44 -15.95
C ILE E 539 -38.99 49.07 -16.42
N LEU E 540 -38.60 47.82 -16.17
CA LEU E 540 -37.32 47.27 -16.62
C LEU E 540 -37.59 46.15 -17.62
N TRP E 541 -36.96 46.24 -18.79
CA TRP E 541 -37.23 45.30 -19.89
C TRP E 541 -35.90 44.70 -20.34
N SER E 542 -35.65 43.44 -19.95
CA SER E 542 -34.48 42.71 -20.42
C SER E 542 -34.85 42.08 -21.75
N THR E 543 -34.59 42.80 -22.84
CA THR E 543 -35.05 42.37 -24.14
C THR E 543 -34.28 41.13 -24.60
N SER E 544 -34.86 40.43 -25.57
CA SER E 544 -34.25 39.23 -26.11
C SER E 544 -33.07 39.51 -27.04
N ASP E 545 -32.93 40.74 -27.54
CA ASP E 545 -31.99 40.97 -28.63
C ASP E 545 -31.02 42.12 -28.41
N ILE E 546 -31.41 43.17 -27.69
CA ILE E 546 -30.53 44.33 -27.62
C ILE E 546 -30.23 44.74 -26.18
N GLY E 547 -30.45 43.85 -25.23
CA GLY E 547 -30.03 44.09 -23.86
C GLY E 547 -31.11 44.69 -22.98
N VAL E 548 -30.67 45.23 -21.85
CA VAL E 548 -31.57 45.68 -20.79
C VAL E 548 -31.87 47.15 -20.97
N TYR E 549 -33.16 47.51 -20.95
CA TYR E 549 -33.63 48.89 -21.04
C TYR E 549 -34.62 49.18 -19.93
N TYR E 550 -34.73 50.45 -19.56
CA TYR E 550 -35.67 50.87 -18.54
C TYR E 550 -36.47 52.08 -19.03
N SER E 551 -37.63 52.26 -18.43
CA SER E 551 -38.48 53.41 -18.71
C SER E 551 -39.03 53.94 -17.39
N LYS E 552 -38.76 55.21 -17.10
CA LYS E 552 -39.41 55.94 -16.03
C LYS E 552 -40.48 56.89 -16.58
N THR E 553 -40.89 56.67 -17.83
CA THR E 553 -41.88 57.51 -18.50
C THR E 553 -43.04 56.65 -19.02
N SER E 554 -43.29 55.52 -18.38
CA SER E 554 -44.43 54.65 -18.70
C SER E 554 -44.39 54.21 -20.16
N GLY E 555 -43.19 53.95 -20.67
CA GLY E 555 -43.03 53.47 -22.02
C GLY E 555 -43.06 54.52 -23.10
N ASN E 556 -43.12 55.80 -22.74
CA ASN E 556 -43.02 56.86 -23.73
C ASN E 556 -41.59 57.06 -24.21
N SER E 557 -40.62 56.49 -23.49
CA SER E 557 -39.21 56.51 -23.89
C SER E 557 -38.51 55.39 -23.15
N TRP E 558 -37.40 54.92 -23.73
CA TRP E 558 -36.61 53.85 -23.15
C TRP E 558 -35.13 54.20 -23.23
N THR E 559 -34.40 53.84 -22.18
CA THR E 559 -32.98 54.15 -22.08
C THR E 559 -32.22 52.90 -21.65
N ALA E 560 -31.07 52.67 -22.29
CA ALA E 560 -30.27 51.50 -21.97
C ALA E 560 -29.77 51.56 -20.53
N SER E 561 -29.97 50.46 -19.80
CA SER E 561 -29.37 50.32 -18.49
C SER E 561 -27.86 50.11 -18.62
N ALA E 562 -27.15 50.40 -17.53
CA ALA E 562 -25.70 50.21 -17.47
C ALA E 562 -25.35 49.19 -16.39
N GLY E 563 -24.33 48.38 -16.66
CA GLY E 563 -23.81 47.45 -15.69
C GLY E 563 -24.46 46.08 -15.67
N LEU E 564 -25.52 45.86 -16.45
CA LEU E 564 -26.20 44.57 -16.47
C LEU E 564 -26.08 43.95 -17.86
N PRO E 565 -25.45 42.79 -18.00
CA PRO E 565 -25.23 42.23 -19.34
C PRO E 565 -26.54 41.85 -20.04
N ALA E 566 -26.50 41.92 -21.37
CA ALA E 566 -27.64 41.55 -22.19
C ALA E 566 -28.01 40.09 -21.98
N GLY E 567 -29.31 39.82 -21.86
CA GLY E 567 -29.80 38.49 -21.60
C GLY E 567 -30.01 38.16 -20.14
N ALA E 568 -29.83 39.13 -19.24
CA ALA E 568 -29.92 38.87 -17.81
C ALA E 568 -31.36 38.63 -17.39
N LYS E 569 -31.53 37.75 -16.41
CA LYS E 569 -32.79 37.66 -15.68
C LYS E 569 -32.93 38.90 -14.79
N ILE E 570 -34.18 39.35 -14.60
CA ILE E 570 -34.43 40.55 -13.81
C ILE E 570 -35.62 40.32 -12.89
N ALA E 571 -35.67 41.10 -11.82
CA ALA E 571 -36.73 41.02 -10.82
C ALA E 571 -36.75 42.33 -10.05
N SER E 572 -37.96 42.83 -9.81
CA SER E 572 -38.12 44.05 -9.03
C SER E 572 -38.29 43.72 -7.55
N ASP E 573 -37.80 44.62 -6.70
CA ASP E 573 -38.15 44.55 -5.30
C ASP E 573 -39.63 44.88 -5.14
N ARG E 574 -40.31 44.18 -4.23
CA ARG E 574 -41.75 44.34 -4.10
C ARG E 574 -42.14 45.45 -3.13
N VAL E 575 -41.18 46.07 -2.45
CA VAL E 575 -41.43 47.15 -1.52
C VAL E 575 -40.76 48.45 -1.95
N ASN E 576 -39.48 48.37 -2.32
CA ASN E 576 -38.69 49.55 -2.65
C ASN E 576 -38.73 49.78 -4.15
N PRO E 577 -39.46 50.80 -4.64
CA PRO E 577 -39.55 51.00 -6.10
C PRO E 577 -38.25 51.39 -6.77
N ASN E 578 -37.21 51.75 -6.00
CA ASN E 578 -35.91 52.06 -6.59
C ASN E 578 -35.06 50.82 -6.83
N LYS E 579 -35.50 49.65 -6.37
CA LYS E 579 -34.63 48.48 -6.28
C LYS E 579 -35.05 47.43 -7.30
N TYR E 580 -34.10 47.05 -8.17
CA TYR E 580 -34.23 45.92 -9.06
C TYR E 580 -33.08 44.95 -8.81
N TYR E 581 -33.26 43.71 -9.27
CA TYR E 581 -32.23 42.69 -9.17
C TYR E 581 -32.01 42.07 -10.54
N GLY E 582 -30.78 41.60 -10.76
CA GLY E 582 -30.42 40.99 -12.03
C GLY E 582 -29.48 39.84 -11.82
N PHE E 583 -29.41 38.98 -12.83
CA PHE E 583 -28.57 37.79 -12.76
C PHE E 583 -28.14 37.39 -14.17
N TYR E 584 -26.84 37.16 -14.35
CA TYR E 584 -26.35 36.64 -15.62
C TYR E 584 -25.09 35.82 -15.37
N ALA E 585 -25.11 34.56 -15.80
CA ALA E 585 -23.93 33.70 -15.84
C ALA E 585 -23.22 33.62 -14.49
N GLY E 586 -24.01 33.41 -13.44
CA GLY E 586 -23.47 33.20 -12.11
C GLY E 586 -23.29 34.45 -11.28
N THR E 587 -23.43 35.65 -11.86
CA THR E 587 -23.23 36.90 -11.14
C THR E 587 -24.58 37.53 -10.83
N PHE E 588 -24.77 37.92 -9.57
CA PHE E 588 -25.97 38.60 -9.12
C PHE E 588 -25.72 40.11 -9.14
N TYR E 589 -26.76 40.86 -9.49
CA TYR E 589 -26.67 42.31 -9.62
C TYR E 589 -27.78 42.99 -8.85
N VAL E 590 -27.52 44.22 -8.41
CA VAL E 590 -28.52 45.03 -7.74
C VAL E 590 -28.50 46.43 -8.34
N SER E 591 -29.69 47.01 -8.50
CA SER E 591 -29.84 48.41 -8.87
C SER E 591 -30.62 49.11 -7.78
N VAL E 592 -30.07 50.22 -7.27
CA VAL E 592 -30.81 51.13 -6.42
C VAL E 592 -31.22 52.37 -7.22
N ASP E 593 -31.19 52.27 -8.55
CA ASP E 593 -31.35 53.38 -9.48
C ASP E 593 -32.75 53.46 -10.07
N GLY E 594 -33.63 52.52 -9.74
CA GLY E 594 -34.82 52.35 -10.55
C GLY E 594 -34.55 51.69 -11.89
N GLY E 595 -33.43 50.98 -12.01
CA GLY E 595 -33.10 50.25 -13.22
C GLY E 595 -32.04 50.90 -14.10
N ALA E 596 -31.52 52.07 -13.72
CA ALA E 596 -30.61 52.79 -14.59
C ALA E 596 -29.20 52.20 -14.57
N THR E 597 -28.69 51.87 -13.38
CA THR E 597 -27.36 51.29 -13.25
C THR E 597 -27.42 50.07 -12.33
N PHE E 598 -26.65 49.05 -12.67
CA PHE E 598 -26.57 47.83 -11.88
C PHE E 598 -25.14 47.61 -11.40
N THR E 599 -25.02 47.04 -10.21
CA THR E 599 -23.73 46.70 -9.62
C THR E 599 -23.75 45.24 -9.20
N ALA E 600 -22.67 44.53 -9.50
CA ALA E 600 -22.56 43.13 -9.09
C ALA E 600 -22.42 43.05 -7.57
N THR E 601 -23.09 42.08 -6.97
CA THR E 601 -22.92 41.80 -5.55
C THR E 601 -21.92 40.66 -5.37
N GLY E 602 -21.56 40.43 -4.10
CA GLY E 602 -20.63 39.37 -3.75
C GLY E 602 -21.24 37.98 -3.63
N ALA E 603 -22.50 37.82 -3.99
CA ALA E 603 -23.15 36.50 -3.89
C ALA E 603 -22.40 35.49 -4.75
N SER E 604 -21.98 34.40 -4.12
CA SER E 604 -21.12 33.41 -4.76
C SER E 604 -21.80 32.05 -4.78
N GLY E 605 -21.24 31.15 -5.59
CA GLY E 605 -21.74 29.80 -5.71
C GLY E 605 -22.94 29.63 -6.61
N PHE E 606 -23.43 30.69 -7.25
CA PHE E 606 -24.55 30.57 -8.16
C PHE E 606 -24.12 29.83 -9.44
N PRO E 607 -25.03 29.08 -10.04
CA PRO E 607 -24.69 28.40 -11.30
C PRO E 607 -24.56 29.40 -12.44
N THR E 608 -23.67 29.09 -13.38
CA THR E 608 -23.62 29.87 -14.61
C THR E 608 -24.61 29.37 -15.66
N ASN E 609 -25.02 28.10 -15.59
CA ASN E 609 -25.86 27.46 -16.61
C ASN E 609 -25.25 27.60 -18.00
N ASN E 610 -23.95 27.91 -18.06
CA ASN E 610 -23.18 28.04 -19.30
C ASN E 610 -22.49 26.73 -19.66
N VAL E 611 -23.17 25.62 -19.49
CA VAL E 611 -22.60 24.29 -19.72
C VAL E 611 -22.92 23.86 -21.15
N ALA E 612 -21.95 23.21 -21.79
CA ALA E 612 -22.07 22.88 -23.21
C ALA E 612 -23.22 21.92 -23.46
N GLY E 613 -23.24 20.79 -22.76
CA GLY E 613 -24.17 19.72 -23.09
C GLY E 613 -25.61 19.95 -22.68
N LEU E 614 -25.95 21.11 -22.11
CA LEU E 614 -27.30 21.29 -21.58
C LEU E 614 -28.33 21.41 -22.70
N GLN E 615 -29.45 20.70 -22.53
CA GLN E 615 -30.57 20.82 -23.45
C GLN E 615 -31.41 22.05 -23.11
N PRO E 616 -32.14 22.60 -24.08
CA PRO E 616 -32.87 23.87 -23.85
C PRO E 616 -33.79 23.87 -22.65
N ASN E 617 -34.44 22.75 -22.34
CA ASN E 617 -35.38 22.68 -21.22
C ASN E 617 -34.77 22.02 -19.98
N GLU E 618 -33.44 21.93 -19.91
CA GLU E 618 -32.79 21.18 -18.83
C GLU E 618 -32.53 22.03 -17.59
N ALA E 619 -32.10 23.27 -17.75
CA ALA E 619 -31.73 24.13 -16.63
C ALA E 619 -32.60 25.38 -16.60
N GLN E 620 -32.76 25.95 -15.41
CA GLN E 620 -33.65 27.08 -15.21
C GLN E 620 -33.02 28.05 -14.21
N ILE E 621 -33.49 29.29 -14.24
CA ILE E 621 -33.20 30.29 -13.22
C ILE E 621 -34.53 30.92 -12.81
N SER E 622 -34.83 30.86 -11.51
CA SER E 622 -36.09 31.38 -10.97
C SER E 622 -35.75 32.29 -9.80
N MSE E 623 -36.02 33.59 -9.94
CA MSE E 623 -35.62 34.58 -8.96
C MSE E 623 -36.75 35.59 -8.71
O MSE E 623 -37.23 36.23 -9.65
CB MSE E 623 -34.36 35.30 -9.45
CG MSE E 623 -34.07 36.65 -8.82
SE MSE E 623 -32.51 37.48 -9.67
CE MSE E 623 -33.28 37.92 -11.40
N LYS E 624 -37.19 35.71 -7.45
CA LYS E 624 -38.36 36.52 -7.11
C LYS E 624 -38.15 37.18 -5.75
N ALA E 625 -38.40 38.48 -5.69
CA ALA E 625 -38.47 39.16 -4.40
C ALA E 625 -39.82 38.87 -3.74
N VAL E 626 -39.81 38.90 -2.41
CA VAL E 626 -40.99 38.49 -1.63
C VAL E 626 -41.91 39.68 -1.42
N PRO E 627 -43.20 39.53 -1.69
CA PRO E 627 -44.15 40.62 -1.40
C PRO E 627 -44.08 41.07 0.05
N GLY E 628 -44.01 42.38 0.25
CA GLY E 628 -44.10 42.96 1.57
C GLY E 628 -42.79 43.04 2.34
N ILE E 629 -41.69 42.49 1.82
CA ILE E 629 -40.42 42.49 2.54
C ILE E 629 -39.33 42.97 1.58
N GLU E 630 -38.80 44.17 1.83
CA GLU E 630 -37.72 44.70 1.01
C GLU E 630 -36.45 43.88 1.20
N GLY E 631 -35.77 43.58 0.10
CA GLY E 631 -34.50 42.90 0.14
C GLY E 631 -34.57 41.41 0.37
N ASP E 632 -35.77 40.83 0.38
CA ASP E 632 -35.97 39.39 0.57
C ASP E 632 -36.12 38.74 -0.81
N ILE E 633 -35.17 37.88 -1.17
CA ILE E 633 -35.13 37.27 -2.49
C ILE E 633 -34.92 35.76 -2.35
N TRP E 634 -35.70 34.98 -3.09
CA TRP E 634 -35.47 33.56 -3.23
C TRP E 634 -35.01 33.26 -4.66
N PHE E 635 -34.13 32.27 -4.78
CA PHE E 635 -33.45 31.98 -6.03
C PHE E 635 -33.35 30.47 -6.18
N ALA E 636 -33.90 29.94 -7.27
CA ALA E 636 -33.84 28.52 -7.55
C ALA E 636 -33.28 28.30 -8.96
N GLY E 637 -32.52 27.23 -9.11
CA GLY E 637 -32.03 26.84 -10.42
C GLY E 637 -30.68 26.14 -10.31
N GLY E 638 -30.13 25.84 -11.48
CA GLY E 638 -28.80 25.27 -11.58
C GLY E 638 -28.82 23.93 -12.28
N ASN E 639 -27.70 23.21 -12.16
CA ASN E 639 -27.54 21.95 -12.85
C ASN E 639 -26.50 21.12 -12.10
N THR E 640 -26.46 19.83 -12.42
CA THR E 640 -25.57 18.91 -11.72
C THR E 640 -24.15 18.93 -12.27
N VAL E 641 -23.97 19.39 -13.52
CA VAL E 641 -22.63 19.42 -14.10
C VAL E 641 -21.73 20.37 -13.32
N GLU E 642 -22.21 21.58 -13.04
CA GLU E 642 -21.48 22.51 -12.20
C GLU E 642 -21.55 22.16 -10.72
N ASN E 643 -22.40 21.21 -10.34
CA ASN E 643 -22.68 20.93 -8.93
C ASN E 643 -23.11 22.21 -8.20
N LYS E 644 -23.96 22.98 -8.87
CA LYS E 644 -24.52 24.22 -8.31
C LYS E 644 -26.01 24.19 -8.66
N TYR E 645 -26.81 23.68 -7.74
CA TYR E 645 -28.20 23.34 -8.01
C TYR E 645 -28.96 23.38 -6.70
N GLY E 646 -30.05 24.12 -6.66
CA GLY E 646 -30.86 24.12 -5.45
C GLY E 646 -31.63 25.42 -5.30
N LEU E 647 -31.79 25.81 -4.03
CA LEU E 647 -32.62 26.94 -3.64
C LEU E 647 -31.84 27.81 -2.67
N TRP E 648 -31.77 29.11 -2.96
CA TRP E 648 -31.03 30.07 -2.16
C TRP E 648 -31.99 31.11 -1.60
N HIS E 649 -31.60 31.73 -0.48
CA HIS E 649 -32.40 32.76 0.15
C HIS E 649 -31.51 33.92 0.58
N SER E 650 -31.88 35.13 0.21
CA SER E 650 -31.22 36.34 0.68
C SER E 650 -32.22 37.24 1.39
N THR E 651 -31.74 37.93 2.41
CA THR E 651 -32.54 38.95 3.10
C THR E 651 -31.82 40.28 3.16
N ASN E 652 -30.77 40.47 2.35
CA ASN E 652 -30.00 41.71 2.33
C ASN E 652 -29.84 42.21 0.89
N SER E 653 -30.92 42.11 0.10
CA SER E 653 -30.95 42.66 -1.25
C SER E 653 -29.92 42.01 -2.17
N GLY E 654 -29.70 40.71 -1.97
CA GLY E 654 -28.81 39.96 -2.83
C GLY E 654 -27.33 40.12 -2.54
N ALA E 655 -26.96 40.80 -1.46
CA ALA E 655 -25.55 40.90 -1.12
C ALA E 655 -24.98 39.53 -0.79
N SER E 656 -25.76 38.67 -0.14
CA SER E 656 -25.34 37.32 0.17
C SER E 656 -26.57 36.43 0.29
N PHE E 657 -26.41 35.17 -0.09
CA PHE E 657 -27.47 34.17 -0.06
C PHE E 657 -27.06 33.01 0.83
N THR E 658 -28.05 32.33 1.38
CA THR E 658 -27.86 31.05 2.05
C THR E 658 -28.46 29.96 1.17
N LYS E 659 -27.65 28.97 0.81
CA LYS E 659 -28.15 27.82 0.05
C LYS E 659 -28.77 26.84 1.03
N LEU E 660 -30.06 26.53 0.84
CA LEU E 660 -30.74 25.61 1.73
C LEU E 660 -30.14 24.22 1.58
N THR E 661 -29.66 23.66 2.68
CA THR E 661 -28.97 22.36 2.65
C THR E 661 -29.93 21.19 2.48
N ASN E 662 -31.22 21.39 2.68
CA ASN E 662 -32.21 20.31 2.60
C ASN E 662 -32.87 20.22 1.23
N VAL E 663 -32.40 20.96 0.23
CA VAL E 663 -32.95 20.94 -1.12
C VAL E 663 -31.83 20.55 -2.07
N GLU E 664 -31.89 19.33 -2.60
CA GLU E 664 -30.81 18.83 -3.45
C GLU E 664 -30.83 19.50 -4.82
N GLU E 665 -32.00 19.63 -5.43
CA GLU E 665 -32.17 20.34 -6.68
C GLU E 665 -33.44 21.16 -6.61
N ALA E 666 -33.44 22.32 -7.25
CA ALA E 666 -34.65 23.12 -7.36
C ALA E 666 -34.59 23.95 -8.63
N ASP E 667 -35.75 24.20 -9.22
CA ASP E 667 -35.84 24.87 -10.50
C ASP E 667 -36.82 26.02 -10.55
N LEU E 668 -37.76 26.11 -9.61
CA LEU E 668 -38.74 27.19 -9.55
C LEU E 668 -39.04 27.49 -8.10
N ILE E 669 -39.41 28.74 -7.83
CA ILE E 669 -39.83 29.17 -6.51
C ILE E 669 -41.04 30.10 -6.68
N GLY E 670 -41.96 30.03 -5.72
CA GLY E 670 -43.15 30.86 -5.73
C GLY E 670 -43.72 30.99 -4.33
N TYR E 671 -44.64 31.95 -4.18
CA TYR E 671 -45.13 32.34 -2.86
C TYR E 671 -46.66 32.28 -2.82
N GLY E 672 -47.19 31.93 -1.65
CA GLY E 672 -48.62 31.91 -1.43
C GLY E 672 -48.96 32.33 -0.01
N LYS E 673 -50.27 32.41 0.24
CA LYS E 673 -50.74 32.88 1.55
C LYS E 673 -50.16 32.05 2.69
N ALA E 674 -49.83 32.73 3.78
CA ALA E 674 -49.23 32.07 4.94
C ALA E 674 -50.21 31.12 5.60
N ALA E 675 -49.67 30.00 6.10
CA ALA E 675 -50.48 29.04 6.83
C ALA E 675 -51.05 29.68 8.10
N PRO E 676 -52.15 29.13 8.63
CA PRO E 676 -52.70 29.66 9.89
C PRO E 676 -51.67 29.59 11.01
N GLY E 677 -51.56 30.69 11.76
CA GLY E 677 -50.56 30.81 12.79
C GLY E 677 -49.19 31.22 12.32
N GLN E 678 -48.93 31.17 11.02
CA GLN E 678 -47.63 31.53 10.47
C GLN E 678 -47.65 32.98 9.99
N THR E 679 -46.46 33.59 9.98
CA THR E 679 -46.27 34.95 9.49
C THR E 679 -45.72 34.97 8.07
N TYR E 680 -44.69 34.16 7.80
CA TYR E 680 -44.07 34.14 6.49
C TYR E 680 -44.96 33.43 5.48
N MSE E 681 -44.96 33.93 4.25
CA MSE E 681 -45.70 33.31 3.16
C MSE E 681 -45.25 31.87 2.96
O MSE E 681 -44.11 31.51 3.30
CB MSE E 681 -45.53 34.11 1.88
CG MSE E 681 -46.15 35.50 1.93
SE MSE E 681 -46.02 36.42 0.23
CE MSE E 681 -47.46 35.54 -0.75
N SER E 682 -46.15 31.04 2.44
CA SER E 682 -45.80 29.68 2.10
C SER E 682 -44.96 29.64 0.83
N LEU E 683 -44.01 28.71 0.79
CA LEU E 683 -43.12 28.54 -0.34
C LEU E 683 -43.60 27.38 -1.20
N TYR E 684 -43.56 27.56 -2.52
CA TYR E 684 -43.91 26.53 -3.47
C TYR E 684 -42.76 26.36 -4.44
N THR E 685 -42.31 25.11 -4.63
CA THR E 685 -41.10 24.88 -5.40
C THR E 685 -41.26 23.64 -6.26
N VAL E 686 -40.59 23.66 -7.41
CA VAL E 686 -40.35 22.48 -8.21
C VAL E 686 -38.92 22.04 -7.92
N ALA E 687 -38.78 20.84 -7.37
CA ALA E 687 -37.53 20.48 -6.73
C ALA E 687 -37.41 18.97 -6.60
N LYS E 688 -36.19 18.53 -6.26
CA LYS E 688 -35.92 17.17 -5.80
C LYS E 688 -35.50 17.27 -4.35
N ILE E 689 -36.36 16.79 -3.45
CA ILE E 689 -36.16 16.94 -2.01
C ILE E 689 -36.33 15.57 -1.37
N ASP E 690 -35.41 15.21 -0.48
CA ASP E 690 -35.41 13.91 0.20
C ASP E 690 -35.49 12.77 -0.82
N GLY E 691 -34.78 12.94 -1.94
CA GLY E 691 -34.72 11.94 -2.98
C GLY E 691 -35.89 11.90 -3.94
N VAL E 692 -36.90 12.75 -3.76
CA VAL E 692 -38.14 12.68 -4.52
C VAL E 692 -38.26 13.91 -5.40
N ARG E 693 -38.52 13.69 -6.69
CA ARG E 693 -38.82 14.77 -7.62
C ARG E 693 -40.30 15.08 -7.55
N GLY E 694 -40.65 16.36 -7.45
CA GLY E 694 -42.06 16.71 -7.43
C GLY E 694 -42.26 18.20 -7.17
N VAL E 695 -43.47 18.52 -6.73
CA VAL E 695 -43.87 19.87 -6.34
C VAL E 695 -44.02 19.88 -4.82
N PHE E 696 -43.42 20.88 -4.17
CA PHE E 696 -43.32 20.90 -2.72
C PHE E 696 -43.81 22.23 -2.15
N ARG E 697 -44.34 22.15 -0.93
CA ARG E 697 -44.78 23.32 -0.18
C ARG E 697 -44.06 23.36 1.16
N SER E 698 -43.65 24.56 1.58
CA SER E 698 -43.06 24.77 2.89
C SER E 698 -43.82 25.87 3.61
N ASP E 699 -44.28 25.58 4.83
CA ASP E 699 -44.96 26.55 5.66
C ASP E 699 -44.06 27.11 6.75
N ASP E 700 -42.76 26.80 6.71
CA ASP E 700 -41.84 27.22 7.77
C ASP E 700 -40.55 27.75 7.16
N VAL E 701 -40.67 28.57 6.11
CA VAL E 701 -39.54 29.30 5.52
C VAL E 701 -38.48 28.32 5.06
N GLY E 702 -38.90 27.19 4.48
CA GLY E 702 -37.99 26.23 3.91
C GLY E 702 -37.36 25.24 4.86
N ALA E 703 -37.70 25.29 6.15
CA ALA E 703 -37.14 24.32 7.10
C ALA E 703 -37.59 22.90 6.79
N THR E 704 -38.86 22.72 6.41
CA THR E 704 -39.39 21.43 6.03
C THR E 704 -40.27 21.59 4.79
N TRP E 705 -40.43 20.49 4.05
CA TRP E 705 -41.13 20.50 2.79
C TRP E 705 -42.06 19.30 2.70
N VAL E 706 -43.24 19.51 2.13
CA VAL E 706 -44.23 18.48 1.92
C VAL E 706 -44.55 18.41 0.42
N ARG E 707 -44.49 17.20 -0.14
CA ARG E 707 -44.83 17.05 -1.56
C ARG E 707 -46.33 17.18 -1.76
N ILE E 708 -46.74 18.04 -2.69
CA ILE E 708 -48.16 18.31 -2.91
C ILE E 708 -48.67 17.78 -4.24
N ASN E 709 -47.80 17.29 -5.11
CA ASN E 709 -48.25 16.51 -6.26
C ASN E 709 -47.99 15.04 -5.95
N ASP E 710 -48.12 14.18 -6.95
CA ASP E 710 -47.91 12.76 -6.78
C ASP E 710 -47.50 12.18 -8.13
N ASP E 711 -47.20 10.88 -8.13
CA ASP E 711 -46.65 10.23 -9.32
C ASP E 711 -47.62 10.20 -10.48
N ALA E 712 -48.92 10.37 -10.23
CA ALA E 712 -49.91 10.42 -11.29
C ALA E 712 -50.17 11.82 -11.80
N HIS E 713 -49.56 12.85 -11.18
CA HIS E 713 -49.77 14.25 -11.56
C HIS E 713 -48.41 14.94 -11.60
N GLN E 714 -47.64 14.67 -12.67
CA GLN E 714 -46.27 15.16 -12.79
C GLN E 714 -46.07 16.14 -13.93
N TYR E 715 -46.70 15.89 -15.09
CA TYR E 715 -46.74 16.87 -16.20
C TYR E 715 -45.37 17.15 -16.81
N ALA E 716 -44.49 16.15 -16.85
CA ALA E 716 -43.23 16.22 -17.59
C ALA E 716 -42.28 17.28 -17.03
N LYS E 717 -41.69 18.11 -17.90
CA LYS E 717 -40.63 19.04 -17.48
C LYS E 717 -41.27 20.33 -16.98
N ILE E 718 -41.60 20.36 -15.69
CA ILE E 718 -42.34 21.46 -15.10
C ILE E 718 -41.40 22.53 -14.53
N ASN E 719 -40.49 23.03 -15.36
CA ASN E 719 -39.62 24.15 -14.98
C ASN E 719 -40.06 25.46 -15.60
N MSE E 720 -41.36 25.62 -15.83
CA MSE E 720 -41.89 26.78 -16.55
C MSE E 720 -42.32 27.92 -15.62
O MSE E 720 -41.83 29.04 -15.76
CB MSE E 720 -43.06 26.35 -17.43
CG MSE E 720 -42.68 25.27 -18.45
SE MSE E 720 -41.39 25.92 -19.77
CE MSE E 720 -42.64 26.85 -20.94
N ALA E 721 -43.22 27.65 -14.69
CA ALA E 721 -43.71 28.70 -13.81
C ALA E 721 -44.45 28.07 -12.63
N ILE E 722 -44.40 28.76 -11.49
CA ILE E 722 -45.14 28.32 -10.31
C ILE E 722 -45.43 29.55 -9.46
N THR E 723 -46.60 29.54 -8.82
CA THR E 723 -46.89 30.57 -7.82
C THR E 723 -48.00 30.04 -6.92
N GLY E 724 -47.97 30.47 -5.67
CA GLY E 724 -49.09 30.30 -4.79
C GLY E 724 -50.11 31.40 -5.01
N ASP E 725 -51.09 31.44 -4.12
CA ASP E 725 -52.16 32.43 -4.16
C ASP E 725 -52.05 33.28 -2.90
N PRO E 726 -51.84 34.60 -3.01
CA PRO E 726 -51.72 35.41 -1.80
C PRO E 726 -53.00 35.51 -0.99
N ARG E 727 -54.13 35.06 -1.53
CA ARG E 727 -55.41 35.12 -0.84
C ARG E 727 -55.96 33.74 -0.48
N ILE E 728 -55.27 32.65 -0.84
CA ILE E 728 -55.75 31.29 -0.56
C ILE E 728 -54.56 30.45 -0.10
N TYR E 729 -54.54 30.11 1.19
CA TYR E 729 -53.50 29.23 1.69
C TYR E 729 -53.63 27.85 1.05
N GLY E 730 -52.48 27.26 0.70
CA GLY E 730 -52.45 25.92 0.14
C GLY E 730 -52.61 25.85 -1.35
N ARG E 731 -53.15 26.89 -1.99
CA ARG E 731 -53.41 26.88 -3.42
C ARG E 731 -52.10 27.05 -4.19
N VAL E 732 -51.91 26.23 -5.22
CA VAL E 732 -50.73 26.31 -6.08
C VAL E 732 -51.20 26.43 -7.52
N TYR E 733 -50.49 27.24 -8.31
CA TYR E 733 -50.67 27.32 -9.75
C TYR E 733 -49.38 26.82 -10.40
N LEU E 734 -49.48 25.78 -11.21
CA LEU E 734 -48.32 25.14 -11.81
C LEU E 734 -48.37 25.30 -13.32
N GLY E 735 -47.35 25.94 -13.89
CA GLY E 735 -47.23 25.97 -15.32
C GLY E 735 -46.56 24.73 -15.86
N THR E 736 -46.79 24.45 -17.15
CA THR E 736 -46.20 23.31 -17.82
C THR E 736 -45.76 23.71 -19.21
N ASN E 737 -45.11 22.78 -19.90
CA ASN E 737 -44.71 22.94 -21.28
C ASN E 737 -45.46 21.92 -22.13
N GLY E 738 -46.75 22.16 -22.31
CA GLY E 738 -47.58 21.25 -23.10
C GLY E 738 -48.83 20.73 -22.42
N ARG E 739 -49.01 21.00 -21.13
CA ARG E 739 -50.22 20.60 -20.43
C ARG E 739 -50.96 21.80 -19.83
N GLY E 740 -50.68 23.01 -20.32
CA GLY E 740 -51.40 24.16 -19.84
C GLY E 740 -51.04 24.49 -18.39
N THR E 741 -52.00 25.06 -17.68
CA THR E 741 -51.83 25.46 -16.29
C THR E 741 -52.72 24.60 -15.40
N LEU E 742 -52.15 24.11 -14.30
CA LEU E 742 -52.87 23.38 -13.28
C LEU E 742 -53.05 24.27 -12.05
N TYR E 743 -54.10 24.00 -11.27
CA TYR E 743 -54.20 24.53 -9.93
C TYR E 743 -54.62 23.41 -8.99
N ALA E 744 -54.16 23.50 -7.75
CA ALA E 744 -54.36 22.40 -6.82
C ALA E 744 -54.50 22.94 -5.41
N ASP E 745 -55.32 22.24 -4.62
CA ASP E 745 -55.58 22.53 -3.22
C ASP E 745 -55.48 21.23 -2.46
N PRO E 746 -55.31 21.30 -1.13
CA PRO E 746 -55.53 20.10 -0.30
C PRO E 746 -56.90 19.50 -0.61
N VAL E 747 -56.98 18.18 -0.54
CA VAL E 747 -58.19 17.47 -0.94
C VAL E 747 -59.38 17.95 -0.11
N GLY F 1 -26.62 -12.20 12.67
CA GLY F 1 -27.70 -12.44 13.60
C GLY F 1 -27.81 -11.37 14.68
N MSE F 2 -28.93 -10.67 14.71
CA MSE F 2 -29.15 -9.61 15.68
C MSE F 2 -30.45 -9.81 16.46
O MSE F 2 -31.40 -10.38 15.92
CB MSE F 2 -29.18 -8.24 15.01
CG MSE F 2 -28.10 -7.99 13.98
SE MSE F 2 -28.24 -6.18 13.28
CE MSE F 2 -29.61 -6.47 11.94
N SER F 3 -30.47 -9.37 17.71
CA SER F 3 -31.67 -9.46 18.52
C SER F 3 -31.81 -8.19 19.35
N GLU F 4 -33.05 -7.89 19.73
CA GLU F 4 -33.39 -6.68 20.46
C GLU F 4 -34.36 -7.09 21.57
N PRO F 5 -34.07 -6.75 22.83
CA PRO F 5 -34.89 -7.27 23.93
C PRO F 5 -36.28 -6.65 23.94
N TYR F 6 -37.28 -7.50 24.18
CA TYR F 6 -38.68 -7.12 24.20
C TYR F 6 -39.33 -7.62 25.47
N THR F 7 -40.46 -7.01 25.83
CA THR F 7 -41.30 -7.44 26.94
C THR F 7 -42.54 -8.12 26.37
N TRP F 8 -42.69 -9.42 26.64
CA TRP F 8 -43.77 -10.22 26.08
C TRP F 8 -44.85 -10.44 27.13
N LYS F 9 -46.11 -10.15 26.76
CA LYS F 9 -47.23 -10.31 27.67
C LYS F 9 -48.42 -10.90 26.94
N SER F 10 -49.27 -11.62 27.69
CA SER F 10 -50.49 -12.19 27.14
C SER F 10 -51.58 -11.12 27.00
N VAL F 11 -52.31 -11.16 25.88
CA VAL F 11 -53.60 -10.49 25.81
C VAL F 11 -54.58 -11.33 26.63
N VAL F 12 -55.22 -10.68 27.62
CA VAL F 12 -55.94 -11.41 28.65
C VAL F 12 -57.35 -11.75 28.18
N THR F 13 -57.72 -13.02 28.29
CA THR F 13 -59.11 -13.45 28.10
C THR F 13 -59.79 -13.89 29.40
N GLY F 14 -59.03 -14.08 30.48
CA GLY F 14 -59.62 -14.43 31.76
C GLY F 14 -59.93 -15.89 31.95
N ALA F 15 -60.45 -16.56 30.92
CA ALA F 15 -60.90 -17.94 31.03
C ALA F 15 -59.92 -18.96 30.47
N GLY F 16 -59.01 -18.54 29.60
CA GLY F 16 -58.16 -19.48 28.89
C GLY F 16 -58.71 -19.81 27.51
N GLY F 17 -59.95 -20.32 27.46
CA GLY F 17 -60.61 -20.56 26.19
C GLY F 17 -60.35 -21.91 25.55
N GLY F 18 -59.57 -22.80 26.19
CA GLY F 18 -59.29 -24.11 25.64
C GLY F 18 -59.53 -25.20 26.66
N PHE F 19 -59.23 -26.44 26.24
CA PHE F 19 -59.48 -27.64 27.03
C PHE F 19 -58.32 -27.90 27.98
N VAL F 20 -58.61 -28.06 29.25
CA VAL F 20 -57.61 -28.45 30.24
C VAL F 20 -57.91 -29.87 30.70
N PRO F 21 -57.37 -30.89 30.03
CA PRO F 21 -57.78 -32.27 30.36
C PRO F 21 -57.22 -32.79 31.66
N GLY F 22 -56.21 -32.14 32.23
CA GLY F 22 -55.64 -32.65 33.46
C GLY F 22 -55.18 -31.58 34.42
N ILE F 23 -55.57 -31.73 35.68
CA ILE F 23 -55.05 -30.95 36.79
C ILE F 23 -54.45 -31.94 37.78
N ILE F 24 -53.25 -31.64 38.28
CA ILE F 24 -52.46 -32.59 39.06
C ILE F 24 -51.95 -31.89 40.31
N PHE F 25 -52.41 -32.35 41.48
CA PHE F 25 -51.91 -31.88 42.76
C PHE F 25 -50.74 -32.73 43.21
N ASN F 26 -49.69 -32.08 43.73
CA ASN F 26 -48.63 -32.82 44.41
C ASN F 26 -49.19 -33.42 45.69
N GLN F 27 -48.76 -34.64 46.00
CA GLN F 27 -49.31 -35.36 47.14
C GLN F 27 -48.64 -35.02 48.45
N THR F 28 -47.58 -34.21 48.43
CA THR F 28 -46.76 -33.94 49.61
C THR F 28 -46.71 -32.47 49.99
N GLU F 29 -46.59 -31.58 49.00
CA GLU F 29 -46.42 -30.16 49.29
C GLU F 29 -47.73 -29.43 49.04
N PRO F 30 -48.32 -28.81 50.06
CA PRO F 30 -49.58 -28.09 49.84
C PRO F 30 -49.42 -26.98 48.82
N ASN F 31 -50.46 -26.81 48.01
CA ASN F 31 -50.61 -25.72 47.05
C ASN F 31 -49.70 -25.86 45.84
N LEU F 32 -49.06 -27.01 45.66
CA LEU F 32 -48.30 -27.31 44.45
C LEU F 32 -49.23 -28.01 43.46
N ILE F 33 -49.62 -27.30 42.41
CA ILE F 33 -50.58 -27.79 41.42
C ILE F 33 -50.04 -27.51 40.03
N TYR F 34 -50.25 -28.45 39.11
CA TYR F 34 -49.96 -28.27 37.70
C TYR F 34 -51.22 -28.50 36.90
N ALA F 35 -51.28 -27.87 35.72
CA ALA F 35 -52.37 -28.07 34.78
C ALA F 35 -51.76 -28.35 33.41
N ARG F 36 -52.27 -29.37 32.73
CA ARG F 36 -51.79 -29.72 31.40
C ARG F 36 -52.88 -29.47 30.37
N THR F 37 -52.49 -29.01 29.19
CA THR F 37 -53.40 -28.75 28.09
C THR F 37 -53.04 -29.62 26.90
N ASP F 38 -53.95 -29.66 25.93
CA ASP F 38 -53.76 -30.55 24.79
C ASP F 38 -52.97 -29.91 23.65
N ILE F 39 -52.92 -28.58 23.55
CA ILE F 39 -52.17 -27.95 22.47
C ILE F 39 -51.36 -26.77 22.97
N GLY F 40 -51.46 -26.45 24.25
CA GLY F 40 -50.83 -25.25 24.76
C GLY F 40 -49.89 -25.40 25.94
N GLY F 41 -49.20 -26.54 26.04
CA GLY F 41 -48.22 -26.69 27.11
C GLY F 41 -48.88 -26.92 28.46
N ALA F 42 -48.14 -26.58 29.52
CA ALA F 42 -48.59 -26.80 30.88
C ALA F 42 -48.35 -25.55 31.72
N TYR F 43 -48.92 -25.57 32.93
CA TYR F 43 -48.89 -24.43 33.85
C TYR F 43 -48.61 -24.92 35.27
N ARG F 44 -48.03 -24.05 36.07
CA ARG F 44 -47.88 -24.27 37.51
C ARG F 44 -48.64 -23.19 38.25
N TRP F 45 -49.34 -23.60 39.31
CA TRP F 45 -50.14 -22.68 40.10
C TRP F 45 -49.25 -21.79 40.97
N ASN F 46 -49.65 -20.54 41.12
CA ASN F 46 -49.01 -19.64 42.08
C ASN F 46 -50.03 -19.31 43.17
N GLN F 47 -49.81 -19.88 44.37
CA GLN F 47 -50.79 -19.74 45.45
C GLN F 47 -50.89 -18.31 45.94
N ALA F 48 -49.82 -17.52 45.85
CA ALA F 48 -49.85 -16.17 46.39
C ALA F 48 -50.70 -15.21 45.56
N THR F 49 -50.95 -15.53 44.29
CA THR F 49 -51.71 -14.66 43.40
C THR F 49 -52.93 -15.33 42.81
N SER F 50 -53.21 -16.59 43.15
CA SER F 50 -54.30 -17.36 42.58
C SER F 50 -54.29 -17.28 41.05
N SER F 51 -53.12 -17.56 40.47
CA SER F 51 -52.95 -17.52 39.03
C SER F 51 -51.98 -18.61 38.62
N TRP F 52 -51.93 -18.87 37.31
CA TRP F 52 -51.09 -19.90 36.72
C TRP F 52 -49.94 -19.26 35.95
N VAL F 53 -48.79 -19.93 35.94
CA VAL F 53 -47.65 -19.50 35.14
CA VAL F 53 -47.62 -19.52 35.16
C VAL F 53 -47.32 -20.62 34.15
N SER F 54 -47.14 -20.25 32.89
CA SER F 54 -46.77 -21.23 31.88
C SER F 54 -45.38 -21.78 32.16
N ILE F 55 -45.21 -23.09 31.97
CA ILE F 55 -43.88 -23.69 32.07
C ILE F 55 -43.50 -24.26 30.71
N SER F 56 -44.02 -23.66 29.63
CA SER F 56 -43.83 -24.23 28.29
C SER F 56 -43.45 -23.22 27.23
N ASP F 57 -43.20 -21.96 27.57
CA ASP F 57 -43.04 -20.97 26.52
C ASP F 57 -41.69 -21.07 25.82
N SER F 58 -40.76 -21.90 26.32
CA SER F 58 -39.53 -22.14 25.60
CA SER F 58 -39.52 -22.16 25.61
C SER F 58 -39.69 -23.15 24.47
N VAL F 59 -40.81 -23.87 24.42
CA VAL F 59 -41.09 -24.77 23.30
C VAL F 59 -41.19 -23.94 22.02
N GLY F 60 -40.48 -24.37 20.99
CA GLY F 60 -40.34 -23.54 19.79
C GLY F 60 -40.80 -24.16 18.49
N TRP F 61 -40.24 -23.67 17.39
CA TRP F 61 -40.74 -24.01 16.06
C TRP F 61 -40.54 -25.49 15.74
N VAL F 62 -39.31 -25.98 15.89
CA VAL F 62 -38.99 -27.34 15.50
C VAL F 62 -39.58 -28.35 16.49
N ASP F 63 -39.51 -28.04 17.78
CA ASP F 63 -40.02 -28.94 18.82
C ASP F 63 -41.44 -28.57 19.24
N TRP F 64 -42.24 -28.08 18.29
CA TRP F 64 -43.57 -27.57 18.60
C TRP F 64 -44.46 -28.61 19.28
N ASN F 65 -44.25 -29.90 18.98
CA ASN F 65 -45.21 -30.89 19.46
C ASN F 65 -45.13 -31.08 20.96
N LYS F 66 -44.15 -30.47 21.64
CA LYS F 66 -44.02 -30.58 23.08
C LYS F 66 -45.16 -29.90 23.82
N ASN F 67 -45.92 -29.03 23.15
CA ASN F 67 -47.05 -28.38 23.81
C ASN F 67 -48.30 -29.24 23.83
N GLY F 68 -48.24 -30.45 23.28
CA GLY F 68 -49.28 -31.42 23.55
C GLY F 68 -48.91 -32.23 24.78
N VAL F 69 -49.49 -31.93 25.93
CA VAL F 69 -49.09 -32.52 27.20
C VAL F 69 -50.06 -33.65 27.52
N ASP F 70 -49.69 -34.86 27.13
CA ASP F 70 -50.54 -36.03 27.30
C ASP F 70 -50.55 -36.54 28.74
N ALA F 71 -49.52 -36.24 29.53
CA ALA F 71 -49.44 -36.71 30.90
C ALA F 71 -48.42 -35.86 31.65
N LEU F 72 -48.60 -35.77 32.97
CA LEU F 72 -47.73 -34.99 33.83
C LEU F 72 -47.67 -35.67 35.19
N ALA F 73 -46.47 -35.72 35.77
CA ALA F 73 -46.24 -36.31 37.08
C ALA F 73 -45.40 -35.35 37.91
N THR F 74 -45.81 -35.14 39.17
CA THR F 74 -45.08 -34.27 40.09
C THR F 74 -44.59 -35.11 41.26
N ASP F 75 -43.31 -34.96 41.60
CA ASP F 75 -42.59 -35.88 42.49
C ASP F 75 -43.01 -35.69 43.94
N PRO F 76 -43.54 -36.72 44.62
CA PRO F 76 -43.94 -36.55 46.02
C PRO F 76 -42.80 -36.63 47.01
N ILE F 77 -41.65 -37.14 46.59
CA ILE F 77 -40.48 -37.19 47.46
C ILE F 77 -39.65 -35.91 47.33
N ASP F 78 -39.44 -35.45 46.09
CA ASP F 78 -38.77 -34.18 45.83
C ASP F 78 -39.70 -33.33 44.98
N PRO F 79 -40.53 -32.48 45.61
CA PRO F 79 -41.51 -31.70 44.84
C PRO F 79 -40.92 -30.70 43.86
N ASN F 80 -39.59 -30.53 43.84
CA ASN F 80 -38.97 -29.70 42.82
C ASN F 80 -38.99 -30.37 41.44
N LYS F 81 -39.26 -31.66 41.40
CA LYS F 81 -39.16 -32.43 40.16
C LYS F 81 -40.54 -32.64 39.56
N VAL F 82 -40.62 -32.43 38.25
CA VAL F 82 -41.86 -32.62 37.50
C VAL F 82 -41.48 -33.17 36.12
N TYR F 83 -42.34 -34.04 35.59
CA TYR F 83 -42.12 -34.72 34.31
C TYR F 83 -43.37 -34.63 33.46
N MSE F 84 -43.17 -34.65 32.15
CA MSE F 84 -44.28 -34.62 31.20
C MSE F 84 -44.03 -35.57 30.04
O MSE F 84 -42.90 -35.72 29.57
CB MSE F 84 -44.51 -33.21 30.65
CG MSE F 84 -44.63 -32.13 31.70
SE MSE F 84 -45.14 -30.41 30.91
CE MSE F 84 -43.62 -30.11 29.75
N ALA F 85 -45.11 -36.21 29.58
CA ALA F 85 -45.09 -36.97 28.33
C ALA F 85 -45.74 -36.08 27.28
N THR F 86 -44.96 -35.67 26.27
CA THR F 86 -45.44 -34.68 25.32
C THR F 86 -45.25 -35.16 23.89
N GLY F 87 -46.00 -34.52 23.00
CA GLY F 87 -46.25 -35.02 21.66
C GLY F 87 -47.73 -34.80 21.41
N THR F 88 -48.12 -34.43 20.20
CA THR F 88 -49.49 -33.95 20.00
C THR F 88 -50.38 -34.96 19.30
N TYR F 89 -49.93 -35.54 18.18
CA TYR F 89 -50.74 -36.47 17.41
C TYR F 89 -50.00 -37.78 17.24
N THR F 90 -50.77 -38.86 17.16
CA THR F 90 -50.21 -40.19 16.92
C THR F 90 -50.44 -40.67 15.50
N ASN F 91 -51.07 -39.86 14.65
CA ASN F 91 -51.25 -40.18 13.26
C ASN F 91 -50.16 -39.47 12.45
N HIS F 92 -50.37 -39.31 11.14
CA HIS F 92 -49.36 -38.73 10.28
C HIS F 92 -49.21 -37.22 10.47
N TRP F 93 -49.95 -36.60 11.37
CA TRP F 93 -49.86 -35.16 11.59
C TRP F 93 -48.70 -34.75 12.49
N ASP F 94 -47.90 -35.71 12.98
CA ASP F 94 -46.89 -35.39 13.99
C ASP F 94 -45.78 -36.42 13.90
N ASN F 95 -44.66 -36.10 14.56
CA ASN F 95 -43.53 -37.02 14.70
C ASN F 95 -43.55 -37.61 16.11
N ASN F 96 -42.49 -38.33 16.46
CA ASN F 96 -42.43 -39.01 17.76
C ASN F 96 -42.46 -38.00 18.90
N GLY F 97 -42.91 -38.47 20.05
CA GLY F 97 -42.97 -37.66 21.26
C GLY F 97 -41.71 -37.79 22.10
N GLN F 98 -41.84 -37.42 23.38
CA GLN F 98 -40.70 -37.39 24.27
C GLN F 98 -41.18 -37.34 25.71
N ILE F 99 -40.28 -37.67 26.63
CA ILE F 99 -40.49 -37.45 28.06
C ILE F 99 -39.60 -36.30 28.48
N MSE F 100 -40.20 -35.29 29.11
CA MSE F 100 -39.45 -34.13 29.56
C MSE F 100 -39.33 -34.14 31.07
O MSE F 100 -40.24 -34.62 31.77
CB MSE F 100 -40.14 -32.84 29.08
CG MSE F 100 -40.29 -32.80 27.55
SE MSE F 100 -41.36 -31.33 26.91
CE MSE F 100 -40.22 -29.85 27.52
N ARG F 101 -38.22 -33.65 31.58
CA ARG F 101 -37.92 -33.70 33.00
C ARG F 101 -37.43 -32.33 33.45
N SER F 102 -37.87 -31.92 34.63
CA SER F 102 -37.44 -30.66 35.22
C SER F 102 -37.08 -30.88 36.68
N ASN F 103 -36.02 -30.21 37.12
CA ASN F 103 -35.59 -30.21 38.51
C ASN F 103 -35.97 -28.92 39.23
N ASP F 104 -36.69 -28.02 38.58
CA ASP F 104 -37.02 -26.72 39.14
C ASP F 104 -38.48 -26.36 38.85
N ARG F 105 -39.37 -27.34 38.96
CA ARG F 105 -40.81 -27.11 38.88
C ARG F 105 -41.24 -26.54 37.53
N GLY F 106 -40.48 -26.84 36.48
CA GLY F 106 -40.85 -26.46 35.13
C GLY F 106 -40.18 -25.22 34.60
N ASN F 107 -39.25 -24.63 35.35
CA ASN F 107 -38.57 -23.43 34.85
C ASN F 107 -37.64 -23.78 33.68
N THR F 108 -36.94 -24.91 33.78
CA THR F 108 -36.09 -25.42 32.72
C THR F 108 -36.34 -26.91 32.53
N TRP F 109 -36.08 -27.40 31.32
CA TRP F 109 -36.41 -28.77 30.96
C TRP F 109 -35.24 -29.45 30.25
N GLN F 110 -35.14 -30.75 30.47
CA GLN F 110 -34.37 -31.64 29.62
C GLN F 110 -35.33 -32.64 29.00
N THR F 111 -34.96 -33.21 27.85
CA THR F 111 -35.90 -34.00 27.09
C THR F 111 -35.25 -35.29 26.60
N THR F 112 -36.03 -36.37 26.65
CA THR F 112 -35.59 -37.67 26.13
C THR F 112 -36.55 -38.12 25.04
N PRO F 113 -36.12 -38.17 23.78
CA PRO F 113 -37.01 -38.64 22.71
C PRO F 113 -37.48 -40.06 22.93
N LEU F 114 -38.74 -40.31 22.60
CA LEU F 114 -39.32 -41.64 22.60
C LEU F 114 -39.34 -42.20 21.18
N PRO F 115 -39.27 -43.52 21.02
CA PRO F 115 -39.26 -44.10 19.67
C PRO F 115 -40.66 -44.23 19.06
N PHE F 116 -41.64 -43.51 19.61
CA PHE F 116 -43.01 -43.59 19.11
C PHE F 116 -43.70 -42.26 19.42
N LYS F 117 -44.95 -42.14 19.00
CA LYS F 117 -45.67 -40.87 19.09
C LYS F 117 -46.48 -40.78 20.38
N VAL F 118 -46.60 -39.54 20.87
CA VAL F 118 -47.42 -39.22 22.03
C VAL F 118 -48.62 -38.42 21.54
N GLY F 119 -49.75 -38.53 22.25
CA GLY F 119 -50.99 -37.97 21.74
C GLY F 119 -51.68 -36.94 22.60
N GLY F 120 -51.01 -35.82 22.87
CA GLY F 120 -51.58 -34.79 23.72
C GLY F 120 -52.91 -34.24 23.22
N ASN F 121 -53.15 -34.29 21.92
CA ASN F 121 -54.42 -33.84 21.34
C ASN F 121 -55.13 -34.97 20.61
N MSE F 122 -55.07 -36.17 21.19
CA MSE F 122 -55.73 -37.37 20.64
C MSE F 122 -56.91 -37.75 21.54
O MSE F 122 -56.99 -37.27 22.68
CB MSE F 122 -54.74 -38.53 20.55
CG MSE F 122 -53.61 -38.30 19.57
SE MSE F 122 -54.23 -38.04 17.77
CE MSE F 122 -55.10 -39.75 17.45
N PRO F 123 -57.80 -38.61 21.06
CA PRO F 123 -58.90 -39.09 21.92
C PRO F 123 -58.35 -39.70 23.20
N GLY F 124 -59.13 -39.55 24.27
CA GLY F 124 -58.75 -40.14 25.54
C GLY F 124 -57.72 -39.37 26.33
N ARG F 125 -57.46 -38.11 25.96
CA ARG F 125 -56.40 -37.36 26.62
C ARG F 125 -56.76 -36.93 28.04
N SER F 126 -58.02 -37.05 28.45
CA SER F 126 -58.38 -36.72 29.83
C SER F 126 -58.33 -37.94 30.76
N ALA F 127 -58.19 -39.15 30.24
CA ALA F 127 -57.91 -40.28 31.11
C ALA F 127 -56.48 -40.18 31.61
N GLY F 128 -56.26 -40.57 32.85
CA GLY F 128 -54.90 -40.53 33.39
C GLY F 128 -54.93 -40.58 34.90
N GLU F 129 -53.78 -40.23 35.49
CA GLU F 129 -52.57 -39.86 34.73
C GLU F 129 -51.82 -41.10 34.23
N ARG F 130 -51.24 -40.98 33.04
CA ARG F 130 -50.53 -42.09 32.42
C ARG F 130 -49.03 -42.01 32.60
N LEU F 131 -48.54 -41.01 33.31
CA LEU F 131 -47.13 -40.90 33.70
C LEU F 131 -47.10 -40.75 35.21
N VAL F 132 -46.38 -41.65 35.90
CA VAL F 132 -46.38 -41.67 37.35
C VAL F 132 -44.99 -41.94 37.89
N ILE F 133 -44.76 -41.48 39.12
CA ILE F 133 -43.50 -41.64 39.83
C ILE F 133 -43.74 -42.56 41.02
N ASP F 134 -42.89 -43.56 41.18
CA ASP F 134 -42.97 -44.43 42.35
C ASP F 134 -42.90 -43.58 43.62
N PRO F 135 -43.95 -43.56 44.45
CA PRO F 135 -43.94 -42.69 45.64
C PRO F 135 -42.99 -43.14 46.73
N ASN F 136 -42.37 -44.31 46.62
CA ASN F 136 -41.37 -44.77 47.58
C ASN F 136 -39.95 -44.77 47.05
N LYS F 137 -39.77 -44.72 45.73
CA LYS F 137 -38.44 -44.74 45.14
C LYS F 137 -38.53 -43.93 43.84
N ASN F 138 -38.28 -42.62 43.95
CA ASN F 138 -38.70 -41.70 42.91
C ASN F 138 -37.78 -41.69 41.70
N ASN F 139 -36.79 -42.58 41.62
CA ASN F 139 -36.09 -42.75 40.36
C ASN F 139 -36.84 -43.65 39.40
N ILE F 140 -37.89 -44.33 39.86
CA ILE F 140 -38.71 -45.22 39.03
C ILE F 140 -39.91 -44.45 38.53
N LEU F 141 -40.11 -44.45 37.21
CA LEU F 141 -41.30 -43.89 36.60
C LEU F 141 -41.88 -44.91 35.62
N TYR F 142 -43.20 -44.86 35.45
CA TYR F 142 -43.89 -45.67 34.46
C TYR F 142 -44.70 -44.75 33.55
N PHE F 143 -44.84 -45.17 32.28
CA PHE F 143 -45.56 -44.40 31.28
C PHE F 143 -46.42 -45.36 30.48
N GLY F 144 -47.74 -45.11 30.45
CA GLY F 144 -48.66 -45.92 29.68
C GLY F 144 -48.95 -45.24 28.35
N ALA F 145 -48.56 -45.91 27.26
CA ALA F 145 -48.48 -45.29 25.95
C ALA F 145 -49.67 -45.67 25.06
N ARG F 146 -49.71 -45.05 23.89
CA ARG F 146 -50.78 -45.20 22.92
C ARG F 146 -50.36 -46.13 21.78
N SER F 147 -51.36 -46.45 20.94
CA SER F 147 -51.15 -47.05 19.62
C SER F 147 -50.53 -48.44 19.69
N GLY F 148 -50.62 -49.11 20.83
CA GLY F 148 -50.06 -50.43 20.97
C GLY F 148 -48.67 -50.47 21.55
N ASN F 149 -48.10 -49.33 21.91
CA ASN F 149 -46.74 -49.33 22.46
C ASN F 149 -46.69 -49.78 23.91
N GLY F 150 -47.84 -49.90 24.58
CA GLY F 150 -47.90 -50.57 25.86
C GLY F 150 -47.34 -49.80 27.04
N LEU F 151 -46.62 -50.49 27.93
CA LEU F 151 -46.13 -49.92 29.18
C LEU F 151 -44.63 -49.72 29.08
N TRP F 152 -44.18 -48.53 29.47
CA TRP F 152 -42.75 -48.19 29.44
C TRP F 152 -42.32 -47.72 30.82
N LYS F 153 -41.01 -47.80 31.06
CA LYS F 153 -40.48 -47.68 32.41
C LYS F 153 -39.13 -47.00 32.36
N SER F 154 -38.85 -46.21 33.39
CA SER F 154 -37.55 -45.61 33.61
C SER F 154 -37.09 -45.91 35.03
N ILE F 155 -35.82 -46.25 35.19
CA ILE F 155 -35.24 -46.43 36.52
C ILE F 155 -34.15 -45.41 36.80
N ASP F 156 -33.99 -44.40 35.95
CA ASP F 156 -32.96 -43.39 36.14
C ASP F 156 -33.58 -41.99 36.11
N SER F 157 -34.75 -41.84 36.75
CA SER F 157 -35.42 -40.56 36.91
C SER F 157 -35.75 -39.93 35.55
N GLY F 158 -36.25 -40.75 34.64
CA GLY F 158 -36.75 -40.26 33.37
C GLY F 158 -35.73 -40.01 32.29
N VAL F 159 -34.44 -40.30 32.55
CA VAL F 159 -33.40 -40.04 31.56
C VAL F 159 -33.49 -41.03 30.41
N THR F 160 -33.63 -42.32 30.71
CA THR F 160 -33.77 -43.35 29.70
C THR F 160 -35.03 -44.16 29.96
N TRP F 161 -35.61 -44.70 28.89
CA TRP F 161 -36.89 -45.40 28.94
C TRP F 161 -36.79 -46.72 28.19
N SER F 162 -37.46 -47.75 28.72
CA SER F 162 -37.48 -49.06 28.09
CA SER F 162 -37.48 -49.06 28.09
C SER F 162 -38.88 -49.65 28.19
N LYS F 163 -39.23 -50.49 27.21
CA LYS F 163 -40.53 -51.13 27.19
C LYS F 163 -40.63 -52.23 28.24
N VAL F 164 -41.75 -52.25 28.96
CA VAL F 164 -42.07 -53.37 29.84
C VAL F 164 -42.72 -54.46 29.00
N THR F 165 -41.91 -55.40 28.51
CA THR F 165 -42.41 -56.38 27.55
C THR F 165 -43.40 -57.35 28.17
N SER F 166 -43.45 -57.44 29.50
CA SER F 166 -44.34 -58.39 30.15
C SER F 166 -45.76 -57.87 30.30
N PHE F 167 -46.02 -56.60 30.01
CA PHE F 167 -47.38 -56.11 30.15
C PHE F 167 -48.28 -56.78 29.11
N PRO F 168 -49.38 -57.40 29.52
CA PRO F 168 -50.07 -58.35 28.64
C PRO F 168 -51.14 -57.76 27.72
N ASN F 169 -51.49 -56.48 27.86
CA ASN F 169 -52.61 -55.91 27.10
C ASN F 169 -52.27 -54.48 26.70
N VAL F 170 -51.91 -54.28 25.43
CA VAL F 170 -51.59 -52.92 24.97
C VAL F 170 -52.84 -52.13 24.60
N GLY F 171 -54.02 -52.72 24.72
CA GLY F 171 -55.27 -52.06 24.40
C GLY F 171 -55.92 -52.65 23.17
N THR F 172 -57.25 -52.57 23.11
CA THR F 172 -58.00 -52.99 21.93
C THR F 172 -58.92 -51.91 21.38
N TYR F 173 -59.36 -50.95 22.18
CA TYR F 173 -60.33 -49.97 21.73
C TYR F 173 -59.71 -48.98 20.76
N ILE F 174 -60.44 -48.68 19.69
CA ILE F 174 -60.09 -47.66 18.70
C ILE F 174 -61.33 -46.79 18.48
N GLN F 175 -61.18 -45.47 18.63
CA GLN F 175 -62.34 -44.59 18.58
C GLN F 175 -62.89 -44.44 17.17
N ASN F 176 -62.02 -44.19 16.18
CA ASN F 176 -62.46 -43.89 14.81
C ASN F 176 -61.68 -44.76 13.83
N PRO F 177 -62.01 -46.05 13.76
CA PRO F 177 -61.23 -46.96 12.90
C PRO F 177 -61.30 -46.63 11.41
N THR F 178 -62.27 -45.85 10.97
CA THR F 178 -62.40 -45.52 9.55
C THR F 178 -61.81 -44.17 9.18
N LEU F 179 -61.41 -43.36 10.15
CA LEU F 179 -60.89 -42.03 9.89
C LEU F 179 -59.37 -42.03 9.90
N ASP F 180 -58.78 -40.89 9.54
CA ASP F 180 -57.34 -40.72 9.61
C ASP F 180 -56.91 -40.04 10.90
N TYR F 181 -57.84 -39.84 11.83
CA TYR F 181 -57.58 -39.29 13.15
C TYR F 181 -58.24 -40.18 14.17
N GLY F 182 -57.44 -40.80 15.03
CA GLY F 182 -57.98 -41.70 16.04
C GLY F 182 -58.28 -43.10 15.55
N ASN F 183 -57.62 -43.54 14.49
CA ASN F 183 -57.77 -44.92 14.03
C ASN F 183 -56.73 -45.86 14.63
N ASP F 184 -55.93 -45.37 15.56
CA ASP F 184 -54.98 -46.21 16.29
C ASP F 184 -55.55 -46.59 17.66
N LEU F 185 -54.90 -47.55 18.29
CA LEU F 185 -55.27 -47.95 19.64
C LEU F 185 -55.12 -46.77 20.60
N VAL F 186 -56.15 -46.54 21.41
CA VAL F 186 -56.02 -45.56 22.48
C VAL F 186 -54.91 -45.96 23.44
N GLY F 187 -54.86 -47.24 23.81
CA GLY F 187 -53.76 -47.76 24.61
C GLY F 187 -54.03 -47.83 26.09
N LEU F 188 -53.03 -47.55 26.91
CA LEU F 188 -53.19 -47.60 28.35
C LEU F 188 -53.83 -46.30 28.84
N SER F 189 -54.49 -46.38 30.00
CA SER F 189 -55.40 -45.32 30.42
C SER F 189 -55.00 -44.62 31.71
N TRP F 190 -54.38 -45.31 32.66
CA TRP F 190 -53.95 -44.69 33.90
C TRP F 190 -53.08 -45.71 34.66
N ILE F 191 -52.26 -45.19 35.56
CA ILE F 191 -51.39 -46.01 36.40
C ILE F 191 -51.50 -45.51 37.84
N THR F 192 -51.68 -46.44 38.78
CA THR F 192 -51.89 -46.08 40.18
C THR F 192 -51.08 -47.01 41.08
N PHE F 193 -50.13 -46.44 41.82
CA PHE F 193 -49.37 -47.20 42.82
C PHE F 193 -50.21 -47.39 44.08
N ASP F 194 -49.93 -48.46 44.81
CA ASP F 194 -50.36 -48.60 46.20
C ASP F 194 -49.15 -48.31 47.08
N LYS F 195 -49.05 -47.07 47.56
CA LYS F 195 -47.88 -46.61 48.29
C LYS F 195 -47.60 -47.48 49.52
N SER F 196 -48.63 -48.11 50.08
CA SER F 196 -48.40 -48.94 51.27
C SER F 196 -47.64 -50.21 50.96
N THR F 197 -47.46 -50.58 49.69
CA THR F 197 -46.72 -51.78 49.32
C THR F 197 -45.25 -51.48 48.98
N GLY F 198 -44.76 -50.30 49.38
CA GLY F 198 -43.34 -50.05 49.39
C GLY F 198 -42.98 -49.25 50.63
N THR F 199 -41.67 -49.05 50.81
CA THR F 199 -41.14 -48.16 51.83
C THR F 199 -40.09 -47.28 51.19
N LEU F 200 -39.78 -46.16 51.87
CA LEU F 200 -38.87 -45.16 51.31
C LEU F 200 -37.55 -45.79 50.94
N GLY F 201 -37.17 -45.67 49.67
CA GLY F 201 -35.96 -46.28 49.17
C GLY F 201 -36.13 -47.64 48.56
N ASN F 202 -37.34 -48.20 48.58
CA ASN F 202 -37.61 -49.53 48.06
C ASN F 202 -38.80 -49.48 47.12
N ALA F 203 -38.66 -50.13 45.97
CA ALA F 203 -39.67 -50.05 44.92
C ALA F 203 -41.04 -50.50 45.42
N THR F 204 -42.06 -49.72 45.10
CA THR F 204 -43.43 -50.11 45.41
C THR F 204 -43.80 -51.37 44.64
N GLN F 205 -44.36 -52.35 45.37
CA GLN F 205 -44.57 -53.67 44.79
C GLN F 205 -45.89 -53.81 44.04
N THR F 206 -46.96 -53.14 44.49
CA THR F 206 -48.28 -53.31 43.88
C THR F 206 -48.61 -52.08 43.02
N ILE F 207 -48.92 -52.33 41.75
CA ILE F 207 -49.23 -51.30 40.78
C ILE F 207 -50.49 -51.69 40.04
N TYR F 208 -51.41 -50.74 39.88
CA TYR F 208 -52.62 -50.93 39.09
C TYR F 208 -52.53 -50.14 37.79
N VAL F 209 -53.00 -50.73 36.70
CA VAL F 209 -52.97 -50.09 35.38
C VAL F 209 -54.32 -50.26 34.70
N GLY F 210 -54.89 -49.16 34.22
CA GLY F 210 -56.08 -49.22 33.40
C GLY F 210 -55.73 -49.24 31.93
N VAL F 211 -56.53 -49.97 31.15
CA VAL F 211 -56.27 -50.20 29.73
C VAL F 211 -57.57 -49.99 28.96
N ALA F 212 -57.47 -49.32 27.82
CA ALA F 212 -58.65 -49.08 26.98
C ALA F 212 -58.97 -50.37 26.23
N ASP F 213 -59.72 -51.24 26.92
CA ASP F 213 -60.14 -52.53 26.38
C ASP F 213 -61.40 -52.92 27.13
N THR F 214 -62.55 -52.91 26.43
CA THR F 214 -63.80 -53.16 27.11
C THR F 214 -63.90 -54.56 27.70
N ALA F 215 -63.13 -55.51 27.16
CA ALA F 215 -63.22 -56.89 27.62
C ALA F 215 -62.36 -57.16 28.85
N SER F 216 -61.29 -56.39 29.04
CA SER F 216 -60.36 -56.64 30.15
C SER F 216 -59.53 -55.37 30.33
N SER F 217 -59.89 -54.55 31.32
CA SER F 217 -59.40 -53.18 31.38
C SER F 217 -58.52 -52.85 32.58
N VAL F 218 -58.52 -53.66 33.63
CA VAL F 218 -57.81 -53.32 34.86
C VAL F 218 -56.83 -54.42 35.19
N TYR F 219 -55.56 -54.04 35.37
CA TYR F 219 -54.48 -54.98 35.61
C TYR F 219 -53.75 -54.58 36.89
N ARG F 220 -53.10 -55.57 37.50
CA ARG F 220 -52.32 -55.35 38.70
C ARG F 220 -51.05 -56.16 38.64
N SER F 221 -49.96 -55.55 39.06
CA SER F 221 -48.72 -56.25 39.39
C SER F 221 -48.54 -56.22 40.90
N THR F 222 -48.07 -57.33 41.47
CA THR F 222 -47.71 -57.37 42.88
C THR F 222 -46.24 -57.66 43.10
N ASP F 223 -45.42 -57.67 42.04
CA ASP F 223 -43.99 -57.91 42.15
C ASP F 223 -43.19 -56.75 41.55
N GLY F 224 -43.69 -55.53 41.76
CA GLY F 224 -42.96 -54.36 41.31
C GLY F 224 -42.93 -54.19 39.80
N GLY F 225 -43.96 -54.64 39.10
CA GLY F 225 -44.07 -54.44 37.68
C GLY F 225 -43.47 -55.52 36.82
N VAL F 226 -43.01 -56.63 37.41
CA VAL F 226 -42.36 -57.67 36.62
C VAL F 226 -43.39 -58.53 35.89
N THR F 227 -44.48 -58.92 36.57
CA THR F 227 -45.57 -59.68 35.97
C THR F 227 -46.89 -59.00 36.26
N TRP F 228 -47.87 -59.26 35.39
CA TRP F 228 -49.15 -58.58 35.44
C TRP F 228 -50.29 -59.57 35.27
N THR F 229 -51.40 -59.34 35.96
CA THR F 229 -52.60 -60.15 35.78
C THR F 229 -53.82 -59.24 35.85
N ALA F 230 -54.85 -59.60 35.09
CA ALA F 230 -56.11 -58.87 35.15
C ALA F 230 -56.78 -59.09 36.49
N LEU F 231 -57.33 -58.02 37.07
CA LEU F 231 -58.01 -58.12 38.35
C LEU F 231 -59.25 -59.01 38.21
N ALA F 232 -59.30 -60.08 38.99
CA ALA F 232 -60.42 -61.01 38.94
C ALA F 232 -61.73 -60.32 39.32
N GLY F 233 -62.80 -60.65 38.59
CA GLY F 233 -64.13 -60.18 38.91
C GLY F 233 -64.48 -58.81 38.40
N GLN F 234 -63.60 -58.19 37.61
CA GLN F 234 -63.82 -56.81 37.19
C GLN F 234 -64.98 -56.71 36.21
N PRO F 235 -65.66 -55.56 36.14
CA PRO F 235 -66.73 -55.39 35.17
C PRO F 235 -66.19 -55.28 33.76
N THR F 236 -67.04 -55.62 32.80
CA THR F 236 -66.69 -55.56 31.38
C THR F 236 -67.68 -54.67 30.63
N GLY F 237 -67.30 -54.28 29.42
CA GLY F 237 -68.15 -53.50 28.54
C GLY F 237 -67.81 -52.02 28.47
N PHE F 238 -66.98 -51.51 29.37
CA PHE F 238 -66.72 -50.08 29.47
C PHE F 238 -65.23 -49.82 29.54
N LEU F 239 -64.87 -48.54 29.57
CA LEU F 239 -63.48 -48.10 29.52
C LEU F 239 -63.16 -47.25 30.74
N PRO F 240 -62.21 -47.66 31.58
CA PRO F 240 -61.97 -46.94 32.85
C PRO F 240 -61.19 -45.66 32.60
N HIS F 241 -61.75 -44.54 33.05
CA HIS F 241 -61.16 -43.22 32.81
C HIS F 241 -60.11 -42.86 33.85
N HIS F 242 -60.37 -43.20 35.11
CA HIS F 242 -59.47 -42.93 36.23
C HIS F 242 -59.58 -44.07 37.22
N GLY F 243 -58.50 -44.27 37.98
CA GLY F 243 -58.49 -45.25 39.04
C GLY F 243 -57.76 -44.70 40.25
N GLU F 244 -58.49 -44.44 41.33
CA GLU F 244 -57.93 -43.77 42.50
C GLU F 244 -58.10 -44.65 43.72
N LEU F 245 -57.00 -44.87 44.44
CA LEU F 245 -56.97 -45.76 45.59
C LEU F 245 -57.09 -44.93 46.87
N SER F 246 -58.14 -45.18 47.63
CA SER F 246 -58.34 -44.50 48.91
C SER F 246 -57.51 -45.17 50.00
N SER F 247 -57.24 -44.40 51.07
CA SER F 247 -56.55 -44.95 52.23
C SER F 247 -57.35 -46.03 52.94
N THR F 248 -58.65 -46.17 52.66
CA THR F 248 -59.41 -47.28 53.21
C THR F 248 -59.12 -48.60 52.51
N GLY F 249 -58.28 -48.61 51.48
CA GLY F 249 -58.02 -49.80 50.71
C GLY F 249 -58.99 -50.04 49.58
N ASP F 250 -59.82 -49.06 49.23
CA ASP F 250 -60.78 -49.19 48.15
C ASP F 250 -60.29 -48.45 46.92
N LEU F 251 -60.28 -49.14 45.79
CA LEU F 251 -59.91 -48.58 44.50
C LEU F 251 -61.17 -48.17 43.75
N TYR F 252 -61.31 -46.87 43.47
CA TYR F 252 -62.48 -46.34 42.79
C TYR F 252 -62.16 -46.10 41.32
N ILE F 253 -63.09 -46.48 40.44
CA ILE F 253 -62.86 -46.46 39.01
C ILE F 253 -64.10 -45.92 38.29
N THR F 254 -63.93 -44.84 37.53
CA THR F 254 -64.99 -44.34 36.66
C THR F 254 -64.88 -44.97 35.29
N TYR F 255 -66.02 -45.25 34.67
CA TYR F 255 -66.08 -45.91 33.38
C TYR F 255 -66.99 -45.15 32.42
N SER F 256 -66.60 -45.14 31.15
CA SER F 256 -67.42 -44.62 30.07
C SER F 256 -67.40 -45.62 28.93
N ASN F 257 -68.43 -45.58 28.08
CA ASN F 257 -68.37 -46.41 26.89
C ASN F 257 -67.58 -45.74 25.76
N GLY F 258 -66.98 -44.57 26.03
CA GLY F 258 -65.97 -44.00 25.17
C GLY F 258 -64.76 -43.57 25.99
N VAL F 259 -63.74 -43.11 25.28
CA VAL F 259 -62.55 -42.55 25.94
C VAL F 259 -62.59 -41.04 26.03
N GLY F 260 -63.59 -40.39 25.43
CA GLY F 260 -63.70 -38.96 25.50
C GLY F 260 -62.72 -38.25 24.59
N PRO F 261 -62.67 -36.92 24.67
CA PRO F 261 -63.43 -36.12 25.63
C PRO F 261 -64.86 -35.76 25.20
N TYR F 262 -65.23 -36.05 23.95
CA TYR F 262 -66.50 -35.58 23.42
C TYR F 262 -67.64 -36.59 23.52
N ASP F 263 -67.36 -37.87 23.70
CA ASP F 263 -68.41 -38.86 23.64
C ASP F 263 -68.72 -39.37 25.05
N GLY F 264 -69.30 -40.56 25.15
CA GLY F 264 -69.73 -41.08 26.42
C GLY F 264 -71.24 -41.03 26.56
N SER F 265 -71.91 -42.11 26.16
CA SER F 265 -73.36 -42.21 26.23
C SER F 265 -73.81 -43.27 27.22
N LYS F 266 -72.88 -43.83 27.98
CA LYS F 266 -73.18 -44.84 28.98
C LYS F 266 -71.96 -44.94 29.89
N GLY F 267 -72.19 -45.20 31.17
CA GLY F 267 -71.10 -45.22 32.10
C GLY F 267 -71.44 -45.94 33.39
N GLU F 268 -70.39 -46.28 34.13
CA GLU F 268 -70.52 -46.93 35.42
C GLU F 268 -69.44 -46.38 36.36
N VAL F 269 -69.66 -46.58 37.66
CA VAL F 269 -68.64 -46.35 38.67
C VAL F 269 -68.59 -47.58 39.56
N TRP F 270 -67.38 -48.06 39.83
CA TRP F 270 -67.18 -49.27 40.62
C TRP F 270 -66.14 -49.00 41.69
N LYS F 271 -66.18 -49.83 42.74
CA LYS F 271 -65.11 -49.82 43.72
C LYS F 271 -64.64 -51.24 43.95
N TYR F 272 -63.34 -51.39 44.15
CA TYR F 272 -62.69 -52.67 44.35
C TYR F 272 -61.96 -52.62 45.68
N ASN F 273 -62.24 -53.59 46.56
CA ASN F 273 -61.59 -53.64 47.85
C ASN F 273 -60.35 -54.52 47.75
N LYS F 274 -59.18 -53.96 48.09
CA LYS F 274 -57.93 -54.67 47.90
C LYS F 274 -57.74 -55.82 48.89
N THR F 275 -58.46 -55.80 50.02
CA THR F 275 -58.32 -56.89 50.98
C THR F 275 -59.16 -58.10 50.56
N SER F 276 -60.45 -57.88 50.30
CA SER F 276 -61.36 -58.97 49.97
C SER F 276 -61.36 -59.31 48.49
N GLY F 277 -60.95 -58.38 47.63
CA GLY F 277 -61.11 -58.56 46.21
C GLY F 277 -62.51 -58.33 45.69
N ALA F 278 -63.42 -57.83 46.53
CA ALA F 278 -64.81 -57.69 46.14
C ALA F 278 -65.04 -56.42 45.33
N TRP F 279 -65.88 -56.53 44.31
CA TRP F 279 -66.27 -55.41 43.46
C TRP F 279 -67.68 -54.97 43.81
N THR F 280 -67.89 -53.65 43.91
CA THR F 280 -69.20 -53.09 44.20
C THR F 280 -69.55 -52.04 43.16
N ASN F 281 -70.74 -52.16 42.57
CA ASN F 281 -71.21 -51.18 41.61
C ASN F 281 -71.79 -49.99 42.36
N ILE F 282 -71.13 -48.84 42.25
CA ILE F 282 -71.59 -47.64 42.95
C ILE F 282 -71.96 -46.56 41.94
N SER F 283 -72.48 -46.96 40.78
CA SER F 283 -72.83 -45.99 39.74
C SER F 283 -73.94 -45.06 40.25
N PRO F 284 -73.76 -43.74 40.17
CA PRO F 284 -74.83 -42.83 40.61
C PRO F 284 -76.15 -43.03 39.87
N THR F 285 -76.12 -43.35 38.58
CA THR F 285 -77.31 -43.62 37.79
C THR F 285 -77.08 -44.87 36.95
N THR F 286 -78.16 -45.61 36.69
CA THR F 286 -78.11 -46.87 35.94
C THR F 286 -79.29 -46.93 34.98
N GLY F 287 -79.23 -47.89 34.06
CA GLY F 287 -80.32 -48.09 33.13
C GLY F 287 -80.60 -46.86 32.30
N THR F 288 -81.89 -46.59 32.06
CA THR F 288 -82.27 -45.42 31.28
C THR F 288 -82.08 -44.12 32.04
N ASP F 289 -81.85 -44.18 33.35
CA ASP F 289 -81.45 -42.97 34.08
C ASP F 289 -80.04 -42.53 33.75
N ASN F 290 -79.27 -43.35 33.03
CA ASN F 290 -77.88 -43.06 32.69
C ASN F 290 -77.73 -43.05 31.18
N TRP F 291 -77.30 -41.92 30.63
CA TRP F 291 -77.06 -41.77 29.20
C TRP F 291 -75.71 -41.12 28.94
N TYR F 292 -74.77 -41.30 29.86
CA TYR F 292 -73.49 -40.61 29.80
C TYR F 292 -72.41 -41.45 30.48
N GLY F 293 -71.17 -41.24 30.06
CA GLY F 293 -70.07 -41.84 30.78
C GLY F 293 -69.81 -41.11 32.08
N PHE F 294 -69.01 -41.75 32.93
CA PHE F 294 -68.46 -41.08 34.10
C PHE F 294 -66.99 -40.83 33.84
N GLY F 295 -66.57 -39.58 33.98
CA GLY F 295 -65.21 -39.18 33.64
C GLY F 295 -64.40 -38.81 34.87
N GLY F 296 -64.48 -37.55 35.28
CA GLY F 296 -63.67 -37.09 36.40
C GLY F 296 -63.94 -37.88 37.67
N LEU F 297 -62.88 -38.07 38.45
CA LEU F 297 -62.95 -38.83 39.69
C LEU F 297 -62.06 -38.15 40.72
N ALA F 298 -62.64 -37.70 41.82
CA ALA F 298 -61.90 -36.97 42.84
C ALA F 298 -62.14 -37.61 44.18
N LEU F 299 -61.07 -38.10 44.81
CA LEU F 299 -61.13 -38.54 46.20
C LEU F 299 -60.77 -37.38 47.12
N ASP F 300 -61.38 -37.36 48.29
CA ASP F 300 -61.07 -36.40 49.34
C ASP F 300 -60.03 -37.01 50.27
N ALA F 301 -58.79 -36.50 50.22
CA ALA F 301 -57.73 -37.10 51.03
C ALA F 301 -57.99 -36.94 52.52
N GLN F 302 -58.58 -35.81 52.94
CA GLN F 302 -58.82 -35.56 54.36
C GLN F 302 -60.02 -36.31 54.92
N HIS F 303 -60.92 -36.77 54.05
CA HIS F 303 -62.10 -37.51 54.47
C HIS F 303 -62.26 -38.68 53.51
N PRO F 304 -61.62 -39.81 53.82
CA PRO F 304 -61.34 -40.81 52.78
C PRO F 304 -62.57 -41.54 52.25
N ASN F 305 -63.76 -41.38 52.82
CA ASN F 305 -64.96 -41.96 52.23
C ASN F 305 -65.76 -40.94 51.44
N THR F 306 -65.22 -39.75 51.23
CA THR F 306 -65.84 -38.74 50.39
C THR F 306 -65.19 -38.76 49.01
N LEU F 307 -66.01 -38.77 47.97
CA LEU F 307 -65.51 -38.75 46.61
C LEU F 307 -66.54 -38.09 45.70
N MSE F 308 -66.08 -37.64 44.54
CA MSE F 308 -66.97 -37.06 43.54
C MSE F 308 -66.64 -37.57 42.14
O MSE F 308 -65.49 -37.88 41.84
CB MSE F 308 -66.87 -35.52 43.54
CG MSE F 308 -67.22 -34.89 44.88
SE MSE F 308 -67.37 -32.95 44.74
CE MSE F 308 -65.63 -32.59 43.95
N VAL F 309 -67.67 -37.67 41.30
CA VAL F 309 -67.51 -38.03 39.90
C VAL F 309 -68.31 -37.06 39.06
N SER F 310 -67.87 -36.87 37.82
CA SER F 310 -68.55 -35.99 36.87
C SER F 310 -69.04 -36.79 35.68
N SER F 311 -70.13 -36.34 35.09
CA SER F 311 -70.64 -36.94 33.86
C SER F 311 -69.77 -36.56 32.67
N LEU F 312 -69.72 -37.45 31.68
CA LEU F 312 -68.91 -37.24 30.48
C LEU F 312 -69.52 -38.10 29.37
N ASN F 313 -70.48 -37.55 28.62
CA ASN F 313 -71.06 -36.21 28.80
C ASN F 313 -72.58 -36.31 28.85
N ALA F 314 -73.22 -35.69 29.84
CA ALA F 314 -74.68 -35.71 29.90
C ALA F 314 -75.32 -34.71 28.94
N TRP F 315 -74.66 -33.56 28.72
CA TRP F 315 -75.05 -32.52 27.78
C TRP F 315 -76.27 -31.71 28.23
N TRP F 316 -77.41 -32.36 28.46
CA TRP F 316 -78.66 -31.64 28.66
C TRP F 316 -79.30 -31.99 30.00
N PRO F 317 -79.74 -31.00 30.79
CA PRO F 317 -79.60 -29.57 30.52
C PRO F 317 -78.19 -29.05 30.83
N ASP F 318 -77.42 -29.86 31.56
CA ASP F 318 -76.06 -29.52 31.96
C ASP F 318 -75.39 -30.81 32.42
N GLU F 319 -74.08 -30.73 32.65
CA GLU F 319 -73.39 -31.86 33.26
C GLU F 319 -73.79 -31.97 34.74
N VAL F 320 -73.42 -33.10 35.35
CA VAL F 320 -73.72 -33.35 36.75
C VAL F 320 -72.42 -33.71 37.46
N ILE F 321 -72.22 -33.13 38.64
CA ILE F 321 -71.24 -33.64 39.60
C ILE F 321 -72.02 -34.37 40.69
N PHE F 322 -71.62 -35.62 40.97
CA PHE F 322 -72.19 -36.41 42.05
C PHE F 322 -71.19 -36.47 43.19
N ARG F 323 -71.67 -36.32 44.41
CA ARG F 323 -70.83 -36.33 45.61
C ARG F 323 -71.35 -37.39 46.57
N SER F 324 -70.44 -38.21 47.10
CA SER F 324 -70.77 -39.20 48.11
C SER F 324 -69.86 -39.00 49.31
N THR F 325 -70.43 -39.11 50.52
CA THR F 325 -69.64 -39.05 51.74
C THR F 325 -69.56 -40.39 52.43
N ASN F 326 -70.13 -41.44 51.86
CA ASN F 326 -70.12 -42.78 52.46
C ASN F 326 -69.57 -43.80 51.48
N GLY F 327 -68.50 -43.45 50.77
CA GLY F 327 -67.81 -44.39 49.92
C GLY F 327 -68.62 -44.90 48.76
N GLY F 328 -69.54 -44.09 48.24
CA GLY F 328 -70.33 -44.46 47.08
C GLY F 328 -71.64 -45.15 47.38
N ALA F 329 -71.98 -45.38 48.65
CA ALA F 329 -73.24 -46.05 48.96
C ALA F 329 -74.43 -45.18 48.55
N THR F 330 -74.35 -43.88 48.78
CA THR F 330 -75.39 -42.95 48.33
C THR F 330 -74.72 -41.70 47.76
N TRP F 331 -75.39 -41.08 46.79
CA TRP F 331 -74.84 -39.93 46.10
C TRP F 331 -75.79 -38.74 46.20
N SER F 332 -75.20 -37.56 46.25
CA SER F 332 -75.93 -36.30 46.14
C SER F 332 -75.55 -35.64 44.82
N ARG F 333 -76.53 -35.00 44.18
CA ARG F 333 -76.29 -34.31 42.91
C ARG F 333 -76.03 -32.83 43.17
N ILE F 334 -75.21 -32.22 42.31
CA ILE F 334 -74.95 -30.78 42.46
C ILE F 334 -76.13 -29.93 42.00
N TRP F 335 -77.08 -30.52 41.27
CA TRP F 335 -78.35 -29.87 40.99
C TRP F 335 -79.42 -30.96 40.85
N ASP F 336 -80.67 -30.56 41.06
CA ASP F 336 -81.80 -31.48 40.98
C ASP F 336 -82.93 -30.81 40.22
N TRP F 337 -83.85 -31.63 39.71
CA TRP F 337 -85.09 -31.11 39.17
C TRP F 337 -86.00 -30.68 40.31
N GLY F 338 -86.68 -29.55 40.12
CA GLY F 338 -87.73 -29.13 41.02
C GLY F 338 -89.06 -29.43 40.38
N ASN F 339 -89.94 -28.43 40.28
CA ASN F 339 -91.14 -28.54 39.47
C ASN F 339 -90.71 -28.36 38.02
N TYR F 340 -90.54 -29.48 37.30
CA TYR F 340 -90.03 -29.43 35.93
C TYR F 340 -90.81 -28.39 35.12
N PRO F 341 -90.13 -27.58 34.29
CA PRO F 341 -88.69 -27.60 33.96
C PRO F 341 -87.77 -26.89 34.94
N GLU F 342 -88.28 -26.45 36.10
CA GLU F 342 -87.42 -25.75 37.03
C GLU F 342 -86.42 -26.71 37.67
N ARG F 343 -85.27 -26.16 38.04
CA ARG F 343 -84.21 -26.91 38.71
C ARG F 343 -83.85 -26.22 40.02
N THR F 344 -83.21 -26.98 40.91
CA THR F 344 -82.61 -26.44 42.11
C THR F 344 -81.12 -26.73 42.06
N TYR F 345 -80.32 -25.87 42.69
CA TYR F 345 -78.88 -25.89 42.51
C TYR F 345 -78.19 -25.88 43.86
N LYS F 346 -77.16 -26.70 44.01
CA LYS F 346 -76.26 -26.63 45.14
C LYS F 346 -75.03 -25.77 44.85
N PHE F 347 -74.97 -25.17 43.66
CA PHE F 347 -73.84 -24.35 43.27
C PHE F 347 -74.34 -23.04 42.67
N SER F 348 -73.47 -22.04 42.67
CA SER F 348 -73.67 -20.82 41.88
C SER F 348 -72.42 -20.56 41.08
N MSE F 349 -72.59 -20.12 39.84
CA MSE F 349 -71.46 -19.85 38.96
C MSE F 349 -71.04 -18.38 39.00
O MSE F 349 -71.89 -17.50 39.02
CB MSE F 349 -71.78 -20.24 37.52
CG MSE F 349 -72.20 -21.69 37.34
SE MSE F 349 -70.72 -22.92 37.60
CE MSE F 349 -69.67 -22.43 36.04
N ASP F 350 -69.75 -18.14 39.02
CA ASP F 350 -69.15 -16.81 39.06
C ASP F 350 -68.18 -16.74 37.88
N ILE F 351 -68.54 -15.98 36.84
CA ILE F 351 -67.65 -15.80 35.69
C ILE F 351 -67.25 -14.34 35.58
N THR F 352 -67.19 -13.63 36.71
CA THR F 352 -66.81 -12.21 36.69
C THR F 352 -65.39 -12.01 36.15
N ALA F 353 -64.54 -13.03 36.25
CA ALA F 353 -63.19 -12.95 35.69
C ALA F 353 -63.14 -13.17 34.19
N ALA F 354 -64.24 -13.63 33.59
CA ALA F 354 -64.34 -13.78 32.13
C ALA F 354 -65.81 -13.69 31.75
N PRO F 355 -66.37 -12.48 31.77
CA PRO F 355 -67.83 -12.36 31.64
C PRO F 355 -68.37 -12.88 30.33
N TRP F 356 -67.54 -12.96 29.28
CA TRP F 356 -68.00 -13.44 27.98
C TRP F 356 -68.38 -14.91 28.00
N LEU F 357 -68.10 -15.63 29.09
CA LEU F 357 -68.44 -17.05 29.16
C LEU F 357 -69.96 -17.29 29.16
N ASP F 358 -70.77 -16.24 29.26
CA ASP F 358 -72.21 -16.40 29.07
C ASP F 358 -72.61 -16.38 27.60
N HIS F 359 -71.64 -16.21 26.70
CA HIS F 359 -71.87 -16.19 25.26
C HIS F 359 -72.96 -15.18 24.87
N GLY F 360 -73.15 -14.16 25.70
CA GLY F 360 -74.13 -13.13 25.40
C GLY F 360 -75.57 -13.60 25.42
N THR F 361 -75.87 -14.71 26.10
CA THR F 361 -77.23 -15.23 26.18
C THR F 361 -77.67 -15.26 27.64
N THR F 362 -78.95 -14.98 27.87
CA THR F 362 -79.51 -15.05 29.20
C THR F 362 -79.72 -16.50 29.60
N SER F 363 -79.42 -16.81 30.86
CA SER F 363 -79.53 -18.17 31.37
C SER F 363 -80.99 -18.54 31.57
N THR F 364 -81.32 -19.81 31.28
CA THR F 364 -82.59 -20.41 31.64
C THR F 364 -82.33 -21.77 32.26
N SER F 365 -83.39 -22.32 32.86
CA SER F 365 -83.28 -23.63 33.52
C SER F 365 -82.79 -24.69 32.54
N LEU F 366 -83.41 -24.76 31.35
CA LEU F 366 -83.09 -25.79 30.39
C LEU F 366 -81.89 -25.45 29.52
N ASP F 367 -81.51 -24.18 29.46
CA ASP F 367 -80.34 -23.73 28.71
C ASP F 367 -79.50 -22.83 29.62
N PRO F 368 -78.77 -23.40 30.57
CA PRO F 368 -77.98 -22.58 31.48
C PRO F 368 -76.86 -21.86 30.77
N SER F 369 -76.56 -20.65 31.26
CA SER F 369 -75.50 -19.84 30.71
C SER F 369 -74.91 -18.97 31.82
N PRO F 370 -73.68 -19.23 32.29
CA PRO F 370 -72.77 -20.30 31.83
C PRO F 370 -73.18 -21.68 32.35
N LYS F 371 -72.88 -22.72 31.57
CA LYS F 371 -73.06 -24.08 32.06
C LYS F 371 -72.04 -24.39 33.14
N LEU F 372 -72.37 -25.38 33.96
CA LEU F 372 -71.40 -25.94 34.89
C LEU F 372 -70.13 -26.36 34.17
N GLY F 373 -70.28 -26.93 32.98
CA GLY F 373 -69.13 -27.29 32.18
C GLY F 373 -69.50 -28.29 31.11
N TRP F 374 -68.47 -28.85 30.50
CA TRP F 374 -68.57 -29.89 29.48
C TRP F 374 -67.16 -30.46 29.30
N MSE F 375 -67.08 -31.67 28.76
CA MSE F 375 -65.81 -32.37 28.63
C MSE F 375 -65.11 -32.48 29.99
O MSE F 375 -63.89 -32.31 30.09
CB MSE F 375 -64.91 -31.67 27.61
CG MSE F 375 -65.51 -31.61 26.21
SE MSE F 375 -64.67 -30.32 25.02
CE MSE F 375 -62.87 -31.06 25.03
N MSE F 376 -65.89 -32.75 31.02
CA MSE F 376 -65.35 -32.82 32.38
C MSE F 376 -64.76 -34.20 32.68
O MSE F 376 -65.33 -35.00 33.42
CB MSE F 376 -66.45 -32.46 33.39
CG MSE F 376 -66.88 -30.99 33.28
SE MSE F 376 -68.54 -30.55 34.22
CE MSE F 376 -67.95 -30.95 36.03
N GLY F 377 -63.61 -34.47 32.07
CA GLY F 377 -62.93 -35.73 32.26
C GLY F 377 -62.03 -35.82 33.47
N ASP F 378 -61.79 -34.70 34.15
CA ASP F 378 -60.89 -34.65 35.30
C ASP F 378 -61.49 -33.76 36.38
N LEU F 379 -61.49 -34.26 37.61
CA LEU F 379 -62.07 -33.56 38.75
C LEU F 379 -61.13 -33.76 39.93
N GLU F 380 -60.84 -32.68 40.67
CA GLU F 380 -59.85 -32.75 41.74
C GLU F 380 -60.38 -32.12 43.03
N ILE F 381 -60.10 -32.77 44.15
CA ILE F 381 -60.19 -32.16 45.47
C ILE F 381 -58.78 -31.99 46.00
N ASP F 382 -58.46 -30.78 46.46
CA ASP F 382 -57.17 -30.47 47.04
C ASP F 382 -56.84 -31.46 48.16
N PRO F 383 -55.76 -32.22 48.06
CA PRO F 383 -55.45 -33.21 49.11
C PRO F 383 -55.15 -32.58 50.46
N PHE F 384 -54.95 -31.26 50.52
CA PHE F 384 -54.71 -30.59 51.78
C PHE F 384 -55.83 -29.63 52.16
N ASN F 385 -56.93 -29.62 51.40
CA ASN F 385 -58.03 -28.70 51.71
C ASN F 385 -59.30 -29.26 51.09
N SER F 386 -60.11 -29.97 51.90
CA SER F 386 -61.35 -30.55 51.42
C SER F 386 -62.32 -29.52 50.85
N ASN F 387 -62.11 -28.24 51.15
CA ASN F 387 -62.97 -27.18 50.64
C ASN F 387 -62.56 -26.68 49.25
N ARG F 388 -61.43 -27.11 48.70
CA ARG F 388 -60.99 -26.61 47.40
C ARG F 388 -61.17 -27.69 46.33
N MSE F 389 -61.89 -27.33 45.28
CA MSE F 389 -62.12 -28.18 44.12
C MSE F 389 -61.60 -27.47 42.88
O MSE F 389 -61.61 -26.25 42.82
CB MSE F 389 -63.62 -28.46 43.98
CG MSE F 389 -64.04 -28.83 42.57
SE MSE F 389 -65.91 -29.16 42.36
CE MSE F 389 -66.50 -27.31 42.18
N MSE F 390 -61.11 -28.24 41.91
CA MSE F 390 -60.81 -27.70 40.57
C MSE F 390 -61.21 -28.70 39.51
O MSE F 390 -61.09 -29.91 39.73
CB MSE F 390 -59.33 -27.36 40.42
CG MSE F 390 -58.83 -26.20 41.26
SE MSE F 390 -57.00 -25.80 40.74
CE MSE F 390 -56.67 -24.27 41.88
N TYR F 391 -61.65 -28.22 38.35
CA TYR F 391 -61.87 -29.11 37.23
C TYR F 391 -61.72 -28.33 35.93
N GLY F 392 -61.26 -29.03 34.90
CA GLY F 392 -61.17 -28.43 33.58
C GLY F 392 -62.42 -28.69 32.78
N THR F 393 -62.76 -27.73 31.91
CA THR F 393 -63.76 -27.92 30.88
C THR F 393 -63.12 -27.67 29.51
N GLY F 394 -63.91 -27.79 28.46
CA GLY F 394 -63.42 -27.43 27.13
C GLY F 394 -63.10 -25.97 26.96
N ALA F 395 -63.42 -25.13 27.95
CA ALA F 395 -63.22 -23.70 27.80
C ALA F 395 -62.36 -23.08 28.90
N THR F 396 -62.31 -23.67 30.10
CA THR F 396 -61.64 -22.97 31.20
C THR F 396 -61.27 -23.95 32.31
N ILE F 397 -60.80 -23.41 33.43
CA ILE F 397 -60.63 -24.13 34.69
C ILE F 397 -61.60 -23.49 35.69
N TYR F 398 -62.48 -24.29 36.27
CA TYR F 398 -63.39 -23.84 37.30
C TYR F 398 -62.96 -24.42 38.65
N GLY F 399 -63.35 -23.75 39.71
CA GLY F 399 -63.02 -24.27 41.03
C GLY F 399 -63.83 -23.60 42.12
N SER F 400 -63.65 -24.11 43.34
CA SER F 400 -64.34 -23.58 44.50
C SER F 400 -63.41 -23.61 45.70
N ASN F 401 -63.64 -22.70 46.64
CA ASN F 401 -62.95 -22.68 47.92
C ASN F 401 -63.90 -22.96 49.08
N ASN F 402 -65.16 -23.32 48.82
CA ASN F 402 -66.10 -23.66 49.90
C ASN F 402 -66.88 -24.92 49.54
N LEU F 403 -66.16 -25.94 49.08
CA LEU F 403 -66.81 -27.15 48.58
C LEU F 403 -67.67 -27.83 49.64
N THR F 404 -67.25 -27.83 50.91
CA THR F 404 -68.03 -28.58 51.89
C THR F 404 -69.37 -27.93 52.21
N SER F 405 -69.62 -26.70 51.76
CA SER F 405 -70.96 -26.12 51.82
C SER F 405 -71.99 -27.04 51.19
N TRP F 406 -71.56 -27.85 50.22
CA TRP F 406 -72.41 -28.90 49.66
C TRP F 406 -73.08 -29.73 50.75
N ASP F 407 -72.31 -30.11 51.78
CA ASP F 407 -72.76 -31.10 52.76
C ASP F 407 -73.63 -30.49 53.85
N THR F 408 -73.64 -29.16 54.01
CA THR F 408 -74.33 -28.52 55.12
C THR F 408 -75.50 -27.67 54.65
N GLY F 409 -76.08 -28.00 53.50
CA GLY F 409 -77.21 -27.25 53.00
C GLY F 409 -76.88 -25.90 52.40
N GLY F 410 -75.60 -25.60 52.19
CA GLY F 410 -75.19 -24.34 51.62
C GLY F 410 -74.99 -24.43 50.12
N LYS F 411 -74.36 -23.40 49.57
CA LYS F 411 -74.15 -23.29 48.13
C LYS F 411 -72.65 -23.24 47.84
N VAL F 412 -72.20 -24.16 47.00
CA VAL F 412 -70.83 -24.17 46.52
C VAL F 412 -70.65 -23.03 45.52
N ASN F 413 -69.72 -22.13 45.81
CA ASN F 413 -69.42 -21.01 44.91
C ASN F 413 -68.33 -21.45 43.95
N ILE F 414 -68.68 -21.60 42.67
CA ILE F 414 -67.74 -22.02 41.64
C ILE F 414 -67.37 -20.79 40.82
N SER F 415 -66.07 -20.57 40.64
CA SER F 415 -65.58 -19.39 39.94
C SER F 415 -64.52 -19.80 38.92
N VAL F 416 -64.23 -18.90 37.99
CA VAL F 416 -63.15 -19.10 37.02
C VAL F 416 -61.83 -19.08 37.77
N MSE F 417 -61.07 -20.17 37.67
CA MSE F 417 -59.74 -20.24 38.28
C MSE F 417 -58.66 -20.48 37.24
O MSE F 417 -57.79 -21.33 37.42
CB MSE F 417 -59.69 -21.31 39.35
CG MSE F 417 -60.38 -20.92 40.63
SE MSE F 417 -60.19 -22.21 42.06
CE MSE F 417 -61.45 -21.39 43.29
N ALA F 418 -58.72 -19.73 36.14
CA ALA F 418 -57.79 -19.88 35.03
C ALA F 418 -56.99 -18.61 34.79
N LYS F 419 -56.82 -17.80 35.83
CA LYS F 419 -56.04 -16.57 35.67
C LYS F 419 -54.62 -16.90 35.23
N GLY F 420 -54.17 -16.23 34.16
CA GLY F 420 -52.87 -16.50 33.59
C GLY F 420 -52.87 -17.50 32.46
N VAL F 421 -53.95 -18.27 32.30
CA VAL F 421 -54.03 -19.29 31.26
C VAL F 421 -54.50 -18.64 29.97
N GLU F 422 -53.78 -18.89 28.87
CA GLU F 422 -54.22 -18.51 27.55
C GLU F 422 -54.01 -19.69 26.62
N GLU F 423 -55.10 -20.20 26.05
CA GLU F 423 -55.04 -21.46 25.32
C GLU F 423 -55.74 -21.39 23.96
N THR F 424 -56.12 -20.22 23.48
CA THR F 424 -56.87 -20.18 22.23
C THR F 424 -55.93 -20.32 21.03
N ALA F 425 -56.53 -20.71 19.91
CA ALA F 425 -55.85 -20.75 18.63
C ALA F 425 -56.31 -19.55 17.82
N VAL F 426 -55.35 -18.79 17.28
CA VAL F 426 -55.60 -17.51 16.66
C VAL F 426 -55.67 -17.69 15.16
N LEU F 427 -56.84 -17.40 14.58
CA LEU F 427 -56.98 -17.51 13.14
C LEU F 427 -56.79 -16.19 12.42
N GLY F 428 -56.88 -15.07 13.14
CA GLY F 428 -56.67 -13.78 12.52
C GLY F 428 -56.48 -12.70 13.57
N LEU F 429 -55.74 -11.65 13.21
CA LEU F 429 -55.52 -10.49 14.06
C LEU F 429 -55.58 -9.24 13.20
N ILE F 430 -56.29 -8.22 13.66
CA ILE F 430 -56.20 -6.89 13.07
C ILE F 430 -55.99 -5.89 14.19
N SER F 431 -55.14 -4.89 13.92
CA SER F 431 -54.93 -3.77 14.83
C SER F 431 -55.52 -2.52 14.20
N PRO F 432 -56.73 -2.10 14.58
CA PRO F 432 -57.40 -1.01 13.89
C PRO F 432 -56.63 0.29 14.04
N PRO F 433 -56.55 1.11 12.98
CA PRO F 433 -55.76 2.34 13.06
C PRO F 433 -56.41 3.47 13.84
N THR F 434 -57.70 3.39 14.15
CA THR F 434 -58.37 4.42 14.94
C THR F 434 -59.32 3.75 15.93
N GLY F 435 -59.83 4.54 16.85
CA GLY F 435 -60.72 4.05 17.89
C GLY F 435 -59.97 3.56 19.12
N THR F 436 -60.75 3.22 20.15
CA THR F 436 -60.16 2.86 21.43
C THR F 436 -59.56 1.46 21.45
N SER F 437 -59.89 0.60 20.48
CA SER F 437 -59.35 -0.75 20.43
C SER F 437 -58.13 -0.80 19.52
N HIS F 438 -57.05 -1.40 20.02
CA HIS F 438 -55.85 -1.64 19.23
C HIS F 438 -55.76 -3.06 18.72
N LEU F 439 -56.74 -3.92 19.02
CA LEU F 439 -56.64 -5.32 18.63
C LEU F 439 -58.01 -5.97 18.62
N ILE F 440 -58.36 -6.57 17.49
CA ILE F 440 -59.52 -7.46 17.38
C ILE F 440 -59.01 -8.81 16.93
N THR F 441 -59.45 -9.87 17.62
CA THR F 441 -58.98 -11.22 17.32
C THR F 441 -60.08 -12.06 16.69
N ALA F 442 -59.63 -13.03 15.90
CA ALA F 442 -60.48 -14.09 15.37
C ALA F 442 -59.94 -15.42 15.92
N LEU F 443 -60.75 -16.11 16.72
CA LEU F 443 -60.28 -17.26 17.48
C LEU F 443 -61.14 -18.48 17.20
N GLY F 444 -60.55 -19.66 17.40
CA GLY F 444 -61.34 -20.88 17.44
C GLY F 444 -62.13 -21.00 18.74
N ASP F 445 -63.29 -21.65 18.63
CA ASP F 445 -64.11 -22.08 19.77
C ASP F 445 -64.79 -20.95 20.54
N VAL F 446 -64.10 -19.83 20.73
CA VAL F 446 -64.67 -18.71 21.47
C VAL F 446 -64.78 -17.45 20.60
N SER F 447 -64.70 -17.64 19.28
CA SER F 447 -65.00 -16.65 18.25
C SER F 447 -63.96 -15.53 18.13
N GLY F 448 -63.61 -14.89 19.24
CA GLY F 448 -62.73 -13.73 19.22
C GLY F 448 -63.36 -12.53 19.90
N PHE F 449 -62.54 -11.49 20.08
CA PHE F 449 -62.97 -10.35 20.87
C PHE F 449 -62.40 -9.06 20.33
N ARG F 450 -63.14 -7.97 20.54
CA ARG F 450 -62.59 -6.62 20.43
C ARG F 450 -61.98 -6.27 21.78
N HIS F 451 -60.66 -6.09 21.81
CA HIS F 451 -59.97 -5.81 23.07
C HIS F 451 -59.82 -4.31 23.27
N GLU F 452 -60.12 -3.86 24.48
CA GLU F 452 -59.85 -2.48 24.86
C GLU F 452 -58.56 -2.43 25.66
N ASP F 453 -58.67 -2.69 26.96
CA ASP F 453 -57.49 -2.89 27.81
C ASP F 453 -56.99 -4.32 27.61
N LEU F 454 -55.76 -4.46 27.13
CA LEU F 454 -55.22 -5.79 26.83
C LEU F 454 -54.95 -6.61 28.09
N SER F 455 -55.10 -6.04 29.28
CA SER F 455 -54.93 -6.78 30.51
CA SER F 455 -54.93 -6.75 30.53
C SER F 455 -56.26 -7.05 31.21
N VAL F 456 -57.38 -6.71 30.58
CA VAL F 456 -58.70 -6.90 31.16
C VAL F 456 -59.48 -7.85 30.26
N ALA F 457 -60.11 -8.85 30.86
CA ALA F 457 -60.87 -9.82 30.08
C ALA F 457 -62.03 -9.12 29.36
N PRO F 458 -62.27 -9.45 28.10
CA PRO F 458 -63.46 -8.89 27.41
C PRO F 458 -64.74 -9.22 28.17
N THR F 459 -65.65 -8.26 28.17
CA THR F 459 -66.95 -8.45 28.83
C THR F 459 -67.99 -9.05 27.90
N LYS F 460 -67.77 -9.03 26.59
CA LYS F 460 -68.83 -9.34 25.65
C LYS F 460 -68.37 -10.42 24.69
N PHE F 461 -69.19 -11.45 24.54
CA PHE F 461 -69.01 -12.43 23.48
C PHE F 461 -69.54 -11.86 22.17
N GLN F 462 -68.92 -12.28 21.06
CA GLN F 462 -69.35 -11.80 19.74
C GLN F 462 -70.68 -12.44 19.36
N THR F 463 -71.72 -11.62 19.21
CA THR F 463 -73.07 -12.09 18.92
C THR F 463 -73.63 -11.36 17.71
N SER F 464 -74.78 -11.87 17.22
CA SER F 464 -75.49 -11.41 16.03
C SER F 464 -74.53 -11.05 14.90
N PRO F 465 -73.80 -12.01 14.34
CA PRO F 465 -73.90 -13.47 14.56
C PRO F 465 -73.06 -13.99 15.72
N SER F 466 -73.49 -15.13 16.26
CA SER F 466 -72.76 -15.83 17.30
C SER F 466 -72.39 -17.21 16.77
N TRP F 467 -71.11 -17.55 16.86
CA TRP F 467 -70.63 -18.86 16.42
C TRP F 467 -69.42 -19.26 17.24
N ALA F 468 -68.94 -20.49 17.01
CA ALA F 468 -67.80 -20.98 17.77
C ALA F 468 -66.49 -20.37 17.26
N THR F 469 -66.27 -20.36 15.95
CA THR F 469 -64.96 -20.07 15.38
C THR F 469 -65.06 -18.99 14.31
N THR F 470 -64.32 -17.89 14.49
CA THR F 470 -64.13 -16.93 13.41
C THR F 470 -62.89 -17.32 12.63
N MSE F 471 -63.06 -17.65 11.35
CA MSE F 471 -61.94 -18.09 10.54
C MSE F 471 -61.15 -16.89 10.00
O MSE F 471 -59.94 -17.00 9.75
CB MSE F 471 -62.41 -18.99 9.40
CG MSE F 471 -61.32 -19.83 8.75
SE MSE F 471 -60.54 -21.15 9.96
CE MSE F 471 -62.06 -22.33 10.14
N SER F 472 -61.83 -15.76 9.80
CA SER F 472 -61.17 -14.65 9.11
C SER F 472 -61.91 -13.35 9.42
N ILE F 473 -61.17 -12.25 9.42
CA ILE F 473 -61.72 -10.92 9.69
C ILE F 473 -60.89 -9.89 8.92
N ASP F 474 -61.56 -8.90 8.35
CA ASP F 474 -60.89 -7.82 7.63
C ASP F 474 -61.67 -6.54 7.83
N TYR F 475 -61.02 -5.42 7.54
CA TYR F 475 -61.64 -4.11 7.64
C TYR F 475 -61.31 -3.29 6.40
N ALA F 476 -62.16 -2.31 6.12
CA ALA F 476 -61.92 -1.36 5.03
C ALA F 476 -60.85 -0.36 5.47
N GLU F 477 -59.69 -0.39 4.81
CA GLU F 477 -58.58 0.42 5.30
C GLU F 477 -58.93 1.90 5.32
N LEU F 478 -59.69 2.37 4.33
CA LEU F 478 -60.06 3.78 4.24
C LEU F 478 -61.27 4.13 5.09
N SER F 479 -62.00 3.14 5.61
CA SER F 479 -63.12 3.36 6.53
C SER F 479 -63.06 2.26 7.58
N PRO F 480 -62.11 2.35 8.52
CA PRO F 480 -61.78 1.17 9.34
C PRO F 480 -62.84 0.80 10.37
N SER F 481 -63.86 1.63 10.59
CA SER F 481 -64.97 1.19 11.42
C SER F 481 -65.77 0.07 10.76
N TYR F 482 -65.73 -0.02 9.44
CA TYR F 482 -66.46 -1.05 8.71
C TYR F 482 -65.61 -2.31 8.65
N MSE F 483 -66.10 -3.39 9.26
CA MSE F 483 -65.35 -4.63 9.23
C MSE F 483 -66.27 -5.85 9.11
O MSE F 483 -67.47 -5.77 9.42
CB MSE F 483 -64.47 -4.76 10.48
CG MSE F 483 -65.12 -4.40 11.79
SE MSE F 483 -63.85 -4.67 13.27
CE MSE F 483 -62.65 -3.17 12.92
N VAL F 484 -65.70 -6.96 8.65
CA VAL F 484 -66.46 -8.16 8.31
C VAL F 484 -65.72 -9.36 8.86
N ARG F 485 -66.45 -10.26 9.53
CA ARG F 485 -65.89 -11.52 9.99
C ARG F 485 -66.71 -12.67 9.41
N VAL F 486 -66.05 -13.80 9.17
CA VAL F 486 -66.71 -14.99 8.67
C VAL F 486 -66.36 -16.18 9.55
N GLY F 487 -67.33 -17.07 9.75
CA GLY F 487 -67.16 -18.23 10.59
C GLY F 487 -68.06 -19.31 10.09
N SER F 488 -68.61 -20.12 11.00
CA SER F 488 -69.51 -21.19 10.61
C SER F 488 -70.66 -21.27 11.61
N ALA F 489 -71.83 -20.80 11.20
CA ALA F 489 -72.99 -20.82 12.07
C ALA F 489 -73.47 -22.25 12.30
N ASP F 490 -73.98 -22.50 13.50
CA ASP F 490 -74.63 -23.76 13.82
C ASP F 490 -76.11 -23.59 13.47
N LYS F 491 -76.47 -23.98 12.26
CA LYS F 491 -77.83 -23.82 11.78
C LYS F 491 -78.76 -24.93 12.24
N GLU F 492 -78.26 -25.94 12.94
CA GLU F 492 -79.17 -26.88 13.57
C GLU F 492 -79.78 -26.28 14.83
N LYS F 493 -78.98 -25.58 15.63
CA LYS F 493 -79.51 -24.93 16.81
C LYS F 493 -80.22 -23.62 16.47
N THR F 494 -79.66 -22.83 15.55
CA THR F 494 -80.28 -21.59 15.08
C THR F 494 -80.31 -21.59 13.56
N PRO F 495 -81.41 -22.06 12.97
CA PRO F 495 -81.48 -22.16 11.50
C PRO F 495 -81.36 -20.82 10.78
N SER F 496 -81.65 -19.71 11.45
CA SER F 496 -81.56 -18.39 10.83
C SER F 496 -80.20 -17.72 11.03
N MSE F 497 -79.29 -18.34 11.78
CA MSE F 497 -77.96 -17.78 11.96
C MSE F 497 -77.18 -17.81 10.65
O MSE F 497 -77.32 -18.73 9.86
CB MSE F 497 -77.18 -18.54 13.05
CG MSE F 497 -76.00 -17.78 13.61
SE MSE F 497 -76.55 -16.37 14.85
CE MSE F 497 -76.81 -17.47 16.44
N LYS F 498 -76.38 -16.77 10.41
CA LYS F 498 -75.53 -16.65 9.23
C LYS F 498 -74.06 -16.79 9.62
N SER F 499 -73.25 -17.15 8.63
CA SER F 499 -71.82 -17.37 8.84
C SER F 499 -70.98 -16.15 8.50
N ILE F 500 -71.59 -14.98 8.40
CA ILE F 500 -70.85 -13.74 8.17
C ILE F 500 -71.43 -12.66 9.08
N GLY F 501 -70.55 -11.87 9.68
CA GLY F 501 -70.97 -10.75 10.50
C GLY F 501 -70.36 -9.46 9.99
N ILE F 502 -71.10 -8.37 10.14
CA ILE F 502 -70.66 -7.06 9.66
C ILE F 502 -70.83 -6.05 10.79
N SER F 503 -69.88 -5.11 10.88
CA SER F 503 -69.92 -4.06 11.88
C SER F 503 -69.65 -2.71 11.24
N ASN F 504 -70.41 -1.70 11.65
CA ASN F 504 -70.20 -0.33 11.20
C ASN F 504 -69.48 0.53 12.22
N ASP F 505 -69.22 0.00 13.42
CA ASP F 505 -68.63 0.79 14.49
C ASP F 505 -67.36 0.16 15.04
N GLY F 506 -66.56 -0.44 14.15
CA GLY F 506 -65.28 -0.97 14.57
C GLY F 506 -65.34 -2.20 15.46
N GLY F 507 -66.37 -3.03 15.31
CA GLY F 507 -66.43 -4.28 16.03
C GLY F 507 -67.08 -4.23 17.39
N VAL F 508 -67.67 -3.08 17.78
CA VAL F 508 -68.44 -3.05 19.02
C VAL F 508 -69.75 -3.77 18.84
N ASN F 509 -70.43 -3.53 17.72
CA ASN F 509 -71.72 -4.13 17.41
C ASN F 509 -71.68 -4.78 16.04
N TRP F 510 -72.25 -5.98 15.93
CA TRP F 510 -72.30 -6.72 14.69
C TRP F 510 -73.75 -6.91 14.27
N TYR F 511 -73.94 -7.13 12.98
CA TYR F 511 -75.25 -7.51 12.46
C TYR F 511 -75.05 -8.55 11.36
N MSE F 512 -76.11 -9.31 11.10
CA MSE F 512 -76.06 -10.34 10.06
C MSE F 512 -76.75 -9.87 8.80
O MSE F 512 -77.88 -9.40 8.84
CB MSE F 512 -76.73 -11.62 10.55
CG MSE F 512 -76.11 -12.23 11.77
SE MSE F 512 -77.05 -13.88 12.25
CE MSE F 512 -78.85 -13.17 12.43
N PRO F 513 -76.07 -10.01 7.65
CA PRO F 513 -76.70 -9.61 6.38
C PRO F 513 -77.79 -10.58 5.94
N ASN F 514 -78.43 -10.26 4.82
CA ASN F 514 -79.63 -10.94 4.38
C ASN F 514 -79.36 -12.30 3.73
N SER F 515 -78.17 -12.51 3.17
CA SER F 515 -77.94 -13.74 2.41
C SER F 515 -76.48 -14.13 2.49
N GLU F 516 -76.20 -15.32 1.97
CA GLU F 516 -74.87 -15.92 1.96
C GLU F 516 -74.61 -16.53 0.59
N PRO F 517 -73.34 -16.73 0.23
CA PRO F 517 -73.02 -17.43 -1.03
C PRO F 517 -73.78 -18.74 -1.18
N SER F 518 -74.27 -18.98 -2.38
CA SER F 518 -75.02 -20.20 -2.69
C SER F 518 -74.78 -20.53 -4.15
N ASN F 519 -74.62 -21.82 -4.45
CA ASN F 519 -74.38 -22.28 -5.81
C ASN F 519 -75.61 -22.86 -6.48
N GLY F 520 -76.80 -22.61 -5.91
CA GLY F 520 -78.04 -23.08 -6.48
C GLY F 520 -78.54 -24.38 -5.87
N THR F 521 -77.63 -25.23 -5.37
CA THR F 521 -78.04 -26.44 -4.68
C THR F 521 -77.70 -26.45 -3.20
N LYS F 522 -76.76 -25.62 -2.74
CA LYS F 522 -76.43 -25.55 -1.33
CA LYS F 522 -76.46 -25.54 -1.32
C LYS F 522 -75.87 -24.18 -1.01
N THR F 523 -76.13 -23.72 0.21
CA THR F 523 -75.56 -22.50 0.75
C THR F 523 -74.28 -22.84 1.48
N THR F 524 -73.31 -21.93 1.44
CA THR F 524 -72.02 -22.22 2.06
C THR F 524 -72.17 -22.48 3.56
N VAL F 525 -71.36 -23.41 4.07
CA VAL F 525 -71.25 -23.58 5.52
C VAL F 525 -70.37 -22.52 6.16
N GLY F 526 -69.71 -21.68 5.34
CA GLY F 526 -68.93 -20.57 5.85
C GLY F 526 -67.43 -20.83 5.88
N HIS F 527 -66.77 -20.28 6.90
CA HIS F 527 -65.31 -20.35 7.04
C HIS F 527 -64.61 -19.86 5.79
N GLY F 528 -63.38 -20.33 5.53
CA GLY F 528 -62.59 -19.75 4.46
C GLY F 528 -61.99 -18.41 4.86
N GLN F 529 -61.87 -17.51 3.89
CA GLN F 529 -61.23 -16.22 4.11
C GLN F 529 -62.12 -15.10 3.58
N VAL F 530 -62.03 -13.93 4.22
CA VAL F 530 -62.79 -12.75 3.83
C VAL F 530 -61.83 -11.58 3.60
N ALA F 531 -62.14 -10.76 2.61
CA ALA F 531 -61.40 -9.53 2.34
C ALA F 531 -62.39 -8.41 2.06
N VAL F 532 -62.05 -7.21 2.52
CA VAL F 532 -62.92 -6.05 2.42
C VAL F 532 -62.22 -4.99 1.59
N SER F 533 -62.93 -4.45 0.60
CA SER F 533 -62.32 -3.46 -0.29
C SER F 533 -61.87 -2.24 0.50
N ALA F 534 -60.91 -1.50 -0.08
CA ALA F 534 -60.31 -0.36 0.60
C ALA F 534 -61.36 0.63 1.10
N SER F 535 -62.41 0.87 0.32
CA SER F 535 -63.41 1.86 0.68
C SER F 535 -64.60 1.28 1.42
N GLY F 536 -64.72 -0.04 1.50
CA GLY F 536 -65.88 -0.67 2.08
C GLY F 536 -67.02 -0.94 1.13
N ASN F 537 -66.86 -0.65 -0.17
CA ASN F 537 -67.96 -0.81 -1.11
C ASN F 537 -68.13 -2.25 -1.60
N SER F 538 -67.30 -3.18 -1.17
CA SER F 538 -67.48 -4.57 -1.58
C SER F 538 -66.82 -5.51 -0.59
N ILE F 539 -67.26 -6.76 -0.62
CA ILE F 539 -66.71 -7.83 0.20
C ILE F 539 -66.39 -9.01 -0.72
N LEU F 540 -65.25 -9.64 -0.49
CA LEU F 540 -64.86 -10.86 -1.17
C LEU F 540 -64.79 -11.98 -0.14
N TRP F 541 -65.45 -13.10 -0.44
CA TRP F 541 -65.53 -14.23 0.48
C TRP F 541 -65.08 -15.48 -0.27
N SER F 542 -63.89 -15.98 0.06
CA SER F 542 -63.43 -17.27 -0.45
C SER F 542 -63.93 -18.33 0.52
N THR F 543 -65.08 -18.92 0.22
CA THR F 543 -65.72 -19.83 1.15
C THR F 543 -64.91 -21.12 1.27
N SER F 544 -65.18 -21.86 2.34
CA SER F 544 -64.48 -23.12 2.55
C SER F 544 -64.98 -24.23 1.63
N ASP F 545 -66.18 -24.07 1.07
CA ASP F 545 -66.82 -25.22 0.42
C ASP F 545 -67.27 -24.98 -1.01
N ILE F 546 -67.71 -23.78 -1.37
CA ILE F 546 -68.27 -23.58 -2.69
C ILE F 546 -67.54 -22.48 -3.48
N GLY F 547 -66.30 -22.17 -3.11
CA GLY F 547 -65.50 -21.25 -3.91
C GLY F 547 -65.69 -19.79 -3.55
N VAL F 548 -65.28 -18.93 -4.47
CA VAL F 548 -65.11 -17.50 -4.20
C VAL F 548 -66.36 -16.74 -4.66
N TYR F 549 -66.88 -15.89 -3.77
CA TYR F 549 -68.04 -15.06 -4.04
C TYR F 549 -67.74 -13.64 -3.61
N TYR F 550 -68.41 -12.67 -4.24
CA TYR F 550 -68.26 -11.27 -3.87
C TYR F 550 -69.64 -10.64 -3.69
N SER F 551 -69.67 -9.54 -2.94
CA SER F 551 -70.90 -8.81 -2.69
C SER F 551 -70.64 -7.32 -2.86
N LYS F 552 -71.49 -6.65 -3.64
CA LYS F 552 -71.51 -5.20 -3.72
C LYS F 552 -72.64 -4.59 -2.91
N THR F 553 -73.34 -5.40 -2.12
CA THR F 553 -74.52 -4.97 -1.39
C THR F 553 -74.38 -5.21 0.11
N SER F 554 -73.14 -5.22 0.60
CA SER F 554 -72.86 -5.37 2.02
C SER F 554 -73.45 -6.68 2.55
N GLY F 555 -73.38 -7.73 1.73
CA GLY F 555 -73.82 -9.05 2.13
C GLY F 555 -75.28 -9.36 1.90
N ASN F 556 -76.05 -8.42 1.31
CA ASN F 556 -77.43 -8.70 1.02
C ASN F 556 -77.61 -9.55 -0.24
N SER F 557 -76.56 -9.72 -1.03
CA SER F 557 -76.58 -10.58 -2.19
C SER F 557 -75.15 -10.98 -2.50
N TRP F 558 -74.98 -12.14 -3.12
CA TRP F 558 -73.66 -12.67 -3.42
C TRP F 558 -73.64 -13.23 -4.83
N THR F 559 -72.53 -13.02 -5.53
CA THR F 559 -72.33 -13.52 -6.89
C THR F 559 -70.99 -14.23 -6.97
N ALA F 560 -70.97 -15.37 -7.68
CA ALA F 560 -69.76 -16.15 -7.81
C ALA F 560 -68.72 -15.39 -8.62
N SER F 561 -67.49 -15.33 -8.10
CA SER F 561 -66.39 -14.76 -8.87
C SER F 561 -65.98 -15.70 -9.99
N ALA F 562 -65.26 -15.15 -10.96
CA ALA F 562 -64.75 -15.93 -12.08
C ALA F 562 -63.23 -15.86 -12.09
N GLY F 563 -62.60 -16.97 -12.49
CA GLY F 563 -61.17 -17.00 -12.70
C GLY F 563 -60.32 -17.27 -11.47
N LEU F 564 -60.93 -17.41 -10.30
CA LEU F 564 -60.17 -17.69 -9.08
C LEU F 564 -60.61 -19.04 -8.52
N PRO F 565 -59.72 -20.02 -8.43
CA PRO F 565 -60.14 -21.36 -8.00
C PRO F 565 -60.63 -21.40 -6.56
N ALA F 566 -61.57 -22.31 -6.31
CA ALA F 566 -62.08 -22.52 -4.97
C ALA F 566 -60.94 -22.87 -4.01
N GLY F 567 -60.99 -22.31 -2.80
CA GLY F 567 -59.94 -22.50 -1.83
C GLY F 567 -58.81 -21.49 -1.90
N ALA F 568 -58.90 -20.51 -2.80
CA ALA F 568 -57.84 -19.52 -2.92
C ALA F 568 -57.75 -18.66 -1.67
N LYS F 569 -56.52 -18.27 -1.33
CA LYS F 569 -56.30 -17.19 -0.39
C LYS F 569 -56.53 -15.86 -1.10
N ILE F 570 -57.07 -14.88 -0.36
CA ILE F 570 -57.46 -13.61 -0.94
C ILE F 570 -56.97 -12.47 -0.07
N ALA F 571 -56.83 -11.30 -0.69
CA ALA F 571 -56.43 -10.08 0.00
C ALA F 571 -56.91 -8.90 -0.82
N SER F 572 -57.29 -7.83 -0.14
CA SER F 572 -57.72 -6.61 -0.80
C SER F 572 -56.57 -5.61 -0.85
N ASP F 573 -56.51 -4.87 -1.95
CA ASP F 573 -55.66 -3.68 -1.96
C ASP F 573 -56.19 -2.70 -0.92
N ARG F 574 -55.28 -2.06 -0.19
CA ARG F 574 -55.69 -1.17 0.88
C ARG F 574 -55.93 0.27 0.41
N VAL F 575 -55.76 0.54 -0.88
CA VAL F 575 -55.98 1.87 -1.44
C VAL F 575 -57.02 1.84 -2.56
N ASN F 576 -56.85 0.93 -3.52
CA ASN F 576 -57.73 0.87 -4.69
C ASN F 576 -58.89 -0.08 -4.41
N PRO F 577 -60.13 0.39 -4.29
CA PRO F 577 -61.24 -0.51 -3.94
C PRO F 577 -61.61 -1.48 -5.06
N ASN F 578 -61.17 -1.23 -6.30
CA ASN F 578 -61.42 -2.16 -7.39
C ASN F 578 -60.48 -3.36 -7.38
N LYS F 579 -59.45 -3.35 -6.54
CA LYS F 579 -58.32 -4.28 -6.66
C LYS F 579 -58.35 -5.31 -5.54
N TYR F 580 -58.41 -6.59 -5.92
CA TYR F 580 -58.21 -7.72 -5.02
C TYR F 580 -57.12 -8.61 -5.57
N TYR F 581 -56.49 -9.38 -4.67
CA TYR F 581 -55.46 -10.34 -5.04
C TYR F 581 -55.86 -11.73 -4.57
N GLY F 582 -55.43 -12.75 -5.33
CA GLY F 582 -55.71 -14.12 -4.97
C GLY F 582 -54.50 -15.00 -5.19
N PHE F 583 -54.49 -16.14 -4.51
CA PHE F 583 -53.39 -17.09 -4.64
C PHE F 583 -53.91 -18.50 -4.45
N TYR F 584 -53.53 -19.39 -5.37
CA TYR F 584 -53.91 -20.80 -5.23
C TYR F 584 -52.88 -21.68 -5.93
N ALA F 585 -52.34 -22.63 -5.17
CA ALA F 585 -51.49 -23.70 -5.70
C ALA F 585 -50.31 -23.15 -6.51
N GLY F 586 -49.73 -22.05 -6.05
CA GLY F 586 -48.56 -21.48 -6.68
C GLY F 586 -48.84 -20.36 -7.65
N THR F 587 -50.10 -20.15 -8.04
CA THR F 587 -50.44 -19.11 -9.01
C THR F 587 -51.02 -17.90 -8.29
N PHE F 588 -50.49 -16.73 -8.62
CA PHE F 588 -51.00 -15.47 -8.09
C PHE F 588 -52.00 -14.87 -9.08
N TYR F 589 -53.03 -14.22 -8.53
CA TYR F 589 -54.14 -13.69 -9.31
C TYR F 589 -54.42 -12.24 -8.93
N VAL F 590 -55.01 -11.49 -9.86
CA VAL F 590 -55.40 -10.11 -9.61
C VAL F 590 -56.79 -9.87 -10.19
N SER F 591 -57.58 -9.07 -9.48
CA SER F 591 -58.88 -8.60 -9.95
C SER F 591 -58.86 -7.07 -9.96
N VAL F 592 -59.35 -6.47 -11.04
CA VAL F 592 -59.48 -5.02 -11.09
C VAL F 592 -60.93 -4.59 -11.25
N ASP F 593 -61.88 -5.50 -11.08
CA ASP F 593 -63.30 -5.18 -11.16
C ASP F 593 -64.02 -5.52 -9.86
N GLY F 594 -63.34 -5.33 -8.73
CA GLY F 594 -63.99 -5.52 -7.44
C GLY F 594 -64.25 -6.95 -7.04
N GLY F 595 -63.46 -7.90 -7.56
CA GLY F 595 -63.61 -9.29 -7.21
C GLY F 595 -64.53 -10.08 -8.12
N ALA F 596 -65.08 -9.46 -9.18
CA ALA F 596 -65.95 -10.19 -10.08
C ALA F 596 -65.17 -11.19 -10.93
N THR F 597 -64.02 -10.77 -11.46
CA THR F 597 -63.20 -11.61 -12.32
C THR F 597 -61.74 -11.48 -11.91
N PHE F 598 -61.02 -12.61 -11.97
CA PHE F 598 -59.60 -12.66 -11.63
C PHE F 598 -58.82 -13.16 -12.84
N THR F 599 -57.57 -12.70 -12.94
CA THR F 599 -56.64 -13.14 -13.97
C THR F 599 -55.31 -13.52 -13.31
N ALA F 600 -54.72 -14.62 -13.76
CA ALA F 600 -53.42 -15.00 -13.26
C ALA F 600 -52.37 -13.99 -13.71
N THR F 601 -51.44 -13.69 -12.83
CA THR F 601 -50.25 -12.90 -13.17
C THR F 601 -49.08 -13.84 -13.45
N GLY F 602 -47.99 -13.26 -13.93
CA GLY F 602 -46.80 -14.04 -14.23
C GLY F 602 -45.89 -14.34 -13.05
N ALA F 603 -46.25 -13.93 -11.83
CA ALA F 603 -45.40 -14.17 -10.66
C ALA F 603 -45.03 -15.64 -10.56
N SER F 604 -43.74 -15.91 -10.45
CA SER F 604 -43.21 -17.26 -10.54
C SER F 604 -42.37 -17.59 -9.31
N GLY F 605 -42.14 -18.89 -9.10
CA GLY F 605 -41.36 -19.36 -7.98
C GLY F 605 -42.11 -19.46 -6.66
N PHE F 606 -43.41 -19.18 -6.66
CA PHE F 606 -44.19 -19.35 -5.43
C PHE F 606 -44.37 -20.84 -5.12
N PRO F 607 -44.46 -21.20 -3.85
CA PRO F 607 -44.73 -22.60 -3.50
C PRO F 607 -46.17 -22.97 -3.79
N THR F 608 -46.39 -24.24 -4.08
CA THR F 608 -47.77 -24.73 -4.18
C THR F 608 -48.29 -25.22 -2.85
N ASN F 609 -47.40 -25.64 -1.95
CA ASN F 609 -47.74 -26.28 -0.68
C ASN F 609 -48.60 -27.53 -0.88
N ASN F 610 -48.58 -28.09 -2.09
CA ASN F 610 -49.30 -29.32 -2.42
C ASN F 610 -48.48 -30.57 -2.13
N VAL F 611 -47.39 -30.46 -1.38
CA VAL F 611 -46.47 -31.58 -1.20
C VAL F 611 -47.11 -32.67 -0.36
N ALA F 612 -46.81 -33.92 -0.71
CA ALA F 612 -47.44 -35.06 -0.06
C ALA F 612 -47.08 -35.15 1.43
N GLY F 613 -45.81 -34.89 1.77
CA GLY F 613 -45.36 -35.16 3.13
C GLY F 613 -45.68 -34.13 4.18
N LEU F 614 -46.32 -33.02 3.83
CA LEU F 614 -46.48 -31.92 4.77
C LEU F 614 -47.55 -32.21 5.82
N GLN F 615 -47.24 -31.85 7.07
CA GLN F 615 -48.18 -31.97 8.18
C GLN F 615 -49.09 -30.74 8.23
N PRO F 616 -50.29 -30.88 8.81
CA PRO F 616 -51.29 -29.79 8.69
C PRO F 616 -50.82 -28.43 9.18
N ASN F 617 -49.92 -28.36 10.16
CA ASN F 617 -49.43 -27.08 10.66
C ASN F 617 -48.03 -26.75 10.14
N GLU F 618 -47.56 -27.44 9.11
CA GLU F 618 -46.16 -27.31 8.71
C GLU F 618 -45.92 -26.14 7.76
N ALA F 619 -46.87 -25.83 6.87
CA ALA F 619 -46.66 -24.83 5.83
C ALA F 619 -47.81 -23.82 5.84
N GLN F 620 -47.50 -22.60 5.39
CA GLN F 620 -48.43 -21.49 5.50
C GLN F 620 -48.31 -20.61 4.28
N ILE F 621 -49.36 -19.83 4.03
CA ILE F 621 -49.34 -18.72 3.08
C ILE F 621 -49.86 -17.49 3.79
N SER F 622 -49.08 -16.41 3.78
CA SER F 622 -49.45 -15.14 4.39
C SER F 622 -49.27 -14.03 3.35
N MSE F 623 -50.38 -13.42 2.93
CA MSE F 623 -50.33 -12.42 1.85
C MSE F 623 -51.18 -11.18 2.19
O MSE F 623 -52.38 -11.29 2.43
CB MSE F 623 -50.83 -13.05 0.54
CG MSE F 623 -51.19 -12.06 -0.57
SE MSE F 623 -52.05 -12.99 -2.06
CE MSE F 623 -53.75 -13.42 -1.22
N LYS F 624 -50.53 -10.02 2.21
CA LYS F 624 -51.17 -8.78 2.67
C LYS F 624 -50.71 -7.60 1.83
N ALA F 625 -51.67 -6.78 1.40
CA ALA F 625 -51.32 -5.50 0.78
C ALA F 625 -51.01 -4.47 1.86
N VAL F 626 -50.20 -3.48 1.51
CA VAL F 626 -49.67 -2.53 2.49
C VAL F 626 -50.62 -1.34 2.60
N PRO F 627 -51.01 -0.95 3.82
CA PRO F 627 -51.82 0.26 3.98
C PRO F 627 -51.13 1.47 3.36
N GLY F 628 -51.90 2.24 2.59
CA GLY F 628 -51.42 3.49 2.05
C GLY F 628 -50.68 3.41 0.73
N ILE F 629 -50.41 2.21 0.20
CA ILE F 629 -49.64 2.06 -1.04
C ILE F 629 -50.36 1.06 -1.95
N GLU F 630 -51.01 1.57 -2.99
CA GLU F 630 -51.64 0.69 -3.96
C GLU F 630 -50.61 -0.22 -4.61
N GLY F 631 -50.96 -1.49 -4.77
CA GLY F 631 -50.13 -2.44 -5.49
C GLY F 631 -48.92 -2.94 -4.74
N ASP F 632 -48.79 -2.60 -3.47
CA ASP F 632 -47.67 -3.04 -2.63
C ASP F 632 -48.12 -4.25 -1.82
N ILE F 633 -47.52 -5.41 -2.11
CA ILE F 633 -47.92 -6.68 -1.50
C ILE F 633 -46.69 -7.40 -0.99
N TRP F 634 -46.78 -7.94 0.23
CA TRP F 634 -45.79 -8.86 0.77
C TRP F 634 -46.41 -10.25 0.89
N PHE F 635 -45.58 -11.27 0.72
CA PHE F 635 -46.03 -12.66 0.62
C PHE F 635 -45.01 -13.52 1.34
N ALA F 636 -45.45 -14.28 2.32
CA ALA F 636 -44.57 -15.19 3.06
C ALA F 636 -45.17 -16.60 3.05
N GLY F 637 -44.30 -17.60 3.06
CA GLY F 637 -44.73 -18.97 3.22
C GLY F 637 -43.90 -19.92 2.38
N GLY F 638 -44.34 -21.17 2.34
CA GLY F 638 -43.64 -22.17 1.57
C GLY F 638 -43.19 -23.36 2.39
N ASN F 639 -42.30 -24.17 1.82
CA ASN F 639 -41.82 -25.37 2.48
C ASN F 639 -40.49 -25.76 1.85
N THR F 640 -39.72 -26.56 2.59
CA THR F 640 -38.40 -26.95 2.10
C THR F 640 -38.45 -28.10 1.11
N VAL F 641 -39.56 -28.83 1.04
CA VAL F 641 -39.64 -29.94 0.08
C VAL F 641 -39.66 -29.41 -1.35
N GLU F 642 -40.52 -28.43 -1.62
CA GLU F 642 -40.50 -27.75 -2.91
C GLU F 642 -39.28 -26.87 -3.06
N ASN F 643 -38.60 -26.54 -1.95
CA ASN F 643 -37.51 -25.59 -1.95
C ASN F 643 -37.97 -24.23 -2.47
N LYS F 644 -39.16 -23.82 -2.04
CA LYS F 644 -39.73 -22.50 -2.30
C LYS F 644 -40.29 -22.02 -0.97
N TYR F 645 -39.54 -21.16 -0.29
CA TYR F 645 -39.81 -20.84 1.11
C TYR F 645 -39.16 -19.50 1.41
N GLY F 646 -39.92 -18.55 1.91
CA GLY F 646 -39.32 -17.28 2.27
C GLY F 646 -40.32 -16.14 2.20
N LEU F 647 -39.81 -14.97 1.84
CA LEU F 647 -40.58 -13.73 1.87
C LEU F 647 -40.40 -13.00 0.54
N TRP F 648 -41.51 -12.65 -0.10
CA TRP F 648 -41.51 -11.99 -1.39
C TRP F 648 -42.12 -10.60 -1.27
N HIS F 649 -41.75 -9.71 -2.19
CA HIS F 649 -42.28 -8.36 -2.21
C HIS F 649 -42.61 -7.94 -3.63
N SER F 650 -43.81 -7.41 -3.83
CA SER F 650 -44.23 -6.87 -5.10
C SER F 650 -44.64 -5.41 -4.92
N THR F 651 -44.32 -4.58 -5.90
CA THR F 651 -44.80 -3.20 -5.92
C THR F 651 -45.59 -2.88 -7.18
N ASN F 652 -45.96 -3.90 -7.96
CA ASN F 652 -46.70 -3.70 -9.20
C ASN F 652 -47.98 -4.52 -9.21
N SER F 653 -48.66 -4.57 -8.07
CA SER F 653 -49.96 -5.25 -7.93
C SER F 653 -49.84 -6.75 -8.28
N GLY F 654 -48.73 -7.36 -7.89
CA GLY F 654 -48.56 -8.79 -8.04
C GLY F 654 -48.10 -9.25 -9.41
N ALA F 655 -47.79 -8.35 -10.34
CA ALA F 655 -47.30 -8.78 -11.64
C ALA F 655 -45.98 -9.53 -11.49
N SER F 656 -45.13 -9.10 -10.56
CA SER F 656 -43.87 -9.76 -10.29
C SER F 656 -43.47 -9.48 -8.85
N PHE F 657 -42.74 -10.42 -8.26
CA PHE F 657 -42.28 -10.34 -6.88
C PHE F 657 -40.77 -10.52 -6.85
N THR F 658 -40.12 -9.85 -5.90
CA THR F 658 -38.72 -10.10 -5.58
C THR F 658 -38.68 -10.98 -4.33
N LYS F 659 -38.01 -12.12 -4.43
CA LYS F 659 -37.79 -12.96 -3.26
C LYS F 659 -36.58 -12.42 -2.49
N LEU F 660 -36.79 -12.03 -1.24
CA LEU F 660 -35.72 -11.47 -0.44
C LEU F 660 -34.67 -12.54 -0.18
N THR F 661 -33.43 -12.26 -0.60
CA THR F 661 -32.36 -13.26 -0.50
C THR F 661 -31.84 -13.43 0.92
N ASN F 662 -32.20 -12.57 1.86
CA ASN F 662 -31.69 -12.65 3.21
C ASN F 662 -32.67 -13.30 4.19
N VAL F 663 -33.75 -13.91 3.69
CA VAL F 663 -34.74 -14.58 4.51
C VAL F 663 -34.83 -16.03 4.04
N GLU F 664 -34.30 -16.96 4.85
CA GLU F 664 -34.20 -18.35 4.40
C GLU F 664 -35.55 -19.05 4.41
N GLU F 665 -36.33 -18.84 5.47
CA GLU F 665 -37.71 -19.30 5.57
C GLU F 665 -38.54 -18.19 6.18
N ALA F 666 -39.81 -18.10 5.76
CA ALA F 666 -40.75 -17.18 6.37
C ALA F 666 -42.15 -17.75 6.24
N ASP F 667 -43.00 -17.45 7.22
CA ASP F 667 -44.33 -18.04 7.28
C ASP F 667 -45.45 -17.03 7.53
N LEU F 668 -45.15 -15.83 8.03
CA LEU F 668 -46.12 -14.79 8.28
C LEU F 668 -45.48 -13.44 8.01
N ILE F 669 -46.30 -12.47 7.61
CA ILE F 669 -45.85 -11.10 7.41
C ILE F 669 -46.93 -10.18 7.98
N GLY F 670 -46.49 -9.06 8.56
CA GLY F 670 -47.41 -8.06 9.08
C GLY F 670 -46.71 -6.72 9.18
N TYR F 671 -47.50 -5.67 9.40
CA TYR F 671 -47.01 -4.30 9.32
C TYR F 671 -47.33 -3.54 10.60
N GLY F 672 -46.46 -2.59 10.94
CA GLY F 672 -46.68 -1.69 12.07
C GLY F 672 -46.14 -0.31 11.76
N LYS F 673 -46.42 0.61 12.68
CA LYS F 673 -46.01 2.00 12.52
C LYS F 673 -44.53 2.11 12.17
N ALA F 674 -44.20 3.04 11.27
CA ALA F 674 -42.81 3.24 10.86
C ALA F 674 -41.95 3.68 12.04
N ALA F 675 -40.68 3.29 12.00
CA ALA F 675 -39.73 3.70 13.00
C ALA F 675 -39.45 5.20 12.88
N PRO F 676 -39.04 5.85 13.97
CA PRO F 676 -38.64 7.25 13.88
C PRO F 676 -37.57 7.45 12.81
N GLY F 677 -37.75 8.51 12.03
CA GLY F 677 -36.88 8.79 10.90
C GLY F 677 -37.20 8.03 9.63
N GLN F 678 -38.11 7.06 9.67
CA GLN F 678 -38.45 6.24 8.52
C GLN F 678 -39.85 6.57 8.02
N THR F 679 -40.07 6.33 6.72
CA THR F 679 -41.36 6.52 6.10
C THR F 679 -42.12 5.22 5.87
N TYR F 680 -41.42 4.14 5.52
CA TYR F 680 -42.06 2.87 5.28
C TYR F 680 -42.39 2.19 6.60
N MSE F 681 -43.54 1.51 6.63
CA MSE F 681 -43.98 0.80 7.83
C MSE F 681 -42.98 -0.28 8.22
O MSE F 681 -42.27 -0.81 7.38
CB MSE F 681 -45.36 0.18 7.62
CG MSE F 681 -46.48 1.20 7.40
SE MSE F 681 -48.21 0.32 7.15
CE MSE F 681 -48.64 -0.05 9.01
N SER F 682 -42.90 -0.58 9.52
CA SER F 682 -42.08 -1.68 9.98
C SER F 682 -42.69 -3.01 9.58
N LEU F 683 -41.83 -3.97 9.28
CA LEU F 683 -42.24 -5.31 8.90
C LEU F 683 -42.06 -6.25 10.08
N TYR F 684 -43.06 -7.07 10.36
CA TYR F 684 -43.00 -8.10 11.39
C TYR F 684 -43.20 -9.45 10.71
N THR F 685 -42.32 -10.39 11.00
CA THR F 685 -42.35 -11.68 10.33
C THR F 685 -42.04 -12.80 11.31
N VAL F 686 -42.60 -13.97 11.01
CA VAL F 686 -42.20 -15.23 11.62
C VAL F 686 -41.33 -15.95 10.59
N ALA F 687 -40.08 -16.22 10.95
CA ALA F 687 -39.09 -16.55 9.92
C ALA F 687 -37.91 -17.28 10.52
N LYS F 688 -37.11 -17.86 9.64
CA LYS F 688 -35.76 -18.32 9.96
C LYS F 688 -34.81 -17.41 9.20
N ILE F 689 -34.07 -16.58 9.94
CA ILE F 689 -33.23 -15.54 9.35
C ILE F 689 -31.84 -15.67 9.93
N ASP F 690 -30.84 -15.84 9.05
CA ASP F 690 -29.44 -16.02 9.46
C ASP F 690 -29.29 -17.12 10.50
N GLY F 691 -29.98 -18.23 10.28
CA GLY F 691 -29.81 -19.42 11.07
C GLY F 691 -30.65 -19.54 12.32
N VAL F 692 -31.47 -18.54 12.67
CA VAL F 692 -32.22 -18.58 13.92
C VAL F 692 -33.70 -18.43 13.63
N ARG F 693 -34.49 -19.27 14.30
CA ARG F 693 -35.94 -19.21 14.20
C ARG F 693 -36.49 -18.26 15.24
N GLY F 694 -37.44 -17.42 14.84
CA GLY F 694 -38.09 -16.55 15.80
C GLY F 694 -39.00 -15.53 15.12
N VAL F 695 -39.22 -14.43 15.83
CA VAL F 695 -40.02 -13.31 15.36
C VAL F 695 -39.08 -12.14 15.11
N PHE F 696 -39.19 -11.53 13.93
CA PHE F 696 -38.24 -10.53 13.50
C PHE F 696 -38.95 -9.24 13.10
N ARG F 697 -38.24 -8.13 13.26
CA ARG F 697 -38.71 -6.82 12.85
C ARG F 697 -37.68 -6.20 11.91
N SER F 698 -38.17 -5.55 10.86
CA SER F 698 -37.32 -4.81 9.94
C SER F 698 -37.82 -3.37 9.84
N ASP F 699 -36.91 -2.41 10.04
CA ASP F 699 -37.25 -1.01 9.92
C ASP F 699 -36.71 -0.39 8.63
N ASP F 700 -36.30 -1.21 7.67
CA ASP F 700 -35.71 -0.72 6.43
C ASP F 700 -36.16 -1.56 5.24
N VAL F 701 -37.46 -1.84 5.17
CA VAL F 701 -38.09 -2.52 4.04
C VAL F 701 -37.42 -3.87 3.80
N GLY F 702 -37.02 -4.55 4.87
CA GLY F 702 -36.51 -5.90 4.75
C GLY F 702 -35.02 -6.02 4.49
N ALA F 703 -34.29 -4.90 4.47
CA ALA F 703 -32.84 -4.99 4.25
C ALA F 703 -32.15 -5.66 5.41
N THR F 704 -32.56 -5.35 6.65
CA THR F 704 -32.01 -5.99 7.83
C THR F 704 -33.14 -6.35 8.77
N TRP F 705 -32.89 -7.35 9.61
CA TRP F 705 -33.89 -7.90 10.53
C TRP F 705 -33.29 -8.07 11.91
N VAL F 706 -34.08 -7.77 12.95
CA VAL F 706 -33.67 -8.00 14.32
C VAL F 706 -34.69 -8.93 14.96
N ARG F 707 -34.20 -9.94 15.69
CA ARG F 707 -35.09 -10.83 16.41
C ARG F 707 -35.67 -10.11 17.61
N ILE F 708 -37.00 -10.12 17.75
CA ILE F 708 -37.65 -9.43 18.85
C ILE F 708 -38.28 -10.39 19.86
N ASN F 709 -38.29 -11.69 19.61
CA ASN F 709 -38.59 -12.64 20.66
C ASN F 709 -37.27 -13.23 21.14
N ASP F 710 -37.34 -14.24 22.01
CA ASP F 710 -36.14 -14.89 22.51
C ASP F 710 -36.48 -16.34 22.83
N ASP F 711 -35.48 -17.09 23.27
CA ASP F 711 -35.65 -18.54 23.45
C ASP F 711 -36.60 -18.89 24.60
N ALA F 712 -36.92 -17.94 25.48
CA ALA F 712 -37.91 -18.19 26.53
C ALA F 712 -39.33 -17.81 26.11
N HIS F 713 -39.51 -17.21 24.92
CA HIS F 713 -40.83 -16.74 24.48
C HIS F 713 -40.99 -17.14 23.01
N GLN F 714 -41.23 -18.42 22.77
CA GLN F 714 -41.30 -18.95 21.41
C GLN F 714 -42.69 -19.43 21.00
N TYR F 715 -43.43 -20.10 21.90
CA TYR F 715 -44.86 -20.40 21.73
C TYR F 715 -45.11 -21.41 20.61
N ALA F 716 -44.17 -22.31 20.39
CA ALA F 716 -44.36 -23.51 19.54
C ALA F 716 -44.58 -23.05 18.09
N LYS F 717 -45.54 -23.63 17.36
CA LYS F 717 -45.68 -23.37 15.92
C LYS F 717 -46.47 -22.09 15.69
N ILE F 718 -45.75 -20.97 15.60
CA ILE F 718 -46.37 -19.65 15.53
C ILE F 718 -46.55 -19.22 14.08
N ASN F 719 -47.29 -20.02 13.31
CA ASN F 719 -47.60 -19.67 11.93
C ASN F 719 -49.06 -19.28 11.78
N MSE F 720 -49.65 -18.69 12.83
CA MSE F 720 -51.08 -18.45 12.85
C MSE F 720 -51.45 -17.02 12.41
O MSE F 720 -52.28 -16.86 11.53
CB MSE F 720 -51.62 -18.73 14.26
CG MSE F 720 -51.40 -20.18 14.69
SE MSE F 720 -52.41 -21.45 13.60
CE MSE F 720 -54.09 -21.37 14.60
N ALA F 721 -50.82 -16.01 13.01
CA ALA F 721 -51.17 -14.63 12.68
C ALA F 721 -50.14 -13.70 13.30
N ILE F 722 -49.89 -12.58 12.63
CA ILE F 722 -49.00 -11.54 13.15
C ILE F 722 -49.42 -10.21 12.56
N THR F 723 -49.32 -9.16 13.38
CA THR F 723 -49.48 -7.81 12.88
C THR F 723 -48.79 -6.86 13.85
N GLY F 724 -48.27 -5.78 13.31
CA GLY F 724 -47.84 -4.67 14.11
C GLY F 724 -49.02 -3.77 14.43
N ASP F 725 -48.71 -2.61 15.00
CA ASP F 725 -49.70 -1.62 15.40
C ASP F 725 -49.45 -0.35 14.62
N PRO F 726 -50.40 0.14 13.82
CA PRO F 726 -50.15 1.34 13.01
C PRO F 726 -50.05 2.62 13.83
N ARG F 727 -50.36 2.57 15.12
CA ARG F 727 -50.25 3.74 15.99
C ARG F 727 -49.10 3.68 16.97
N ILE F 728 -48.44 2.52 17.13
CA ILE F 728 -47.40 2.33 18.14
C ILE F 728 -46.21 1.64 17.47
N TYR F 729 -45.11 2.38 17.28
CA TYR F 729 -43.92 1.77 16.72
C TYR F 729 -43.37 0.69 17.65
N GLY F 730 -42.91 -0.41 17.07
CA GLY F 730 -42.31 -1.49 17.83
C GLY F 730 -43.29 -2.50 18.36
N ARG F 731 -44.56 -2.16 18.49
CA ARG F 731 -45.56 -3.06 19.04
C ARG F 731 -45.85 -4.19 18.06
N VAL F 732 -45.88 -5.43 18.57
CA VAL F 732 -46.24 -6.59 17.77
C VAL F 732 -47.33 -7.36 18.49
N TYR F 733 -48.29 -7.89 17.72
CA TYR F 733 -49.29 -8.83 18.21
C TYR F 733 -49.06 -10.16 17.52
N LEU F 734 -48.88 -11.22 18.31
CA LEU F 734 -48.50 -12.53 17.81
C LEU F 734 -49.57 -13.54 18.16
N GLY F 735 -50.16 -14.16 17.14
CA GLY F 735 -51.05 -15.27 17.37
C GLY F 735 -50.29 -16.57 17.58
N THR F 736 -50.97 -17.53 18.22
CA THR F 736 -50.39 -18.85 18.46
C THR F 736 -51.48 -19.89 18.22
N ASN F 737 -51.07 -21.15 18.33
CA ASN F 737 -51.99 -22.28 18.23
C ASN F 737 -51.98 -23.01 19.58
N GLY F 738 -52.58 -22.38 20.58
CA GLY F 738 -52.68 -22.99 21.90
C GLY F 738 -52.18 -22.13 23.05
N ARG F 739 -51.60 -20.96 22.75
CA ARG F 739 -51.16 -20.03 23.79
C ARG F 739 -51.80 -18.66 23.65
N GLY F 740 -52.93 -18.57 22.95
CA GLY F 740 -53.63 -17.30 22.81
C GLY F 740 -52.85 -16.29 22.00
N THR F 741 -53.06 -15.01 22.33
CA THR F 741 -52.40 -13.90 21.66
C THR F 741 -51.43 -13.20 22.60
N LEU F 742 -50.24 -12.91 22.09
CA LEU F 742 -49.24 -12.14 22.81
C LEU F 742 -49.15 -10.74 22.23
N TYR F 743 -48.79 -9.77 23.06
CA TYR F 743 -48.33 -8.48 22.57
C TYR F 743 -47.01 -8.14 23.24
N ALA F 744 -46.15 -7.45 22.49
CA ALA F 744 -44.79 -7.19 22.96
C ALA F 744 -44.31 -5.83 22.46
N ASP F 745 -43.51 -5.18 23.29
CA ASP F 745 -42.88 -3.89 23.04
C ASP F 745 -41.40 -4.01 23.35
N PRO F 746 -40.57 -3.16 22.76
CA PRO F 746 -39.16 -3.10 23.19
C PRO F 746 -39.08 -2.75 24.67
N VAL F 747 -38.02 -3.22 25.32
CA VAL F 747 -37.78 -2.86 26.72
C VAL F 747 -37.36 -1.39 26.78
N GLY G 1 -17.61 30.52 23.80
CA GLY G 1 -16.75 30.55 24.98
C GLY G 1 -16.60 29.20 25.64
N MSE G 2 -15.44 28.57 25.45
CA MSE G 2 -15.19 27.25 26.01
C MSE G 2 -13.97 27.24 26.92
O MSE G 2 -13.06 28.05 26.75
CB MSE G 2 -14.99 26.24 24.88
CG MSE G 2 -16.25 25.89 24.11
SE MSE G 2 -15.82 24.84 22.53
CE MSE G 2 -14.41 25.95 21.77
N SER G 3 -13.97 26.33 27.88
CA SER G 3 -12.81 26.15 28.76
C SER G 3 -12.59 24.66 29.00
N GLU G 4 -11.36 24.35 29.42
CA GLU G 4 -10.95 22.99 29.71
C GLU G 4 -10.22 23.03 31.05
N PRO G 5 -10.60 22.19 32.03
CA PRO G 5 -9.94 22.26 33.33
C PRO G 5 -8.49 21.78 33.24
N TYR G 6 -7.59 22.60 33.77
CA TYR G 6 -6.15 22.34 33.77
C TYR G 6 -5.64 22.34 35.21
N THR G 7 -4.51 21.67 35.41
CA THR G 7 -3.78 21.72 36.68
C THR G 7 -2.56 22.61 36.51
N TRP G 8 -2.52 23.70 37.26
CA TRP G 8 -1.47 24.71 37.16
C TRP G 8 -0.47 24.54 38.30
N LYS G 9 0.80 24.40 37.95
CA LYS G 9 1.86 24.24 38.93
C LYS G 9 3.00 25.20 38.61
N SER G 10 3.74 25.59 39.65
CA SER G 10 4.94 26.37 39.46
C SER G 10 6.10 25.49 39.03
N VAL G 11 6.91 25.99 38.09
CA VAL G 11 8.24 25.45 37.88
C VAL G 11 9.11 25.87 39.06
N VAL G 12 9.70 24.90 39.76
CA VAL G 12 10.29 25.17 41.07
C VAL G 12 11.70 25.74 40.89
N THR G 13 11.96 26.90 41.52
CA THR G 13 13.31 27.42 41.64
C THR G 13 13.87 27.32 43.05
N GLY G 14 13.02 27.04 44.04
CA GLY G 14 13.44 26.81 45.41
C GLY G 14 13.66 28.07 46.22
N ALA G 15 14.24 29.09 45.60
CA ALA G 15 14.56 30.33 46.30
C ALA G 15 13.58 31.45 46.04
N GLY G 16 12.79 31.39 44.97
CA GLY G 16 11.92 32.49 44.63
C GLY G 16 12.52 33.39 43.59
N GLY G 17 13.74 33.88 43.85
CA GLY G 17 14.49 34.62 42.85
C GLY G 17 14.21 36.10 42.77
N GLY G 18 13.36 36.64 43.66
CA GLY G 18 13.05 38.06 43.65
C GLY G 18 13.11 38.66 45.04
N PHE G 19 12.80 39.96 45.10
CA PHE G 19 12.91 40.74 46.31
C PHE G 19 11.67 40.58 47.19
N VAL G 20 11.87 40.24 48.45
CA VAL G 20 10.77 40.18 49.41
C VAL G 20 10.93 41.34 50.40
N PRO G 21 10.34 42.50 50.12
CA PRO G 21 10.62 43.67 50.97
C PRO G 21 9.97 43.62 52.34
N GLY G 22 9.00 42.74 52.54
CA GLY G 22 8.30 42.70 53.81
C GLY G 22 7.82 41.33 54.21
N ILE G 23 8.04 41.00 55.48
CA ILE G 23 7.49 39.80 56.12
C ILE G 23 6.77 40.27 57.37
N ILE G 24 5.54 39.80 57.55
CA ILE G 24 4.64 40.36 58.56
C ILE G 24 4.08 39.22 59.41
N PHE G 25 4.43 39.20 60.69
CA PHE G 25 3.91 38.23 61.64
C PHE G 25 2.64 38.78 62.29
N ASN G 26 1.61 37.96 62.37
CA ASN G 26 0.47 38.32 63.19
C ASN G 26 0.87 38.34 64.66
N GLN G 27 0.38 39.33 65.39
CA GLN G 27 0.80 39.53 66.78
C GLN G 27 -0.02 38.72 67.77
N THR G 28 -1.07 38.03 67.32
CA THR G 28 -1.94 37.29 68.21
C THR G 28 -1.93 35.79 67.97
N GLU G 29 -1.88 35.35 66.71
CA GLU G 29 -1.99 33.92 66.42
C GLU G 29 -0.64 33.37 66.02
N PRO G 30 -0.08 32.41 66.78
CA PRO G 30 1.21 31.83 66.39
C PRO G 30 1.17 31.22 65.00
N ASN G 31 2.27 31.40 64.27
CA ASN G 31 2.54 30.79 62.96
C ASN G 31 1.71 31.40 61.83
N LEU G 32 1.04 32.51 62.07
CA LEU G 32 0.35 33.25 61.00
C LEU G 32 1.31 34.31 60.49
N ILE G 33 1.84 34.10 59.29
CA ILE G 33 2.84 34.96 58.67
C ILE G 33 2.44 35.24 57.24
N TYR G 34 2.69 36.47 56.79
CA TYR G 34 2.52 36.87 55.40
C TYR G 34 3.82 37.42 54.85
N ALA G 35 4.00 37.32 53.54
CA ALA G 35 5.12 37.96 52.85
C ALA G 35 4.58 38.75 51.68
N ARG G 36 5.10 39.96 51.49
CA ARG G 36 4.72 40.80 50.36
C ARG G 36 5.91 40.99 49.43
N THR G 37 5.63 41.06 48.13
CA THR G 37 6.66 41.26 47.12
C THR G 37 6.37 42.53 46.34
N ASP G 38 7.34 42.95 45.52
CA ASP G 38 7.20 44.21 44.81
C ASP G 38 6.51 44.07 43.45
N ILE G 39 6.55 42.90 42.81
CA ILE G 39 5.91 42.73 41.51
C ILE G 39 5.14 41.42 41.43
N GLY G 40 5.16 40.64 42.51
CA GLY G 40 4.59 39.31 42.45
C GLY G 40 3.56 38.95 43.49
N GLY G 41 2.81 39.94 43.98
CA GLY G 41 1.73 39.66 44.92
C GLY G 41 2.25 39.33 46.32
N ALA G 42 1.44 38.59 47.07
CA ALA G 42 1.76 38.25 48.44
C ALA G 42 1.53 36.75 48.67
N TYR G 43 2.00 36.28 49.83
CA TYR G 43 1.92 34.88 50.21
C TYR G 43 1.51 34.77 51.68
N ARG G 44 0.90 33.63 52.02
CA ARG G 44 0.62 33.27 53.40
C ARG G 44 1.40 32.00 53.74
N TRP G 45 1.99 31.97 54.92
CA TRP G 45 2.79 30.83 55.36
C TRP G 45 1.90 29.67 55.75
N ASN G 46 2.31 28.46 55.37
CA ASN G 46 1.65 27.23 55.78
C ASN G 46 2.58 26.51 56.75
N GLN G 47 2.23 26.54 58.05
CA GLN G 47 3.11 26.01 59.07
C GLN G 47 3.25 24.48 58.97
N ALA G 48 2.23 23.79 58.47
CA ALA G 48 2.28 22.34 58.41
C ALA G 48 3.21 21.83 57.31
N THR G 49 3.53 22.66 56.32
CA THR G 49 4.42 22.26 55.24
C THR G 49 5.66 23.11 55.12
N SER G 50 5.84 24.11 55.98
CA SER G 50 6.97 25.03 55.93
C SER G 50 7.12 25.61 54.52
N SER G 51 6.01 26.09 53.97
CA SER G 51 6.02 26.63 52.61
C SER G 51 5.03 27.78 52.54
N TRP G 52 5.07 28.51 51.43
CA TRP G 52 4.26 29.70 51.23
C TRP G 52 3.19 29.42 50.20
N VAL G 53 2.00 29.99 50.41
CA VAL G 53 0.87 29.87 49.51
C VAL G 53 0.56 31.25 48.96
N SER G 54 0.47 31.38 47.63
CA SER G 54 0.14 32.67 47.04
C SER G 54 -1.31 33.04 47.33
N ILE G 55 -1.52 34.31 47.67
CA ILE G 55 -2.87 34.81 47.87
C ILE G 55 -3.17 35.86 46.82
N SER G 56 -2.52 35.75 45.64
CA SER G 56 -2.58 36.78 44.62
C SER G 56 -2.84 36.26 43.21
N ASP G 57 -3.02 34.96 43.01
CA ASP G 57 -3.06 34.45 41.64
C ASP G 57 -4.38 34.74 40.94
N SER G 58 -5.38 35.26 41.63
CA SER G 58 -6.59 35.74 40.96
C SER G 58 -6.39 37.09 40.30
N VAL G 59 -5.30 37.80 40.62
CA VAL G 59 -5.02 39.08 39.98
C VAL G 59 -4.77 38.83 38.50
N GLY G 60 -5.46 39.58 37.65
CA GLY G 60 -5.46 39.30 36.24
C GLY G 60 -4.94 40.42 35.34
N TRP G 61 -5.43 40.43 34.10
CA TRP G 61 -4.83 41.25 33.05
C TRP G 61 -5.07 42.74 33.29
N VAL G 62 -6.31 43.13 33.58
CA VAL G 62 -6.64 44.53 33.72
C VAL G 62 -6.16 45.08 35.06
N ASP G 63 -6.39 44.33 36.14
CA ASP G 63 -6.00 44.75 37.48
C ASP G 63 -4.61 44.25 37.86
N TRP G 64 -3.71 44.13 36.87
CA TRP G 64 -2.38 43.59 37.08
C TRP G 64 -1.61 44.33 38.16
N ASN G 65 -1.88 45.62 38.36
CA ASN G 65 -1.00 46.37 39.26
C ASN G 65 -1.20 45.97 40.71
N LYS G 66 -2.22 45.16 41.02
CA LYS G 66 -2.42 44.67 42.37
C LYS G 66 -1.29 43.76 42.85
N ASN G 67 -0.44 43.28 41.95
CA ASN G 67 0.66 42.42 42.40
C ASN G 67 1.85 43.22 42.93
N GLY G 68 1.79 44.55 42.88
CA GLY G 68 2.74 45.34 43.63
C GLY G 68 2.22 45.59 45.03
N VAL G 69 2.77 44.91 46.03
CA VAL G 69 2.22 44.96 47.39
C VAL G 69 3.14 45.86 48.21
N ASP G 70 2.77 47.14 48.28
CA ASP G 70 3.52 48.16 49.00
C ASP G 70 3.37 48.07 50.51
N ALA G 71 2.29 47.46 51.00
CA ALA G 71 2.07 47.35 52.44
C ALA G 71 1.05 46.25 52.70
N LEU G 72 1.11 45.69 53.91
CA LEU G 72 0.25 44.59 54.30
C LEU G 72 0.06 44.61 55.81
N ALA G 73 -1.18 44.42 56.24
CA ALA G 73 -1.54 44.40 57.66
C ALA G 73 -2.39 43.18 57.96
N THR G 74 -2.08 42.50 59.07
CA THR G 74 -2.82 41.31 59.50
C THR G 74 -3.44 41.58 60.87
N ASP G 75 -4.73 41.29 60.98
CA ASP G 75 -5.55 41.78 62.09
C ASP G 75 -5.25 41.03 63.38
N PRO G 76 -4.84 41.73 64.46
CA PRO G 76 -4.56 41.03 65.72
C PRO G 76 -5.79 40.69 66.52
N ILE G 77 -6.93 41.32 66.24
CA ILE G 77 -8.15 41.00 66.96
C ILE G 77 -8.92 39.88 66.27
N ASP G 78 -8.97 39.93 64.94
CA ASP G 78 -9.57 38.86 64.13
C ASP G 78 -8.54 38.42 63.10
N PRO G 79 -7.73 37.40 63.42
CA PRO G 79 -6.64 36.99 62.52
C PRO G 79 -7.12 36.48 61.16
N ASN G 80 -8.43 36.32 60.94
CA ASN G 80 -8.90 35.98 59.61
C ASN G 80 -8.77 37.14 58.64
N LYS G 81 -8.66 38.36 59.14
CA LYS G 81 -8.66 39.55 58.30
C LYS G 81 -7.24 39.95 57.93
N VAL G 82 -7.06 40.32 56.66
CA VAL G 82 -5.78 40.81 56.17
C VAL G 82 -6.05 41.86 55.12
N TYR G 83 -5.20 42.88 55.07
CA TYR G 83 -5.36 44.00 54.16
C TYR G 83 -4.06 44.25 53.42
N MSE G 84 -4.18 44.79 52.21
CA MSE G 84 -3.00 45.16 51.45
C MSE G 84 -3.20 46.50 50.74
O MSE G 84 -4.29 46.80 50.25
CB MSE G 84 -2.66 44.09 50.39
CG MSE G 84 -2.57 42.66 50.94
SE MSE G 84 -1.89 41.43 49.59
CE MSE G 84 -3.26 41.61 48.24
N ALA G 85 -2.14 47.30 50.69
CA ALA G 85 -2.08 48.47 49.82
C ALA G 85 -1.30 48.06 48.57
N THR G 86 -1.98 48.03 47.42
CA THR G 86 -1.38 47.51 46.20
C THR G 86 -1.45 48.55 45.08
N GLY G 87 -0.64 48.30 44.05
CA GLY G 87 -0.35 49.28 43.02
C GLY G 87 1.15 49.25 42.83
N THR G 88 1.63 49.33 41.59
CA THR G 88 3.04 49.01 41.35
C THR G 88 3.92 50.24 41.17
N TYR G 89 3.51 51.24 40.39
CA TYR G 89 4.34 52.43 40.17
C TYR G 89 3.55 53.69 40.47
N THR G 90 4.26 54.73 40.91
CA THR G 90 3.68 56.05 41.13
C THR G 90 4.02 57.05 40.03
N ASN G 91 4.71 56.63 38.98
CA ASN G 91 4.97 57.47 37.82
C ASN G 91 3.99 57.11 36.69
N HIS G 92 4.35 57.45 35.46
CA HIS G 92 3.46 57.24 34.33
C HIS G 92 3.39 55.78 33.87
N TRP G 93 4.06 54.85 34.55
CA TRP G 93 4.01 53.45 34.18
C TRP G 93 2.80 52.71 34.73
N ASP G 94 1.94 53.38 35.51
CA ASP G 94 0.88 52.70 36.23
C ASP G 94 -0.29 53.66 36.43
N ASN G 95 -1.43 53.10 36.80
CA ASN G 95 -2.61 53.88 37.18
C ASN G 95 -2.73 53.86 38.71
N ASN G 96 -3.85 54.38 39.21
CA ASN G 96 -4.09 54.48 40.65
C ASN G 96 -4.09 53.10 41.31
N GLY G 97 -3.77 53.10 42.60
CA GLY G 97 -3.76 51.89 43.39
C GLY G 97 -5.07 51.65 44.11
N GLN G 98 -5.01 50.80 45.13
CA GLN G 98 -6.22 50.40 45.84
C GLN G 98 -5.83 49.79 47.17
N ILE G 99 -6.79 49.77 48.09
CA ILE G 99 -6.70 48.99 49.32
C ILE G 99 -7.55 47.75 49.14
N MSE G 100 -6.95 46.58 49.38
CA MSE G 100 -7.66 45.32 49.27
C MSE G 100 -7.88 44.74 50.66
O MSE G 100 -7.04 44.89 51.54
CB MSE G 100 -6.90 44.34 48.37
CG MSE G 100 -6.73 44.85 46.95
SE MSE G 100 -5.48 43.78 45.91
CE MSE G 100 -6.57 42.17 45.76
N ARG G 101 -9.02 44.08 50.85
CA ARG G 101 -9.41 43.54 52.15
C ARG G 101 -9.89 42.11 52.00
N SER G 102 -9.54 41.26 52.96
CA SER G 102 -9.93 39.87 52.96
C SER G 102 -10.42 39.46 54.32
N ASN G 103 -11.47 38.63 54.34
CA ASN G 103 -12.02 38.04 55.56
C ASN G 103 -11.60 36.59 55.74
N ASP G 104 -10.80 36.05 54.82
CA ASP G 104 -10.44 34.64 54.85
C ASP G 104 -8.95 34.46 54.58
N ARG G 105 -8.14 35.36 55.12
CA ARG G 105 -6.68 35.22 55.12
C ARG G 105 -6.10 35.23 53.71
N GLY G 106 -6.76 35.94 52.79
CA GLY G 106 -6.26 36.10 51.44
C GLY G 106 -6.82 35.17 50.40
N ASN G 107 -7.74 34.26 50.78
CA ASN G 107 -8.35 33.39 49.79
C ASN G 107 -9.22 34.17 48.82
N THR G 108 -9.98 35.14 49.31
CA THR G 108 -10.80 36.02 48.49
C THR G 108 -10.59 37.47 48.93
N TRP G 109 -10.74 38.38 47.97
CA TRP G 109 -10.46 39.79 48.21
C TRP G 109 -11.62 40.65 47.74
N GLN G 110 -11.82 41.77 48.43
CA GLN G 110 -12.58 42.89 47.92
C GLN G 110 -11.62 44.07 47.80
N THR G 111 -11.92 45.01 46.91
CA THR G 111 -10.99 46.09 46.64
C THR G 111 -11.70 47.43 46.70
N THR G 112 -10.99 48.42 47.23
CA THR G 112 -11.44 49.81 47.23
C THR G 112 -10.41 50.66 46.50
N PRO G 113 -10.74 51.23 45.35
CA PRO G 113 -9.76 52.06 44.63
C PRO G 113 -9.39 53.30 45.43
N LEU G 114 -8.14 53.68 45.34
CA LEU G 114 -7.65 54.92 45.89
C LEU G 114 -7.55 55.98 44.81
N PRO G 115 -7.70 57.27 45.14
CA PRO G 115 -7.60 58.31 44.11
C PRO G 115 -6.15 58.72 43.84
N PHE G 116 -5.20 57.84 44.13
CA PHE G 116 -3.80 58.12 43.86
C PHE G 116 -3.06 56.81 43.69
N LYS G 117 -1.79 56.91 43.31
CA LYS G 117 -1.01 55.74 42.94
C LYS G 117 -0.26 55.17 44.14
N VAL G 118 -0.09 53.85 44.12
CA VAL G 118 0.64 53.11 45.13
C VAL G 118 1.90 52.55 44.48
N GLY G 119 2.95 52.37 45.29
CA GLY G 119 4.25 52.07 44.71
C GLY G 119 4.91 50.79 45.18
N GLY G 120 4.25 49.64 44.93
CA GLY G 120 4.82 48.37 45.31
C GLY G 120 6.23 48.12 44.77
N ASN G 121 6.56 48.68 43.60
CA ASN G 121 7.89 48.54 43.02
C ASN G 121 8.59 49.89 42.90
N MSE G 122 8.40 50.76 43.90
CA MSE G 122 9.05 52.08 43.94
C MSE G 122 10.17 52.10 44.99
O MSE G 122 10.23 51.19 45.81
CB MSE G 122 8.02 53.18 44.22
CG MSE G 122 6.99 53.41 43.13
SE MSE G 122 7.69 53.80 41.36
CE MSE G 122 8.41 55.59 41.66
N PRO G 123 11.02 53.12 44.98
CA PRO G 123 12.01 53.25 46.07
C PRO G 123 11.33 53.28 47.44
N GLY G 124 12.04 52.75 48.43
CA GLY G 124 11.54 52.79 49.79
C GLY G 124 10.52 51.73 50.13
N ARG G 125 10.30 50.76 49.24
CA ARG G 125 9.27 49.75 49.46
C ARG G 125 9.56 48.80 50.61
N SER G 126 10.80 48.76 51.13
CA SER G 126 11.08 47.94 52.31
C SER G 126 10.89 48.70 53.62
N ALA G 127 10.74 50.01 53.59
CA ALA G 127 10.32 50.72 54.80
C ALA G 127 8.86 50.37 55.10
N GLY G 128 8.54 50.24 56.37
CA GLY G 128 7.16 49.97 56.73
C GLY G 128 7.06 49.40 58.14
N GLU G 129 5.88 48.84 58.42
CA GLU G 129 4.77 48.76 57.48
C GLU G 129 4.01 50.07 57.42
N ARG G 130 3.51 50.42 56.24
CA ARG G 130 2.80 51.67 56.04
C ARG G 130 1.29 51.50 56.00
N LEU G 131 0.80 50.29 56.29
CA LEU G 131 -0.62 50.01 56.48
C LEU G 131 -0.75 49.25 57.79
N VAL G 132 -1.61 49.75 58.70
CA VAL G 132 -1.69 49.18 60.05
C VAL G 132 -3.15 49.18 60.53
N ILE G 133 -3.45 48.24 61.41
CA ILE G 133 -4.77 48.09 62.01
C ILE G 133 -4.65 48.50 63.47
N ASP G 134 -5.60 49.30 63.95
CA ASP G 134 -5.64 49.65 65.36
C ASP G 134 -5.78 48.38 66.19
N PRO G 135 -4.80 48.06 67.04
CA PRO G 135 -4.82 46.76 67.75
C PRO G 135 -5.85 46.67 68.86
N ASN G 136 -6.51 47.77 69.19
CA ASN G 136 -7.59 47.76 70.17
C ASN G 136 -8.96 47.99 69.54
N LYS G 137 -9.01 48.45 68.29
CA LYS G 137 -10.27 48.82 67.64
C LYS G 137 -10.06 48.57 66.15
N ASN G 138 -10.28 47.32 65.73
CA ASN G 138 -9.74 46.88 64.45
C ASN G 138 -10.55 47.35 63.25
N ASN G 139 -11.60 48.14 63.44
CA ASN G 139 -12.25 48.81 62.31
C ASN G 139 -11.49 50.06 61.87
N ILE G 140 -10.48 50.48 62.63
CA ILE G 140 -9.66 51.64 62.32
C ILE G 140 -8.37 51.16 61.67
N LEU G 141 -8.06 51.72 60.50
CA LEU G 141 -6.81 51.45 59.80
C LEU G 141 -6.20 52.76 59.34
N TYR G 142 -4.87 52.82 59.31
CA TYR G 142 -4.13 53.96 58.78
C TYR G 142 -3.23 53.50 57.63
N PHE G 143 -3.03 54.39 56.66
CA PHE G 143 -2.18 54.12 55.51
C PHE G 143 -1.32 55.35 55.24
N GLY G 144 0.01 55.16 55.24
CA GLY G 144 0.93 56.24 54.91
C GLY G 144 1.32 56.16 53.45
N ALA G 145 0.95 57.19 52.70
CA ALA G 145 0.97 57.17 51.25
C ALA G 145 2.21 57.85 50.67
N ARG G 146 2.40 57.68 49.37
CA ARG G 146 3.51 58.24 48.61
C ARG G 146 3.13 59.55 47.92
N SER G 147 4.15 60.21 47.36
CA SER G 147 4.00 61.28 46.38
C SER G 147 3.31 62.52 46.96
N GLY G 148 3.36 62.71 48.28
CA GLY G 148 2.71 63.86 48.87
C GLY G 148 1.26 63.65 49.27
N ASN G 149 0.73 62.43 49.12
CA ASN G 149 -0.65 62.19 49.50
C ASN G 149 -0.85 62.07 51.01
N GLY G 150 0.24 61.94 51.77
CA GLY G 150 0.14 62.09 53.21
C GLY G 150 -0.44 60.86 53.91
N LEU G 151 -1.18 61.11 54.99
CA LEU G 151 -1.74 60.07 55.83
C LEU G 151 -3.22 59.90 55.52
N TRP G 152 -3.64 58.65 55.37
CA TRP G 152 -5.03 58.30 55.06
C TRP G 152 -5.53 57.33 56.12
N LYS G 153 -6.84 57.30 56.31
CA LYS G 153 -7.37 56.42 57.35
C LYS G 153 -8.74 55.88 56.93
N SER G 154 -9.08 54.72 57.50
CA SER G 154 -10.39 54.10 57.36
C SER G 154 -10.95 53.84 58.75
N ILE G 155 -12.25 54.06 58.92
CA ILE G 155 -12.94 53.71 60.16
C ILE G 155 -14.01 52.66 59.95
N ASP G 156 -14.10 52.08 58.75
CA ASP G 156 -15.10 51.06 58.45
C ASP G 156 -14.42 49.79 57.94
N SER G 157 -13.32 49.42 58.58
CA SER G 157 -12.57 48.20 58.27
C SER G 157 -12.10 48.17 56.82
N GLY G 158 -11.62 49.31 56.33
CA GLY G 158 -10.97 49.38 55.04
C GLY G 158 -11.88 49.54 53.85
N VAL G 159 -13.19 49.70 54.06
CA VAL G 159 -14.11 49.83 52.93
C VAL G 159 -13.95 51.20 52.28
N THR G 160 -13.91 52.26 53.08
CA THR G 160 -13.73 53.62 52.57
C THR G 160 -12.54 54.28 53.25
N TRP G 161 -11.90 55.20 52.54
CA TRP G 161 -10.67 55.84 52.97
C TRP G 161 -10.76 57.35 52.82
N SER G 162 -10.20 58.08 53.79
CA SER G 162 -10.21 59.53 53.79
C SER G 162 -8.82 60.04 54.16
N LYS G 163 -8.48 61.21 53.64
CA LYS G 163 -7.20 61.83 53.98
C LYS G 163 -7.25 62.40 55.39
N VAL G 164 -6.18 62.18 56.14
CA VAL G 164 -6.02 62.77 57.47
C VAL G 164 -5.39 64.15 57.24
N THR G 165 -6.24 65.18 57.16
CA THR G 165 -5.77 66.50 56.76
C THR G 165 -4.91 67.17 57.83
N SER G 166 -5.00 66.72 59.09
CA SER G 166 -4.20 67.31 60.15
C SER G 166 -2.77 66.79 60.19
N PHE G 167 -2.41 65.80 59.37
CA PHE G 167 -1.03 65.31 59.41
C PHE G 167 -0.11 66.35 58.77
N PRO G 168 0.93 66.79 59.47
CA PRO G 168 1.63 68.02 59.07
C PRO G 168 2.75 67.87 58.04
N ASN G 169 3.16 66.66 57.68
CA ASN G 169 4.36 66.49 56.86
C ASN G 169 4.15 65.31 55.91
N VAL G 170 3.92 65.61 54.63
CA VAL G 170 3.74 64.55 53.64
C VAL G 170 5.05 64.05 53.08
N GLY G 171 6.18 64.56 53.55
CA GLY G 171 7.48 64.11 53.10
C GLY G 171 8.17 65.13 52.22
N THR G 172 9.51 65.16 52.30
CA THR G 172 10.31 66.01 51.43
C THR G 172 11.35 65.26 50.60
N TYR G 173 11.76 64.06 51.01
CA TYR G 173 12.83 63.36 50.31
C TYR G 173 12.34 62.82 48.97
N ILE G 174 13.18 62.99 47.94
CA ILE G 174 12.96 62.44 46.61
C ILE G 174 14.25 61.72 46.19
N GLN G 175 14.12 60.44 45.80
CA GLN G 175 15.33 59.66 45.53
C GLN G 175 16.01 60.11 44.24
N ASN G 176 15.25 60.20 43.14
CA ASN G 176 15.82 60.49 41.81
C ASN G 176 15.10 61.69 41.21
N PRO G 177 15.40 62.90 41.69
CA PRO G 177 14.67 64.09 41.19
C PRO G 177 14.91 64.39 39.72
N THR G 178 15.94 63.81 39.09
CA THR G 178 16.22 64.09 37.69
C THR G 178 15.75 62.98 36.74
N LEU G 179 15.32 61.84 37.27
CA LEU G 179 14.85 60.74 36.45
C LEU G 179 13.32 60.76 36.36
N ASP G 180 12.78 59.92 35.48
CA ASP G 180 11.34 59.74 35.38
C ASP G 180 10.84 58.58 36.22
N TYR G 181 11.72 57.96 37.01
CA TYR G 181 11.35 56.92 37.96
C TYR G 181 11.85 57.32 39.33
N GLY G 182 10.93 57.56 40.26
CA GLY G 182 11.31 57.98 41.59
C GLY G 182 11.61 59.46 41.73
N ASN G 183 11.04 60.30 40.87
CA ASN G 183 11.17 61.74 41.03
C ASN G 183 10.05 62.33 41.87
N ASP G 184 9.15 61.50 42.38
CA ASP G 184 8.10 61.93 43.30
C ASP G 184 8.57 61.75 44.74
N LEU G 185 7.84 62.39 45.66
CA LEU G 185 8.14 62.21 47.08
C LEU G 185 7.94 60.75 47.48
N VAL G 186 8.90 60.21 48.23
CA VAL G 186 8.72 58.88 48.78
C VAL G 186 7.53 58.85 49.73
N GLY G 187 7.38 59.89 50.55
CA GLY G 187 6.21 60.05 51.38
C GLY G 187 6.37 59.56 52.81
N LEU G 188 5.34 58.88 53.32
CA LEU G 188 5.40 58.35 54.67
C LEU G 188 6.09 56.99 54.66
N SER G 189 6.69 56.63 55.80
CA SER G 189 7.61 55.50 55.84
C SER G 189 7.16 54.33 56.70
N TRP G 190 6.43 54.58 57.79
CA TRP G 190 5.94 53.51 58.65
C TRP G 190 4.98 54.13 59.67
N ILE G 191 4.11 53.29 60.21
CA ILE G 191 3.15 53.69 61.24
C ILE G 191 3.17 52.65 62.35
N THR G 192 3.22 53.10 63.59
CA THR G 192 3.35 52.21 64.74
C THR G 192 2.44 52.68 65.87
N PHE G 193 1.47 51.85 66.25
CA PHE G 193 0.60 52.14 67.39
C PHE G 193 1.30 51.83 68.71
N ASP G 194 0.94 52.56 69.76
CA ASP G 194 1.28 52.18 71.13
C ASP G 194 0.05 51.51 71.71
N LYS G 195 0.04 50.18 71.67
CA LYS G 195 -1.14 49.41 72.04
C LYS G 195 -1.56 49.68 73.48
N SER G 196 -0.62 50.08 74.34
CA SER G 196 -0.96 50.34 75.73
C SER G 196 -1.78 51.61 75.91
N THR G 197 -1.94 52.43 74.87
CA THR G 197 -2.74 53.65 74.96
C THR G 197 -4.18 53.46 74.46
N GLY G 198 -4.61 52.19 74.35
CA GLY G 198 -6.01 51.89 74.17
C GLY G 198 -6.34 50.62 74.93
N THR G 199 -7.63 50.30 74.97
CA THR G 199 -8.10 49.02 75.46
C THR G 199 -9.08 48.45 74.44
N LEU G 200 -9.39 47.16 74.57
CA LEU G 200 -10.24 46.49 73.59
C LEU G 200 -11.56 47.22 73.45
N GLY G 201 -11.92 47.55 72.21
CA GLY G 201 -13.13 48.29 71.94
C GLY G 201 -12.97 49.80 71.96
N ASN G 202 -11.78 50.30 72.23
CA ASN G 202 -11.53 51.74 72.35
C ASN G 202 -10.33 52.11 71.49
N ALA G 203 -10.48 53.16 70.69
CA ALA G 203 -9.45 53.56 69.75
C ALA G 203 -8.12 53.83 70.46
N THR G 204 -7.04 53.34 69.88
CA THR G 204 -5.71 53.56 70.43
C THR G 204 -5.30 55.02 70.28
N GLN G 205 -4.84 55.63 71.37
CA GLN G 205 -4.67 57.07 71.40
C GLN G 205 -3.30 57.56 70.93
N THR G 206 -2.24 56.77 71.10
CA THR G 206 -0.90 57.18 70.68
C THR G 206 -0.48 56.45 69.41
N ILE G 207 -0.07 57.21 68.41
CA ILE G 207 0.34 56.69 67.12
C ILE G 207 1.65 57.35 66.71
N TYR G 208 2.64 56.54 66.33
CA TYR G 208 3.92 57.02 65.81
C TYR G 208 3.93 56.87 64.29
N VAL G 209 4.43 57.91 63.60
CA VAL G 209 4.54 57.87 62.14
C VAL G 209 5.93 58.34 61.74
N GLY G 210 6.60 57.55 60.90
CA GLY G 210 7.84 57.96 60.28
C GLY G 210 7.59 58.56 58.91
N VAL G 211 8.38 59.57 58.56
CA VAL G 211 8.23 60.34 57.34
C VAL G 211 9.59 60.46 56.66
N ALA G 212 9.62 60.29 55.34
CA ALA G 212 10.86 60.43 54.57
C ALA G 212 11.16 61.91 54.40
N ASP G 213 11.80 62.47 55.44
CA ASP G 213 12.17 63.88 55.49
C ASP G 213 13.37 63.96 56.45
N THR G 214 14.55 64.26 55.91
CA THR G 214 15.75 64.23 56.74
C THR G 214 15.74 65.27 57.83
N ALA G 215 14.94 66.34 57.69
CA ALA G 215 14.92 67.40 58.69
C ALA G 215 13.95 67.12 59.83
N SER G 216 12.93 66.30 59.61
CA SER G 216 11.89 66.08 60.61
C SER G 216 11.11 64.83 60.18
N SER G 217 11.47 63.69 60.76
CA SER G 217 11.05 62.41 60.22
C SER G 217 10.15 61.57 61.13
N VAL G 218 10.03 61.89 62.42
CA VAL G 218 9.26 61.06 63.34
C VAL G 218 8.17 61.94 63.98
N TYR G 219 6.92 61.49 63.85
CA TYR G 219 5.77 62.25 64.33
C TYR G 219 4.96 61.41 65.30
N ARG G 220 4.24 62.08 66.20
CA ARG G 220 3.40 61.38 67.15
C ARG G 220 2.08 62.11 67.35
N SER G 221 1.00 61.35 67.39
CA SER G 221 -0.27 61.79 67.93
C SER G 221 -0.49 61.10 69.27
N THR G 222 -1.03 61.84 70.23
CA THR G 222 -1.44 61.26 71.51
C THR G 222 -2.94 61.39 71.73
N ASP G 223 -3.70 61.87 70.75
CA ASP G 223 -5.13 62.04 70.87
C ASP G 223 -5.88 61.26 69.79
N GLY G 224 -5.38 60.06 69.47
CA GLY G 224 -6.06 59.20 68.52
C GLY G 224 -6.03 59.70 67.09
N GLY G 225 -5.01 60.48 66.71
CA GLY G 225 -4.88 60.92 65.35
C GLY G 225 -5.53 62.25 65.02
N VAL G 226 -6.06 62.95 66.02
CA VAL G 226 -6.70 64.23 65.75
C VAL G 226 -5.64 65.29 65.45
N THR G 227 -4.57 65.32 66.24
CA THR G 227 -3.48 66.27 66.05
C THR G 227 -2.14 65.54 66.09
N TRP G 228 -1.14 66.15 65.47
CA TRP G 228 0.16 65.51 65.29
C TRP G 228 1.26 66.51 65.57
N THR G 229 2.38 65.99 66.10
CA THR G 229 3.50 66.81 66.52
C THR G 229 4.79 66.06 66.24
N ALA G 230 5.79 66.77 65.72
CA ALA G 230 7.12 66.18 65.59
C ALA G 230 7.64 65.80 66.97
N LEU G 231 8.19 64.59 67.07
CA LEU G 231 8.69 64.08 68.35
C LEU G 231 9.93 64.87 68.78
N ALA G 232 9.83 65.56 69.92
CA ALA G 232 10.89 66.46 70.35
C ALA G 232 12.18 65.71 70.63
N GLY G 233 13.31 66.31 70.25
CA GLY G 233 14.61 65.75 70.50
C GLY G 233 15.09 64.73 69.48
N GLN G 234 14.32 64.49 68.42
CA GLN G 234 14.69 63.44 67.47
C GLN G 234 15.95 63.81 66.70
N PRO G 235 16.70 62.82 66.23
CA PRO G 235 17.86 63.10 65.38
C PRO G 235 17.41 63.54 63.99
N THR G 236 18.31 64.26 63.32
CA THR G 236 18.08 64.73 61.96
C THR G 236 19.20 64.24 61.05
N GLY G 237 18.92 64.31 59.75
CA GLY G 237 19.90 63.99 58.72
C GLY G 237 19.67 62.68 58.01
N PHE G 238 18.84 61.80 58.56
CA PHE G 238 18.67 60.47 58.00
C PHE G 238 17.18 60.17 57.81
N LEU G 239 16.90 58.97 57.31
CA LEU G 239 15.55 58.55 56.94
C LEU G 239 15.19 57.29 57.70
N PRO G 240 14.17 57.32 58.57
CA PRO G 240 13.86 56.15 59.40
C PRO G 240 13.17 55.06 58.60
N HIS G 241 13.76 53.86 58.62
CA HIS G 241 13.26 52.73 57.84
C HIS G 241 12.16 51.96 58.55
N HIS G 242 12.31 51.80 59.87
CA HIS G 242 11.34 51.11 60.71
C HIS G 242 11.31 51.78 62.06
N GLY G 243 10.15 51.71 62.72
CA GLY G 243 10.02 52.15 64.09
C GLY G 243 9.21 51.12 64.87
N GLU G 244 9.83 50.47 65.84
CA GLU G 244 9.18 49.39 66.57
C GLU G 244 9.24 49.69 68.07
N LEU G 245 8.09 49.53 68.73
CA LEU G 245 7.94 49.86 70.14
C LEU G 245 7.94 48.59 70.97
N SER G 246 8.83 48.51 71.94
CA SER G 246 8.88 47.36 72.83
C SER G 246 7.82 47.47 73.91
N SER G 247 7.52 46.34 74.55
CA SER G 247 6.54 46.30 75.64
C SER G 247 6.97 47.13 76.84
N THR G 248 8.21 47.62 76.88
CA THR G 248 8.68 48.43 77.98
C THR G 248 8.75 49.92 77.62
N GLY G 249 8.22 50.31 76.47
CA GLY G 249 8.14 51.72 76.13
C GLY G 249 9.31 52.29 75.39
N ASP G 250 10.21 51.45 74.87
CA ASP G 250 11.35 51.91 74.08
C ASP G 250 10.98 51.82 72.60
N LEU G 251 11.08 52.95 71.89
CA LEU G 251 10.85 53.00 70.46
C LEU G 251 12.19 52.95 69.76
N TYR G 252 12.44 51.88 69.03
CA TYR G 252 13.68 51.68 68.29
C TYR G 252 13.48 52.07 66.84
N ILE G 253 14.46 52.76 66.27
CA ILE G 253 14.33 53.30 64.92
C ILE G 253 15.64 53.08 64.17
N THR G 254 15.58 52.41 63.02
CA THR G 254 16.73 52.32 62.13
C THR G 254 16.69 53.45 61.12
N TYR G 255 17.86 54.01 60.82
CA TYR G 255 17.98 55.12 59.89
C TYR G 255 18.98 54.79 58.80
N SER G 256 18.69 55.27 57.59
CA SER G 256 19.62 55.23 56.47
C SER G 256 19.64 56.61 55.82
N ASN G 257 20.72 56.91 55.10
CA ASN G 257 20.72 58.16 54.33
C ASN G 257 20.06 57.97 52.95
N GLY G 258 19.49 56.80 52.69
CA GLY G 258 18.59 56.61 51.58
C GLY G 258 17.34 55.87 52.04
N VAL G 259 16.38 55.73 51.11
CA VAL G 259 15.19 54.92 51.40
C VAL G 259 15.34 53.50 50.89
N GLY G 260 16.41 53.18 50.19
CA GLY G 260 16.62 51.84 49.70
C GLY G 260 15.72 51.52 48.52
N PRO G 261 15.75 50.26 48.06
CA PRO G 261 16.47 49.15 48.71
C PRO G 261 17.95 49.02 48.30
N TYR G 262 18.40 49.79 47.30
CA TYR G 262 19.73 49.59 46.76
C TYR G 262 20.81 50.48 47.36
N ASP G 263 20.44 51.62 47.93
CA ASP G 263 21.45 52.56 48.42
C ASP G 263 21.59 52.45 49.94
N GLY G 264 22.11 53.49 50.57
CA GLY G 264 22.39 53.45 51.99
C GLY G 264 23.88 53.38 52.24
N SER G 265 24.52 54.55 52.33
CA SER G 265 25.96 54.63 52.55
C SER G 265 26.31 55.23 53.90
N LYS G 266 25.32 55.44 54.77
CA LYS G 266 25.50 55.95 56.12
C LYS G 266 24.21 55.68 56.88
N GLY G 267 24.34 55.38 58.17
CA GLY G 267 23.16 55.00 58.93
C GLY G 267 23.34 55.22 60.41
N GLU G 268 22.20 55.22 61.11
CA GLU G 268 22.17 55.29 62.56
C GLU G 268 21.05 54.41 63.09
N VAL G 269 21.13 54.09 64.37
CA VAL G 269 20.04 53.44 65.09
C VAL G 269 19.83 54.20 66.39
N TRP G 270 18.58 54.57 66.67
CA TRP G 270 18.25 55.33 67.87
C TRP G 270 17.16 54.62 68.65
N LYS G 271 17.07 54.94 69.94
CA LYS G 271 15.95 54.53 70.76
C LYS G 271 15.40 55.73 71.51
N TYR G 272 14.08 55.77 71.63
CA TYR G 272 13.37 56.82 72.33
C TYR G 272 12.52 56.15 73.40
N ASN G 273 12.67 56.60 74.64
CA ASN G 273 11.90 56.05 75.75
C ASN G 273 10.67 56.93 75.98
N LYS G 274 9.49 56.32 75.90
CA LYS G 274 8.25 57.08 75.97
C LYS G 274 8.00 57.67 77.37
N THR G 275 8.58 57.09 78.41
CA THR G 275 8.32 57.60 79.76
C THR G 275 9.23 58.76 80.11
N SER G 276 10.52 58.66 79.82
CA SER G 276 11.46 59.73 80.11
C SER G 276 11.60 60.75 78.99
N GLY G 277 11.24 60.37 77.76
CA GLY G 277 11.47 61.24 76.61
C GLY G 277 12.91 61.27 76.12
N ALA G 278 13.78 60.42 76.65
CA ALA G 278 15.20 60.46 76.29
C ALA G 278 15.47 59.71 74.99
N TRP G 279 16.29 60.32 74.14
CA TRP G 279 16.82 59.69 72.94
C TRP G 279 18.22 59.18 73.22
N THR G 280 18.52 57.97 72.74
CA THR G 280 19.84 57.36 72.90
C THR G 280 20.32 56.84 71.55
N ASN G 281 21.51 57.26 71.14
CA ASN G 281 22.14 56.76 69.93
C ASN G 281 22.74 55.38 70.22
N ILE G 282 22.15 54.34 69.65
CA ILE G 282 22.61 52.98 69.87
C ILE G 282 23.15 52.39 68.57
N SER G 283 23.64 53.25 67.68
CA SER G 283 24.18 52.80 66.40
C SER G 283 25.26 51.73 66.60
N PRO G 284 25.14 50.54 66.00
CA PRO G 284 26.21 49.55 66.14
C PRO G 284 27.56 50.04 65.63
N THR G 285 27.57 50.85 64.58
CA THR G 285 28.81 51.43 64.07
C THR G 285 28.61 52.91 63.79
N THR G 286 29.67 53.69 64.00
CA THR G 286 29.63 55.13 63.79
C THR G 286 30.91 55.55 63.07
N GLY G 287 30.90 56.79 62.58
CA GLY G 287 32.07 57.35 61.95
C GLY G 287 32.48 56.56 60.71
N THR G 288 33.79 56.47 60.49
CA THR G 288 34.30 55.74 59.34
C THR G 288 34.09 54.24 59.46
N ASP G 289 33.69 53.73 60.64
CA ASP G 289 33.31 52.33 60.77
C ASP G 289 31.93 52.05 60.19
N ASN G 290 31.18 53.07 59.82
CA ASN G 290 29.84 52.94 59.26
C ASN G 290 29.83 53.52 57.86
N TRP G 291 29.53 52.70 56.86
CA TRP G 291 29.43 53.14 55.47
C TRP G 291 28.14 52.65 54.85
N TYR G 292 27.10 52.44 55.67
CA TYR G 292 25.88 51.81 55.21
C TYR G 292 24.73 52.30 56.07
N GLY G 293 23.53 52.28 55.50
CA GLY G 293 22.34 52.49 56.29
C GLY G 293 22.04 51.29 57.15
N PHE G 294 21.14 51.50 58.11
CA PHE G 294 20.53 50.42 58.85
C PHE G 294 19.10 50.26 58.35
N GLY G 295 18.70 49.03 58.06
CA GLY G 295 17.42 48.81 57.45
C GLY G 295 16.51 47.97 58.32
N GLY G 296 16.61 46.65 58.15
CA GLY G 296 15.79 45.72 58.91
C GLY G 296 15.89 45.94 60.41
N LEU G 297 14.77 45.80 61.11
CA LEU G 297 14.72 46.00 62.56
C LEU G 297 13.77 44.96 63.13
N ALA G 298 14.29 44.10 64.01
CA ALA G 298 13.49 43.04 64.61
C ALA G 298 13.59 43.11 66.13
N LEU G 299 12.47 43.34 66.78
CA LEU G 299 12.38 43.20 68.22
C LEU G 299 11.99 41.77 68.57
N ASP G 300 12.57 41.24 69.65
CA ASP G 300 12.13 39.99 70.24
C ASP G 300 10.95 40.30 71.17
N ALA G 301 9.73 39.96 70.73
CA ALA G 301 8.54 40.36 71.47
C ALA G 301 8.51 39.79 72.88
N GLN G 302 9.13 38.64 73.10
CA GLN G 302 9.11 38.01 74.41
C GLN G 302 10.21 38.49 75.33
N HIS G 303 11.20 39.21 74.81
CA HIS G 303 12.34 39.67 75.60
C HIS G 303 12.61 41.11 75.20
N PRO G 304 12.03 42.07 75.93
CA PRO G 304 11.94 43.45 75.40
C PRO G 304 13.26 44.19 75.27
N ASN G 305 14.38 43.66 75.78
CA ASN G 305 15.66 44.32 75.56
C ASN G 305 16.50 43.63 74.50
N THR G 306 15.93 42.66 73.78
CA THR G 306 16.63 41.97 72.70
C THR G 306 16.12 42.48 71.36
N LEU G 307 17.04 42.82 70.46
CA LEU G 307 16.67 43.29 69.13
C LEU G 307 17.82 43.04 68.17
N MSE G 308 17.48 43.07 66.87
CA MSE G 308 18.48 42.94 65.82
C MSE G 308 18.25 43.97 64.73
O MSE G 308 17.12 44.35 64.46
CB MSE G 308 18.46 41.54 65.19
CG MSE G 308 18.69 40.41 66.17
SE MSE G 308 18.90 38.68 65.34
CE MSE G 308 17.23 38.62 64.32
N VAL G 309 19.34 44.41 64.09
CA VAL G 309 19.26 45.28 62.92
C VAL G 309 20.17 44.71 61.84
N SER G 310 19.88 45.07 60.60
CA SER G 310 20.69 44.65 59.46
C SER G 310 21.21 45.87 58.70
N SER G 311 22.38 45.70 58.09
CA SER G 311 22.94 46.75 57.25
C SER G 311 22.17 46.86 55.93
N LEU G 312 22.18 48.06 55.37
CA LEU G 312 21.46 48.33 54.11
C LEU G 312 22.08 49.58 53.50
N ASN G 313 23.14 49.40 52.68
CA ASN G 313 23.77 48.11 52.39
C ASN G 313 25.28 48.21 52.61
N ALA G 314 25.87 47.23 53.27
CA ALA G 314 27.31 47.23 53.49
C ALA G 314 28.10 46.65 52.31
N TRP G 315 27.49 45.70 51.58
CA TRP G 315 28.01 45.14 50.34
C TRP G 315 29.24 44.24 50.51
N TRP G 316 30.31 44.75 51.14
CA TRP G 316 31.58 44.02 51.15
C TRP G 316 32.11 43.85 52.57
N PRO G 317 32.55 42.64 52.95
CA PRO G 317 32.51 41.42 52.13
C PRO G 317 31.11 40.82 52.09
N ASP G 318 30.24 41.28 52.98
CA ASP G 318 28.88 40.80 53.12
C ASP G 318 28.11 41.81 53.97
N GLU G 319 26.80 41.63 54.03
CA GLU G 319 26.00 42.39 54.99
C GLU G 319 26.29 41.90 56.40
N VAL G 320 25.77 42.64 57.38
CA VAL G 320 25.96 42.33 58.79
C VAL G 320 24.60 42.40 59.49
N ILE G 321 24.32 41.40 60.32
CA ILE G 321 23.22 41.47 61.29
C ILE G 321 23.85 41.68 62.66
N PHE G 322 23.35 42.68 63.39
CA PHE G 322 23.80 42.97 64.74
C PHE G 322 22.70 42.58 65.72
N ARG G 323 23.08 41.92 66.81
CA ARG G 323 22.13 41.50 67.83
C ARG G 323 22.53 42.11 69.16
N SER G 324 21.54 42.67 69.87
CA SER G 324 21.74 43.18 71.21
C SER G 324 20.72 42.55 72.14
N THR G 325 21.18 42.21 73.36
CA THR G 325 20.29 41.73 74.40
C THR G 325 20.17 42.70 75.56
N ASN G 326 20.69 43.92 75.40
CA ASN G 326 20.64 44.91 76.46
C ASN G 326 20.10 46.23 75.93
N GLY G 327 19.10 46.16 75.06
CA GLY G 327 18.46 47.37 74.59
C GLY G 327 19.33 48.27 73.74
N GLY G 328 20.35 47.70 73.09
CA GLY G 328 21.21 48.48 72.23
C GLY G 328 22.44 49.05 72.90
N ALA G 329 22.65 48.79 74.19
CA ALA G 329 23.87 49.25 74.85
C ALA G 329 25.11 48.66 74.21
N THR G 330 25.09 47.36 73.90
CA THR G 330 26.18 46.72 73.18
C THR G 330 25.58 45.78 72.14
N TRP G 331 26.37 45.48 71.11
CA TRP G 331 25.93 44.64 70.01
C TRP G 331 26.93 43.53 69.76
N SER G 332 26.41 42.40 69.30
CA SER G 332 27.22 41.29 68.80
C SER G 332 27.03 41.20 67.28
N ARG G 333 28.11 41.04 66.54
CA ARG G 333 28.03 40.90 65.09
C ARG G 333 27.84 39.43 64.72
N ILE G 334 27.11 39.18 63.63
CA ILE G 334 26.93 37.81 63.17
C ILE G 334 28.19 37.26 62.50
N TRP G 335 29.15 38.12 62.17
CA TRP G 335 30.47 37.67 61.74
C TRP G 335 31.48 38.75 62.10
N ASP G 336 32.73 38.32 62.25
CA ASP G 336 33.82 39.20 62.64
C ASP G 336 35.04 38.89 61.79
N TRP G 337 35.93 39.87 61.69
CA TRP G 337 37.24 39.63 61.10
C TRP G 337 38.11 38.85 62.08
N GLY G 338 38.91 37.93 61.54
CA GLY G 338 40.00 37.35 62.30
C GLY G 338 41.28 38.04 61.92
N ASN G 339 42.29 37.27 61.49
CA ASN G 339 43.46 37.85 60.84
C ASN G 339 43.09 38.11 59.39
N TYR G 340 42.98 39.38 59.01
CA TYR G 340 42.56 39.73 57.65
C TYR G 340 43.39 38.96 56.64
N PRO G 341 42.78 38.41 55.57
CA PRO G 341 41.36 38.53 55.20
C PRO G 341 40.41 37.49 55.79
N GLU G 342 40.88 36.70 56.76
CA GLU G 342 40.03 35.64 57.30
C GLU G 342 38.97 36.21 58.24
N ARG G 343 37.82 35.53 58.27
CA ARG G 343 36.70 35.92 59.10
C ARG G 343 36.26 34.75 59.95
N THR G 344 35.53 35.06 61.02
CA THR G 344 34.85 34.07 61.85
C THR G 344 33.35 34.32 61.75
N TYR G 345 32.56 33.26 61.93
CA TYR G 345 31.13 33.33 61.63
C TYR G 345 30.31 32.79 62.79
N LYS G 346 29.21 33.49 63.10
CA LYS G 346 28.22 32.99 64.03
C LYS G 346 27.02 32.39 63.31
N PHE G 347 27.14 32.14 62.02
CA PHE G 347 26.05 31.59 61.23
C PHE G 347 26.61 30.59 60.22
N SER G 348 25.73 29.74 59.73
CA SER G 348 26.03 28.79 58.67
C SER G 348 24.91 28.86 57.64
N MSE G 349 25.28 28.98 56.37
CA MSE G 349 24.27 29.08 55.30
C MSE G 349 23.93 27.71 54.73
O MSE G 349 24.81 26.90 54.45
CB MSE G 349 24.75 30.00 54.17
CG MSE G 349 25.05 31.43 54.59
SE MSE G 349 23.49 32.40 55.22
CE MSE G 349 22.48 32.47 53.56
N ASP G 350 22.64 27.44 54.56
CA ASP G 350 22.16 26.20 53.96
C ASP G 350 21.29 26.57 52.76
N ILE G 351 21.78 26.28 51.56
CA ILE G 351 21.01 26.56 50.35
C ILE G 351 20.73 25.25 49.61
N THR G 352 20.58 24.14 50.35
CA THR G 352 20.26 22.88 49.70
C THR G 352 18.91 22.92 49.00
N ALA G 353 18.01 23.83 49.42
CA ALA G 353 16.72 23.98 48.75
C ALA G 353 16.81 24.76 47.45
N ALA G 354 17.94 25.43 47.19
CA ALA G 354 18.15 26.16 45.94
C ALA G 354 19.64 26.28 45.71
N PRO G 355 20.29 25.19 45.30
CA PRO G 355 21.77 25.18 45.23
C PRO G 355 22.34 26.19 44.27
N TRP G 356 21.56 26.68 43.30
CA TRP G 356 22.08 27.67 42.37
C TRP G 356 22.36 29.02 43.03
N LEU G 357 22.01 29.18 44.31
CA LEU G 357 22.30 30.43 45.01
C LEU G 357 23.79 30.63 45.25
N ASP G 358 24.63 29.64 44.95
CA ASP G 358 26.06 29.87 44.99
C ASP G 358 26.58 30.53 43.71
N HIS G 359 25.70 30.78 42.74
CA HIS G 359 26.03 31.43 41.47
C HIS G 359 27.17 30.72 40.75
N GLY G 360 27.37 29.43 41.02
CA GLY G 360 28.42 28.67 40.35
C GLY G 360 29.82 29.09 40.71
N THR G 361 30.01 29.83 41.80
CA THR G 361 31.33 30.27 42.23
C THR G 361 31.65 29.67 43.59
N THR G 362 32.93 29.40 43.81
CA THR G 362 33.35 28.90 45.11
C THR G 362 33.48 30.04 46.10
N SER G 363 33.15 29.76 47.36
CA SER G 363 33.12 30.77 48.40
C SER G 363 34.52 31.09 48.91
N THR G 364 34.79 32.37 49.13
CA THR G 364 35.97 32.83 49.85
C THR G 364 35.51 33.79 50.95
N SER G 365 36.44 34.15 51.83
CA SER G 365 36.06 35.03 52.94
C SER G 365 35.74 36.43 52.42
N LEU G 366 36.46 36.90 51.41
CA LEU G 366 36.20 38.23 50.86
C LEU G 366 35.08 38.22 49.81
N ASP G 367 34.77 37.06 49.24
CA ASP G 367 33.66 36.92 48.28
C ASP G 367 32.85 35.70 48.68
N PRO G 368 32.05 35.79 49.73
CA PRO G 368 31.28 34.61 50.18
C PRO G 368 30.23 34.22 49.17
N SER G 369 29.99 32.91 49.11
CA SER G 369 29.03 32.34 48.17
C SER G 369 28.40 31.10 48.80
N PRO G 370 27.13 31.16 49.23
CA PRO G 370 26.23 32.32 49.14
C PRO G 370 26.49 33.39 50.19
N LYS G 371 26.14 34.63 49.87
CA LYS G 371 26.19 35.71 50.84
C LYS G 371 25.07 35.54 51.86
N LEU G 372 25.31 36.10 53.05
CA LEU G 372 24.24 36.27 54.03
C LEU G 372 23.01 36.93 53.39
N GLY G 373 23.24 37.92 52.55
CA GLY G 373 22.15 38.53 51.81
C GLY G 373 22.55 39.88 51.26
N TRP G 374 21.53 40.61 50.81
CA TRP G 374 21.63 41.98 50.34
C TRP G 374 20.22 42.52 50.24
N MSE G 375 20.10 43.84 50.20
CA MSE G 375 18.80 44.53 50.24
C MSE G 375 17.98 44.05 51.45
O MSE G 375 16.77 43.86 51.36
CB MSE G 375 18.03 44.29 48.94
CG MSE G 375 18.74 44.86 47.72
SE MSE G 375 18.13 44.10 46.03
CE MSE G 375 16.29 44.74 46.07
N MSE G 376 18.66 43.88 52.59
CA MSE G 376 18.01 43.41 53.80
C MSE G 376 17.32 44.55 54.55
O MSE G 376 17.79 45.02 55.60
CB MSE G 376 19.04 42.70 54.69
CG MSE G 376 19.61 41.45 54.02
SE MSE G 376 21.15 40.69 54.92
CE MSE G 376 20.31 40.32 56.63
N GLY G 377 16.20 45.01 54.00
CA GLY G 377 15.45 46.09 54.60
C GLY G 377 14.44 45.68 55.63
N ASP G 378 14.19 44.38 55.79
CA ASP G 378 13.21 43.88 56.75
C ASP G 378 13.77 42.64 57.43
N LEU G 379 13.67 42.62 58.75
CA LEU G 379 14.19 41.54 59.57
C LEU G 379 13.15 41.25 60.63
N GLU G 380 12.89 39.99 60.88
CA GLU G 380 11.88 39.61 61.80
C GLU G 380 12.20 38.49 62.74
N ILE G 381 11.77 38.66 63.96
CA ILE G 381 11.82 37.56 64.94
C ILE G 381 10.38 37.15 65.22
N ASP G 382 10.12 35.85 65.16
CA ASP G 382 8.81 35.31 65.47
C ASP G 382 8.37 35.78 66.86
N PRO G 383 7.24 36.49 66.99
CA PRO G 383 6.83 36.97 68.32
C PRO G 383 6.42 35.85 69.28
N PHE G 384 6.29 34.61 68.79
CA PHE G 384 5.97 33.49 69.66
C PHE G 384 7.09 32.47 69.74
N ASN G 385 8.24 32.75 69.11
CA ASN G 385 9.35 31.81 69.11
C ASN G 385 10.63 32.61 68.90
N SER G 386 11.33 32.91 69.99
CA SER G 386 12.57 33.68 69.92
C SER G 386 13.64 32.99 69.09
N ASN G 387 13.50 31.70 68.83
CA ASN G 387 14.46 30.96 68.01
C ASN G 387 14.21 31.06 66.51
N ARG G 388 13.08 31.63 66.07
CA ARG G 388 12.78 31.71 64.65
C ARG G 388 12.97 33.13 64.13
N MSE G 389 13.78 33.26 63.09
CA MSE G 389 14.05 34.52 62.41
C MSE G 389 13.72 34.34 60.93
O MSE G 389 13.88 33.25 60.39
CB MSE G 389 15.52 34.93 62.58
CG MSE G 389 16.12 35.67 61.38
SE MSE G 389 18.00 36.14 61.58
CE MSE G 389 18.74 34.54 60.79
N MSE G 390 13.22 35.39 60.29
CA MSE G 390 13.09 35.44 58.83
C MSE G 390 13.53 36.79 58.33
O MSE G 390 13.32 37.80 59.01
CB MSE G 390 11.65 35.17 58.39
CG MSE G 390 11.15 33.75 58.60
SE MSE G 390 9.35 33.56 57.88
CE MSE G 390 9.10 31.66 58.24
N TYR G 391 14.14 36.83 57.14
CA TYR G 391 14.41 38.09 56.46
C TYR G 391 14.39 37.86 54.96
N GLY G 392 13.97 38.89 54.24
CA GLY G 392 14.03 38.86 52.79
C GLY G 392 15.33 39.45 52.29
N THR G 393 15.77 38.95 51.14
CA THR G 393 16.85 39.55 50.38
C THR G 393 16.34 39.88 48.98
N GLY G 394 17.25 40.39 48.14
CA GLY G 394 16.88 40.64 46.75
C GLY G 394 16.61 39.38 45.95
N ALA G 395 16.87 38.20 46.51
CA ALA G 395 16.70 36.95 45.78
C ALA G 395 15.85 35.91 46.49
N THR G 396 15.64 35.97 47.80
CA THR G 396 14.97 34.88 48.48
C THR G 396 14.51 35.32 49.87
N ILE G 397 13.97 34.35 50.61
CA ILE G 397 13.65 34.50 52.04
C ILE G 397 14.55 33.53 52.78
N TYR G 398 15.35 34.05 53.70
CA TYR G 398 16.17 33.23 54.57
C TYR G 398 15.57 33.22 55.98
N GLY G 399 15.89 32.17 56.73
CA GLY G 399 15.41 32.09 58.08
C GLY G 399 16.22 31.11 58.90
N SER G 400 15.94 31.10 60.20
CA SER G 400 16.55 30.16 61.11
C SER G 400 15.52 29.71 62.12
N ASN G 401 15.75 28.52 62.67
CA ASN G 401 14.97 28.02 63.81
C ASN G 401 15.81 27.79 65.05
N ASN G 402 17.05 28.28 65.10
CA ASN G 402 17.87 28.14 66.31
C ASN G 402 18.59 29.46 66.59
N LEU G 403 17.84 30.56 66.50
CA LEU G 403 18.43 31.90 66.61
C LEU G 403 19.15 32.10 67.93
N THR G 404 18.64 31.54 69.04
CA THR G 404 19.27 31.84 70.32
C THR G 404 20.61 31.13 70.49
N SER G 405 20.99 30.25 69.56
CA SER G 405 22.37 29.75 69.55
C SER G 405 23.37 30.89 69.48
N TRP G 406 22.97 32.00 68.85
CA TRP G 406 23.79 33.20 68.84
C TRP G 406 24.21 33.60 70.25
N ASP G 407 23.28 33.54 71.19
CA ASP G 407 23.51 34.03 72.54
C ASP G 407 24.35 33.08 73.39
N THR G 408 24.41 31.79 73.05
CA THR G 408 25.13 30.81 73.85
C THR G 408 26.44 30.38 73.19
N GLY G 409 26.98 31.20 72.29
CA GLY G 409 28.25 30.88 71.66
C GLY G 409 28.18 29.86 70.56
N GLY G 410 26.99 29.51 70.08
CA GLY G 410 26.83 28.57 69.00
C GLY G 410 26.70 29.25 67.65
N LYS G 411 26.24 28.48 66.66
CA LYS G 411 26.07 28.98 65.30
C LYS G 411 24.60 28.95 64.92
N VAL G 412 24.14 30.06 64.35
CA VAL G 412 22.78 30.16 63.82
C VAL G 412 22.74 29.47 62.46
N ASN G 413 21.90 28.44 62.33
CA ASN G 413 21.72 27.77 61.05
C ASN G 413 20.71 28.55 60.22
N ILE G 414 21.16 29.16 59.13
CA ILE G 414 20.30 29.94 58.25
C ILE G 414 20.03 29.12 56.99
N SER G 415 18.78 29.04 56.58
CA SER G 415 18.42 28.22 55.42
C SER G 415 17.40 28.97 54.56
N VAL G 416 17.28 28.51 53.32
CA VAL G 416 16.28 29.04 52.41
C VAL G 416 14.90 28.71 52.97
N MSE G 417 14.09 29.74 53.20
CA MSE G 417 12.74 29.53 53.72
C MSE G 417 11.70 30.12 52.77
O MSE G 417 10.73 30.74 53.21
CB MSE G 417 12.60 30.14 55.12
CG MSE G 417 12.41 29.10 56.21
SE MSE G 417 12.56 29.84 58.00
CE MSE G 417 13.85 28.57 58.72
N ALA G 418 11.90 29.89 51.48
CA ALA G 418 11.08 30.46 50.42
C ALA G 418 10.38 29.39 49.60
N LYS G 419 10.08 28.24 50.22
CA LYS G 419 9.41 27.16 49.51
C LYS G 419 8.03 27.61 49.06
N GLY G 420 7.72 27.36 47.78
CA GLY G 420 6.46 27.77 47.19
C GLY G 420 6.46 29.17 46.61
N VAL G 421 7.48 29.97 46.88
CA VAL G 421 7.59 31.32 46.33
C VAL G 421 8.22 31.24 44.94
N GLU G 422 7.58 31.89 43.97
CA GLU G 422 8.17 32.10 42.65
C GLU G 422 7.96 33.56 42.27
N GLU G 423 9.05 34.30 42.10
CA GLU G 423 8.96 35.74 41.91
C GLU G 423 9.76 36.26 40.72
N THR G 424 10.25 35.39 39.85
CA THR G 424 11.08 35.90 38.76
C THR G 424 10.22 36.46 37.62
N ALA G 425 10.85 37.29 36.81
CA ALA G 425 10.25 37.82 35.58
C ALA G 425 10.86 37.07 34.42
N VAL G 426 10.00 36.58 33.52
CA VAL G 426 10.39 35.63 32.48
C VAL G 426 10.53 36.38 31.16
N LEU G 427 11.76 36.53 30.68
CA LEU G 427 12.01 37.19 29.41
C LEU G 427 11.88 36.23 28.23
N GLY G 428 12.09 34.93 28.42
CA GLY G 428 11.97 33.98 27.34
C GLY G 428 11.86 32.56 27.84
N LEU G 429 11.21 31.72 27.04
CA LEU G 429 11.04 30.30 27.32
C LEU G 429 11.29 29.51 26.06
N ILE G 430 12.04 28.41 26.17
CA ILE G 430 12.15 27.44 25.09
C ILE G 430 11.97 26.04 25.67
N SER G 431 11.18 25.23 24.98
CA SER G 431 10.99 23.82 25.34
C SER G 431 11.75 22.97 24.33
N PRO G 432 12.95 22.49 24.66
CA PRO G 432 13.77 21.80 23.65
C PRO G 432 13.09 20.54 23.15
N PRO G 433 13.22 20.23 21.86
CA PRO G 433 12.60 19.02 21.32
C PRO G 433 13.36 17.75 21.62
N THR G 434 14.53 17.83 22.26
CA THR G 434 15.37 16.67 22.48
C THR G 434 16.12 16.85 23.79
N GLY G 435 16.61 15.75 24.35
CA GLY G 435 17.33 15.78 25.60
C GLY G 435 16.43 15.71 26.81
N THR G 436 17.07 15.69 27.98
CA THR G 436 16.34 15.48 29.23
C THR G 436 15.59 16.72 29.72
N SER G 437 15.96 17.90 29.26
CA SER G 437 15.31 19.13 29.69
C SER G 437 14.11 19.45 28.79
N HIS G 438 12.97 19.71 29.42
CA HIS G 438 11.77 20.15 28.71
C HIS G 438 11.57 21.66 28.78
N LEU G 439 12.46 22.38 29.47
CA LEU G 439 12.27 23.81 29.66
C LEU G 439 13.58 24.45 30.02
N ILE G 440 13.96 25.49 29.28
CA ILE G 440 15.07 26.37 29.65
C ILE G 440 14.53 27.80 29.65
N THR G 441 14.83 28.54 30.72
CA THR G 441 14.24 29.86 30.92
C THR G 441 15.30 30.94 30.80
N ALA G 442 14.83 32.13 30.39
CA ALA G 442 15.60 33.36 30.45
C ALA G 442 14.91 34.29 31.44
N LEU G 443 15.61 34.64 32.51
CA LEU G 443 15.01 35.35 33.63
C LEU G 443 15.77 36.64 33.92
N GLY G 444 15.05 37.62 34.48
CA GLY G 444 15.70 38.76 35.07
C GLY G 444 16.39 38.41 36.37
N ASP G 445 17.49 39.11 36.65
CA ASP G 445 18.18 39.09 37.94
C ASP G 445 18.93 37.79 38.24
N VAL G 446 18.33 36.64 37.93
CA VAL G 446 18.97 35.36 38.20
C VAL G 446 19.21 34.57 36.91
N SER G 447 19.20 35.26 35.78
CA SER G 447 19.68 34.75 34.48
C SER G 447 18.76 33.70 33.85
N GLY G 448 18.31 32.71 34.60
CA GLY G 448 17.55 31.61 34.03
C GLY G 448 18.21 30.27 34.28
N PHE G 449 17.48 29.22 33.95
CA PHE G 449 17.91 27.86 34.29
C PHE G 449 17.50 26.86 33.22
N ARG G 450 18.27 25.77 33.15
CA ARG G 450 17.87 24.57 32.43
C ARG G 450 17.20 23.65 33.43
N HIS G 451 15.90 23.42 33.25
CA HIS G 451 15.14 22.60 34.18
C HIS G 451 15.09 21.16 33.68
N GLU G 452 15.20 20.22 34.61
CA GLU G 452 14.99 18.82 34.28
C GLU G 452 13.71 18.33 34.95
N ASP G 453 13.79 18.06 36.25
CA ASP G 453 12.59 17.83 37.03
C ASP G 453 12.00 19.19 37.42
N LEU G 454 10.81 19.48 36.91
CA LEU G 454 10.18 20.78 37.15
C LEU G 454 9.77 20.98 38.60
N SER G 455 9.89 19.96 39.45
CA SER G 455 9.64 20.11 40.87
C SER G 455 10.93 20.23 41.68
N VAL G 456 12.08 20.18 41.04
CA VAL G 456 13.37 20.21 41.74
C VAL G 456 14.09 21.50 41.38
N ALA G 457 14.55 22.22 42.41
CA ALA G 457 15.29 23.46 42.16
C ALA G 457 16.52 23.16 41.32
N PRO G 458 16.86 24.04 40.38
CA PRO G 458 18.09 23.83 39.60
C PRO G 458 19.32 23.85 40.49
N THR G 459 20.32 23.07 40.09
CA THR G 459 21.57 23.03 40.83
C THR G 459 22.64 23.96 40.26
N LYS G 460 22.53 24.34 38.99
CA LYS G 460 23.63 25.00 38.27
C LYS G 460 23.20 26.39 37.84
N PHE G 461 23.84 27.42 38.41
CA PHE G 461 23.66 28.77 37.93
C PHE G 461 24.35 28.93 36.58
N GLN G 462 23.78 29.78 35.72
CA GLN G 462 24.31 29.98 34.37
C GLN G 462 25.59 30.81 34.45
N THR G 463 26.72 30.22 34.07
CA THR G 463 28.01 30.88 34.16
C THR G 463 28.75 30.75 32.83
N SER G 464 29.84 31.52 32.72
CA SER G 464 30.68 31.64 31.54
C SER G 464 29.85 31.67 30.26
N PRO G 465 29.06 32.73 30.02
CA PRO G 465 29.00 33.97 30.79
C PRO G 465 28.08 33.91 32.00
N SER G 466 28.40 34.73 33.00
CA SER G 466 27.56 34.91 34.17
C SER G 466 27.10 36.36 34.18
N TRP G 467 25.79 36.56 34.19
CA TRP G 467 25.24 37.90 34.25
C TRP G 467 23.95 37.86 35.05
N ALA G 468 23.33 39.03 35.21
CA ALA G 468 22.11 39.12 36.01
C ALA G 468 20.89 38.71 35.21
N THR G 469 20.77 39.19 33.97
CA THR G 469 19.54 39.09 33.20
C THR G 469 19.83 38.51 31.83
N THR G 470 19.16 37.41 31.49
CA THR G 470 19.13 36.91 30.12
C THR G 470 17.90 37.51 29.45
N MSE G 471 18.12 38.37 28.47
CA MSE G 471 17.03 39.04 27.78
C MSE G 471 16.40 38.14 26.71
O MSE G 471 15.22 38.30 26.38
CB MSE G 471 17.53 40.34 27.13
CG MSE G 471 16.42 41.28 26.70
SE MSE G 471 15.43 41.96 28.23
CE MSE G 471 16.84 42.95 29.09
N SER G 472 17.17 37.20 26.18
CA SER G 472 16.67 36.42 25.06
C SER G 472 17.49 35.15 24.91
N ILE G 473 16.82 34.08 24.46
CA ILE G 473 17.46 32.78 24.25
C ILE G 473 16.76 32.11 23.07
N ASP G 474 17.56 31.46 22.21
CA ASP G 474 17.03 30.73 21.08
C ASP G 474 17.93 29.52 20.84
N TYR G 475 17.40 28.55 20.09
CA TYR G 475 18.14 27.37 19.74
C TYR G 475 17.99 27.11 18.25
N ALA G 476 18.91 26.32 17.71
CA ALA G 476 18.85 25.90 16.32
C ALA G 476 17.89 24.71 16.21
N GLU G 477 16.78 24.90 15.51
CA GLU G 477 15.75 23.88 15.45
C GLU G 477 16.29 22.57 14.89
N LEU G 478 17.26 22.64 13.97
CA LEU G 478 17.80 21.45 13.32
C LEU G 478 19.04 20.90 14.02
N SER G 479 19.56 21.64 14.99
CA SER G 479 20.64 21.16 15.86
C SER G 479 20.29 21.61 17.27
N PRO G 480 19.34 20.93 17.92
CA PRO G 480 18.75 21.49 19.16
C PRO G 480 19.71 21.58 20.33
N SER G 481 20.84 20.89 20.31
CA SER G 481 21.82 21.06 21.37
C SER G 481 22.50 22.43 21.29
N TYR G 482 22.38 23.11 20.16
CA TYR G 482 23.05 24.39 19.95
C TYR G 482 22.10 25.51 20.34
N MSE G 483 22.49 26.29 21.35
CA MSE G 483 21.65 27.42 21.73
C MSE G 483 22.50 28.62 22.14
O MSE G 483 23.68 28.51 22.47
CB MSE G 483 20.70 27.03 22.87
CG MSE G 483 21.30 26.14 23.94
SE MSE G 483 19.93 25.66 25.28
CE MSE G 483 18.88 24.44 24.19
N VAL G 484 21.88 29.80 22.08
CA VAL G 484 22.55 31.07 22.32
C VAL G 484 21.66 31.92 23.23
N ARG G 485 22.28 32.56 24.22
CA ARG G 485 21.60 33.49 25.09
C ARG G 485 22.35 34.81 25.10
N VAL G 486 21.60 35.90 25.24
CA VAL G 486 22.20 37.23 25.29
C VAL G 486 21.72 37.94 26.55
N GLY G 487 22.62 38.71 27.17
CA GLY G 487 22.30 39.48 28.36
C GLY G 487 23.14 40.73 28.39
N SER G 488 23.62 41.10 29.58
CA SER G 488 24.44 42.30 29.71
C SER G 488 25.48 42.04 30.79
N ALA G 489 26.72 41.85 30.36
CA ALA G 489 27.80 41.55 31.30
C ALA G 489 28.19 42.78 32.10
N ASP G 490 28.55 42.56 33.37
CA ASP G 490 29.13 43.62 34.19
C ASP G 490 30.63 43.62 33.92
N LYS G 491 31.05 44.48 33.00
CA LYS G 491 32.46 44.54 32.62
C LYS G 491 33.27 45.43 33.54
N GLU G 492 32.63 46.16 34.45
CA GLU G 492 33.37 46.77 35.56
C GLU G 492 33.95 45.69 36.46
N LYS G 493 33.15 44.66 36.76
CA LYS G 493 33.63 43.57 37.60
C LYS G 493 34.50 42.59 36.81
N THR G 494 34.09 42.26 35.59
CA THR G 494 34.80 41.28 34.76
C THR G 494 34.98 41.85 33.36
N PRO G 495 36.04 42.63 33.13
CA PRO G 495 36.23 43.26 31.81
C PRO G 495 36.29 42.26 30.66
N SER G 496 36.57 40.99 30.92
CA SER G 496 36.62 39.98 29.87
C SER G 496 35.28 39.29 29.64
N MSE G 497 34.28 39.55 30.47
CA MSE G 497 32.97 38.91 30.33
C MSE G 497 32.29 39.40 29.05
O MSE G 497 32.35 40.59 28.71
CB MSE G 497 32.11 39.20 31.56
CG MSE G 497 30.92 38.25 31.76
SE MSE G 497 31.43 36.49 32.42
CE MSE G 497 31.51 36.87 34.34
N LYS G 498 31.65 38.48 28.34
CA LYS G 498 30.87 38.80 27.15
C LYS G 498 29.38 38.81 27.48
N SER G 499 28.62 39.57 26.68
CA SER G 499 27.17 39.68 26.84
C SER G 499 26.40 38.65 26.02
N ILE G 500 27.06 37.60 25.55
CA ILE G 500 26.41 36.53 24.79
C ILE G 500 27.02 35.21 25.21
N GLY G 501 26.17 34.20 25.34
CA GLY G 501 26.62 32.87 25.72
C GLY G 501 26.16 31.82 24.74
N ILE G 502 27.03 30.85 24.48
CA ILE G 502 26.78 29.79 23.51
C ILE G 502 26.88 28.45 24.23
N SER G 503 25.95 27.55 23.92
CA SER G 503 26.01 26.17 24.39
C SER G 503 25.89 25.23 23.21
N ASN G 504 26.67 24.15 23.25
CA ASN G 504 26.57 23.08 22.27
C ASN G 504 26.02 21.80 22.86
N ASP G 505 25.65 21.80 24.13
CA ASP G 505 25.19 20.58 24.81
C ASP G 505 23.83 20.81 25.46
N GLY G 506 22.96 21.55 24.79
CA GLY G 506 21.61 21.73 25.27
C GLY G 506 21.47 22.62 26.49
N GLY G 507 22.44 23.51 26.72
CA GLY G 507 22.36 24.42 27.85
C GLY G 507 22.92 23.91 29.15
N VAL G 508 23.64 22.79 29.15
CA VAL G 508 24.30 22.34 30.37
C VAL G 508 25.56 23.15 30.64
N ASN G 509 26.38 23.36 29.60
CA ASN G 509 27.59 24.15 29.71
C ASN G 509 27.58 25.27 28.68
N TRP G 510 28.01 26.45 29.08
CA TRP G 510 28.08 27.62 28.22
C TRP G 510 29.52 28.10 28.09
N TYR G 511 29.78 28.81 26.99
CA TYR G 511 31.06 29.47 26.80
C TYR G 511 30.84 30.78 26.06
N MSE G 512 31.88 31.60 26.00
CA MSE G 512 31.76 32.92 25.43
C MSE G 512 32.61 33.07 24.15
O MSE G 512 33.75 32.57 24.09
CB MSE G 512 32.18 33.98 26.45
CG MSE G 512 31.46 33.85 27.78
SE MSE G 512 32.12 35.12 29.09
CE MSE G 512 33.85 34.31 29.45
N PRO G 513 32.06 33.75 23.16
CA PRO G 513 32.80 33.95 21.90
C PRO G 513 33.89 35.00 22.08
N ASN G 514 34.68 35.16 21.01
CA ASN G 514 35.88 35.99 21.07
C ASN G 514 35.61 37.48 20.82
N SER G 515 34.40 37.85 20.42
CA SER G 515 34.13 39.25 20.12
C SER G 515 32.62 39.48 20.18
N GLU G 516 32.25 40.74 20.18
CA GLU G 516 30.88 41.20 20.26
C GLU G 516 30.64 42.29 19.23
N PRO G 517 29.38 42.57 18.89
CA PRO G 517 29.09 43.65 17.95
C PRO G 517 29.68 44.98 18.41
N SER G 518 30.16 45.76 17.43
CA SER G 518 30.71 47.08 17.69
C SER G 518 30.53 47.92 16.43
N ASN G 519 30.29 49.22 16.63
CA ASN G 519 30.17 50.16 15.52
C ASN G 519 31.43 50.99 15.33
N GLY G 520 32.58 50.51 15.79
CA GLY G 520 33.82 51.25 15.72
C GLY G 520 34.00 52.29 16.80
N THR G 521 32.92 52.79 17.40
CA THR G 521 32.97 53.74 18.51
C THR G 521 32.85 53.05 19.86
N LYS G 522 31.90 52.12 19.98
CA LYS G 522 31.71 51.40 21.23
C LYS G 522 31.28 49.98 20.92
N THR G 523 31.51 49.09 21.88
CA THR G 523 31.00 47.73 21.83
C THR G 523 29.65 47.68 22.51
N THR G 524 28.75 46.86 21.98
CA THR G 524 27.40 46.75 22.55
C THR G 524 27.47 46.39 24.02
N VAL G 525 26.55 46.94 24.81
CA VAL G 525 26.37 46.51 26.19
C VAL G 525 25.51 45.26 26.28
N GLY G 526 24.98 44.78 25.17
CA GLY G 526 24.23 43.53 25.13
C GLY G 526 22.72 43.70 25.08
N HIS G 527 22.01 42.76 25.68
CA HIS G 527 20.55 42.73 25.75
C HIS G 527 19.99 42.71 24.33
N GLY G 528 18.77 43.20 24.15
CA GLY G 528 18.09 43.05 22.88
C GLY G 528 17.56 41.65 22.68
N GLN G 529 17.60 41.15 21.45
CA GLN G 529 17.07 39.84 21.11
C GLN G 529 18.07 39.07 20.27
N VAL G 530 18.08 37.76 20.44
CA VAL G 530 18.94 36.87 19.66
C VAL G 530 18.05 35.88 18.91
N ALA G 531 18.46 35.53 17.70
CA ALA G 531 17.82 34.49 16.90
C ALA G 531 18.91 33.62 16.32
N VAL G 532 18.70 32.30 16.37
CA VAL G 532 19.67 31.32 15.91
C VAL G 532 19.13 30.66 14.66
N SER G 533 19.94 30.66 13.60
CA SER G 533 19.50 30.06 12.36
C SER G 533 19.13 28.60 12.57
N ALA G 534 18.36 28.09 11.60
CA ALA G 534 17.86 26.72 11.63
C ALA G 534 18.98 25.72 11.93
N SER G 535 20.13 25.87 11.26
CA SER G 535 21.26 24.97 11.45
C SER G 535 22.19 25.39 12.58
N GLY G 536 22.09 26.63 13.06
CA GLY G 536 23.08 27.16 13.98
C GLY G 536 24.32 27.70 13.32
N ASN G 537 24.34 27.81 11.99
CA ASN G 537 25.52 28.30 11.28
C ASN G 537 25.61 29.83 11.29
N SER G 538 24.63 30.52 11.86
CA SER G 538 24.72 31.96 12.02
C SER G 538 23.88 32.36 13.23
N ILE G 539 24.24 33.52 13.80
CA ILE G 539 23.56 34.09 14.95
C ILE G 539 23.20 35.52 14.62
N LEU G 540 21.94 35.88 14.81
CA LEU G 540 21.46 37.24 14.61
C LEU G 540 21.19 37.87 15.97
N TRP G 541 21.73 39.06 16.19
CA TRP G 541 21.67 39.72 17.49
C TRP G 541 21.19 41.15 17.30
N SER G 542 19.93 41.39 17.61
CA SER G 542 19.38 42.74 17.60
C SER G 542 19.72 43.39 18.94
N THR G 543 20.85 44.09 18.98
CA THR G 543 21.34 44.64 20.23
C THR G 543 20.43 45.76 20.74
N SER G 544 20.49 46.00 22.05
CA SER G 544 19.69 47.04 22.65
C SER G 544 20.17 48.44 22.28
N ASP G 545 21.41 48.58 21.78
CA ASP G 545 21.97 49.92 21.67
C ASP G 545 22.51 50.28 20.30
N ILE G 546 23.07 49.32 19.56
CA ILE G 546 23.73 49.68 18.30
C ILE G 546 23.18 48.89 17.12
N GLY G 547 21.99 48.34 17.26
CA GLY G 547 21.33 47.76 16.11
C GLY G 547 21.62 46.29 15.90
N VAL G 548 21.26 45.82 14.71
CA VAL G 548 21.25 44.40 14.39
C VAL G 548 22.59 44.01 13.77
N TYR G 549 23.26 43.04 14.39
CA TYR G 549 24.47 42.45 13.86
C TYR G 549 24.28 40.95 13.70
N TYR G 550 25.08 40.35 12.81
CA TYR G 550 25.08 38.92 12.58
C TYR G 550 26.50 38.39 12.62
N SER G 551 26.63 37.09 12.90
CA SER G 551 27.92 36.41 12.88
C SER G 551 27.79 35.08 12.16
N LYS G 552 28.57 34.90 11.10
CA LYS G 552 28.75 33.63 10.43
C LYS G 552 30.04 32.94 10.85
N THR G 553 30.68 33.42 11.92
CA THR G 553 31.99 32.95 12.35
C THR G 553 31.99 32.59 13.83
N SER G 554 30.83 32.16 14.37
CA SER G 554 30.74 31.66 15.73
C SER G 554 31.14 32.72 16.76
N GLY G 555 30.84 33.98 16.48
CA GLY G 555 31.21 35.06 17.37
C GLY G 555 32.63 35.58 17.20
N ASN G 556 33.43 35.01 16.31
CA ASN G 556 34.77 35.53 16.08
C ASN G 556 34.73 36.90 15.41
N SER G 557 33.62 37.25 14.78
CA SER G 557 33.44 38.58 14.21
C SER G 557 31.96 38.85 14.09
N TRP G 558 31.59 40.11 14.22
CA TRP G 558 30.22 40.56 14.05
C TRP G 558 30.20 41.65 12.99
N THR G 559 29.24 41.55 12.07
CA THR G 559 29.08 42.50 10.98
C THR G 559 27.66 43.06 11.03
N ALA G 560 27.53 44.36 10.79
CA ALA G 560 26.24 45.01 10.86
C ALA G 560 25.32 44.53 9.74
N SER G 561 24.09 44.21 10.09
CA SER G 561 23.07 43.92 9.08
C SER G 561 22.65 45.20 8.38
N ALA G 562 22.18 45.05 7.14
CA ALA G 562 21.69 46.17 6.36
C ALA G 562 20.18 46.05 6.16
N GLY G 563 19.49 47.18 6.20
CA GLY G 563 18.09 47.25 5.88
C GLY G 563 17.12 46.94 7.01
N LEU G 564 17.62 46.60 8.20
CA LEU G 564 16.76 46.30 9.34
C LEU G 564 16.99 47.32 10.43
N PRO G 565 15.99 48.14 10.78
CA PRO G 565 16.22 49.21 11.76
C PRO G 565 16.68 48.68 13.11
N ALA G 566 17.44 49.52 13.81
CA ALA G 566 17.89 49.20 15.16
C ALA G 566 16.70 49.05 16.08
N GLY G 567 16.75 48.04 16.96
CA GLY G 567 15.66 47.76 17.85
C GLY G 567 14.62 46.83 17.30
N ALA G 568 14.84 46.25 16.11
CA ALA G 568 13.85 45.40 15.49
C ALA G 568 13.67 44.10 16.27
N LYS G 569 12.45 43.57 16.22
CA LYS G 569 12.21 42.19 16.62
C LYS G 569 12.75 41.27 15.53
N ILE G 570 13.31 40.13 15.95
CA ILE G 570 13.90 39.18 15.01
C ILE G 570 13.43 37.77 15.34
N ALA G 571 13.46 36.92 14.32
CA ALA G 571 13.11 35.51 14.48
C ALA G 571 13.73 34.75 13.32
N SER G 572 14.13 33.51 13.59
CA SER G 572 14.73 32.65 12.57
C SER G 572 13.68 31.70 12.01
N ASP G 573 13.75 31.46 10.71
CA ASP G 573 13.03 30.35 10.14
C ASP G 573 13.56 29.06 10.74
N ARG G 574 12.66 28.13 11.05
CA ARG G 574 13.05 26.91 11.72
C ARG G 574 13.44 25.81 10.75
N VAL G 575 13.44 26.08 9.45
CA VAL G 575 13.83 25.12 8.43
C VAL G 575 14.98 25.65 7.56
N ASN G 576 14.81 26.86 7.02
CA ASN G 576 15.78 27.42 6.09
C ASN G 576 16.80 28.26 6.85
N PRO G 577 18.04 27.79 7.04
CA PRO G 577 19.01 28.57 7.83
C PRO G 577 19.43 29.88 7.17
N ASN G 578 19.06 30.14 5.92
CA ASN G 578 19.33 31.43 5.29
C ASN G 578 18.26 32.47 5.58
N LYS G 579 17.14 32.08 6.19
CA LYS G 579 15.98 32.95 6.33
C LYS G 579 15.85 33.46 7.77
N TYR G 580 15.81 34.78 7.92
CA TYR G 580 15.45 35.44 9.16
C TYR G 580 14.29 36.39 8.90
N TYR G 581 13.51 36.67 9.93
CA TYR G 581 12.40 37.61 9.84
C TYR G 581 12.62 38.75 10.81
N GLY G 582 12.24 39.95 10.38
CA GLY G 582 12.37 41.13 11.21
C GLY G 582 11.07 41.90 11.27
N PHE G 583 10.89 42.66 12.35
CA PHE G 583 9.72 43.50 12.49
C PHE G 583 10.10 44.76 13.27
N TYR G 584 9.71 45.90 12.75
CA TYR G 584 9.92 47.16 13.46
C TYR G 584 8.87 48.17 13.06
N ALA G 585 8.14 48.68 14.06
CA ALA G 585 7.24 49.84 13.90
C ALA G 585 6.22 49.61 12.79
N GLY G 586 5.66 48.40 12.72
CA GLY G 586 4.61 48.10 11.78
C GLY G 586 5.07 47.48 10.48
N THR G 587 6.36 47.48 10.19
CA THR G 587 6.88 46.95 8.94
C THR G 587 7.51 45.58 9.19
N PHE G 588 7.11 44.59 8.41
CA PHE G 588 7.71 43.27 8.45
C PHE G 588 8.86 43.19 7.45
N TYR G 589 9.91 42.47 7.81
CA TYR G 589 11.09 42.32 6.98
C TYR G 589 11.46 40.84 6.83
N VAL G 590 12.24 40.55 5.79
CA VAL G 590 12.76 39.22 5.56
C VAL G 590 14.19 39.31 5.05
N SER G 591 15.04 38.39 5.51
CA SER G 591 16.38 38.19 4.99
C SER G 591 16.48 36.79 4.41
N VAL G 592 17.10 36.66 3.24
CA VAL G 592 17.33 35.38 2.60
C VAL G 592 18.81 35.06 2.51
N ASP G 593 19.67 35.85 3.17
CA ASP G 593 21.10 35.68 3.09
C ASP G 593 21.72 35.59 4.48
N GLY G 594 21.04 34.91 5.40
CA GLY G 594 21.58 34.67 6.72
C GLY G 594 21.69 35.90 7.61
N GLY G 595 20.88 36.92 7.37
CA GLY G 595 20.85 38.09 8.23
C GLY G 595 21.68 39.27 7.77
N ALA G 596 22.41 39.15 6.65
CA ALA G 596 23.25 40.26 6.20
C ALA G 596 22.40 41.42 5.70
N THR G 597 21.38 41.12 4.89
CA THR G 597 20.53 42.14 4.30
C THR G 597 19.07 41.79 4.54
N PHE G 598 18.29 42.80 4.93
CA PHE G 598 16.86 42.64 5.13
C PHE G 598 16.10 43.55 4.17
N THR G 599 14.96 43.05 3.68
CA THR G 599 14.09 43.81 2.80
C THR G 599 12.67 43.77 3.33
N ALA G 600 11.96 44.89 3.23
CA ALA G 600 10.59 44.95 3.72
C ALA G 600 9.66 44.14 2.83
N THR G 601 8.66 43.52 3.46
CA THR G 601 7.60 42.83 2.75
C THR G 601 6.33 43.70 2.73
N GLY G 602 5.32 43.22 2.01
CA GLY G 602 4.08 43.95 1.87
C GLY G 602 3.05 43.74 2.96
N ALA G 603 3.38 42.99 4.00
CA ALA G 603 2.44 42.75 5.08
C ALA G 603 1.95 44.06 5.68
N SER G 604 0.64 44.24 5.74
CA SER G 604 0.03 45.49 6.17
C SER G 604 -0.92 45.25 7.35
N GLY G 605 -1.27 46.33 8.03
CA GLY G 605 -2.18 46.27 9.16
C GLY G 605 -1.54 45.92 10.49
N PHE G 606 -0.23 45.68 10.53
CA PHE G 606 0.43 45.39 11.79
C PHE G 606 0.49 46.65 12.67
N PRO G 607 0.52 46.48 13.99
CA PRO G 607 0.65 47.65 14.87
C PRO G 607 2.06 48.24 14.82
N THR G 608 2.13 49.56 14.99
CA THR G 608 3.42 50.22 15.15
C THR G 608 3.87 50.27 16.60
N ASN G 609 2.91 50.28 17.54
CA ASN G 609 3.17 50.23 18.98
C ASN G 609 3.94 51.42 19.49
N ASN G 610 4.05 52.50 18.71
CA ASN G 610 4.90 53.63 19.05
C ASN G 610 4.12 54.79 19.69
N VAL G 611 2.92 54.54 20.18
CA VAL G 611 2.05 55.63 20.63
C VAL G 611 2.45 56.08 22.03
N ALA G 612 1.93 57.25 22.42
CA ALA G 612 2.46 57.98 23.57
C ALA G 612 2.00 57.38 24.90
N GLY G 613 0.71 57.12 25.04
CA GLY G 613 0.15 56.78 26.34
C GLY G 613 0.51 55.39 26.86
N LEU G 614 1.10 54.53 26.03
CA LEU G 614 1.30 53.14 26.40
C LEU G 614 2.28 53.02 27.57
N GLN G 615 1.90 52.24 28.58
CA GLN G 615 2.78 51.91 29.68
C GLN G 615 3.73 50.79 29.26
N PRO G 616 4.90 50.68 29.91
CA PRO G 616 5.94 49.77 29.39
C PRO G 616 5.53 48.31 29.32
N ASN G 617 4.56 47.86 30.12
CA ASN G 617 4.09 46.47 30.07
C ASN G 617 2.74 46.34 29.39
N GLU G 618 2.30 47.37 28.66
CA GLU G 618 0.96 47.36 28.10
C GLU G 618 0.86 46.65 26.75
N ALA G 619 1.87 46.78 25.90
CA ALA G 619 1.83 46.22 24.55
C ALA G 619 3.02 45.30 24.32
N GLN G 620 2.84 44.35 23.40
CA GLN G 620 3.82 43.31 23.16
C GLN G 620 3.86 42.98 21.67
N ILE G 621 4.94 42.34 21.25
CA ILE G 621 5.05 41.76 19.92
C ILE G 621 5.62 40.35 20.08
N SER G 622 4.88 39.35 19.62
CA SER G 622 5.29 37.95 19.70
C SER G 622 5.25 37.36 18.30
N MSE G 623 6.42 37.01 17.77
CA MSE G 623 6.57 36.55 16.40
C MSE G 623 7.50 35.34 16.36
O MSE G 623 8.65 35.45 16.80
CB MSE G 623 7.08 37.67 15.49
CG MSE G 623 7.71 37.22 14.17
SE MSE G 623 8.57 38.71 13.23
CE MSE G 623 10.28 38.72 14.15
N LYS G 624 6.99 34.21 15.87
CA LYS G 624 7.74 32.95 15.84
C LYS G 624 7.42 32.20 14.56
N ALA G 625 8.47 31.74 13.88
CA ALA G 625 8.28 30.79 12.79
C ALA G 625 7.99 29.40 13.37
N VAL G 626 7.28 28.59 12.59
CA VAL G 626 6.81 27.29 13.07
C VAL G 626 7.86 26.23 12.80
N PRO G 627 8.23 25.45 13.81
CA PRO G 627 9.18 24.34 13.58
C PRO G 627 8.65 23.39 12.50
N GLY G 628 9.53 23.07 11.54
CA GLY G 628 9.21 22.10 10.52
C GLY G 628 8.59 22.63 9.26
N ILE G 629 8.11 23.87 9.25
CA ILE G 629 7.43 24.44 8.08
C ILE G 629 8.11 25.75 7.72
N GLU G 630 8.87 25.75 6.61
CA GLU G 630 9.53 26.97 6.16
C GLU G 630 8.52 28.03 5.79
N GLY G 631 8.79 29.27 6.21
CA GLY G 631 7.97 30.41 5.83
C GLY G 631 6.63 30.50 6.52
N ASP G 632 6.40 29.72 7.57
CA ASP G 632 5.16 29.73 8.34
C ASP G 632 5.41 30.49 9.62
N ILE G 633 4.78 31.67 9.76
CA ILE G 633 4.99 32.54 10.90
C ILE G 633 3.66 32.91 11.51
N TRP G 634 3.59 32.90 12.84
CA TRP G 634 2.48 33.46 13.58
C TRP G 634 2.95 34.72 14.32
N PHE G 635 2.03 35.67 14.45
CA PHE G 635 2.32 37.01 14.93
C PHE G 635 1.20 37.45 15.85
N ALA G 636 1.53 37.83 17.08
CA ALA G 636 0.56 38.31 18.06
C ALA G 636 1.06 39.61 18.67
N GLY G 637 0.13 40.52 18.92
CA GLY G 637 0.45 41.75 19.62
C GLY G 637 -0.45 42.88 19.15
N GLY G 638 -0.11 44.08 19.58
CA GLY G 638 -0.83 45.27 19.22
C GLY G 638 -1.48 45.93 20.41
N ASN G 639 -2.37 46.87 20.12
CA ASN G 639 -3.01 47.68 21.15
C ASN G 639 -4.31 48.24 20.59
N THR G 640 -5.19 48.63 21.50
CA THR G 640 -6.50 49.15 21.11
C THR G 640 -6.44 50.59 20.61
N VAL G 641 -5.39 51.34 20.97
CA VAL G 641 -5.29 52.72 20.51
C VAL G 641 -5.20 52.78 18.99
N GLU G 642 -4.36 51.91 18.40
CA GLU G 642 -4.25 51.82 16.96
C GLU G 642 -5.37 50.99 16.32
N ASN G 643 -6.18 50.30 17.12
CA ASN G 643 -7.15 49.32 16.62
C ASN G 643 -6.46 48.30 15.71
N LYS G 644 -5.26 47.89 16.11
CA LYS G 644 -4.50 46.85 15.43
C LYS G 644 -3.99 45.92 16.52
N TYR G 645 -4.68 44.81 16.73
CA TYR G 645 -4.51 44.00 17.92
C TYR G 645 -5.08 42.62 17.63
N GLY G 646 -4.28 41.58 17.78
CA GLY G 646 -4.81 40.25 17.57
C GLY G 646 -3.71 39.26 17.21
N LEU G 647 -4.09 38.30 16.37
CA LEU G 647 -3.23 37.19 15.97
C LEU G 647 -3.23 37.09 14.45
N TRP G 648 -2.04 37.03 13.86
CA TRP G 648 -1.85 36.97 12.42
C TRP G 648 -1.12 35.69 12.05
N HIS G 649 -1.33 35.23 10.81
CA HIS G 649 -0.71 34.01 10.32
C HIS G 649 -0.24 34.22 8.88
N SER G 650 1.02 33.88 8.61
CA SER G 650 1.57 33.92 7.26
C SER G 650 2.12 32.54 6.91
N THR G 651 1.98 32.17 5.63
CA THR G 651 2.55 30.93 5.12
C THR G 651 3.48 31.18 3.93
N ASN G 652 3.76 32.44 3.60
CA ASN G 652 4.60 32.79 2.47
C ASN G 652 5.80 33.62 2.91
N SER G 653 6.40 33.25 4.05
CA SER G 653 7.61 33.88 4.56
C SER G 653 7.41 35.36 4.86
N GLY G 654 6.20 35.74 5.28
CA GLY G 654 5.92 37.10 5.67
C GLY G 654 5.51 38.04 4.56
N ALA G 655 5.34 37.54 3.34
CA ALA G 655 4.87 38.40 2.25
C ALA G 655 3.47 38.93 2.56
N SER G 656 2.62 38.12 3.18
CA SER G 656 1.29 38.53 3.56
C SER G 656 0.83 37.68 4.74
N PHE G 657 0.02 38.29 5.61
CA PHE G 657 -0.55 37.61 6.77
C PHE G 657 -2.07 37.66 6.69
N THR G 658 -2.71 36.70 7.35
CA THR G 658 -4.15 36.72 7.56
C THR G 658 -4.41 36.99 9.04
N LYS G 659 -5.17 38.05 9.32
CA LYS G 659 -5.55 38.35 10.70
C LYS G 659 -6.74 37.50 11.09
N LEU G 660 -6.60 36.73 12.17
CA LEU G 660 -7.66 35.82 12.60
C LEU G 660 -8.83 36.63 13.14
N THR G 661 -9.98 36.50 12.49
CA THR G 661 -11.15 37.31 12.84
C THR G 661 -11.77 36.93 14.17
N ASN G 662 -11.44 35.75 14.72
CA ASN G 662 -12.06 35.27 15.94
C ASN G 662 -11.22 35.56 17.19
N VAL G 663 -10.15 36.34 17.07
CA VAL G 663 -9.30 36.70 18.20
C VAL G 663 -9.32 38.22 18.32
N GLU G 664 -9.99 38.74 19.34
CA GLU G 664 -10.14 40.18 19.49
C GLU G 664 -8.82 40.84 19.89
N GLU G 665 -8.12 40.24 20.85
CA GLU G 665 -6.81 40.72 21.27
C GLU G 665 -5.91 39.51 21.48
N ALA G 666 -4.63 39.67 21.16
CA ALA G 666 -3.65 38.63 21.44
C ALA G 666 -2.31 39.28 21.68
N ASP G 667 -1.51 38.66 22.56
CA ASP G 667 -0.26 39.25 23.00
C ASP G 667 0.93 38.30 22.94
N LEU G 668 0.71 36.99 22.95
CA LEU G 668 1.77 36.01 22.82
C LEU G 668 1.23 34.83 22.02
N ILE G 669 2.13 34.15 21.32
CA ILE G 669 1.80 32.92 20.61
C ILE G 669 2.89 31.89 20.88
N GLY G 670 2.49 30.62 20.94
CA GLY G 670 3.44 29.54 21.15
C GLY G 670 2.88 28.25 20.59
N TYR G 671 3.76 27.26 20.42
CA TYR G 671 3.43 26.02 19.75
C TYR G 671 3.74 24.83 20.64
N GLY G 672 2.92 23.78 20.52
CA GLY G 672 3.14 22.55 21.24
C GLY G 672 2.81 21.35 20.36
N LYS G 673 3.08 20.17 20.90
CA LYS G 673 2.84 18.92 20.18
C LYS G 673 1.40 18.85 19.67
N ALA G 674 1.22 18.27 18.48
CA ALA G 674 -0.09 18.21 17.86
C ALA G 674 -1.05 17.34 18.64
N ALA G 675 -2.34 17.66 18.55
CA ALA G 675 -3.40 16.92 19.21
C ALA G 675 -3.62 15.58 18.52
N PRO G 676 -4.35 14.66 19.17
CA PRO G 676 -4.73 13.41 18.51
C PRO G 676 -5.45 13.67 17.19
N GLY G 677 -5.02 12.96 16.14
CA GLY G 677 -5.60 13.09 14.83
C GLY G 677 -5.12 14.26 14.00
N GLN G 678 -4.47 15.25 14.64
CA GLN G 678 -4.04 16.45 13.94
C GLN G 678 -2.59 16.33 13.48
N THR G 679 -2.25 17.08 12.44
CA THR G 679 -0.88 17.20 11.98
C THR G 679 -0.23 18.52 12.36
N TYR G 680 -1.00 19.61 12.38
CA TYR G 680 -0.48 20.90 12.76
C TYR G 680 -0.32 21.00 14.27
N MSE G 681 0.77 21.62 14.70
CA MSE G 681 1.05 21.78 16.12
C MSE G 681 -0.07 22.55 16.82
O MSE G 681 -0.79 23.32 16.19
CB MSE G 681 2.38 22.51 16.32
CG MSE G 681 3.60 21.67 16.03
SE MSE G 681 5.25 22.71 16.18
CE MSE G 681 5.58 22.44 18.09
N SER G 682 -0.21 22.32 18.12
CA SER G 682 -1.19 23.05 18.91
C SER G 682 -0.70 24.46 19.18
N LEU G 683 -1.64 25.41 19.14
CA LEU G 683 -1.35 26.83 19.38
C LEU G 683 -1.70 27.19 20.82
N TYR G 684 -0.82 27.97 21.45
CA TYR G 684 -1.06 28.50 22.78
C TYR G 684 -0.90 30.00 22.72
N THR G 685 -1.86 30.73 23.28
CA THR G 685 -1.86 32.18 23.16
C THR G 685 -2.37 32.82 24.44
N VAL G 686 -1.84 34.02 24.71
CA VAL G 686 -2.39 34.92 25.71
C VAL G 686 -3.24 35.92 24.95
N ALA G 687 -4.53 35.97 25.26
CA ALA G 687 -5.46 36.63 24.34
C ALA G 687 -6.76 36.93 25.05
N LYS G 688 -7.60 37.72 24.38
CA LYS G 688 -8.99 37.93 24.76
C LYS G 688 -9.84 37.36 23.63
N ILE G 689 -10.53 36.25 23.91
CA ILE G 689 -11.27 35.53 22.90
C ILE G 689 -12.70 35.33 23.39
N ASP G 690 -13.67 35.77 22.57
CA ASP G 690 -15.09 35.69 22.89
C ASP G 690 -15.39 36.38 24.23
N GLY G 691 -14.78 37.54 24.43
CA GLY G 691 -15.02 38.35 25.61
C GLY G 691 -14.28 37.92 26.87
N VAL G 692 -13.39 36.95 26.78
CA VAL G 692 -12.73 36.38 27.95
C VAL G 692 -11.23 36.56 27.82
N ARG G 693 -10.61 37.19 28.81
CA ARG G 693 -9.15 37.26 28.90
C ARG G 693 -8.61 35.99 29.55
N GLY G 694 -7.54 35.45 28.98
CA GLY G 694 -6.89 34.32 29.61
C GLY G 694 -5.87 33.67 28.68
N VAL G 695 -5.61 32.39 28.95
CA VAL G 695 -4.70 31.57 28.17
C VAL G 695 -5.55 30.56 27.41
N PHE G 696 -5.32 30.45 26.10
CA PHE G 696 -6.15 29.62 25.24
C PHE G 696 -5.29 28.65 24.44
N ARG G 697 -5.88 27.51 24.09
CA ARG G 697 -5.24 26.51 23.25
C ARG G 697 -6.13 26.21 22.05
N SER G 698 -5.52 26.09 20.89
CA SER G 698 -6.22 25.71 19.65
C SER G 698 -5.60 24.45 19.08
N ASP G 699 -6.44 23.47 18.75
CA ASP G 699 -5.99 22.24 18.14
C ASP G 699 -6.30 22.18 16.64
N ASP G 700 -6.82 23.25 16.06
CA ASP G 700 -7.27 23.25 14.66
C ASP G 700 -6.80 24.52 13.94
N VAL G 701 -5.53 24.88 14.15
CA VAL G 701 -4.87 25.97 13.45
C VAL G 701 -5.61 27.28 13.70
N GLY G 702 -6.14 27.45 14.92
CA GLY G 702 -6.77 28.70 15.30
C GLY G 702 -8.22 28.85 14.92
N ALA G 703 -8.86 27.79 14.40
CA ALA G 703 -10.27 27.89 14.05
C ALA G 703 -11.14 27.97 15.30
N THR G 704 -10.81 27.20 16.34
CA THR G 704 -11.50 27.25 17.62
C THR G 704 -10.48 27.35 18.75
N TRP G 705 -10.91 27.92 19.88
CA TRP G 705 -10.03 28.17 21.01
C TRP G 705 -10.73 27.74 22.30
N VAL G 706 -9.96 27.15 23.21
CA VAL G 706 -10.45 26.72 24.51
C VAL G 706 -9.58 27.34 25.60
N ARG G 707 -10.21 27.91 26.62
CA ARG G 707 -9.46 28.53 27.71
C ARG G 707 -8.90 27.44 28.62
N ILE G 708 -7.59 27.50 28.87
CA ILE G 708 -6.92 26.48 29.67
C ILE G 708 -6.46 27.00 31.02
N ASN G 709 -6.61 28.29 31.27
CA ASN G 709 -6.47 28.79 32.63
C ASN G 709 -7.87 29.11 33.16
N ASP G 710 -7.94 29.72 34.34
CA ASP G 710 -9.21 30.07 34.94
C ASP G 710 -8.99 31.30 35.81
N ASP G 711 -10.08 31.81 36.40
CA ASP G 711 -10.03 33.08 37.10
C ASP G 711 -9.18 33.03 38.37
N ALA G 712 -8.88 31.84 38.89
CA ALA G 712 -8.01 31.72 40.05
C ALA G 712 -6.55 31.54 39.67
N HIS G 713 -6.23 31.43 38.36
CA HIS G 713 -4.85 31.25 37.89
C HIS G 713 -4.60 32.18 36.70
N GLN G 714 -4.46 33.48 37.00
CA GLN G 714 -4.29 34.51 35.98
C GLN G 714 -2.89 35.12 35.97
N TYR G 715 -2.30 35.36 37.15
CA TYR G 715 -0.90 35.78 37.27
C TYR G 715 -0.63 37.15 36.66
N ALA G 716 -1.62 38.06 36.74
CA ALA G 716 -1.43 39.47 36.38
C ALA G 716 -1.11 39.66 34.89
N LYS G 717 -0.10 40.47 34.59
CA LYS G 717 0.15 40.87 33.20
C LYS G 717 1.04 39.82 32.54
N ILE G 718 0.41 38.82 31.93
CA ILE G 718 1.11 37.67 31.38
C ILE G 718 1.41 37.88 29.90
N ASN G 719 2.12 38.95 29.56
CA ASN G 719 2.56 39.20 28.19
C ASN G 719 4.06 38.96 28.01
N MSE G 720 4.61 38.01 28.75
CA MSE G 720 6.06 37.84 28.84
C MSE G 720 6.59 36.73 27.92
O MSE G 720 7.46 36.98 27.09
CB MSE G 720 6.46 37.55 30.28
CG MSE G 720 6.08 38.67 31.24
SE MSE G 720 7.10 40.29 30.85
CE MSE G 720 8.74 39.83 31.79
N ALA G 721 6.04 35.52 28.06
CA ALA G 721 6.50 34.41 27.24
C ALA G 721 5.50 33.26 27.37
N ILE G 722 5.38 32.48 26.30
CA ILE G 722 4.56 31.28 26.31
C ILE G 722 5.13 30.30 25.30
N THR G 723 5.08 29.02 25.65
CA THR G 723 5.38 27.98 24.67
C THR G 723 4.68 26.69 25.08
N GLY G 724 4.30 25.90 24.08
CA GLY G 724 3.92 24.53 24.33
C GLY G 724 5.15 23.65 24.43
N ASP G 725 4.90 22.35 24.52
CA ASP G 725 5.97 21.37 24.59
C ASP G 725 5.93 20.52 23.34
N PRO G 726 6.98 20.49 22.52
CA PRO G 726 6.93 19.71 21.28
C PRO G 726 6.82 18.22 21.51
N ARG G 727 7.03 17.74 22.74
CA ARG G 727 7.00 16.32 23.06
C ARG G 727 5.83 15.92 23.95
N ILE G 728 5.01 16.87 24.40
CA ILE G 728 3.88 16.59 25.29
C ILE G 728 2.69 17.39 24.79
N TYR G 729 1.68 16.70 24.25
CA TYR G 729 0.46 17.38 23.87
C TYR G 729 -0.25 17.93 25.10
N GLY G 730 -0.80 19.14 24.98
CA GLY G 730 -1.58 19.75 26.04
C GLY G 730 -0.77 20.55 27.04
N ARG G 731 0.54 20.34 27.10
CA ARG G 731 1.39 21.01 28.08
C ARG G 731 1.64 22.45 27.63
N VAL G 732 1.52 23.39 28.58
CA VAL G 732 1.83 24.79 28.32
C VAL G 732 2.84 25.27 29.36
N TYR G 733 3.77 26.12 28.92
CA TYR G 733 4.69 26.82 29.83
C TYR G 733 4.40 28.31 29.71
N LEU G 734 4.13 28.96 30.85
CA LEU G 734 3.65 30.34 30.87
C LEU G 734 4.59 31.19 31.72
N GLY G 735 5.23 32.18 31.09
CA GLY G 735 6.00 33.14 31.83
C GLY G 735 5.13 34.21 32.46
N THR G 736 5.68 34.85 33.49
CA THR G 736 5.00 35.93 34.17
C THR G 736 6.02 37.02 34.48
N ASN G 737 5.52 38.14 35.00
CA ASN G 737 6.36 39.23 35.46
C ASN G 737 6.21 39.36 36.98
N GLY G 738 6.79 38.39 37.69
CA GLY G 738 6.74 38.42 39.14
C GLY G 738 6.23 37.15 39.80
N ARG G 739 5.79 36.18 38.99
CA ARG G 739 5.30 34.90 39.52
C ARG G 739 6.08 33.71 38.94
N GLY G 740 7.29 33.92 38.46
CA GLY G 740 8.08 32.85 37.91
C GLY G 740 7.45 32.24 36.67
N THR G 741 7.73 30.96 36.45
CA THR G 741 7.19 30.22 35.32
C THR G 741 6.20 29.17 35.80
N LEU G 742 5.08 29.06 35.10
CA LEU G 742 4.07 28.04 35.36
C LEU G 742 4.11 26.99 34.27
N TYR G 743 3.72 25.76 34.61
CA TYR G 743 3.40 24.77 33.62
C TYR G 743 2.07 24.13 33.97
N ALA G 744 1.33 23.70 32.95
CA ALA G 744 -0.02 23.21 33.15
C ALA G 744 -0.34 22.14 32.12
N ASP G 745 -1.14 21.18 32.54
CA ASP G 745 -1.64 20.08 31.75
C ASP G 745 -3.14 19.94 31.99
N PRO G 746 -3.88 19.33 31.06
CA PRO G 746 -5.25 18.93 31.37
C PRO G 746 -5.26 18.13 32.66
N VAL G 747 -6.32 18.32 33.46
CA VAL G 747 -6.37 17.74 34.80
C VAL G 747 -6.10 16.25 34.78
N GLY H 1 41.78 -40.91 -11.81
CA GLY H 1 40.61 -41.07 -12.65
C GLY H 1 39.29 -41.03 -11.88
N MSE H 2 38.51 -39.97 -12.08
CA MSE H 2 37.23 -39.83 -11.40
C MSE H 2 36.09 -39.67 -12.40
O MSE H 2 36.29 -39.19 -13.53
CB MSE H 2 37.24 -38.63 -10.45
CG MSE H 2 38.59 -38.36 -9.78
SE MSE H 2 38.61 -36.64 -8.86
CE MSE H 2 39.00 -35.48 -10.37
N SER H 3 34.89 -40.06 -11.98
CA SER H 3 33.70 -39.96 -12.80
C SER H 3 32.54 -39.44 -11.96
N GLU H 4 31.55 -38.89 -12.65
CA GLU H 4 30.37 -38.33 -12.03
C GLU H 4 29.19 -38.76 -12.87
N PRO H 5 28.16 -39.39 -12.29
CA PRO H 5 27.06 -39.91 -13.10
C PRO H 5 26.20 -38.79 -13.68
N TYR H 6 25.92 -38.90 -14.97
CA TYR H 6 25.13 -37.93 -15.72
C TYR H 6 23.97 -38.64 -16.40
N THR H 7 22.94 -37.88 -16.74
CA THR H 7 21.85 -38.35 -17.57
C THR H 7 22.01 -37.78 -18.97
N TRP H 8 22.16 -38.65 -19.96
CA TRP H 8 22.42 -38.27 -21.34
C TRP H 8 21.15 -38.41 -22.16
N LYS H 9 20.75 -37.34 -22.85
CA LYS H 9 19.55 -37.36 -23.66
C LYS H 9 19.81 -36.68 -25.00
N SER H 10 19.06 -37.09 -26.02
CA SER H 10 19.16 -36.47 -27.33
C SER H 10 18.41 -35.14 -27.36
N VAL H 11 19.02 -34.14 -27.98
CA VAL H 11 18.27 -32.97 -28.45
C VAL H 11 17.38 -33.41 -29.60
N VAL H 12 16.07 -33.26 -29.45
CA VAL H 12 15.13 -33.90 -30.36
C VAL H 12 15.00 -33.09 -31.64
N THR H 13 15.17 -33.75 -32.79
CA THR H 13 14.83 -33.16 -34.08
C THR H 13 13.58 -33.78 -34.70
N GLY H 14 13.13 -34.92 -34.21
CA GLY H 14 11.90 -35.56 -34.69
C GLY H 14 12.07 -36.43 -35.91
N ALA H 15 12.86 -35.97 -36.88
CA ALA H 15 13.03 -36.68 -38.14
C ALA H 15 14.33 -37.48 -38.23
N GLY H 16 15.33 -37.16 -37.42
CA GLY H 16 16.63 -37.81 -37.53
C GLY H 16 17.63 -36.98 -38.32
N GLY H 17 17.27 -36.63 -39.55
CA GLY H 17 18.06 -35.70 -40.34
C GLY H 17 19.13 -36.32 -41.20
N GLY H 18 19.26 -37.65 -41.22
CA GLY H 18 20.27 -38.33 -42.02
C GLY H 18 19.68 -39.49 -42.79
N PHE H 19 20.56 -40.21 -43.49
CA PHE H 19 20.21 -41.28 -44.41
C PHE H 19 20.05 -42.60 -43.66
N VAL H 20 18.92 -43.26 -43.83
CA VAL H 20 18.72 -44.60 -43.27
C VAL H 20 18.68 -45.58 -44.44
N PRO H 21 19.83 -46.13 -44.84
CA PRO H 21 19.85 -46.98 -46.05
C PRO H 21 19.19 -48.34 -45.87
N GLY H 22 18.93 -48.77 -44.64
CA GLY H 22 18.40 -50.11 -44.44
C GLY H 22 17.48 -50.24 -43.25
N ILE H 23 16.32 -50.85 -43.49
CA ILE H 23 15.39 -51.26 -42.45
C ILE H 23 15.16 -52.75 -42.61
N ILE H 24 15.26 -53.48 -41.50
CA ILE H 24 15.30 -54.95 -41.52
C ILE H 24 14.28 -55.48 -40.52
N PHE H 25 13.25 -56.17 -41.04
CA PHE H 25 12.27 -56.85 -40.20
C PHE H 25 12.72 -58.28 -39.91
N ASN H 26 12.54 -58.71 -38.67
CA ASN H 26 12.72 -60.12 -38.34
C ASN H 26 11.63 -60.94 -39.02
N GLN H 27 12.01 -62.10 -39.54
CA GLN H 27 11.06 -62.91 -40.31
C GLN H 27 10.17 -63.77 -39.43
N THR H 28 10.39 -63.80 -38.12
CA THR H 28 9.71 -64.73 -37.24
C THR H 28 8.95 -64.06 -36.11
N GLU H 29 9.52 -63.02 -35.50
CA GLU H 29 8.88 -62.37 -34.36
C GLU H 29 8.24 -61.07 -34.81
N PRO H 30 6.92 -60.93 -34.70
CA PRO H 30 6.28 -59.67 -35.12
C PRO H 30 6.82 -58.48 -34.33
N ASN H 31 6.95 -57.35 -35.03
CA ASN H 31 7.31 -56.05 -34.47
C ASN H 31 8.76 -55.96 -34.02
N LEU H 32 9.60 -56.94 -34.38
CA LEU H 32 11.04 -56.83 -34.18
C LEU H 32 11.65 -56.24 -35.45
N ILE H 33 12.10 -54.99 -35.37
CA ILE H 33 12.61 -54.22 -36.50
C ILE H 33 13.91 -53.55 -36.11
N TYR H 34 14.85 -53.50 -37.04
CA TYR H 34 16.08 -52.77 -36.88
C TYR H 34 16.25 -51.77 -38.01
N ALA H 35 17.01 -50.71 -37.74
CA ALA H 35 17.37 -49.73 -38.76
C ALA H 35 18.88 -49.50 -38.69
N ARG H 36 19.52 -49.43 -39.86
CA ARG H 36 20.96 -49.19 -39.92
C ARG H 36 21.22 -47.87 -40.65
N THR H 37 22.22 -47.12 -40.17
CA THR H 37 22.60 -45.85 -40.75
C THR H 37 24.03 -45.94 -41.28
N ASP H 38 24.42 -44.93 -42.05
CA ASP H 38 25.74 -44.96 -42.69
C ASP H 38 26.84 -44.35 -41.84
N ILE H 39 26.52 -43.45 -40.90
CA ILE H 39 27.52 -42.85 -40.02
C ILE H 39 27.08 -42.83 -38.56
N GLY H 40 25.90 -43.33 -38.23
CA GLY H 40 25.37 -43.13 -36.88
C GLY H 40 24.87 -44.37 -36.18
N GLY H 41 25.46 -45.53 -36.50
CA GLY H 41 25.09 -46.75 -35.80
C GLY H 41 23.76 -47.30 -36.26
N ALA H 42 23.15 -48.09 -35.40
CA ALA H 42 21.90 -48.77 -35.69
C ALA H 42 20.91 -48.58 -34.56
N TYR H 43 19.66 -48.97 -34.82
CA TYR H 43 18.55 -48.76 -33.90
C TYR H 43 17.68 -50.01 -33.88
N ARG H 44 16.98 -50.21 -32.75
CA ARG H 44 15.95 -51.23 -32.64
C ARG H 44 14.62 -50.55 -32.30
N TRP H 45 13.55 -51.05 -32.91
CA TRP H 45 12.23 -50.47 -32.75
C TRP H 45 11.61 -50.89 -31.42
N ASN H 46 10.93 -49.96 -30.77
CA ASN H 46 10.13 -50.24 -29.57
C ASN H 46 8.67 -50.14 -29.97
N GLN H 47 7.99 -51.28 -30.06
CA GLN H 47 6.61 -51.30 -30.53
C GLN H 47 5.66 -50.61 -29.55
N ALA H 48 5.96 -50.67 -28.25
CA ALA H 48 5.04 -50.09 -27.27
C ALA H 48 5.02 -48.57 -27.31
N THR H 49 6.08 -47.94 -27.83
CA THR H 49 6.17 -46.49 -27.88
C THR H 49 6.30 -45.94 -29.29
N SER H 50 6.29 -46.79 -30.32
CA SER H 50 6.51 -46.36 -31.71
C SER H 50 7.73 -45.45 -31.83
N SER H 51 8.86 -45.94 -31.31
CA SER H 51 10.09 -45.16 -31.32
C SER H 51 11.27 -46.11 -31.43
N TRP H 52 12.43 -45.53 -31.76
CA TRP H 52 13.65 -46.28 -31.96
C TRP H 52 14.60 -46.08 -30.80
N VAL H 53 15.34 -47.15 -30.48
CA VAL H 53 16.34 -47.16 -29.43
C VAL H 53 17.69 -47.42 -30.08
N SER H 54 18.67 -46.57 -29.80
CA SER H 54 20.00 -46.80 -30.36
C SER H 54 20.64 -48.02 -29.72
N ILE H 55 21.27 -48.85 -30.54
CA ILE H 55 22.04 -49.98 -30.05
C ILE H 55 23.53 -49.79 -30.31
N SER H 56 23.98 -48.54 -30.47
CA SER H 56 25.36 -48.26 -30.86
C SER H 56 26.08 -47.24 -29.99
N ASP H 57 25.47 -46.74 -28.91
CA ASP H 57 26.09 -45.62 -28.23
C ASP H 57 27.30 -46.00 -27.41
N SER H 58 27.59 -47.30 -27.25
CA SER H 58 28.85 -47.70 -26.62
CA SER H 58 28.84 -47.71 -26.63
C SER H 58 30.03 -47.60 -27.57
N VAL H 59 29.79 -47.42 -28.87
CA VAL H 59 30.88 -47.21 -29.82
C VAL H 59 31.60 -45.92 -29.49
N GLY H 60 32.92 -46.00 -29.33
CA GLY H 60 33.68 -44.86 -28.84
C GLY H 60 34.75 -44.31 -29.77
N TRP H 61 35.78 -43.71 -29.16
CA TRP H 61 36.75 -42.90 -29.89
C TRP H 61 37.63 -43.73 -30.82
N VAL H 62 38.21 -44.81 -30.29
CA VAL H 62 39.15 -45.62 -31.08
C VAL H 62 38.41 -46.49 -32.08
N ASP H 63 37.27 -47.05 -31.69
CA ASP H 63 36.49 -47.93 -32.56
C ASP H 63 35.34 -47.18 -33.24
N TRP H 64 35.58 -45.91 -33.59
CA TRP H 64 34.53 -45.04 -34.11
C TRP H 64 33.92 -45.59 -35.40
N ASN H 65 34.67 -46.35 -36.20
CA ASN H 65 34.16 -46.73 -37.51
C ASN H 65 33.05 -47.77 -37.42
N LYS H 66 32.77 -48.30 -36.23
CA LYS H 66 31.65 -49.22 -36.04
C LYS H 66 30.30 -48.57 -36.27
N ASN H 67 30.22 -47.24 -36.26
CA ASN H 67 28.95 -46.60 -36.51
C ASN H 67 28.63 -46.50 -37.99
N GLY H 68 29.52 -46.95 -38.87
CA GLY H 68 29.14 -47.20 -40.25
C GLY H 68 28.57 -48.60 -40.35
N VAL H 69 27.26 -48.73 -40.47
CA VAL H 69 26.59 -50.03 -40.43
C VAL H 69 26.22 -50.40 -41.87
N ASP H 70 27.11 -51.16 -42.51
CA ASP H 70 26.95 -51.54 -43.91
C ASP H 70 25.94 -52.66 -44.11
N ALA H 71 25.68 -53.47 -43.08
CA ALA H 71 24.76 -54.59 -43.19
C ALA H 71 24.32 -55.03 -41.80
N LEU H 72 23.12 -55.59 -41.72
CA LEU H 72 22.57 -56.05 -40.45
C LEU H 72 21.72 -57.28 -40.69
N ALA H 73 21.83 -58.28 -39.82
CA ALA H 73 21.03 -59.49 -39.90
C ALA H 73 20.41 -59.79 -38.55
N THR H 74 19.12 -60.14 -38.55
CA THR H 74 18.40 -60.50 -37.34
C THR H 74 17.95 -61.95 -37.44
N ASP H 75 18.26 -62.73 -36.42
CA ASP H 75 18.14 -64.18 -36.45
C ASP H 75 16.68 -64.62 -36.41
N PRO H 76 16.19 -65.38 -37.40
CA PRO H 76 14.80 -65.84 -37.37
C PRO H 76 14.57 -67.05 -36.48
N ILE H 77 15.62 -67.79 -36.12
CA ILE H 77 15.45 -68.93 -35.24
C ILE H 77 15.55 -68.53 -33.79
N ASP H 78 16.49 -67.65 -33.45
CA ASP H 78 16.61 -67.06 -32.11
C ASP H 78 16.59 -65.56 -32.28
N PRO H 79 15.42 -64.92 -32.18
CA PRO H 79 15.32 -63.48 -32.43
C PRO H 79 16.07 -62.62 -31.42
N ASN H 80 16.66 -63.23 -30.40
CA ASN H 80 17.53 -62.46 -29.51
C ASN H 80 18.85 -62.08 -30.17
N LYS H 81 19.25 -62.77 -31.24
CA LYS H 81 20.56 -62.58 -31.83
C LYS H 81 20.49 -61.63 -33.03
N VAL H 82 21.48 -60.76 -33.13
CA VAL H 82 21.56 -59.80 -34.22
C VAL H 82 23.03 -59.54 -34.52
N TYR H 83 23.33 -59.31 -35.80
CA TYR H 83 24.69 -59.15 -36.26
C TYR H 83 24.79 -57.93 -37.16
N MSE H 84 25.96 -57.32 -37.18
CA MSE H 84 26.21 -56.18 -38.05
C MSE H 84 27.59 -56.26 -38.72
O MSE H 84 28.56 -56.70 -38.09
CB MSE H 84 26.10 -54.87 -37.29
CG MSE H 84 24.79 -54.67 -36.53
SE MSE H 84 24.64 -52.90 -35.73
CE MSE H 84 26.24 -52.89 -34.63
N ALA H 85 27.66 -55.86 -39.97
CA ALA H 85 28.93 -55.61 -40.65
C ALA H 85 29.20 -54.12 -40.57
N THR H 86 30.24 -53.72 -39.83
CA THR H 86 30.49 -52.32 -39.56
C THR H 86 31.90 -51.92 -39.94
N GLY H 87 32.08 -50.63 -40.13
CA GLY H 87 33.23 -50.06 -40.82
C GLY H 87 32.69 -49.00 -41.75
N THR H 88 33.36 -47.86 -41.85
CA THR H 88 32.76 -46.70 -42.49
C THR H 88 33.27 -46.45 -43.91
N TYR H 89 34.59 -46.48 -44.14
CA TYR H 89 35.14 -46.24 -45.47
C TYR H 89 36.07 -47.37 -45.87
N THR H 90 36.16 -47.61 -47.18
CA THR H 90 37.07 -48.59 -47.73
C THR H 90 38.26 -47.95 -48.43
N ASN H 91 38.38 -46.63 -48.39
CA ASN H 91 39.56 -45.97 -48.91
C ASN H 91 40.51 -45.67 -47.74
N HIS H 92 41.40 -44.70 -47.92
CA HIS H 92 42.40 -44.37 -46.90
C HIS H 92 41.84 -43.56 -45.75
N TRP H 93 40.53 -43.28 -45.73
CA TRP H 93 39.93 -42.55 -44.61
C TRP H 93 39.62 -43.45 -43.41
N ASP H 94 39.91 -44.75 -43.47
CA ASP H 94 39.43 -45.66 -42.44
C ASP H 94 40.36 -46.87 -42.36
N ASN H 95 40.23 -47.62 -41.27
CA ASN H 95 40.94 -48.88 -41.08
C ASN H 95 39.96 -50.03 -41.34
N ASN H 96 40.42 -51.25 -41.10
CA ASN H 96 39.61 -52.44 -41.38
C ASN H 96 38.33 -52.45 -40.55
N GLY H 97 37.34 -53.19 -41.05
CA GLY H 97 36.04 -53.30 -40.43
C GLY H 97 35.94 -54.53 -39.56
N GLN H 98 34.70 -54.91 -39.25
CA GLN H 98 34.48 -56.00 -38.30
C GLN H 98 33.05 -56.50 -38.45
N ILE H 99 32.83 -57.73 -38.01
CA ILE H 99 31.50 -58.28 -37.82
C ILE H 99 31.18 -58.22 -36.33
N MSE H 100 30.06 -57.60 -35.99
CA MSE H 100 29.66 -57.52 -34.59
C MSE H 100 28.48 -58.45 -34.33
O MSE H 100 27.64 -58.65 -35.20
CB MSE H 100 29.31 -56.08 -34.22
CG MSE H 100 30.53 -55.17 -34.19
SE MSE H 100 30.07 -53.30 -34.15
CE MSE H 100 29.33 -53.19 -32.34
N ARG H 101 28.45 -59.04 -33.13
CA ARG H 101 27.41 -60.01 -32.78
C ARG H 101 26.84 -59.68 -31.41
N SER H 102 25.53 -59.88 -31.27
CA SER H 102 24.83 -59.61 -30.02
C SER H 102 23.88 -60.75 -29.72
N ASN H 103 23.82 -61.14 -28.45
CA ASN H 103 22.87 -62.15 -27.99
C ASN H 103 21.68 -61.55 -27.29
N ASP H 104 21.57 -60.22 -27.25
CA ASP H 104 20.52 -59.55 -26.49
C ASP H 104 19.97 -58.37 -27.29
N ARG H 105 19.78 -58.57 -28.59
CA ARG H 105 19.09 -57.61 -29.47
C ARG H 105 19.82 -56.28 -29.57
N GLY H 106 21.13 -56.29 -29.36
CA GLY H 106 21.93 -55.09 -29.51
C GLY H 106 22.26 -54.37 -28.23
N ASN H 107 21.86 -54.90 -27.07
CA ASN H 107 22.20 -54.25 -25.81
C ASN H 107 23.70 -54.32 -25.53
N THR H 108 24.32 -55.47 -25.84
CA THR H 108 25.76 -55.63 -25.72
C THR H 108 26.29 -56.32 -26.96
N TRP H 109 27.57 -56.08 -27.27
CA TRP H 109 28.17 -56.57 -28.50
C TRP H 109 29.51 -57.23 -28.23
N GLN H 110 29.81 -58.25 -29.02
CA GLN H 110 31.18 -58.73 -29.21
C GLN H 110 31.57 -58.50 -30.65
N THR H 111 32.87 -58.42 -30.91
CA THR H 111 33.33 -58.00 -32.23
C THR H 111 34.44 -58.91 -32.73
N THR H 112 34.39 -59.24 -34.02
CA THR H 112 35.45 -59.98 -34.69
C THR H 112 36.03 -59.11 -35.78
N PRO H 113 37.29 -58.69 -35.68
CA PRO H 113 37.88 -57.89 -36.75
C PRO H 113 37.96 -58.69 -38.05
N LEU H 114 37.76 -57.99 -39.17
CA LEU H 114 37.94 -58.52 -40.51
C LEU H 114 39.26 -58.04 -41.09
N PRO H 115 39.90 -58.83 -41.96
CA PRO H 115 41.20 -58.40 -42.52
C PRO H 115 41.05 -57.45 -43.70
N PHE H 116 39.92 -56.76 -43.80
CA PHE H 116 39.65 -55.84 -44.88
C PHE H 116 38.63 -54.81 -44.41
N LYS H 117 38.38 -53.81 -45.26
CA LYS H 117 37.57 -52.67 -44.85
C LYS H 117 36.10 -52.87 -45.22
N VAL H 118 35.23 -52.31 -44.38
CA VAL H 118 33.80 -52.33 -44.59
C VAL H 118 33.37 -50.90 -44.92
N GLY H 119 32.29 -50.76 -45.68
CA GLY H 119 31.95 -49.47 -46.22
C GLY H 119 30.60 -48.92 -45.88
N GLY H 120 30.34 -48.71 -44.58
CA GLY H 120 29.04 -48.21 -44.16
C GLY H 120 28.65 -46.89 -44.80
N ASN H 121 29.63 -46.03 -45.11
CA ASN H 121 29.38 -44.75 -45.77
C ASN H 121 29.99 -44.71 -47.16
N MSE H 122 29.94 -45.84 -47.87
CA MSE H 122 30.46 -45.94 -49.23
C MSE H 122 29.30 -46.01 -50.23
O MSE H 122 28.15 -46.22 -49.84
CB MSE H 122 31.37 -47.17 -49.38
CG MSE H 122 32.67 -47.10 -48.59
SE MSE H 122 33.76 -45.54 -49.00
CE MSE H 122 34.27 -45.97 -50.84
N PRO H 123 29.60 -45.83 -51.53
CA PRO H 123 28.57 -46.04 -52.54
C PRO H 123 27.96 -47.43 -52.44
N GLY H 124 26.69 -47.53 -52.81
CA GLY H 124 26.01 -48.82 -52.80
C GLY H 124 25.54 -49.29 -51.44
N ARG H 125 25.58 -48.44 -50.42
CA ARG H 125 25.25 -48.87 -49.06
C ARG H 125 23.78 -49.19 -48.87
N SER H 126 22.89 -48.82 -49.80
CA SER H 126 21.48 -49.18 -49.69
C SER H 126 21.14 -50.49 -50.38
N ALA H 127 22.03 -51.04 -51.19
CA ALA H 127 21.83 -52.42 -51.67
C ALA H 127 22.01 -53.38 -50.52
N GLY H 128 21.21 -54.44 -50.49
CA GLY H 128 21.38 -55.46 -49.47
C GLY H 128 20.14 -56.32 -49.31
N GLU H 129 20.11 -57.04 -48.18
CA GLU H 129 21.17 -57.02 -47.18
C GLU H 129 22.34 -57.93 -47.57
N ARG H 130 23.55 -57.50 -47.22
CA ARG H 130 24.76 -58.23 -47.57
C ARG H 130 25.29 -59.08 -46.43
N LEU H 131 24.55 -59.15 -45.32
CA LEU H 131 24.86 -60.05 -44.20
C LEU H 131 23.58 -60.80 -43.87
N VAL H 132 23.64 -62.14 -43.89
CA VAL H 132 22.44 -62.96 -43.72
C VAL H 132 22.73 -64.17 -42.85
N ILE H 133 21.69 -64.66 -42.20
CA ILE H 133 21.74 -65.84 -41.34
C ILE H 133 20.96 -66.95 -42.04
N ASP H 134 21.54 -68.14 -42.08
CA ASP H 134 20.83 -69.30 -42.64
C ASP H 134 19.55 -69.52 -41.85
N PRO H 135 18.37 -69.43 -42.48
CA PRO H 135 17.11 -69.53 -41.73
C PRO H 135 16.79 -70.93 -41.23
N ASN H 136 17.57 -71.94 -41.63
CA ASN H 136 17.40 -73.30 -41.14
C ASN H 136 18.51 -73.75 -40.21
N LYS H 137 19.66 -73.08 -40.22
CA LYS H 137 20.78 -73.46 -39.35
C LYS H 137 21.53 -72.17 -39.02
N ASN H 138 21.13 -71.54 -37.92
CA ASN H 138 21.50 -70.14 -37.67
C ASN H 138 22.92 -69.96 -37.17
N ASN H 139 23.74 -71.01 -37.08
CA ASN H 139 25.17 -70.80 -36.87
C ASN H 139 25.90 -70.45 -38.15
N ILE H 140 25.23 -70.55 -39.30
CA ILE H 140 25.81 -70.24 -40.60
C ILE H 140 25.41 -68.82 -40.98
N LEU H 141 26.42 -68.00 -41.32
CA LEU H 141 26.19 -66.66 -41.83
C LEU H 141 27.05 -66.43 -43.07
N TYR H 142 26.53 -65.65 -44.01
CA TYR H 142 27.30 -65.20 -45.16
C TYR H 142 27.37 -63.69 -45.17
N PHE H 143 28.47 -63.17 -45.73
CA PHE H 143 28.72 -61.74 -45.81
C PHE H 143 29.26 -61.43 -47.20
N GLY H 144 28.55 -60.57 -47.94
CA GLY H 144 29.02 -60.11 -49.24
C GLY H 144 29.83 -58.84 -49.13
N ALA H 145 31.13 -58.91 -49.43
CA ALA H 145 32.07 -57.86 -49.08
C ALA H 145 32.41 -56.98 -50.29
N ARG H 146 33.11 -55.89 -49.99
CA ARG H 146 33.47 -54.87 -50.97
C ARG H 146 34.90 -55.07 -51.47
N SER H 147 35.25 -54.27 -52.48
CA SER H 147 36.62 -54.04 -52.90
C SER H 147 37.30 -55.29 -53.43
N GLY H 148 36.53 -56.29 -53.87
CA GLY H 148 37.12 -57.50 -54.40
C GLY H 148 37.38 -58.58 -53.38
N ASN H 149 36.91 -58.40 -52.14
CA ASN H 149 37.08 -59.43 -51.13
C ASN H 149 36.04 -60.54 -51.25
N GLY H 150 35.02 -60.36 -52.08
CA GLY H 150 34.14 -61.46 -52.44
C GLY H 150 33.21 -61.90 -51.32
N LEU H 151 32.94 -63.20 -51.30
CA LEU H 151 31.97 -63.79 -50.38
C LEU H 151 32.70 -64.42 -49.21
N TRP H 152 32.23 -64.12 -48.00
CA TRP H 152 32.79 -64.65 -46.77
C TRP H 152 31.69 -65.37 -45.99
N LYS H 153 32.09 -66.30 -45.12
CA LYS H 153 31.07 -67.04 -44.39
C LYS H 153 31.59 -67.44 -43.02
N SER H 154 30.64 -67.66 -42.12
CA SER H 154 30.91 -68.14 -40.77
C SER H 154 30.06 -69.36 -40.51
N ILE H 155 30.60 -70.34 -39.79
CA ILE H 155 29.84 -71.49 -39.34
C ILE H 155 29.77 -71.59 -37.83
N ASP H 156 30.30 -70.60 -37.11
CA ASP H 156 30.29 -70.60 -35.66
C ASP H 156 29.57 -69.37 -35.11
N SER H 157 28.44 -69.03 -35.74
CA SER H 157 27.58 -67.92 -35.31
C SER H 157 28.35 -66.60 -35.30
N GLY H 158 29.14 -66.37 -36.34
CA GLY H 158 29.80 -65.08 -36.52
C GLY H 158 31.07 -64.87 -35.73
N VAL H 159 31.56 -65.88 -35.02
CA VAL H 159 32.76 -65.70 -34.23
C VAL H 159 34.00 -65.63 -35.14
N THR H 160 34.09 -66.54 -36.10
CA THR H 160 35.21 -66.54 -37.05
C THR H 160 34.66 -66.54 -38.47
N TRP H 161 35.47 -65.99 -39.39
CA TRP H 161 35.04 -65.77 -40.77
C TRP H 161 36.12 -66.24 -41.73
N SER H 162 35.69 -66.79 -42.87
CA SER H 162 36.59 -67.28 -43.90
C SER H 162 36.04 -66.94 -45.28
N LYS H 163 36.95 -66.71 -46.22
CA LYS H 163 36.55 -66.41 -47.59
C LYS H 163 36.00 -67.66 -48.26
N VAL H 164 34.87 -67.49 -48.96
CA VAL H 164 34.31 -68.57 -49.78
C VAL H 164 35.03 -68.52 -51.12
N THR H 165 36.07 -69.33 -51.28
CA THR H 165 36.94 -69.22 -52.45
C THR H 165 36.28 -69.72 -53.72
N SER H 166 35.21 -70.49 -53.62
CA SER H 166 34.53 -70.96 -54.82
C SER H 166 33.59 -69.91 -55.42
N PHE H 167 33.36 -68.79 -54.75
CA PHE H 167 32.49 -67.78 -55.36
C PHE H 167 33.21 -67.13 -56.53
N PRO H 168 32.59 -67.05 -57.71
CA PRO H 168 33.34 -66.76 -58.95
C PRO H 168 33.39 -65.31 -59.39
N ASN H 169 32.72 -64.38 -58.71
CA ASN H 169 32.64 -63.00 -59.19
C ASN H 169 32.67 -62.06 -57.97
N VAL H 170 33.82 -61.40 -57.75
CA VAL H 170 33.92 -60.44 -56.66
C VAL H 170 33.41 -59.07 -57.04
N GLY H 171 32.94 -58.88 -58.26
CA GLY H 171 32.40 -57.63 -58.76
C GLY H 171 33.33 -56.97 -59.75
N THR H 172 32.73 -56.20 -60.67
CA THR H 172 33.50 -55.40 -61.63
C THR H 172 33.19 -53.92 -61.60
N TYR H 173 32.03 -53.50 -61.09
CA TYR H 173 31.62 -52.12 -61.17
C TYR H 173 32.38 -51.25 -60.16
N ILE H 174 32.81 -50.07 -60.63
CA ILE H 174 33.44 -49.06 -59.80
C ILE H 174 32.74 -47.73 -60.07
N GLN H 175 32.24 -47.08 -59.01
CA GLN H 175 31.45 -45.86 -59.22
C GLN H 175 32.33 -44.70 -59.69
N ASN H 176 33.45 -44.45 -59.02
CA ASN H 176 34.29 -43.27 -59.26
C ASN H 176 35.74 -43.69 -59.46
N PRO H 177 36.07 -44.28 -60.61
CA PRO H 177 37.43 -44.79 -60.81
C PRO H 177 38.52 -43.71 -60.76
N THR H 178 38.19 -42.44 -61.01
CA THR H 178 39.20 -41.40 -61.03
C THR H 178 39.33 -40.64 -59.72
N LEU H 179 38.47 -40.90 -58.73
CA LEU H 179 38.49 -40.17 -57.47
C LEU H 179 39.16 -41.00 -56.38
N ASP H 180 39.43 -40.36 -55.25
CA ASP H 180 39.97 -41.05 -54.09
C ASP H 180 38.89 -41.60 -53.18
N TYR H 181 37.62 -41.46 -53.56
CA TYR H 181 36.51 -42.01 -52.81
C TYR H 181 35.65 -42.81 -53.78
N GLY H 182 35.51 -44.10 -53.54
CA GLY H 182 34.71 -44.93 -54.42
C GLY H 182 35.42 -45.40 -55.66
N ASN H 183 36.75 -45.49 -55.64
CA ASN H 183 37.50 -46.03 -56.77
C ASN H 183 37.78 -47.52 -56.61
N ASP H 184 37.28 -48.14 -55.57
CA ASP H 184 37.38 -49.59 -55.39
C ASP H 184 36.12 -50.27 -55.90
N LEU H 185 36.20 -51.57 -56.08
CA LEU H 185 35.03 -52.35 -56.46
C LEU H 185 33.93 -52.20 -55.41
N VAL H 186 32.70 -52.01 -55.88
CA VAL H 186 31.56 -52.03 -54.96
C VAL H 186 31.41 -53.42 -54.35
N GLY H 187 31.61 -54.47 -55.16
CA GLY H 187 31.61 -55.81 -54.64
C GLY H 187 30.28 -56.53 -54.75
N LEU H 188 29.92 -57.29 -53.72
CA LEU H 188 28.68 -58.05 -53.70
C LEU H 188 27.55 -57.17 -53.20
N SER H 189 26.32 -57.49 -53.61
CA SER H 189 25.20 -56.57 -53.45
C SER H 189 24.10 -57.07 -52.52
N TRP H 190 23.80 -58.36 -52.48
CA TRP H 190 22.79 -58.89 -51.58
C TRP H 190 22.88 -60.41 -51.61
N ILE H 191 22.31 -61.03 -50.56
CA ILE H 191 22.30 -62.48 -50.42
C ILE H 191 20.92 -62.89 -49.94
N THR H 192 20.37 -63.94 -50.56
CA THR H 192 19.00 -64.36 -50.27
C THR H 192 18.93 -65.88 -50.25
N PHE H 193 18.55 -66.44 -49.10
CA PHE H 193 18.33 -67.87 -48.98
C PHE H 193 16.95 -68.24 -49.51
N ASP H 194 16.83 -69.48 -49.97
CA ASP H 194 15.53 -70.09 -50.22
C ASP H 194 15.28 -71.07 -49.07
N LYS H 195 14.49 -70.61 -48.09
CA LYS H 195 14.30 -71.37 -46.85
C LYS H 195 13.71 -72.75 -47.12
N SER H 196 12.98 -72.92 -48.23
CA SER H 196 12.39 -74.22 -48.52
C SER H 196 13.44 -75.27 -48.91
N THR H 197 14.69 -74.89 -49.16
CA THR H 197 15.72 -75.85 -49.53
C THR H 197 16.57 -76.29 -48.34
N GLY H 198 16.09 -76.07 -47.13
CA GLY H 198 16.67 -76.66 -45.94
C GLY H 198 15.57 -76.95 -44.94
N THR H 199 15.95 -77.59 -43.84
CA THR H 199 15.06 -77.83 -42.71
C THR H 199 15.80 -77.51 -41.43
N LEU H 200 15.04 -77.23 -40.37
CA LEU H 200 15.63 -76.83 -39.10
C LEU H 200 16.74 -77.79 -38.69
N GLY H 201 17.94 -77.25 -38.50
CA GLY H 201 19.10 -78.06 -38.17
C GLY H 201 19.91 -78.53 -39.35
N ASN H 202 19.50 -78.22 -40.59
CA ASN H 202 20.19 -78.65 -41.80
C ASN H 202 20.41 -77.43 -42.68
N ALA H 203 21.64 -77.25 -43.17
CA ALA H 203 21.98 -76.04 -43.91
C ALA H 203 21.11 -75.87 -45.14
N THR H 204 20.70 -74.63 -45.37
CA THR H 204 19.90 -74.30 -46.55
C THR H 204 20.75 -74.48 -47.80
N GLN H 205 20.21 -75.19 -48.80
CA GLN H 205 21.01 -75.61 -49.93
C GLN H 205 21.03 -74.59 -51.07
N THR H 206 19.97 -73.80 -51.26
CA THR H 206 19.93 -72.83 -52.35
C THR H 206 20.13 -71.43 -51.82
N ILE H 207 21.13 -70.74 -52.38
CA ILE H 207 21.49 -69.39 -51.98
C ILE H 207 21.63 -68.55 -53.25
N TYR H 208 20.99 -67.38 -53.27
CA TYR H 208 21.12 -66.42 -54.35
C TYR H 208 22.00 -65.26 -53.88
N VAL H 209 22.89 -64.80 -54.77
CA VAL H 209 23.78 -63.68 -54.46
C VAL H 209 23.76 -62.71 -55.63
N GLY H 210 23.56 -61.44 -55.34
CA GLY H 210 23.68 -60.38 -56.34
C GLY H 210 25.06 -59.75 -56.25
N VAL H 211 25.60 -59.38 -57.41
CA VAL H 211 26.96 -58.85 -57.53
C VAL H 211 26.92 -57.60 -58.40
N ALA H 212 27.63 -56.55 -57.97
CA ALA H 212 27.76 -55.33 -58.75
C ALA H 212 28.66 -55.60 -59.96
N ASP H 213 28.03 -56.15 -61.01
CA ASP H 213 28.71 -56.44 -62.27
C ASP H 213 27.62 -56.38 -63.35
N THR H 214 27.72 -55.41 -64.25
CA THR H 214 26.67 -55.24 -65.25
C THR H 214 26.62 -56.39 -66.26
N ALA H 215 27.70 -57.17 -66.39
CA ALA H 215 27.72 -58.27 -67.33
C ALA H 215 27.19 -59.58 -66.75
N SER H 216 27.27 -59.76 -65.43
CA SER H 216 26.87 -61.02 -64.81
C SER H 216 26.69 -60.72 -63.31
N SER H 217 25.43 -60.56 -62.90
CA SER H 217 25.16 -59.98 -61.58
C SER H 217 24.42 -60.90 -60.61
N VAL H 218 23.78 -61.98 -61.07
CA VAL H 218 22.98 -62.82 -60.18
C VAL H 218 23.50 -64.24 -60.23
N TYR H 219 23.83 -64.78 -59.07
CA TYR H 219 24.42 -66.10 -58.94
C TYR H 219 23.58 -66.96 -58.00
N ARG H 220 23.72 -68.27 -58.15
CA ARG H 220 23.02 -69.22 -57.31
C ARG H 220 23.92 -70.40 -56.98
N SER H 221 23.87 -70.84 -55.72
CA SER H 221 24.34 -72.15 -55.32
C SER H 221 23.14 -73.02 -54.99
N THR H 222 23.18 -74.28 -55.40
CA THR H 222 22.15 -75.23 -55.02
C THR H 222 22.71 -76.37 -54.17
N ASP H 223 23.96 -76.28 -53.73
CA ASP H 223 24.58 -77.31 -52.92
C ASP H 223 25.15 -76.71 -51.63
N GLY H 224 24.46 -75.73 -51.08
CA GLY H 224 24.86 -75.15 -49.80
C GLY H 224 26.11 -74.31 -49.85
N GLY H 225 26.40 -73.68 -50.99
CA GLY H 225 27.51 -72.77 -51.08
C GLY H 225 28.82 -73.37 -51.52
N VAL H 226 28.83 -74.60 -52.02
CA VAL H 226 30.06 -75.23 -52.47
C VAL H 226 30.39 -74.80 -53.90
N THR H 227 29.40 -74.82 -54.80
CA THR H 227 29.58 -74.37 -56.17
C THR H 227 28.56 -73.30 -56.50
N TRP H 228 28.93 -72.41 -57.42
CA TRP H 228 28.11 -71.27 -57.80
C TRP H 228 28.07 -71.16 -59.31
N THR H 229 26.89 -70.83 -59.85
CA THR H 229 26.74 -70.55 -61.26
C THR H 229 25.87 -69.31 -61.43
N ALA H 230 26.18 -68.51 -62.45
CA ALA H 230 25.31 -67.40 -62.81
C ALA H 230 23.99 -67.92 -63.36
N LEU H 231 22.89 -67.26 -62.99
CA LEU H 231 21.58 -67.69 -63.43
C LEU H 231 21.45 -67.54 -64.94
N ALA H 232 21.14 -68.65 -65.63
CA ALA H 232 21.02 -68.61 -67.08
C ALA H 232 19.92 -67.64 -67.50
N GLY H 233 20.18 -66.91 -68.59
CA GLY H 233 19.19 -66.02 -69.16
C GLY H 233 18.94 -64.72 -68.44
N GLN H 234 19.76 -64.38 -67.45
CA GLN H 234 19.53 -63.17 -66.68
C GLN H 234 19.79 -61.93 -67.53
N PRO H 235 19.16 -60.80 -67.20
CA PRO H 235 19.40 -59.57 -67.95
C PRO H 235 20.76 -58.97 -67.61
N THR H 236 21.28 -58.19 -68.57
CA THR H 236 22.58 -57.54 -68.44
C THR H 236 22.41 -56.03 -68.60
N GLY H 237 23.45 -55.30 -68.20
CA GLY H 237 23.52 -53.87 -68.35
C GLY H 237 23.27 -53.07 -67.09
N PHE H 238 22.74 -53.68 -66.03
CA PHE H 238 22.33 -52.96 -64.84
C PHE H 238 22.89 -53.64 -63.60
N LEU H 239 22.58 -53.06 -62.43
CA LEU H 239 23.14 -53.48 -61.15
C LEU H 239 21.99 -53.77 -60.19
N PRO H 240 21.86 -55.01 -59.72
CA PRO H 240 20.69 -55.41 -58.91
C PRO H 240 20.83 -54.90 -57.47
N HIS H 241 19.83 -54.11 -57.04
CA HIS H 241 19.87 -53.48 -55.73
C HIS H 241 19.36 -54.40 -54.62
N HIS H 242 18.33 -55.19 -54.91
CA HIS H 242 17.75 -56.13 -53.96
C HIS H 242 17.26 -57.35 -54.72
N GLY H 243 17.22 -58.49 -54.03
CA GLY H 243 16.62 -59.69 -54.56
C GLY H 243 15.80 -60.38 -53.49
N GLU H 244 14.50 -60.45 -53.70
CA GLU H 244 13.57 -60.96 -52.70
C GLU H 244 12.78 -62.11 -53.30
N LEU H 245 12.72 -63.21 -52.57
CA LEU H 245 12.08 -64.44 -53.02
C LEU H 245 10.69 -64.56 -52.38
N SER H 246 9.67 -64.62 -53.22
CA SER H 246 8.32 -64.79 -52.74
C SER H 246 8.01 -66.26 -52.48
N SER H 247 7.02 -66.50 -51.61
CA SER H 247 6.56 -67.86 -51.38
C SER H 247 5.94 -68.49 -52.62
N THR H 248 5.61 -67.70 -53.66
CA THR H 248 5.15 -68.29 -54.91
C THR H 248 6.30 -68.91 -55.72
N GLY H 249 7.54 -68.73 -55.28
CA GLY H 249 8.69 -69.21 -56.03
C GLY H 249 9.30 -68.21 -56.99
N ASP H 250 8.86 -66.95 -56.96
CA ASP H 250 9.36 -65.93 -57.86
C ASP H 250 10.38 -65.05 -57.13
N LEU H 251 11.54 -64.88 -57.73
CA LEU H 251 12.58 -64.00 -57.22
C LEU H 251 12.45 -62.65 -57.92
N TYR H 252 12.17 -61.61 -57.14
CA TYR H 252 12.04 -60.27 -57.68
C TYR H 252 13.33 -59.50 -57.47
N ILE H 253 13.75 -58.76 -58.49
CA ILE H 253 15.03 -58.05 -58.48
C ILE H 253 14.84 -56.66 -59.05
N THR H 254 15.26 -55.64 -58.29
CA THR H 254 15.30 -54.27 -58.79
C THR H 254 16.69 -53.94 -59.30
N TYR H 255 16.75 -53.16 -60.37
CA TYR H 255 18.01 -52.84 -61.04
C TYR H 255 18.14 -51.34 -61.24
N SER H 256 19.38 -50.86 -61.11
CA SER H 256 19.74 -49.49 -61.45
C SER H 256 21.02 -49.52 -62.26
N ASN H 257 21.23 -48.49 -63.07
CA ASN H 257 22.51 -48.37 -63.76
C ASN H 257 23.58 -47.77 -62.86
N GLY H 258 23.26 -47.48 -61.60
CA GLY H 258 24.26 -47.16 -60.60
C GLY H 258 23.99 -47.95 -59.33
N VAL H 259 24.90 -47.85 -58.38
CA VAL H 259 24.69 -48.50 -57.09
C VAL H 259 24.11 -47.55 -56.06
N GLY H 260 23.96 -46.26 -56.39
CA GLY H 260 23.36 -45.33 -55.47
C GLY H 260 24.32 -44.93 -54.35
N PRO H 261 23.82 -44.16 -53.38
CA PRO H 261 22.40 -43.80 -53.28
C PRO H 261 21.99 -42.53 -54.04
N TYR H 262 22.96 -41.81 -54.62
CA TYR H 262 22.69 -40.52 -55.24
C TYR H 262 22.40 -40.59 -56.73
N ASP H 263 22.85 -41.63 -57.42
CA ASP H 263 22.71 -41.67 -58.87
C ASP H 263 21.57 -42.62 -59.25
N GLY H 264 21.60 -43.13 -60.49
CA GLY H 264 20.52 -43.94 -61.00
C GLY H 264 19.70 -43.17 -62.01
N SER H 265 20.06 -43.31 -63.30
CA SER H 265 19.39 -42.61 -64.38
C SER H 265 18.70 -43.56 -65.34
N LYS H 266 18.63 -44.84 -65.00
CA LYS H 266 18.01 -45.89 -65.79
C LYS H 266 17.87 -47.11 -64.91
N GLY H 267 16.80 -47.88 -65.13
CA GLY H 267 16.56 -49.03 -64.26
C GLY H 267 15.56 -50.00 -64.86
N GLU H 268 15.52 -51.19 -64.26
CA GLU H 268 14.60 -52.24 -64.64
C GLU H 268 14.18 -53.00 -63.39
N VAL H 269 13.08 -53.73 -63.52
CA VAL H 269 12.64 -54.69 -62.50
C VAL H 269 12.31 -55.99 -63.20
N TRP H 270 12.84 -57.10 -62.68
CA TRP H 270 12.64 -58.41 -63.28
C TRP H 270 12.13 -59.39 -62.23
N LYS H 271 11.51 -60.46 -62.71
CA LYS H 271 11.21 -61.59 -61.84
C LYS H 271 11.73 -62.86 -62.47
N TYR H 272 12.18 -63.78 -61.62
CA TYR H 272 12.77 -65.05 -62.03
C TYR H 272 12.00 -66.15 -61.32
N ASN H 273 11.47 -67.10 -62.08
CA ASN H 273 10.75 -68.21 -61.50
C ASN H 273 11.74 -69.33 -61.21
N LYS H 274 11.83 -69.73 -59.94
CA LYS H 274 12.86 -70.69 -59.53
C LYS H 274 12.61 -72.08 -60.08
N THR H 275 11.40 -72.39 -60.54
CA THR H 275 11.09 -73.72 -61.05
C THR H 275 11.36 -73.83 -62.56
N SER H 276 10.82 -72.89 -63.33
CA SER H 276 11.01 -72.93 -64.78
C SER H 276 12.31 -72.28 -65.22
N GLY H 277 12.87 -71.38 -64.42
CA GLY H 277 14.00 -70.59 -64.87
C GLY H 277 13.63 -69.42 -65.75
N ALA H 278 12.34 -69.12 -65.91
CA ALA H 278 11.90 -68.06 -66.81
C ALA H 278 12.12 -66.68 -66.20
N TRP H 279 12.59 -65.75 -67.03
CA TRP H 279 12.79 -64.36 -66.65
C TRP H 279 11.69 -63.51 -67.28
N THR H 280 11.11 -62.61 -66.50
CA THR H 280 10.05 -61.72 -66.99
C THR H 280 10.40 -60.29 -66.61
N ASN H 281 10.42 -59.42 -67.61
CA ASN H 281 10.64 -58.00 -67.38
C ASN H 281 9.35 -57.38 -66.87
N ILE H 282 9.37 -56.87 -65.64
CA ILE H 282 8.19 -56.26 -65.04
C ILE H 282 8.48 -54.81 -64.65
N SER H 283 9.35 -54.16 -65.40
CA SER H 283 9.71 -52.78 -65.09
C SER H 283 8.47 -51.89 -65.17
N PRO H 284 8.17 -51.11 -64.12
CA PRO H 284 7.00 -50.21 -64.19
C PRO H 284 7.08 -49.20 -65.33
N THR H 285 8.28 -48.74 -65.68
CA THR H 285 8.47 -47.82 -66.79
C THR H 285 9.68 -48.27 -67.60
N THR H 286 9.62 -48.00 -68.91
CA THR H 286 10.68 -48.39 -69.84
C THR H 286 10.92 -47.26 -70.82
N GLY H 287 11.99 -47.42 -71.60
CA GLY H 287 12.30 -46.44 -72.64
C GLY H 287 12.52 -45.06 -72.05
N THR H 288 12.07 -44.04 -72.78
CA THR H 288 12.20 -42.67 -72.30
C THR H 288 11.25 -42.36 -71.16
N ASP H 289 10.27 -43.24 -70.87
CA ASP H 289 9.45 -43.09 -69.69
C ASP H 289 10.21 -43.39 -68.40
N ASN H 290 11.42 -43.92 -68.50
CA ASN H 290 12.21 -44.30 -67.35
C ASN H 290 13.54 -43.56 -67.40
N TRP H 291 13.82 -42.77 -66.37
CA TRP H 291 15.06 -41.99 -66.30
C TRP H 291 15.72 -42.16 -64.92
N TYR H 292 15.48 -43.30 -64.28
CA TYR H 292 15.90 -43.51 -62.90
C TYR H 292 16.10 -44.99 -62.66
N GLY H 293 16.98 -45.31 -61.72
CA GLY H 293 17.08 -46.68 -61.27
C GLY H 293 15.86 -47.08 -60.46
N PHE H 294 15.74 -48.38 -60.23
CA PHE H 294 14.79 -48.89 -59.25
C PHE H 294 15.58 -49.37 -58.04
N GLY H 295 15.17 -48.94 -56.86
CA GLY H 295 15.93 -49.21 -55.66
C GLY H 295 15.19 -50.10 -54.68
N GLY H 296 14.42 -49.49 -53.80
CA GLY H 296 13.72 -50.27 -52.77
C GLY H 296 12.80 -51.31 -53.39
N LEU H 297 12.71 -52.46 -52.72
CA LEU H 297 11.88 -53.57 -53.16
C LEU H 297 11.25 -54.19 -51.94
N ALA H 298 9.92 -54.20 -51.89
CA ALA H 298 9.17 -54.72 -50.75
C ALA H 298 8.17 -55.76 -51.22
N LEU H 299 8.29 -56.97 -50.69
CA LEU H 299 7.29 -58.00 -50.88
C LEU H 299 6.30 -57.98 -49.71
N ASP H 300 5.04 -58.27 -50.03
CA ASP H 300 3.98 -58.41 -49.03
C ASP H 300 3.89 -59.89 -48.64
N ALA H 301 4.36 -60.22 -47.43
CA ALA H 301 4.40 -61.62 -47.01
C ALA H 301 3.00 -62.21 -46.89
N GLN H 302 2.04 -61.41 -46.42
CA GLN H 302 0.68 -61.90 -46.23
C GLN H 302 -0.11 -61.97 -47.52
N HIS H 303 0.36 -61.32 -48.59
CA HIS H 303 -0.31 -61.37 -49.89
C HIS H 303 0.77 -61.51 -50.95
N PRO H 304 1.18 -62.76 -51.23
CA PRO H 304 2.48 -63.01 -51.89
C PRO H 304 2.62 -62.46 -53.30
N ASN H 305 1.55 -62.07 -53.97
CA ASN H 305 1.69 -61.46 -55.29
C ASN H 305 1.65 -59.95 -55.25
N THR H 306 1.67 -59.36 -54.05
CA THR H 306 1.74 -57.92 -53.89
C THR H 306 3.18 -57.53 -53.61
N LEU H 307 3.66 -56.49 -54.30
CA LEU H 307 5.01 -55.98 -54.07
C LEU H 307 5.05 -54.50 -54.45
N MSE H 308 6.08 -53.82 -53.96
CA MSE H 308 6.28 -52.42 -54.30
C MSE H 308 7.75 -52.15 -54.60
O MSE H 308 8.62 -52.81 -54.03
CB MSE H 308 5.81 -51.51 -53.16
CG MSE H 308 4.34 -51.65 -52.82
SE MSE H 308 3.73 -50.29 -51.56
CE MSE H 308 5.14 -50.50 -50.22
N VAL H 309 8.01 -51.20 -55.49
CA VAL H 309 9.36 -50.74 -55.77
C VAL H 309 9.36 -49.22 -55.77
N SER H 310 10.53 -48.64 -55.50
CA SER H 310 10.67 -47.19 -55.46
C SER H 310 11.75 -46.74 -56.44
N SER H 311 11.58 -45.55 -56.99
CA SER H 311 12.56 -44.98 -57.91
C SER H 311 13.81 -44.54 -57.16
N LEU H 312 14.94 -44.56 -57.87
CA LEU H 312 16.24 -44.21 -57.29
C LEU H 312 17.17 -43.78 -58.43
N ASN H 313 17.17 -42.49 -58.76
CA ASN H 313 16.29 -41.47 -58.21
C ASN H 313 15.60 -40.74 -59.37
N ALA H 314 14.28 -40.51 -59.26
CA ALA H 314 13.58 -39.78 -60.30
C ALA H 314 13.70 -38.27 -60.15
N TRP H 315 13.85 -37.78 -58.91
CA TRP H 315 14.11 -36.39 -58.56
C TRP H 315 12.93 -35.45 -58.80
N TRP H 316 12.32 -35.47 -59.99
CA TRP H 316 11.34 -34.44 -60.31
C TRP H 316 10.06 -35.05 -60.88
N PRO H 317 8.88 -34.57 -60.43
CA PRO H 317 8.67 -33.61 -59.34
C PRO H 317 8.93 -34.22 -57.97
N ASP H 318 8.93 -35.55 -57.92
CA ASP H 318 9.15 -36.31 -56.69
C ASP H 318 9.52 -37.73 -57.11
N GLU H 319 9.91 -38.52 -56.11
CA GLU H 319 10.10 -39.95 -56.36
C GLU H 319 8.74 -40.62 -56.54
N VAL H 320 8.77 -41.88 -56.96
CA VAL H 320 7.56 -42.65 -57.16
C VAL H 320 7.70 -43.99 -56.45
N ILE H 321 6.65 -44.40 -55.74
CA ILE H 321 6.48 -45.78 -55.31
C ILE H 321 5.46 -46.42 -56.24
N PHE H 322 5.81 -47.59 -56.79
CA PHE H 322 4.89 -48.36 -57.62
C PHE H 322 4.44 -49.60 -56.85
N ARG H 323 3.16 -49.93 -56.98
CA ARG H 323 2.58 -51.07 -56.27
C ARG H 323 1.89 -51.99 -57.26
N SER H 324 2.15 -53.29 -57.14
CA SER H 324 1.50 -54.31 -57.94
C SER H 324 0.88 -55.33 -57.00
N THR H 325 -0.34 -55.77 -57.34
CA THR H 325 -0.97 -56.85 -56.59
C THR H 325 -1.10 -58.12 -57.40
N ASN H 326 -0.56 -58.15 -58.62
CA ASN H 326 -0.61 -59.34 -59.46
C ASN H 326 0.80 -59.75 -59.89
N GLY H 327 1.76 -59.69 -58.98
CA GLY H 327 3.10 -60.20 -59.27
C GLY H 327 3.86 -59.42 -60.31
N GLY H 328 3.61 -58.12 -60.44
CA GLY H 328 4.33 -57.30 -61.39
C GLY H 328 3.71 -57.18 -62.76
N ALA H 329 2.60 -57.86 -63.03
CA ALA H 329 1.98 -57.78 -64.35
C ALA H 329 1.49 -56.37 -64.65
N THR H 330 0.89 -55.70 -63.66
CA THR H 330 0.48 -54.31 -63.79
C THR H 330 0.85 -53.57 -62.53
N TRP H 331 1.11 -52.28 -62.67
CA TRP H 331 1.53 -51.43 -61.57
C TRP H 331 0.62 -50.22 -61.44
N SER H 332 0.43 -49.78 -60.20
CA SER H 332 -0.21 -48.51 -59.89
CA SER H 332 -0.19 -48.50 -59.91
C SER H 332 0.82 -47.61 -59.22
N ARG H 333 0.73 -46.31 -59.49
CA ARG H 333 1.67 -45.32 -58.95
C ARG H 333 1.09 -44.65 -57.71
N ILE H 334 1.96 -44.23 -56.79
CA ILE H 334 1.47 -43.56 -55.59
C ILE H 334 1.02 -42.14 -55.89
N TRP H 335 1.41 -41.58 -57.03
CA TRP H 335 0.86 -40.33 -57.52
C TRP H 335 0.83 -40.37 -59.04
N ASP H 336 -0.04 -39.57 -59.62
CA ASP H 336 -0.20 -39.49 -61.07
C ASP H 336 -0.33 -38.04 -61.49
N TRP H 337 -0.01 -37.78 -62.75
CA TRP H 337 -0.30 -36.47 -63.33
C TRP H 337 -1.81 -36.32 -63.53
N GLY H 338 -2.32 -35.15 -63.19
CA GLY H 338 -3.68 -34.82 -63.55
C GLY H 338 -3.67 -34.02 -64.83
N ASN H 339 -4.26 -32.85 -64.80
CA ASN H 339 -4.08 -31.89 -65.90
C ASN H 339 -2.82 -31.09 -65.57
N TYR H 340 -1.74 -31.38 -66.30
CA TYR H 340 -0.44 -30.79 -66.01
C TYR H 340 -0.56 -29.28 -65.85
N PRO H 341 0.06 -28.67 -64.83
CA PRO H 341 0.99 -29.31 -63.88
C PRO H 341 0.35 -29.95 -62.65
N GLU H 342 -0.98 -30.05 -62.61
CA GLU H 342 -1.63 -30.66 -61.45
C GLU H 342 -1.32 -32.15 -61.36
N ARG H 343 -1.27 -32.65 -60.13
CA ARG H 343 -1.07 -34.07 -59.85
C ARG H 343 -2.17 -34.57 -58.92
N THR H 344 -2.40 -35.87 -58.95
CA THR H 344 -3.27 -36.55 -58.00
C THR H 344 -2.43 -37.50 -57.15
N TYR H 345 -2.87 -37.75 -55.92
CA TYR H 345 -2.07 -38.47 -54.94
C TYR H 345 -2.87 -39.58 -54.30
N LYS H 346 -2.22 -40.74 -54.13
CA LYS H 346 -2.77 -41.81 -53.32
C LYS H 346 -2.24 -41.76 -51.89
N PHE H 347 -1.49 -40.72 -51.54
CA PHE H 347 -0.89 -40.61 -50.22
C PHE H 347 -1.09 -39.21 -49.66
N SER H 348 -0.93 -39.10 -48.34
CA SER H 348 -0.94 -37.84 -47.61
C SER H 348 0.27 -37.83 -46.69
N MSE H 349 1.04 -36.74 -46.70
CA MSE H 349 2.23 -36.62 -45.86
C MSE H 349 1.92 -35.95 -44.53
O MSE H 349 1.25 -34.92 -44.47
CB MSE H 349 3.34 -35.84 -46.57
CG MSE H 349 3.80 -36.44 -47.89
SE MSE H 349 4.67 -38.16 -47.68
CE MSE H 349 6.26 -37.53 -46.75
N ASP H 350 2.44 -36.53 -43.45
CA ASP H 350 2.26 -36.01 -42.10
C ASP H 350 3.64 -35.81 -41.50
N ILE H 351 4.06 -34.55 -41.36
CA ILE H 351 5.37 -34.28 -40.76
C ILE H 351 5.16 -33.47 -39.48
N THR H 352 4.03 -33.70 -38.80
CA THR H 352 3.78 -33.00 -37.54
C THR H 352 4.81 -33.37 -36.48
N ALA H 353 5.44 -34.55 -36.57
CA ALA H 353 6.50 -34.90 -35.65
C ALA H 353 7.83 -34.22 -35.98
N ALA H 354 7.95 -33.58 -37.13
CA ALA H 354 9.14 -32.81 -37.49
C ALA H 354 8.75 -31.72 -38.49
N PRO H 355 8.06 -30.67 -38.05
CA PRO H 355 7.46 -29.74 -39.01
C PRO H 355 8.45 -29.03 -39.90
N TRP H 356 9.74 -29.01 -39.52
CA TRP H 356 10.76 -28.35 -40.34
C TRP H 356 11.05 -29.10 -41.62
N LEU H 357 10.50 -30.29 -41.82
CA LEU H 357 10.74 -31.02 -43.07
C LEU H 357 10.11 -30.33 -44.28
N ASP H 358 9.30 -29.28 -44.07
CA ASP H 358 8.84 -28.50 -45.22
C ASP H 358 9.87 -27.48 -45.67
N HIS H 359 11.02 -27.40 -45.00
CA HIS H 359 12.10 -26.48 -45.35
C HIS H 359 11.61 -25.03 -45.44
N GLY H 360 10.55 -24.72 -44.70
CA GLY H 360 10.04 -23.36 -44.69
C GLY H 360 9.47 -22.87 -46.00
N THR H 361 9.12 -23.77 -46.91
CA THR H 361 8.59 -23.39 -48.21
C THR H 361 7.19 -23.97 -48.40
N THR H 362 6.37 -23.24 -49.15
CA THR H 362 5.02 -23.68 -49.46
C THR H 362 5.05 -24.76 -50.53
N SER H 363 4.26 -25.79 -50.34
CA SER H 363 4.20 -26.90 -51.29
C SER H 363 3.46 -26.49 -52.55
N THR H 364 3.96 -26.96 -53.70
CA THR H 364 3.25 -26.86 -54.97
C THR H 364 3.30 -28.21 -55.66
N SER H 365 2.58 -28.31 -56.78
CA SER H 365 2.53 -29.57 -57.52
C SER H 365 3.91 -29.96 -58.03
N LEU H 366 4.65 -29.02 -58.61
CA LEU H 366 5.95 -29.29 -59.20
C LEU H 366 7.09 -29.21 -58.21
N ASP H 367 6.88 -28.58 -57.04
CA ASP H 367 7.87 -28.53 -55.98
C ASP H 367 7.20 -28.91 -54.66
N PRO H 368 6.92 -30.20 -54.47
CA PRO H 368 6.24 -30.62 -53.24
C PRO H 368 7.08 -30.37 -52.00
N SER H 369 6.40 -30.04 -50.91
CA SER H 369 7.06 -29.78 -49.65
C SER H 369 6.13 -30.17 -48.51
N PRO H 370 6.39 -31.28 -47.82
CA PRO H 370 7.56 -32.16 -47.99
C PRO H 370 7.44 -33.11 -49.19
N LYS H 371 8.59 -33.49 -49.78
CA LYS H 371 8.61 -34.53 -50.78
C LYS H 371 8.30 -35.90 -50.15
N LEU H 372 7.81 -36.80 -50.99
CA LEU H 372 7.69 -38.21 -50.60
C LEU H 372 9.03 -38.75 -50.11
N GLY H 373 10.12 -38.34 -50.76
CA GLY H 373 11.43 -38.72 -50.29
C GLY H 373 12.46 -38.59 -51.40
N TRP H 374 13.64 -39.12 -51.11
CA TRP H 374 14.76 -39.18 -52.03
C TRP H 374 15.75 -40.19 -51.47
N MSE H 375 16.63 -40.69 -52.34
CA MSE H 375 17.55 -41.76 -51.96
C MSE H 375 16.80 -42.95 -51.36
O MSE H 375 17.22 -43.55 -50.37
CB MSE H 375 18.61 -41.25 -50.97
CG MSE H 375 19.52 -40.16 -51.54
SE MSE H 375 20.35 -39.08 -50.16
CE MSE H 375 21.54 -40.43 -49.37
N MSE H 376 15.67 -43.30 -51.98
CA MSE H 376 14.83 -44.37 -51.47
C MSE H 376 15.32 -45.73 -51.95
O MSE H 376 14.71 -46.38 -52.81
CB MSE H 376 13.37 -44.14 -51.86
CG MSE H 376 12.79 -42.90 -51.15
SE MSE H 376 11.09 -42.30 -51.90
CE MSE H 376 10.07 -43.91 -51.60
N GLY H 377 16.46 -46.17 -51.40
CA GLY H 377 17.04 -47.44 -51.80
C GLY H 377 16.48 -48.66 -51.11
N ASP H 378 15.64 -48.48 -50.09
CA ASP H 378 15.11 -49.58 -49.30
C ASP H 378 13.64 -49.30 -48.98
N LEU H 379 12.81 -50.31 -49.15
CA LEU H 379 11.37 -50.20 -48.97
C LEU H 379 10.90 -51.49 -48.31
N GLU H 380 10.06 -51.39 -47.28
CA GLU H 380 9.69 -52.55 -46.49
C GLU H 380 8.19 -52.59 -46.24
N ILE H 381 7.60 -53.78 -46.36
CA ILE H 381 6.26 -54.07 -45.87
C ILE H 381 6.40 -55.02 -44.69
N ASP H 382 5.80 -54.67 -43.56
CA ASP H 382 5.80 -55.50 -42.37
C ASP H 382 5.35 -56.92 -42.74
N PRO H 383 6.18 -57.94 -42.52
CA PRO H 383 5.79 -59.31 -42.90
C PRO H 383 4.63 -59.84 -42.08
N PHE H 384 4.23 -59.17 -41.01
CA PHE H 384 3.10 -59.61 -40.22
C PHE H 384 1.94 -58.61 -40.28
N ASN H 385 2.03 -57.58 -41.13
CA ASN H 385 0.96 -56.59 -41.23
C ASN H 385 1.09 -55.91 -42.59
N SER H 386 0.26 -56.35 -43.55
CA SER H 386 0.27 -55.77 -44.89
C SER H 386 -0.03 -54.27 -44.88
N ASN H 387 -0.60 -53.75 -43.79
CA ASN H 387 -0.93 -52.33 -43.72
C ASN H 387 0.23 -51.45 -43.27
N ARG H 388 1.33 -52.02 -42.81
CA ARG H 388 2.45 -51.21 -42.33
C ARG H 388 3.60 -51.23 -43.33
N MSE H 389 4.06 -50.05 -43.72
CA MSE H 389 5.23 -49.89 -44.56
C MSE H 389 6.21 -48.94 -43.86
O MSE H 389 5.79 -48.09 -43.07
CB MSE H 389 4.85 -49.34 -45.95
CG MSE H 389 5.52 -48.00 -46.30
SE MSE H 389 5.13 -47.34 -48.09
CE MSE H 389 4.39 -45.64 -47.51
N MSE H 390 7.50 -49.12 -44.10
CA MSE H 390 8.51 -48.15 -43.70
C MSE H 390 9.51 -48.00 -44.83
O MSE H 390 9.75 -48.95 -45.57
CB MSE H 390 9.25 -48.57 -42.43
CG MSE H 390 8.40 -48.65 -41.19
SE MSE H 390 9.53 -49.18 -39.69
CE MSE H 390 8.17 -49.06 -38.28
N TYR H 391 10.11 -46.82 -44.94
CA TYR H 391 11.23 -46.63 -45.87
C TYR H 391 12.12 -45.49 -45.38
N GLY H 392 13.42 -45.63 -45.62
CA GLY H 392 14.34 -44.55 -45.33
C GLY H 392 14.46 -43.59 -46.49
N THR H 393 14.73 -42.32 -46.17
CA THR H 393 15.16 -41.34 -47.16
C THR H 393 16.49 -40.75 -46.72
N GLY H 394 16.98 -39.80 -47.50
CA GLY H 394 18.18 -39.08 -47.13
C GLY H 394 18.04 -38.23 -45.87
N ALA H 395 16.83 -38.11 -45.32
CA ALA H 395 16.62 -37.26 -44.14
C ALA H 395 15.86 -37.91 -43.00
N THR H 396 15.11 -39.00 -43.21
CA THR H 396 14.25 -39.50 -42.15
C THR H 396 13.84 -40.94 -42.44
N ILE H 397 12.95 -41.47 -41.60
CA ILE H 397 12.22 -42.71 -41.87
C ILE H 397 10.75 -42.35 -41.97
N TYR H 398 10.13 -42.69 -43.10
CA TYR H 398 8.70 -42.51 -43.29
C TYR H 398 8.01 -43.87 -43.22
N GLY H 399 6.74 -43.84 -42.84
CA GLY H 399 5.99 -45.09 -42.78
C GLY H 399 4.50 -44.82 -42.79
N SER H 400 3.75 -45.91 -42.91
CA SER H 400 2.30 -45.85 -42.89
C SER H 400 1.76 -47.05 -42.12
N ASN H 401 0.59 -46.86 -41.52
CA ASN H 401 -0.14 -47.95 -40.88
C ASN H 401 -1.44 -48.29 -41.61
N ASN H 402 -1.69 -47.70 -42.79
CA ASN H 402 -2.89 -48.03 -43.55
C ASN H 402 -2.56 -48.23 -45.03
N LEU H 403 -1.48 -48.97 -45.30
CA LEU H 403 -1.01 -49.13 -46.68
C LEU H 403 -2.11 -49.67 -47.61
N THR H 404 -2.93 -50.63 -47.16
CA THR H 404 -3.88 -51.23 -48.11
C THR H 404 -4.96 -50.27 -48.57
N SER H 405 -5.09 -49.09 -47.95
CA SER H 405 -5.96 -48.05 -48.50
C SER H 405 -5.62 -47.74 -49.94
N TRP H 406 -4.36 -47.91 -50.33
CA TRP H 406 -3.95 -47.78 -51.71
C TRP H 406 -4.86 -48.57 -52.63
N ASP H 407 -5.21 -49.80 -52.25
CA ASP H 407 -5.92 -50.72 -53.13
C ASP H 407 -7.41 -50.48 -53.20
N THR H 408 -7.98 -49.75 -52.24
CA THR H 408 -9.43 -49.62 -52.14
C THR H 408 -9.90 -48.19 -52.41
N GLY H 409 -9.14 -47.45 -53.22
CA GLY H 409 -9.50 -46.08 -53.53
C GLY H 409 -9.27 -45.09 -52.43
N GLY H 410 -8.58 -45.47 -51.36
CA GLY H 410 -8.37 -44.60 -50.22
C GLY H 410 -7.06 -43.83 -50.32
N LYS H 411 -6.65 -43.28 -49.19
CA LYS H 411 -5.43 -42.47 -49.10
C LYS H 411 -4.49 -43.07 -48.07
N VAL H 412 -3.28 -43.40 -48.50
CA VAL H 412 -2.23 -43.88 -47.62
C VAL H 412 -1.68 -42.71 -46.81
N ASN H 413 -1.82 -42.77 -45.49
CA ASN H 413 -1.30 -41.73 -44.61
C ASN H 413 0.16 -42.07 -44.29
N ILE H 414 1.07 -41.24 -44.76
CA ILE H 414 2.50 -41.44 -44.54
C ILE H 414 2.95 -40.43 -43.49
N SER H 415 3.68 -40.90 -42.49
CA SER H 415 4.09 -40.05 -41.39
C SER H 415 5.55 -40.30 -41.03
N VAL H 416 6.16 -39.33 -40.35
CA VAL H 416 7.51 -39.50 -39.83
C VAL H 416 7.50 -40.63 -38.81
N MSE H 417 8.33 -41.65 -39.04
CA MSE H 417 8.41 -42.76 -38.09
C MSE H 417 9.83 -42.93 -37.60
O MSE H 417 10.34 -44.04 -37.50
CB MSE H 417 7.92 -44.06 -38.72
CG MSE H 417 6.43 -44.11 -38.93
SE MSE H 417 5.78 -45.93 -39.26
CE MSE H 417 3.91 -45.43 -39.49
N ALA H 418 10.47 -41.80 -37.28
CA ALA H 418 11.86 -41.77 -36.88
C ALA H 418 12.04 -41.24 -35.46
N LYS H 419 11.03 -41.43 -34.62
CA LYS H 419 11.12 -41.00 -33.23
C LYS H 419 12.27 -41.72 -32.53
N GLY H 420 13.14 -40.95 -31.89
CA GLY H 420 14.31 -41.49 -31.21
C GLY H 420 15.56 -41.54 -32.06
N VAL H 421 15.44 -41.34 -33.36
CA VAL H 421 16.59 -41.34 -34.27
C VAL H 421 17.19 -39.94 -34.29
N GLU H 422 18.51 -39.84 -34.10
CA GLU H 422 19.23 -38.60 -34.31
C GLU H 422 20.49 -38.95 -35.09
N GLU H 423 20.61 -38.39 -36.30
CA GLU H 423 21.66 -38.79 -37.22
C GLU H 423 22.41 -37.61 -37.83
N THR H 424 22.25 -36.40 -37.30
CA THR H 424 22.91 -35.29 -37.95
C THR H 424 24.38 -35.21 -37.54
N ALA H 425 25.15 -34.50 -38.36
CA ALA H 425 26.54 -34.19 -38.05
C ALA H 425 26.60 -32.72 -37.64
N VAL H 426 27.22 -32.47 -36.49
CA VAL H 426 27.14 -31.16 -35.83
C VAL H 426 28.41 -30.38 -36.14
N LEU H 427 28.26 -29.26 -36.84
CA LEU H 427 29.41 -28.43 -37.17
C LEU H 427 29.65 -27.31 -36.18
N GLY H 428 28.63 -26.92 -35.40
CA GLY H 428 28.81 -25.91 -34.38
C GLY H 428 27.67 -25.90 -33.37
N LEU H 429 27.95 -25.44 -32.15
CA LEU H 429 26.96 -25.31 -31.10
C LEU H 429 27.19 -24.01 -30.35
N ILE H 430 26.13 -23.25 -30.11
CA ILE H 430 26.19 -22.11 -29.20
C ILE H 430 25.04 -22.22 -28.21
N SER H 431 25.32 -21.88 -26.95
CA SER H 431 24.30 -21.81 -25.92
C SER H 431 24.09 -20.34 -25.55
N PRO H 432 23.07 -19.68 -26.09
CA PRO H 432 22.90 -18.24 -25.85
C PRO H 432 22.70 -17.94 -24.38
N PRO H 433 23.26 -16.82 -23.89
CA PRO H 433 23.18 -16.52 -22.46
C PRO H 433 21.84 -15.94 -22.00
N THR H 434 20.97 -15.49 -22.91
CA THR H 434 19.65 -14.99 -22.56
C THR H 434 18.64 -15.49 -23.57
N GLY H 435 17.36 -15.32 -23.26
CA GLY H 435 16.28 -15.73 -24.14
C GLY H 435 15.80 -17.15 -23.88
N THR H 436 14.73 -17.52 -24.59
CA THR H 436 14.09 -18.80 -24.35
C THR H 436 14.87 -19.99 -24.90
N SER H 437 15.82 -19.75 -25.80
CA SER H 437 16.60 -20.82 -26.39
C SER H 437 17.93 -20.98 -25.67
N HIS H 438 18.23 -22.19 -25.23
CA HIS H 438 19.51 -22.52 -24.63
C HIS H 438 20.48 -23.17 -25.62
N LEU H 439 20.10 -23.31 -26.89
CA LEU H 439 20.94 -24.05 -27.82
C LEU H 439 20.54 -23.72 -29.25
N ILE H 440 21.51 -23.28 -30.04
CA ILE H 440 21.36 -23.16 -31.49
C ILE H 440 22.45 -24.01 -32.12
N THR H 441 22.09 -24.78 -33.14
CA THR H 441 23.00 -25.73 -33.76
C THR H 441 23.30 -25.32 -35.19
N ALA H 442 24.49 -25.71 -35.65
CA ALA H 442 24.90 -25.66 -37.05
C ALA H 442 25.12 -27.09 -37.50
N LEU H 443 24.36 -27.54 -38.50
CA LEU H 443 24.33 -28.94 -38.89
C LEU H 443 24.58 -29.08 -40.38
N GLY H 444 25.09 -30.24 -40.77
CA GLY H 444 25.12 -30.61 -42.18
C GLY H 444 23.74 -31.01 -42.68
N ASP H 445 23.49 -30.76 -43.96
CA ASP H 445 22.33 -31.26 -44.71
C ASP H 445 21.00 -30.61 -44.32
N VAL H 446 20.77 -30.38 -43.03
CA VAL H 446 19.52 -29.76 -42.58
C VAL H 446 19.76 -28.42 -41.88
N SER H 447 20.94 -27.81 -42.11
CA SER H 447 21.26 -26.44 -41.73
C SER H 447 21.47 -26.23 -40.24
N GLY H 448 20.53 -26.66 -39.41
CA GLY H 448 20.55 -26.38 -37.99
C GLY H 448 19.29 -25.69 -37.53
N PHE H 449 19.15 -25.62 -36.20
CA PHE H 449 17.90 -25.16 -35.60
C PHE H 449 18.17 -24.35 -34.34
N ARG H 450 17.24 -23.44 -34.05
CA ARG H 450 17.15 -22.80 -32.75
C ARG H 450 16.20 -23.65 -31.91
N HIS H 451 16.73 -24.25 -30.85
CA HIS H 451 15.93 -25.13 -30.00
C HIS H 451 15.35 -24.36 -28.83
N GLU H 452 14.08 -24.62 -28.54
CA GLU H 452 13.48 -24.09 -27.33
C GLU H 452 13.35 -25.22 -26.31
N ASP H 453 12.28 -25.99 -26.43
CA ASP H 453 12.14 -27.21 -25.65
C ASP H 453 13.01 -28.28 -26.31
N LEU H 454 14.02 -28.76 -25.58
CA LEU H 454 14.96 -29.72 -26.14
C LEU H 454 14.35 -31.10 -26.37
N SER H 455 13.11 -31.30 -25.96
CA SER H 455 12.41 -32.54 -26.25
C SER H 455 11.37 -32.39 -27.35
N VAL H 456 11.26 -31.22 -27.96
CA VAL H 456 10.26 -30.93 -28.98
C VAL H 456 10.97 -30.62 -30.28
N ALA H 457 10.54 -31.26 -31.36
CA ALA H 457 11.16 -31.02 -32.65
C ALA H 457 11.00 -29.56 -33.05
N PRO H 458 12.02 -28.94 -33.62
CA PRO H 458 11.88 -27.56 -34.10
C PRO H 458 10.77 -27.44 -35.14
N THR H 459 10.07 -26.32 -35.11
CA THR H 459 9.01 -26.07 -36.07
C THR H 459 9.50 -25.35 -37.32
N LYS H 460 10.66 -24.70 -37.26
CA LYS H 460 11.09 -23.75 -38.28
C LYS H 460 12.41 -24.22 -38.89
N PHE H 461 12.42 -24.43 -40.20
CA PHE H 461 13.67 -24.57 -40.92
C PHE H 461 14.32 -23.20 -41.07
N GLN H 462 15.66 -23.18 -41.11
CA GLN H 462 16.39 -21.92 -41.25
C GLN H 462 16.30 -21.42 -42.69
N THR H 463 15.68 -20.25 -42.88
CA THR H 463 15.49 -19.68 -44.21
C THR H 463 15.96 -18.24 -44.24
N SER H 464 15.99 -17.68 -45.46
CA SER H 464 16.50 -16.35 -45.81
C SER H 464 17.73 -15.99 -44.97
N PRO H 465 18.87 -16.66 -45.16
CA PRO H 465 19.14 -17.64 -46.23
C PRO H 465 18.72 -19.07 -45.90
N SER H 466 18.47 -19.84 -46.96
CA SER H 466 18.21 -21.27 -46.85
C SER H 466 19.31 -22.02 -47.57
N TRP H 467 19.95 -22.97 -46.88
CA TRP H 467 21.00 -23.78 -47.50
C TRP H 467 21.01 -25.14 -46.82
N ALA H 468 21.86 -26.03 -47.35
CA ALA H 468 21.94 -27.39 -46.82
C ALA H 468 22.74 -27.43 -45.52
N THR H 469 23.88 -26.75 -45.48
CA THR H 469 24.83 -26.94 -44.39
C THR H 469 25.28 -25.61 -43.82
N THR H 470 25.08 -25.42 -42.51
CA THR H 470 25.72 -24.34 -41.79
C THR H 470 27.07 -24.83 -41.28
N MSE H 471 28.14 -24.20 -41.73
CA MSE H 471 29.48 -24.61 -41.34
C MSE H 471 29.89 -23.99 -40.02
O MSE H 471 30.67 -24.59 -39.26
CB MSE H 471 30.50 -24.25 -42.44
CG MSE H 471 31.84 -24.97 -42.32
SE MSE H 471 31.68 -26.91 -42.53
CE MSE H 471 31.32 -27.00 -44.44
N SER H 472 29.37 -22.80 -39.71
CA SER H 472 29.82 -22.07 -38.54
C SER H 472 28.78 -21.04 -38.14
N ILE H 473 28.66 -20.83 -36.83
CA ILE H 473 27.73 -19.85 -36.27
C ILE H 473 28.38 -19.22 -35.04
N ASP H 474 28.19 -17.91 -34.87
CA ASP H 474 28.69 -17.22 -33.69
C ASP H 474 27.72 -16.11 -33.30
N TYR H 475 27.81 -15.66 -32.05
CA TYR H 475 26.99 -14.57 -31.54
C TYR H 475 27.86 -13.54 -30.86
N ALA H 476 27.34 -12.32 -30.77
CA ALA H 476 28.02 -11.23 -30.08
C ALA H 476 27.81 -11.43 -28.58
N GLU H 477 28.90 -11.72 -27.85
CA GLU H 477 28.74 -12.08 -26.44
C GLU H 477 28.00 -11.00 -25.66
N LEU H 478 28.30 -9.73 -25.93
CA LEU H 478 27.68 -8.62 -25.21
C LEU H 478 26.40 -8.13 -25.87
N SER H 479 26.09 -8.59 -27.08
CA SER H 479 24.82 -8.28 -27.75
C SER H 479 24.26 -9.60 -28.27
N PRO H 480 23.85 -10.49 -27.36
CA PRO H 480 23.69 -11.90 -27.73
C PRO H 480 22.53 -12.19 -28.66
N SER H 481 21.61 -11.25 -28.84
CA SER H 481 20.56 -11.42 -29.85
C SER H 481 21.11 -11.33 -31.26
N TYR H 482 22.30 -10.74 -31.42
CA TYR H 482 22.93 -10.59 -32.72
C TYR H 482 23.78 -11.82 -33.01
N MSE H 483 23.46 -12.55 -34.05
CA MSE H 483 24.25 -13.71 -34.39
C MSE H 483 24.33 -13.88 -35.90
O MSE H 483 23.53 -13.34 -36.65
CB MSE H 483 23.68 -14.97 -33.73
CG MSE H 483 22.19 -15.15 -33.89
SE MSE H 483 21.59 -16.80 -33.01
CE MSE H 483 22.01 -16.29 -31.17
N VAL H 484 25.34 -14.64 -36.33
CA VAL H 484 25.68 -14.77 -37.75
C VAL H 484 25.99 -16.24 -38.01
N ARG H 485 25.47 -16.77 -39.11
CA ARG H 485 25.80 -18.11 -39.57
C ARG H 485 26.29 -18.04 -41.01
N VAL H 486 27.20 -18.94 -41.36
CA VAL H 486 27.71 -19.02 -42.73
C VAL H 486 27.54 -20.44 -43.24
N GLY H 487 27.23 -20.55 -44.52
CA GLY H 487 27.02 -21.83 -45.15
C GLY H 487 27.44 -21.74 -46.60
N SER H 488 26.77 -22.47 -47.48
CA SER H 488 27.08 -22.43 -48.91
C SER H 488 25.76 -22.46 -49.67
N ALA H 489 25.34 -21.30 -50.15
CA ALA H 489 24.10 -21.19 -50.90
C ALA H 489 24.21 -21.91 -52.24
N ASP H 490 23.10 -22.54 -52.67
CA ASP H 490 22.98 -23.08 -54.01
C ASP H 490 22.54 -21.93 -54.91
N LYS H 491 23.51 -21.27 -55.53
CA LYS H 491 23.22 -20.14 -56.40
C LYS H 491 22.80 -20.58 -57.80
N GLU H 492 22.85 -21.89 -58.09
CA GLU H 492 22.23 -22.39 -59.32
C GLU H 492 20.71 -22.44 -59.17
N LYS H 493 20.23 -22.90 -58.02
CA LYS H 493 18.80 -22.92 -57.76
C LYS H 493 18.26 -21.52 -57.49
N THR H 494 18.98 -20.73 -56.69
CA THR H 494 18.56 -19.37 -56.32
C THR H 494 19.76 -18.44 -56.48
N PRO H 495 19.89 -17.80 -57.63
CA PRO H 495 21.05 -16.93 -57.87
C PRO H 495 21.21 -15.80 -56.85
N SER H 496 20.15 -15.37 -56.18
CA SER H 496 20.25 -14.28 -55.22
C SER H 496 20.49 -14.75 -53.79
N MSE H 497 20.52 -16.06 -53.56
CA MSE H 497 20.81 -16.57 -52.22
C MSE H 497 22.24 -16.24 -51.81
O MSE H 497 23.16 -16.30 -52.63
CB MSE H 497 20.58 -18.08 -52.16
CG MSE H 497 20.37 -18.62 -50.74
SE MSE H 497 18.61 -18.16 -50.04
CE MSE H 497 17.57 -19.56 -50.88
N LYS H 498 22.43 -15.87 -50.55
CA LYS H 498 23.74 -15.58 -50.00
C LYS H 498 24.17 -16.71 -49.07
N SER H 499 25.48 -16.82 -48.87
CA SER H 499 26.05 -17.84 -48.00
C SER H 499 26.29 -17.35 -46.57
N ILE H 500 25.69 -16.22 -46.20
CA ILE H 500 25.77 -15.71 -44.83
C ILE H 500 24.37 -15.27 -44.41
N GLY H 501 24.04 -15.53 -43.16
CA GLY H 501 22.76 -15.08 -42.61
C GLY H 501 22.97 -14.41 -41.27
N ILE H 502 22.18 -13.35 -41.04
CA ILE H 502 22.31 -12.53 -39.85
C ILE H 502 20.95 -12.47 -39.16
N SER H 503 20.97 -12.47 -37.83
CA SER H 503 19.75 -12.38 -37.04
C SER H 503 19.90 -11.31 -35.98
N ASN H 504 18.85 -10.52 -35.79
CA ASN H 504 18.79 -9.52 -34.74
C ASN H 504 17.99 -9.98 -33.53
N ASP H 505 17.32 -11.14 -33.61
CA ASP H 505 16.40 -11.57 -32.57
C ASP H 505 16.79 -12.94 -32.02
N GLY H 506 18.08 -13.20 -31.93
CA GLY H 506 18.53 -14.45 -31.32
C GLY H 506 18.26 -15.70 -32.13
N GLY H 507 18.22 -15.59 -33.45
CA GLY H 507 18.10 -16.74 -34.32
C GLY H 507 16.68 -17.17 -34.65
N VAL H 508 15.68 -16.36 -34.29
CA VAL H 508 14.31 -16.67 -34.68
C VAL H 508 14.09 -16.33 -36.15
N ASN H 509 14.56 -15.16 -36.58
CA ASN H 509 14.43 -14.70 -37.95
C ASN H 509 15.80 -14.29 -38.47
N TRP H 510 16.05 -14.61 -39.74
CA TRP H 510 17.32 -14.31 -40.39
C TRP H 510 17.08 -13.42 -41.59
N TYR H 511 18.12 -12.68 -41.97
CA TYR H 511 18.10 -11.94 -43.22
C TYR H 511 19.46 -12.06 -43.89
N MSE H 512 19.48 -11.79 -45.19
CA MSE H 512 20.72 -11.83 -45.96
C MSE H 512 21.24 -10.43 -46.23
O MSE H 512 20.48 -9.56 -46.68
CB MSE H 512 20.51 -12.58 -47.27
CG MSE H 512 19.95 -13.97 -47.09
SE MSE H 512 19.59 -14.87 -48.77
CE MSE H 512 18.34 -13.61 -49.55
N PRO H 513 22.52 -10.19 -45.96
CA PRO H 513 23.10 -8.86 -46.21
C PRO H 513 23.31 -8.61 -47.69
N ASN H 514 23.76 -7.39 -48.00
CA ASN H 514 23.81 -6.93 -49.38
C ASN H 514 24.92 -7.60 -50.19
N SER H 515 26.04 -7.94 -49.56
CA SER H 515 27.18 -8.43 -50.32
C SER H 515 27.92 -9.50 -49.53
N GLU H 516 28.88 -10.12 -50.21
CA GLU H 516 29.70 -11.19 -49.67
C GLU H 516 31.15 -10.93 -50.05
N PRO H 517 32.10 -11.54 -49.35
CA PRO H 517 33.50 -11.43 -49.74
C PRO H 517 33.72 -11.79 -51.21
N SER H 518 34.52 -10.95 -51.88
CA SER H 518 34.92 -11.14 -53.25
C SER H 518 36.35 -10.65 -53.41
N ASN H 519 37.14 -11.35 -54.22
CA ASN H 519 38.52 -10.99 -54.46
C ASN H 519 38.70 -10.22 -55.76
N GLY H 520 37.60 -9.72 -56.34
CA GLY H 520 37.64 -9.04 -57.60
C GLY H 520 37.55 -9.96 -58.82
N THR H 521 37.83 -11.24 -58.64
CA THR H 521 37.62 -12.24 -59.67
C THR H 521 36.40 -13.11 -59.40
N LYS H 522 36.19 -13.52 -58.15
CA LYS H 522 35.03 -14.33 -57.81
C LYS H 522 34.56 -13.97 -56.41
N THR H 523 33.27 -14.21 -56.18
CA THR H 523 32.68 -14.14 -54.85
C THR H 523 32.85 -15.49 -54.15
N THR H 524 32.98 -15.45 -52.83
CA THR H 524 33.16 -16.68 -52.08
C THR H 524 31.98 -17.61 -52.28
N VAL H 525 32.25 -18.93 -52.31
CA VAL H 525 31.18 -19.91 -52.29
C VAL H 525 30.68 -20.17 -50.87
N GLY H 526 31.35 -19.61 -49.87
CA GLY H 526 30.88 -19.68 -48.50
C GLY H 526 31.68 -20.59 -47.60
N HIS H 527 30.99 -21.21 -46.64
CA HIS H 527 31.57 -22.13 -45.64
C HIS H 527 32.72 -21.43 -44.93
N GLY H 528 33.70 -22.19 -44.45
CA GLY H 528 34.71 -21.61 -43.60
C GLY H 528 34.20 -21.43 -42.17
N GLN H 529 34.70 -20.39 -41.51
CA GLN H 529 34.36 -20.11 -40.13
C GLN H 529 34.00 -18.64 -39.98
N VAL H 530 33.11 -18.34 -39.04
CA VAL H 530 32.67 -16.97 -38.77
C VAL H 530 32.86 -16.67 -37.30
N ALA H 531 33.25 -15.43 -37.00
CA ALA H 531 33.37 -14.96 -35.63
C ALA H 531 32.74 -13.58 -35.56
N VAL H 532 32.06 -13.29 -34.46
CA VAL H 532 31.34 -12.04 -34.27
C VAL H 532 31.99 -11.27 -33.13
N SER H 533 32.25 -9.98 -33.33
CA SER H 533 32.90 -9.19 -32.31
C SER H 533 32.06 -9.17 -31.03
N ALA H 534 32.75 -8.91 -29.91
CA ALA H 534 32.09 -8.98 -28.60
C ALA H 534 30.84 -8.11 -28.54
N SER H 535 30.90 -6.92 -29.13
CA SER H 535 29.79 -5.99 -29.10
C SER H 535 28.83 -6.15 -30.27
N GLY H 536 29.19 -6.94 -31.28
CA GLY H 536 28.40 -7.04 -32.49
C GLY H 536 28.71 -6.00 -33.54
N ASN H 537 29.73 -5.17 -33.34
CA ASN H 537 30.04 -4.11 -34.30
C ASN H 537 30.87 -4.57 -35.49
N SER H 538 31.26 -5.85 -35.56
CA SER H 538 31.96 -6.33 -36.74
C SER H 538 31.81 -7.84 -36.86
N ILE H 539 32.07 -8.33 -38.06
CA ILE H 539 32.05 -9.75 -38.38
C ILE H 539 33.36 -10.12 -39.06
N LEU H 540 33.92 -11.26 -38.69
CA LEU H 540 35.10 -11.81 -39.34
C LEU H 540 34.72 -13.14 -39.99
N TRP H 541 34.98 -13.26 -41.29
CA TRP H 541 34.62 -14.44 -42.06
C TRP H 541 35.88 -15.04 -42.69
N SER H 542 36.33 -16.18 -42.16
CA SER H 542 37.43 -16.92 -42.77
C SER H 542 36.80 -17.86 -43.79
N THR H 543 36.72 -17.41 -45.04
CA THR H 543 36.02 -18.16 -46.06
C THR H 543 36.79 -19.44 -46.40
N SER H 544 36.08 -20.38 -47.01
CA SER H 544 36.69 -21.65 -47.40
C SER H 544 37.57 -21.52 -48.64
N ASP H 545 37.45 -20.44 -49.41
CA ASP H 545 38.12 -20.40 -50.71
C ASP H 545 38.96 -19.15 -50.99
N ILE H 546 38.59 -17.99 -50.47
CA ILE H 546 39.31 -16.78 -50.85
C ILE H 546 39.91 -16.06 -49.64
N GLY H 547 40.03 -16.73 -48.50
CA GLY H 547 40.72 -16.14 -47.38
C GLY H 547 39.80 -15.37 -46.44
N VAL H 548 40.43 -14.58 -45.58
CA VAL H 548 39.77 -13.95 -44.45
C VAL H 548 39.30 -12.55 -44.84
N TYR H 549 38.04 -12.25 -44.53
CA TYR H 549 37.44 -10.94 -44.77
C TYR H 549 36.73 -10.49 -43.50
N TYR H 550 36.60 -9.16 -43.36
CA TYR H 550 35.89 -8.59 -42.22
C TYR H 550 34.86 -7.57 -42.70
N SER H 551 33.83 -7.35 -41.88
CA SER H 551 32.82 -6.34 -42.17
C SER H 551 32.55 -5.51 -40.94
N LYS H 552 32.55 -4.19 -41.10
CA LYS H 552 32.08 -3.26 -40.08
C LYS H 552 30.71 -2.69 -40.40
N THR H 553 30.02 -3.27 -41.38
CA THR H 553 28.73 -2.75 -41.85
C THR H 553 27.67 -3.83 -41.82
N SER H 554 27.81 -4.79 -40.91
CA SER H 554 26.86 -5.89 -40.76
C SER H 554 26.62 -6.60 -42.09
N GLY H 555 27.69 -6.80 -42.85
CA GLY H 555 27.61 -7.53 -44.10
C GLY H 555 27.25 -6.72 -45.31
N ASN H 556 27.04 -5.40 -45.17
CA ASN H 556 26.78 -4.55 -46.32
C ASN H 556 28.00 -4.39 -47.21
N SER H 557 29.19 -4.66 -46.68
CA SER H 557 30.44 -4.56 -47.43
C SER H 557 31.46 -5.42 -46.72
N TRP H 558 32.48 -5.85 -47.47
CA TRP H 558 33.50 -6.76 -46.95
C TRP H 558 34.86 -6.31 -47.44
N THR H 559 35.86 -6.44 -46.58
CA THR H 559 37.23 -6.06 -46.91
C THR H 559 38.18 -7.18 -46.50
N ALA H 560 39.12 -7.50 -47.37
CA ALA H 560 40.09 -8.54 -47.08
C ALA H 560 40.95 -8.17 -45.88
N SER H 561 41.05 -9.09 -44.92
CA SER H 561 41.98 -8.90 -43.82
C SER H 561 43.42 -9.03 -44.31
N ALA H 562 44.34 -8.50 -43.53
CA ALA H 562 45.77 -8.58 -43.83
C ALA H 562 46.48 -9.37 -42.74
N GLY H 563 47.46 -10.17 -43.13
CA GLY H 563 48.34 -10.84 -42.20
C GLY H 563 47.87 -12.19 -41.69
N LEU H 564 46.67 -12.62 -42.05
CA LEU H 564 46.14 -13.90 -41.59
C LEU H 564 45.95 -14.83 -42.79
N PRO H 565 46.67 -15.95 -42.87
CA PRO H 565 46.60 -16.79 -44.07
C PRO H 565 45.21 -17.37 -44.31
N ALA H 566 44.90 -17.59 -45.59
CA ALA H 566 43.63 -18.19 -45.97
C ALA H 566 43.50 -19.58 -45.37
N GLY H 567 42.30 -19.88 -44.88
CA GLY H 567 42.05 -21.14 -44.21
C GLY H 567 42.26 -21.11 -42.72
N ALA H 568 42.56 -19.95 -42.14
CA ALA H 568 42.81 -19.88 -40.71
C ALA H 568 41.55 -20.13 -39.89
N LYS H 569 41.72 -20.79 -38.77
CA LYS H 569 40.70 -20.77 -37.72
C LYS H 569 40.68 -19.40 -37.07
N ILE H 570 39.48 -18.94 -36.69
CA ILE H 570 39.32 -17.60 -36.12
C ILE H 570 38.43 -17.69 -34.89
N ALA H 571 38.55 -16.68 -34.03
CA ALA H 571 37.75 -16.57 -32.82
C ALA H 571 37.80 -15.13 -32.36
N SER H 572 36.66 -14.62 -31.89
CA SER H 572 36.61 -13.27 -31.36
C SER H 572 36.86 -13.27 -29.86
N ASP H 573 37.51 -12.22 -29.38
CA ASP H 573 37.51 -11.96 -27.95
C ASP H 573 36.08 -11.68 -27.51
N ARG H 574 35.70 -12.17 -26.32
CA ARG H 574 34.31 -12.04 -25.90
C ARG H 574 34.05 -10.78 -25.08
N VAL H 575 35.09 -9.97 -24.84
CA VAL H 575 34.97 -8.72 -24.11
C VAL H 575 35.38 -7.53 -24.96
N ASN H 576 36.57 -7.59 -25.56
CA ASN H 576 37.11 -6.47 -26.33
C ASN H 576 36.70 -6.62 -27.79
N PRO H 577 35.81 -5.79 -28.32
CA PRO H 577 35.36 -5.98 -29.70
C PRO H 577 36.42 -5.67 -30.74
N ASN H 578 37.54 -5.05 -30.35
CA ASN H 578 38.64 -4.81 -31.27
C ASN H 578 39.51 -6.04 -31.50
N LYS H 579 39.35 -7.09 -30.70
CA LYS H 579 40.29 -8.20 -30.66
C LYS H 579 39.69 -9.44 -31.30
N TYR H 580 40.38 -9.97 -32.31
CA TYR H 580 40.13 -11.30 -32.86
C TYR H 580 41.42 -12.11 -32.80
N TYR H 581 41.28 -13.43 -32.76
CA TYR H 581 42.41 -14.34 -32.75
C TYR H 581 42.35 -15.26 -33.97
N GLY H 582 43.53 -15.62 -34.48
CA GLY H 582 43.62 -16.51 -35.61
C GLY H 582 44.65 -17.60 -35.37
N PHE H 583 44.48 -18.70 -36.10
CA PHE H 583 45.44 -19.80 -36.00
C PHE H 583 45.54 -20.50 -37.36
N TYR H 584 46.78 -20.71 -37.82
CA TYR H 584 46.99 -21.45 -39.06
C TYR H 584 48.33 -22.16 -39.04
N ALA H 585 48.30 -23.46 -39.31
CA ALA H 585 49.51 -24.26 -39.51
C ALA H 585 50.52 -24.07 -38.38
N GLY H 586 50.03 -24.04 -37.15
CA GLY H 586 50.89 -23.97 -35.99
C GLY H 586 51.22 -22.58 -35.49
N THR H 587 50.79 -21.53 -36.19
CA THR H 587 51.07 -20.16 -35.79
C THR H 587 49.80 -19.50 -35.28
N PHE H 588 49.91 -18.85 -34.13
CA PHE H 588 48.82 -18.09 -33.53
C PHE H 588 48.93 -16.63 -33.94
N TYR H 589 47.78 -15.99 -34.16
CA TYR H 589 47.72 -14.60 -34.62
C TYR H 589 46.74 -13.81 -33.77
N VAL H 590 46.96 -12.49 -33.71
CA VAL H 590 46.07 -11.60 -32.99
C VAL H 590 45.82 -10.35 -33.83
N SER H 591 44.58 -9.88 -33.82
CA SER H 591 44.19 -8.59 -34.39
C SER H 591 43.69 -7.71 -33.26
N VAL H 592 44.14 -6.45 -33.23
CA VAL H 592 43.64 -5.47 -32.28
C VAL H 592 42.93 -4.31 -32.97
N ASP H 593 42.65 -4.43 -34.27
CA ASP H 593 41.94 -3.41 -35.02
C ASP H 593 40.68 -3.98 -35.65
N GLY H 594 40.01 -4.89 -34.93
CA GLY H 594 38.72 -5.40 -35.38
C GLY H 594 38.78 -6.30 -36.60
N GLY H 595 39.89 -6.99 -36.81
CA GLY H 595 40.00 -7.96 -37.89
C GLY H 595 40.65 -7.43 -39.15
N ALA H 596 41.03 -6.15 -39.18
CA ALA H 596 41.62 -5.57 -40.38
C ALA H 596 43.01 -6.13 -40.63
N THR H 597 43.84 -6.20 -39.59
CA THR H 597 45.20 -6.70 -39.72
C THR H 597 45.49 -7.67 -38.58
N PHE H 598 46.25 -8.71 -38.89
CA PHE H 598 46.65 -9.70 -37.90
C PHE H 598 48.17 -9.76 -37.83
N THR H 599 48.67 -10.04 -36.62
CA THR H 599 50.09 -10.22 -36.36
C THR H 599 50.31 -11.54 -35.65
N ALA H 600 51.31 -12.29 -36.08
CA ALA H 600 51.65 -13.55 -35.41
C ALA H 600 52.18 -13.27 -34.01
N THR H 601 51.78 -14.10 -33.05
CA THR H 601 52.36 -14.02 -31.72
C THR H 601 53.50 -15.03 -31.59
N GLY H 602 54.22 -14.93 -30.47
CA GLY H 602 55.35 -15.81 -30.23
C GLY H 602 55.00 -17.20 -29.76
N ALA H 603 53.71 -17.53 -29.63
CA ALA H 603 53.31 -18.83 -29.11
C ALA H 603 53.85 -19.95 -29.99
N SER H 604 54.43 -20.96 -29.36
CA SER H 604 55.03 -22.08 -30.08
C SER H 604 54.55 -23.40 -29.47
N GLY H 605 54.93 -24.50 -30.11
CA GLY H 605 54.55 -25.81 -29.65
C GLY H 605 53.18 -26.28 -30.08
N PHE H 606 52.46 -25.50 -30.88
CA PHE H 606 51.15 -25.91 -31.39
C PHE H 606 51.31 -26.93 -32.51
N PRO H 607 50.35 -27.85 -32.67
CA PRO H 607 50.34 -28.72 -33.84
C PRO H 607 49.95 -27.97 -35.09
N THR H 608 50.34 -28.51 -36.24
CA THR H 608 49.82 -28.00 -37.51
C THR H 608 48.64 -28.80 -38.03
N ASN H 609 48.55 -30.08 -37.67
CA ASN H 609 47.60 -31.04 -38.23
C ASN H 609 47.76 -31.20 -39.74
N ASN H 610 48.81 -30.63 -40.32
CA ASN H 610 49.08 -30.77 -41.76
C ASN H 610 50.21 -31.77 -41.96
N VAL H 611 49.91 -33.03 -41.66
CA VAL H 611 50.86 -34.12 -41.83
C VAL H 611 50.16 -35.27 -42.53
N ALA H 612 50.93 -35.97 -43.37
CA ALA H 612 50.40 -37.11 -44.11
C ALA H 612 50.06 -38.26 -43.16
N GLY H 613 49.01 -39.00 -43.49
CA GLY H 613 48.61 -40.16 -42.72
C GLY H 613 47.42 -39.93 -41.82
N LEU H 614 47.09 -38.69 -41.51
CA LEU H 614 45.91 -38.41 -40.70
C LEU H 614 44.65 -38.65 -41.53
N GLN H 615 43.69 -39.35 -40.93
CA GLN H 615 42.40 -39.52 -41.56
C GLN H 615 41.56 -38.25 -41.35
N PRO H 616 40.57 -38.01 -42.21
CA PRO H 616 39.86 -36.72 -42.17
C PRO H 616 39.22 -36.37 -40.84
N ASN H 617 38.78 -37.37 -40.07
CA ASN H 617 38.15 -37.11 -38.77
C ASN H 617 39.10 -37.36 -37.59
N GLU H 618 40.41 -37.42 -37.85
CA GLU H 618 41.34 -37.85 -36.82
C GLU H 618 41.80 -36.72 -35.91
N ALA H 619 42.03 -35.53 -36.45
CA ALA H 619 42.58 -34.41 -35.68
C ALA H 619 41.67 -33.19 -35.79
N GLN H 620 41.71 -32.35 -34.77
CA GLN H 620 40.84 -31.20 -34.65
C GLN H 620 41.63 -30.02 -34.10
N ILE H 621 41.08 -28.83 -34.28
CA ILE H 621 41.55 -27.61 -33.64
C ILE H 621 40.33 -26.90 -33.07
N SER H 622 40.34 -26.62 -31.76
CA SER H 622 39.23 -25.97 -31.08
C SER H 622 39.79 -24.81 -30.27
N MSE H 623 39.38 -23.58 -30.61
CA MSE H 623 39.95 -22.37 -30.01
C MSE H 623 38.83 -21.37 -29.70
O MSE H 623 38.09 -20.97 -30.59
CB MSE H 623 40.98 -21.75 -30.96
CG MSE H 623 41.33 -20.26 -30.70
SE MSE H 623 42.55 -19.65 -32.09
CE MSE H 623 41.29 -19.32 -33.53
N LYS H 624 38.72 -20.98 -28.42
CA LYS H 624 37.63 -20.14 -27.96
C LYS H 624 38.12 -19.18 -26.90
N ALA H 625 37.79 -17.90 -27.04
CA ALA H 625 38.02 -16.95 -25.95
C ALA H 625 36.91 -17.10 -24.91
N VAL H 626 37.24 -16.78 -23.67
CA VAL H 626 36.35 -17.06 -22.54
C VAL H 626 35.38 -15.88 -22.34
N PRO H 627 34.08 -16.12 -22.26
CA PRO H 627 33.14 -15.04 -21.95
C PRO H 627 33.53 -14.34 -20.66
N GLY H 628 33.50 -13.01 -20.68
CA GLY H 628 33.73 -12.21 -19.49
C GLY H 628 35.18 -11.91 -19.17
N ILE H 629 36.14 -12.50 -19.87
CA ILE H 629 37.56 -12.29 -19.58
C ILE H 629 38.30 -11.98 -20.86
N GLU H 630 38.65 -10.71 -21.06
CA GLU H 630 39.43 -10.31 -22.21
C GLU H 630 40.79 -11.02 -22.22
N GLY H 631 41.18 -11.51 -23.39
CA GLY H 631 42.50 -12.08 -23.57
C GLY H 631 42.69 -13.47 -23.00
N ASP H 632 41.62 -14.14 -22.62
CA ASP H 632 41.66 -15.48 -22.03
C ASP H 632 41.18 -16.46 -23.10
N ILE H 633 42.08 -17.34 -23.55
CA ILE H 633 41.83 -18.24 -24.66
C ILE H 633 42.23 -19.65 -24.27
N TRP H 634 41.36 -20.62 -24.54
CA TRP H 634 41.73 -22.02 -24.45
C TRP H 634 41.80 -22.62 -25.85
N PHE H 635 42.71 -23.59 -26.02
CA PHE H 635 43.05 -24.15 -27.32
C PHE H 635 43.22 -25.64 -27.12
N ALA H 636 42.44 -26.44 -27.86
CA ALA H 636 42.56 -27.89 -27.81
C ALA H 636 42.75 -28.45 -29.20
N GLY H 637 43.50 -29.54 -29.28
CA GLY H 637 43.64 -30.28 -30.52
C GLY H 637 45.03 -30.85 -30.65
N GLY H 638 45.32 -31.36 -31.85
CA GLY H 638 46.61 -31.91 -32.18
C GLY H 638 46.51 -33.36 -32.60
N ASN H 639 47.66 -34.03 -32.57
CA ASN H 639 47.76 -35.41 -33.03
C ASN H 639 49.07 -36.00 -32.53
N THR H 640 49.14 -37.34 -32.57
CA THR H 640 50.32 -38.04 -32.08
C THR H 640 51.45 -38.10 -33.09
N VAL H 641 51.16 -37.91 -34.39
CA VAL H 641 52.23 -37.89 -35.40
C VAL H 641 53.19 -36.75 -35.12
N GLU H 642 52.66 -35.53 -35.01
CA GLU H 642 53.47 -34.39 -34.61
C GLU H 642 53.84 -34.43 -33.14
N ASN H 643 53.21 -35.30 -32.35
CA ASN H 643 53.45 -35.39 -30.92
C ASN H 643 53.16 -34.05 -30.24
N LYS H 644 52.09 -33.39 -30.70
CA LYS H 644 51.63 -32.13 -30.12
C LYS H 644 50.11 -32.23 -30.05
N TYR H 645 49.59 -32.41 -28.84
CA TYR H 645 48.21 -32.88 -28.66
C TYR H 645 47.82 -32.57 -27.22
N GLY H 646 46.74 -31.84 -27.02
CA GLY H 646 46.33 -31.58 -25.65
C GLY H 646 45.53 -30.30 -25.53
N LEU H 647 45.69 -29.65 -24.38
CA LEU H 647 44.90 -28.47 -24.01
C LEU H 647 45.84 -27.37 -23.57
N TRP H 648 45.71 -26.20 -24.21
CA TRP H 648 46.55 -25.04 -23.94
C TRP H 648 45.71 -23.89 -23.40
N HIS H 649 46.32 -23.03 -22.59
CA HIS H 649 45.62 -21.90 -21.99
C HIS H 649 46.47 -20.64 -22.06
N SER H 650 45.89 -19.55 -22.58
CA SER H 650 46.54 -18.26 -22.60
C SER H 650 45.69 -17.23 -21.86
N THR H 651 46.33 -16.38 -21.08
CA THR H 651 45.65 -15.26 -20.44
C THR H 651 46.22 -13.92 -20.86
N ASN H 652 47.07 -13.88 -21.89
CA ASN H 652 47.65 -12.64 -22.37
C ASN H 652 47.35 -12.44 -23.86
N SER H 653 46.11 -12.74 -24.25
CA SER H 653 45.65 -12.51 -25.63
C SER H 653 46.47 -13.30 -26.64
N GLY H 654 46.91 -14.49 -26.26
CA GLY H 654 47.63 -15.36 -27.18
C GLY H 654 49.11 -15.10 -27.32
N ALA H 655 49.68 -14.19 -26.53
CA ALA H 655 51.12 -13.96 -26.60
C ALA H 655 51.89 -15.21 -26.20
N SER H 656 51.35 -15.99 -25.26
CA SER H 656 51.96 -17.24 -24.85
C SER H 656 50.89 -18.12 -24.23
N PHE H 657 51.08 -19.43 -24.35
CA PHE H 657 50.16 -20.41 -23.81
C PHE H 657 50.89 -21.34 -22.85
N THR H 658 50.15 -21.90 -21.90
CA THR H 658 50.64 -22.98 -21.07
C THR H 658 49.89 -24.25 -21.43
N LYS H 659 50.63 -25.30 -21.76
CA LYS H 659 50.02 -26.59 -22.07
C LYS H 659 49.77 -27.35 -20.77
N LEU H 660 48.51 -27.73 -20.55
CA LEU H 660 48.16 -28.41 -19.31
C LEU H 660 48.84 -29.77 -19.23
N THR H 661 49.60 -30.00 -18.16
CA THR H 661 50.36 -31.23 -18.04
C THR H 661 49.49 -32.45 -17.69
N ASN H 662 48.27 -32.24 -17.23
CA ASN H 662 47.43 -33.35 -16.80
C ASN H 662 46.42 -33.77 -17.87
N VAL H 663 46.58 -33.29 -19.10
CA VAL H 663 45.69 -33.65 -20.21
C VAL H 663 46.57 -34.24 -21.31
N GLU H 664 46.45 -35.56 -21.54
CA GLU H 664 47.33 -36.23 -22.48
C GLU H 664 46.92 -35.94 -23.93
N GLU H 665 45.63 -35.99 -24.22
CA GLU H 665 45.10 -35.59 -25.52
C GLU H 665 43.83 -34.78 -25.27
N ALA H 666 43.56 -33.81 -26.13
CA ALA H 666 42.29 -33.10 -26.09
C ALA H 666 41.96 -32.61 -27.50
N ASP H 667 40.66 -32.53 -27.80
CA ASP H 667 40.19 -32.24 -29.15
C ASP H 667 39.14 -31.15 -29.24
N LEU H 668 38.46 -30.82 -28.14
CA LEU H 668 37.47 -29.74 -28.10
C LEU H 668 37.51 -29.11 -26.71
N ILE H 669 37.17 -27.83 -26.64
CA ILE H 669 37.00 -27.12 -25.38
C ILE H 669 35.72 -26.31 -25.45
N GLY H 670 35.08 -26.14 -24.29
CA GLY H 670 33.87 -25.35 -24.18
C GLY H 670 33.66 -24.92 -22.74
N TYR H 671 32.74 -23.97 -22.56
CA TYR H 671 32.57 -23.31 -21.28
C TYR H 671 31.11 -23.34 -20.83
N GLY H 672 30.91 -23.45 -19.51
CA GLY H 672 29.59 -23.39 -18.92
C GLY H 672 29.61 -22.64 -17.60
N LYS H 673 28.41 -22.43 -17.05
CA LYS H 673 28.25 -21.68 -15.81
C LYS H 673 29.14 -22.23 -14.71
N ALA H 674 29.72 -21.32 -13.91
CA ALA H 674 30.62 -21.69 -12.84
C ALA H 674 29.91 -22.53 -11.78
N ALA H 675 30.67 -23.43 -11.16
CA ALA H 675 30.16 -24.23 -10.05
C ALA H 675 29.89 -23.34 -8.84
N PRO H 676 29.04 -23.79 -7.93
CA PRO H 676 28.73 -22.97 -6.74
C PRO H 676 29.98 -22.59 -5.98
N GLY H 677 30.08 -21.30 -5.64
CA GLY H 677 31.24 -20.77 -4.95
C GLY H 677 32.45 -20.51 -5.81
N GLN H 678 32.40 -20.83 -7.10
CA GLN H 678 33.54 -20.64 -7.99
C GLN H 678 33.36 -19.38 -8.82
N THR H 679 34.48 -18.73 -9.12
CA THR H 679 34.45 -17.53 -9.94
C THR H 679 34.71 -17.82 -11.43
N TYR H 680 35.42 -18.89 -11.74
CA TYR H 680 35.76 -19.21 -13.12
C TYR H 680 34.74 -20.19 -13.70
N MSE H 681 34.41 -20.02 -14.97
CA MSE H 681 33.46 -20.91 -15.64
C MSE H 681 33.95 -22.36 -15.64
O MSE H 681 35.15 -22.63 -15.57
CB MSE H 681 33.21 -20.45 -17.07
CG MSE H 681 32.43 -19.14 -17.17
SE MSE H 681 32.13 -18.62 -19.03
CE MSE H 681 30.59 -19.76 -19.41
N SER H 682 33.01 -23.30 -15.69
CA SER H 682 33.38 -24.71 -15.80
C SER H 682 33.86 -25.00 -17.22
N LEU H 683 34.85 -25.87 -17.32
CA LEU H 683 35.43 -26.28 -18.60
C LEU H 683 34.90 -27.65 -18.99
N TYR H 684 34.53 -27.79 -20.26
CA TYR H 684 34.07 -29.04 -20.83
C TYR H 684 34.98 -29.40 -21.97
N THR H 685 35.51 -30.62 -21.97
CA THR H 685 36.45 -31.03 -23.01
C THR H 685 36.18 -32.46 -23.43
N VAL H 686 36.51 -32.75 -24.69
CA VAL H 686 36.63 -34.09 -25.22
C VAL H 686 38.11 -34.42 -25.21
N ALA H 687 38.50 -35.45 -24.47
CA ALA H 687 39.91 -35.60 -24.14
C ALA H 687 40.21 -37.02 -23.70
N LYS H 688 41.51 -37.31 -23.60
CA LYS H 688 42.02 -38.50 -22.93
C LYS H 688 42.77 -37.99 -21.69
N ILE H 689 42.24 -38.31 -20.51
CA ILE H 689 42.76 -37.78 -19.26
C ILE H 689 42.93 -38.94 -18.29
N ASP H 690 44.13 -39.07 -17.72
CA ASP H 690 44.46 -40.17 -16.81
C ASP H 690 44.17 -41.52 -17.47
N GLY H 691 44.46 -41.61 -18.77
CA GLY H 691 44.31 -42.85 -19.50
C GLY H 691 42.91 -43.19 -19.95
N VAL H 692 41.94 -42.30 -19.74
CA VAL H 692 40.54 -42.56 -20.05
C VAL H 692 40.09 -41.61 -21.14
N ARG H 693 39.55 -42.16 -22.23
CA ARG H 693 38.92 -41.36 -23.28
C ARG H 693 37.47 -41.07 -22.89
N GLY H 694 37.07 -39.80 -23.00
CA GLY H 694 35.68 -39.47 -22.74
C GLY H 694 35.43 -37.98 -22.78
N VAL H 695 34.36 -37.58 -22.09
CA VAL H 695 33.97 -36.18 -21.94
C VAL H 695 34.20 -35.80 -20.49
N PHE H 696 34.90 -34.68 -20.26
CA PHE H 696 35.34 -34.30 -18.93
C PHE H 696 34.90 -32.88 -18.59
N ARG H 697 34.69 -32.64 -17.29
CA ARG H 697 34.36 -31.33 -16.76
C ARG H 697 35.40 -30.95 -15.71
N SER H 698 35.82 -29.69 -15.71
CA SER H 698 36.68 -29.14 -14.66
C SER H 698 36.02 -27.92 -14.06
N ASP H 699 35.91 -27.92 -12.73
CA ASP H 699 35.38 -26.77 -12.00
C ASP H 699 36.48 -25.95 -11.33
N ASP H 700 37.75 -26.20 -11.66
CA ASP H 700 38.86 -25.49 -11.00
C ASP H 700 39.93 -25.12 -12.03
N VAL H 701 39.49 -24.57 -13.17
CA VAL H 701 40.37 -24.01 -14.19
C VAL H 701 41.36 -25.06 -14.69
N GLY H 702 40.92 -26.32 -14.76
CA GLY H 702 41.74 -27.37 -15.34
C GLY H 702 42.66 -28.10 -14.38
N ALA H 703 42.61 -27.79 -13.08
CA ALA H 703 43.48 -28.49 -12.14
C ALA H 703 43.05 -29.95 -11.97
N THR H 704 41.75 -30.22 -11.98
CA THR H 704 41.24 -31.58 -11.89
C THR H 704 40.10 -31.76 -12.89
N TRP H 705 39.89 -33.00 -13.33
CA TRP H 705 38.90 -33.31 -14.34
C TRP H 705 38.08 -34.52 -13.91
N VAL H 706 36.77 -34.44 -14.12
CA VAL H 706 35.86 -35.54 -13.81
C VAL H 706 35.18 -35.96 -15.11
N ARG H 707 35.12 -37.26 -15.35
CA ARG H 707 34.45 -37.77 -16.55
C ARG H 707 32.95 -37.69 -16.37
N ILE H 708 32.25 -37.10 -17.34
CA ILE H 708 30.81 -36.90 -17.24
C ILE H 708 30.02 -37.73 -18.24
N ASN H 709 30.67 -38.40 -19.18
CA ASN H 709 30.04 -39.47 -19.92
C ASN H 709 30.48 -40.82 -19.33
N ASP H 710 30.15 -41.91 -20.00
CA ASP H 710 30.51 -43.25 -19.56
C ASP H 710 30.61 -44.15 -20.78
N ASP H 711 30.96 -45.41 -20.55
CA ASP H 711 31.23 -46.33 -21.67
C ASP H 711 29.97 -46.67 -22.46
N ALA H 712 28.78 -46.40 -21.93
CA ALA H 712 27.55 -46.65 -22.66
C ALA H 712 27.07 -45.42 -23.43
N HIS H 713 27.78 -44.28 -23.32
CA HIS H 713 27.38 -43.02 -23.97
C HIS H 713 28.63 -42.33 -24.52
N GLN H 714 29.19 -42.90 -25.59
CA GLN H 714 30.42 -42.41 -26.18
C GLN H 714 30.23 -41.73 -27.52
N TYR H 715 29.37 -42.28 -28.38
CA TYR H 715 28.94 -41.62 -29.64
C TYR H 715 30.09 -41.48 -30.65
N ALA H 716 30.99 -42.46 -30.70
CA ALA H 716 32.01 -42.54 -31.75
C ALA H 716 32.99 -41.37 -31.73
N LYS H 717 33.29 -40.78 -32.89
CA LYS H 717 34.35 -39.77 -32.98
C LYS H 717 33.78 -38.40 -32.65
N ILE H 718 33.77 -38.07 -31.36
CA ILE H 718 33.12 -36.86 -30.88
C ILE H 718 34.08 -35.66 -30.86
N ASN H 719 34.65 -35.32 -32.00
CA ASN H 719 35.50 -34.13 -32.11
C ASN H 719 34.81 -33.02 -32.90
N MSE H 720 33.48 -32.94 -32.80
CA MSE H 720 32.72 -32.02 -33.64
C MSE H 720 32.43 -30.68 -32.96
O MSE H 720 32.73 -29.63 -33.54
CB MSE H 720 31.41 -32.68 -34.08
CG MSE H 720 31.61 -33.96 -34.88
SE MSE H 720 32.50 -33.64 -36.60
CE MSE H 720 30.93 -33.10 -37.60
N ALA H 721 31.87 -30.70 -31.76
CA ALA H 721 31.53 -29.46 -31.08
C ALA H 721 31.14 -29.77 -29.63
N ILE H 722 31.44 -28.83 -28.74
CA ILE H 722 31.03 -28.95 -27.34
C ILE H 722 30.86 -27.55 -26.77
N THR H 723 29.87 -27.40 -25.89
CA THR H 723 29.74 -26.18 -25.11
C THR H 723 28.96 -26.49 -23.84
N GLY H 724 29.28 -25.75 -22.78
CA GLY H 724 28.44 -25.73 -21.61
C GLY H 724 27.30 -24.75 -21.80
N ASP H 725 26.59 -24.50 -20.70
CA ASP H 725 25.44 -23.61 -20.67
C ASP H 725 25.74 -22.48 -19.70
N PRO H 726 25.78 -21.22 -20.13
CA PRO H 726 26.16 -20.14 -19.21
C PRO H 726 25.12 -19.86 -18.14
N ARG H 727 23.93 -20.48 -18.23
CA ARG H 727 22.87 -20.29 -17.25
C ARG H 727 22.60 -21.54 -16.40
N ILE H 728 23.22 -22.68 -16.70
CA ILE H 728 22.93 -23.93 -16.00
C ILE H 728 24.25 -24.63 -15.69
N TYR H 729 24.63 -24.64 -14.42
CA TYR H 729 25.85 -25.34 -14.03
C TYR H 729 25.70 -26.84 -14.26
N GLY H 730 26.76 -27.45 -14.80
CA GLY H 730 26.78 -28.88 -15.02
C GLY H 730 26.27 -29.33 -16.37
N ARG H 731 25.48 -28.51 -17.04
CA ARG H 731 24.90 -28.87 -18.32
C ARG H 731 25.97 -28.85 -19.41
N VAL H 732 25.97 -29.89 -20.25
CA VAL H 732 26.86 -29.96 -21.41
C VAL H 732 26.02 -30.24 -22.65
N TYR H 733 26.40 -29.62 -23.77
CA TYR H 733 25.87 -29.92 -25.09
C TYR H 733 26.99 -30.51 -25.93
N LEU H 734 26.78 -31.71 -26.46
CA LEU H 734 27.82 -32.45 -27.17
C LEU H 734 27.38 -32.74 -28.60
N GLY H 735 28.15 -32.25 -29.56
CA GLY H 735 27.92 -32.61 -30.94
C GLY H 735 28.53 -33.95 -31.29
N THR H 736 28.03 -34.54 -32.37
CA THR H 736 28.55 -35.81 -32.85
C THR H 736 28.61 -35.75 -34.37
N ASN H 737 29.11 -36.83 -34.96
CA ASN H 737 29.14 -37.01 -36.42
C ASN H 737 28.30 -38.24 -36.74
N GLY H 738 26.98 -38.07 -36.71
CA GLY H 738 26.06 -39.16 -37.01
C GLY H 738 25.08 -39.50 -35.89
N ARG H 739 25.20 -38.89 -34.71
CA ARG H 739 24.25 -39.13 -33.62
C ARG H 739 23.59 -37.83 -33.15
N GLY H 740 23.59 -36.79 -33.99
CA GLY H 740 22.93 -35.55 -33.61
C GLY H 740 23.63 -34.87 -32.43
N THR H 741 22.83 -34.15 -31.65
CA THR H 741 23.32 -33.42 -30.49
C THR H 741 22.77 -34.05 -29.22
N LEU H 742 23.63 -34.22 -28.22
CA LEU H 742 23.26 -34.68 -26.90
C LEU H 742 23.33 -33.53 -25.91
N TYR H 743 22.50 -33.59 -24.88
CA TYR H 743 22.70 -32.75 -23.71
C TYR H 743 22.61 -33.61 -22.46
N ALA H 744 23.36 -33.23 -21.43
CA ALA H 744 23.48 -34.06 -20.25
C ALA H 744 23.66 -33.19 -19.01
N ASP H 745 23.11 -33.67 -17.90
CA ASP H 745 23.16 -33.06 -16.58
C ASP H 745 23.54 -34.14 -15.56
N PRO H 746 24.07 -33.75 -14.40
CA PRO H 746 24.15 -34.68 -13.28
C PRO H 746 22.79 -35.32 -13.03
N VAL H 747 22.80 -36.59 -12.62
CA VAL H 747 21.57 -37.39 -12.54
C VAL H 747 20.51 -36.75 -11.64
MG MG I . 60.97 14.42 -17.37
O43 PE3 J . 56.24 5.98 8.29
C42 PE3 J . 54.87 5.70 7.99
C41 PE3 J . 54.48 6.29 6.63
O40 PE3 J . 55.19 5.81 5.48
C39 PE3 J . 54.63 6.46 4.30
C38 PE3 J . 54.86 7.96 4.31
O37 PE3 J . 56.28 8.08 4.26
C36 PE3 J . 56.77 9.40 4.51
C35 PE3 J . 58.23 9.07 4.32
O34 PE3 J . 59.18 10.10 4.63
C33 PE3 J . 59.05 10.23 6.05
C32 PE3 J . 60.05 11.15 6.69
O31 PE3 J . 59.79 11.16 8.10
O43 PE3 K . 63.32 29.70 3.76
C42 PE3 K . 62.45 29.91 2.65
C41 PE3 K . 62.87 31.18 1.91
O40 PE3 K . 64.22 30.93 1.50
C39 PE3 K . 64.84 32.03 0.81
C38 PE3 K . 64.79 33.28 1.66
O37 PE3 K . 65.50 34.40 1.06
C36 PE3 K . 66.80 33.81 1.04
C35 PE3 K . 68.06 34.55 0.69
O34 PE3 K . 69.25 33.71 0.73
C33 PE3 K . 69.70 32.92 1.91
C32 PE3 K . 68.99 31.68 2.52
O31 PE3 K . 67.66 31.80 3.03
C1 GOL L . 76.98 33.20 -15.22
O1 GOL L . 77.42 32.08 -14.51
C2 GOL L . 75.91 33.92 -14.34
O2 GOL L . 76.46 34.55 -13.23
C3 GOL L . 75.21 34.93 -15.31
O3 GOL L . 74.61 34.18 -16.32
C1 GOL M . 49.43 34.17 -9.30
O1 GOL M . 48.19 34.81 -9.14
C2 GOL M . 50.54 35.23 -9.04
O2 GOL M . 51.82 34.69 -9.15
C3 GOL M . 50.27 36.38 -10.06
O3 GOL M . 50.73 35.95 -11.31
C1 GOL N . 53.15 15.33 -1.96
O1 GOL N . 53.30 16.71 -2.17
C2 GOL N . 54.50 14.78 -1.42
O2 GOL N . 54.74 15.17 -0.10
C3 GOL N . 54.43 13.24 -1.60
O3 GOL N . 53.22 12.82 -1.03
C1 GOL O . 85.38 -1.42 -11.50
O1 GOL O . 85.64 -0.22 -12.19
C2 GOL O . 84.09 -1.21 -10.67
O2 GOL O . 83.36 -2.37 -10.55
C3 GOL O . 84.56 -0.64 -9.31
O3 GOL O . 83.43 -0.58 -8.49
C1 GOL P . 63.69 -1.83 12.31
O1 GOL P . 62.82 -0.93 12.92
C2 GOL P . 64.41 -1.06 11.16
O2 GOL P . 64.79 0.22 11.55
C3 GOL P . 65.61 -1.95 10.79
O3 GOL P . 66.56 -1.78 11.79
C1 GOL Q . 52.12 24.88 -0.50
O1 GOL Q . 51.29 24.26 0.44
C2 GOL Q . 53.54 24.98 0.12
O2 GOL Q . 54.13 23.74 0.26
C3 GOL Q . 54.33 25.92 -0.84
O3 GOL Q . 55.40 26.46 -0.12
C1 GOL R . 62.24 -7.52 1.81
O1 GOL R . 63.22 -8.11 1.00
C2 GOL R . 62.89 -7.22 3.18
O2 GOL R . 64.15 -6.65 3.05
C3 GOL R . 61.89 -6.28 3.88
O3 GOL R . 62.55 -5.75 5.00
C1 GOL S . 65.80 42.81 -3.82
O1 GOL S . 64.90 43.35 -4.75
C2 GOL S . 65.22 41.47 -3.32
O2 GOL S . 66.17 40.45 -3.34
C3 GOL S . 64.71 41.76 -1.87
O3 GOL S . 64.60 40.53 -1.21
C1 GOL T . 44.07 3.36 30.49
O1 GOL T . 43.69 2.57 31.57
C2 GOL T . 44.88 4.56 31.06
O2 GOL T . 46.04 4.80 30.34
C3 GOL T . 43.91 5.75 30.98
O3 GOL T . 44.52 6.83 31.62
MG MG U . 28.47 41.49 -29.07
MG MG V . 31.85 43.59 -30.72
O43 PE3 W . 13.92 27.24 -42.92
C42 PE3 W . 12.55 27.02 -42.56
C41 PE3 W . 11.86 28.36 -42.28
O40 PE3 W . 12.51 29.07 -41.19
C39 PE3 W . 12.48 28.30 -39.98
C38 PE3 W . 13.11 29.04 -38.82
O37 PE3 W . 13.07 28.25 -37.61
C36 PE3 W . 11.70 27.97 -37.33
C35 PE3 W . 11.47 27.16 -36.06
O34 PE3 W . 10.04 26.92 -35.88
C33 PE3 W . 9.55 26.16 -36.98
C32 PE3 W . 8.07 25.84 -36.92
O31 PE3 W . 7.75 25.08 -38.09
C1 GOL X . -2.55 4.35 -45.98
O1 GOL X . -2.04 4.32 -47.27
C2 GOL X . -4.09 4.56 -46.10
O2 GOL X . -4.71 3.48 -46.72
C3 GOL X . -4.58 4.76 -44.65
O3 GOL X . -5.97 4.64 -44.66
C1 GOL Y . 35.90 24.23 -55.60
O1 GOL Y . 36.79 25.03 -56.31
C2 GOL Y . 35.11 25.17 -54.64
O2 GOL Y . 34.81 26.39 -55.23
C3 GOL Y . 33.83 24.36 -54.27
O3 GOL Y . 33.07 25.18 -53.43
MG MG Z . -19.13 -31.95 -30.12
O43 PE3 AA . -20.32 -37.57 -4.93
C42 PE3 AA . -19.54 -37.07 -6.02
C41 PE3 AA . -20.38 -36.15 -6.92
O40 PE3 AA . -19.50 -35.72 -7.97
C39 PE3 AA . -18.43 -34.96 -7.41
C38 PE3 AA . -17.29 -34.62 -8.36
O37 PE3 AA . -16.38 -33.88 -7.51
C36 PE3 AA . -16.87 -32.58 -7.26
C35 PE3 AA . -16.19 -31.76 -6.16
O34 PE3 AA . -16.42 -32.43 -4.89
C33 PE3 AA . -15.90 -31.67 -3.79
C32 PE3 AA . -16.37 -32.27 -2.46
O31 PE3 AA . -15.97 -33.63 -2.25
C1 GOL BA . -20.30 -42.50 -9.68
O1 GOL BA . -21.57 -42.15 -10.15
C2 GOL BA . -19.29 -42.14 -10.80
O2 GOL BA . -18.19 -41.45 -10.31
C3 GOL BA . -18.90 -43.50 -11.44
O3 GOL BA . -17.62 -43.35 -11.97
MG MG CA . 25.19 2.98 62.30
O43 PE3 DA . 6.82 -12.15 61.72
C42 PE3 DA . 7.02 -13.01 60.59
C41 PE3 DA . 7.19 -12.17 59.34
O40 PE3 DA . 8.31 -11.26 59.30
C39 PE3 DA . 8.21 -10.54 58.06
C38 PE3 DA . 8.22 -11.48 56.85
O37 PE3 DA . 8.06 -10.75 55.63
C36 PE3 DA . 8.06 -11.65 54.50
C35 PE3 DA . 6.96 -12.68 54.70
O34 PE3 DA . 6.87 -13.63 53.65
C33 PE3 DA . 5.86 -14.61 53.97
C32 PE3 DA . 4.50 -13.96 54.17
O31 PE3 DA . 3.53 -14.97 54.52
P PO4 EA . -22.96 5.00 44.29
O1 PO4 EA . -23.09 5.45 45.73
O2 PO4 EA . -24.19 5.40 43.51
O3 PO4 EA . -22.83 3.50 44.24
O4 PO4 EA . -21.73 5.65 43.67
C1 GOL FA . 4.15 -4.29 73.63
O1 GOL FA . 4.69 -3.69 74.77
C2 GOL FA . 4.47 -3.36 72.44
O2 GOL FA . 4.76 -4.07 71.28
C3 GOL FA . 3.21 -2.47 72.27
O3 GOL FA . 3.39 -1.74 71.09
C1 GOL GA . 5.41 -0.77 79.24
O1 GOL GA . 5.33 -0.45 77.88
C2 GOL GA . 5.59 0.56 80.02
O2 GOL GA . 4.44 1.34 80.00
C3 GOL GA . 5.98 0.14 81.47
O3 GOL GA . 6.36 1.30 82.15
C1 GOL HA . 3.65 2.64 64.59
O1 GOL HA . 3.35 3.85 65.23
C2 GOL HA . 4.46 1.78 65.59
O2 GOL HA . 4.10 2.05 66.91
C3 GOL HA . 4.15 0.31 65.19
O3 GOL HA . 5.38 -0.35 65.04
C1 GOL IA . -1.31 3.68 62.53
O1 GOL IA . -0.54 2.69 61.92
C2 GOL IA . -2.65 3.04 62.90
O2 GOL IA . -3.67 3.42 62.04
C3 GOL IA . -2.92 3.47 64.37
O3 GOL IA . -4.12 2.87 64.77
MG MG JA . -55.50 10.48 -38.01
O43 PE3 KA . -38.26 26.02 -35.02
C42 PE3 KA . -37.88 25.51 -33.75
C41 PE3 KA . -39.13 25.17 -32.92
O40 PE3 KA . -38.59 24.69 -31.68
C39 PE3 KA . -39.57 24.27 -30.75
C38 PE3 KA . -38.72 23.78 -29.59
O37 PE3 KA . -37.89 24.81 -29.03
C36 PE3 KA . -37.01 24.25 -28.04
C35 PE3 KA . -36.31 25.45 -27.44
O34 PE3 KA . -35.60 26.20 -28.43
C33 PE3 KA . -35.11 27.35 -27.74
C32 PE3 KA . -34.40 28.30 -28.68
O31 PE3 KA . -33.98 29.42 -27.88
C1 GOL LA . -52.58 32.33 -54.31
O1 GOL LA . -52.25 32.73 -55.60
C2 GOL LA . -53.54 33.39 -53.71
O2 GOL LA . -54.86 33.19 -54.14
C3 GOL LA . -53.40 33.24 -52.18
O3 GOL LA . -53.03 34.50 -51.69
C1 GOL MA . -47.11 25.29 -31.82
O1 GOL MA . -46.70 25.43 -33.15
C2 GOL MA . -46.35 24.09 -31.22
O2 GOL MA . -46.30 23.00 -32.09
C3 GOL MA . -44.95 24.65 -30.85
O3 GOL MA . -44.17 23.58 -30.44
C1 GOL NA . -62.46 35.34 -56.72
O1 GOL NA . -62.99 34.76 -57.87
C2 GOL NA . -61.14 34.62 -56.39
O2 GOL NA . -60.70 33.81 -57.44
C3 GOL NA . -60.13 35.74 -56.04
O3 GOL NA . -58.95 35.13 -55.62
C1 GOL OA . -25.68 22.97 -32.58
O1 GOL OA . -25.56 23.53 -33.85
C2 GOL OA . -24.63 21.82 -32.47
O2 GOL OA . -24.24 21.59 -31.16
C3 GOL OA . -25.33 20.59 -33.09
O3 GOL OA . -24.66 19.46 -32.59
C1 GOL PA . -28.26 4.54 -37.40
O1 GOL PA . -27.20 3.65 -37.23
C2 GOL PA . -28.29 4.93 -38.89
O2 GOL PA . -28.70 3.87 -39.70
C3 GOL PA . -29.26 6.14 -38.97
O3 GOL PA . -28.51 7.29 -38.78
C1 GOL QA . -31.79 -0.74 -48.14
O1 GOL QA . -30.89 0.15 -48.72
C2 GOL QA . -31.30 -2.17 -48.46
O2 GOL QA . -30.29 -2.58 -47.57
C3 GOL QA . -32.56 -3.08 -48.38
O3 GOL QA . -32.78 -3.59 -49.65
C1 GOL RA . -27.83 31.60 -20.39
O1 GOL RA . -27.99 30.45 -19.64
C2 GOL RA . -26.80 32.51 -19.66
O2 GOL RA . -27.20 32.81 -18.35
C3 GOL RA . -25.47 31.72 -19.71
O3 GOL RA . -24.74 32.21 -20.81
C1 GOL SA . -48.34 34.29 -44.81
O1 GOL SA . -47.56 35.36 -44.35
C2 GOL SA . -47.64 33.00 -44.34
O2 GOL SA . -48.50 32.17 -43.63
C3 GOL SA . -47.14 32.33 -45.65
O3 GOL SA . -46.25 31.32 -45.28
C1 GOL TA . -53.36 35.08 -33.25
O1 GOL TA . -52.97 33.83 -32.79
C2 GOL TA . -52.31 36.10 -32.74
O2 GOL TA . -51.03 35.76 -33.14
C3 GOL TA . -52.77 37.46 -33.31
O3 GOL TA . -51.77 38.38 -32.99
MG MG UA . -56.28 -35.09 37.49
O43 PE3 VA . -25.71 -29.12 2.14
C42 PE3 VA . -25.94 -27.72 2.38
C41 PE3 VA . -26.19 -26.97 1.08
O40 PE3 VA . -26.40 -25.57 1.38
C39 PE3 VA . -27.58 -25.32 2.17
C38 PE3 VA . -27.63 -23.81 2.52
O37 PE3 VA . -28.80 -23.43 3.31
C36 PE3 VA . -29.96 -23.63 2.48
C35 PE3 VA . -31.39 -23.38 3.01
O34 PE3 VA . -32.11 -23.69 1.80
C33 PE3 VA . -31.89 -22.67 0.81
C32 PE3 VA . -32.22 -23.23 -0.55
O31 PE3 VA . -32.10 -22.30 -1.63
C30 PE3 VA . -32.11 -23.06 -2.86
C29 PE3 VA . -30.79 -23.80 -3.12
O28 PE3 VA . -30.88 -24.59 -4.33
C27 PE3 VA . -31.58 -25.82 -4.09
C26 PE3 VA . -32.06 -26.48 -5.36
O25 PE3 VA . -32.67 -27.74 -5.09
C24 PE3 VA . -33.40 -28.22 -6.25
C23 PE3 VA . -34.81 -27.64 -6.39
O22 PE3 VA . -34.99 -26.24 -6.42
C21 PE3 VA . -36.39 -25.95 -6.59
C20 PE3 VA . -36.50 -24.45 -6.37
O19 PE3 VA . -35.72 -23.69 -7.28
C18 PE3 VA . -35.85 -22.32 -6.88
C17 PE3 VA . -35.05 -21.38 -7.75
O16 PE3 VA . -35.52 -21.48 -9.10
C15 PE3 VA . -34.85 -20.51 -9.88
C14 PE3 VA . -35.40 -20.54 -11.30
O13 PE3 VA . -34.89 -19.59 -12.28
C12 PE3 VA . -35.14 -18.15 -12.07
C11 PE3 VA . -34.56 -17.38 -10.87
O10 PE3 VA . -34.96 -16.00 -10.93
C39 PE3 WA . -58.40 -29.38 8.79
C38 PE3 WA . -57.69 -30.72 8.68
O37 PE3 WA . -57.08 -31.10 9.94
C36 PE3 WA . -56.11 -30.11 10.31
C35 PE3 WA . -55.43 -30.38 11.64
O34 PE3 WA . -56.39 -30.45 12.70
C33 PE3 WA . -55.71 -30.57 13.96
C32 PE3 WA . -56.71 -30.66 15.12
O31 PE3 WA . -57.52 -31.83 14.94
C30 PE3 WA . -58.47 -31.99 16.00
C29 PE3 WA . -59.22 -33.27 15.70
O28 PE3 WA . -59.87 -33.18 14.42
C27 PE3 WA . -60.54 -34.43 14.16
C26 PE3 WA . -61.26 -34.45 12.82
O25 PE3 WA . -62.29 -33.44 12.79
C39 PE3 XA . -95.60 -39.51 37.96
C38 PE3 XA . -95.55 -38.48 39.07
O37 PE3 XA . -94.20 -38.32 39.55
C36 PE3 XA . -93.31 -37.86 38.50
C35 PE3 XA . -91.90 -37.77 39.07
O34 PE3 XA . -90.94 -37.31 38.10
C33 PE3 XA . -89.63 -37.27 38.69
C32 PE3 XA . -88.57 -36.75 37.72
O31 PE3 XA . -88.90 -35.41 37.32
C30 PE3 XA . -87.93 -34.87 36.41
C29 PE3 XA . -87.86 -35.69 35.14
O28 PE3 XA . -86.88 -35.10 34.26
C27 PE3 XA . -86.79 -35.83 33.03
C26 PE3 XA . -85.77 -35.15 32.14
O25 PE3 XA . -85.66 -35.86 30.90
CL CL YA . -73.62 -8.80 -5.43
C1 GOL ZA . -46.08 -19.64 -12.07
O1 GOL ZA . -46.37 -18.85 -13.17
C2 GOL ZA . -47.17 -20.73 -11.99
O2 GOL ZA . -48.45 -20.19 -11.92
C3 GOL ZA . -46.81 -21.57 -10.74
O3 GOL ZA . -47.50 -22.78 -10.85
MG MG AB . 8.45 43.21 58.53
O43 PE3 BB . 11.00 50.05 31.55
C42 PE3 BB . 10.03 49.39 32.37
C41 PE3 BB . 10.52 49.38 33.81
O40 PE3 BB . 9.67 48.78 34.80
C39 PE3 BB . 10.41 49.01 36.01
C38 PE3 BB . 11.70 48.24 36.00
O37 PE3 BB . 12.55 48.54 37.11
C36 PE3 BB . 12.88 49.91 36.81
C35 PE3 BB . 13.97 50.56 37.64
O34 PE3 BB . 14.04 51.88 37.05
C33 PE3 BB . 15.16 52.62 37.55
C32 PE3 BB . 16.42 51.89 37.12
O31 PE3 BB . 16.45 51.82 35.69
O43 PE3 CB . 33.28 53.01 52.05
C42 PE3 CB . 33.47 51.77 52.74
C41 PE3 CB . 34.22 50.79 51.83
O40 PE3 CB . 34.48 49.48 52.39
C39 PE3 CB . 35.25 49.62 53.58
C38 PE3 CB . 35.64 48.31 54.24
O37 PE3 CB . 36.36 48.79 55.38
C36 PE3 CB . 36.96 47.87 56.32
C35 PE3 CB . 38.07 46.91 55.91
O34 PE3 CB . 38.30 46.31 57.20
C33 PE3 CB . 39.35 45.35 57.30
C32 PE3 CB . 39.28 45.00 58.77
O31 PE3 CB . 40.27 44.04 59.15
C1 GOL DB . 15.03 41.85 42.41
O1 GOL DB . 16.08 41.80 43.33
C2 GOL DB . 14.65 43.35 42.20
O2 GOL DB . 15.71 44.10 41.68
C3 GOL DB . 13.42 43.33 41.25
O3 GOL DB . 12.49 44.25 41.77
C1 GOL EB . 26.84 46.91 43.97
O1 GOL EB . 25.57 47.27 44.38
C2 GOL EB . 27.78 48.12 44.27
O2 GOL EB . 27.28 48.91 45.30
C3 GOL EB . 29.14 47.48 44.62
O3 GOL EB . 30.02 47.82 43.58
C1 GOL FB . 28.86 31.70 54.26
O1 GOL FB . 29.56 32.90 54.36
C2 GOL FB . 29.30 30.81 55.46
O2 GOL FB . 28.58 29.61 55.52
C3 GOL FB . 30.82 30.60 55.26
O3 GOL FB . 31.26 29.76 56.29
C1 GOL GB . 39.21 46.19 49.59
O1 GOL GB . 38.02 46.85 49.92
C2 GOL GB . 38.82 45.03 48.62
O2 GOL GB . 38.07 45.49 47.54
C3 GOL GB . 40.18 44.41 48.18
O3 GOL GB . 39.92 43.09 47.82
MG MG HB . 15.57 -53.57 -46.12
C39 PE3 IB . 33.45 -36.42 -51.89
C38 PE3 IB . 32.72 -37.67 -51.41
O37 PE3 IB . 32.33 -37.50 -50.03
C36 PE3 IB . 31.66 -38.67 -49.54
C35 PE3 IB . 31.30 -38.44 -48.07
O34 PE3 IB . 32.54 -38.21 -47.40
C33 PE3 IB . 32.43 -38.05 -45.97
C32 PE3 IB . 33.86 -37.82 -45.48
O31 PE3 IB . 34.48 -36.61 -45.97
C30 PE3 IB . 35.86 -36.64 -45.56
C29 PE3 IB . 36.74 -35.41 -45.75
O28 PE3 IB . 37.01 -34.72 -46.98
C27 PE3 IB . 35.84 -34.10 -47.52
C1 GOL JB . 16.35 -73.74 -65.25
O1 GOL JB . 15.81 -74.44 -66.34
C2 GOL JB . 15.71 -74.34 -63.97
O2 GOL JB . 16.17 -75.63 -63.72
C3 GOL JB . 16.09 -73.35 -62.85
O3 GOL JB . 15.82 -73.99 -61.64
C1 GOL KB . 20.45 -76.49 -34.91
O1 GOL KB . 19.49 -77.46 -34.60
C2 GOL KB . 19.70 -75.16 -35.18
O2 GOL KB . 20.16 -74.54 -36.32
C3 GOL KB . 19.95 -74.30 -33.92
O3 GOL KB . 18.75 -73.67 -33.60
C1 GOL LB . 20.23 -33.85 -56.86
O1 GOL LB . 21.53 -34.09 -56.40
C2 GOL LB . 20.26 -33.93 -58.40
O2 GOL LB . 20.28 -35.24 -58.87
C3 GOL LB . 19.00 -33.16 -58.87
O3 GOL LB . 18.92 -33.32 -60.26
C1 GOL MB . 47.26 -41.96 -49.74
O1 GOL MB . 46.99 -42.54 -48.50
C2 GOL MB . 46.50 -42.78 -50.81
O2 GOL MB . 45.95 -43.95 -50.30
C3 GOL MB . 45.41 -41.82 -51.36
O3 GOL MB . 46.07 -40.80 -52.04
C1 GOL NB . 41.23 -51.79 -58.13
O1 GOL NB . 40.91 -50.47 -58.41
C2 GOL NB . 40.02 -52.67 -58.59
O2 GOL NB . 40.09 -53.04 -59.92
C3 GOL NB . 40.00 -53.88 -57.62
O3 GOL NB . 41.24 -54.49 -57.65
C1 GOL OB . 22.48 -37.73 -45.62
O1 GOL OB . 21.54 -37.43 -46.60
C2 GOL OB . 23.89 -37.50 -46.24
O2 GOL OB . 23.94 -37.84 -47.58
C3 GOL OB . 24.90 -38.32 -45.37
O3 GOL OB . 24.91 -39.64 -45.87
#